data_3ZDS
#
_entry.id   3ZDS
#
_cell.length_a   93.737
_cell.length_b   93.857
_cell.length_c   163.438
_cell.angle_alpha   87.62
_cell.angle_beta   80.39
_cell.angle_gamma   68.29
#
_symmetry.space_group_name_H-M   'P 1'
#
loop_
_entity.id
_entity.type
_entity.pdbx_description
1 polymer 'HOMOGENTISATE 1,2-DIOXYGENASE'
2 non-polymer 'FE (III) ION'
3 non-polymer '4-Maleylacetoacetic acid'
4 non-polymer '2-(3,6-DIHYDROXYPHENYL)ACETIC ACID'
5 non-polymer 'OXYGEN MOLECULE'
6 non-polymer '2-(6-oxidanyl-3-oxidanylidene-cyclohexa-1,4-dien-1-yl)ethanoic acid'
7 non-polymer 'PHOSPHATE ION'
8 non-polymer '2-[(6R)-6-(dioxidanyl)-6-oxidanyl-3-oxidanylidene-cyclohexa-1,4-dien-1-yl]ethanoic acid'
9 water water
#
_entity_poly.entity_id   1
_entity_poly.type   'polypeptide(L)'
_entity_poly.pdbx_seq_one_letter_code
;MNRDTSPDLHYLSGFGNEFASEALPGALPVGQNSPQKAPYGLYAELLSGTAFTMARSELRRTWLYRIRPSALHPRFERLA
RQPLGGPLGGINPNRLRWSPQPIPAEPTDFIEGWLPMAANAGAEKPAGVSIYIYRANRSMERVFFNADGELLLVPEQGRL
RIATELGVMEVEPLEIAVIPRGMKFRVELLDGQARGYIAENHGAPLRLPDLGPIGSNGLANPRDFLTPVAHYEEAEGPVQ
LVQKFLGEHWACELQHSPLDVVAWHGSNVPYKYDLRRFNTIGTVSFDHPDPSIFTVLTSPTSVHGMANMDFVIFPPRWMV
AENTFRPPWFHRNLMNEFMGLINGAYDAKAEGFLPGGASLHGVMSAHGPDAETCEKAIAADLAPHKIDNTMAFMFETSQV
LRPSLQALECPQLQADYDSCWATLPSTFNPNRR
;
_entity_poly.pdbx_strand_id   A,B,C,D,E,F,G,H,I,J,K,L
#
loop_
_chem_comp.id
_chem_comp.type
_chem_comp.name
_chem_comp.formula
FE non-polymer 'FE (III) ION' 'Fe 3'
HMQ non-polymer '2-[(6R)-6-(dioxidanyl)-6-oxidanyl-3-oxidanylidene-cyclohexa-1,4-dien-1-yl]ethanoic acid' 'C8 H8 O6'
HQ9 non-polymer '2-(6-oxidanyl-3-oxidanylidene-cyclohexa-1,4-dien-1-yl)ethanoic acid' 'C8 H8 O4'
M8O non-polymer '4-Maleylacetoacetic acid' 'C8 H8 O6'
OMD non-polymer '2-(3,6-DIHYDROXYPHENYL)ACETIC ACID' 'C8 H8 O4'
OXY non-polymer 'OXYGEN MOLECULE' O2
PO4 non-polymer 'PHOSPHATE ION' 'O4 P -3'
#
# COMPACT_ATOMS: atom_id res chain seq x y z
N LEU A 9 -20.30 23.07 14.93
CA LEU A 9 -20.39 22.14 13.81
C LEU A 9 -19.77 20.79 14.20
N HIS A 10 -20.39 19.69 13.75
CA HIS A 10 -19.90 18.34 14.05
C HIS A 10 -19.20 17.77 12.80
N TYR A 11 -18.18 16.97 13.04
CA TYR A 11 -17.40 16.38 11.97
C TYR A 11 -17.14 14.89 12.22
N LEU A 12 -16.92 14.17 11.14
CA LEU A 12 -16.52 12.76 11.14
C LEU A 12 -15.01 12.76 10.88
N SER A 13 -14.25 11.75 11.38
CA SER A 13 -12.79 11.71 11.25
C SER A 13 -12.27 10.50 10.46
N GLY A 14 -11.11 10.66 9.85
CA GLY A 14 -10.43 9.57 9.14
C GLY A 14 -10.32 9.73 7.65
N PHE A 15 -9.16 10.18 7.19
CA PHE A 15 -8.86 10.38 5.79
C PHE A 15 -9.11 9.12 5.04
N GLY A 16 -9.92 9.25 4.00
CA GLY A 16 -10.26 8.18 3.08
C GLY A 16 -11.27 7.15 3.53
N ASN A 17 -11.95 7.40 4.67
CA ASN A 17 -12.97 6.49 5.16
C ASN A 17 -14.21 6.37 4.31
N GLU A 18 -14.96 5.27 4.50
CA GLU A 18 -16.28 5.06 3.93
C GLU A 18 -17.17 5.68 5.03
N PHE A 19 -17.57 6.96 4.86
CA PHE A 19 -18.37 7.67 5.89
C PHE A 19 -19.86 7.47 5.69
N ALA A 20 -20.63 7.71 6.75
CA ALA A 20 -22.10 7.61 6.63
C ALA A 20 -22.72 8.67 7.50
N SER A 21 -23.64 9.49 6.91
CA SER A 21 -24.24 10.60 7.64
C SER A 21 -25.65 10.78 7.23
N GLU A 22 -26.53 10.96 8.21
CA GLU A 22 -27.92 11.26 7.92
C GLU A 22 -28.44 12.37 8.81
N ALA A 23 -29.24 13.31 8.25
CA ALA A 23 -29.79 14.41 9.05
C ALA A 23 -31.19 14.09 9.55
N LEU A 24 -31.77 12.99 9.02
CA LEU A 24 -33.05 12.48 9.48
C LEU A 24 -32.87 10.98 9.81
N PRO A 25 -33.51 10.51 10.91
CA PRO A 25 -33.33 9.11 11.31
C PRO A 25 -33.80 8.17 10.20
N GLY A 26 -32.87 7.35 9.72
CA GLY A 26 -33.12 6.35 8.71
C GLY A 26 -33.28 6.86 7.29
N ALA A 27 -32.73 8.04 7.00
CA ALA A 27 -32.77 8.64 5.66
C ALA A 27 -31.85 7.81 4.71
N LEU A 28 -30.81 7.21 5.30
CA LEU A 28 -29.86 6.36 4.56
C LEU A 28 -30.53 4.95 4.37
N PRO A 29 -30.68 4.45 3.13
CA PRO A 29 -31.24 3.10 2.93
C PRO A 29 -30.35 2.07 3.58
N VAL A 30 -30.98 1.11 4.25
CA VAL A 30 -30.23 0.06 4.94
C VAL A 30 -30.06 -1.21 4.07
N GLY A 31 -28.80 -1.58 3.86
CA GLY A 31 -28.40 -2.77 3.13
C GLY A 31 -28.41 -2.70 1.62
N GLN A 32 -28.64 -1.50 1.04
CA GLN A 32 -28.66 -1.25 -0.41
C GLN A 32 -28.50 0.23 -0.72
N ASN A 33 -28.19 0.53 -1.99
CA ASN A 33 -27.99 1.92 -2.43
C ASN A 33 -29.16 2.49 -3.17
N SER A 34 -29.90 1.63 -3.87
CA SER A 34 -30.98 2.11 -4.72
C SER A 34 -32.34 1.50 -4.42
N PRO A 35 -33.00 1.83 -3.27
CA PRO A 35 -34.35 1.30 -3.03
C PRO A 35 -35.41 1.79 -4.02
N GLN A 36 -36.45 0.98 -4.25
CA GLN A 36 -37.53 1.41 -5.14
C GLN A 36 -38.30 2.60 -4.56
N LYS A 37 -38.57 2.53 -3.26
CA LYS A 37 -39.25 3.56 -2.48
C LYS A 37 -38.21 4.02 -1.49
N ALA A 38 -37.47 5.07 -1.84
CA ALA A 38 -36.42 5.61 -0.99
C ALA A 38 -36.99 6.23 0.30
N PRO A 39 -36.28 6.06 1.45
CA PRO A 39 -36.76 6.69 2.70
C PRO A 39 -37.04 8.20 2.52
N TYR A 40 -38.20 8.66 3.06
CA TYR A 40 -38.70 10.03 2.98
C TYR A 40 -39.01 10.51 1.54
N GLY A 41 -39.03 9.58 0.58
CA GLY A 41 -39.28 9.91 -0.82
C GLY A 41 -38.12 10.66 -1.44
N LEU A 42 -36.91 10.49 -0.90
CA LEU A 42 -35.73 11.17 -1.46
C LEU A 42 -35.28 10.50 -2.74
N TYR A 43 -34.40 11.17 -3.49
CA TYR A 43 -33.81 10.64 -4.72
C TYR A 43 -32.39 10.22 -4.42
N ALA A 44 -32.02 9.04 -4.94
CA ALA A 44 -30.64 8.57 -4.82
C ALA A 44 -29.84 9.08 -5.98
N GLU A 45 -28.60 9.50 -5.74
CA GLU A 45 -27.74 10.01 -6.82
C GLU A 45 -26.32 9.68 -6.52
N LEU A 46 -25.63 9.10 -7.50
CA LEU A 46 -24.22 8.75 -7.37
C LEU A 46 -23.26 9.84 -7.92
N LEU A 47 -22.37 10.33 -7.07
CA LEU A 47 -21.26 11.21 -7.40
C LEU A 47 -19.98 10.36 -7.57
N SER A 48 -19.62 10.07 -8.82
CA SER A 48 -18.48 9.21 -9.14
C SER A 48 -17.27 10.13 -9.34
N GLY A 49 -16.42 10.20 -8.31
CA GLY A 49 -15.23 11.04 -8.32
C GLY A 49 -14.06 10.47 -9.11
N THR A 50 -14.08 9.15 -9.34
CA THR A 50 -13.04 8.42 -10.07
C THR A 50 -13.73 7.51 -11.10
N ALA A 51 -12.92 6.91 -11.99
CA ALA A 51 -13.42 5.94 -12.96
C ALA A 51 -13.97 4.76 -12.14
N PHE A 52 -15.04 4.09 -12.61
CA PHE A 52 -15.65 2.97 -11.87
C PHE A 52 -14.65 1.88 -11.55
N THR A 53 -13.68 1.66 -12.47
CA THR A 53 -12.70 0.56 -12.40
C THR A 53 -11.37 0.84 -11.67
N MET A 54 -11.29 1.95 -10.92
CA MET A 54 -10.07 2.24 -10.14
C MET A 54 -9.84 1.18 -9.05
N ALA A 55 -8.57 1.01 -8.60
CA ALA A 55 -8.29 0.11 -7.47
C ALA A 55 -9.13 0.65 -6.32
N ARG A 56 -9.66 -0.25 -5.45
CA ARG A 56 -10.51 0.18 -4.33
CA ARG A 56 -10.51 0.18 -4.33
CA ARG A 56 -10.48 0.12 -4.29
C ARG A 56 -9.82 1.23 -3.47
N SER A 57 -8.46 1.15 -3.31
CA SER A 57 -7.67 2.12 -2.54
C SER A 57 -7.73 3.54 -3.14
N GLU A 58 -7.87 3.63 -4.45
CA GLU A 58 -7.94 4.86 -5.24
C GLU A 58 -9.38 5.33 -5.52
N LEU A 59 -10.39 4.54 -5.13
CA LEU A 59 -11.78 4.88 -5.41
C LEU A 59 -12.35 6.03 -4.54
N ARG A 60 -13.03 7.01 -5.21
CA ARG A 60 -13.73 8.12 -4.56
C ARG A 60 -15.17 8.15 -5.14
N ARG A 61 -16.16 7.82 -4.31
CA ARG A 61 -17.56 7.84 -4.72
C ARG A 61 -18.52 8.02 -3.59
N THR A 62 -19.56 8.86 -3.80
CA THR A 62 -20.54 9.11 -2.74
C THR A 62 -21.93 8.93 -3.25
N TRP A 63 -22.77 8.28 -2.41
CA TRP A 63 -24.18 8.12 -2.69
C TRP A 63 -24.91 9.23 -1.92
N LEU A 64 -25.78 10.02 -2.61
CA LEU A 64 -26.50 11.17 -2.01
C LEU A 64 -27.97 10.85 -2.00
N TYR A 65 -28.69 11.27 -0.96
CA TYR A 65 -30.14 11.06 -0.79
C TYR A 65 -30.72 12.42 -0.55
N ARG A 66 -31.23 12.95 -1.67
CA ARG A 66 -31.60 14.34 -1.86
C ARG A 66 -33.03 14.62 -2.32
N ILE A 67 -33.46 15.87 -2.08
CA ILE A 67 -34.83 16.34 -2.31
C ILE A 67 -35.14 16.41 -3.81
N ARG A 68 -34.27 17.06 -4.55
CA ARG A 68 -34.37 17.12 -5.98
C ARG A 68 -33.08 16.59 -6.65
N PRO A 69 -33.19 15.80 -7.73
CA PRO A 69 -31.97 15.36 -8.43
C PRO A 69 -31.18 16.53 -9.01
N SER A 70 -29.82 16.41 -9.08
CA SER A 70 -28.98 17.46 -9.66
C SER A 70 -29.30 17.71 -11.15
N ALA A 71 -29.93 16.73 -11.82
CA ALA A 71 -30.36 16.79 -13.22
C ALA A 71 -31.49 17.81 -13.45
N LEU A 72 -32.16 18.26 -12.38
CA LEU A 72 -33.24 19.24 -12.49
C LEU A 72 -32.64 20.65 -12.53
N HIS A 73 -32.18 21.05 -13.73
CA HIS A 73 -31.57 22.36 -13.92
C HIS A 73 -31.77 22.80 -15.38
N PRO A 74 -31.95 24.10 -15.66
CA PRO A 74 -32.11 24.50 -17.06
C PRO A 74 -30.76 24.65 -17.78
N ARG A 75 -30.79 24.98 -19.08
CA ARG A 75 -29.55 25.15 -19.81
C ARG A 75 -28.64 26.14 -19.11
N PHE A 76 -27.36 25.79 -19.04
CA PHE A 76 -26.36 26.67 -18.47
C PHE A 76 -25.99 27.70 -19.55
N GLU A 77 -25.84 28.96 -19.15
CA GLU A 77 -25.46 30.04 -20.06
C GLU A 77 -24.17 30.69 -19.58
N ARG A 78 -23.27 31.03 -20.49
CA ARG A 78 -21.97 31.65 -20.22
C ARG A 78 -22.16 33.00 -19.52
N LEU A 79 -21.41 33.27 -18.45
CA LEU A 79 -21.56 34.56 -17.75
C LEU A 79 -20.74 35.59 -18.51
N ALA A 80 -21.16 36.88 -18.46
CA ALA A 80 -20.41 37.97 -19.09
C ALA A 80 -19.14 38.22 -18.26
N ARG A 81 -19.26 38.17 -16.90
CA ARG A 81 -18.13 38.36 -15.99
C ARG A 81 -17.32 37.08 -15.93
N GLN A 82 -16.07 37.13 -16.38
CA GLN A 82 -15.14 36.01 -16.40
C GLN A 82 -13.85 36.38 -15.68
N PRO A 83 -13.67 35.95 -14.45
CA PRO A 83 -12.45 36.29 -13.67
C PRO A 83 -11.16 35.61 -14.13
N LEU A 84 -11.28 34.45 -14.81
CA LEU A 84 -10.12 33.63 -15.22
C LEU A 84 -9.89 33.52 -16.74
N GLY A 85 -10.27 34.54 -17.49
CA GLY A 85 -10.17 34.59 -18.95
C GLY A 85 -8.93 35.24 -19.56
N GLY A 86 -8.23 36.07 -18.77
CA GLY A 86 -7.04 36.81 -19.17
C GLY A 86 -6.02 36.03 -19.98
N PRO A 87 -5.45 36.62 -21.07
CA PRO A 87 -4.51 35.86 -21.93
C PRO A 87 -3.23 35.37 -21.25
N LEU A 88 -2.52 34.46 -21.91
CA LEU A 88 -1.28 33.82 -21.44
C LEU A 88 -0.16 34.83 -21.28
N GLY A 89 0.58 34.71 -20.18
CA GLY A 89 1.72 35.55 -19.89
C GLY A 89 2.91 35.08 -20.68
N GLY A 90 3.78 36.02 -21.06
CA GLY A 90 5.01 35.77 -21.81
C GLY A 90 5.97 34.82 -21.12
N ILE A 91 6.91 34.25 -21.89
CA ILE A 91 7.95 33.32 -21.36
C ILE A 91 8.88 34.12 -20.44
N ASN A 92 9.12 33.64 -19.22
CA ASN A 92 9.98 34.36 -18.26
C ASN A 92 10.64 33.34 -17.33
N PRO A 93 11.94 33.01 -17.54
CA PRO A 93 12.60 32.05 -16.65
C PRO A 93 12.97 32.63 -15.29
N ASN A 94 12.84 33.96 -15.10
CA ASN A 94 13.27 34.57 -13.85
C ASN A 94 12.62 34.11 -12.55
N ARG A 95 13.39 34.23 -11.45
CA ARG A 95 12.99 33.97 -10.07
C ARG A 95 12.02 35.10 -9.75
N LEU A 96 10.78 34.77 -9.32
CA LEU A 96 9.79 35.82 -9.08
C LEU A 96 9.32 35.88 -7.63
N ARG A 97 9.13 37.08 -7.11
CA ARG A 97 8.55 37.28 -5.78
C ARG A 97 7.51 38.40 -5.79
N TRP A 98 6.33 38.09 -5.21
CA TRP A 98 5.21 39.01 -5.12
C TRP A 98 5.00 39.36 -3.69
N SER A 99 4.59 40.60 -3.45
CA SER A 99 4.18 41.11 -2.11
C SER A 99 2.69 40.70 -1.90
N PRO A 100 2.12 40.79 -0.67
CA PRO A 100 0.70 40.40 -0.46
C PRO A 100 -0.29 41.13 -1.37
N GLN A 101 -1.39 40.45 -1.75
CA GLN A 101 -2.37 40.98 -2.69
C GLN A 101 -3.42 41.86 -2.02
N PRO A 102 -3.71 43.10 -2.52
CA PRO A 102 -4.76 43.91 -1.89
C PRO A 102 -6.13 43.35 -2.24
N ILE A 103 -7.11 43.59 -1.37
CA ILE A 103 -8.48 43.15 -1.62
C ILE A 103 -9.18 44.18 -2.56
N PRO A 104 -9.71 43.74 -3.74
CA PRO A 104 -10.40 44.68 -4.64
C PRO A 104 -11.49 45.47 -3.95
N ALA A 105 -11.75 46.70 -4.44
CA ALA A 105 -12.75 47.60 -3.90
C ALA A 105 -14.17 47.20 -4.35
N GLU A 106 -14.31 46.76 -5.61
CA GLU A 106 -15.59 46.32 -6.18
C GLU A 106 -16.11 45.04 -5.50
N PRO A 107 -17.46 44.86 -5.38
CA PRO A 107 -18.00 43.61 -4.81
C PRO A 107 -17.38 42.39 -5.48
N THR A 108 -16.91 41.44 -4.66
CA THR A 108 -16.20 40.27 -5.13
C THR A 108 -16.43 39.15 -4.20
N ASP A 109 -17.16 38.13 -4.63
CA ASP A 109 -17.39 36.98 -3.79
C ASP A 109 -16.22 36.02 -3.95
N PHE A 110 -16.26 34.90 -3.26
CA PHE A 110 -15.17 33.92 -3.30
C PHE A 110 -14.77 33.50 -4.73
N ILE A 111 -15.73 33.21 -5.59
CA ILE A 111 -15.40 32.69 -6.94
C ILE A 111 -15.00 33.75 -7.95
N GLU A 112 -15.34 35.02 -7.67
CA GLU A 112 -15.06 36.17 -8.53
C GLU A 112 -13.68 36.72 -8.25
N GLY A 113 -13.17 36.42 -7.06
CA GLY A 113 -11.87 36.89 -6.59
C GLY A 113 -10.65 36.03 -6.80
N TRP A 114 -10.69 35.02 -7.70
CA TRP A 114 -9.46 34.23 -7.88
C TRP A 114 -8.50 34.93 -8.81
N LEU A 115 -7.30 35.27 -8.29
CA LEU A 115 -6.28 35.92 -9.13
C LEU A 115 -5.33 34.85 -9.65
N PRO A 116 -5.28 34.54 -10.96
CA PRO A 116 -4.32 33.52 -11.42
C PRO A 116 -2.88 33.94 -11.21
N MET A 117 -2.14 33.09 -10.47
CA MET A 117 -0.72 33.32 -10.20
C MET A 117 0.17 32.56 -11.20
N ALA A 118 0.05 31.24 -11.22
CA ALA A 118 0.81 30.43 -12.18
C ALA A 118 0.07 29.13 -12.43
N ALA A 119 0.17 28.58 -13.65
CA ALA A 119 -0.57 27.39 -14.03
C ALA A 119 0.25 26.54 -15.01
N ASN A 120 0.10 25.22 -14.96
CA ASN A 120 0.82 24.34 -15.90
C ASN A 120 0.27 24.44 -17.33
N ALA A 121 -1.00 24.89 -17.47
CA ALA A 121 -1.61 25.05 -18.78
C ALA A 121 -2.64 26.18 -18.82
N GLY A 122 -3.03 26.54 -20.04
CA GLY A 122 -4.07 27.53 -20.31
C GLY A 122 -5.37 27.11 -19.67
N ALA A 123 -6.12 28.07 -19.14
CA ALA A 123 -7.38 27.81 -18.45
C ALA A 123 -8.33 26.96 -19.30
N GLU A 124 -8.30 27.13 -20.65
CA GLU A 124 -9.15 26.37 -21.59
CA GLU A 124 -9.13 26.39 -21.60
C GLU A 124 -8.78 24.90 -21.69
N LYS A 125 -7.54 24.53 -21.31
CA LYS A 125 -7.11 23.14 -21.36
C LYS A 125 -6.58 22.69 -19.97
N PRO A 126 -7.49 22.45 -19.00
CA PRO A 126 -7.04 22.07 -17.64
C PRO A 126 -6.12 20.85 -17.64
N ALA A 127 -4.96 20.99 -17.00
CA ALA A 127 -3.97 19.92 -16.88
C ALA A 127 -3.06 20.20 -15.68
N GLY A 128 -2.67 19.15 -14.96
CA GLY A 128 -1.79 19.29 -13.82
C GLY A 128 -2.38 20.12 -12.70
N VAL A 129 -1.83 21.34 -12.50
CA VAL A 129 -2.24 22.24 -11.41
C VAL A 129 -2.34 23.69 -11.89
N SER A 130 -3.30 24.44 -11.32
CA SER A 130 -3.47 25.91 -11.50
C SER A 130 -3.44 26.57 -10.09
N ILE A 131 -2.62 27.61 -9.92
CA ILE A 131 -2.43 28.34 -8.68
C ILE A 131 -3.07 29.71 -8.69
N TYR A 132 -3.86 29.98 -7.65
CA TYR A 132 -4.52 31.28 -7.49
C TYR A 132 -4.33 31.85 -6.09
N ILE A 133 -4.56 33.16 -5.94
CA ILE A 133 -4.67 33.82 -4.65
C ILE A 133 -6.09 34.41 -4.68
N TYR A 134 -6.96 34.00 -3.73
CA TYR A 134 -8.31 34.56 -3.74
C TYR A 134 -8.39 35.76 -2.83
N ARG A 135 -9.23 36.76 -3.21
CA ARG A 135 -9.48 37.99 -2.45
CA ARG A 135 -9.48 37.97 -2.44
C ARG A 135 -10.97 38.23 -2.60
N ALA A 136 -11.68 38.33 -1.48
CA ALA A 136 -13.12 38.52 -1.53
C ALA A 136 -13.62 39.51 -0.49
N ASN A 137 -14.68 40.23 -0.80
CA ASN A 137 -15.26 41.21 0.15
C ASN A 137 -16.78 41.00 0.34
N ARG A 138 -17.33 39.95 -0.32
CA ARG A 138 -18.73 39.53 -0.21
C ARG A 138 -18.80 38.01 0.02
N SER A 139 -19.91 37.57 0.65
CA SER A 139 -20.23 36.18 0.86
C SER A 139 -21.07 35.78 -0.32
N MET A 140 -21.00 34.50 -0.69
CA MET A 140 -21.75 33.97 -1.82
C MET A 140 -23.23 33.86 -1.56
N GLU A 141 -23.96 34.35 -2.56
CA GLU A 141 -25.40 34.47 -2.68
C GLU A 141 -25.84 33.57 -3.85
N ARG A 142 -25.00 32.57 -4.14
CA ARG A 142 -25.16 31.58 -5.19
C ARG A 142 -24.37 30.32 -4.81
N VAL A 143 -24.54 29.26 -5.58
CA VAL A 143 -23.87 27.99 -5.32
C VAL A 143 -22.95 27.69 -6.49
N PHE A 144 -21.85 26.98 -6.27
CA PHE A 144 -20.86 26.74 -7.31
C PHE A 144 -20.28 25.33 -7.33
N PHE A 145 -19.85 24.87 -8.50
CA PHE A 145 -19.12 23.60 -8.62
C PHE A 145 -18.04 23.77 -9.65
N ASN A 146 -16.93 23.10 -9.45
CA ASN A 146 -15.78 23.15 -10.32
C ASN A 146 -15.71 21.86 -11.07
N ALA A 147 -15.92 21.89 -12.40
CA ALA A 147 -15.85 20.72 -13.27
C ALA A 147 -14.40 20.41 -13.67
N ASP A 148 -13.50 21.40 -13.54
CA ASP A 148 -12.09 21.32 -13.94
C ASP A 148 -11.14 20.65 -12.92
N GLY A 149 -11.53 20.58 -11.65
CA GLY A 149 -10.63 19.98 -10.67
C GLY A 149 -11.06 20.06 -9.22
N GLU A 150 -10.23 19.44 -8.38
CA GLU A 150 -10.35 19.39 -6.94
C GLU A 150 -9.68 20.66 -6.42
N LEU A 151 -10.26 21.29 -5.37
CA LEU A 151 -9.73 22.53 -4.88
C LEU A 151 -9.17 22.36 -3.50
N LEU A 152 -7.92 22.75 -3.33
CA LEU A 152 -7.17 22.76 -2.07
C LEU A 152 -7.09 24.26 -1.65
N LEU A 153 -7.81 24.65 -0.59
CA LEU A 153 -7.88 26.05 -0.09
C LEU A 153 -6.93 26.25 1.08
N VAL A 154 -6.08 27.28 0.97
CA VAL A 154 -5.05 27.60 1.98
C VAL A 154 -5.33 29.04 2.55
N PRO A 155 -6.18 29.19 3.58
CA PRO A 155 -6.50 30.52 4.12
C PRO A 155 -5.32 31.23 4.75
N GLU A 156 -5.29 32.55 4.64
CA GLU A 156 -4.22 33.39 5.18
C GLU A 156 -4.77 34.56 6.03
N GLN A 157 -5.90 35.16 5.60
CA GLN A 157 -6.58 36.22 6.33
C GLN A 157 -8.07 35.97 6.25
N GLY A 158 -8.72 35.90 7.41
CA GLY A 158 -10.16 35.74 7.47
C GLY A 158 -10.60 34.30 7.43
N ARG A 159 -11.67 34.01 8.16
CA ARG A 159 -12.25 32.68 8.30
C ARG A 159 -13.33 32.48 7.24
N LEU A 160 -13.58 31.20 6.84
CA LEU A 160 -14.60 30.85 5.85
C LEU A 160 -15.59 29.88 6.43
N ARG A 161 -16.87 30.08 6.08
CA ARG A 161 -17.92 29.12 6.41
C ARG A 161 -18.32 28.54 5.05
N ILE A 162 -17.97 27.28 4.81
CA ILE A 162 -18.16 26.65 3.51
C ILE A 162 -19.33 25.69 3.59
N ALA A 163 -20.47 26.06 3.01
CA ALA A 163 -21.62 25.13 2.98
C ALA A 163 -21.50 24.22 1.74
N THR A 164 -21.30 22.92 1.94
CA THR A 164 -21.16 21.98 0.81
C THR A 164 -22.40 21.08 0.77
N GLU A 165 -22.53 20.28 -0.32
CA GLU A 165 -23.63 19.31 -0.43
C GLU A 165 -23.61 18.31 0.76
N LEU A 166 -22.44 18.04 1.29
CA LEU A 166 -22.33 17.02 2.35
C LEU A 166 -22.42 17.60 3.78
N GLY A 167 -22.49 18.91 3.85
CA GLY A 167 -22.55 19.62 5.12
C GLY A 167 -21.64 20.82 5.16
N VAL A 168 -21.57 21.44 6.33
CA VAL A 168 -20.90 22.69 6.60
C VAL A 168 -19.56 22.52 7.30
N MET A 169 -18.54 23.18 6.78
CA MET A 169 -17.23 23.16 7.45
C MET A 169 -16.64 24.57 7.55
N GLU A 170 -16.07 24.89 8.72
CA GLU A 170 -15.47 26.19 9.00
C GLU A 170 -13.97 26.07 8.92
N VAL A 171 -13.36 27.00 8.21
CA VAL A 171 -11.92 26.97 8.01
C VAL A 171 -11.31 28.29 8.46
N GLU A 172 -10.10 28.25 9.00
CA GLU A 172 -9.41 29.47 9.38
C GLU A 172 -7.92 29.38 9.00
N PRO A 173 -7.17 30.51 8.90
CA PRO A 173 -5.71 30.41 8.66
C PRO A 173 -5.09 29.41 9.65
N LEU A 174 -4.24 28.51 9.13
CA LEU A 174 -3.55 27.37 9.78
C LEU A 174 -4.29 26.05 9.59
N GLU A 175 -5.46 26.11 8.95
CA GLU A 175 -6.18 24.92 8.57
C GLU A 175 -6.19 24.94 7.04
N ILE A 176 -6.46 23.80 6.43
CA ILE A 176 -6.67 23.75 5.01
C ILE A 176 -8.02 23.09 4.76
N ALA A 177 -8.49 23.15 3.54
CA ALA A 177 -9.75 22.52 3.18
C ALA A 177 -9.66 22.09 1.72
N VAL A 178 -10.22 20.92 1.41
CA VAL A 178 -10.24 20.37 0.05
C VAL A 178 -11.68 20.08 -0.31
N ILE A 179 -12.11 20.53 -1.50
CA ILE A 179 -13.44 20.32 -2.09
C ILE A 179 -13.29 19.53 -3.36
N PRO A 180 -13.88 18.32 -3.41
CA PRO A 180 -13.77 17.50 -4.61
C PRO A 180 -14.44 18.13 -5.82
N ARG A 181 -13.87 17.81 -7.00
CA ARG A 181 -14.35 18.22 -8.32
C ARG A 181 -15.83 17.85 -8.42
N GLY A 182 -16.62 18.82 -8.90
CA GLY A 182 -18.04 18.70 -9.14
C GLY A 182 -18.96 18.89 -7.95
N MET A 183 -18.39 18.99 -6.74
CA MET A 183 -19.18 19.20 -5.51
C MET A 183 -19.64 20.62 -5.41
N LYS A 184 -20.93 20.80 -5.11
CA LYS A 184 -21.53 22.11 -4.94
C LYS A 184 -21.21 22.69 -3.57
N PHE A 185 -20.86 23.97 -3.51
CA PHE A 185 -20.58 24.65 -2.25
C PHE A 185 -20.85 26.16 -2.35
N ARG A 186 -21.00 26.81 -1.19
CA ARG A 186 -21.26 28.24 -1.08
C ARG A 186 -20.30 28.75 0.02
N VAL A 187 -19.51 29.80 -0.26
CA VAL A 187 -18.56 30.38 0.72
C VAL A 187 -19.10 31.68 1.34
N GLU A 188 -19.17 31.70 2.69
CA GLU A 188 -19.59 32.83 3.52
C GLU A 188 -18.33 33.38 4.20
N LEU A 189 -18.18 34.70 4.22
CA LEU A 189 -16.97 35.27 4.83
C LEU A 189 -17.35 35.68 6.24
N LEU A 190 -16.73 35.06 7.24
CA LEU A 190 -17.04 35.30 8.64
C LEU A 190 -16.46 36.62 9.16
N ASP A 191 -15.42 37.13 8.49
CA ASP A 191 -14.74 38.37 8.86
C ASP A 191 -15.02 39.55 7.88
N GLY A 192 -15.98 39.35 6.97
CA GLY A 192 -16.37 40.37 6.00
C GLY A 192 -15.48 40.42 4.77
N GLN A 193 -14.22 40.01 4.95
CA GLN A 193 -13.20 39.94 3.92
C GLN A 193 -12.36 38.69 4.08
N ALA A 194 -11.77 38.21 2.99
CA ALA A 194 -10.91 37.02 3.03
C ALA A 194 -9.83 37.03 1.98
N ARG A 195 -8.68 36.42 2.30
CA ARG A 195 -7.57 36.31 1.35
C ARG A 195 -6.84 34.98 1.64
N GLY A 196 -6.39 34.32 0.58
CA GLY A 196 -5.69 33.04 0.73
C GLY A 196 -5.16 32.52 -0.58
N TYR A 197 -4.73 31.27 -0.58
CA TYR A 197 -4.13 30.62 -1.74
C TYR A 197 -4.94 29.42 -2.16
N ILE A 198 -4.94 29.14 -3.46
CA ILE A 198 -5.66 27.97 -3.99
C ILE A 198 -4.73 27.19 -4.88
N ALA A 199 -4.68 25.86 -4.69
CA ALA A 199 -4.03 24.92 -5.60
C ALA A 199 -5.24 24.14 -6.19
N GLU A 200 -5.49 24.34 -7.48
CA GLU A 200 -6.58 23.67 -8.17
C GLU A 200 -5.95 22.49 -8.94
N ASN A 201 -6.28 21.29 -8.46
CA ASN A 201 -5.73 20.04 -8.94
C ASN A 201 -6.56 19.41 -10.04
N HIS A 202 -6.00 19.42 -11.28
CA HIS A 202 -6.67 18.86 -12.46
C HIS A 202 -6.37 17.38 -12.69
N GLY A 203 -5.44 16.83 -11.91
CA GLY A 203 -5.01 15.44 -12.01
C GLY A 203 -5.51 14.52 -10.91
N ALA A 204 -4.71 13.47 -10.58
CA ALA A 204 -5.08 12.47 -9.57
C ALA A 204 -5.41 13.10 -8.19
N PRO A 205 -6.57 12.82 -7.56
CA PRO A 205 -6.84 13.43 -6.24
C PRO A 205 -5.72 13.34 -5.22
N LEU A 206 -5.56 14.42 -4.44
CA LEU A 206 -4.60 14.47 -3.34
C LEU A 206 -4.88 13.37 -2.33
N ARG A 207 -3.81 12.84 -1.76
CA ARG A 207 -3.89 11.79 -0.75
C ARG A 207 -2.68 11.94 0.14
N LEU A 208 -2.64 11.07 1.16
CA LEU A 208 -1.52 11.03 2.07
C LEU A 208 -0.31 10.38 1.41
N PRO A 209 0.88 10.96 1.60
CA PRO A 209 2.08 10.36 1.02
C PRO A 209 2.40 8.98 1.57
N ASP A 210 3.10 8.19 0.73
CA ASP A 210 3.67 6.88 1.04
C ASP A 210 4.72 7.22 2.09
N LEU A 211 4.70 6.61 3.28
CA LEU A 211 5.62 7.03 4.35
C LEU A 211 7.07 6.53 4.30
N GLY A 212 7.36 5.53 3.47
CA GLY A 212 8.71 4.96 3.37
C GLY A 212 9.18 4.42 4.73
N PRO A 213 10.43 4.71 5.16
CA PRO A 213 10.90 4.26 6.48
C PRO A 213 10.17 4.95 7.61
N ILE A 214 9.34 5.98 7.33
CA ILE A 214 8.60 6.63 8.42
C ILE A 214 7.61 5.65 9.04
N GLY A 215 7.23 4.63 8.26
CA GLY A 215 6.38 3.57 8.75
C GLY A 215 4.89 3.76 8.64
N SER A 216 4.20 3.57 9.79
CA SER A 216 2.73 3.55 9.89
C SER A 216 2.08 4.74 10.61
N ASN A 217 2.90 5.70 11.08
CA ASN A 217 2.50 6.90 11.84
C ASN A 217 3.43 8.05 11.49
N GLY A 218 2.96 9.29 11.62
CA GLY A 218 3.79 10.46 11.33
C GLY A 218 3.22 11.34 10.26
N LEU A 219 3.79 12.54 10.12
CA LEU A 219 3.35 13.55 9.17
C LEU A 219 1.87 13.85 9.39
N ALA A 220 1.03 13.92 8.35
CA ALA A 220 -0.40 14.20 8.60
C ALA A 220 -1.08 12.89 9.05
N ASN A 221 -1.54 12.81 10.33
CA ASN A 221 -2.19 11.56 10.77
C ASN A 221 -3.65 11.51 10.24
N PRO A 222 -4.12 10.35 9.69
CA PRO A 222 -5.48 10.29 9.11
C PRO A 222 -6.63 10.68 10.06
N ARG A 223 -6.46 10.45 11.38
CA ARG A 223 -7.43 10.78 12.44
C ARG A 223 -7.80 12.28 12.44
N ASP A 224 -6.88 13.13 11.99
CA ASP A 224 -7.05 14.57 11.95
C ASP A 224 -7.80 15.15 10.74
N PHE A 225 -8.13 14.32 9.71
CA PHE A 225 -8.83 14.78 8.53
C PHE A 225 -10.34 14.71 8.79
N LEU A 226 -10.98 15.90 8.87
CA LEU A 226 -12.38 16.07 9.28
C LEU A 226 -13.35 16.39 8.14
N THR A 227 -14.46 15.65 8.07
CA THR A 227 -15.50 15.77 7.05
C THR A 227 -16.83 16.23 7.73
N PRO A 228 -17.60 17.18 7.13
CA PRO A 228 -18.86 17.64 7.76
C PRO A 228 -19.95 16.60 7.86
N VAL A 229 -20.94 16.81 8.77
CA VAL A 229 -22.12 15.93 8.90
C VAL A 229 -23.19 16.43 7.96
N ALA A 230 -24.13 15.55 7.56
CA ALA A 230 -25.20 15.92 6.62
C ALA A 230 -26.00 17.16 7.08
N HIS A 231 -26.30 18.05 6.14
CA HIS A 231 -27.07 19.30 6.33
C HIS A 231 -27.77 19.65 5.03
N TYR A 232 -29.07 19.89 5.10
CA TYR A 232 -29.89 20.26 3.93
C TYR A 232 -30.70 21.51 4.10
N GLU A 233 -30.99 22.15 2.97
CA GLU A 233 -31.77 23.35 2.85
C GLU A 233 -33.08 23.03 2.11
N GLU A 234 -34.23 23.35 2.72
CA GLU A 234 -35.55 23.13 2.14
C GLU A 234 -36.08 24.35 1.41
N ALA A 235 -35.50 25.54 1.70
CA ALA A 235 -35.85 26.85 1.14
C ALA A 235 -36.17 26.87 -0.35
N GLU A 236 -37.42 27.23 -0.69
CA GLU A 236 -37.92 27.32 -2.06
C GLU A 236 -37.81 28.76 -2.53
N GLY A 237 -37.10 28.95 -3.64
CA GLY A 237 -36.88 30.28 -4.23
C GLY A 237 -35.69 30.31 -5.18
N PRO A 238 -35.51 31.44 -5.91
CA PRO A 238 -34.42 31.53 -6.89
C PRO A 238 -32.98 31.48 -6.37
N VAL A 239 -32.18 30.58 -6.94
CA VAL A 239 -30.77 30.42 -6.57
C VAL A 239 -29.95 30.28 -7.87
N GLN A 240 -28.88 31.06 -8.00
CA GLN A 240 -28.00 30.93 -9.17
C GLN A 240 -27.01 29.79 -8.94
N LEU A 241 -26.85 28.88 -9.92
CA LEU A 241 -25.88 27.79 -9.84
C LEU A 241 -24.80 28.05 -10.88
N VAL A 242 -23.55 28.20 -10.44
CA VAL A 242 -22.43 28.49 -11.33
C VAL A 242 -21.47 27.35 -11.40
N GLN A 243 -20.93 27.07 -12.59
CA GLN A 243 -19.87 26.08 -12.65
C GLN A 243 -18.64 26.68 -13.36
N LYS A 244 -17.47 26.17 -13.03
CA LYS A 244 -16.23 26.51 -13.74
C LYS A 244 -16.02 25.30 -14.67
N PHE A 245 -15.98 25.56 -15.99
CA PHE A 245 -15.76 24.55 -17.06
C PHE A 245 -14.81 25.11 -18.10
N LEU A 246 -13.65 24.44 -18.21
CA LEU A 246 -12.54 24.83 -19.07
C LEU A 246 -12.16 26.33 -18.87
N GLY A 247 -12.09 26.71 -17.58
CA GLY A 247 -11.74 28.05 -17.10
C GLY A 247 -12.82 29.11 -17.17
N GLU A 248 -14.00 28.80 -17.75
CA GLU A 248 -15.12 29.73 -17.84
C GLU A 248 -16.23 29.45 -16.85
N HIS A 249 -16.83 30.53 -16.35
CA HIS A 249 -17.98 30.51 -15.45
C HIS A 249 -19.28 30.46 -16.24
N TRP A 250 -20.04 29.39 -16.01
CA TRP A 250 -21.30 29.15 -16.65
C TRP A 250 -22.38 29.08 -15.57
N ALA A 251 -23.55 29.63 -15.85
CA ALA A 251 -24.57 29.58 -14.83
C ALA A 251 -25.97 29.28 -15.32
N CYS A 252 -26.80 28.78 -14.40
CA CYS A 252 -28.23 28.65 -14.61
C CYS A 252 -28.91 29.03 -13.31
N GLU A 253 -30.21 29.24 -13.36
CA GLU A 253 -30.96 29.58 -12.15
C GLU A 253 -31.92 28.46 -11.81
N LEU A 254 -31.91 28.09 -10.53
CA LEU A 254 -32.79 27.09 -9.96
C LEU A 254 -33.84 27.78 -9.13
N GLN A 255 -35.01 27.11 -8.90
CA GLN A 255 -36.06 27.63 -8.01
C GLN A 255 -36.12 26.82 -6.70
N HIS A 256 -35.05 26.04 -6.44
CA HIS A 256 -34.85 25.27 -5.22
C HIS A 256 -33.38 25.34 -4.82
N SER A 257 -33.05 24.96 -3.56
CA SER A 257 -31.64 24.95 -3.13
C SER A 257 -30.98 23.66 -3.58
N PRO A 258 -29.74 23.75 -4.16
CA PRO A 258 -29.01 22.53 -4.56
C PRO A 258 -28.28 21.84 -3.41
N LEU A 259 -28.25 22.48 -2.22
CA LEU A 259 -27.67 21.93 -1.00
C LEU A 259 -28.84 21.28 -0.22
N ASP A 260 -29.46 20.24 -0.82
CA ASP A 260 -30.65 19.53 -0.34
C ASP A 260 -30.37 18.03 -0.10
N VAL A 261 -29.12 17.69 0.26
CA VAL A 261 -28.70 16.33 0.58
C VAL A 261 -29.08 16.01 2.07
N VAL A 262 -30.12 15.18 2.29
CA VAL A 262 -30.57 14.82 3.63
C VAL A 262 -29.65 13.75 4.25
N ALA A 263 -29.11 12.83 3.42
CA ALA A 263 -28.23 11.77 3.86
C ALA A 263 -27.26 11.41 2.74
N TRP A 264 -26.09 10.92 3.14
CA TRP A 264 -25.09 10.51 2.15
C TRP A 264 -24.15 9.47 2.79
N HIS A 265 -23.48 8.68 1.96
CA HIS A 265 -22.46 7.74 2.42
C HIS A 265 -21.44 7.60 1.34
N GLY A 266 -20.20 7.33 1.71
CA GLY A 266 -19.17 7.14 0.71
C GLY A 266 -17.86 7.79 1.05
N SER A 267 -17.00 7.90 0.06
CA SER A 267 -15.62 8.33 0.27
C SER A 267 -15.19 9.58 -0.49
N ASN A 268 -16.05 10.12 -1.36
CA ASN A 268 -15.76 11.34 -2.14
C ASN A 268 -16.36 12.49 -1.36
N VAL A 269 -15.52 13.09 -0.48
CA VAL A 269 -15.97 14.08 0.48
C VAL A 269 -15.16 15.36 0.64
N PRO A 270 -15.74 16.49 1.11
CA PRO A 270 -14.89 17.62 1.46
C PRO A 270 -14.27 17.31 2.83
N TYR A 271 -13.14 17.87 3.08
CA TYR A 271 -12.46 17.65 4.36
C TYR A 271 -11.64 18.85 4.75
N LYS A 272 -11.26 18.92 6.01
CA LYS A 272 -10.44 19.99 6.55
C LYS A 272 -9.36 19.42 7.46
N TYR A 273 -8.28 20.15 7.66
CA TYR A 273 -7.14 19.64 8.42
C TYR A 273 -6.44 20.81 9.08
N ASP A 274 -6.16 20.70 10.38
CA ASP A 274 -5.46 21.74 11.11
C ASP A 274 -3.99 21.40 10.98
N LEU A 275 -3.23 22.24 10.25
CA LEU A 275 -1.80 22.02 10.04
C LEU A 275 -1.03 22.01 11.38
N ARG A 276 -1.65 22.56 12.45
CA ARG A 276 -1.06 22.59 13.80
C ARG A 276 -0.83 21.19 14.37
N ARG A 277 -1.56 20.19 13.83
CA ARG A 277 -1.48 18.81 14.27
C ARG A 277 -0.48 18.01 13.45
N PHE A 278 0.32 18.69 12.57
CA PHE A 278 1.29 17.98 11.73
C PHE A 278 2.40 17.40 12.61
N ASN A 279 2.65 16.08 12.51
CA ASN A 279 3.69 15.39 13.30
C ASN A 279 4.98 15.52 12.54
N THR A 280 5.58 16.70 12.64
CA THR A 280 6.81 17.06 11.95
C THR A 280 7.99 16.12 12.28
N ILE A 281 8.57 15.54 11.23
CA ILE A 281 9.76 14.70 11.24
C ILE A 281 10.89 15.51 10.62
N GLY A 282 12.06 15.39 11.21
CA GLY A 282 13.23 16.11 10.71
C GLY A 282 14.50 15.41 11.13
N THR A 283 15.62 16.12 11.07
CA THR A 283 16.90 15.53 11.47
C THR A 283 17.05 15.60 12.98
N VAL A 284 17.55 14.54 13.56
CA VAL A 284 17.84 14.46 15.00
C VAL A 284 19.35 14.22 15.19
N SER A 285 20.14 14.53 14.13
CA SER A 285 21.58 14.33 14.05
C SER A 285 22.26 15.56 13.43
N PHE A 286 22.33 15.56 12.09
CA PHE A 286 23.01 16.56 11.28
C PHE A 286 22.35 16.71 9.93
N ASP A 287 22.89 17.59 9.09
CA ASP A 287 22.39 17.93 7.76
C ASP A 287 21.00 18.58 7.78
N HIS A 288 20.43 18.74 6.60
CA HIS A 288 19.16 19.40 6.39
C HIS A 288 18.37 18.52 5.43
N PRO A 289 17.34 17.82 5.93
CA PRO A 289 16.57 16.90 5.08
C PRO A 289 15.83 17.53 3.89
N ASP A 290 15.65 16.73 2.84
CA ASP A 290 14.91 17.12 1.62
C ASP A 290 13.49 17.55 2.04
N PRO A 291 12.99 18.69 1.50
CA PRO A 291 11.70 19.25 1.97
C PRO A 291 10.45 18.42 1.71
N SER A 292 10.60 17.32 0.93
CA SER A 292 9.54 16.32 0.71
C SER A 292 9.19 15.66 2.07
N ILE A 293 10.12 15.79 3.06
CA ILE A 293 9.91 15.26 4.42
C ILE A 293 8.71 15.93 5.12
N PHE A 294 8.31 17.14 4.64
CA PHE A 294 7.23 17.93 5.20
C PHE A 294 5.92 17.78 4.38
N THR A 295 5.81 16.71 3.58
CA THR A 295 4.63 16.51 2.74
C THR A 295 3.38 16.26 3.55
N VAL A 296 2.32 17.03 3.26
CA VAL A 296 0.99 16.92 3.88
C VAL A 296 0.11 16.06 2.97
N LEU A 297 -0.04 16.46 1.67
CA LEU A 297 -0.82 15.77 0.68
C LEU A 297 -0.04 15.76 -0.64
N THR A 298 -0.38 14.80 -1.50
CA THR A 298 0.30 14.68 -2.80
C THR A 298 -0.68 14.16 -3.82
N SER A 299 -0.56 14.67 -5.02
CA SER A 299 -1.30 14.23 -6.18
C SER A 299 -0.23 13.53 -7.02
N PRO A 300 -0.37 12.21 -7.23
CA PRO A 300 0.63 11.48 -8.01
C PRO A 300 0.40 11.59 -9.52
N THR A 301 1.34 11.03 -10.30
CA THR A 301 1.21 10.87 -11.74
C THR A 301 1.39 9.38 -12.00
N SER A 302 1.23 8.93 -13.26
CA SER A 302 1.44 7.53 -13.62
C SER A 302 2.96 7.16 -13.59
N VAL A 303 3.84 8.19 -13.44
CA VAL A 303 5.28 7.98 -13.29
C VAL A 303 5.52 7.87 -11.75
N HIS A 304 5.68 6.63 -11.19
CA HIS A 304 5.93 6.47 -9.76
C HIS A 304 7.10 7.33 -9.31
N GLY A 305 6.91 7.99 -8.17
CA GLY A 305 7.88 8.87 -7.53
C GLY A 305 7.80 10.30 -8.00
N MET A 306 7.17 10.54 -9.18
CA MET A 306 7.09 11.92 -9.68
C MET A 306 5.66 12.42 -9.56
N ALA A 307 5.40 13.20 -8.53
CA ALA A 307 4.07 13.73 -8.26
C ALA A 307 3.64 14.83 -9.23
N ASN A 308 2.32 14.95 -9.39
CA ASN A 308 1.72 16.01 -10.17
C ASN A 308 1.94 17.29 -9.35
N MET A 309 1.72 17.21 -8.03
CA MET A 309 2.02 18.27 -7.09
C MET A 309 2.15 17.70 -5.69
N ASP A 310 3.02 18.31 -4.90
CA ASP A 310 3.17 17.99 -3.51
C ASP A 310 2.85 19.27 -2.74
N PHE A 311 2.03 19.15 -1.69
CA PHE A 311 1.75 20.23 -0.77
C PHE A 311 2.63 19.94 0.45
N VAL A 312 3.67 20.77 0.70
CA VAL A 312 4.59 20.65 1.84
C VAL A 312 4.50 21.94 2.69
N ILE A 313 4.72 21.83 4.01
CA ILE A 313 4.62 22.99 4.91
C ILE A 313 5.94 23.17 5.64
N PHE A 314 6.19 24.38 6.18
CA PHE A 314 7.39 24.69 6.95
C PHE A 314 6.85 25.17 8.30
N PRO A 315 6.59 24.20 9.20
CA PRO A 315 5.89 24.55 10.45
C PRO A 315 6.83 24.79 11.62
N PRO A 316 6.32 25.15 12.82
CA PRO A 316 7.21 25.20 14.00
C PRO A 316 7.91 23.84 14.13
N ARG A 317 9.20 23.87 14.43
CA ARG A 317 10.04 22.66 14.50
C ARG A 317 11.34 22.92 15.25
N TRP A 318 11.88 21.87 15.86
CA TRP A 318 13.15 21.93 16.56
C TRP A 318 14.27 21.73 15.58
N MET A 319 15.26 22.62 15.63
CA MET A 319 16.47 22.58 14.81
C MET A 319 17.58 22.14 15.74
N VAL A 320 18.09 20.90 15.55
CA VAL A 320 19.17 20.36 16.38
C VAL A 320 20.41 19.96 15.59
N ALA A 321 20.36 20.01 14.23
CA ALA A 321 21.53 19.57 13.44
C ALA A 321 22.89 20.15 13.92
N GLU A 322 23.80 19.27 14.30
CA GLU A 322 25.14 19.65 14.80
C GLU A 322 26.12 19.87 13.61
N ASN A 323 27.03 20.90 13.72
CA ASN A 323 28.06 21.21 12.70
C ASN A 323 27.46 21.28 11.29
N THR A 324 26.30 21.97 11.18
CA THR A 324 25.55 22.00 9.93
C THR A 324 25.05 23.35 9.54
N PHE A 325 24.92 23.54 8.20
CA PHE A 325 24.34 24.76 7.62
C PHE A 325 22.84 24.43 7.70
N ARG A 326 22.15 25.04 8.69
CA ARG A 326 20.73 24.77 9.04
C ARG A 326 19.65 25.27 8.10
N PRO A 327 19.76 26.47 7.46
CA PRO A 327 18.74 26.85 6.48
C PRO A 327 18.77 25.94 5.25
N PRO A 328 17.79 26.08 4.32
CA PRO A 328 17.83 25.27 3.09
C PRO A 328 19.14 25.44 2.35
N TRP A 329 19.62 24.38 1.71
CA TRP A 329 20.82 24.50 0.88
C TRP A 329 20.50 25.24 -0.42
N PHE A 330 21.52 25.78 -1.06
CA PHE A 330 21.43 26.35 -2.39
C PHE A 330 20.99 25.20 -3.26
N HIS A 331 19.95 25.45 -4.09
CA HIS A 331 19.25 24.43 -4.85
C HIS A 331 18.93 24.78 -6.30
N ARG A 332 18.86 23.75 -7.14
CA ARG A 332 18.51 23.79 -8.54
C ARG A 332 17.74 22.50 -8.73
N ASN A 333 16.48 22.64 -9.13
CA ASN A 333 15.54 21.54 -9.19
C ASN A 333 14.83 21.35 -10.52
N LEU A 334 14.59 20.06 -10.89
CA LEU A 334 13.73 19.72 -12.05
C LEU A 334 12.31 20.17 -11.74
N MET A 335 11.92 20.09 -10.45
CA MET A 335 10.58 20.48 -10.04
C MET A 335 10.43 21.98 -9.97
N ASN A 336 9.15 22.42 -9.94
CA ASN A 336 8.76 23.84 -9.94
C ASN A 336 8.21 24.21 -8.56
N GLU A 337 8.91 25.13 -7.88
CA GLU A 337 8.68 25.54 -6.53
C GLU A 337 7.95 26.87 -6.41
N PHE A 338 6.67 26.79 -6.04
CA PHE A 338 5.80 27.94 -5.75
C PHE A 338 5.61 27.99 -4.21
N MET A 339 6.07 29.06 -3.56
CA MET A 339 5.95 29.23 -2.12
C MET A 339 5.02 30.36 -1.71
N GLY A 340 4.35 30.14 -0.58
CA GLY A 340 3.45 31.09 0.06
C GLY A 340 3.75 31.13 1.54
N LEU A 341 3.11 32.06 2.26
CA LEU A 341 3.30 32.23 3.69
C LEU A 341 1.97 32.53 4.35
N ILE A 342 1.63 31.74 5.40
CA ILE A 342 0.39 31.94 6.16
C ILE A 342 0.63 32.93 7.31
N ASN A 343 1.72 32.69 8.08
CA ASN A 343 2.04 33.45 9.29
C ASN A 343 3.55 33.57 9.50
N GLY A 344 3.97 34.69 10.10
CA GLY A 344 5.36 34.94 10.43
C GLY A 344 6.31 35.03 9.26
N ALA A 345 7.56 34.61 9.49
CA ALA A 345 8.65 34.69 8.53
C ALA A 345 9.20 33.31 8.21
N TYR A 346 9.72 33.15 6.99
CA TYR A 346 10.31 31.90 6.52
C TYR A 346 11.83 31.94 6.64
N ASP A 347 12.40 30.86 7.17
CA ASP A 347 13.80 30.61 7.46
C ASP A 347 14.84 31.01 6.41
N ALA A 348 14.52 30.92 5.11
CA ALA A 348 15.52 31.18 4.08
C ALA A 348 15.54 32.61 3.58
N LYS A 349 14.51 33.40 3.87
CA LYS A 349 14.41 34.78 3.38
C LYS A 349 14.22 35.74 4.54
N ALA A 350 15.19 36.65 4.73
CA ALA A 350 15.27 37.65 5.81
C ALA A 350 14.16 38.69 5.77
N GLU A 351 13.89 39.23 4.58
CA GLU A 351 12.86 40.26 4.37
C GLU A 351 12.33 40.16 2.95
N GLY A 352 11.13 40.72 2.72
CA GLY A 352 10.53 40.73 1.39
C GLY A 352 9.51 39.64 1.15
N PHE A 353 9.57 38.55 1.97
CA PHE A 353 8.64 37.42 1.87
C PHE A 353 7.67 37.50 3.03
N LEU A 354 6.50 38.11 2.79
CA LEU A 354 5.53 38.34 3.86
C LEU A 354 4.26 37.49 3.76
N PRO A 355 3.53 37.26 4.89
CA PRO A 355 2.26 36.47 4.78
C PRO A 355 1.38 37.02 3.66
N GLY A 356 0.94 36.15 2.76
CA GLY A 356 0.16 36.55 1.59
C GLY A 356 1.05 36.70 0.36
N GLY A 357 2.36 36.78 0.59
CA GLY A 357 3.33 36.87 -0.49
C GLY A 357 3.48 35.55 -1.21
N ALA A 358 4.17 35.57 -2.33
CA ALA A 358 4.37 34.34 -3.11
C ALA A 358 5.73 34.39 -3.80
N SER A 359 6.35 33.23 -4.04
CA SER A 359 7.60 33.14 -4.77
C SER A 359 7.56 31.96 -5.74
N LEU A 360 8.20 32.11 -6.90
CA LEU A 360 8.30 31.10 -7.91
C LEU A 360 9.73 30.91 -8.35
N HIS A 361 10.21 29.67 -8.19
CA HIS A 361 11.53 29.21 -8.58
C HIS A 361 11.22 28.04 -9.53
N GLY A 362 11.26 28.33 -10.83
CA GLY A 362 10.91 27.35 -11.83
C GLY A 362 12.04 26.43 -12.16
N VAL A 363 11.74 25.38 -12.96
CA VAL A 363 12.68 24.34 -13.41
C VAL A 363 14.12 24.88 -13.59
N MET A 364 15.04 24.31 -12.79
CA MET A 364 16.48 24.63 -12.80
C MET A 364 16.92 26.07 -12.48
N SER A 365 16.06 26.84 -11.83
CA SER A 365 16.39 28.23 -11.48
C SER A 365 17.20 28.11 -10.19
N ALA A 366 18.29 28.81 -10.15
CA ALA A 366 19.19 28.79 -9.00
C ALA A 366 18.63 29.55 -7.82
N HIS A 367 18.27 28.80 -6.79
CA HIS A 367 17.69 29.40 -5.60
C HIS A 367 18.44 28.98 -4.33
N GLY A 368 17.98 29.44 -3.20
CA GLY A 368 18.63 29.17 -1.93
C GLY A 368 18.49 30.33 -0.97
N PRO A 369 19.11 30.24 0.23
CA PRO A 369 18.97 31.34 1.21
C PRO A 369 19.57 32.62 0.65
N ASP A 370 18.96 33.78 1.01
CA ASP A 370 19.49 35.08 0.56
C ASP A 370 20.81 35.32 1.27
N ALA A 371 21.54 36.35 0.86
CA ALA A 371 22.85 36.61 1.46
C ALA A 371 22.87 36.81 2.98
N GLU A 372 21.85 37.50 3.57
CA GLU A 372 21.79 37.74 5.01
C GLU A 372 21.58 36.45 5.83
N THR A 373 20.67 35.55 5.37
CA THR A 373 20.41 34.27 6.06
C THR A 373 21.64 33.37 5.96
N CYS A 374 22.29 33.38 4.79
CA CYS A 374 23.50 32.59 4.51
C CYS A 374 24.68 32.97 5.43
N GLU A 375 24.93 34.28 5.57
CA GLU A 375 25.98 34.84 6.40
C GLU A 375 25.74 34.54 7.90
N LYS A 376 24.50 34.79 8.39
CA LYS A 376 24.12 34.51 9.78
C LYS A 376 24.32 33.03 10.14
N ALA A 377 23.90 32.10 9.23
CA ALA A 377 23.95 30.66 9.43
C ALA A 377 25.32 30.05 9.59
N ILE A 378 26.31 30.46 8.78
CA ILE A 378 27.70 29.96 8.82
C ILE A 378 28.41 30.41 10.10
N ALA A 379 28.22 31.68 10.50
CA ALA A 379 28.80 32.30 11.69
C ALA A 379 28.19 31.86 13.01
N ALA A 380 26.87 31.57 13.04
CA ALA A 380 26.09 31.21 14.23
C ALA A 380 26.64 30.08 15.10
N ASP A 381 26.54 30.25 16.42
CA ASP A 381 26.94 29.21 17.37
C ASP A 381 25.72 28.29 17.46
N LEU A 382 25.93 26.99 17.15
CA LEU A 382 24.83 26.00 17.13
C LEU A 382 24.51 25.35 18.46
N ALA A 383 23.19 25.29 18.75
CA ALA A 383 22.58 24.72 19.96
C ALA A 383 21.11 24.40 19.60
N PRO A 384 20.40 23.44 20.27
CA PRO A 384 18.98 23.22 19.92
C PRO A 384 18.17 24.51 19.88
N HIS A 385 17.38 24.69 18.81
CA HIS A 385 16.55 25.89 18.63
C HIS A 385 15.17 25.56 18.09
N LYS A 386 14.11 26.06 18.76
CA LYS A 386 12.75 25.88 18.26
C LYS A 386 12.41 27.06 17.35
N ILE A 387 12.14 26.77 16.06
CA ILE A 387 11.63 27.74 15.07
C ILE A 387 10.12 27.68 15.34
N ASP A 388 9.45 28.81 15.57
CA ASP A 388 8.03 28.79 15.90
C ASP A 388 7.36 30.04 15.36
N ASN A 389 6.05 30.20 15.66
CA ASN A 389 5.25 31.36 15.25
CA ASN A 389 5.25 31.36 15.25
C ASN A 389 5.45 31.64 13.75
N THR A 390 5.44 30.57 12.98
CA THR A 390 5.61 30.60 11.53
C THR A 390 4.89 29.45 10.91
N MET A 391 4.47 29.64 9.67
CA MET A 391 3.87 28.62 8.82
C MET A 391 3.91 29.12 7.40
N ALA A 392 4.78 28.48 6.63
CA ALA A 392 4.97 28.70 5.20
C ALA A 392 4.67 27.38 4.50
N PHE A 393 4.56 27.42 3.17
CA PHE A 393 4.25 26.21 2.44
C PHE A 393 4.73 26.29 1.02
N MET A 394 4.64 25.16 0.32
CA MET A 394 5.02 25.09 -1.06
C MET A 394 4.09 24.20 -1.83
N PHE A 395 3.76 24.66 -3.02
CA PHE A 395 3.05 23.89 -4.01
C PHE A 395 4.19 23.55 -4.99
N GLU A 396 4.64 22.27 -5.02
CA GLU A 396 5.73 21.84 -5.89
C GLU A 396 5.10 21.02 -6.97
N THR A 397 5.33 21.38 -8.22
CA THR A 397 4.75 20.75 -9.39
C THR A 397 5.80 20.17 -10.31
N SER A 398 5.45 19.08 -11.03
CA SER A 398 6.37 18.46 -12.03
C SER A 398 6.43 19.20 -13.30
N GLN A 399 5.27 19.66 -13.77
CA GLN A 399 5.16 20.47 -15.00
C GLN A 399 5.58 21.88 -14.68
N VAL A 400 6.13 22.60 -15.67
CA VAL A 400 6.53 24.01 -15.43
C VAL A 400 5.31 24.88 -15.12
N LEU A 401 5.44 25.85 -14.20
CA LEU A 401 4.38 26.79 -13.83
C LEU A 401 4.57 28.07 -14.62
N ARG A 402 3.64 28.36 -15.52
CA ARG A 402 3.72 29.57 -16.35
C ARG A 402 2.95 30.70 -15.65
N PRO A 403 3.65 31.78 -15.22
CA PRO A 403 2.93 32.91 -14.61
C PRO A 403 1.95 33.55 -15.61
N SER A 404 0.78 33.95 -15.10
CA SER A 404 -0.22 34.61 -15.93
C SER A 404 0.22 36.05 -16.26
N LEU A 405 -0.36 36.64 -17.30
CA LEU A 405 -0.11 38.05 -17.65
C LEU A 405 -0.54 38.97 -16.46
N GLN A 406 -1.62 38.62 -15.76
CA GLN A 406 -2.11 39.38 -14.60
C GLN A 406 -1.05 39.40 -13.47
N ALA A 407 -0.34 38.26 -13.26
CA ALA A 407 0.71 38.07 -12.24
C ALA A 407 1.98 38.83 -12.56
N LEU A 408 2.35 38.86 -13.85
CA LEU A 408 3.53 39.56 -14.36
C LEU A 408 3.32 41.06 -14.59
N GLU A 409 2.04 41.54 -14.69
CA GLU A 409 1.72 42.98 -14.87
C GLU A 409 1.31 43.62 -13.54
N CYS A 410 1.12 42.77 -12.53
CA CYS A 410 0.71 43.07 -11.16
C CYS A 410 1.70 44.03 -10.45
N PRO A 411 1.25 45.13 -9.78
CA PRO A 411 2.21 46.03 -9.08
C PRO A 411 2.89 45.38 -7.88
N GLN A 412 2.31 44.25 -7.36
CA GLN A 412 2.89 43.50 -6.24
CA GLN A 412 2.89 43.52 -6.23
C GLN A 412 4.12 42.68 -6.60
N LEU A 413 4.40 42.51 -7.91
CA LEU A 413 5.59 41.77 -8.39
C LEU A 413 6.82 42.58 -8.04
N GLN A 414 7.71 42.02 -7.21
CA GLN A 414 8.90 42.79 -6.85
C GLN A 414 9.88 42.90 -7.98
N ALA A 415 10.35 44.12 -8.15
CA ALA A 415 11.23 44.51 -9.21
C ALA A 415 12.67 44.05 -9.01
N ASP A 416 13.15 43.94 -7.76
CA ASP A 416 14.56 43.58 -7.53
C ASP A 416 14.77 42.35 -6.67
N TYR A 417 14.00 41.28 -6.91
CA TYR A 417 14.15 40.02 -6.15
C TYR A 417 15.57 39.48 -6.21
N ASP A 418 16.17 39.50 -7.40
CA ASP A 418 17.52 38.96 -7.61
C ASP A 418 18.56 39.57 -6.66
N SER A 419 18.37 40.84 -6.25
CA SER A 419 19.29 41.55 -5.35
C SER A 419 19.44 40.90 -3.98
N CYS A 420 18.49 40.01 -3.57
CA CYS A 420 18.59 39.35 -2.27
C CYS A 420 19.80 38.39 -2.17
N TRP A 421 20.31 37.90 -3.34
CA TRP A 421 21.49 37.07 -3.43
C TRP A 421 22.74 37.84 -3.93
N ALA A 422 22.59 39.12 -4.30
CA ALA A 422 23.66 39.95 -4.86
C ALA A 422 24.95 40.04 -4.03
N THR A 423 24.80 40.13 -2.69
CA THR A 423 25.95 40.29 -1.79
C THR A 423 26.71 39.01 -1.43
N LEU A 424 26.29 37.84 -1.97
CA LEU A 424 26.95 36.55 -1.76
C LEU A 424 28.45 36.64 -2.04
N PRO A 425 29.29 36.50 -1.00
CA PRO A 425 30.73 36.65 -1.19
C PRO A 425 31.50 35.37 -1.42
N SER A 426 32.71 35.48 -2.00
CA SER A 426 33.61 34.34 -2.14
C SER A 426 34.42 34.24 -0.82
N THR A 427 34.46 33.05 -0.20
CA THR A 427 35.18 32.79 1.06
C THR A 427 36.16 31.64 0.88
N PHE A 428 36.34 31.25 -0.39
CA PHE A 428 37.19 30.16 -0.83
C PHE A 428 38.65 30.54 -0.66
N ASN A 429 39.41 29.68 -0.02
CA ASN A 429 40.83 29.85 0.14
C ASN A 429 41.50 28.49 -0.16
N PRO A 430 42.12 28.34 -1.36
CA PRO A 430 42.66 27.03 -1.76
C PRO A 430 43.85 26.48 -0.98
N ASN A 431 44.44 27.30 -0.10
CA ASN A 431 45.61 26.95 0.71
C ASN A 431 45.25 26.63 2.17
N ARG A 432 43.93 26.56 2.49
CA ARG A 432 43.46 26.29 3.85
C ARG A 432 42.18 25.44 3.85
N ARG A 433 42.21 24.30 4.60
CA ARG A 433 41.11 23.36 4.75
C ARG A 433 40.09 23.84 5.78
N ASP B 8 46.47 14.73 -20.94
CA ASP B 8 45.35 13.80 -21.05
C ASP B 8 44.36 13.96 -19.90
N LEU B 9 43.04 13.82 -20.21
CA LEU B 9 41.98 13.96 -19.21
C LEU B 9 41.73 12.67 -18.49
N HIS B 10 41.40 12.74 -17.19
CA HIS B 10 41.09 11.53 -16.40
C HIS B 10 39.58 11.37 -16.25
N TYR B 11 39.11 10.13 -16.19
CA TYR B 11 37.69 9.84 -16.15
C TYR B 11 37.37 8.77 -15.12
N LEU B 12 36.12 8.79 -14.60
CA LEU B 12 35.57 7.83 -13.66
C LEU B 12 34.60 6.95 -14.45
N SER B 13 34.62 5.62 -14.23
CA SER B 13 33.77 4.67 -14.98
C SER B 13 32.51 4.14 -14.25
N GLY B 14 31.45 3.81 -15.00
CA GLY B 14 30.31 3.15 -14.41
C GLY B 14 28.99 3.87 -14.50
N PHE B 15 28.16 3.53 -15.51
CA PHE B 15 26.88 4.15 -15.74
C PHE B 15 26.01 4.07 -14.47
N GLY B 16 25.56 5.23 -14.00
CA GLY B 16 24.67 5.35 -12.84
C GLY B 16 25.34 5.36 -11.48
N ASN B 17 26.68 5.44 -11.45
CA ASN B 17 27.41 5.42 -10.17
C ASN B 17 27.22 6.65 -9.30
N GLU B 18 27.39 6.44 -7.99
CA GLU B 18 27.44 7.53 -7.03
C GLU B 18 28.93 7.79 -7.02
N PHE B 19 29.36 8.80 -7.76
CA PHE B 19 30.78 9.10 -7.88
C PHE B 19 31.12 10.16 -6.83
N ALA B 20 32.42 10.35 -6.61
CA ALA B 20 32.93 11.36 -5.71
C ALA B 20 34.23 11.82 -6.36
N SER B 21 34.38 13.13 -6.52
CA SER B 21 35.58 13.71 -7.14
C SER B 21 35.92 15.03 -6.49
N GLU B 22 37.20 15.24 -6.19
CA GLU B 22 37.70 16.48 -5.61
C GLU B 22 38.99 16.96 -6.26
N ALA B 23 39.04 18.25 -6.69
CA ALA B 23 40.21 18.90 -7.30
C ALA B 23 41.24 19.37 -6.25
N LEU B 24 40.80 19.50 -4.99
CA LEU B 24 41.66 19.85 -3.85
C LEU B 24 41.41 18.75 -2.79
N PRO B 25 42.45 18.17 -2.15
CA PRO B 25 42.20 17.10 -1.15
C PRO B 25 41.40 17.54 0.07
N GLY B 26 40.34 16.80 0.38
CA GLY B 26 39.49 17.08 1.53
C GLY B 26 38.38 18.09 1.30
N ALA B 27 38.25 18.56 0.03
CA ALA B 27 37.23 19.51 -0.41
C ALA B 27 35.83 18.94 -0.24
N LEU B 28 35.69 17.58 -0.33
CA LEU B 28 34.41 16.94 -0.07
C LEU B 28 34.26 16.77 1.44
N PRO B 29 33.14 17.21 2.01
CA PRO B 29 32.91 17.00 3.45
C PRO B 29 32.76 15.51 3.71
N VAL B 30 33.49 15.00 4.72
CA VAL B 30 33.42 13.60 5.08
C VAL B 30 32.28 13.36 6.09
N GLY B 31 31.41 12.39 5.78
CA GLY B 31 30.32 12.00 6.65
C GLY B 31 29.05 12.80 6.62
N GLN B 32 28.99 13.86 5.80
CA GLN B 32 27.79 14.69 5.62
C GLN B 32 27.85 15.46 4.31
N ASN B 33 26.76 16.10 3.93
CA ASN B 33 26.63 16.90 2.73
C ASN B 33 26.61 18.41 2.98
N SER B 34 26.14 18.80 4.18
CA SER B 34 25.88 20.21 4.53
C SER B 34 26.55 20.65 5.85
N PRO B 35 27.90 20.70 5.92
CA PRO B 35 28.53 21.18 7.15
C PRO B 35 28.26 22.69 7.27
N GLN B 36 28.31 23.26 8.47
CA GLN B 36 28.11 24.70 8.68
C GLN B 36 29.21 25.51 7.95
N LYS B 37 30.48 25.12 8.16
CA LYS B 37 31.69 25.68 7.56
C LYS B 37 32.33 24.62 6.66
N ALA B 38 31.89 24.57 5.40
CA ALA B 38 32.39 23.61 4.39
C ALA B 38 33.91 23.75 4.15
N PRO B 39 34.65 22.64 3.96
CA PRO B 39 36.11 22.77 3.76
C PRO B 39 36.49 23.79 2.65
N TYR B 40 37.54 24.57 2.89
CA TYR B 40 38.04 25.58 1.94
C TYR B 40 37.19 26.81 1.77
N GLY B 41 36.22 27.02 2.67
CA GLY B 41 35.31 28.16 2.55
C GLY B 41 34.30 28.06 1.42
N LEU B 42 34.17 26.85 0.78
CA LEU B 42 33.23 26.59 -0.30
C LEU B 42 31.76 26.50 0.13
N TYR B 43 30.84 26.58 -0.84
CA TYR B 43 29.40 26.52 -0.60
C TYR B 43 28.84 25.21 -1.11
N ALA B 44 27.95 24.56 -0.33
CA ALA B 44 27.24 23.36 -0.75
C ALA B 44 26.08 23.76 -1.68
N GLU B 45 25.82 22.98 -2.72
CA GLU B 45 24.71 23.23 -3.62
C GLU B 45 24.19 21.90 -4.16
N LEU B 46 22.86 21.69 -4.11
CA LEU B 46 22.24 20.44 -4.59
C LEU B 46 21.56 20.67 -5.93
N LEU B 47 21.91 19.83 -6.92
CA LEU B 47 21.32 19.85 -8.26
C LEU B 47 20.49 18.61 -8.33
N SER B 48 19.17 18.77 -8.12
CA SER B 48 18.21 17.68 -8.12
C SER B 48 17.70 17.41 -9.53
N GLY B 49 18.24 16.38 -10.19
CA GLY B 49 17.90 15.98 -11.56
C GLY B 49 16.55 15.30 -11.70
N THR B 50 15.98 14.82 -10.58
CA THR B 50 14.67 14.18 -10.55
C THR B 50 13.87 14.66 -9.31
N ALA B 51 12.59 14.26 -9.22
CA ALA B 51 11.80 14.57 -8.04
C ALA B 51 12.49 13.88 -6.85
N PHE B 52 12.30 14.41 -5.63
CA PHE B 52 12.97 13.84 -4.45
C PHE B 52 12.59 12.40 -4.16
N THR B 53 11.34 12.03 -4.43
CA THR B 53 10.71 10.74 -4.08
C THR B 53 10.82 9.64 -5.14
N MET B 54 11.64 9.86 -6.19
CA MET B 54 11.83 8.84 -7.23
C MET B 54 12.44 7.63 -6.57
N ALA B 55 12.21 6.43 -7.15
CA ALA B 55 12.82 5.20 -6.64
C ALA B 55 14.33 5.41 -6.78
N ARG B 56 15.13 4.90 -5.84
CA ARG B 56 16.57 5.06 -5.86
C ARG B 56 17.21 4.66 -7.19
N SER B 57 16.61 3.66 -7.87
CA SER B 57 17.09 3.18 -9.17
C SER B 57 17.01 4.31 -10.20
N GLU B 58 16.01 5.21 -10.05
CA GLU B 58 15.76 6.33 -10.93
C GLU B 58 16.36 7.66 -10.42
N LEU B 59 16.87 7.68 -9.18
CA LEU B 59 17.40 8.91 -8.60
C LEU B 59 18.60 9.49 -9.32
N ARG B 60 18.56 10.81 -9.60
CA ARG B 60 19.67 11.58 -10.19
C ARG B 60 19.88 12.88 -9.41
N ARG B 61 20.88 12.95 -8.51
CA ARG B 61 21.19 14.19 -7.80
C ARG B 61 22.68 14.30 -7.54
N THR B 62 23.19 15.52 -7.56
CA THR B 62 24.62 15.76 -7.37
C THR B 62 24.73 16.92 -6.44
N TRP B 63 25.66 16.78 -5.49
CA TRP B 63 26.05 17.74 -4.48
C TRP B 63 27.31 18.39 -4.99
N LEU B 64 27.28 19.73 -5.10
CA LEU B 64 28.39 20.55 -5.59
C LEU B 64 29.01 21.42 -4.48
N TYR B 65 30.34 21.56 -4.46
CA TYR B 65 31.09 22.33 -3.46
C TYR B 65 31.86 23.34 -4.25
N ARG B 66 31.33 24.57 -4.28
CA ARG B 66 31.69 25.67 -5.17
C ARG B 66 31.99 27.02 -4.56
N ILE B 67 32.83 27.78 -5.28
CA ILE B 67 33.32 29.09 -4.88
C ILE B 67 32.20 30.09 -4.68
N ARG B 68 31.20 30.10 -5.60
CA ARG B 68 30.03 30.98 -5.49
C ARG B 68 28.74 30.19 -5.81
N PRO B 69 27.64 30.39 -5.03
CA PRO B 69 26.40 29.66 -5.35
C PRO B 69 25.85 30.08 -6.69
N SER B 70 25.17 29.16 -7.41
CA SER B 70 24.53 29.48 -8.70
C SER B 70 23.51 30.63 -8.56
N ALA B 71 22.89 30.76 -7.35
CA ALA B 71 21.90 31.81 -7.02
C ALA B 71 22.42 33.24 -7.19
N LEU B 72 23.75 33.40 -7.17
CA LEU B 72 24.38 34.71 -7.34
C LEU B 72 24.45 35.06 -8.84
N HIS B 73 23.35 35.62 -9.37
CA HIS B 73 23.18 36.04 -10.76
C HIS B 73 22.12 37.17 -10.91
N PRO B 74 22.32 38.13 -11.83
CA PRO B 74 21.31 39.19 -12.02
C PRO B 74 20.14 38.65 -12.85
N ARG B 75 19.06 39.44 -13.04
CA ARG B 75 17.94 38.95 -13.88
C ARG B 75 18.36 38.60 -15.32
N PHE B 76 17.72 37.57 -15.86
CA PHE B 76 17.99 37.08 -17.20
C PHE B 76 17.21 37.93 -18.19
N GLU B 77 17.84 38.24 -19.33
CA GLU B 77 17.27 39.05 -20.41
C GLU B 77 17.17 38.24 -21.68
N ARG B 78 16.07 38.44 -22.45
CA ARG B 78 15.81 37.68 -23.68
C ARG B 78 16.69 38.20 -24.82
N LEU B 79 17.48 37.30 -25.45
CA LEU B 79 18.40 37.72 -26.50
C LEU B 79 17.65 37.96 -27.84
N ALA B 80 18.13 38.90 -28.68
CA ALA B 80 17.48 39.14 -29.96
C ALA B 80 17.68 37.92 -30.89
N ARG B 81 18.89 37.27 -30.82
CA ARG B 81 19.29 36.10 -31.62
C ARG B 81 18.67 34.86 -31.02
N GLN B 82 17.76 34.27 -31.72
CA GLN B 82 17.06 33.05 -31.32
C GLN B 82 17.07 31.95 -32.37
N PRO B 83 18.04 31.07 -32.32
CA PRO B 83 18.13 30.02 -33.37
C PRO B 83 16.96 29.03 -33.46
N LEU B 84 16.18 28.92 -32.39
CA LEU B 84 15.10 27.94 -32.33
C LEU B 84 13.71 28.55 -32.37
N GLY B 85 13.63 29.83 -32.76
CA GLY B 85 12.40 30.62 -32.85
C GLY B 85 11.45 30.39 -34.02
N GLY B 86 11.86 29.59 -35.00
CA GLY B 86 11.03 29.25 -36.16
C GLY B 86 9.87 28.34 -35.81
N PRO B 87 8.70 28.44 -36.50
CA PRO B 87 7.55 27.59 -36.14
C PRO B 87 7.62 26.19 -36.76
N LEU B 88 6.77 25.26 -36.26
CA LEU B 88 6.65 23.88 -36.77
C LEU B 88 6.20 23.93 -38.22
N GLY B 89 6.67 22.99 -39.02
CA GLY B 89 6.31 22.90 -40.42
C GLY B 89 4.86 22.47 -40.56
N GLY B 90 4.33 22.57 -41.76
CA GLY B 90 2.96 22.16 -42.02
C GLY B 90 2.81 20.65 -41.94
N ILE B 91 1.58 20.15 -41.81
CA ILE B 91 1.34 18.70 -41.72
C ILE B 91 1.91 18.04 -43.00
N ASN B 92 2.70 16.95 -42.86
CA ASN B 92 3.32 16.28 -43.99
C ASN B 92 3.65 14.81 -43.68
N PRO B 93 2.91 13.85 -44.29
CA PRO B 93 3.14 12.42 -43.97
C PRO B 93 4.22 11.71 -44.78
N ASN B 94 4.82 12.44 -45.73
CA ASN B 94 5.84 11.89 -46.62
C ASN B 94 7.12 11.38 -45.93
N ARG B 95 7.76 10.40 -46.58
CA ARG B 95 9.06 9.84 -46.21
C ARG B 95 10.07 10.89 -46.63
N LEU B 96 10.91 11.30 -45.68
CA LEU B 96 11.81 12.44 -45.92
C LEU B 96 13.26 12.08 -45.82
N ARG B 97 14.11 12.73 -46.67
CA ARG B 97 15.56 12.56 -46.66
C ARG B 97 16.27 13.88 -46.92
N TRP B 98 17.25 14.21 -46.08
CA TRP B 98 18.07 15.42 -46.23
C TRP B 98 19.48 15.01 -46.47
N SER B 99 20.18 15.81 -47.28
CA SER B 99 21.61 15.70 -47.55
C SER B 99 22.33 16.39 -46.36
N PRO B 100 23.66 16.24 -46.22
CA PRO B 100 24.33 16.87 -45.07
C PRO B 100 24.21 18.41 -45.04
N GLN B 101 24.00 18.95 -43.83
CA GLN B 101 23.80 20.39 -43.58
C GLN B 101 25.14 21.13 -43.67
N PRO B 102 25.30 22.12 -44.57
CA PRO B 102 26.59 22.83 -44.61
C PRO B 102 26.73 23.77 -43.42
N ILE B 103 27.98 24.04 -43.03
CA ILE B 103 28.25 24.95 -41.94
C ILE B 103 28.14 26.41 -42.43
N PRO B 104 27.26 27.25 -41.78
CA PRO B 104 27.08 28.63 -42.24
C PRO B 104 28.33 29.49 -42.04
N ALA B 105 28.48 30.54 -42.86
CA ALA B 105 29.62 31.45 -42.81
C ALA B 105 29.55 32.41 -41.63
N GLU B 106 28.32 32.85 -41.25
CA GLU B 106 28.18 33.81 -40.15
C GLU B 106 28.71 33.25 -38.81
N PRO B 107 29.41 34.07 -37.96
CA PRO B 107 29.94 33.55 -36.68
C PRO B 107 28.86 32.89 -35.84
N THR B 108 29.00 31.56 -35.65
CA THR B 108 28.08 30.69 -34.97
C THR B 108 28.81 29.74 -33.99
N ASP B 109 28.47 29.84 -32.70
CA ASP B 109 29.02 28.91 -31.74
C ASP B 109 28.08 27.66 -31.62
N PHE B 110 28.38 26.73 -30.70
CA PHE B 110 27.61 25.49 -30.51
C PHE B 110 26.12 25.68 -30.24
N ILE B 111 25.76 26.61 -29.33
CA ILE B 111 24.35 26.87 -28.96
C ILE B 111 23.63 27.69 -30.04
N GLU B 112 24.38 28.45 -30.85
CA GLU B 112 23.82 29.27 -31.94
C GLU B 112 23.59 28.44 -33.20
N GLY B 113 24.27 27.30 -33.28
CA GLY B 113 24.26 26.42 -34.44
C GLY B 113 23.27 25.29 -34.55
N TRP B 114 22.33 25.16 -33.60
CA TRP B 114 21.32 24.10 -33.67
C TRP B 114 20.28 24.45 -34.71
N LEU B 115 20.09 23.54 -35.67
CA LEU B 115 19.08 23.64 -36.73
C LEU B 115 17.95 22.67 -36.38
N PRO B 116 16.74 23.16 -36.01
CA PRO B 116 15.64 22.21 -35.71
C PRO B 116 15.26 21.39 -36.92
N MET B 117 15.30 20.06 -36.78
CA MET B 117 14.97 19.12 -37.86
C MET B 117 13.52 18.66 -37.70
N ALA B 118 13.22 17.93 -36.62
CA ALA B 118 11.88 17.45 -36.27
C ALA B 118 11.73 17.38 -34.75
N ALA B 119 10.49 17.55 -34.23
CA ALA B 119 10.21 17.52 -32.77
C ALA B 119 8.79 17.07 -32.46
N ASN B 120 8.58 16.45 -31.30
CA ASN B 120 7.24 16.01 -30.88
C ASN B 120 6.27 17.19 -30.60
N ALA B 121 6.81 18.38 -30.27
CA ALA B 121 6.01 19.57 -29.94
C ALA B 121 6.74 20.86 -30.31
N GLY B 122 6.02 21.97 -30.24
CA GLY B 122 6.59 23.28 -30.48
C GLY B 122 7.62 23.57 -29.41
N ALA B 123 8.70 24.27 -29.78
CA ALA B 123 9.79 24.66 -28.88
C ALA B 123 9.27 25.34 -27.58
N GLU B 124 8.13 26.07 -27.66
CA GLU B 124 7.47 26.79 -26.56
C GLU B 124 6.86 25.88 -25.50
N LYS B 125 6.47 24.64 -25.89
CA LYS B 125 5.86 23.70 -24.96
C LYS B 125 6.67 22.39 -25.06
N PRO B 126 7.90 22.35 -24.46
CA PRO B 126 8.72 21.14 -24.57
C PRO B 126 8.09 19.86 -24.03
N ALA B 127 8.12 18.81 -24.87
CA ALA B 127 7.60 17.47 -24.53
C ALA B 127 8.24 16.43 -25.43
N GLY B 128 8.49 15.25 -24.88
CA GLY B 128 9.05 14.16 -25.67
C GLY B 128 10.51 14.39 -26.00
N VAL B 129 10.80 14.48 -27.31
CA VAL B 129 12.14 14.69 -27.86
C VAL B 129 12.08 15.79 -28.92
N SER B 130 13.14 16.55 -29.02
CA SER B 130 13.29 17.49 -30.12
C SER B 130 14.62 17.09 -30.78
N ILE B 131 14.69 17.01 -32.13
CA ILE B 131 15.94 16.64 -32.83
C ILE B 131 16.50 17.85 -33.59
N TYR B 132 17.83 18.04 -33.48
CA TYR B 132 18.57 19.08 -34.16
C TYR B 132 19.79 18.50 -34.80
N ILE B 133 20.38 19.30 -35.66
CA ILE B 133 21.69 19.11 -36.24
C ILE B 133 22.43 20.40 -35.93
N TYR B 134 23.53 20.30 -35.17
CA TYR B 134 24.34 21.47 -34.85
C TYR B 134 25.43 21.68 -35.89
N ARG B 135 25.73 22.95 -36.21
CA ARG B 135 26.77 23.36 -37.14
C ARG B 135 27.41 24.54 -36.40
N ALA B 136 28.73 24.51 -36.19
CA ALA B 136 29.40 25.61 -35.48
C ALA B 136 30.78 25.91 -36.06
N ASN B 137 31.15 27.21 -36.03
CA ASN B 137 32.48 27.61 -36.53
C ASN B 137 33.24 28.45 -35.49
N ARG B 138 32.70 28.53 -34.24
CA ARG B 138 33.29 29.30 -33.14
CA ARG B 138 33.33 29.28 -33.15
C ARG B 138 33.22 28.51 -31.84
N SER B 139 34.25 28.65 -30.98
CA SER B 139 34.28 28.05 -29.65
C SER B 139 33.43 28.98 -28.80
N MET B 140 32.74 28.45 -27.78
CA MET B 140 31.88 29.29 -26.93
C MET B 140 32.69 30.22 -26.01
N GLU B 141 32.30 31.51 -25.98
CA GLU B 141 32.90 32.56 -25.17
C GLU B 141 31.86 32.99 -24.13
N ARG B 142 31.16 31.99 -23.57
CA ARG B 142 30.09 32.12 -22.58
C ARG B 142 29.74 30.74 -22.05
N VAL B 143 28.91 30.66 -21.01
CA VAL B 143 28.53 29.40 -20.37
C VAL B 143 27.02 29.21 -20.58
N PHE B 144 26.60 27.97 -20.71
CA PHE B 144 25.20 27.64 -21.03
C PHE B 144 24.63 26.52 -20.23
N PHE B 145 23.30 26.57 -19.99
CA PHE B 145 22.53 25.44 -19.47
C PHE B 145 21.17 25.36 -20.12
N ASN B 146 20.71 24.12 -20.32
CA ASN B 146 19.43 23.87 -20.92
C ASN B 146 18.39 23.49 -19.85
N ALA B 147 17.38 24.36 -19.60
CA ALA B 147 16.35 24.08 -18.59
C ALA B 147 15.26 23.16 -19.15
N ASP B 148 15.23 23.04 -20.49
CA ASP B 148 14.23 22.23 -21.13
C ASP B 148 14.46 20.72 -21.20
N GLY B 149 15.69 20.25 -21.05
CA GLY B 149 15.93 18.83 -21.10
C GLY B 149 17.38 18.37 -21.10
N GLU B 150 17.54 17.06 -21.12
CA GLU B 150 18.82 16.38 -21.20
C GLU B 150 19.23 16.46 -22.67
N LEU B 151 20.54 16.57 -22.94
CA LEU B 151 21.12 16.70 -24.27
C LEU B 151 21.92 15.47 -24.60
N LEU B 152 21.53 14.75 -25.67
CA LEU B 152 22.30 13.63 -26.21
C LEU B 152 23.03 14.18 -27.45
N LEU B 153 24.35 14.10 -27.43
CA LEU B 153 25.23 14.67 -28.47
C LEU B 153 25.85 13.57 -29.29
N VAL B 154 25.65 13.63 -30.61
CA VAL B 154 26.22 12.63 -31.53
C VAL B 154 27.17 13.31 -32.57
N PRO B 155 28.45 13.55 -32.20
CA PRO B 155 29.36 14.18 -33.17
C PRO B 155 29.50 13.41 -34.48
N GLU B 156 29.58 14.15 -35.60
CA GLU B 156 29.76 13.60 -36.95
C GLU B 156 31.06 14.17 -37.55
N GLN B 157 31.33 15.48 -37.36
CA GLN B 157 32.56 16.12 -37.83
C GLN B 157 33.12 17.00 -36.74
N GLY B 158 34.40 16.82 -36.44
CA GLY B 158 35.10 17.65 -35.48
C GLY B 158 35.01 17.17 -34.06
N ARG B 159 36.04 17.49 -33.28
CA ARG B 159 36.20 17.10 -31.89
C ARG B 159 35.78 18.21 -30.98
N LEU B 160 35.06 17.86 -29.91
CA LEU B 160 34.60 18.86 -28.97
C LEU B 160 35.30 18.70 -27.65
N ARG B 161 35.59 19.82 -27.00
CA ARG B 161 36.10 19.84 -25.63
C ARG B 161 34.96 20.48 -24.86
N ILE B 162 34.31 19.70 -24.01
CA ILE B 162 33.15 20.19 -23.25
C ILE B 162 33.56 20.42 -21.81
N ALA B 163 33.63 21.69 -21.43
CA ALA B 163 33.94 22.03 -20.04
C ALA B 163 32.59 22.10 -19.32
N THR B 164 32.33 21.16 -18.39
CA THR B 164 31.08 21.14 -17.61
C THR B 164 31.35 21.58 -16.16
N GLU B 165 30.29 21.73 -15.36
CA GLU B 165 30.42 22.06 -13.92
C GLU B 165 31.14 20.95 -13.19
N LEU B 166 30.99 19.69 -13.66
CA LEU B 166 31.64 18.55 -13.00
C LEU B 166 33.00 18.23 -13.57
N GLY B 167 33.39 18.91 -14.63
CA GLY B 167 34.67 18.60 -15.25
C GLY B 167 34.65 18.66 -16.76
N VAL B 168 35.82 18.37 -17.36
CA VAL B 168 36.10 18.47 -18.78
C VAL B 168 36.11 17.13 -19.45
N MET B 169 35.34 17.00 -20.52
CA MET B 169 35.28 15.76 -21.29
C MET B 169 35.46 16.07 -22.78
N GLU B 170 36.24 15.24 -23.45
CA GLU B 170 36.54 15.37 -24.88
C GLU B 170 35.77 14.28 -25.64
N VAL B 171 35.08 14.69 -26.71
CA VAL B 171 34.23 13.81 -27.52
C VAL B 171 34.56 13.92 -29.00
N GLU B 172 34.68 12.78 -29.67
CA GLU B 172 35.02 12.76 -31.10
C GLU B 172 33.91 12.00 -31.86
N PRO B 173 33.82 12.10 -33.20
CA PRO B 173 32.86 11.24 -33.92
C PRO B 173 33.17 9.76 -33.59
N LEU B 174 32.12 8.99 -33.38
CA LEU B 174 32.07 7.57 -32.96
C LEU B 174 31.94 7.47 -31.45
N GLU B 175 31.93 8.63 -30.78
CA GLU B 175 31.62 8.72 -29.36
C GLU B 175 30.33 9.52 -29.26
N ILE B 176 29.64 9.39 -28.14
CA ILE B 176 28.41 10.14 -27.85
C ILE B 176 28.61 10.79 -26.47
N ALA B 177 27.90 11.90 -26.18
CA ALA B 177 28.01 12.52 -24.85
C ALA B 177 26.61 12.90 -24.42
N VAL B 178 26.36 12.88 -23.11
CA VAL B 178 25.10 13.30 -22.54
C VAL B 178 25.35 14.38 -21.48
N ILE B 179 24.58 15.48 -21.53
CA ILE B 179 24.64 16.56 -20.56
C ILE B 179 23.29 16.62 -19.86
N PRO B 180 23.26 16.46 -18.53
CA PRO B 180 21.96 16.52 -17.83
C PRO B 180 21.31 17.90 -17.90
N ARG B 181 19.99 17.91 -17.87
CA ARG B 181 19.17 19.13 -17.85
C ARG B 181 19.70 20.08 -16.79
N GLY B 182 19.78 21.35 -17.15
CA GLY B 182 20.22 22.45 -16.30
C GLY B 182 21.67 22.46 -15.89
N MET B 183 22.49 21.47 -16.32
CA MET B 183 23.92 21.49 -15.96
C MET B 183 24.63 22.51 -16.88
N LYS B 184 25.54 23.30 -16.31
CA LYS B 184 26.26 24.36 -17.06
C LYS B 184 27.47 23.85 -17.82
N PHE B 185 27.63 24.34 -19.05
CA PHE B 185 28.73 23.89 -19.87
C PHE B 185 29.15 24.89 -20.93
N ARG B 186 30.34 24.67 -21.46
CA ARG B 186 30.92 25.47 -22.51
C ARG B 186 31.56 24.50 -23.52
N VAL B 187 31.29 24.71 -24.82
CA VAL B 187 31.83 23.85 -25.87
C VAL B 187 32.96 24.57 -26.62
N GLU B 188 34.12 23.90 -26.75
CA GLU B 188 35.26 24.38 -27.50
C GLU B 188 35.49 23.46 -28.72
N LEU B 189 35.64 24.06 -29.90
CA LEU B 189 35.90 23.33 -31.14
C LEU B 189 37.41 23.10 -31.29
N LEU B 190 37.83 21.83 -31.23
CA LEU B 190 39.23 21.43 -31.32
C LEU B 190 39.73 21.47 -32.76
N ASP B 191 38.82 21.37 -33.73
CA ASP B 191 39.19 21.41 -35.15
C ASP B 191 38.63 22.59 -35.94
N GLY B 192 38.36 23.69 -35.23
CA GLY B 192 37.87 24.95 -35.80
C GLY B 192 36.39 24.97 -36.11
N GLN B 193 35.87 23.85 -36.65
CA GLN B 193 34.47 23.69 -37.04
C GLN B 193 33.95 22.36 -36.55
N ALA B 194 32.65 22.27 -36.38
CA ALA B 194 32.00 21.06 -35.91
C ALA B 194 30.57 20.93 -36.41
N ARG B 195 30.15 19.68 -36.64
CA ARG B 195 28.82 19.27 -37.09
C ARG B 195 28.43 17.96 -36.37
N GLY B 196 27.13 17.80 -36.14
CA GLY B 196 26.59 16.60 -35.49
C GLY B 196 25.11 16.65 -35.22
N TYR B 197 24.62 15.61 -34.56
CA TYR B 197 23.21 15.46 -34.19
C TYR B 197 23.02 15.65 -32.68
N ILE B 198 21.80 16.07 -32.32
CA ILE B 198 21.35 16.30 -30.96
C ILE B 198 19.99 15.65 -30.77
N ALA B 199 19.84 14.87 -29.69
CA ALA B 199 18.55 14.35 -29.23
C ALA B 199 18.29 15.09 -27.92
N GLU B 200 17.38 16.08 -27.93
CA GLU B 200 17.05 16.84 -26.74
C GLU B 200 15.92 16.10 -26.08
N ASN B 201 16.23 15.37 -25.01
CA ASN B 201 15.28 14.63 -24.24
C ASN B 201 14.52 15.45 -23.15
N HIS B 202 13.24 15.70 -23.37
CA HIS B 202 12.37 16.44 -22.42
C HIS B 202 11.74 15.54 -21.34
N GLY B 203 11.82 14.22 -21.57
CA GLY B 203 11.24 13.19 -20.71
C GLY B 203 12.08 12.56 -19.64
N ALA B 204 11.77 11.28 -19.32
CA ALA B 204 12.52 10.53 -18.31
C ALA B 204 13.98 10.34 -18.78
N PRO B 205 14.95 10.60 -17.89
CA PRO B 205 16.35 10.57 -18.34
C PRO B 205 16.76 9.28 -19.05
N LEU B 206 17.62 9.43 -20.08
CA LEU B 206 18.17 8.28 -20.80
C LEU B 206 18.87 7.32 -19.84
N ARG B 207 18.67 6.00 -20.05
CA ARG B 207 19.37 4.97 -19.27
C ARG B 207 19.57 3.67 -20.04
N LEU B 208 20.32 2.74 -19.43
CA LEU B 208 20.54 1.46 -20.08
C LEU B 208 19.25 0.67 -20.18
N PRO B 209 19.01 -0.01 -21.32
CA PRO B 209 17.77 -0.78 -21.47
C PRO B 209 17.79 -2.05 -20.61
N ASP B 210 16.62 -2.49 -20.10
CA ASP B 210 16.58 -3.78 -19.39
C ASP B 210 16.90 -4.85 -20.48
N LEU B 211 17.96 -5.68 -20.27
CA LEU B 211 18.49 -6.66 -21.22
C LEU B 211 17.68 -7.90 -21.60
N GLY B 212 16.61 -8.18 -20.84
CA GLY B 212 15.78 -9.36 -21.04
C GLY B 212 16.63 -10.62 -21.04
N PRO B 213 16.44 -11.51 -22.05
CA PRO B 213 17.27 -12.72 -22.12
C PRO B 213 18.78 -12.49 -22.34
N ILE B 214 19.22 -11.32 -22.88
CA ILE B 214 20.67 -11.04 -23.06
C ILE B 214 21.35 -11.13 -21.66
N GLY B 215 20.53 -10.95 -20.62
CA GLY B 215 20.98 -11.18 -19.26
C GLY B 215 21.58 -10.01 -18.50
N SER B 216 22.85 -10.19 -18.07
CA SER B 216 23.57 -9.30 -17.18
C SER B 216 24.82 -8.62 -17.76
N ASN B 217 25.07 -8.84 -19.07
CA ASN B 217 26.23 -8.34 -19.81
C ASN B 217 25.76 -8.18 -21.27
N GLY B 218 26.46 -7.40 -22.07
CA GLY B 218 26.07 -7.20 -23.47
C GLY B 218 25.55 -5.82 -23.83
N LEU B 219 25.47 -5.57 -25.14
CA LEU B 219 25.04 -4.25 -25.66
C LEU B 219 26.01 -3.21 -25.07
N ALA B 220 25.54 -2.07 -24.51
CA ALA B 220 26.52 -1.13 -23.96
C ALA B 220 26.87 -1.50 -22.51
N ASN B 221 28.13 -1.89 -22.29
CA ASN B 221 28.55 -2.27 -20.94
C ASN B 221 28.76 -1.04 -20.00
N PRO B 222 28.17 -1.09 -18.76
CA PRO B 222 28.29 0.07 -17.83
C PRO B 222 29.70 0.62 -17.55
N ARG B 223 30.69 -0.26 -17.53
CA ARG B 223 32.12 0.10 -17.34
C ARG B 223 32.66 1.10 -18.39
N ASP B 224 32.04 1.16 -19.58
CA ASP B 224 32.45 2.06 -20.64
C ASP B 224 31.89 3.51 -20.61
N PHE B 225 30.93 3.80 -19.71
CA PHE B 225 30.36 5.14 -19.54
C PHE B 225 31.23 5.94 -18.61
N LEU B 226 32.00 6.92 -19.18
CA LEU B 226 32.99 7.75 -18.50
C LEU B 226 32.56 9.17 -18.13
N THR B 227 32.74 9.54 -16.83
CA THR B 227 32.41 10.86 -16.30
C THR B 227 33.71 11.61 -15.96
N PRO B 228 33.82 12.92 -16.34
CA PRO B 228 35.03 13.66 -16.00
C PRO B 228 35.25 13.82 -14.49
N VAL B 229 36.48 14.14 -14.15
CA VAL B 229 36.92 14.38 -12.78
C VAL B 229 36.78 15.88 -12.52
N ALA B 230 36.53 16.26 -11.23
CA ALA B 230 36.34 17.66 -10.81
C ALA B 230 37.37 18.63 -11.39
N HIS B 231 36.93 19.78 -11.86
CA HIS B 231 37.81 20.83 -12.42
C HIS B 231 37.13 22.19 -12.32
N TYR B 232 37.82 23.14 -11.69
CA TYR B 232 37.31 24.50 -11.49
C TYR B 232 38.14 25.58 -12.20
N GLU B 233 37.45 26.63 -12.66
CA GLU B 233 38.08 27.79 -13.33
C GLU B 233 38.08 28.95 -12.37
N GLU B 234 39.08 29.85 -12.50
CA GLU B 234 39.21 31.02 -11.61
C GLU B 234 39.55 32.30 -12.39
N ALA B 235 38.80 32.59 -13.46
CA ALA B 235 38.99 33.81 -14.26
C ALA B 235 38.13 34.95 -13.70
N GLU B 236 38.77 36.10 -13.42
CA GLU B 236 38.16 37.30 -12.83
C GLU B 236 37.76 38.35 -13.87
N GLY B 237 36.70 38.05 -14.62
CA GLY B 237 36.18 38.96 -15.63
C GLY B 237 34.72 38.71 -15.96
N PRO B 238 34.03 39.65 -16.68
CA PRO B 238 32.61 39.40 -17.03
C PRO B 238 32.38 38.22 -17.99
N VAL B 239 31.58 37.23 -17.53
CA VAL B 239 31.22 36.00 -18.26
C VAL B 239 29.68 36.00 -18.48
N GLN B 240 29.22 35.80 -19.73
CA GLN B 240 27.78 35.71 -20.04
C GLN B 240 27.33 34.29 -19.72
N LEU B 241 26.16 34.18 -19.07
CA LEU B 241 25.54 32.91 -18.74
C LEU B 241 24.26 32.82 -19.59
N VAL B 242 24.12 31.80 -20.42
CA VAL B 242 22.94 31.68 -21.26
C VAL B 242 22.15 30.46 -20.81
N GLN B 243 20.83 30.59 -20.83
CA GLN B 243 19.91 29.51 -20.53
C GLN B 243 18.89 29.35 -21.66
N LYS B 244 18.52 28.11 -21.94
CA LYS B 244 17.53 27.78 -22.94
C LYS B 244 16.29 27.44 -22.15
N PHE B 245 15.27 28.29 -22.26
CA PHE B 245 14.03 28.10 -21.51
C PHE B 245 12.87 28.29 -22.45
N LEU B 246 11.97 27.30 -22.47
CA LEU B 246 10.80 27.27 -23.35
C LEU B 246 11.13 27.58 -24.80
N GLY B 247 12.32 27.11 -25.26
CA GLY B 247 12.82 27.22 -26.63
C GLY B 247 13.58 28.50 -26.87
N GLU B 248 13.59 29.42 -25.89
CA GLU B 248 14.22 30.72 -26.03
C GLU B 248 15.55 30.83 -25.32
N HIS B 249 16.43 31.67 -25.82
CA HIS B 249 17.74 31.95 -25.23
C HIS B 249 17.63 33.25 -24.42
N TRP B 250 17.89 33.16 -23.12
CA TRP B 250 17.87 34.23 -22.12
C TRP B 250 19.23 34.31 -21.51
N ALA B 251 19.71 35.53 -21.26
CA ALA B 251 21.05 35.67 -20.72
C ALA B 251 21.24 36.73 -19.64
N CYS B 252 22.29 36.56 -18.87
CA CYS B 252 22.73 37.49 -17.86
C CYS B 252 24.26 37.52 -17.83
N GLU B 253 24.80 38.60 -17.27
CA GLU B 253 26.23 38.75 -17.16
C GLU B 253 26.67 38.53 -15.72
N LEU B 254 27.68 37.66 -15.53
CA LEU B 254 28.30 37.36 -14.24
C LEU B 254 29.67 38.04 -14.27
N GLN B 255 30.31 38.14 -13.09
CA GLN B 255 31.64 38.73 -12.94
CA GLN B 255 31.64 38.73 -12.96
C GLN B 255 32.61 37.63 -12.53
N HIS B 256 32.08 36.43 -12.27
CA HIS B 256 32.81 35.23 -11.87
C HIS B 256 32.50 34.09 -12.85
N SER B 257 33.29 33.00 -12.80
CA SER B 257 33.07 31.86 -13.67
C SER B 257 32.11 30.92 -12.98
N PRO B 258 31.04 30.46 -13.69
CA PRO B 258 30.10 29.51 -13.07
C PRO B 258 30.65 28.09 -13.00
N LEU B 259 31.80 27.84 -13.64
CA LEU B 259 32.43 26.49 -13.61
C LEU B 259 33.46 26.53 -12.48
N ASP B 260 32.96 26.76 -11.26
CA ASP B 260 33.73 26.93 -10.05
C ASP B 260 33.47 25.80 -9.03
N VAL B 261 33.15 24.58 -9.54
CA VAL B 261 32.90 23.43 -8.69
C VAL B 261 34.23 22.75 -8.41
N VAL B 262 34.71 22.92 -7.17
CA VAL B 262 35.97 22.40 -6.67
C VAL B 262 35.81 20.90 -6.34
N ALA B 263 34.66 20.50 -5.76
CA ALA B 263 34.44 19.09 -5.47
C ALA B 263 32.97 18.77 -5.65
N TRP B 264 32.65 17.50 -5.94
CA TRP B 264 31.26 17.07 -6.11
C TRP B 264 31.06 15.57 -5.84
N HIS B 265 29.81 15.16 -5.53
CA HIS B 265 29.50 13.74 -5.35
C HIS B 265 28.05 13.50 -5.76
N GLY B 266 27.79 12.37 -6.41
CA GLY B 266 26.44 12.04 -6.83
C GLY B 266 26.29 11.30 -8.14
N SER B 267 25.05 11.27 -8.61
CA SER B 267 24.61 10.51 -9.80
C SER B 267 24.11 11.31 -11.00
N ASN B 268 23.91 12.65 -10.88
CA ASN B 268 23.44 13.47 -12.01
C ASN B 268 24.71 14.00 -12.63
N VAL B 269 25.22 13.28 -13.64
CA VAL B 269 26.54 13.51 -14.18
C VAL B 269 26.60 13.61 -15.71
N PRO B 270 27.52 14.41 -16.27
CA PRO B 270 27.76 14.32 -17.71
C PRO B 270 28.60 13.05 -17.96
N TYR B 271 28.44 12.45 -19.14
CA TYR B 271 29.17 11.27 -19.51
C TYR B 271 29.36 11.12 -20.98
N LYS B 272 30.35 10.29 -21.32
CA LYS B 272 30.64 9.99 -22.71
CA LYS B 272 30.64 9.99 -22.71
C LYS B 272 30.70 8.49 -22.94
N TYR B 273 30.46 8.08 -24.16
CA TYR B 273 30.51 6.66 -24.43
C TYR B 273 31.07 6.43 -25.82
N ASP B 274 32.04 5.54 -25.93
CA ASP B 274 32.64 5.21 -27.24
C ASP B 274 31.81 4.09 -27.88
N LEU B 275 31.14 4.39 -28.99
CA LEU B 275 30.30 3.44 -29.72
C LEU B 275 31.04 2.18 -30.22
N ARG B 276 32.39 2.27 -30.45
CA ARG B 276 33.23 1.14 -30.89
C ARG B 276 33.24 -0.01 -29.89
N ARG B 277 32.93 0.30 -28.62
CA ARG B 277 32.91 -0.66 -27.52
C ARG B 277 31.58 -1.33 -27.30
N PHE B 278 30.61 -1.06 -28.13
CA PHE B 278 29.30 -1.66 -28.03
C PHE B 278 29.38 -3.17 -28.29
N ASN B 279 28.84 -3.96 -27.36
CA ASN B 279 28.87 -5.41 -27.49
C ASN B 279 27.65 -5.88 -28.30
N THR B 280 27.80 -5.77 -29.62
CA THR B 280 26.75 -6.06 -30.60
C THR B 280 26.27 -7.49 -30.59
N ILE B 281 24.96 -7.65 -30.38
CA ILE B 281 24.23 -8.92 -30.28
C ILE B 281 23.30 -9.00 -31.50
N GLY B 282 23.23 -10.18 -32.09
CA GLY B 282 22.44 -10.41 -33.28
C GLY B 282 22.15 -11.89 -33.55
N THR B 283 21.69 -12.18 -34.79
CA THR B 283 21.36 -13.53 -35.21
C THR B 283 22.61 -14.33 -35.47
N VAL B 284 22.63 -15.55 -34.97
CA VAL B 284 23.72 -16.48 -35.19
C VAL B 284 23.11 -17.70 -35.88
N SER B 285 21.99 -17.48 -36.54
CA SER B 285 21.22 -18.54 -37.15
C SER B 285 20.64 -18.10 -38.50
N PHE B 286 19.50 -17.41 -38.46
CA PHE B 286 18.73 -16.93 -39.60
C PHE B 286 17.86 -15.74 -39.17
N ASP B 287 17.10 -15.20 -40.15
CA ASP B 287 16.19 -14.06 -39.98
C ASP B 287 16.98 -12.78 -39.71
N HIS B 288 16.29 -11.66 -39.46
CA HIS B 288 16.89 -10.35 -39.26
C HIS B 288 16.28 -9.80 -37.95
N PRO B 289 17.06 -9.76 -36.85
CA PRO B 289 16.48 -9.33 -35.58
C PRO B 289 15.92 -7.91 -35.56
N ASP B 290 14.88 -7.65 -34.74
CA ASP B 290 14.32 -6.28 -34.61
C ASP B 290 15.43 -5.28 -34.24
N PRO B 291 15.49 -4.06 -34.83
CA PRO B 291 16.57 -3.13 -34.49
C PRO B 291 16.63 -2.62 -33.05
N SER B 292 15.61 -2.94 -32.20
CA SER B 292 15.65 -2.61 -30.77
C SER B 292 16.86 -3.35 -30.13
N ILE B 293 17.35 -4.44 -30.81
CA ILE B 293 18.47 -5.23 -30.34
C ILE B 293 19.76 -4.40 -30.27
N PHE B 294 19.79 -3.26 -30.98
CA PHE B 294 20.94 -2.37 -31.05
C PHE B 294 20.85 -1.20 -30.11
N THR B 295 19.90 -1.24 -29.15
CA THR B 295 19.71 -0.16 -28.19
C THR B 295 20.97 0.11 -27.35
N VAL B 296 21.39 1.37 -27.31
CA VAL B 296 22.50 1.89 -26.51
C VAL B 296 21.90 2.49 -25.22
N LEU B 297 20.94 3.41 -25.40
CA LEU B 297 20.23 4.13 -24.33
C LEU B 297 18.76 4.29 -24.75
N THR B 298 17.89 4.45 -23.74
CA THR B 298 16.44 4.55 -23.86
C THR B 298 15.85 5.48 -22.82
N SER B 299 14.79 6.20 -23.19
CA SER B 299 14.07 7.07 -22.25
C SER B 299 12.66 6.48 -22.17
N PRO B 300 12.23 6.00 -21.00
CA PRO B 300 10.90 5.38 -20.93
C PRO B 300 9.80 6.40 -20.80
N THR B 301 8.54 5.93 -20.93
CA THR B 301 7.36 6.71 -20.61
C THR B 301 6.76 5.90 -19.46
N SER B 302 5.61 6.35 -18.93
CA SER B 302 4.87 5.65 -17.89
C SER B 302 4.18 4.36 -18.45
N VAL B 303 4.05 4.27 -19.79
CA VAL B 303 3.51 3.09 -20.45
C VAL B 303 4.69 2.13 -20.57
N HIS B 304 4.68 1.01 -19.82
CA HIS B 304 5.75 0.01 -19.84
C HIS B 304 6.00 -0.53 -21.27
N GLY B 305 7.27 -0.66 -21.63
CA GLY B 305 7.65 -1.19 -22.93
C GLY B 305 7.61 -0.24 -24.10
N MET B 306 6.90 0.94 -23.98
CA MET B 306 6.83 1.96 -25.06
C MET B 306 7.65 3.18 -24.66
N ALA B 307 8.88 3.24 -25.18
CA ALA B 307 9.80 4.32 -24.84
C ALA B 307 9.43 5.66 -25.43
N ASN B 308 9.88 6.73 -24.77
CA ASN B 308 9.74 8.11 -25.24
C ASN B 308 10.63 8.14 -26.49
N MET B 309 11.86 7.67 -26.33
CA MET B 309 12.78 7.51 -27.45
C MET B 309 13.76 6.38 -27.15
N ASP B 310 14.18 5.69 -28.18
CA ASP B 310 15.24 4.69 -28.11
C ASP B 310 16.40 5.24 -28.96
N PHE B 311 17.66 5.21 -28.43
CA PHE B 311 18.87 5.54 -29.15
C PHE B 311 19.45 4.19 -29.59
N VAL B 312 19.37 3.92 -30.91
CA VAL B 312 19.73 2.65 -31.55
C VAL B 312 20.93 2.86 -32.51
N ILE B 313 21.89 1.91 -32.58
CA ILE B 313 23.01 2.05 -33.52
C ILE B 313 23.07 0.91 -34.56
N PHE B 314 23.80 1.13 -35.67
CA PHE B 314 24.00 0.15 -36.72
C PHE B 314 25.51 0.07 -36.91
N PRO B 315 26.19 -0.76 -36.09
CA PRO B 315 27.65 -0.73 -36.10
C PRO B 315 28.29 -1.82 -36.94
N PRO B 316 29.63 -1.88 -37.03
CA PRO B 316 30.27 -3.03 -37.69
C PRO B 316 29.76 -4.28 -36.98
N ARG B 317 29.37 -5.30 -37.76
CA ARG B 317 28.73 -6.52 -37.24
C ARG B 317 28.89 -7.68 -38.20
N TRP B 318 28.84 -8.93 -37.66
CA TRP B 318 28.90 -10.11 -38.50
C TRP B 318 27.52 -10.45 -38.99
N MET B 319 27.43 -10.72 -40.28
CA MET B 319 26.19 -11.14 -40.93
C MET B 319 26.36 -12.63 -41.30
N VAL B 320 25.64 -13.51 -40.58
CA VAL B 320 25.74 -14.95 -40.77
C VAL B 320 24.40 -15.60 -41.14
N ALA B 321 23.28 -14.85 -41.07
CA ALA B 321 21.95 -15.41 -41.34
C ALA B 321 21.91 -16.25 -42.62
N GLU B 322 21.54 -17.53 -42.46
CA GLU B 322 21.43 -18.52 -43.53
C GLU B 322 20.06 -18.44 -44.14
N ASN B 323 20.03 -18.58 -45.50
CA ASN B 323 18.80 -18.56 -46.32
C ASN B 323 17.80 -17.52 -45.82
N THR B 324 18.30 -16.30 -45.67
CA THR B 324 17.65 -15.14 -45.12
C THR B 324 17.90 -13.89 -45.97
N PHE B 325 16.88 -13.00 -46.02
CA PHE B 325 16.98 -11.68 -46.62
C PHE B 325 17.64 -10.82 -45.52
N ARG B 326 18.96 -10.61 -45.65
CA ARG B 326 19.73 -9.91 -44.64
C ARG B 326 19.45 -8.43 -44.40
N PRO B 327 19.25 -7.55 -45.43
CA PRO B 327 18.95 -6.13 -45.11
C PRO B 327 17.64 -6.00 -44.32
N PRO B 328 17.33 -4.83 -43.66
CA PRO B 328 16.06 -4.70 -42.92
C PRO B 328 14.87 -5.09 -43.79
N TRP B 329 13.91 -5.82 -43.21
CA TRP B 329 12.69 -6.23 -43.94
C TRP B 329 11.87 -4.97 -44.24
N PHE B 330 10.92 -5.04 -45.21
CA PHE B 330 10.00 -3.93 -45.50
C PHE B 330 9.17 -3.68 -44.23
N HIS B 331 8.96 -2.41 -43.85
CA HIS B 331 8.39 -2.14 -42.53
C HIS B 331 7.38 -0.98 -42.51
N ARG B 332 6.40 -1.10 -41.62
CA ARG B 332 5.39 -0.09 -41.29
C ARG B 332 5.33 -0.18 -39.77
N ASN B 333 5.54 0.95 -39.09
CA ASN B 333 5.73 1.06 -37.66
C ASN B 333 4.88 2.12 -36.96
N LEU B 334 4.39 1.80 -35.76
CA LEU B 334 3.64 2.76 -34.95
C LEU B 334 4.57 3.92 -34.61
N MET B 335 5.82 3.57 -34.27
CA MET B 335 6.87 4.46 -33.80
C MET B 335 7.38 5.29 -34.97
N ASN B 336 8.21 6.27 -34.67
CA ASN B 336 8.74 7.23 -35.63
C ASN B 336 10.19 7.09 -35.71
N GLU B 337 10.66 6.94 -36.93
CA GLU B 337 12.07 6.61 -37.17
C GLU B 337 12.87 7.72 -37.78
N PHE B 338 13.78 8.29 -37.01
CA PHE B 338 14.68 9.31 -37.53
C PHE B 338 16.10 8.73 -37.58
N MET B 339 16.71 8.65 -38.76
CA MET B 339 18.08 8.11 -38.87
C MET B 339 19.13 9.14 -39.23
N GLY B 340 20.32 8.90 -38.69
CA GLY B 340 21.53 9.68 -38.98
C GLY B 340 22.65 8.75 -39.36
N LEU B 341 23.77 9.32 -39.82
CA LEU B 341 24.94 8.55 -40.23
C LEU B 341 26.17 9.34 -39.80
N ILE B 342 27.04 8.73 -38.99
CA ILE B 342 28.29 9.31 -38.48
C ILE B 342 29.38 9.10 -39.50
N ASN B 343 29.52 7.86 -40.02
CA ASN B 343 30.51 7.49 -41.04
C ASN B 343 30.14 6.30 -41.89
N GLY B 344 30.79 6.17 -43.06
CA GLY B 344 30.54 5.05 -43.96
C GLY B 344 29.17 5.03 -44.62
N ALA B 345 28.68 3.83 -44.99
CA ALA B 345 27.37 3.68 -45.67
C ALA B 345 26.43 2.71 -44.96
N TYR B 346 25.10 2.93 -45.08
CA TYR B 346 24.11 2.12 -44.35
C TYR B 346 23.46 1.00 -45.18
N ASP B 347 23.28 -0.17 -44.52
CA ASP B 347 22.71 -1.44 -44.96
C ASP B 347 21.48 -1.43 -45.90
N ALA B 348 20.48 -0.58 -45.60
CA ALA B 348 19.23 -0.56 -46.37
C ALA B 348 19.20 0.41 -47.54
N LYS B 349 20.25 1.24 -47.70
CA LYS B 349 20.24 2.29 -48.73
C LYS B 349 21.51 2.31 -49.55
N ALA B 350 21.37 2.22 -50.87
CA ALA B 350 22.49 2.20 -51.79
C ALA B 350 23.13 3.58 -51.98
N GLU B 351 22.31 4.60 -52.30
CA GLU B 351 22.77 5.98 -52.51
CA GLU B 351 22.74 5.98 -52.57
C GLU B 351 21.84 7.01 -51.85
N GLY B 352 22.29 8.27 -51.81
CA GLY B 352 21.53 9.37 -51.24
C GLY B 352 21.68 9.60 -49.74
N PHE B 353 22.19 8.61 -48.99
CA PHE B 353 22.38 8.69 -47.52
C PHE B 353 23.86 8.75 -47.19
N LEU B 354 24.29 9.96 -46.83
CA LEU B 354 25.66 10.37 -46.55
C LEU B 354 25.89 10.78 -45.08
N PRO B 355 27.16 10.76 -44.60
CA PRO B 355 27.41 11.15 -43.19
C PRO B 355 26.93 12.57 -42.94
N GLY B 356 26.09 12.75 -41.92
CA GLY B 356 25.53 14.08 -41.67
C GLY B 356 24.14 14.27 -42.24
N GLY B 357 23.76 13.36 -43.12
CA GLY B 357 22.45 13.28 -43.72
C GLY B 357 21.44 12.75 -42.72
N ALA B 358 20.15 12.81 -43.08
CA ALA B 358 19.07 12.36 -42.18
C ALA B 358 17.91 11.75 -42.96
N SER B 359 17.13 10.88 -42.31
CA SER B 359 15.91 10.33 -42.88
C SER B 359 14.79 10.34 -41.86
N LEU B 360 13.54 10.52 -42.31
CA LEU B 360 12.40 10.48 -41.39
C LEU B 360 11.30 9.59 -41.98
N HIS B 361 10.99 8.51 -41.28
CA HIS B 361 9.90 7.62 -41.66
C HIS B 361 9.01 7.66 -40.48
N GLY B 362 7.92 8.42 -40.63
CA GLY B 362 6.92 8.63 -39.59
C GLY B 362 5.96 7.49 -39.41
N VAL B 363 5.06 7.64 -38.42
CA VAL B 363 4.00 6.70 -38.09
C VAL B 363 3.32 6.13 -39.34
N MET B 364 3.37 4.80 -39.44
CA MET B 364 2.73 3.99 -40.48
C MET B 364 3.18 4.29 -41.92
N SER B 365 4.34 4.96 -42.06
CA SER B 365 4.90 5.21 -43.37
C SER B 365 5.62 3.95 -43.79
N ALA B 366 5.41 3.56 -45.04
CA ALA B 366 5.94 2.36 -45.63
C ALA B 366 7.40 2.49 -46.02
N HIS B 367 8.29 1.94 -45.20
CA HIS B 367 9.71 2.01 -45.54
C HIS B 367 10.28 0.62 -45.75
N GLY B 368 11.57 0.55 -46.02
CA GLY B 368 12.24 -0.70 -46.33
C GLY B 368 13.48 -0.46 -47.17
N PRO B 369 14.16 -1.56 -47.58
CA PRO B 369 15.40 -1.40 -48.33
C PRO B 369 15.06 -0.88 -49.73
N ASP B 370 15.89 0.02 -50.27
CA ASP B 370 15.60 0.51 -51.63
C ASP B 370 15.64 -0.64 -52.64
N ALA B 371 15.17 -0.38 -53.87
CA ALA B 371 15.14 -1.37 -54.98
C ALA B 371 16.44 -2.15 -55.23
N GLU B 372 17.60 -1.45 -55.35
CA GLU B 372 18.92 -2.06 -55.63
C GLU B 372 19.33 -3.03 -54.52
N THR B 373 19.24 -2.56 -53.27
CA THR B 373 19.56 -3.30 -52.05
C THR B 373 18.75 -4.58 -52.00
N CYS B 374 17.44 -4.48 -52.29
CA CYS B 374 16.47 -5.56 -52.31
C CYS B 374 16.87 -6.62 -53.32
N GLU B 375 17.25 -6.19 -54.54
CA GLU B 375 17.68 -7.02 -55.66
C GLU B 375 18.94 -7.82 -55.34
N LYS B 376 20.04 -7.13 -54.91
CA LYS B 376 21.32 -7.76 -54.57
C LYS B 376 21.19 -8.77 -53.40
N ALA B 377 20.25 -8.55 -52.45
CA ALA B 377 20.06 -9.44 -51.31
C ALA B 377 19.36 -10.77 -51.64
N ILE B 378 18.43 -10.77 -52.61
CA ILE B 378 17.66 -11.97 -52.99
C ILE B 378 18.50 -12.98 -53.80
N ALA B 379 19.43 -12.49 -54.66
CA ALA B 379 20.28 -13.30 -55.54
C ALA B 379 21.67 -13.68 -55.00
N ALA B 380 22.13 -13.08 -53.90
CA ALA B 380 23.47 -13.35 -53.34
C ALA B 380 23.64 -14.75 -52.77
N ASP B 381 24.85 -15.31 -52.91
CA ASP B 381 25.22 -16.60 -52.32
C ASP B 381 25.59 -16.26 -50.88
N LEU B 382 24.89 -16.88 -49.93
CA LEU B 382 25.05 -16.58 -48.51
C LEU B 382 26.22 -17.26 -47.85
N ALA B 383 26.97 -16.49 -47.04
CA ALA B 383 28.20 -16.89 -46.32
C ALA B 383 28.50 -15.84 -45.23
N PRO B 384 29.36 -16.12 -44.21
CA PRO B 384 29.69 -15.07 -43.22
C PRO B 384 30.26 -13.81 -43.86
N HIS B 385 29.76 -12.66 -43.43
CA HIS B 385 30.16 -11.35 -43.98
C HIS B 385 30.23 -10.32 -42.88
N LYS B 386 31.38 -9.65 -42.79
CA LYS B 386 31.58 -8.59 -41.82
C LYS B 386 31.26 -7.19 -42.41
N ILE B 387 30.15 -6.53 -41.91
CA ILE B 387 29.77 -5.14 -42.23
C ILE B 387 30.79 -4.33 -41.42
N ASP B 388 31.55 -3.40 -42.07
CA ASP B 388 32.60 -2.62 -41.41
C ASP B 388 32.70 -1.17 -41.87
N ASN B 389 33.46 -0.34 -41.11
CA ASN B 389 33.80 1.07 -41.37
C ASN B 389 32.53 1.87 -41.63
N THR B 390 31.56 1.68 -40.72
CA THR B 390 30.24 2.31 -40.81
C THR B 390 29.67 2.43 -39.44
N MET B 391 28.84 3.47 -39.25
CA MET B 391 28.12 3.73 -38.01
C MET B 391 26.92 4.61 -38.30
N ALA B 392 25.74 3.98 -38.34
CA ALA B 392 24.48 4.64 -38.55
C ALA B 392 23.72 4.57 -37.23
N PHE B 393 22.67 5.35 -37.06
CA PHE B 393 21.93 5.32 -35.83
C PHE B 393 20.53 5.76 -36.06
N MET B 394 19.69 5.59 -35.04
CA MET B 394 18.31 5.99 -35.11
C MET B 394 17.85 6.56 -33.82
N PHE B 395 17.07 7.63 -33.90
CA PHE B 395 16.37 8.17 -32.75
C PHE B 395 14.95 7.73 -33.06
N GLU B 396 14.45 6.72 -32.33
CA GLU B 396 13.09 6.21 -32.53
C GLU B 396 12.19 6.81 -31.43
N THR B 397 11.11 7.55 -31.81
CA THR B 397 10.21 8.20 -30.85
C THR B 397 8.77 7.68 -30.92
N SER B 398 8.15 7.49 -29.77
CA SER B 398 6.75 7.02 -29.77
C SER B 398 5.79 8.12 -30.27
N GLN B 399 6.12 9.40 -29.99
CA GLN B 399 5.32 10.54 -30.46
C GLN B 399 5.73 10.91 -31.88
N VAL B 400 4.79 11.34 -32.69
CA VAL B 400 5.04 11.78 -34.07
C VAL B 400 6.07 12.95 -34.05
N LEU B 401 7.05 12.90 -34.97
CA LEU B 401 8.07 13.91 -35.16
C LEU B 401 7.60 14.88 -36.25
N ARG B 402 7.44 16.14 -35.87
CA ARG B 402 6.97 17.15 -36.80
C ARG B 402 8.16 17.91 -37.32
N PRO B 403 8.52 17.81 -38.61
CA PRO B 403 9.66 18.60 -39.08
C PRO B 403 9.40 20.09 -38.98
N SER B 404 10.46 20.85 -38.68
CA SER B 404 10.36 22.32 -38.61
C SER B 404 10.14 22.92 -40.00
N LEU B 405 9.64 24.17 -40.05
CA LEU B 405 9.43 24.85 -41.34
C LEU B 405 10.77 25.01 -42.06
N GLN B 406 11.81 25.38 -41.30
CA GLN B 406 13.19 25.55 -41.75
C GLN B 406 13.67 24.23 -42.40
N ALA B 407 13.41 23.04 -41.76
CA ALA B 407 13.75 21.70 -42.33
C ALA B 407 12.96 21.40 -43.63
N LEU B 408 11.66 21.76 -43.66
CA LEU B 408 10.85 21.57 -44.88
C LEU B 408 11.25 22.48 -46.04
N GLU B 409 11.73 23.70 -45.73
CA GLU B 409 12.13 24.72 -46.72
C GLU B 409 13.61 24.68 -47.08
N CYS B 410 14.36 23.78 -46.43
CA CYS B 410 15.79 23.49 -46.50
C CYS B 410 16.24 23.15 -47.94
N PRO B 411 17.34 23.74 -48.47
CA PRO B 411 17.81 23.30 -49.80
C PRO B 411 18.46 21.91 -49.75
N GLN B 412 18.58 21.36 -48.54
CA GLN B 412 19.16 20.04 -48.30
C GLN B 412 18.07 18.97 -48.35
N LEU B 413 16.78 19.37 -48.36
CA LEU B 413 15.69 18.38 -48.45
C LEU B 413 15.64 17.83 -49.85
N GLN B 414 15.74 16.49 -49.94
CA GLN B 414 15.75 15.82 -51.24
C GLN B 414 14.36 15.79 -51.87
N ALA B 415 14.30 16.11 -53.19
CA ALA B 415 13.05 16.20 -53.96
C ALA B 415 12.40 14.87 -54.38
N ASP B 416 13.21 13.85 -54.71
CA ASP B 416 12.65 12.58 -55.18
C ASP B 416 13.12 11.37 -54.36
N TYR B 417 12.97 11.47 -53.01
CA TYR B 417 13.33 10.38 -52.11
C TYR B 417 12.52 9.11 -52.46
N ASP B 418 11.21 9.27 -52.75
CA ASP B 418 10.30 8.19 -53.10
C ASP B 418 10.75 7.35 -54.30
N SER B 419 11.60 7.91 -55.20
CA SER B 419 12.08 7.20 -56.39
C SER B 419 13.03 6.03 -56.07
N CYS B 420 13.64 5.97 -54.85
CA CYS B 420 14.56 4.88 -54.51
C CYS B 420 13.85 3.52 -54.45
N TRP B 421 12.50 3.53 -54.26
CA TRP B 421 11.62 2.35 -54.22
C TRP B 421 10.87 2.12 -55.54
N ALA B 422 10.82 3.16 -56.41
CA ALA B 422 10.06 3.16 -57.67
C ALA B 422 10.18 1.95 -58.59
N THR B 423 11.34 1.28 -58.60
CA THR B 423 11.57 0.13 -59.49
C THR B 423 11.35 -1.24 -58.86
N LEU B 424 10.76 -1.32 -57.64
CA LEU B 424 10.54 -2.63 -57.03
C LEU B 424 9.65 -3.48 -57.94
N PRO B 425 10.12 -4.66 -58.40
CA PRO B 425 9.29 -5.44 -59.31
C PRO B 425 8.43 -6.49 -58.63
N SER B 426 7.41 -6.93 -59.34
CA SER B 426 6.60 -8.06 -58.94
C SER B 426 7.40 -9.28 -59.41
N THR B 427 7.68 -10.20 -58.51
CA THR B 427 8.41 -11.45 -58.80
C THR B 427 7.45 -12.62 -58.51
N PHE B 428 6.16 -12.29 -58.35
CA PHE B 428 5.11 -13.24 -58.00
C PHE B 428 4.64 -14.12 -59.16
N ASN B 429 4.60 -15.44 -58.89
CA ASN B 429 4.13 -16.49 -59.78
C ASN B 429 3.31 -17.46 -58.90
N PRO B 430 1.95 -17.39 -58.94
CA PRO B 430 1.13 -18.27 -58.08
C PRO B 430 1.21 -19.77 -58.39
N ASN B 431 1.92 -20.16 -59.48
CA ASN B 431 2.04 -21.56 -59.87
C ASN B 431 3.36 -22.20 -59.39
N ARG B 432 4.28 -21.38 -58.86
CA ARG B 432 5.59 -21.85 -58.43
C ARG B 432 5.94 -21.39 -57.02
N ARG B 433 6.02 -22.35 -56.08
CA ARG B 433 6.37 -22.05 -54.70
C ARG B 433 7.89 -21.84 -54.59
N ASP C 8 -19.78 -17.41 -49.15
CA ASP C 8 -19.79 -17.02 -47.75
C ASP C 8 -18.41 -17.17 -47.12
N LEU C 9 -17.99 -16.08 -46.45
CA LEU C 9 -16.70 -15.83 -45.80
C LEU C 9 -16.30 -16.71 -44.61
N HIS C 10 -14.99 -17.07 -44.58
CA HIS C 10 -14.36 -17.85 -43.53
C HIS C 10 -13.64 -16.94 -42.53
N TYR C 11 -13.69 -17.32 -41.25
CA TYR C 11 -13.10 -16.54 -40.19
C TYR C 11 -12.23 -17.39 -39.31
N LEU C 12 -11.28 -16.72 -38.64
CA LEU C 12 -10.45 -17.37 -37.63
C LEU C 12 -10.92 -16.81 -36.32
N SER C 13 -11.01 -17.64 -35.30
CA SER C 13 -11.49 -17.16 -34.00
C SER C 13 -10.39 -17.06 -32.94
N GLY C 14 -10.62 -16.20 -31.95
CA GLY C 14 -9.71 -16.06 -30.83
C GLY C 14 -9.08 -14.70 -30.66
N PHE C 15 -9.69 -13.86 -29.82
CA PHE C 15 -9.16 -12.53 -29.59
C PHE C 15 -7.73 -12.60 -29.09
N GLY C 16 -6.86 -11.84 -29.72
CA GLY C 16 -5.46 -11.79 -29.34
C GLY C 16 -4.57 -12.93 -29.81
N ASN C 17 -5.09 -13.88 -30.59
CA ASN C 17 -4.30 -15.04 -31.05
C ASN C 17 -3.14 -14.70 -31.99
N GLU C 18 -2.15 -15.59 -32.03
CA GLU C 18 -1.09 -15.58 -33.00
C GLU C 18 -1.64 -16.45 -34.17
N PHE C 19 -2.27 -15.76 -35.13
CA PHE C 19 -2.93 -16.36 -36.30
C PHE C 19 -1.97 -16.61 -37.45
N ALA C 20 -2.38 -17.50 -38.39
CA ALA C 20 -1.65 -17.93 -39.56
C ALA C 20 -2.62 -18.24 -40.68
N SER C 21 -2.44 -17.56 -41.83
CA SER C 21 -3.37 -17.76 -42.93
C SER C 21 -2.65 -17.60 -44.22
N GLU C 22 -2.95 -18.47 -45.19
CA GLU C 22 -2.35 -18.43 -46.53
C GLU C 22 -3.40 -18.71 -47.57
N ALA C 23 -3.41 -17.90 -48.65
CA ALA C 23 -4.36 -18.03 -49.75
C ALA C 23 -3.85 -19.06 -50.77
N LEU C 24 -2.54 -19.39 -50.69
CA LEU C 24 -1.85 -20.38 -51.51
C LEU C 24 -1.11 -21.38 -50.60
N PRO C 25 -1.10 -22.72 -50.89
CA PRO C 25 -0.41 -23.65 -49.96
C PRO C 25 1.10 -23.45 -49.90
N GLY C 26 1.65 -23.34 -48.71
CA GLY C 26 3.08 -23.13 -48.54
C GLY C 26 3.56 -21.71 -48.82
N ALA C 27 2.61 -20.76 -48.99
CA ALA C 27 2.88 -19.32 -49.16
C ALA C 27 3.51 -18.72 -47.87
N LEU C 28 3.25 -19.31 -46.69
CA LEU C 28 3.90 -18.88 -45.44
C LEU C 28 5.28 -19.59 -45.30
N PRO C 29 6.38 -18.86 -45.03
CA PRO C 29 7.66 -19.54 -44.86
C PRO C 29 7.61 -20.39 -43.60
N VAL C 30 8.25 -21.58 -43.65
CA VAL C 30 8.24 -22.50 -42.53
C VAL C 30 9.48 -22.32 -41.65
N GLY C 31 9.25 -22.12 -40.34
CA GLY C 31 10.33 -22.02 -39.36
C GLY C 31 11.14 -20.74 -39.34
N GLN C 32 10.71 -19.70 -40.09
CA GLN C 32 11.34 -18.36 -40.15
C GLN C 32 10.38 -17.32 -40.75
N ASN C 33 10.71 -16.04 -40.63
CA ASN C 33 9.89 -14.93 -41.12
C ASN C 33 10.53 -14.33 -42.35
N SER C 34 11.86 -14.42 -42.43
CA SER C 34 12.60 -13.74 -43.49
C SER C 34 13.47 -14.58 -44.41
N PRO C 35 12.87 -15.51 -45.20
CA PRO C 35 13.68 -16.32 -46.12
C PRO C 35 14.31 -15.41 -47.16
N GLN C 36 15.45 -15.80 -47.69
CA GLN C 36 16.09 -15.00 -48.74
C GLN C 36 15.17 -15.02 -49.98
N LYS C 37 14.71 -16.23 -50.37
CA LYS C 37 13.77 -16.46 -51.45
C LYS C 37 12.44 -16.89 -50.82
N ALA C 38 11.51 -15.94 -50.63
CA ALA C 38 10.21 -16.23 -50.02
C ALA C 38 9.36 -17.04 -51.00
N PRO C 39 8.51 -17.98 -50.50
CA PRO C 39 7.67 -18.78 -51.39
C PRO C 39 6.81 -17.94 -52.34
N TYR C 40 6.67 -18.39 -53.60
CA TYR C 40 5.93 -17.75 -54.69
C TYR C 40 6.56 -16.41 -55.20
N GLY C 41 7.77 -16.07 -54.73
CA GLY C 41 8.46 -14.82 -55.07
C GLY C 41 7.81 -13.62 -54.42
N LEU C 42 7.15 -13.85 -53.27
CA LEU C 42 6.46 -12.86 -52.46
C LEU C 42 7.50 -12.05 -51.64
N TYR C 43 7.09 -10.91 -51.10
CA TYR C 43 7.94 -10.08 -50.27
C TYR C 43 7.45 -10.16 -48.85
N ALA C 44 8.39 -10.28 -47.92
CA ALA C 44 8.10 -10.25 -46.49
C ALA C 44 7.98 -8.78 -46.09
N GLU C 45 7.05 -8.45 -45.20
CA GLU C 45 6.86 -7.06 -44.73
C GLU C 45 6.27 -7.10 -43.33
N LEU C 46 6.87 -6.35 -42.41
CA LEU C 46 6.39 -6.35 -41.04
C LEU C 46 5.57 -5.11 -40.69
N LEU C 47 4.40 -5.33 -40.10
CA LEU C 47 3.51 -4.30 -39.63
C LEU C 47 3.55 -4.35 -38.12
N SER C 48 4.33 -3.42 -37.52
CA SER C 48 4.54 -3.26 -36.09
C SER C 48 3.48 -2.31 -35.53
N GLY C 49 2.47 -2.90 -34.88
CA GLY C 49 1.35 -2.17 -34.28
C GLY C 49 1.66 -1.55 -32.95
N THR C 50 2.75 -1.99 -32.33
CA THR C 50 3.19 -1.51 -31.03
C THR C 50 4.68 -1.34 -31.09
N ALA C 51 5.26 -0.67 -30.09
CA ALA C 51 6.71 -0.60 -29.96
C ALA C 51 7.23 -2.05 -29.86
N PHE C 52 8.42 -2.30 -30.39
CA PHE C 52 9.06 -3.63 -30.37
C PHE C 52 9.15 -4.21 -29.00
N THR C 53 9.42 -3.36 -28.00
CA THR C 53 9.71 -3.73 -26.60
C THR C 53 8.51 -3.89 -25.65
N MET C 54 7.27 -3.92 -26.18
CA MET C 54 6.07 -4.10 -25.34
C MET C 54 6.08 -5.47 -24.70
N ALA C 55 5.37 -5.66 -23.58
CA ALA C 55 5.25 -6.99 -22.99
C ALA C 55 4.48 -7.84 -24.02
N ARG C 56 4.80 -9.15 -24.09
CA ARG C 56 4.12 -10.08 -25.03
C ARG C 56 2.57 -10.02 -24.99
N SER C 57 1.96 -9.79 -23.80
CA SER C 57 0.52 -9.64 -23.66
C SER C 57 -0.02 -8.42 -24.43
N GLU C 58 0.80 -7.36 -24.57
CA GLU C 58 0.47 -6.08 -25.21
C GLU C 58 0.88 -6.01 -26.67
N LEU C 59 1.67 -6.98 -27.13
CA LEU C 59 2.23 -7.01 -28.47
C LEU C 59 1.21 -7.19 -29.59
N ARG C 60 1.32 -6.34 -30.63
CA ARG C 60 0.48 -6.45 -31.81
C ARG C 60 1.41 -6.27 -33.01
N ARG C 61 1.71 -7.39 -33.72
CA ARG C 61 2.50 -7.33 -34.96
C ARG C 61 2.07 -8.40 -35.96
N THR C 62 2.13 -8.09 -37.27
CA THR C 62 1.75 -9.02 -38.34
C THR C 62 2.78 -9.03 -39.43
N TRP C 63 3.25 -10.25 -39.78
CA TRP C 63 4.18 -10.48 -40.88
C TRP C 63 3.30 -10.68 -42.11
N LEU C 64 3.60 -9.95 -43.20
CA LEU C 64 2.83 -10.02 -44.43
C LEU C 64 3.66 -10.56 -45.57
N TYR C 65 3.07 -11.40 -46.41
CA TYR C 65 3.77 -11.98 -47.57
C TYR C 65 2.98 -11.53 -48.79
N ARG C 66 3.49 -10.46 -49.41
CA ARG C 66 2.86 -9.66 -50.45
C ARG C 66 3.46 -9.65 -51.85
N ILE C 67 2.63 -9.28 -52.85
CA ILE C 67 3.07 -9.19 -54.26
C ILE C 67 4.06 -8.05 -54.43
N ARG C 68 3.74 -6.87 -53.87
CA ARG C 68 4.63 -5.70 -53.93
C ARG C 68 4.74 -5.05 -52.56
N PRO C 69 5.93 -4.60 -52.13
CA PRO C 69 6.05 -3.95 -50.81
C PRO C 69 5.19 -2.69 -50.74
N SER C 70 4.67 -2.34 -49.56
CA SER C 70 3.89 -1.11 -49.41
C SER C 70 4.75 0.14 -49.74
N ALA C 71 6.11 0.01 -49.63
CA ALA C 71 7.06 1.08 -49.89
C ALA C 71 6.97 1.61 -51.34
N LEU C 72 6.50 0.76 -52.29
CA LEU C 72 6.31 1.12 -53.70
C LEU C 72 5.09 2.05 -53.85
N HIS C 73 5.35 3.33 -53.59
CA HIS C 73 4.34 4.38 -53.68
C HIS C 73 5.00 5.71 -53.98
N PRO C 74 4.34 6.55 -54.77
CA PRO C 74 4.91 7.87 -55.06
C PRO C 74 4.56 8.85 -53.92
N ARG C 75 4.96 10.11 -54.06
CA ARG C 75 4.68 11.13 -53.06
C ARG C 75 3.17 11.30 -52.75
N PHE C 76 2.84 11.46 -51.45
CA PHE C 76 1.44 11.75 -51.09
C PHE C 76 1.22 13.25 -51.27
N GLU C 77 0.04 13.60 -51.82
CA GLU C 77 -0.36 14.98 -52.02
C GLU C 77 -1.66 15.25 -51.27
N ARG C 78 -1.73 16.44 -50.64
CA ARG C 78 -2.89 16.86 -49.86
CA ARG C 78 -2.87 16.91 -49.86
C ARG C 78 -4.13 17.01 -50.72
N LEU C 79 -5.20 16.24 -50.38
CA LEU C 79 -6.48 16.28 -51.13
C LEU C 79 -7.22 17.59 -50.87
N ALA C 80 -7.99 18.07 -51.89
CA ALA C 80 -8.80 19.29 -51.83
C ALA C 80 -10.02 19.09 -50.88
N ARG C 81 -10.69 17.90 -50.96
CA ARG C 81 -11.84 17.49 -50.13
C ARG C 81 -11.32 17.08 -48.75
N GLN C 82 -11.69 17.78 -47.68
CA GLN C 82 -11.17 17.48 -46.33
C GLN C 82 -12.25 17.37 -45.26
N PRO C 83 -12.87 16.19 -45.16
CA PRO C 83 -14.01 15.96 -44.23
C PRO C 83 -13.90 16.45 -42.79
N LEU C 84 -12.69 16.47 -42.25
CA LEU C 84 -12.53 16.87 -40.84
C LEU C 84 -11.58 18.04 -40.52
N GLY C 85 -11.48 18.98 -41.45
CA GLY C 85 -10.71 20.21 -41.32
C GLY C 85 -11.46 21.34 -40.63
N GLY C 86 -12.72 21.07 -40.27
CA GLY C 86 -13.61 21.99 -39.56
C GLY C 86 -13.13 22.33 -38.16
N PRO C 87 -13.34 23.58 -37.69
CA PRO C 87 -12.83 23.95 -36.36
C PRO C 87 -13.53 23.34 -35.14
N LEU C 88 -12.76 23.22 -34.04
CA LEU C 88 -13.24 22.80 -32.73
C LEU C 88 -14.39 23.73 -32.35
N GLY C 89 -15.46 23.18 -31.81
CA GLY C 89 -16.56 23.98 -31.31
C GLY C 89 -16.11 24.78 -30.10
N GLY C 90 -16.92 25.75 -29.69
CA GLY C 90 -16.56 26.53 -28.52
C GLY C 90 -16.80 25.74 -27.24
N ILE C 91 -16.49 26.36 -26.12
CA ILE C 91 -16.75 25.75 -24.81
C ILE C 91 -18.25 25.67 -24.54
N ASN C 92 -18.72 24.48 -24.16
CA ASN C 92 -20.12 24.19 -23.86
C ASN C 92 -20.22 23.04 -22.85
N PRO C 93 -20.47 23.32 -21.55
CA PRO C 93 -20.59 22.22 -20.57
C PRO C 93 -21.94 21.51 -20.59
N ASN C 94 -22.90 22.02 -21.38
CA ASN C 94 -24.28 21.51 -21.45
C ASN C 94 -24.44 20.06 -21.85
N ARG C 95 -25.54 19.47 -21.39
CA ARG C 95 -25.92 18.08 -21.74
C ARG C 95 -26.45 18.20 -23.17
N LEU C 96 -25.89 17.43 -24.08
CA LEU C 96 -26.28 17.52 -25.49
C LEU C 96 -26.96 16.28 -26.01
N ARG C 97 -27.99 16.48 -26.90
CA ARG C 97 -28.66 15.39 -27.56
C ARG C 97 -28.96 15.73 -29.01
N TRP C 98 -28.53 14.82 -29.91
CA TRP C 98 -28.73 14.94 -31.34
C TRP C 98 -29.72 13.94 -31.84
N SER C 99 -30.52 14.36 -32.81
CA SER C 99 -31.45 13.50 -33.51
C SER C 99 -30.59 12.77 -34.59
N PRO C 100 -31.06 11.65 -35.21
CA PRO C 100 -30.21 10.94 -36.19
C PRO C 100 -29.78 11.83 -37.37
N GLN C 101 -28.61 11.52 -37.94
CA GLN C 101 -27.98 12.24 -39.04
C GLN C 101 -28.54 11.79 -40.39
N PRO C 102 -29.07 12.69 -41.22
CA PRO C 102 -29.53 12.25 -42.55
C PRO C 102 -28.32 12.01 -43.45
N ILE C 103 -28.45 11.14 -44.44
CA ILE C 103 -27.37 10.87 -45.40
C ILE C 103 -27.30 12.08 -46.37
N PRO C 104 -26.11 12.68 -46.59
CA PRO C 104 -26.04 13.81 -47.54
C PRO C 104 -26.23 13.36 -48.99
N ALA C 105 -26.72 14.29 -49.82
CA ALA C 105 -27.02 14.05 -51.24
C ALA C 105 -25.78 13.97 -52.12
N GLU C 106 -24.71 14.72 -51.78
CA GLU C 106 -23.47 14.70 -52.58
C GLU C 106 -22.75 13.36 -52.48
N PRO C 107 -22.29 12.76 -53.61
CA PRO C 107 -21.58 11.46 -53.52
C PRO C 107 -20.52 11.46 -52.42
N THR C 108 -20.77 10.61 -51.43
CA THR C 108 -19.95 10.51 -50.24
C THR C 108 -19.66 9.05 -49.93
N ASP C 109 -18.38 8.63 -50.10
CA ASP C 109 -17.98 7.26 -49.76
C ASP C 109 -17.73 7.18 -48.23
N PHE C 110 -17.46 5.97 -47.65
CA PHE C 110 -17.24 5.80 -46.22
C PHE C 110 -16.27 6.84 -45.60
N ILE C 111 -15.11 7.04 -46.20
CA ILE C 111 -14.11 7.96 -45.63
C ILE C 111 -14.42 9.45 -45.78
N GLU C 112 -15.28 9.82 -46.75
CA GLU C 112 -15.68 11.21 -47.00
C GLU C 112 -16.85 11.62 -46.08
N GLY C 113 -17.57 10.63 -45.55
CA GLY C 113 -18.76 10.83 -44.75
C GLY C 113 -18.62 10.83 -43.24
N TRP C 114 -17.41 10.96 -42.72
CA TRP C 114 -17.23 11.02 -41.27
C TRP C 114 -17.63 12.39 -40.77
N LEU C 115 -18.67 12.43 -39.94
CA LEU C 115 -19.13 13.66 -39.33
C LEU C 115 -18.49 13.71 -37.95
N PRO C 116 -17.57 14.68 -37.71
CA PRO C 116 -16.94 14.82 -36.37
C PRO C 116 -17.97 15.24 -35.35
N MET C 117 -18.22 14.38 -34.33
CA MET C 117 -19.19 14.64 -33.27
C MET C 117 -18.58 15.28 -32.04
N ALA C 118 -17.58 14.62 -31.46
CA ALA C 118 -16.86 15.11 -30.27
C ALA C 118 -15.52 14.41 -30.23
N ALA C 119 -14.48 15.08 -29.66
CA ALA C 119 -13.13 14.54 -29.53
C ALA C 119 -12.37 15.16 -28.38
N ASN C 120 -11.36 14.42 -27.86
CA ASN C 120 -10.52 14.93 -26.77
C ASN C 120 -9.50 16.02 -27.20
N ALA C 121 -9.19 16.13 -28.51
CA ALA C 121 -8.23 17.10 -29.01
C ALA C 121 -8.52 17.46 -30.46
N GLY C 122 -7.86 18.51 -30.93
CA GLY C 122 -7.92 18.96 -32.33
C GLY C 122 -7.51 17.84 -33.28
N ALA C 123 -8.12 17.80 -34.48
CA ALA C 123 -7.80 16.76 -35.46
C ALA C 123 -6.32 16.70 -35.81
N GLU C 124 -5.63 17.88 -35.80
CA GLU C 124 -4.21 18.03 -36.11
C GLU C 124 -3.29 17.53 -35.01
N LYS C 125 -3.84 17.29 -33.81
CA LYS C 125 -3.07 16.81 -32.67
C LYS C 125 -3.83 15.63 -32.02
N PRO C 126 -3.93 14.48 -32.74
CA PRO C 126 -4.67 13.34 -32.20
C PRO C 126 -4.14 12.84 -30.87
N ALA C 127 -5.07 12.62 -29.93
CA ALA C 127 -4.81 12.14 -28.59
C ALA C 127 -6.10 11.66 -28.00
N GLY C 128 -6.02 10.52 -27.30
CA GLY C 128 -7.21 9.95 -26.67
C GLY C 128 -8.12 9.34 -27.70
N VAL C 129 -9.36 9.86 -27.83
CA VAL C 129 -10.40 9.33 -28.73
C VAL C 129 -11.11 10.43 -29.51
N SER C 130 -11.50 10.14 -30.78
CA SER C 130 -12.33 10.99 -31.63
C SER C 130 -13.53 10.18 -32.05
N ILE C 131 -14.73 10.79 -31.91
CA ILE C 131 -16.01 10.15 -32.18
C ILE C 131 -16.62 10.80 -33.40
N TYR C 132 -17.14 9.96 -34.29
CA TYR C 132 -17.77 10.38 -35.52
C TYR C 132 -19.00 9.54 -35.77
N ILE C 133 -19.91 10.10 -36.55
CA ILE C 133 -21.01 9.39 -37.16
C ILE C 133 -20.66 9.36 -38.66
N TYR C 134 -20.61 8.16 -39.27
CA TYR C 134 -20.37 7.98 -40.70
C TYR C 134 -21.69 7.93 -41.43
N ARG C 135 -21.74 8.53 -42.63
CA ARG C 135 -22.92 8.63 -43.51
C ARG C 135 -22.36 8.48 -44.92
N ALA C 136 -22.79 7.44 -45.64
CA ALA C 136 -22.28 7.22 -46.98
C ALA C 136 -23.35 6.71 -47.87
N ASN C 137 -23.19 6.98 -49.16
CA ASN C 137 -24.13 6.62 -50.21
C ASN C 137 -23.37 6.01 -51.39
N ARG C 138 -22.04 5.77 -51.20
CA ARG C 138 -21.11 5.25 -52.18
C ARG C 138 -20.08 4.24 -51.62
N SER C 139 -19.82 3.17 -52.40
CA SER C 139 -18.81 2.18 -52.08
C SER C 139 -17.45 2.74 -52.51
N MET C 140 -16.40 2.49 -51.71
CA MET C 140 -15.06 3.01 -52.03
C MET C 140 -14.43 2.45 -53.28
N GLU C 141 -14.02 3.38 -54.18
CA GLU C 141 -13.30 3.12 -55.42
C GLU C 141 -11.84 3.57 -55.20
N ARG C 142 -11.28 3.11 -54.07
CA ARG C 142 -9.95 3.43 -53.56
C ARG C 142 -9.66 2.63 -52.29
N VAL C 143 -8.40 2.64 -51.85
CA VAL C 143 -8.00 1.94 -50.63
C VAL C 143 -7.56 2.97 -49.59
N PHE C 144 -7.89 2.75 -48.30
CA PHE C 144 -7.57 3.71 -47.23
C PHE C 144 -6.81 3.12 -46.04
N PHE C 145 -5.97 3.96 -45.40
CA PHE C 145 -5.40 3.63 -44.11
C PHE C 145 -5.39 4.84 -43.14
N ASN C 146 -5.57 4.57 -41.88
CA ASN C 146 -5.58 5.64 -40.92
C ASN C 146 -4.25 5.55 -40.14
N ALA C 147 -3.43 6.59 -40.22
CA ALA C 147 -2.17 6.64 -39.50
C ALA C 147 -2.41 7.19 -38.11
N ASP C 148 -3.61 7.74 -37.87
CA ASP C 148 -3.96 8.39 -36.61
C ASP C 148 -4.47 7.55 -35.46
N GLY C 149 -5.16 6.47 -35.79
CA GLY C 149 -5.71 5.62 -34.75
C GLY C 149 -6.27 4.34 -35.27
N GLU C 150 -6.69 3.52 -34.33
CA GLU C 150 -7.37 2.23 -34.49
C GLU C 150 -8.81 2.67 -34.69
N LEU C 151 -9.59 1.92 -35.46
CA LEU C 151 -10.99 2.32 -35.66
C LEU C 151 -11.94 1.27 -35.20
N LEU C 152 -12.86 1.68 -34.29
CA LEU C 152 -14.00 0.88 -33.81
C LEU C 152 -15.21 1.37 -34.63
N LEU C 153 -15.83 0.46 -35.41
CA LEU C 153 -17.00 0.74 -36.24
C LEU C 153 -18.21 0.05 -35.58
N VAL C 154 -19.32 0.82 -35.43
CA VAL C 154 -20.58 0.44 -34.80
C VAL C 154 -21.72 0.72 -35.82
N PRO C 155 -21.92 -0.21 -36.81
CA PRO C 155 -22.98 0.01 -37.80
C PRO C 155 -24.36 0.14 -37.17
N GLU C 156 -25.18 1.00 -37.78
CA GLU C 156 -26.53 1.26 -37.30
C GLU C 156 -27.54 1.05 -38.40
N GLN C 157 -27.20 1.45 -39.64
CA GLN C 157 -28.03 1.23 -40.82
C GLN C 157 -27.16 0.69 -41.92
N GLY C 158 -27.57 -0.43 -42.50
CA GLY C 158 -26.87 -0.99 -43.65
C GLY C 158 -25.64 -1.82 -43.37
N ARG C 159 -25.48 -2.82 -44.22
CA ARG C 159 -24.36 -3.76 -44.18
C ARG C 159 -23.09 -3.22 -44.86
N LEU C 160 -21.94 -3.55 -44.29
CA LEU C 160 -20.63 -3.17 -44.82
C LEU C 160 -19.85 -4.42 -45.23
N ARG C 161 -19.21 -4.38 -46.40
CA ARG C 161 -18.30 -5.46 -46.76
C ARG C 161 -16.94 -4.74 -46.80
N ILE C 162 -16.07 -5.05 -45.82
CA ILE C 162 -14.77 -4.40 -45.64
C ILE C 162 -13.64 -5.29 -46.12
N ALA C 163 -13.01 -4.90 -47.24
CA ALA C 163 -11.89 -5.67 -47.77
C ALA C 163 -10.65 -5.07 -47.13
N THR C 164 -9.97 -5.83 -46.22
CA THR C 164 -8.73 -5.39 -45.53
C THR C 164 -7.50 -6.10 -46.14
N GLU C 165 -6.26 -5.75 -45.67
CA GLU C 165 -5.01 -6.39 -46.12
C GLU C 165 -4.97 -7.86 -45.73
N LEU C 166 -5.57 -8.22 -44.57
CA LEU C 166 -5.57 -9.60 -44.06
C LEU C 166 -6.76 -10.41 -44.54
N GLY C 167 -7.60 -9.79 -45.35
CA GLY C 167 -8.80 -10.41 -45.91
C GLY C 167 -10.09 -9.64 -45.65
N VAL C 168 -11.21 -10.24 -46.09
CA VAL C 168 -12.57 -9.68 -46.15
C VAL C 168 -13.48 -10.04 -44.98
N MET C 169 -14.15 -9.02 -44.45
CA MET C 169 -15.12 -9.17 -43.39
C MET C 169 -16.40 -8.39 -43.65
N GLU C 170 -17.54 -9.01 -43.30
CA GLU C 170 -18.87 -8.43 -43.46
C GLU C 170 -19.45 -8.04 -42.12
N VAL C 171 -19.78 -6.76 -41.98
CA VAL C 171 -20.34 -6.25 -40.73
C VAL C 171 -21.78 -5.71 -40.94
N GLU C 172 -22.68 -6.08 -40.05
CA GLU C 172 -24.08 -5.62 -40.08
C GLU C 172 -24.42 -4.89 -38.75
N PRO C 173 -25.52 -4.08 -38.65
CA PRO C 173 -25.89 -3.51 -37.34
C PRO C 173 -26.09 -4.68 -36.37
N LEU C 174 -25.64 -4.50 -35.11
CA LEU C 174 -25.60 -5.46 -33.99
C LEU C 174 -24.27 -6.21 -33.92
N GLU C 175 -23.37 -5.91 -34.86
CA GLU C 175 -21.99 -6.39 -34.90
C GLU C 175 -21.08 -5.15 -34.80
N ILE C 176 -19.85 -5.34 -34.32
CA ILE C 176 -18.84 -4.28 -34.28
C ILE C 176 -17.62 -4.84 -35.00
N ALA C 177 -16.79 -3.97 -35.54
CA ALA C 177 -15.57 -4.35 -36.26
C ALA C 177 -14.45 -3.36 -35.93
N VAL C 178 -13.21 -3.91 -35.76
CA VAL C 178 -12.06 -3.07 -35.44
C VAL C 178 -11.00 -3.20 -36.55
N ILE C 179 -10.42 -2.07 -36.93
CA ILE C 179 -9.35 -2.02 -37.94
C ILE C 179 -8.11 -1.38 -37.34
N PRO C 180 -6.99 -2.12 -37.34
CA PRO C 180 -5.76 -1.57 -36.72
C PRO C 180 -5.24 -0.35 -37.45
N ARG C 181 -4.60 0.54 -36.69
CA ARG C 181 -3.89 1.72 -37.16
C ARG C 181 -2.93 1.28 -38.28
N GLY C 182 -2.96 2.01 -39.38
CA GLY C 182 -2.07 1.79 -40.52
C GLY C 182 -2.47 0.69 -41.48
N MET C 183 -3.51 -0.09 -41.12
CA MET C 183 -3.93 -1.17 -41.97
C MET C 183 -4.83 -0.67 -43.09
N LYS C 184 -4.52 -1.13 -44.26
CA LYS C 184 -5.23 -0.75 -45.46
C LYS C 184 -6.53 -1.49 -45.64
N PHE C 185 -7.56 -0.77 -46.06
CA PHE C 185 -8.90 -1.30 -46.25
C PHE C 185 -9.77 -0.52 -47.23
N ARG C 186 -10.80 -1.19 -47.77
CA ARG C 186 -11.77 -0.63 -48.70
C ARG C 186 -13.20 -1.01 -48.21
N VAL C 187 -14.11 -0.02 -48.07
CA VAL C 187 -15.48 -0.29 -47.61
C VAL C 187 -16.45 -0.36 -48.80
N GLU C 188 -17.19 -1.49 -48.94
CA GLU C 188 -18.23 -1.64 -49.97
C GLU C 188 -19.58 -1.64 -49.24
N LEU C 189 -20.53 -0.84 -49.72
CA LEU C 189 -21.84 -0.75 -49.06
C LEU C 189 -22.81 -1.75 -49.66
N LEU C 190 -23.18 -2.79 -48.89
CA LEU C 190 -24.06 -3.85 -49.37
C LEU C 190 -25.51 -3.44 -49.61
N ASP C 191 -25.93 -2.33 -48.99
CA ASP C 191 -27.30 -1.81 -49.10
C ASP C 191 -27.43 -0.49 -49.87
N GLY C 192 -26.34 -0.07 -50.50
CA GLY C 192 -26.30 1.15 -51.31
C GLY C 192 -25.96 2.39 -50.50
N GLN C 193 -26.35 2.41 -49.21
CA GLN C 193 -26.12 3.49 -48.26
C GLN C 193 -25.90 2.88 -46.90
N ALA C 194 -25.15 3.58 -46.07
CA ALA C 194 -24.84 3.10 -44.74
C ALA C 194 -24.61 4.27 -43.78
N ARG C 195 -24.93 4.03 -42.49
CA ARG C 195 -24.80 4.98 -41.37
C ARG C 195 -24.45 4.16 -40.10
N GLY C 196 -23.68 4.76 -39.23
CA GLY C 196 -23.20 4.13 -38.00
C GLY C 196 -22.25 5.03 -37.27
N TYR C 197 -21.71 4.56 -36.13
CA TYR C 197 -20.82 5.35 -35.27
C TYR C 197 -19.34 4.89 -35.42
N ILE C 198 -18.43 5.78 -35.05
CA ILE C 198 -17.00 5.48 -35.07
C ILE C 198 -16.38 6.05 -33.82
N ALA C 199 -15.53 5.24 -33.12
CA ALA C 199 -14.68 5.65 -32.02
C ALA C 199 -13.28 5.46 -32.57
N GLU C 200 -12.57 6.56 -32.78
CA GLU C 200 -11.22 6.47 -33.30
C GLU C 200 -10.28 6.56 -32.09
N ASN C 201 -9.64 5.45 -31.74
CA ASN C 201 -8.75 5.33 -30.60
C ASN C 201 -7.28 5.67 -30.99
N HIS C 202 -6.78 6.81 -30.48
CA HIS C 202 -5.42 7.29 -30.72
C HIS C 202 -4.43 6.76 -29.67
N GLY C 203 -4.94 6.07 -28.65
CA GLY C 203 -4.19 5.54 -27.54
C GLY C 203 -3.93 4.05 -27.58
N ALA C 204 -3.78 3.48 -26.40
CA ALA C 204 -3.46 2.03 -26.25
C ALA C 204 -4.55 1.19 -26.97
N PRO C 205 -4.18 0.20 -27.82
CA PRO C 205 -5.21 -0.62 -28.52
C PRO C 205 -6.28 -1.23 -27.59
N LEU C 206 -7.54 -1.29 -28.08
CA LEU C 206 -8.65 -1.90 -27.35
C LEU C 206 -8.35 -3.36 -27.14
N ARG C 207 -8.82 -3.88 -26.02
CA ARG C 207 -8.60 -5.25 -25.65
C ARG C 207 -9.71 -5.63 -24.66
N LEU C 208 -9.78 -6.94 -24.31
CA LEU C 208 -10.82 -7.36 -23.37
C LEU C 208 -10.52 -6.87 -21.95
N PRO C 209 -11.55 -6.49 -21.16
CA PRO C 209 -11.29 -5.99 -19.80
C PRO C 209 -10.88 -7.09 -18.84
N ASP C 210 -10.16 -6.69 -17.78
CA ASP C 210 -9.77 -7.54 -16.66
C ASP C 210 -11.11 -7.93 -16.07
N LEU C 211 -11.37 -9.24 -15.86
CA LEU C 211 -12.69 -9.67 -15.39
C LEU C 211 -12.97 -9.56 -13.88
N GLY C 212 -11.93 -9.37 -13.08
CA GLY C 212 -12.01 -9.34 -11.63
C GLY C 212 -12.71 -10.58 -11.12
N PRO C 213 -13.75 -10.42 -10.29
CA PRO C 213 -14.50 -11.58 -9.76
C PRO C 213 -15.25 -12.39 -10.80
N ILE C 214 -15.55 -11.80 -11.99
CA ILE C 214 -16.22 -12.52 -13.09
C ILE C 214 -15.32 -13.70 -13.49
N GLY C 215 -14.03 -13.56 -13.26
CA GLY C 215 -13.11 -14.67 -13.40
C GLY C 215 -12.51 -14.94 -14.74
N SER C 216 -12.83 -16.12 -15.30
CA SER C 216 -12.18 -16.66 -16.47
C SER C 216 -13.01 -16.74 -17.74
N ASN C 217 -14.30 -16.49 -17.61
CA ASN C 217 -15.27 -16.56 -18.69
C ASN C 217 -16.30 -15.45 -18.44
N GLY C 218 -17.03 -15.08 -19.47
CA GLY C 218 -18.10 -14.11 -19.31
C GLY C 218 -17.88 -12.88 -20.15
N LEU C 219 -18.91 -12.03 -20.16
CA LEU C 219 -19.00 -10.81 -20.97
C LEU C 219 -18.72 -11.19 -22.46
N ALA C 220 -17.71 -10.59 -23.08
CA ALA C 220 -17.34 -10.93 -24.45
C ALA C 220 -16.29 -12.03 -24.42
N ASN C 221 -16.72 -13.25 -24.71
CA ASN C 221 -15.84 -14.43 -24.72
C ASN C 221 -14.86 -14.34 -25.93
N PRO C 222 -13.56 -14.62 -25.70
CA PRO C 222 -12.57 -14.47 -26.79
C PRO C 222 -12.83 -15.27 -28.06
N ARG C 223 -13.53 -16.44 -27.96
CA ARG C 223 -13.89 -17.31 -29.07
C ARG C 223 -14.82 -16.64 -30.10
N ASP C 224 -15.50 -15.55 -29.72
CA ASP C 224 -16.44 -14.84 -30.58
C ASP C 224 -15.85 -13.70 -31.40
N PHE C 225 -14.51 -13.55 -31.35
CA PHE C 225 -13.80 -12.50 -32.08
C PHE C 225 -13.19 -13.09 -33.34
N LEU C 226 -13.76 -12.71 -34.50
CA LEU C 226 -13.42 -13.30 -35.80
C LEU C 226 -12.59 -12.39 -36.69
N THR C 227 -11.53 -12.98 -37.22
CA THR C 227 -10.59 -12.32 -38.12
C THR C 227 -10.76 -13.00 -39.48
N PRO C 228 -10.75 -12.24 -40.60
CA PRO C 228 -10.89 -12.87 -41.92
C PRO C 228 -9.67 -13.72 -42.31
N VAL C 229 -9.86 -14.59 -43.31
CA VAL C 229 -8.81 -15.45 -43.86
C VAL C 229 -8.11 -14.69 -45.00
N ALA C 230 -6.89 -15.06 -45.28
CA ALA C 230 -6.11 -14.40 -46.32
C ALA C 230 -6.84 -14.33 -47.66
N HIS C 231 -6.79 -13.12 -48.26
CA HIS C 231 -7.39 -12.84 -49.57
C HIS C 231 -6.59 -11.77 -50.30
N TYR C 232 -6.34 -11.98 -51.61
CA TYR C 232 -5.53 -11.02 -52.37
C TYR C 232 -6.13 -10.63 -53.70
N GLU C 233 -5.77 -9.43 -54.16
CA GLU C 233 -6.18 -8.84 -55.43
C GLU C 233 -5.01 -8.71 -56.39
N GLU C 234 -5.23 -8.95 -57.69
CA GLU C 234 -4.15 -8.90 -58.68
C GLU C 234 -4.18 -7.71 -59.63
N ALA C 235 -5.40 -7.30 -60.03
CA ALA C 235 -5.73 -6.21 -60.97
C ALA C 235 -4.81 -4.97 -61.04
N GLU C 236 -3.91 -4.97 -62.05
CA GLU C 236 -2.98 -3.88 -62.38
C GLU C 236 -3.81 -2.75 -62.98
N GLY C 237 -3.45 -1.52 -62.65
CA GLY C 237 -4.17 -0.34 -63.11
C GLY C 237 -4.18 0.75 -62.07
N PRO C 238 -4.65 1.96 -62.41
CA PRO C 238 -4.63 3.05 -61.42
C PRO C 238 -5.58 2.82 -60.26
N VAL C 239 -5.10 3.14 -59.04
CA VAL C 239 -5.84 3.00 -57.79
C VAL C 239 -5.31 4.03 -56.81
N GLN C 240 -6.22 4.84 -56.27
CA GLN C 240 -5.83 5.83 -55.31
C GLN C 240 -5.71 5.18 -53.94
N LEU C 241 -4.61 5.48 -53.26
CA LEU C 241 -4.34 5.09 -51.89
C LEU C 241 -4.44 6.38 -51.10
N VAL C 242 -5.34 6.43 -50.09
CA VAL C 242 -5.57 7.60 -49.24
C VAL C 242 -5.14 7.31 -47.82
N GLN C 243 -4.52 8.26 -47.15
CA GLN C 243 -4.20 8.11 -45.73
C GLN C 243 -4.72 9.30 -44.94
N LYS C 244 -5.12 9.02 -43.71
CA LYS C 244 -5.54 10.03 -42.78
C LYS C 244 -4.32 10.25 -41.91
N PHE C 245 -3.80 11.47 -41.89
CA PHE C 245 -2.60 11.82 -41.12
C PHE C 245 -2.81 13.18 -40.52
N LEU C 246 -2.74 13.25 -39.17
CA LEU C 246 -3.00 14.45 -38.36
C LEU C 246 -4.29 15.16 -38.82
N GLY C 247 -5.32 14.34 -39.00
CA GLY C 247 -6.66 14.76 -39.42
C GLY C 247 -6.88 14.96 -40.91
N GLU C 248 -5.81 14.94 -41.69
CA GLU C 248 -5.92 15.24 -43.11
C GLU C 248 -6.00 14.05 -44.00
N HIS C 249 -6.68 14.21 -45.14
CA HIS C 249 -6.69 13.20 -46.18
C HIS C 249 -5.57 13.52 -47.20
N TRP C 250 -4.60 12.61 -47.36
CA TRP C 250 -3.49 12.72 -48.32
C TRP C 250 -3.58 11.53 -49.29
N ALA C 251 -3.19 11.73 -50.56
CA ALA C 251 -3.32 10.68 -51.56
C ALA C 251 -2.17 10.53 -52.54
N CYS C 252 -2.05 9.31 -53.05
CA CYS C 252 -1.12 8.97 -54.12
C CYS C 252 -1.79 7.92 -55.02
N GLU C 253 -1.29 7.82 -56.24
CA GLU C 253 -1.80 6.84 -57.20
C GLU C 253 -0.82 5.67 -57.30
N LEU C 254 -1.34 4.44 -57.17
CA LEU C 254 -0.59 3.21 -57.33
C LEU C 254 -0.99 2.58 -58.69
N GLN C 255 -0.09 1.79 -59.33
CA GLN C 255 -0.38 1.08 -60.60
C GLN C 255 -0.69 -0.41 -60.35
N HIS C 256 -1.10 -0.74 -59.10
CA HIS C 256 -1.44 -2.08 -58.64
C HIS C 256 -2.33 -1.98 -57.40
N SER C 257 -3.07 -3.06 -57.08
CA SER C 257 -3.90 -3.06 -55.89
C SER C 257 -3.00 -3.23 -54.67
N PRO C 258 -3.23 -2.44 -53.60
CA PRO C 258 -2.43 -2.60 -52.38
C PRO C 258 -2.98 -3.70 -51.46
N LEU C 259 -4.08 -4.36 -51.85
CA LEU C 259 -4.65 -5.45 -51.07
C LEU C 259 -4.07 -6.75 -51.73
N ASP C 260 -2.73 -6.83 -51.77
CA ASP C 260 -1.98 -7.92 -52.42
C ASP C 260 -1.26 -8.87 -51.44
N VAL C 261 -1.86 -9.13 -50.27
CA VAL C 261 -1.29 -10.01 -49.23
C VAL C 261 -1.75 -11.45 -49.49
N VAL C 262 -0.82 -12.30 -49.93
CA VAL C 262 -1.08 -13.72 -50.23
C VAL C 262 -1.05 -14.58 -48.94
N ALA C 263 -0.24 -14.17 -47.96
CA ALA C 263 -0.14 -14.90 -46.73
C ALA C 263 0.27 -13.96 -45.62
N TRP C 264 -0.21 -14.22 -44.40
CA TRP C 264 0.12 -13.39 -43.25
C TRP C 264 0.04 -14.23 -41.96
N HIS C 265 0.73 -13.81 -40.92
CA HIS C 265 0.72 -14.42 -39.60
C HIS C 265 1.03 -13.35 -38.56
N GLY C 266 0.33 -13.39 -37.46
CA GLY C 266 0.54 -12.41 -36.42
C GLY C 266 -0.71 -12.12 -35.62
N SER C 267 -0.59 -11.10 -34.78
CA SER C 267 -1.61 -10.71 -33.83
C SER C 267 -2.25 -9.33 -34.08
N ASN C 268 -1.72 -8.53 -35.05
CA ASN C 268 -2.20 -7.18 -35.41
C ASN C 268 -3.18 -7.37 -36.53
N VAL C 269 -4.44 -7.62 -36.14
CA VAL C 269 -5.47 -8.09 -37.06
C VAL C 269 -6.80 -7.35 -36.97
N PRO C 270 -7.53 -7.23 -38.10
CA PRO C 270 -8.87 -6.64 -38.00
C PRO C 270 -9.81 -7.72 -37.51
N TYR C 271 -10.85 -7.33 -36.78
CA TYR C 271 -11.76 -8.31 -36.26
C TYR C 271 -13.12 -7.78 -36.14
N LYS C 272 -14.08 -8.71 -36.00
CA LYS C 272 -15.49 -8.39 -35.82
C LYS C 272 -16.07 -9.21 -34.70
N TYR C 273 -17.10 -8.69 -34.09
CA TYR C 273 -17.73 -9.34 -32.96
C TYR C 273 -19.18 -9.02 -32.99
N ASP C 274 -20.00 -10.05 -32.73
CA ASP C 274 -21.44 -9.98 -32.74
C ASP C 274 -21.94 -9.73 -31.33
N LEU C 275 -22.44 -8.53 -31.12
CA LEU C 275 -22.96 -8.09 -29.82
C LEU C 275 -24.02 -9.01 -29.21
N ARG C 276 -24.81 -9.74 -30.06
CA ARG C 276 -25.85 -10.67 -29.60
C ARG C 276 -25.22 -11.85 -28.79
N ARG C 277 -23.87 -12.02 -28.91
CA ARG C 277 -23.13 -13.08 -28.23
C ARG C 277 -22.63 -12.72 -26.84
N PHE C 278 -22.78 -11.45 -26.46
CA PHE C 278 -22.33 -10.92 -25.15
C PHE C 278 -22.90 -11.67 -23.95
N ASN C 279 -22.02 -12.26 -23.09
CA ASN C 279 -22.48 -12.96 -21.92
C ASN C 279 -22.73 -11.92 -20.82
N THR C 280 -23.91 -11.30 -20.89
CA THR C 280 -24.35 -10.25 -19.98
C THR C 280 -24.44 -10.72 -18.58
N ILE C 281 -23.73 -9.98 -17.71
CA ILE C 281 -23.66 -10.14 -16.28
C ILE C 281 -24.35 -8.94 -15.66
N GLY C 282 -25.09 -9.18 -14.59
CA GLY C 282 -25.78 -8.12 -13.87
C GLY C 282 -26.23 -8.57 -12.49
N THR C 283 -27.12 -7.80 -11.86
CA THR C 283 -27.62 -8.19 -10.55
C THR C 283 -28.61 -9.36 -10.62
N VAL C 284 -28.44 -10.29 -9.69
CA VAL C 284 -29.35 -11.42 -9.51
C VAL C 284 -29.99 -11.27 -8.13
N SER C 285 -29.85 -10.07 -7.53
CA SER C 285 -30.35 -9.80 -6.17
C SER C 285 -31.22 -8.51 -6.09
N PHE C 286 -30.55 -7.35 -6.00
CA PHE C 286 -31.13 -6.01 -5.88
C PHE C 286 -30.12 -4.98 -6.38
N ASP C 287 -30.47 -3.69 -6.30
CA ASP C 287 -29.66 -2.54 -6.74
C ASP C 287 -29.43 -2.53 -8.25
N HIS C 288 -28.64 -1.55 -8.71
CA HIS C 288 -28.33 -1.29 -10.11
C HIS C 288 -26.80 -1.28 -10.34
N PRO C 289 -26.22 -2.41 -10.81
CA PRO C 289 -24.76 -2.45 -11.02
C PRO C 289 -24.19 -1.32 -11.86
N ASP C 290 -22.98 -0.86 -11.52
CA ASP C 290 -22.30 0.16 -12.32
C ASP C 290 -22.24 -0.29 -13.80
N PRO C 291 -22.44 0.62 -14.76
CA PRO C 291 -22.44 0.23 -16.19
C PRO C 291 -21.12 -0.30 -16.75
N SER C 292 -20.03 -0.15 -15.99
CA SER C 292 -18.73 -0.70 -16.37
C SER C 292 -18.91 -2.24 -16.51
N ILE C 293 -19.97 -2.80 -15.87
CA ILE C 293 -20.25 -4.25 -15.94
C ILE C 293 -20.54 -4.76 -17.37
N PHE C 294 -20.94 -3.85 -18.28
CA PHE C 294 -21.26 -4.16 -19.67
C PHE C 294 -20.12 -3.88 -20.66
N THR C 295 -18.86 -3.76 -20.14
CA THR C 295 -17.69 -3.45 -20.97
C THR C 295 -17.50 -4.56 -21.98
N VAL C 296 -17.35 -4.19 -23.25
CA VAL C 296 -17.06 -5.14 -24.35
C VAL C 296 -15.53 -5.08 -24.60
N LEU C 297 -15.02 -3.87 -24.76
CA LEU C 297 -13.62 -3.61 -25.04
C LEU C 297 -13.22 -2.35 -24.28
N THR C 298 -11.92 -2.27 -23.97
CA THR C 298 -11.28 -1.18 -23.28
C THR C 298 -9.90 -0.82 -23.83
N SER C 299 -9.58 0.47 -23.80
CA SER C 299 -8.31 1.08 -24.14
C SER C 299 -7.77 1.72 -22.84
N PRO C 300 -6.78 1.12 -22.19
CA PRO C 300 -6.30 1.68 -20.92
C PRO C 300 -5.41 2.92 -21.09
N THR C 301 -5.03 3.52 -19.97
CA THR C 301 -4.01 4.55 -19.94
C THR C 301 -2.92 3.99 -19.07
N SER C 302 -1.84 4.78 -18.82
CA SER C 302 -0.75 4.39 -17.93
C SER C 302 -1.27 4.44 -16.46
N VAL C 303 -2.45 5.10 -16.25
CA VAL C 303 -3.09 5.16 -14.92
C VAL C 303 -3.91 3.90 -14.77
N HIS C 304 -3.49 3.02 -13.86
CA HIS C 304 -4.18 1.77 -13.61
C HIS C 304 -5.62 2.03 -13.21
N GLY C 305 -6.56 1.38 -13.89
CA GLY C 305 -7.98 1.50 -13.59
C GLY C 305 -8.72 2.65 -14.27
N MET C 306 -7.98 3.59 -14.91
CA MET C 306 -8.62 4.71 -15.61
C MET C 306 -8.41 4.54 -17.11
N ALA C 307 -9.47 4.09 -17.81
CA ALA C 307 -9.35 3.87 -19.24
C ALA C 307 -9.29 5.16 -20.05
N ASN C 308 -8.62 5.09 -21.19
CA ASN C 308 -8.65 6.16 -22.17
C ASN C 308 -10.14 6.13 -22.68
N MET C 309 -10.65 4.92 -22.95
CA MET C 309 -12.05 4.66 -23.31
C MET C 309 -12.49 3.28 -22.95
N ASP C 310 -13.78 3.16 -22.68
CA ASP C 310 -14.47 1.90 -22.44
C ASP C 310 -15.63 1.91 -23.40
N PHE C 311 -15.79 0.81 -24.15
CA PHE C 311 -16.92 0.61 -25.08
C PHE C 311 -17.86 -0.31 -24.31
N VAL C 312 -19.03 0.22 -23.89
CA VAL C 312 -19.99 -0.48 -23.03
C VAL C 312 -21.30 -0.66 -23.81
N ILE C 313 -22.01 -1.80 -23.56
CA ILE C 313 -23.28 -2.04 -24.22
C ILE C 313 -24.48 -2.16 -23.30
N PHE C 314 -25.68 -1.89 -23.82
CA PHE C 314 -26.93 -2.00 -23.05
C PHE C 314 -27.86 -2.91 -23.87
N PRO C 315 -27.60 -4.23 -23.77
CA PRO C 315 -28.31 -5.19 -24.62
C PRO C 315 -29.56 -5.82 -23.98
N PRO C 316 -30.30 -6.74 -24.69
CA PRO C 316 -31.41 -7.45 -24.05
C PRO C 316 -30.89 -8.20 -22.83
N ARG C 317 -31.58 -8.09 -21.70
CA ARG C 317 -31.12 -8.66 -20.44
C ARG C 317 -32.29 -8.86 -19.46
N TRP C 318 -32.12 -9.79 -18.49
CA TRP C 318 -33.15 -10.01 -17.47
C TRP C 318 -32.99 -8.98 -16.37
N MET C 319 -34.11 -8.42 -15.91
CA MET C 319 -34.16 -7.41 -14.83
C MET C 319 -34.93 -8.06 -13.71
N VAL C 320 -34.21 -8.39 -12.63
CA VAL C 320 -34.78 -9.14 -11.50
C VAL C 320 -34.65 -8.41 -10.14
N ALA C 321 -33.93 -7.27 -10.10
CA ALA C 321 -33.68 -6.57 -8.83
C ALA C 321 -34.90 -6.32 -7.96
N GLU C 322 -34.82 -6.85 -6.74
CA GLU C 322 -35.92 -6.76 -5.77
C GLU C 322 -35.89 -5.42 -5.03
N ASN C 323 -37.10 -4.82 -4.76
CA ASN C 323 -37.25 -3.55 -4.01
CA ASN C 323 -37.28 -3.54 -4.05
C ASN C 323 -36.22 -2.50 -4.46
N THR C 324 -36.01 -2.38 -5.75
CA THR C 324 -35.00 -1.52 -6.34
C THR C 324 -35.57 -0.58 -7.37
N PHE C 325 -34.97 0.62 -7.50
CA PHE C 325 -35.31 1.52 -8.58
C PHE C 325 -34.42 0.97 -9.73
N ARG C 326 -35.05 0.34 -10.74
CA ARG C 326 -34.40 -0.40 -11.84
C ARG C 326 -33.68 0.41 -12.92
N PRO C 327 -34.20 1.58 -13.41
CA PRO C 327 -33.44 2.34 -14.40
C PRO C 327 -32.11 2.85 -13.82
N PRO C 328 -31.20 3.41 -14.66
CA PRO C 328 -29.96 4.02 -14.15
C PRO C 328 -30.23 5.07 -13.06
N TRP C 329 -29.39 5.13 -12.03
CA TRP C 329 -29.51 6.14 -10.95
C TRP C 329 -29.11 7.51 -11.47
N PHE C 330 -29.60 8.59 -10.81
CA PHE C 330 -29.12 9.93 -11.15
C PHE C 330 -27.62 9.91 -10.91
N HIS C 331 -26.85 10.58 -11.77
CA HIS C 331 -25.38 10.46 -11.73
C HIS C 331 -24.64 11.72 -12.12
N ARG C 332 -23.46 11.93 -11.50
CA ARG C 332 -22.46 12.93 -11.88
C ARG C 332 -21.16 12.14 -11.89
N ASN C 333 -20.37 12.28 -12.97
CA ASN C 333 -19.16 11.50 -13.21
C ASN C 333 -17.94 12.34 -13.60
N LEU C 334 -16.77 11.88 -13.17
CA LEU C 334 -15.53 12.47 -13.63
C LEU C 334 -15.39 12.13 -15.16
N MET C 335 -15.78 10.91 -15.53
CA MET C 335 -15.69 10.42 -16.92
C MET C 335 -16.74 11.05 -17.83
N ASN C 336 -16.55 10.95 -19.14
CA ASN C 336 -17.41 11.64 -20.12
C ASN C 336 -18.20 10.63 -20.91
N GLU C 337 -19.53 10.78 -20.88
CA GLU C 337 -20.46 9.81 -21.42
C GLU C 337 -21.15 10.15 -22.74
N PHE C 338 -20.73 9.44 -23.81
CA PHE C 338 -21.28 9.58 -25.15
C PHE C 338 -22.06 8.32 -25.46
N MET C 339 -23.37 8.47 -25.63
CA MET C 339 -24.25 7.37 -25.90
C MET C 339 -24.80 7.37 -27.33
N GLY C 340 -24.90 6.16 -27.88
CA GLY C 340 -25.45 5.89 -29.20
C GLY C 340 -26.54 4.84 -29.07
N LEU C 341 -27.28 4.61 -30.17
CA LEU C 341 -28.40 3.67 -30.17
C LEU C 341 -28.45 2.95 -31.52
N ILE C 342 -28.42 1.60 -31.48
CA ILE C 342 -28.44 0.74 -32.66
C ILE C 342 -29.85 0.28 -33.01
N ASN C 343 -30.63 -0.21 -32.00
CA ASN C 343 -31.98 -0.72 -32.23
CA ASN C 343 -32.00 -0.71 -32.23
C ASN C 343 -32.91 -0.34 -31.07
N GLY C 344 -34.18 -0.12 -31.39
CA GLY C 344 -35.25 0.18 -30.44
C GLY C 344 -35.12 1.42 -29.56
N ALA C 345 -35.44 1.26 -28.27
CA ALA C 345 -35.40 2.34 -27.28
C ALA C 345 -34.50 1.98 -26.08
N TYR C 346 -33.88 3.02 -25.48
CA TYR C 346 -33.03 2.89 -24.31
C TYR C 346 -33.85 3.17 -23.03
N ASP C 347 -33.63 2.34 -21.98
CA ASP C 347 -34.32 2.35 -20.68
C ASP C 347 -34.48 3.68 -19.92
N ALA C 348 -33.46 4.55 -19.89
CA ALA C 348 -33.51 5.81 -19.11
C ALA C 348 -34.28 6.97 -19.74
N LYS C 349 -34.54 6.89 -21.05
CA LYS C 349 -35.16 7.98 -21.79
C LYS C 349 -36.35 7.48 -22.61
N ALA C 350 -37.57 7.95 -22.31
CA ALA C 350 -38.81 7.54 -22.97
C ALA C 350 -38.93 7.95 -24.45
N GLU C 351 -38.61 9.22 -24.78
CA GLU C 351 -38.65 9.74 -26.15
C GLU C 351 -37.49 10.68 -26.48
N GLY C 352 -37.27 10.91 -27.78
CA GLY C 352 -36.24 11.82 -28.30
C GLY C 352 -34.88 11.19 -28.56
N PHE C 353 -34.63 9.98 -28.02
CA PHE C 353 -33.37 9.27 -28.23
C PHE C 353 -33.67 8.12 -29.17
N LEU C 354 -33.49 8.38 -30.47
CA LEU C 354 -33.79 7.47 -31.57
C LEU C 354 -32.56 6.74 -32.12
N PRO C 355 -32.72 5.57 -32.80
CA PRO C 355 -31.53 4.90 -33.35
C PRO C 355 -30.76 5.81 -34.32
N GLY C 356 -29.47 5.99 -34.08
CA GLY C 356 -28.62 6.90 -34.85
C GLY C 356 -28.43 8.21 -34.12
N GLY C 357 -29.18 8.39 -33.05
CA GLY C 357 -29.06 9.56 -32.20
C GLY C 357 -27.84 9.44 -31.33
N ALA C 358 -27.57 10.48 -30.54
CA ALA C 358 -26.43 10.50 -29.64
C ALA C 358 -26.67 11.48 -28.51
N SER C 359 -26.09 11.20 -27.33
CA SER C 359 -26.12 12.13 -26.21
C SER C 359 -24.73 12.30 -25.67
N LEU C 360 -24.41 13.47 -25.16
CA LEU C 360 -23.13 13.72 -24.51
C LEU C 360 -23.38 14.37 -23.15
N HIS C 361 -22.97 13.66 -22.07
CA HIS C 361 -23.00 14.13 -20.67
C HIS C 361 -21.55 14.12 -20.27
N GLY C 362 -20.98 15.33 -20.32
CA GLY C 362 -19.59 15.61 -20.02
C GLY C 362 -19.30 15.60 -18.55
N VAL C 363 -18.00 15.71 -18.22
CA VAL C 363 -17.47 15.71 -16.87
C VAL C 363 -18.38 16.49 -15.87
N MET C 364 -18.88 15.80 -14.81
CA MET C 364 -19.75 16.35 -13.73
C MET C 364 -21.09 16.94 -14.14
N SER C 365 -21.52 16.73 -15.42
CA SER C 365 -22.84 17.13 -15.86
C SER C 365 -23.83 16.17 -15.18
N ALA C 366 -24.90 16.70 -14.58
CA ALA C 366 -25.84 15.90 -13.82
C ALA C 366 -26.84 15.24 -14.70
N HIS C 367 -26.82 13.88 -14.75
CA HIS C 367 -27.79 13.21 -15.61
C HIS C 367 -28.61 12.16 -14.82
N GLY C 368 -29.36 11.35 -15.53
CA GLY C 368 -30.20 10.36 -14.88
C GLY C 368 -31.49 10.17 -15.65
N PRO C 369 -32.39 9.34 -15.10
CA PRO C 369 -33.66 9.08 -15.80
C PRO C 369 -34.55 10.30 -15.91
N ASP C 370 -35.34 10.38 -17.00
CA ASP C 370 -36.28 11.49 -17.14
C ASP C 370 -37.49 11.24 -16.24
N ALA C 371 -38.30 12.29 -16.01
CA ALA C 371 -39.48 12.29 -15.15
C ALA C 371 -40.46 11.14 -15.36
N GLU C 372 -40.74 10.79 -16.64
CA GLU C 372 -41.64 9.70 -17.03
C GLU C 372 -41.12 8.36 -16.53
N THR C 373 -39.83 8.06 -16.81
CA THR C 373 -39.19 6.81 -16.34
C THR C 373 -39.10 6.73 -14.83
N CYS C 374 -38.90 7.88 -14.17
CA CYS C 374 -38.80 8.05 -12.72
C CYS C 374 -40.07 7.61 -12.01
N GLU C 375 -41.26 8.17 -12.39
CA GLU C 375 -42.54 7.83 -11.76
C GLU C 375 -42.88 6.35 -11.92
N LYS C 376 -42.88 5.86 -13.19
CA LYS C 376 -43.14 4.50 -13.60
C LYS C 376 -42.37 3.44 -12.78
N ALA C 377 -41.05 3.69 -12.59
CA ALA C 377 -40.15 2.81 -11.83
C ALA C 377 -40.44 2.81 -10.32
N ILE C 378 -41.03 3.89 -9.79
CA ILE C 378 -41.41 4.01 -8.38
C ILE C 378 -42.87 3.50 -8.18
N ALA C 379 -43.54 3.12 -9.26
CA ALA C 379 -44.92 2.62 -9.15
C ALA C 379 -45.08 1.15 -9.56
N ALA C 380 -44.31 0.67 -10.55
CA ALA C 380 -44.37 -0.69 -11.05
C ALA C 380 -44.24 -1.77 -9.99
N ASP C 381 -45.06 -2.84 -10.12
CA ASP C 381 -45.01 -3.98 -9.24
C ASP C 381 -43.85 -4.81 -9.77
N LEU C 382 -42.74 -4.88 -9.01
CA LEU C 382 -41.52 -5.56 -9.45
C LEU C 382 -41.62 -7.07 -9.62
N ALA C 383 -41.41 -7.55 -10.87
CA ALA C 383 -41.38 -8.95 -11.28
C ALA C 383 -40.16 -9.19 -12.23
N PRO C 384 -39.63 -10.43 -12.39
CA PRO C 384 -38.54 -10.64 -13.36
C PRO C 384 -39.04 -10.19 -14.72
N HIS C 385 -38.26 -9.30 -15.38
CA HIS C 385 -38.61 -8.69 -16.65
C HIS C 385 -37.46 -8.71 -17.66
N LYS C 386 -37.76 -9.21 -18.85
CA LYS C 386 -36.83 -9.31 -19.96
C LYS C 386 -36.91 -8.05 -20.83
N ILE C 387 -35.84 -7.27 -20.82
CA ILE C 387 -35.65 -6.10 -21.72
C ILE C 387 -35.25 -6.79 -23.04
N ASP C 388 -35.86 -6.39 -24.18
CA ASP C 388 -35.56 -7.02 -25.46
C ASP C 388 -35.74 -6.03 -26.58
N ASN C 389 -35.44 -6.45 -27.83
CA ASN C 389 -35.61 -5.62 -29.04
C ASN C 389 -34.97 -4.24 -28.85
N THR C 390 -33.77 -4.23 -28.26
CA THR C 390 -33.03 -2.99 -28.00
C THR C 390 -31.53 -3.25 -27.99
N MET C 391 -30.76 -2.23 -28.37
CA MET C 391 -29.31 -2.23 -28.29
C MET C 391 -28.73 -0.80 -28.34
N ALA C 392 -28.25 -0.33 -27.17
CA ALA C 392 -27.60 0.96 -26.99
C ALA C 392 -26.20 0.71 -26.53
N PHE C 393 -25.42 1.74 -26.55
CA PHE C 393 -24.04 1.60 -26.14
C PHE C 393 -23.51 2.94 -25.68
N MET C 394 -22.32 2.91 -25.10
CA MET C 394 -21.66 4.12 -24.66
C MET C 394 -20.18 4.07 -24.97
N PHE C 395 -19.61 5.21 -25.40
CA PHE C 395 -18.15 5.42 -25.48
C PHE C 395 -17.88 6.33 -24.26
N GLU C 396 -17.26 5.79 -23.20
CA GLU C 396 -16.93 6.54 -22.00
C GLU C 396 -15.45 6.82 -22.04
N THR C 397 -15.10 8.11 -21.96
CA THR C 397 -13.71 8.56 -22.07
C THR C 397 -13.30 9.30 -20.83
N SER C 398 -12.03 9.17 -20.45
CA SER C 398 -11.50 9.87 -19.26
C SER C 398 -11.25 11.34 -19.58
N GLN C 399 -10.71 11.64 -20.77
CA GLN C 399 -10.48 13.01 -21.21
C GLN C 399 -11.76 13.65 -21.66
N VAL C 400 -11.88 14.98 -21.50
CA VAL C 400 -13.08 15.75 -21.94
C VAL C 400 -13.35 15.56 -23.43
N LEU C 401 -14.65 15.37 -23.78
CA LEU C 401 -15.10 15.27 -25.16
C LEU C 401 -15.64 16.63 -25.59
N ARG C 402 -14.87 17.32 -26.46
CA ARG C 402 -15.24 18.64 -26.98
C ARG C 402 -16.05 18.44 -28.27
N PRO C 403 -17.34 18.84 -28.34
CA PRO C 403 -18.06 18.71 -29.62
C PRO C 403 -17.50 19.65 -30.69
N SER C 404 -17.52 19.20 -31.96
CA SER C 404 -17.03 19.97 -33.10
C SER C 404 -17.96 21.15 -33.36
N LEU C 405 -17.51 22.12 -34.18
CA LEU C 405 -18.39 23.25 -34.52
C LEU C 405 -19.59 22.74 -35.33
N GLN C 406 -19.39 21.73 -36.20
CA GLN C 406 -20.48 21.12 -36.99
C GLN C 406 -21.60 20.57 -36.08
N ALA C 407 -21.26 19.72 -35.07
CA ALA C 407 -22.23 19.16 -34.12
C ALA C 407 -22.97 20.23 -33.30
N LEU C 408 -22.32 21.37 -33.03
CA LEU C 408 -22.92 22.45 -32.26
C LEU C 408 -23.87 23.35 -33.07
N GLU C 409 -23.55 23.56 -34.38
CA GLU C 409 -24.30 24.38 -35.37
C GLU C 409 -25.33 23.54 -36.18
N CYS C 410 -25.27 22.24 -35.97
CA CYS C 410 -26.05 21.11 -36.44
C CYS C 410 -27.58 21.37 -36.34
N PRO C 411 -28.43 21.21 -37.39
CA PRO C 411 -29.90 21.35 -37.15
C PRO C 411 -30.42 20.20 -36.28
N GLN C 412 -29.71 19.03 -36.28
CA GLN C 412 -30.08 17.85 -35.46
C GLN C 412 -29.83 18.04 -33.94
N LEU C 413 -29.05 19.08 -33.51
CA LEU C 413 -28.87 19.33 -32.08
C LEU C 413 -30.19 19.81 -31.47
N GLN C 414 -30.73 19.01 -30.52
CA GLN C 414 -32.02 19.35 -29.86
C GLN C 414 -31.84 20.50 -28.88
N ALA C 415 -32.53 21.62 -29.15
CA ALA C 415 -32.47 22.87 -28.39
C ALA C 415 -33.16 22.81 -27.04
N ASP C 416 -34.01 21.79 -26.82
CA ASP C 416 -34.73 21.70 -25.55
C ASP C 416 -34.49 20.38 -24.82
N TYR C 417 -33.22 19.95 -24.72
CA TYR C 417 -32.90 18.68 -24.04
C TYR C 417 -33.10 18.76 -22.53
N ASP C 418 -32.69 19.91 -21.93
CA ASP C 418 -32.76 20.14 -20.49
C ASP C 418 -34.20 19.96 -19.96
N SER C 419 -35.19 20.19 -20.82
CA SER C 419 -36.62 20.01 -20.50
C SER C 419 -37.06 18.54 -20.23
N CYS C 420 -36.21 17.53 -20.55
CA CYS C 420 -36.56 16.13 -20.28
C CYS C 420 -36.60 15.85 -18.78
N TRP C 421 -35.91 16.69 -18.00
CA TRP C 421 -35.81 16.64 -16.54
C TRP C 421 -36.67 17.71 -15.83
N ALA C 422 -37.07 18.79 -16.55
CA ALA C 422 -37.85 19.92 -16.02
C ALA C 422 -38.97 19.58 -15.07
N THR C 423 -39.74 18.50 -15.38
CA THR C 423 -40.91 18.01 -14.64
C THR C 423 -40.64 17.14 -13.39
N LEU C 424 -39.35 16.94 -13.04
CA LEU C 424 -39.02 16.14 -11.84
C LEU C 424 -39.59 16.78 -10.58
N PRO C 425 -40.54 16.10 -9.92
CA PRO C 425 -41.13 16.66 -8.69
C PRO C 425 -40.33 16.32 -7.42
N SER C 426 -40.62 17.06 -6.34
CA SER C 426 -40.11 16.82 -5.00
C SER C 426 -41.14 15.92 -4.34
N THR C 427 -40.71 14.71 -3.96
CA THR C 427 -41.55 13.73 -3.29
C THR C 427 -41.12 13.67 -1.80
N PHE C 428 -40.27 14.61 -1.37
CA PHE C 428 -39.73 14.68 -0.01
C PHE C 428 -40.82 15.01 0.98
N ASN C 429 -40.93 14.13 1.97
CA ASN C 429 -41.91 14.26 3.05
C ASN C 429 -41.18 13.97 4.34
N PRO C 430 -40.72 15.04 5.02
CA PRO C 430 -40.03 14.86 6.32
C PRO C 430 -40.95 14.19 7.37
N ASN C 431 -42.27 14.27 7.17
CA ASN C 431 -43.21 13.67 8.09
C ASN C 431 -43.46 12.18 7.84
N ARG C 432 -42.95 11.63 6.72
CA ARG C 432 -43.16 10.20 6.45
C ARG C 432 -41.95 9.53 5.84
N ARG C 433 -41.31 8.65 6.63
CA ARG C 433 -40.14 7.88 6.18
C ARG C 433 -40.62 6.78 5.23
N ASP D 8 -28.60 -1.87 23.52
CA ASP D 8 -27.93 -3.04 22.96
C ASP D 8 -26.45 -2.72 22.70
N LEU D 9 -25.86 -3.40 21.69
CA LEU D 9 -24.50 -3.17 21.25
C LEU D 9 -24.48 -2.23 20.05
N HIS D 10 -23.56 -1.28 20.08
CA HIS D 10 -23.39 -0.28 19.05
C HIS D 10 -22.19 -0.68 18.22
N TYR D 11 -22.27 -0.35 16.94
CA TYR D 11 -21.23 -0.66 15.95
C TYR D 11 -20.92 0.55 15.06
N LEU D 12 -19.65 0.62 14.63
CA LEU D 12 -19.06 1.56 13.70
C LEU D 12 -19.04 0.84 12.35
N SER D 13 -19.33 1.55 11.25
CA SER D 13 -19.38 0.92 9.94
C SER D 13 -18.27 1.39 8.97
N GLY D 14 -17.90 0.54 8.03
CA GLY D 14 -16.98 0.89 6.97
C GLY D 14 -15.72 0.07 6.92
N PHE D 15 -15.69 -0.96 6.07
CA PHE D 15 -14.53 -1.84 5.91
C PHE D 15 -13.26 -1.06 5.60
N GLY D 16 -12.22 -1.28 6.39
CA GLY D 16 -10.92 -0.64 6.21
C GLY D 16 -10.77 0.74 6.80
N ASN D 17 -11.79 1.25 7.50
CA ASN D 17 -11.75 2.62 8.05
C ASN D 17 -10.70 2.85 9.15
N GLU D 18 -10.31 4.11 9.30
CA GLU D 18 -9.47 4.57 10.40
C GLU D 18 -10.54 4.96 11.43
N PHE D 19 -10.88 4.04 12.34
CA PHE D 19 -11.95 4.27 13.30
C PHE D 19 -11.42 4.98 14.54
N ALA D 20 -12.32 5.50 15.40
CA ALA D 20 -11.99 6.11 16.70
C ALA D 20 -13.15 5.84 17.66
N SER D 21 -12.83 5.27 18.83
CA SER D 21 -13.89 4.95 19.81
C SER D 21 -13.38 5.16 21.20
N GLU D 22 -14.25 5.63 22.09
CA GLU D 22 -13.86 5.86 23.48
C GLU D 22 -14.98 5.57 24.42
N ALA D 23 -14.68 4.83 25.49
CA ALA D 23 -15.65 4.48 26.53
C ALA D 23 -15.80 5.61 27.56
N LEU D 24 -14.80 6.51 27.61
CA LEU D 24 -14.81 7.68 28.50
C LEU D 24 -14.59 8.97 27.67
N PRO D 25 -15.20 10.11 28.07
CA PRO D 25 -15.01 11.34 27.29
C PRO D 25 -13.60 11.86 27.34
N GLY D 26 -13.00 12.02 26.17
CA GLY D 26 -11.65 12.54 26.06
C GLY D 26 -10.55 11.55 26.38
N ALA D 27 -10.90 10.26 26.58
CA ALA D 27 -9.91 9.20 26.85
C ALA D 27 -8.89 9.09 25.74
N LEU D 28 -9.31 9.32 24.48
CA LEU D 28 -8.41 9.26 23.34
C LEU D 28 -7.63 10.59 23.31
N PRO D 29 -6.28 10.55 23.18
CA PRO D 29 -5.52 11.81 23.11
C PRO D 29 -5.86 12.52 21.81
N VAL D 30 -5.91 13.85 21.86
CA VAL D 30 -6.18 14.66 20.69
C VAL D 30 -4.85 15.19 20.10
N GLY D 31 -4.69 15.07 18.78
CA GLY D 31 -3.57 15.61 18.03
C GLY D 31 -2.25 14.88 18.18
N GLN D 32 -2.26 13.74 18.86
CA GLN D 32 -1.07 12.90 19.08
C GLN D 32 -1.44 11.48 19.52
N ASN D 33 -0.48 10.54 19.42
CA ASN D 33 -0.70 9.17 19.83
C ASN D 33 -0.03 8.84 21.16
N SER D 34 1.09 9.51 21.49
CA SER D 34 1.85 9.16 22.68
C SER D 34 2.06 10.32 23.64
N PRO D 35 1.00 10.84 24.29
CA PRO D 35 1.21 11.90 25.28
C PRO D 35 2.05 11.45 26.48
N GLN D 36 2.70 12.41 27.17
CA GLN D 36 3.50 12.07 28.34
C GLN D 36 2.57 11.62 29.44
N LYS D 37 1.48 12.37 29.61
CA LYS D 37 0.46 12.13 30.60
C LYS D 37 -0.83 11.84 29.86
N ALA D 38 -1.12 10.56 29.68
CA ALA D 38 -2.31 10.15 28.95
C ALA D 38 -3.58 10.52 29.73
N PRO D 39 -4.71 10.81 29.03
CA PRO D 39 -5.95 11.09 29.76
C PRO D 39 -6.33 9.91 30.66
N TYR D 40 -6.83 10.18 31.89
CA TYR D 40 -7.26 9.15 32.87
C TYR D 40 -6.10 8.26 33.36
N GLY D 41 -4.86 8.61 33.02
CA GLY D 41 -3.68 7.85 33.43
C GLY D 41 -3.54 6.52 32.73
N LEU D 42 -4.13 6.41 31.53
CA LEU D 42 -4.02 5.19 30.70
C LEU D 42 -2.63 5.04 30.06
N TYR D 43 -2.37 3.86 29.50
CA TYR D 43 -1.14 3.47 28.81
C TYR D 43 -1.43 3.31 27.32
N ALA D 44 -0.61 3.95 26.49
CA ALA D 44 -0.72 3.81 25.05
C ALA D 44 -0.03 2.52 24.63
N GLU D 45 -0.70 1.73 23.77
CA GLU D 45 -0.13 0.49 23.23
C GLU D 45 -0.39 0.37 21.73
N LEU D 46 0.65 0.11 20.96
CA LEU D 46 0.53 -0.07 19.53
C LEU D 46 0.35 -1.55 19.13
N LEU D 47 -0.74 -1.85 18.42
CA LEU D 47 -0.96 -3.21 17.91
C LEU D 47 -0.70 -3.17 16.40
N SER D 48 0.53 -3.59 15.99
CA SER D 48 0.96 -3.56 14.59
C SER D 48 0.60 -4.87 13.88
N GLY D 49 -0.51 -4.85 13.11
CA GLY D 49 -1.00 -6.02 12.37
C GLY D 49 -0.22 -6.37 11.11
N THR D 50 0.51 -5.40 10.59
CA THR D 50 1.34 -5.52 9.39
C THR D 50 2.73 -4.96 9.67
N ALA D 51 3.68 -5.19 8.75
CA ALA D 51 5.01 -4.55 8.82
C ALA D 51 4.78 -3.01 8.76
N PHE D 52 5.58 -2.20 9.47
CA PHE D 52 5.44 -0.72 9.46
C PHE D 52 5.40 -0.08 8.05
N THR D 53 6.25 -0.59 7.12
CA THR D 53 6.48 -0.08 5.73
C THR D 53 5.50 -0.53 4.63
N MET D 54 4.36 -1.13 5.01
CA MET D 54 3.37 -1.55 4.00
C MET D 54 2.79 -0.27 3.41
N ALA D 55 2.32 -0.34 2.13
CA ALA D 55 1.60 0.75 1.48
C ALA D 55 0.38 1.02 2.40
N ARG D 56 -0.04 2.30 2.51
CA ARG D 56 -1.14 2.71 3.38
CA ARG D 56 -1.13 2.69 3.40
C ARG D 56 -2.41 1.89 3.17
N SER D 57 -2.67 1.48 1.90
CA SER D 57 -3.84 0.67 1.52
C SER D 57 -3.84 -0.70 2.17
N GLU D 58 -2.63 -1.22 2.48
CA GLU D 58 -2.42 -2.54 3.09
C GLU D 58 -2.20 -2.51 4.61
N LEU D 59 -2.00 -1.32 5.18
CA LEU D 59 -1.72 -1.11 6.61
C LEU D 59 -2.87 -1.48 7.52
N ARG D 60 -2.56 -2.14 8.64
CA ARG D 60 -3.51 -2.48 9.69
C ARG D 60 -2.79 -2.24 11.02
N ARG D 61 -3.19 -1.19 11.73
CA ARG D 61 -2.63 -0.87 13.05
C ARG D 61 -3.64 -0.18 13.91
N THR D 62 -3.57 -0.47 15.19
CA THR D 62 -4.49 0.12 16.17
C THR D 62 -3.75 0.55 17.41
N TRP D 63 -3.99 1.79 17.84
CA TRP D 63 -3.50 2.36 19.09
C TRP D 63 -4.55 2.10 20.13
N LEU D 64 -4.10 1.61 21.30
CA LEU D 64 -4.92 1.26 22.46
C LEU D 64 -4.55 2.11 23.64
N TYR D 65 -5.58 2.50 24.43
CA TYR D 65 -5.43 3.33 25.63
C TYR D 65 -6.05 2.50 26.71
N ARG D 66 -5.16 1.74 27.42
CA ARG D 66 -5.54 0.71 28.37
C ARG D 66 -5.11 0.91 29.80
N ILE D 67 -5.80 0.20 30.72
CA ILE D 67 -5.51 0.29 32.16
C ILE D 67 -4.11 -0.26 32.48
N ARG D 68 -3.77 -1.44 31.90
CA ARG D 68 -2.49 -2.11 32.13
C ARG D 68 -1.87 -2.57 30.83
N PRO D 69 -0.57 -2.33 30.59
CA PRO D 69 0.02 -2.73 29.31
C PRO D 69 -0.05 -4.22 29.13
N SER D 70 -0.04 -4.69 27.89
CA SER D 70 -0.06 -6.12 27.62
C SER D 70 1.19 -6.85 28.08
N ALA D 71 2.31 -6.12 28.26
CA ALA D 71 3.61 -6.66 28.68
C ALA D 71 3.61 -7.20 30.12
N LEU D 72 2.62 -6.79 30.92
CA LEU D 72 2.42 -7.19 32.30
C LEU D 72 1.79 -8.57 32.30
N HIS D 73 2.62 -9.59 32.11
CA HIS D 73 2.20 -10.99 32.21
C HIS D 73 3.40 -11.82 32.64
N PRO D 74 3.20 -12.92 33.42
CA PRO D 74 4.37 -13.78 33.75
C PRO D 74 4.73 -14.69 32.58
N ARG D 75 5.66 -15.63 32.77
CA ARG D 75 6.05 -16.58 31.71
C ARG D 75 4.85 -17.45 31.29
N PHE D 76 4.74 -17.72 30.00
CA PHE D 76 3.68 -18.60 29.50
C PHE D 76 4.16 -20.03 29.70
N GLU D 77 3.23 -20.90 30.08
CA GLU D 77 3.50 -22.33 30.26
C GLU D 77 2.66 -23.15 29.27
N ARG D 78 3.25 -24.24 28.75
CA ARG D 78 2.61 -25.18 27.82
C ARG D 78 1.49 -25.98 28.49
N LEU D 79 0.26 -25.89 27.95
CA LEU D 79 -0.85 -26.66 28.54
C LEU D 79 -0.83 -28.16 28.13
N ALA D 80 -1.30 -29.04 29.05
CA ALA D 80 -1.43 -30.48 28.83
C ALA D 80 -2.50 -30.74 27.80
N ARG D 81 -3.60 -29.93 27.82
CA ARG D 81 -4.72 -30.04 26.88
C ARG D 81 -4.32 -29.32 25.63
N GLN D 82 -4.18 -30.06 24.51
CA GLN D 82 -3.71 -29.56 23.21
C GLN D 82 -4.64 -30.08 22.11
N PRO D 83 -5.74 -29.39 21.84
CA PRO D 83 -6.71 -29.90 20.85
C PRO D 83 -6.22 -29.87 19.41
N LEU D 84 -5.11 -29.15 19.09
CA LEU D 84 -4.62 -29.09 17.72
C LEU D 84 -3.31 -29.88 17.44
N GLY D 85 -2.84 -30.63 18.45
CA GLY D 85 -1.64 -31.46 18.41
C GLY D 85 -1.71 -32.75 17.59
N GLY D 86 -2.86 -33.00 16.98
CA GLY D 86 -3.10 -34.19 16.17
C GLY D 86 -2.35 -34.18 14.85
N PRO D 87 -1.69 -35.31 14.47
CA PRO D 87 -0.93 -35.32 13.22
C PRO D 87 -1.77 -35.23 11.95
N LEU D 88 -1.11 -34.89 10.85
CA LEU D 88 -1.74 -34.79 9.54
C LEU D 88 -1.97 -36.22 9.07
N GLY D 89 -3.12 -36.48 8.46
CA GLY D 89 -3.46 -37.80 7.94
C GLY D 89 -2.54 -38.22 6.83
N GLY D 90 -2.75 -39.43 6.34
CA GLY D 90 -1.99 -39.97 5.24
C GLY D 90 -2.30 -39.23 3.95
N ILE D 91 -1.41 -39.34 2.98
CA ILE D 91 -1.65 -38.74 1.67
C ILE D 91 -2.93 -39.34 1.08
N ASN D 92 -3.91 -38.49 0.69
CA ASN D 92 -5.16 -38.99 0.11
C ASN D 92 -5.70 -38.07 -1.02
N PRO D 93 -5.76 -38.54 -2.29
CA PRO D 93 -6.25 -37.65 -3.36
C PRO D 93 -7.76 -37.67 -3.52
N ASN D 94 -8.42 -38.63 -2.89
CA ASN D 94 -9.86 -38.82 -3.03
C ASN D 94 -10.73 -37.63 -2.66
N ARG D 95 -11.92 -37.61 -3.27
CA ARG D 95 -12.96 -36.62 -3.00
C ARG D 95 -13.56 -37.05 -1.67
N LEU D 96 -13.68 -36.12 -0.74
CA LEU D 96 -14.17 -36.44 0.59
C LEU D 96 -15.43 -35.66 0.99
N ARG D 97 -16.30 -36.29 1.79
CA ARG D 97 -17.52 -35.62 2.30
C ARG D 97 -17.86 -36.12 3.68
N TRP D 98 -17.98 -35.18 4.61
CA TRP D 98 -18.25 -35.41 6.00
C TRP D 98 -19.66 -35.00 6.34
N SER D 99 -20.33 -35.83 7.12
CA SER D 99 -21.65 -35.51 7.66
C SER D 99 -21.41 -34.49 8.81
N PRO D 100 -22.47 -33.78 9.28
CA PRO D 100 -22.30 -32.83 10.39
C PRO D 100 -21.66 -33.40 11.66
N GLN D 101 -20.83 -32.59 12.34
CA GLN D 101 -20.01 -32.97 13.49
C GLN D 101 -20.78 -32.88 14.81
N PRO D 102 -20.84 -33.97 15.60
CA PRO D 102 -21.59 -33.92 16.87
C PRO D 102 -20.90 -33.01 17.90
N ILE D 103 -21.69 -32.38 18.79
CA ILE D 103 -21.13 -31.60 19.90
C ILE D 103 -20.61 -32.68 20.88
N PRO D 104 -19.36 -32.58 21.41
CA PRO D 104 -18.89 -33.62 22.34
C PRO D 104 -19.52 -33.46 23.71
N ALA D 105 -19.55 -34.56 24.45
CA ALA D 105 -20.13 -34.61 25.79
C ALA D 105 -19.31 -33.88 26.86
N GLU D 106 -17.96 -33.90 26.76
CA GLU D 106 -17.10 -33.27 27.79
C GLU D 106 -17.15 -31.74 27.81
N PRO D 107 -16.85 -31.03 28.95
CA PRO D 107 -16.83 -29.55 28.91
C PRO D 107 -15.78 -29.12 27.90
N THR D 108 -16.25 -28.41 26.86
CA THR D 108 -15.45 -27.97 25.73
C THR D 108 -15.74 -26.48 25.37
N ASP D 109 -14.83 -25.54 25.69
CA ASP D 109 -15.04 -24.13 25.33
C ASP D 109 -14.70 -23.87 23.85
N PHE D 110 -14.83 -22.61 23.38
CA PHE D 110 -14.56 -22.29 21.99
C PHE D 110 -13.18 -22.66 21.48
N ILE D 111 -12.12 -22.39 22.23
CA ILE D 111 -10.74 -22.66 21.78
C ILE D 111 -10.34 -24.12 21.96
N GLU D 112 -11.09 -24.84 22.78
CA GLU D 112 -10.88 -26.26 23.08
C GLU D 112 -11.62 -27.17 22.08
N GLY D 113 -12.69 -26.66 21.50
CA GLY D 113 -13.52 -27.39 20.55
C GLY D 113 -13.17 -27.31 19.06
N TRP D 114 -11.93 -26.91 18.68
CA TRP D 114 -11.60 -26.84 17.26
C TRP D 114 -11.23 -28.23 16.74
N LEU D 115 -11.97 -28.70 15.74
CA LEU D 115 -11.68 -29.98 15.11
C LEU D 115 -10.89 -29.68 13.80
N PRO D 116 -9.60 -30.04 13.72
CA PRO D 116 -8.87 -29.82 12.45
C PRO D 116 -9.44 -30.68 11.33
N MET D 117 -9.88 -30.03 10.26
CA MET D 117 -10.45 -30.74 9.11
C MET D 117 -9.39 -30.94 8.04
N ALA D 118 -8.89 -29.86 7.46
CA ALA D 118 -7.85 -29.83 6.43
C ALA D 118 -7.02 -28.55 6.58
N ALA D 119 -5.69 -28.64 6.36
CA ALA D 119 -4.77 -27.49 6.45
C ALA D 119 -3.65 -27.59 5.40
N ASN D 120 -3.07 -26.45 5.02
CA ASN D 120 -1.98 -26.41 4.02
C ASN D 120 -0.67 -27.01 4.57
N ALA D 121 -0.45 -26.93 5.90
CA ALA D 121 0.78 -27.40 6.54
C ALA D 121 0.50 -27.92 7.93
N GLY D 122 1.50 -28.60 8.54
CA GLY D 122 1.40 -29.04 9.91
C GLY D 122 1.20 -27.83 10.82
N ALA D 123 0.56 -28.03 11.98
CA ALA D 123 0.26 -26.95 12.93
C ALA D 123 1.51 -26.24 13.45
N GLU D 124 2.64 -26.97 13.62
CA GLU D 124 3.89 -26.37 14.12
C GLU D 124 4.61 -25.41 13.17
N LYS D 125 4.21 -25.39 11.89
CA LYS D 125 4.80 -24.49 10.89
C LYS D 125 3.64 -23.90 10.08
N PRO D 126 2.91 -22.94 10.71
CA PRO D 126 1.76 -22.33 10.01
C PRO D 126 2.08 -21.70 8.67
N ALA D 127 1.31 -22.06 7.63
CA ALA D 127 1.43 -21.49 6.28
C ALA D 127 0.08 -21.57 5.61
N GLY D 128 -0.24 -20.54 4.82
CA GLY D 128 -1.49 -20.45 4.09
C GLY D 128 -2.74 -20.37 4.97
N VAL D 129 -3.54 -21.45 4.95
CA VAL D 129 -4.86 -21.56 5.60
C VAL D 129 -4.98 -22.90 6.33
N SER D 130 -5.62 -22.90 7.54
CA SER D 130 -5.94 -24.10 8.33
C SER D 130 -7.46 -24.07 8.56
N ILE D 131 -8.16 -25.18 8.25
CA ILE D 131 -9.62 -25.23 8.36
C ILE D 131 -10.02 -26.12 9.51
N TYR D 132 -10.98 -25.63 10.30
CA TYR D 132 -11.48 -26.34 11.47
C TYR D 132 -13.01 -26.23 11.48
N ILE D 133 -13.65 -27.20 12.12
CA ILE D 133 -15.07 -27.12 12.46
C ILE D 133 -15.03 -27.03 14.01
N TYR D 134 -15.59 -25.96 14.55
CA TYR D 134 -15.61 -25.82 16.01
C TYR D 134 -16.91 -26.39 16.59
N ARG D 135 -16.82 -27.05 17.77
CA ARG D 135 -17.97 -27.60 18.51
CA ARG D 135 -17.97 -27.58 18.52
C ARG D 135 -17.70 -27.18 19.96
N ALA D 136 -18.64 -26.45 20.59
CA ALA D 136 -18.47 -25.97 21.97
C ALA D 136 -19.73 -26.13 22.81
N ASN D 137 -19.59 -26.45 24.11
CA ASN D 137 -20.74 -26.62 25.00
C ASN D 137 -20.60 -25.82 26.30
N ARG D 138 -19.60 -24.92 26.36
CA ARG D 138 -19.28 -24.05 27.49
C ARG D 138 -18.79 -22.71 27.00
N SER D 139 -19.08 -21.65 27.76
CA SER D 139 -18.58 -20.31 27.51
C SER D 139 -17.17 -20.31 28.11
N MET D 140 -16.31 -19.41 27.61
CA MET D 140 -14.93 -19.24 28.03
C MET D 140 -14.84 -18.49 29.37
N GLU D 141 -13.96 -18.97 30.27
CA GLU D 141 -13.68 -18.35 31.58
C GLU D 141 -12.18 -18.03 31.58
N ARG D 142 -11.72 -17.47 30.48
CA ARG D 142 -10.34 -17.12 30.16
C ARG D 142 -10.41 -16.22 28.90
N VAL D 143 -9.29 -15.59 28.53
CA VAL D 143 -9.10 -14.69 27.38
C VAL D 143 -8.02 -15.35 26.50
N PHE D 144 -8.24 -15.32 25.19
CA PHE D 144 -7.38 -15.97 24.23
C PHE D 144 -6.93 -15.03 23.13
N PHE D 145 -5.75 -15.29 22.59
CA PHE D 145 -5.23 -14.66 21.40
C PHE D 145 -4.54 -15.68 20.50
N ASN D 146 -4.67 -15.51 19.19
CA ASN D 146 -4.04 -16.45 18.29
C ASN D 146 -2.87 -15.76 17.64
N ALA D 147 -1.64 -16.22 17.94
CA ALA D 147 -0.43 -15.63 17.36
C ALA D 147 -0.13 -16.13 15.94
N ASP D 148 -0.80 -17.23 15.50
CA ASP D 148 -0.56 -17.89 14.21
C ASP D 148 -1.36 -17.35 13.02
N GLY D 149 -2.34 -16.52 13.27
CA GLY D 149 -3.11 -15.91 12.19
C GLY D 149 -4.45 -15.30 12.54
N GLU D 150 -5.11 -14.81 11.48
CA GLU D 150 -6.39 -14.15 11.52
C GLU D 150 -7.46 -15.23 11.49
N LEU D 151 -8.56 -15.06 12.26
CA LEU D 151 -9.59 -16.11 12.29
C LEU D 151 -10.84 -15.63 11.60
N LEU D 152 -11.31 -16.37 10.59
CA LEU D 152 -12.61 -16.09 9.98
C LEU D 152 -13.63 -17.11 10.56
N LEU D 153 -14.60 -16.63 11.35
CA LEU D 153 -15.61 -17.53 11.95
C LEU D 153 -16.90 -17.58 11.12
N VAL D 154 -17.40 -18.79 10.89
CA VAL D 154 -18.63 -18.98 10.12
C VAL D 154 -19.61 -19.78 11.01
N PRO D 155 -20.44 -19.11 11.83
CA PRO D 155 -21.41 -19.85 12.67
C PRO D 155 -22.43 -20.66 11.87
N GLU D 156 -22.73 -21.89 12.36
CA GLU D 156 -23.74 -22.73 11.72
C GLU D 156 -24.91 -23.02 12.68
N GLN D 157 -24.60 -23.14 13.98
CA GLN D 157 -25.58 -23.36 15.05
C GLN D 157 -25.16 -22.55 16.26
N GLY D 158 -26.11 -21.85 16.85
CA GLY D 158 -25.84 -21.05 18.04
C GLY D 158 -25.21 -19.70 17.78
N ARG D 159 -25.60 -18.74 18.60
CA ARG D 159 -25.10 -17.36 18.53
C ARG D 159 -23.87 -17.26 19.40
N LEU D 160 -22.99 -16.34 19.05
CA LEU D 160 -21.76 -16.12 19.83
C LEU D 160 -21.71 -14.69 20.27
N ARG D 161 -21.27 -14.47 21.49
CA ARG D 161 -21.04 -13.10 21.97
C ARG D 161 -19.53 -13.07 22.14
N ILE D 162 -18.87 -12.35 21.22
CA ILE D 162 -17.41 -12.22 21.18
C ILE D 162 -16.97 -10.91 21.76
N ALA D 163 -16.41 -10.94 22.99
CA ALA D 163 -15.84 -9.81 23.69
C ALA D 163 -14.37 -9.69 23.33
N THR D 164 -13.99 -8.69 22.53
CA THR D 164 -12.62 -8.49 22.07
C THR D 164 -12.03 -7.31 22.85
N GLU D 165 -10.72 -7.03 22.64
CA GLU D 165 -10.07 -5.87 23.22
C GLU D 165 -10.71 -4.54 22.72
N LEU D 166 -11.29 -4.54 21.50
CA LEU D 166 -11.87 -3.28 20.97
C LEU D 166 -13.36 -3.09 21.20
N GLY D 167 -13.99 -4.08 21.83
CA GLY D 167 -15.42 -4.08 22.16
C GLY D 167 -16.08 -5.41 21.92
N VAL D 168 -17.41 -5.45 22.17
CA VAL D 168 -18.22 -6.66 22.06
C VAL D 168 -19.05 -6.69 20.77
N MET D 169 -19.07 -7.85 20.12
CA MET D 169 -19.89 -8.03 18.93
C MET D 169 -20.60 -9.39 19.02
N GLU D 170 -21.86 -9.44 18.59
CA GLU D 170 -22.63 -10.68 18.60
C GLU D 170 -22.76 -11.18 17.17
N VAL D 171 -22.63 -12.49 17.01
CA VAL D 171 -22.64 -13.16 15.71
C VAL D 171 -23.60 -14.35 15.75
N GLU D 172 -24.43 -14.50 14.72
CA GLU D 172 -25.40 -15.57 14.57
C GLU D 172 -25.23 -16.22 13.21
N PRO D 173 -25.75 -17.47 12.96
CA PRO D 173 -25.59 -18.08 11.62
C PRO D 173 -26.20 -17.16 10.58
N LEU D 174 -25.51 -17.03 9.46
CA LEU D 174 -25.75 -16.11 8.33
C LEU D 174 -24.94 -14.82 8.51
N GLU D 175 -24.21 -14.69 9.65
CA GLU D 175 -23.26 -13.59 9.75
C GLU D 175 -21.88 -14.21 9.84
N ILE D 176 -20.84 -13.45 9.53
CA ILE D 176 -19.46 -13.95 9.68
C ILE D 176 -18.71 -12.98 10.57
N ALA D 177 -17.65 -13.44 11.25
CA ALA D 177 -16.84 -12.53 12.07
C ALA D 177 -15.37 -12.80 11.84
N VAL D 178 -14.57 -11.72 11.83
CA VAL D 178 -13.14 -11.85 11.68
C VAL D 178 -12.47 -11.22 12.89
N ILE D 179 -11.51 -11.90 13.48
CA ILE D 179 -10.71 -11.44 14.62
C ILE D 179 -9.25 -11.40 14.14
N PRO D 180 -8.58 -10.24 14.15
CA PRO D 180 -7.19 -10.19 13.67
C PRO D 180 -6.23 -11.01 14.56
N ARG D 181 -5.13 -11.43 13.97
CA ARG D 181 -4.05 -12.16 14.63
C ARG D 181 -3.57 -11.35 15.83
N GLY D 182 -3.32 -12.02 16.96
CA GLY D 182 -2.80 -11.36 18.16
C GLY D 182 -3.79 -10.65 19.06
N MET D 183 -5.00 -10.36 18.56
CA MET D 183 -6.05 -9.68 19.34
C MET D 183 -6.67 -10.60 20.41
N LYS D 184 -6.74 -10.10 21.64
CA LYS D 184 -7.32 -10.85 22.77
C LYS D 184 -8.85 -10.84 22.74
N PHE D 185 -9.49 -12.02 22.92
CA PHE D 185 -10.94 -12.16 22.90
C PHE D 185 -11.48 -13.29 23.77
N ARG D 186 -12.77 -13.24 24.15
CA ARG D 186 -13.40 -14.25 24.99
C ARG D 186 -14.80 -14.58 24.39
N VAL D 187 -15.05 -15.84 24.05
CA VAL D 187 -16.33 -16.29 23.44
C VAL D 187 -17.30 -16.84 24.47
N GLU D 188 -18.52 -16.25 24.51
CA GLU D 188 -19.64 -16.67 25.36
C GLU D 188 -20.72 -17.22 24.41
N LEU D 189 -21.23 -18.41 24.74
CA LEU D 189 -22.28 -19.03 23.94
C LEU D 189 -23.61 -18.68 24.54
N LEU D 190 -24.33 -17.80 23.80
CA LEU D 190 -25.63 -17.25 24.16
C LEU D 190 -26.74 -18.30 24.19
N ASP D 191 -26.62 -19.38 23.36
CA ASP D 191 -27.58 -20.49 23.27
C ASP D 191 -27.02 -21.78 23.95
N GLY D 192 -26.00 -21.63 24.79
CA GLY D 192 -25.44 -22.74 25.57
C GLY D 192 -24.51 -23.68 24.84
N GLN D 193 -24.67 -23.82 23.53
CA GLN D 193 -23.81 -24.64 22.67
C GLN D 193 -23.61 -24.00 21.34
N ALA D 194 -22.49 -24.30 20.67
CA ALA D 194 -22.31 -23.72 19.35
C ALA D 194 -21.52 -24.62 18.43
N ARG D 195 -21.72 -24.43 17.13
CA ARG D 195 -21.01 -25.13 16.06
C ARG D 195 -20.94 -24.18 14.83
N GLY D 196 -19.88 -24.34 14.07
CA GLY D 196 -19.62 -23.56 12.88
C GLY D 196 -18.25 -23.91 12.34
N TYR D 197 -17.81 -23.11 11.37
CA TYR D 197 -16.56 -23.26 10.66
C TYR D 197 -15.56 -22.16 10.91
N ILE D 198 -14.27 -22.49 10.71
CA ILE D 198 -13.17 -21.55 10.89
C ILE D 198 -12.18 -21.71 9.74
N ALA D 199 -11.76 -20.59 9.20
CA ALA D 199 -10.69 -20.57 8.19
C ALA D 199 -9.64 -19.74 8.91
N GLU D 200 -8.58 -20.37 9.37
CA GLU D 200 -7.49 -19.64 10.05
C GLU D 200 -6.53 -19.19 8.97
N ASN D 201 -6.44 -17.86 8.70
CA ASN D 201 -5.60 -17.31 7.63
C ASN D 201 -4.22 -16.93 8.19
N HIS D 202 -3.19 -17.68 7.78
CA HIS D 202 -1.80 -17.48 8.20
C HIS D 202 -1.04 -16.48 7.33
N GLY D 203 -1.63 -16.04 6.22
CA GLY D 203 -1.01 -15.11 5.30
C GLY D 203 -1.54 -13.68 5.33
N ALA D 204 -1.59 -13.07 4.14
CA ALA D 204 -2.04 -11.69 3.97
C ALA D 204 -3.48 -11.51 4.48
N PRO D 205 -3.78 -10.46 5.32
CA PRO D 205 -5.13 -10.30 5.89
C PRO D 205 -6.25 -10.28 4.86
N LEU D 206 -7.43 -10.86 5.22
CA LEU D 206 -8.56 -10.88 4.30
C LEU D 206 -8.96 -9.46 4.00
N ARG D 207 -9.34 -9.21 2.75
CA ARG D 207 -9.80 -7.89 2.27
C ARG D 207 -10.86 -8.08 1.21
N LEU D 208 -11.42 -6.98 0.76
CA LEU D 208 -12.46 -7.04 -0.24
C LEU D 208 -11.85 -7.32 -1.61
N PRO D 209 -12.56 -8.02 -2.52
CA PRO D 209 -11.97 -8.30 -3.84
C PRO D 209 -11.88 -7.07 -4.74
N ASP D 210 -10.88 -7.05 -5.62
CA ASP D 210 -10.77 -6.04 -6.68
C ASP D 210 -12.03 -6.33 -7.50
N LEU D 211 -12.90 -5.32 -7.70
CA LEU D 211 -14.18 -5.55 -8.39
C LEU D 211 -14.11 -5.69 -9.92
N GLY D 212 -13.05 -5.19 -10.55
CA GLY D 212 -12.94 -5.27 -12.01
C GLY D 212 -14.12 -4.58 -12.67
N PRO D 213 -14.79 -5.24 -13.65
CA PRO D 213 -15.95 -4.63 -14.33
C PRO D 213 -17.17 -4.36 -13.45
N ILE D 214 -17.32 -5.08 -12.32
CA ILE D 214 -18.45 -4.78 -11.43
CA ILE D 214 -18.42 -4.80 -11.38
C ILE D 214 -18.33 -3.31 -10.98
N GLY D 215 -17.10 -2.77 -10.95
CA GLY D 215 -16.87 -1.37 -10.66
C GLY D 215 -16.63 -0.90 -9.24
N SER D 216 -17.47 0.03 -8.81
CA SER D 216 -17.38 0.75 -7.54
C SER D 216 -18.36 0.39 -6.48
N ASN D 217 -19.31 -0.52 -6.79
CA ASN D 217 -20.40 -0.95 -5.93
C ASN D 217 -20.68 -2.40 -6.32
N GLY D 218 -21.24 -3.16 -5.39
CA GLY D 218 -21.61 -4.56 -5.62
C GLY D 218 -20.92 -5.53 -4.69
N LEU D 219 -21.34 -6.80 -4.77
CA LEU D 219 -20.82 -7.88 -3.91
C LEU D 219 -20.95 -7.46 -2.44
N ALA D 220 -19.90 -7.55 -1.60
CA ALA D 220 -20.07 -7.15 -0.19
C ALA D 220 -19.79 -5.64 -0.07
N ASN D 221 -20.83 -4.86 0.14
CA ASN D 221 -20.66 -3.41 0.22
C ASN D 221 -19.93 -3.03 1.54
N PRO D 222 -18.87 -2.18 1.47
CA PRO D 222 -18.08 -1.82 2.69
C PRO D 222 -18.86 -1.27 3.88
N ARG D 223 -19.91 -0.46 3.63
CA ARG D 223 -20.76 0.16 4.65
C ARG D 223 -21.40 -0.91 5.60
N ASP D 224 -21.41 -2.18 5.18
CA ASP D 224 -21.97 -3.30 5.92
C ASP D 224 -21.03 -4.00 6.92
N PHE D 225 -19.72 -3.71 6.87
CA PHE D 225 -18.76 -4.31 7.78
C PHE D 225 -18.73 -3.51 9.07
N LEU D 226 -19.27 -4.13 10.11
CA LEU D 226 -19.47 -3.55 11.44
C LEU D 226 -18.42 -3.91 12.47
N THR D 227 -17.87 -2.87 13.14
CA THR D 227 -16.85 -2.97 14.18
C THR D 227 -17.43 -2.51 15.57
N PRO D 228 -17.19 -3.28 16.67
CA PRO D 228 -17.74 -2.89 17.99
C PRO D 228 -17.11 -1.61 18.54
N VAL D 229 -17.85 -0.93 19.43
CA VAL D 229 -17.35 0.27 20.08
C VAL D 229 -16.50 -0.11 21.28
N ALA D 230 -15.67 0.83 21.78
CA ALA D 230 -14.81 0.61 22.94
C ALA D 230 -15.60 0.14 24.16
N HIS D 231 -15.09 -0.92 24.82
CA HIS D 231 -15.67 -1.51 26.03
C HIS D 231 -14.58 -2.12 26.89
N TYR D 232 -14.48 -1.66 28.14
CA TYR D 232 -13.46 -2.19 29.07
C TYR D 232 -14.09 -2.83 30.30
N GLU D 233 -13.29 -3.69 31.00
CA GLU D 233 -13.61 -4.47 32.19
C GLU D 233 -12.55 -4.21 33.25
N GLU D 234 -12.95 -4.26 34.53
CA GLU D 234 -12.05 -4.01 35.67
C GLU D 234 -12.20 -5.07 36.80
N ALA D 235 -12.30 -6.38 36.44
CA ALA D 235 -12.48 -7.46 37.42
C ALA D 235 -11.14 -7.97 37.98
N GLU D 236 -11.00 -7.88 39.32
CA GLU D 236 -9.80 -8.29 40.06
C GLU D 236 -9.82 -9.79 40.39
N GLY D 237 -8.63 -10.40 40.40
CA GLY D 237 -8.47 -11.83 40.69
C GLY D 237 -7.83 -12.60 39.54
N PRO D 238 -7.80 -13.95 39.58
CA PRO D 238 -7.12 -14.68 38.51
C PRO D 238 -7.88 -14.79 37.19
N VAL D 239 -7.21 -14.38 36.10
CA VAL D 239 -7.73 -14.45 34.73
C VAL D 239 -6.71 -15.28 33.96
N GLN D 240 -7.18 -16.35 33.29
CA GLN D 240 -6.24 -17.12 32.51
C GLN D 240 -6.11 -16.48 31.13
N LEU D 241 -4.87 -16.23 30.72
CA LEU D 241 -4.54 -15.76 29.39
C LEU D 241 -3.87 -16.90 28.61
N VAL D 242 -4.50 -17.30 27.52
CA VAL D 242 -4.07 -18.40 26.65
C VAL D 242 -3.64 -17.80 25.31
N GLN D 243 -2.60 -18.34 24.73
CA GLN D 243 -2.21 -17.94 23.37
C GLN D 243 -1.96 -19.19 22.54
N LYS D 244 -2.30 -19.14 21.23
CA LYS D 244 -2.03 -20.22 20.29
C LYS D 244 -0.75 -19.84 19.56
N PHE D 245 0.35 -20.63 19.75
CA PHE D 245 1.65 -20.35 19.13
C PHE D 245 2.19 -21.64 18.53
N LEU D 246 2.46 -21.62 17.22
CA LEU D 246 2.91 -22.76 16.43
C LEU D 246 2.05 -24.03 16.67
N GLY D 247 0.74 -23.84 16.59
CA GLY D 247 -0.28 -24.86 16.80
C GLY D 247 -0.57 -25.24 18.23
N GLU D 248 0.23 -24.75 19.19
CA GLU D 248 0.10 -25.13 20.61
C GLU D 248 -0.56 -24.10 21.50
N HIS D 249 -1.23 -24.57 22.59
CA HIS D 249 -1.84 -23.70 23.58
C HIS D 249 -0.91 -23.49 24.78
N TRP D 250 -0.52 -22.22 25.00
CA TRP D 250 0.30 -21.81 26.13
C TRP D 250 -0.49 -20.84 26.96
N ALA D 251 -0.30 -20.89 28.29
CA ALA D 251 -1.07 -20.02 29.18
C ALA D 251 -0.32 -19.46 30.36
N CYS D 252 -0.76 -18.28 30.81
CA CYS D 252 -0.25 -17.65 32.02
C CYS D 252 -1.48 -17.14 32.78
N GLU D 253 -1.27 -16.66 34.01
CA GLU D 253 -2.30 -16.14 34.87
C GLU D 253 -2.02 -14.67 35.12
N LEU D 254 -3.02 -13.82 34.85
CA LEU D 254 -2.95 -12.38 35.10
C LEU D 254 -3.79 -12.12 36.33
N GLN D 255 -3.49 -11.03 37.04
CA GLN D 255 -4.27 -10.65 38.22
C GLN D 255 -5.35 -9.64 37.88
N HIS D 256 -5.41 -9.25 36.59
CA HIS D 256 -6.36 -8.26 36.08
C HIS D 256 -7.04 -8.77 34.81
N SER D 257 -8.08 -8.08 34.36
CA SER D 257 -8.75 -8.43 33.13
C SER D 257 -7.96 -7.85 31.94
N PRO D 258 -7.57 -8.66 30.93
CA PRO D 258 -6.86 -8.08 29.77
C PRO D 258 -7.72 -7.31 28.78
N LEU D 259 -9.06 -7.31 28.98
CA LEU D 259 -9.94 -6.59 28.08
C LEU D 259 -10.20 -5.22 28.78
N ASP D 260 -9.10 -4.47 28.96
CA ASP D 260 -9.08 -3.23 29.74
C ASP D 260 -8.78 -2.00 28.87
N VAL D 261 -9.10 -2.10 27.58
CA VAL D 261 -8.92 -1.02 26.61
C VAL D 261 -10.05 0.03 26.77
N VAL D 262 -9.70 1.22 27.21
CA VAL D 262 -10.73 2.25 27.45
C VAL D 262 -11.07 3.02 26.17
N ALA D 263 -10.06 3.22 25.30
CA ALA D 263 -10.23 3.97 24.07
C ALA D 263 -9.27 3.45 23.07
N TRP D 264 -9.62 3.58 21.78
CA TRP D 264 -8.75 3.11 20.70
C TRP D 264 -9.03 3.80 19.38
N HIS D 265 -8.05 3.81 18.48
CA HIS D 265 -8.24 4.37 17.16
C HIS D 265 -7.34 3.62 16.20
N GLY D 266 -7.79 3.44 14.97
CA GLY D 266 -7.02 2.73 13.96
C GLY D 266 -7.82 1.79 13.08
N SER D 267 -7.09 0.93 12.35
CA SER D 267 -7.61 0.03 11.31
C SER D 267 -7.51 -1.50 11.56
N ASN D 268 -6.76 -1.94 12.61
CA ASN D 268 -6.60 -3.36 12.93
C ASN D 268 -7.68 -3.70 13.94
N VAL D 269 -8.86 -4.07 13.40
CA VAL D 269 -10.07 -4.22 14.16
C VAL D 269 -10.84 -5.53 13.93
N PRO D 270 -11.58 -6.01 14.95
CA PRO D 270 -12.48 -7.15 14.71
C PRO D 270 -13.66 -6.58 13.94
N TYR D 271 -14.32 -7.42 13.16
CA TYR D 271 -15.48 -7.02 12.40
C TYR D 271 -16.40 -8.17 12.13
N LYS D 272 -17.66 -7.86 11.77
CA LYS D 272 -18.69 -8.81 11.45
C LYS D 272 -19.41 -8.31 10.20
N TYR D 273 -20.00 -9.23 9.46
CA TYR D 273 -20.74 -8.86 8.26
C TYR D 273 -21.94 -9.76 8.11
N ASP D 274 -23.09 -9.22 7.66
CA ASP D 274 -24.27 -10.06 7.48
C ASP D 274 -24.33 -10.52 6.01
N LEU D 275 -24.21 -11.85 5.78
CA LEU D 275 -24.24 -12.42 4.42
C LEU D 275 -25.51 -12.14 3.71
N ARG D 276 -26.58 -11.83 4.48
CA ARG D 276 -27.88 -11.50 3.90
CA ARG D 276 -27.88 -11.51 3.90
C ARG D 276 -27.86 -10.16 3.13
N ARG D 277 -26.82 -9.28 3.38
CA ARG D 277 -26.65 -7.97 2.73
C ARG D 277 -25.78 -8.06 1.46
N PHE D 278 -25.37 -9.29 1.08
CA PHE D 278 -24.53 -9.50 -0.10
C PHE D 278 -25.27 -9.08 -1.39
N ASN D 279 -24.66 -8.16 -2.17
CA ASN D 279 -25.23 -7.68 -3.43
C ASN D 279 -24.75 -8.62 -4.55
N THR D 280 -25.40 -9.79 -4.62
CA THR D 280 -25.10 -10.91 -5.48
C THR D 280 -25.25 -10.54 -6.94
N ILE D 281 -24.14 -10.71 -7.70
CA ILE D 281 -24.00 -10.49 -9.14
C ILE D 281 -23.94 -11.87 -9.79
N GLY D 282 -24.53 -11.97 -10.97
CA GLY D 282 -24.57 -13.22 -11.73
C GLY D 282 -24.97 -13.03 -13.17
N THR D 283 -25.48 -14.10 -13.80
CA THR D 283 -25.90 -14.03 -15.19
C THR D 283 -27.29 -13.49 -15.38
N VAL D 284 -27.40 -12.56 -16.32
CA VAL D 284 -28.71 -11.99 -16.66
C VAL D 284 -29.02 -12.36 -18.12
N SER D 285 -28.31 -13.36 -18.62
CA SER D 285 -28.43 -13.78 -20.01
C SER D 285 -28.41 -15.32 -20.19
N PHE D 286 -27.20 -15.91 -20.15
CA PHE D 286 -27.01 -17.34 -20.33
C PHE D 286 -25.75 -17.81 -19.57
N ASP D 287 -25.39 -19.10 -19.65
CA ASP D 287 -24.22 -19.65 -19.00
C ASP D 287 -24.20 -19.62 -17.47
N HIS D 288 -23.10 -20.03 -16.86
CA HIS D 288 -23.03 -20.18 -15.41
C HIS D 288 -21.73 -19.54 -15.04
N PRO D 289 -21.77 -18.32 -14.46
CA PRO D 289 -20.52 -17.62 -14.17
C PRO D 289 -19.63 -18.32 -13.18
N ASP D 290 -18.30 -18.15 -13.32
CA ASP D 290 -17.31 -18.75 -12.40
C ASP D 290 -17.68 -18.35 -10.98
N PRO D 291 -17.52 -19.24 -9.99
CA PRO D 291 -17.97 -18.90 -8.62
C PRO D 291 -17.15 -17.86 -7.87
N SER D 292 -16.02 -17.42 -8.47
CA SER D 292 -15.23 -16.33 -7.92
C SER D 292 -16.14 -15.05 -7.88
N ILE D 293 -17.22 -15.04 -8.70
CA ILE D 293 -18.16 -13.92 -8.72
C ILE D 293 -18.87 -13.70 -7.35
N PHE D 294 -18.94 -14.74 -6.51
CA PHE D 294 -19.61 -14.67 -5.20
C PHE D 294 -18.60 -14.38 -4.05
N THR D 295 -17.38 -13.88 -4.38
CA THR D 295 -16.32 -13.59 -3.40
C THR D 295 -16.76 -12.52 -2.39
N VAL D 296 -16.75 -12.87 -1.11
CA VAL D 296 -17.06 -11.95 -0.01
C VAL D 296 -15.71 -11.33 0.42
N LEU D 297 -14.74 -12.20 0.76
CA LEU D 297 -13.40 -11.80 1.18
C LEU D 297 -12.31 -12.69 0.55
N THR D 298 -11.10 -12.13 0.43
CA THR D 298 -9.95 -12.80 -0.18
C THR D 298 -8.65 -12.43 0.50
N SER D 299 -7.77 -13.42 0.60
CA SER D 299 -6.41 -13.26 1.10
C SER D 299 -5.49 -13.47 -0.09
N PRO D 300 -4.75 -12.43 -0.50
CA PRO D 300 -3.87 -12.56 -1.67
C PRO D 300 -2.54 -13.23 -1.37
N THR D 301 -1.80 -13.56 -2.42
CA THR D 301 -0.42 -14.01 -2.25
C THR D 301 0.38 -12.98 -3.06
N SER D 302 1.69 -13.24 -3.19
CA SER D 302 2.62 -12.41 -3.96
C SER D 302 2.27 -12.48 -5.43
N VAL D 303 1.69 -13.62 -5.88
CA VAL D 303 1.30 -13.88 -7.27
C VAL D 303 -0.05 -13.15 -7.51
N HIS D 304 -0.05 -12.01 -8.26
CA HIS D 304 -1.27 -11.27 -8.55
C HIS D 304 -2.28 -12.20 -9.21
N GLY D 305 -3.51 -12.19 -8.70
CA GLY D 305 -4.60 -13.02 -9.23
C GLY D 305 -4.72 -14.38 -8.59
N MET D 306 -3.63 -14.86 -7.94
CA MET D 306 -3.71 -16.16 -7.24
C MET D 306 -3.82 -15.99 -5.71
N ALA D 307 -5.02 -16.14 -5.20
CA ALA D 307 -5.24 -15.96 -3.77
C ALA D 307 -4.75 -17.09 -2.89
N ASN D 308 -4.34 -16.73 -1.66
CA ASN D 308 -4.03 -17.67 -0.58
C ASN D 308 -5.39 -18.39 -0.33
N MET D 309 -6.46 -17.60 -0.16
CA MET D 309 -7.80 -18.13 -0.02
C MET D 309 -8.86 -17.16 -0.46
N ASP D 310 -9.94 -17.70 -1.00
CA ASP D 310 -11.12 -16.93 -1.33
C ASP D 310 -12.25 -17.49 -0.51
N PHE D 311 -13.01 -16.58 0.09
CA PHE D 311 -14.22 -16.91 0.82
C PHE D 311 -15.37 -16.47 -0.08
N VAL D 312 -16.04 -17.48 -0.66
CA VAL D 312 -17.10 -17.35 -1.65
C VAL D 312 -18.41 -17.88 -1.00
N ILE D 313 -19.57 -17.26 -1.30
CA ILE D 313 -20.87 -17.73 -0.76
C ILE D 313 -21.81 -18.14 -1.91
N PHE D 314 -22.82 -18.97 -1.64
CA PHE D 314 -23.79 -19.43 -2.64
C PHE D 314 -25.14 -19.12 -2.02
N PRO D 315 -25.59 -17.86 -2.24
CA PRO D 315 -26.73 -17.33 -1.50
C PRO D 315 -28.09 -17.33 -2.22
N PRO D 316 -29.22 -17.00 -1.55
CA PRO D 316 -30.48 -16.87 -2.31
C PRO D 316 -30.24 -16.02 -3.56
N ARG D 317 -30.70 -16.48 -4.73
CA ARG D 317 -30.39 -15.76 -5.97
C ARG D 317 -31.30 -16.11 -7.11
N TRP D 318 -31.50 -15.14 -8.04
CA TRP D 318 -32.32 -15.36 -9.22
C TRP D 318 -31.52 -16.12 -10.29
N MET D 319 -32.10 -17.22 -10.80
CA MET D 319 -31.54 -18.03 -11.89
C MET D 319 -32.36 -17.71 -13.10
N VAL D 320 -31.74 -17.07 -14.11
CA VAL D 320 -32.43 -16.68 -15.35
C VAL D 320 -31.80 -17.27 -16.64
N ALA D 321 -30.53 -17.75 -16.58
CA ALA D 321 -29.82 -18.28 -17.77
C ALA D 321 -30.72 -19.12 -18.70
N GLU D 322 -30.92 -18.64 -19.94
CA GLU D 322 -31.77 -19.28 -20.96
C GLU D 322 -30.93 -20.25 -21.74
N ASN D 323 -31.53 -21.39 -22.10
CA ASN D 323 -30.90 -22.42 -22.90
C ASN D 323 -29.52 -22.84 -22.33
N THR D 324 -29.46 -23.00 -20.99
CA THR D 324 -28.23 -23.38 -20.29
C THR D 324 -28.37 -24.46 -19.21
N PHE D 325 -27.26 -25.16 -18.98
CA PHE D 325 -27.17 -26.12 -17.88
C PHE D 325 -26.90 -25.25 -16.63
N ARG D 326 -27.97 -25.00 -15.85
CA ARG D 326 -27.91 -24.10 -14.69
C ARG D 326 -27.07 -24.48 -13.48
N PRO D 327 -27.01 -25.76 -13.03
CA PRO D 327 -26.18 -26.05 -11.84
C PRO D 327 -24.69 -25.88 -12.18
N PRO D 328 -23.74 -25.88 -11.20
CA PRO D 328 -22.31 -25.76 -11.57
C PRO D 328 -21.90 -26.78 -12.63
N TRP D 329 -21.03 -26.40 -13.59
CA TRP D 329 -20.47 -27.31 -14.60
C TRP D 329 -19.57 -28.35 -13.94
N PHE D 330 -19.27 -29.46 -14.68
CA PHE D 330 -18.26 -30.43 -14.29
C PHE D 330 -16.93 -29.69 -14.29
N HIS D 331 -16.06 -29.99 -13.33
CA HIS D 331 -14.89 -29.16 -13.05
C HIS D 331 -13.67 -29.89 -12.52
N ARG D 332 -12.51 -29.43 -12.98
CA ARG D 332 -11.19 -29.89 -12.56
C ARG D 332 -10.44 -28.57 -12.40
N ASN D 333 -9.88 -28.34 -11.19
CA ASN D 333 -9.28 -27.09 -10.80
C ASN D 333 -7.89 -27.21 -10.22
N LEU D 334 -7.06 -26.21 -10.51
CA LEU D 334 -5.72 -26.14 -9.91
C LEU D 334 -5.90 -25.88 -8.40
N MET D 335 -6.94 -25.11 -8.06
CA MET D 335 -7.29 -24.74 -6.69
C MET D 335 -7.88 -25.92 -5.92
N ASN D 336 -8.04 -25.77 -4.59
CA ASN D 336 -8.52 -26.80 -3.68
C ASN D 336 -9.83 -26.32 -3.07
N GLU D 337 -10.91 -27.07 -3.26
CA GLU D 337 -12.24 -26.57 -2.91
C GLU D 337 -12.84 -27.17 -1.67
N PHE D 338 -12.89 -26.40 -0.58
CA PHE D 338 -13.50 -26.85 0.65
C PHE D 338 -14.90 -26.17 0.79
N MET D 339 -15.97 -26.96 0.85
CA MET D 339 -17.35 -26.45 0.95
C MET D 339 -18.01 -26.73 2.27
N GLY D 340 -18.77 -25.74 2.75
CA GLY D 340 -19.56 -25.83 3.96
C GLY D 340 -21.01 -25.47 3.67
N LEU D 341 -21.91 -25.65 4.66
CA LEU D 341 -23.36 -25.36 4.52
C LEU D 341 -23.91 -24.82 5.81
N ILE D 342 -24.53 -23.64 5.74
CA ILE D 342 -25.07 -22.93 6.90
C ILE D 342 -26.54 -23.25 7.09
N ASN D 343 -27.34 -23.19 5.99
CA ASN D 343 -28.78 -23.40 6.01
C ASN D 343 -29.22 -24.09 4.72
N GLY D 344 -30.30 -24.85 4.79
CA GLY D 344 -30.93 -25.51 3.65
C GLY D 344 -30.10 -26.51 2.89
N ALA D 345 -30.16 -26.45 1.52
CA ALA D 345 -29.46 -27.38 0.64
C ALA D 345 -28.69 -26.64 -0.46
N TYR D 346 -27.60 -27.25 -0.97
CA TYR D 346 -26.76 -26.71 -2.04
C TYR D 346 -27.15 -27.26 -3.46
N ASP D 347 -27.23 -26.36 -4.46
CA ASP D 347 -27.63 -26.57 -5.85
C ASP D 347 -27.08 -27.80 -6.61
N ALA D 348 -25.78 -28.08 -6.46
CA ALA D 348 -25.10 -29.18 -7.16
C ALA D 348 -25.24 -30.59 -6.53
N LYS D 349 -25.68 -30.69 -5.25
CA LYS D 349 -25.79 -31.95 -4.54
C LYS D 349 -27.22 -32.26 -4.10
N ALA D 350 -27.81 -33.34 -4.63
CA ALA D 350 -29.18 -33.80 -4.38
C ALA D 350 -29.41 -34.25 -2.93
N GLU D 351 -28.48 -35.06 -2.39
CA GLU D 351 -28.57 -35.54 -1.01
C GLU D 351 -27.16 -35.83 -0.44
N GLY D 352 -27.05 -35.94 0.88
CA GLY D 352 -25.79 -36.23 1.55
C GLY D 352 -25.02 -35.03 2.05
N PHE D 353 -25.39 -33.82 1.59
CA PHE D 353 -24.72 -32.58 2.02
C PHE D 353 -25.70 -31.73 2.83
N LEU D 354 -25.51 -31.79 4.17
CA LEU D 354 -26.33 -31.19 5.24
C LEU D 354 -25.67 -30.00 5.95
N PRO D 355 -26.45 -29.10 6.64
CA PRO D 355 -25.82 -28.01 7.41
C PRO D 355 -24.87 -28.60 8.46
N GLY D 356 -23.64 -28.07 8.47
CA GLY D 356 -22.59 -28.57 9.34
C GLY D 356 -21.64 -29.51 8.62
N GLY D 357 -22.11 -30.07 7.49
CA GLY D 357 -21.31 -30.98 6.68
C GLY D 357 -20.21 -30.27 5.91
N ALA D 358 -19.35 -31.05 5.26
CA ALA D 358 -18.23 -30.49 4.49
C ALA D 358 -17.81 -31.39 3.36
N SER D 359 -17.27 -30.78 2.29
CA SER D 359 -16.70 -31.50 1.17
C SER D 359 -15.37 -30.90 0.84
N LEU D 360 -14.48 -31.73 0.29
CA LEU D 360 -13.13 -31.30 -0.11
C LEU D 360 -12.82 -31.94 -1.46
N HIS D 361 -12.64 -31.12 -2.48
CA HIS D 361 -12.20 -31.60 -3.81
C HIS D 361 -10.89 -30.91 -4.08
N GLY D 362 -9.82 -31.68 -3.88
CA GLY D 362 -8.44 -31.21 -4.03
C GLY D 362 -7.97 -31.02 -5.45
N VAL D 363 -6.77 -30.44 -5.59
CA VAL D 363 -6.12 -30.18 -6.88
C VAL D 363 -6.39 -31.26 -7.95
N MET D 364 -6.95 -30.80 -9.10
CA MET D 364 -7.33 -31.60 -10.26
C MET D 364 -8.31 -32.77 -10.02
N SER D 365 -8.91 -32.85 -8.80
CA SER D 365 -9.88 -33.91 -8.52
C SER D 365 -11.13 -33.57 -9.31
N ALA D 366 -11.68 -34.54 -10.05
CA ALA D 366 -12.84 -34.33 -10.91
C ALA D 366 -14.17 -34.20 -10.15
N HIS D 367 -14.81 -33.03 -10.19
CA HIS D 367 -16.06 -32.83 -9.51
C HIS D 367 -17.15 -32.26 -10.41
N GLY D 368 -18.31 -31.99 -9.82
CA GLY D 368 -19.46 -31.44 -10.52
C GLY D 368 -20.78 -31.92 -9.96
N PRO D 369 -21.88 -31.60 -10.65
CA PRO D 369 -23.20 -31.99 -10.15
C PRO D 369 -23.36 -33.48 -10.05
N ASP D 370 -24.06 -33.91 -8.99
CA ASP D 370 -24.26 -35.33 -8.83
C ASP D 370 -25.25 -35.82 -9.88
N ALA D 371 -25.24 -37.10 -10.15
CA ALA D 371 -26.07 -37.76 -11.17
C ALA D 371 -27.53 -37.30 -11.27
N GLU D 372 -28.24 -37.15 -10.12
CA GLU D 372 -29.66 -36.77 -10.07
C GLU D 372 -29.94 -35.30 -10.48
N THR D 373 -29.08 -34.35 -10.07
CA THR D 373 -29.24 -32.95 -10.45
C THR D 373 -28.89 -32.75 -11.91
N CYS D 374 -27.90 -33.53 -12.43
CA CYS D 374 -27.49 -33.46 -13.84
C CYS D 374 -28.62 -33.89 -14.76
N GLU D 375 -29.32 -34.99 -14.38
CA GLU D 375 -30.50 -35.50 -15.09
C GLU D 375 -31.60 -34.45 -15.07
N LYS D 376 -31.89 -33.87 -13.89
CA LYS D 376 -32.94 -32.86 -13.67
C LYS D 376 -32.76 -31.58 -14.49
N ALA D 377 -31.53 -31.02 -14.51
CA ALA D 377 -31.22 -29.76 -15.20
C ALA D 377 -31.33 -29.81 -16.72
N ILE D 378 -31.03 -30.97 -17.32
CA ILE D 378 -31.07 -31.17 -18.78
C ILE D 378 -32.54 -31.22 -19.24
N ALA D 379 -33.40 -31.85 -18.45
CA ALA D 379 -34.82 -31.96 -18.77
C ALA D 379 -35.62 -30.67 -18.50
N ALA D 380 -35.42 -30.01 -17.31
CA ALA D 380 -36.13 -28.81 -16.84
C ALA D 380 -36.55 -27.75 -17.87
N ASP D 381 -37.75 -27.17 -17.69
CA ASP D 381 -38.27 -26.09 -18.52
C ASP D 381 -37.72 -24.81 -17.87
N LEU D 382 -36.82 -24.12 -18.57
CA LEU D 382 -36.14 -22.94 -18.04
C LEU D 382 -37.00 -21.69 -17.99
N ALA D 383 -37.15 -21.14 -16.77
CA ALA D 383 -37.96 -19.97 -16.46
C ALA D 383 -37.28 -19.22 -15.32
N PRO D 384 -37.54 -17.91 -15.07
CA PRO D 384 -36.88 -17.23 -13.92
C PRO D 384 -37.18 -17.97 -12.62
N HIS D 385 -36.12 -18.35 -11.90
CA HIS D 385 -36.32 -19.11 -10.67
C HIS D 385 -35.47 -18.56 -9.56
N LYS D 386 -36.11 -18.25 -8.42
CA LYS D 386 -35.41 -17.70 -7.26
C LYS D 386 -34.93 -18.77 -6.30
N ILE D 387 -33.61 -19.11 -6.33
CA ILE D 387 -33.01 -20.05 -5.34
C ILE D 387 -33.13 -19.29 -3.99
N ASP D 388 -33.79 -19.90 -3.00
CA ASP D 388 -33.98 -19.25 -1.69
C ASP D 388 -33.77 -20.25 -0.58
N ASN D 389 -33.92 -19.78 0.69
CA ASN D 389 -33.84 -20.64 1.88
C ASN D 389 -32.54 -21.49 1.92
N THR D 390 -31.39 -20.86 1.58
CA THR D 390 -30.09 -21.53 1.50
C THR D 390 -28.90 -20.61 1.66
N MET D 391 -27.82 -21.16 2.18
CA MET D 391 -26.57 -20.43 2.31
C MET D 391 -25.46 -21.48 2.47
N ALA D 392 -24.70 -21.71 1.37
CA ALA D 392 -23.56 -22.60 1.26
C ALA D 392 -22.38 -21.69 1.00
N PHE D 393 -21.18 -22.17 1.28
CA PHE D 393 -20.02 -21.29 1.06
C PHE D 393 -18.81 -22.15 0.72
N MET D 394 -17.75 -21.53 0.27
CA MET D 394 -16.51 -22.20 -0.07
C MET D 394 -15.26 -21.51 0.50
N PHE D 395 -14.36 -22.32 1.05
CA PHE D 395 -13.02 -21.84 1.36
C PHE D 395 -12.18 -22.44 0.21
N GLU D 396 -11.77 -21.60 -0.77
CA GLU D 396 -10.97 -22.11 -1.89
C GLU D 396 -9.53 -21.70 -1.64
N THR D 397 -8.58 -22.66 -1.68
CA THR D 397 -7.18 -22.38 -1.36
C THR D 397 -6.23 -22.68 -2.51
N SER D 398 -5.15 -21.88 -2.61
CA SER D 398 -4.17 -22.17 -3.67
C SER D 398 -3.28 -23.38 -3.34
N GLN D 399 -2.85 -23.51 -2.07
CA GLN D 399 -2.04 -24.65 -1.62
C GLN D 399 -2.94 -25.86 -1.36
N VAL D 400 -2.36 -27.05 -1.47
CA VAL D 400 -3.07 -28.30 -1.20
C VAL D 400 -3.60 -28.34 0.26
N LEU D 401 -4.84 -28.78 0.46
CA LEU D 401 -5.43 -28.95 1.80
C LEU D 401 -5.27 -30.40 2.23
N ARG D 402 -4.49 -30.65 3.31
CA ARG D 402 -4.28 -32.02 3.79
C ARG D 402 -5.25 -32.30 4.93
N PRO D 403 -6.16 -33.28 4.80
CA PRO D 403 -7.03 -33.61 5.92
C PRO D 403 -6.22 -34.13 7.11
N SER D 404 -6.72 -33.92 8.35
CA SER D 404 -5.99 -34.39 9.54
C SER D 404 -6.24 -35.89 9.68
N LEU D 405 -5.50 -36.58 10.59
CA LEU D 405 -5.72 -38.01 10.80
C LEU D 405 -7.15 -38.22 11.27
N GLN D 406 -7.55 -37.37 12.23
CA GLN D 406 -8.86 -37.32 12.87
CA GLN D 406 -8.87 -37.31 12.86
C GLN D 406 -9.96 -37.18 11.80
N ALA D 407 -9.83 -36.23 10.85
CA ALA D 407 -10.83 -36.04 9.79
C ALA D 407 -10.92 -37.29 8.88
N LEU D 408 -9.82 -38.05 8.74
CA LEU D 408 -9.83 -39.26 7.91
C LEU D 408 -10.38 -40.48 8.65
N GLU D 409 -10.29 -40.52 10.00
CA GLU D 409 -10.81 -41.60 10.84
C GLU D 409 -12.20 -41.34 11.49
N CYS D 410 -12.71 -40.11 11.33
CA CYS D 410 -13.99 -39.58 11.81
C CYS D 410 -15.15 -40.50 11.37
N PRO D 411 -16.12 -40.88 12.26
CA PRO D 411 -17.28 -41.69 11.81
C PRO D 411 -18.18 -40.90 10.84
N GLN D 412 -18.00 -39.57 10.82
CA GLN D 412 -18.76 -38.63 9.99
C GLN D 412 -18.27 -38.62 8.56
N LEU D 413 -17.11 -39.24 8.30
CA LEU D 413 -16.54 -39.36 6.97
C LEU D 413 -17.30 -40.41 6.22
N GLN D 414 -18.06 -39.95 5.22
CA GLN D 414 -18.94 -40.76 4.38
C GLN D 414 -18.12 -41.75 3.55
N ALA D 415 -18.36 -43.04 3.73
CA ALA D 415 -17.59 -44.10 3.08
C ALA D 415 -17.71 -44.22 1.56
N ASP D 416 -18.87 -43.88 0.98
CA ASP D 416 -19.02 -44.02 -0.46
C ASP D 416 -19.53 -42.75 -1.15
N TYR D 417 -18.83 -41.64 -0.93
CA TYR D 417 -19.17 -40.35 -1.55
C TYR D 417 -19.08 -40.43 -3.10
N ASP D 418 -18.13 -41.23 -3.64
CA ASP D 418 -17.88 -41.46 -5.08
C ASP D 418 -19.09 -42.03 -5.82
N SER D 419 -19.98 -42.77 -5.09
CA SER D 419 -21.22 -43.35 -5.63
C SER D 419 -22.20 -42.29 -6.15
N CYS D 420 -22.14 -41.04 -5.64
CA CYS D 420 -23.07 -39.99 -6.11
C CYS D 420 -23.00 -39.66 -7.61
N TRP D 421 -21.86 -39.98 -8.26
CA TRP D 421 -21.61 -39.78 -9.69
C TRP D 421 -21.63 -41.12 -10.47
N ALA D 422 -21.80 -42.27 -9.76
CA ALA D 422 -21.78 -43.63 -10.35
C ALA D 422 -22.76 -43.90 -11.49
N THR D 423 -23.99 -43.37 -11.40
CA THR D 423 -25.06 -43.56 -12.38
C THR D 423 -25.07 -42.52 -13.53
N LEU D 424 -23.94 -41.80 -13.77
CA LEU D 424 -23.87 -40.80 -14.85
C LEU D 424 -23.90 -41.49 -16.24
N PRO D 425 -24.93 -41.25 -17.07
CA PRO D 425 -24.98 -41.97 -18.35
C PRO D 425 -24.28 -41.29 -19.51
N SER D 426 -24.01 -42.08 -20.55
CA SER D 426 -23.51 -41.57 -21.80
C SER D 426 -24.78 -41.37 -22.64
N THR D 427 -25.00 -40.13 -23.04
CA THR D 427 -26.10 -39.71 -23.90
C THR D 427 -25.49 -39.37 -25.27
N PHE D 428 -24.18 -39.71 -25.49
CA PHE D 428 -23.53 -39.42 -26.78
C PHE D 428 -24.14 -40.18 -27.93
N ASN D 429 -24.45 -39.45 -29.00
CA ASN D 429 -24.95 -40.02 -30.25
C ASN D 429 -24.10 -39.38 -31.37
N PRO D 430 -23.07 -40.07 -31.94
CA PRO D 430 -22.25 -39.43 -33.01
C PRO D 430 -23.00 -39.12 -34.32
N ASN D 431 -24.26 -39.61 -34.46
CA ASN D 431 -25.04 -39.39 -35.67
CA ASN D 431 -25.09 -39.44 -35.66
C ASN D 431 -26.16 -38.37 -35.52
N ARG D 432 -26.32 -37.79 -34.31
CA ARG D 432 -27.33 -36.77 -34.04
C ARG D 432 -26.69 -35.63 -33.23
N ARG D 433 -26.51 -34.44 -33.86
CA ARG D 433 -25.98 -33.22 -33.24
C ARG D 433 -27.09 -32.69 -32.36
N ASP E 8 -1.10 -37.69 -42.11
CA ASP E 8 -0.43 -37.58 -40.82
C ASP E 8 -1.27 -36.79 -39.80
N LEU E 9 -0.78 -36.70 -38.53
CA LEU E 9 -1.44 -35.97 -37.44
C LEU E 9 -1.44 -34.48 -37.76
N HIS E 10 -2.57 -33.83 -37.53
CA HIS E 10 -2.72 -32.39 -37.75
C HIS E 10 -2.50 -31.63 -36.45
N TYR E 11 -2.12 -30.36 -36.59
CA TYR E 11 -1.86 -29.51 -35.43
C TYR E 11 -2.40 -28.12 -35.65
N LEU E 12 -2.61 -27.40 -34.54
CA LEU E 12 -3.00 -25.99 -34.49
C LEU E 12 -1.78 -25.23 -33.98
N SER E 13 -1.49 -24.05 -34.53
CA SER E 13 -0.27 -23.33 -34.13
C SER E 13 -0.55 -22.02 -33.37
N GLY E 14 0.41 -21.59 -32.55
CA GLY E 14 0.36 -20.32 -31.85
C GLY E 14 0.38 -20.41 -30.35
N PHE E 15 1.57 -20.26 -29.77
CA PHE E 15 1.70 -20.33 -28.29
C PHE E 15 0.73 -19.42 -27.56
N GLY E 16 -0.02 -19.96 -26.59
CA GLY E 16 -0.98 -19.18 -25.80
C GLY E 16 -2.32 -18.84 -26.44
N ASN E 17 -2.57 -19.30 -27.68
CA ASN E 17 -3.83 -19.02 -28.36
C ASN E 17 -5.07 -19.59 -27.65
N GLU E 18 -6.20 -18.95 -27.92
CA GLU E 18 -7.53 -19.44 -27.57
C GLU E 18 -7.87 -20.37 -28.74
N PHE E 19 -7.55 -21.67 -28.59
CA PHE E 19 -7.83 -22.63 -29.63
C PHE E 19 -9.28 -23.11 -29.62
N ALA E 20 -9.73 -23.68 -30.77
CA ALA E 20 -11.02 -24.32 -30.84
C ALA E 20 -10.93 -25.50 -31.80
N SER E 21 -11.34 -26.68 -31.33
CA SER E 21 -11.24 -27.91 -32.10
C SER E 21 -12.40 -28.84 -31.86
N GLU E 22 -12.99 -29.34 -32.94
CA GLU E 22 -14.08 -30.35 -32.91
C GLU E 22 -13.77 -31.55 -33.82
N ALA E 23 -14.10 -32.78 -33.36
CA ALA E 23 -13.90 -34.01 -34.14
C ALA E 23 -15.13 -34.29 -35.00
N LEU E 24 -16.28 -33.69 -34.63
CA LEU E 24 -17.55 -33.85 -35.34
C LEU E 24 -18.05 -32.43 -35.59
N PRO E 25 -18.74 -32.16 -36.73
CA PRO E 25 -19.20 -30.78 -36.99
C PRO E 25 -20.26 -30.28 -36.00
N GLY E 26 -20.04 -29.08 -35.44
CA GLY E 26 -20.99 -28.49 -34.49
C GLY E 26 -20.91 -29.00 -33.07
N ALA E 27 -19.91 -29.88 -32.76
CA ALA E 27 -19.67 -30.45 -31.44
C ALA E 27 -19.36 -29.37 -30.42
N LEU E 28 -18.76 -28.27 -30.88
CA LEU E 28 -18.56 -27.13 -30.00
C LEU E 28 -19.84 -26.27 -29.96
N PRO E 29 -20.40 -25.97 -28.76
CA PRO E 29 -21.58 -25.07 -28.74
C PRO E 29 -21.17 -23.69 -29.24
N VAL E 30 -22.02 -23.08 -30.06
CA VAL E 30 -21.80 -21.73 -30.63
C VAL E 30 -22.49 -20.66 -29.77
N GLY E 31 -21.69 -19.65 -29.40
CA GLY E 31 -22.08 -18.48 -28.64
C GLY E 31 -22.23 -18.68 -27.16
N GLN E 32 -21.85 -19.86 -26.64
CA GLN E 32 -21.89 -20.16 -25.20
C GLN E 32 -21.01 -21.33 -24.80
N ASN E 33 -20.78 -21.49 -23.49
CA ASN E 33 -19.96 -22.58 -22.97
C ASN E 33 -20.80 -23.70 -22.38
N SER E 34 -21.95 -23.36 -21.82
CA SER E 34 -22.78 -24.32 -21.11
C SER E 34 -24.22 -24.42 -21.58
N PRO E 35 -24.49 -24.99 -22.77
CA PRO E 35 -25.90 -25.12 -23.21
C PRO E 35 -26.64 -26.16 -22.37
N GLN E 36 -27.97 -26.11 -22.33
CA GLN E 36 -28.76 -27.07 -21.54
C GLN E 36 -28.68 -28.51 -22.06
N LYS E 37 -28.72 -28.65 -23.39
CA LYS E 37 -28.59 -29.91 -24.08
C LYS E 37 -27.49 -29.68 -25.12
N ALA E 38 -26.26 -30.05 -24.74
CA ALA E 38 -25.07 -29.87 -25.54
C ALA E 38 -25.11 -30.72 -26.82
N PRO E 39 -24.62 -30.19 -27.97
CA PRO E 39 -24.60 -30.99 -29.21
C PRO E 39 -24.05 -32.41 -29.03
N TYR E 40 -24.71 -33.40 -29.68
CA TYR E 40 -24.34 -34.83 -29.64
C TYR E 40 -24.61 -35.49 -28.29
N GLY E 41 -25.25 -34.77 -27.37
CA GLY E 41 -25.51 -35.24 -26.01
C GLY E 41 -24.25 -35.37 -25.18
N LEU E 42 -23.27 -34.47 -25.44
CA LEU E 42 -21.97 -34.39 -24.77
C LEU E 42 -22.08 -33.67 -23.43
N TYR E 43 -21.07 -33.80 -22.57
CA TYR E 43 -21.05 -33.14 -21.25
C TYR E 43 -20.02 -32.06 -21.26
N ALA E 44 -20.38 -30.90 -20.82
CA ALA E 44 -19.42 -29.80 -20.79
C ALA E 44 -18.66 -29.94 -19.48
N GLU E 45 -17.33 -29.81 -19.54
CA GLU E 45 -16.44 -29.81 -18.39
C GLU E 45 -15.40 -28.70 -18.52
N LEU E 46 -15.12 -28.00 -17.41
CA LEU E 46 -14.12 -26.93 -17.37
C LEU E 46 -12.86 -27.43 -16.67
N LEU E 47 -11.70 -27.27 -17.33
CA LEU E 47 -10.40 -27.64 -16.78
C LEU E 47 -9.67 -26.33 -16.52
N SER E 48 -9.67 -25.89 -15.23
CA SER E 48 -9.07 -24.62 -14.76
C SER E 48 -7.60 -24.85 -14.40
N GLY E 49 -6.72 -24.49 -15.33
CA GLY E 49 -5.29 -24.63 -15.13
C GLY E 49 -4.70 -23.55 -14.23
N THR E 50 -5.44 -22.44 -14.07
CA THR E 50 -5.02 -21.33 -13.23
C THR E 50 -6.18 -20.89 -12.31
N ALA E 51 -5.89 -20.11 -11.27
CA ALA E 51 -6.91 -19.51 -10.42
C ALA E 51 -7.82 -18.67 -11.33
N PHE E 52 -9.13 -18.59 -11.05
CA PHE E 52 -10.10 -17.85 -11.89
C PHE E 52 -9.75 -16.37 -12.11
N THR E 53 -9.13 -15.73 -11.10
CA THR E 53 -8.87 -14.28 -11.03
C THR E 53 -7.51 -13.84 -11.57
N MET E 54 -6.78 -14.74 -12.25
CA MET E 54 -5.49 -14.42 -12.86
C MET E 54 -5.69 -13.40 -13.96
N ALA E 55 -4.65 -12.56 -14.20
CA ALA E 55 -4.68 -11.62 -15.33
C ALA E 55 -4.90 -12.48 -16.58
N ARG E 56 -5.66 -11.99 -17.54
CA ARG E 56 -5.98 -12.72 -18.79
C ARG E 56 -4.74 -13.29 -19.46
N SER E 57 -3.62 -12.50 -19.50
CA SER E 57 -2.32 -12.90 -20.04
C SER E 57 -1.80 -14.18 -19.40
N GLU E 58 -2.17 -14.44 -18.11
CA GLU E 58 -1.76 -15.63 -17.35
C GLU E 58 -2.76 -16.77 -17.43
N LEU E 59 -4.01 -16.47 -17.84
CA LEU E 59 -5.07 -17.47 -17.89
C LEU E 59 -4.82 -18.72 -18.71
N ARG E 60 -5.12 -19.88 -18.10
CA ARG E 60 -5.00 -21.16 -18.76
C ARG E 60 -6.25 -21.90 -18.36
N ARG E 61 -7.18 -22.05 -19.29
CA ARG E 61 -8.41 -22.79 -19.04
C ARG E 61 -8.95 -23.36 -20.34
N THR E 62 -9.48 -24.57 -20.27
CA THR E 62 -10.03 -25.26 -21.43
C THR E 62 -11.37 -25.86 -21.09
N TRP E 63 -12.31 -25.67 -22.03
CA TRP E 63 -13.65 -26.24 -21.98
C TRP E 63 -13.63 -27.47 -22.84
N LEU E 64 -14.13 -28.57 -22.29
CA LEU E 64 -14.18 -29.88 -22.94
C LEU E 64 -15.60 -30.35 -23.07
N TYR E 65 -15.90 -30.99 -24.20
CA TYR E 65 -17.22 -31.56 -24.52
C TYR E 65 -16.97 -33.03 -24.77
N ARG E 66 -17.33 -33.82 -23.75
CA ARG E 66 -17.00 -35.25 -23.65
C ARG E 66 -18.17 -36.19 -23.48
N ILE E 67 -17.92 -37.48 -23.78
CA ILE E 67 -18.90 -38.58 -23.70
C ILE E 67 -19.40 -38.79 -22.25
N ARG E 68 -18.46 -38.91 -21.27
CA ARG E 68 -18.74 -39.07 -19.84
C ARG E 68 -17.93 -38.06 -19.01
N PRO E 69 -18.52 -37.54 -17.92
CA PRO E 69 -17.78 -36.59 -17.07
C PRO E 69 -16.58 -37.25 -16.39
N SER E 70 -15.48 -36.48 -16.18
CA SER E 70 -14.28 -36.98 -15.52
C SER E 70 -14.64 -37.45 -14.10
N ALA E 71 -15.71 -36.89 -13.53
CA ALA E 71 -16.27 -37.21 -12.21
C ALA E 71 -16.72 -38.67 -12.07
N LEU E 72 -16.97 -39.36 -13.20
CA LEU E 72 -17.44 -40.75 -13.27
C LEU E 72 -16.25 -41.69 -13.08
N HIS E 73 -15.89 -41.94 -11.81
CA HIS E 73 -14.76 -42.77 -11.41
C HIS E 73 -14.93 -43.26 -10.01
N PRO E 74 -14.52 -44.50 -9.72
CA PRO E 74 -14.60 -45.00 -8.34
C PRO E 74 -13.45 -44.49 -7.49
N ARG E 75 -13.46 -44.80 -6.18
CA ARG E 75 -12.42 -44.36 -5.24
C ARG E 75 -11.00 -44.72 -5.76
N PHE E 76 -10.02 -43.82 -5.57
CA PHE E 76 -8.63 -44.06 -5.97
C PHE E 76 -7.91 -44.84 -4.91
N GLU E 77 -7.12 -45.84 -5.30
CA GLU E 77 -6.37 -46.70 -4.37
C GLU E 77 -4.87 -46.60 -4.63
N ARG E 78 -4.08 -46.56 -3.55
CA ARG E 78 -2.63 -46.48 -3.68
C ARG E 78 -2.11 -47.78 -4.29
N LEU E 79 -1.28 -47.67 -5.33
CA LEU E 79 -0.66 -48.88 -5.91
C LEU E 79 0.55 -49.27 -5.05
N ALA E 80 0.95 -50.57 -5.11
CA ALA E 80 2.12 -51.08 -4.39
C ALA E 80 3.36 -50.51 -5.07
N ARG E 81 3.40 -50.52 -6.39
CA ARG E 81 4.48 -50.08 -7.26
CA ARG E 81 4.49 -50.08 -7.25
C ARG E 81 4.72 -48.40 -7.46
N GLN E 82 5.61 -47.96 -6.59
CA GLN E 82 5.85 -46.52 -6.33
C GLN E 82 7.24 -46.08 -6.76
N PRO E 83 7.33 -45.76 -8.10
CA PRO E 83 8.68 -45.37 -8.56
C PRO E 83 9.35 -44.17 -7.86
N LEU E 84 8.52 -43.28 -7.38
CA LEU E 84 8.97 -42.00 -6.82
C LEU E 84 9.06 -41.94 -5.27
N GLY E 85 8.83 -43.07 -4.62
CA GLY E 85 8.88 -43.20 -3.17
C GLY E 85 10.25 -43.42 -2.54
N GLY E 86 11.31 -43.07 -3.27
CA GLY E 86 12.68 -43.21 -2.80
C GLY E 86 13.15 -42.04 -1.95
N PRO E 87 14.14 -42.24 -1.04
CA PRO E 87 14.60 -41.14 -0.18
C PRO E 87 15.38 -40.04 -0.89
N LEU E 88 15.49 -38.89 -0.19
CA LEU E 88 16.25 -37.73 -0.61
C LEU E 88 17.69 -38.07 -0.22
N GLY E 89 18.64 -37.88 -1.13
CA GLY E 89 20.05 -38.19 -0.84
C GLY E 89 20.61 -37.27 0.22
N GLY E 90 21.71 -37.67 0.86
CA GLY E 90 22.36 -36.83 1.87
C GLY E 90 22.90 -35.56 1.25
N ILE E 91 23.13 -34.50 2.07
CA ILE E 91 23.68 -33.20 1.65
C ILE E 91 25.01 -33.45 0.90
N ASN E 92 25.17 -32.82 -0.28
CA ASN E 92 26.35 -32.97 -1.11
C ASN E 92 26.58 -31.72 -1.98
N PRO E 93 27.57 -30.86 -1.66
CA PRO E 93 27.82 -29.67 -2.50
C PRO E 93 28.68 -29.93 -3.75
N ASN E 94 29.18 -31.15 -3.94
CA ASN E 94 30.03 -31.47 -5.08
C ASN E 94 29.37 -31.36 -6.44
N ARG E 95 30.22 -31.12 -7.43
CA ARG E 95 29.85 -31.03 -8.83
C ARG E 95 29.65 -32.48 -9.26
N LEU E 96 28.49 -32.78 -9.82
CA LEU E 96 28.20 -34.16 -10.17
C LEU E 96 28.01 -34.39 -11.66
N ARG E 97 28.41 -35.58 -12.15
CA ARG E 97 28.18 -35.96 -13.55
C ARG E 97 27.81 -37.43 -13.64
N TRP E 98 26.75 -37.72 -14.41
CA TRP E 98 26.26 -39.08 -14.64
C TRP E 98 26.53 -39.50 -16.09
N SER E 99 26.75 -40.80 -16.28
CA SER E 99 26.86 -41.34 -17.61
C SER E 99 25.40 -41.66 -18.03
N PRO E 100 25.09 -41.97 -19.33
CA PRO E 100 23.70 -42.28 -19.68
C PRO E 100 23.10 -43.43 -18.85
N GLN E 101 21.79 -43.34 -18.58
CA GLN E 101 21.05 -44.32 -17.77
C GLN E 101 20.67 -45.53 -18.60
N PRO E 102 20.96 -46.76 -18.11
CA PRO E 102 20.55 -47.95 -18.86
C PRO E 102 19.04 -48.18 -18.79
N ILE E 103 18.45 -48.81 -19.82
CA ILE E 103 17.02 -49.14 -19.80
C ILE E 103 16.89 -50.42 -18.95
N PRO E 104 16.05 -50.45 -17.88
CA PRO E 104 15.95 -51.68 -17.06
C PRO E 104 15.26 -52.81 -17.81
N ALA E 105 15.70 -54.07 -17.58
CA ALA E 105 15.12 -55.24 -18.23
C ALA E 105 13.65 -55.49 -17.87
N GLU E 106 13.27 -55.23 -16.60
CA GLU E 106 11.88 -55.46 -16.13
C GLU E 106 10.86 -54.55 -16.83
N PRO E 107 9.63 -55.04 -17.14
CA PRO E 107 8.63 -54.17 -17.84
C PRO E 107 8.38 -52.86 -17.09
N THR E 108 8.68 -51.76 -17.76
CA THR E 108 8.55 -50.42 -17.19
C THR E 108 7.97 -49.52 -18.28
N ASP E 109 6.74 -49.07 -18.07
CA ASP E 109 6.09 -48.15 -19.02
C ASP E 109 6.60 -46.71 -18.72
N PHE E 110 6.08 -45.71 -19.46
CA PHE E 110 6.50 -44.31 -19.31
C PHE E 110 6.48 -43.79 -17.87
N ILE E 111 5.32 -43.91 -17.17
CA ILE E 111 5.18 -43.42 -15.79
C ILE E 111 6.02 -44.22 -14.76
N GLU E 112 6.24 -45.52 -15.01
CA GLU E 112 6.96 -46.39 -14.10
C GLU E 112 8.47 -46.15 -14.14
N GLY E 113 8.96 -45.63 -15.25
CA GLY E 113 10.38 -45.42 -15.52
C GLY E 113 11.00 -44.09 -15.19
N TRP E 114 10.34 -43.24 -14.37
CA TRP E 114 10.94 -41.93 -14.03
C TRP E 114 11.93 -42.12 -12.91
N LEU E 115 13.23 -41.99 -13.22
CA LEU E 115 14.30 -42.09 -12.24
C LEU E 115 14.55 -40.69 -11.69
N PRO E 116 14.27 -40.42 -10.39
CA PRO E 116 14.53 -39.08 -9.84
C PRO E 116 16.03 -38.80 -9.79
N MET E 117 16.40 -37.67 -10.37
CA MET E 117 17.77 -37.20 -10.44
C MET E 117 18.02 -36.17 -9.34
N ALA E 118 17.29 -35.02 -9.37
CA ALA E 118 17.43 -33.95 -8.38
C ALA E 118 16.17 -33.16 -8.30
N ALA E 119 15.79 -32.71 -7.09
CA ALA E 119 14.57 -31.90 -6.95
C ALA E 119 14.70 -30.81 -5.89
N ASN E 120 13.88 -29.75 -5.96
CA ASN E 120 14.00 -28.66 -4.97
C ASN E 120 13.47 -29.11 -3.62
N ALA E 121 12.49 -30.04 -3.63
CA ALA E 121 11.82 -30.55 -2.43
C ALA E 121 11.52 -32.06 -2.53
N GLY E 122 11.15 -32.67 -1.40
CA GLY E 122 10.78 -34.08 -1.33
C GLY E 122 9.51 -34.28 -2.13
N ALA E 123 9.35 -35.46 -2.77
CA ALA E 123 8.19 -35.80 -3.61
C ALA E 123 6.85 -35.62 -2.90
N GLU E 124 6.85 -35.69 -1.55
CA GLU E 124 5.69 -35.57 -0.65
C GLU E 124 5.18 -34.10 -0.50
N LYS E 125 6.05 -33.13 -0.79
CA LYS E 125 5.77 -31.71 -0.65
C LYS E 125 6.27 -30.99 -1.93
N PRO E 126 5.60 -31.24 -3.09
CA PRO E 126 6.01 -30.61 -4.35
C PRO E 126 6.08 -29.09 -4.34
N ALA E 127 7.28 -28.57 -4.64
CA ALA E 127 7.55 -27.12 -4.75
C ALA E 127 8.69 -26.90 -5.76
N GLY E 128 8.54 -25.89 -6.62
CA GLY E 128 9.58 -25.57 -7.61
C GLY E 128 9.61 -26.53 -8.77
N VAL E 129 10.73 -27.28 -8.93
CA VAL E 129 10.95 -28.19 -10.06
C VAL E 129 11.49 -29.53 -9.58
N SER E 130 11.01 -30.63 -10.19
CA SER E 130 11.52 -31.99 -9.90
C SER E 130 12.12 -32.53 -11.21
N ILE E 131 13.39 -32.96 -11.23
CA ILE E 131 14.05 -33.43 -12.48
C ILE E 131 14.18 -34.94 -12.47
N TYR E 132 13.75 -35.57 -13.56
CA TYR E 132 13.84 -37.03 -13.72
C TYR E 132 14.47 -37.38 -15.07
N ILE E 133 14.92 -38.63 -15.19
CA ILE E 133 15.34 -39.25 -16.44
C ILE E 133 14.37 -40.42 -16.60
N TYR E 134 13.62 -40.45 -17.71
CA TYR E 134 12.75 -41.59 -17.96
C TYR E 134 13.44 -42.68 -18.80
N ARG E 135 13.24 -43.96 -18.41
CA ARG E 135 13.69 -45.17 -19.10
C ARG E 135 12.43 -46.04 -19.28
N ALA E 136 12.04 -46.33 -20.54
CA ALA E 136 10.83 -47.12 -20.78
C ALA E 136 11.07 -48.22 -21.79
N ASN E 137 10.47 -49.38 -21.57
CA ASN E 137 10.57 -50.50 -22.51
C ASN E 137 9.18 -51.05 -22.85
N ARG E 138 8.10 -50.37 -22.37
CA ARG E 138 6.71 -50.76 -22.62
C ARG E 138 5.87 -49.54 -22.93
N SER E 139 4.87 -49.69 -23.83
CA SER E 139 3.93 -48.59 -24.06
C SER E 139 2.93 -48.68 -22.89
N MET E 140 2.19 -47.61 -22.64
CA MET E 140 1.22 -47.56 -21.57
C MET E 140 -0.11 -48.20 -21.91
N GLU E 141 -0.55 -49.15 -21.06
CA GLU E 141 -1.84 -49.85 -21.20
C GLU E 141 -2.78 -49.32 -20.09
N ARG E 142 -2.74 -47.98 -19.92
CA ARG E 142 -3.50 -47.21 -18.91
CA ARG E 142 -3.49 -47.22 -18.90
C ARG E 142 -3.48 -45.72 -19.27
N VAL E 143 -4.30 -44.90 -18.56
CA VAL E 143 -4.35 -43.44 -18.77
C VAL E 143 -3.79 -42.78 -17.49
N PHE E 144 -3.05 -41.68 -17.62
CA PHE E 144 -2.46 -41.05 -16.45
C PHE E 144 -2.66 -39.53 -16.45
N PHE E 145 -2.70 -38.94 -15.24
CA PHE E 145 -2.65 -37.51 -15.06
C PHE E 145 -1.82 -37.21 -13.83
N ASN E 146 -1.11 -36.11 -13.87
CA ASN E 146 -0.22 -35.64 -12.83
C ASN E 146 -0.91 -34.49 -12.10
N ALA E 147 -1.21 -34.69 -10.82
CA ALA E 147 -1.85 -33.62 -10.04
C ALA E 147 -0.80 -32.65 -9.49
N ASP E 148 0.49 -33.05 -9.52
CA ASP E 148 1.61 -32.32 -8.91
C ASP E 148 2.24 -31.23 -9.75
N GLY E 149 2.01 -31.27 -11.05
CA GLY E 149 2.52 -30.24 -11.91
C GLY E 149 2.48 -30.49 -13.39
N GLU E 150 2.99 -29.47 -14.10
CA GLU E 150 3.17 -29.41 -15.54
C GLU E 150 4.36 -30.27 -15.90
N LEU E 151 4.23 -31.04 -16.99
CA LEU E 151 5.33 -31.87 -17.45
C LEU E 151 6.07 -31.36 -18.70
N LEU E 152 7.37 -31.12 -18.59
CA LEU E 152 8.19 -30.70 -19.75
C LEU E 152 8.99 -31.95 -20.13
N LEU E 153 8.74 -32.52 -21.34
CA LEU E 153 9.41 -33.76 -21.80
C LEU E 153 10.48 -33.43 -22.82
N VAL E 154 11.68 -34.02 -22.65
CA VAL E 154 12.84 -33.81 -23.52
C VAL E 154 13.35 -35.18 -23.99
N PRO E 155 12.75 -35.74 -25.07
CA PRO E 155 13.22 -37.03 -25.61
C PRO E 155 14.68 -36.98 -26.03
N GLU E 156 15.37 -38.10 -25.89
CA GLU E 156 16.77 -38.27 -26.25
C GLU E 156 16.93 -39.51 -27.13
N GLN E 157 16.23 -40.60 -26.76
CA GLN E 157 16.24 -41.88 -27.47
C GLN E 157 14.82 -42.31 -27.71
N GLY E 158 14.44 -42.45 -28.97
CA GLY E 158 13.13 -42.93 -29.36
C GLY E 158 12.02 -41.92 -29.47
N ARG E 159 11.07 -42.20 -30.35
CA ARG E 159 9.90 -41.35 -30.62
C ARG E 159 8.77 -41.73 -29.67
N LEU E 160 7.90 -40.76 -29.41
CA LEU E 160 6.77 -40.85 -28.49
C LEU E 160 5.50 -40.49 -29.21
N ARG E 161 4.49 -41.33 -29.09
CA ARG E 161 3.18 -40.95 -29.61
C ARG E 161 2.33 -40.73 -28.37
N ILE E 162 2.03 -39.46 -28.07
CA ILE E 162 1.33 -39.08 -26.86
C ILE E 162 -0.16 -38.77 -27.08
N ALA E 163 -1.04 -39.69 -26.62
CA ALA E 163 -2.49 -39.53 -26.72
C ALA E 163 -2.95 -38.76 -25.48
N THR E 164 -3.37 -37.50 -25.67
CA THR E 164 -3.83 -36.65 -24.58
C THR E 164 -5.33 -36.44 -24.79
N GLU E 165 -5.99 -35.87 -23.76
CA GLU E 165 -7.42 -35.55 -23.79
C GLU E 165 -7.75 -34.64 -24.95
N LEU E 166 -6.81 -33.75 -25.36
CA LEU E 166 -7.09 -32.76 -26.42
C LEU E 166 -6.69 -33.22 -27.81
N GLY E 167 -6.04 -34.37 -27.87
CA GLY E 167 -5.59 -34.93 -29.13
C GLY E 167 -4.28 -35.67 -29.04
N VAL E 168 -3.83 -36.20 -30.19
CA VAL E 168 -2.60 -37.00 -30.30
C VAL E 168 -1.44 -36.14 -30.82
N MET E 169 -0.29 -36.23 -30.17
CA MET E 169 0.93 -35.59 -30.64
C MET E 169 2.09 -36.58 -30.73
N GLU E 170 2.93 -36.42 -31.77
CA GLU E 170 4.11 -37.26 -31.98
C GLU E 170 5.31 -36.42 -31.61
N VAL E 171 6.21 -36.96 -30.77
CA VAL E 171 7.37 -36.21 -30.29
C VAL E 171 8.62 -37.05 -30.46
N GLU E 172 9.63 -36.52 -31.18
CA GLU E 172 10.91 -37.22 -31.43
C GLU E 172 12.07 -36.51 -30.78
N PRO E 173 13.27 -37.16 -30.57
CA PRO E 173 14.41 -36.40 -30.04
C PRO E 173 14.72 -35.20 -30.94
N LEU E 174 14.93 -34.01 -30.32
CA LEU E 174 15.20 -32.67 -30.92
C LEU E 174 13.96 -31.78 -30.88
N GLU E 175 12.89 -32.34 -30.30
CA GLU E 175 11.62 -31.69 -30.07
C GLU E 175 11.36 -31.78 -28.59
N ILE E 176 10.50 -30.90 -28.07
CA ILE E 176 10.11 -30.99 -26.69
C ILE E 176 8.57 -31.02 -26.67
N ALA E 177 7.97 -31.54 -25.58
CA ALA E 177 6.52 -31.54 -25.42
C ALA E 177 6.16 -31.13 -24.01
N VAL E 178 4.99 -30.48 -23.83
CA VAL E 178 4.48 -30.05 -22.53
C VAL E 178 3.06 -30.56 -22.28
N ILE E 179 2.87 -31.22 -21.12
CA ILE E 179 1.57 -31.72 -20.70
C ILE E 179 1.11 -30.86 -19.52
N PRO E 180 -0.01 -30.13 -19.60
CA PRO E 180 -0.46 -29.38 -18.42
C PRO E 180 -0.83 -30.29 -17.26
N ARG E 181 -0.79 -29.71 -16.04
CA ARG E 181 -1.16 -30.37 -14.81
C ARG E 181 -2.64 -30.84 -14.89
N GLY E 182 -2.87 -32.03 -14.36
CA GLY E 182 -4.18 -32.67 -14.34
C GLY E 182 -4.69 -33.19 -15.66
N MET E 183 -3.97 -32.91 -16.81
CA MET E 183 -4.45 -33.41 -18.11
C MET E 183 -4.13 -34.89 -18.27
N LYS E 184 -5.11 -35.67 -18.78
CA LYS E 184 -4.95 -37.09 -19.00
C LYS E 184 -4.23 -37.42 -20.28
N PHE E 185 -3.33 -38.39 -20.20
CA PHE E 185 -2.52 -38.80 -21.35
C PHE E 185 -2.03 -40.23 -21.26
N ARG E 186 -1.57 -40.74 -22.39
CA ARG E 186 -1.11 -42.14 -22.52
C ARG E 186 0.06 -42.14 -23.50
N VAL E 187 1.17 -42.72 -23.09
CA VAL E 187 2.39 -42.70 -23.88
C VAL E 187 2.67 -44.04 -24.60
N GLU E 188 2.71 -43.97 -25.92
CA GLU E 188 2.99 -45.11 -26.80
C GLU E 188 4.44 -44.96 -27.25
N LEU E 189 5.24 -46.02 -27.09
CA LEU E 189 6.64 -46.03 -27.50
C LEU E 189 6.69 -46.60 -28.92
N LEU E 190 6.95 -45.74 -29.91
CA LEU E 190 6.97 -46.13 -31.32
C LEU E 190 8.20 -46.95 -31.74
N ASP E 191 9.32 -46.81 -30.99
CA ASP E 191 10.57 -47.52 -31.29
C ASP E 191 10.88 -48.67 -30.31
N GLY E 192 9.88 -49.05 -29.52
CA GLY E 192 9.96 -50.16 -28.57
C GLY E 192 10.44 -49.78 -27.19
N GLN E 193 11.48 -48.93 -27.14
CA GLN E 193 12.07 -48.43 -25.91
C GLN E 193 12.19 -46.91 -26.03
N ALA E 194 12.26 -46.23 -24.88
CA ALA E 194 12.40 -44.77 -24.87
C ALA E 194 13.21 -44.28 -23.71
N ARG E 195 14.03 -43.23 -23.93
CA ARG E 195 14.85 -42.60 -22.88
C ARG E 195 14.83 -41.09 -23.06
N GLY E 196 14.82 -40.36 -21.94
CA GLY E 196 14.79 -38.92 -22.03
C GLY E 196 14.81 -38.20 -20.70
N TYR E 197 14.57 -36.89 -20.78
CA TYR E 197 14.56 -36.05 -19.60
C TYR E 197 13.18 -35.42 -19.33
N ILE E 198 12.90 -35.16 -18.05
CA ILE E 198 11.65 -34.53 -17.61
C ILE E 198 11.96 -33.41 -16.65
N ALA E 199 11.31 -32.21 -16.86
CA ALA E 199 11.30 -31.16 -15.88
C ALA E 199 9.84 -31.13 -15.39
N GLU E 200 9.64 -31.49 -14.12
CA GLU E 200 8.30 -31.43 -13.56
C GLU E 200 8.14 -30.08 -12.88
N ASN E 201 7.32 -29.22 -13.46
CA ASN E 201 7.09 -27.87 -12.97
C ASN E 201 5.93 -27.81 -11.98
N HIS E 202 6.27 -27.53 -10.72
CA HIS E 202 5.30 -27.40 -9.64
C HIS E 202 4.75 -25.98 -9.46
N GLY E 203 5.36 -25.03 -10.16
CA GLY E 203 5.15 -23.59 -10.04
C GLY E 203 4.37 -22.97 -11.17
N ALA E 204 4.59 -21.66 -11.40
CA ALA E 204 3.88 -20.93 -12.47
C ALA E 204 4.11 -21.61 -13.83
N PRO E 205 3.06 -21.76 -14.69
CA PRO E 205 3.24 -22.46 -15.97
C PRO E 205 4.36 -21.92 -16.83
N LEU E 206 5.02 -22.82 -17.59
CA LEU E 206 6.03 -22.38 -18.52
C LEU E 206 5.41 -21.46 -19.58
N ARG E 207 6.16 -20.44 -19.92
CA ARG E 207 5.73 -19.49 -20.93
C ARG E 207 6.94 -18.95 -21.68
N LEU E 208 6.67 -18.14 -22.69
CA LEU E 208 7.75 -17.54 -23.46
C LEU E 208 8.42 -16.40 -22.70
N PRO E 209 9.76 -16.31 -22.77
CA PRO E 209 10.44 -15.24 -22.05
C PRO E 209 10.18 -13.83 -22.58
N ASP E 210 10.32 -12.86 -21.67
CA ASP E 210 10.17 -11.45 -22.02
C ASP E 210 11.40 -11.26 -22.91
N LEU E 211 11.21 -10.86 -24.19
CA LEU E 211 12.32 -10.69 -25.14
C LEU E 211 13.24 -9.48 -24.89
N GLY E 212 12.77 -8.50 -24.12
CA GLY E 212 13.57 -7.31 -23.87
C GLY E 212 14.00 -6.63 -25.18
N PRO E 213 15.31 -6.23 -25.34
CA PRO E 213 15.77 -5.61 -26.61
C PRO E 213 15.61 -6.45 -27.86
N ILE E 214 15.54 -7.78 -27.75
CA ILE E 214 15.32 -8.68 -28.90
C ILE E 214 13.99 -8.30 -29.58
N GLY E 215 13.11 -7.69 -28.80
CA GLY E 215 11.88 -7.12 -29.31
C GLY E 215 10.65 -7.98 -29.44
N SER E 216 10.10 -8.07 -30.67
CA SER E 216 8.83 -8.75 -30.98
C SER E 216 8.99 -10.08 -31.75
N ASN E 217 10.24 -10.47 -32.05
CA ASN E 217 10.54 -11.66 -32.81
C ASN E 217 11.84 -12.25 -32.30
N GLY E 218 12.03 -13.55 -32.53
CA GLY E 218 13.26 -14.21 -32.12
C GLY E 218 13.11 -15.31 -31.10
N LEU E 219 14.22 -16.04 -30.91
CA LEU E 219 14.29 -17.19 -29.99
C LEU E 219 13.18 -18.19 -30.43
N ALA E 220 12.30 -18.61 -29.51
CA ALA E 220 11.23 -19.51 -29.91
C ALA E 220 10.06 -18.66 -30.36
N ASN E 221 9.76 -18.69 -31.67
CA ASN E 221 8.69 -17.92 -32.28
C ASN E 221 7.36 -18.66 -32.00
N PRO E 222 6.37 -17.94 -31.45
CA PRO E 222 5.07 -18.56 -31.09
C PRO E 222 4.40 -19.43 -32.16
N ARG E 223 4.63 -19.15 -33.46
CA ARG E 223 4.03 -19.88 -34.58
C ARG E 223 4.47 -21.36 -34.68
N ASP E 224 5.60 -21.70 -34.03
CA ASP E 224 6.17 -23.05 -34.04
C ASP E 224 5.66 -23.94 -32.90
N PHE E 225 4.79 -23.40 -31.99
CA PHE E 225 4.24 -24.20 -30.89
C PHE E 225 2.97 -24.84 -31.39
N LEU E 226 3.00 -26.19 -31.50
CA LEU E 226 1.93 -27.00 -32.05
C LEU E 226 1.08 -27.75 -31.03
N THR E 227 -0.23 -27.65 -31.20
CA THR E 227 -1.20 -28.27 -30.30
C THR E 227 -2.08 -29.28 -31.11
N PRO E 228 -2.32 -30.50 -30.60
CA PRO E 228 -3.10 -31.48 -31.39
C PRO E 228 -4.58 -31.10 -31.56
N VAL E 229 -5.21 -31.65 -32.62
CA VAL E 229 -6.64 -31.48 -32.93
C VAL E 229 -7.47 -32.51 -32.16
N ALA E 230 -8.74 -32.19 -31.88
CA ALA E 230 -9.63 -33.10 -31.18
C ALA E 230 -9.60 -34.56 -31.70
N HIS E 231 -9.61 -35.52 -30.76
CA HIS E 231 -9.58 -36.96 -31.03
C HIS E 231 -10.09 -37.68 -29.81
N TYR E 232 -11.09 -38.54 -30.02
CA TYR E 232 -11.71 -39.30 -28.94
C TYR E 232 -11.74 -40.79 -29.24
N GLU E 233 -11.74 -41.60 -28.18
CA GLU E 233 -11.80 -43.06 -28.18
C GLU E 233 -13.14 -43.54 -27.63
N GLU E 234 -13.55 -44.76 -28.03
CA GLU E 234 -14.82 -45.37 -27.61
C GLU E 234 -14.65 -46.83 -27.13
N ALA E 235 -13.70 -47.08 -26.21
CA ALA E 235 -13.48 -48.45 -25.73
C ALA E 235 -14.44 -48.84 -24.59
N GLU E 236 -15.24 -49.90 -24.81
CA GLU E 236 -16.17 -50.43 -23.79
C GLU E 236 -15.44 -51.52 -23.01
N GLY E 237 -15.01 -51.18 -21.79
CA GLY E 237 -14.30 -52.13 -20.93
C GLY E 237 -13.38 -51.51 -19.89
N PRO E 238 -12.71 -52.35 -19.07
CA PRO E 238 -11.84 -51.81 -18.01
C PRO E 238 -10.55 -51.16 -18.49
N VAL E 239 -10.33 -49.92 -18.05
CA VAL E 239 -9.15 -49.12 -18.34
C VAL E 239 -8.70 -48.52 -17.01
N GLN E 240 -7.43 -48.70 -16.66
CA GLN E 240 -6.90 -48.15 -15.42
C GLN E 240 -6.58 -46.67 -15.60
N LEU E 241 -7.04 -45.86 -14.64
CA LEU E 241 -6.72 -44.45 -14.64
C LEU E 241 -5.76 -44.23 -13.49
N VAL E 242 -4.53 -43.78 -13.77
CA VAL E 242 -3.53 -43.53 -12.71
C VAL E 242 -3.30 -42.03 -12.53
N GLN E 243 -3.15 -41.61 -11.27
CA GLN E 243 -2.80 -40.22 -10.97
C GLN E 243 -1.58 -40.11 -10.09
N LYS E 244 -0.74 -39.09 -10.33
CA LYS E 244 0.40 -38.82 -9.47
C LYS E 244 -0.08 -37.76 -8.53
N PHE E 245 -0.12 -38.07 -7.20
CA PHE E 245 -0.55 -37.13 -6.16
C PHE E 245 0.43 -37.14 -5.01
N LEU E 246 1.04 -35.97 -4.71
CA LEU E 246 2.06 -35.79 -3.68
C LEU E 246 3.14 -36.89 -3.76
N GLY E 247 3.65 -37.08 -4.98
CA GLY E 247 4.66 -38.06 -5.32
C GLY E 247 4.22 -39.51 -5.47
N GLU E 248 2.99 -39.84 -5.07
CA GLU E 248 2.44 -41.20 -5.13
C GLU E 248 1.56 -41.48 -6.31
N HIS E 249 1.56 -42.75 -6.76
CA HIS E 249 0.73 -43.26 -7.83
C HIS E 249 -0.50 -43.90 -7.20
N TRP E 250 -1.69 -43.33 -7.50
CA TRP E 250 -2.98 -43.83 -7.03
C TRP E 250 -3.81 -44.22 -8.23
N ALA E 251 -4.55 -45.33 -8.15
CA ALA E 251 -5.31 -45.73 -9.33
C ALA E 251 -6.73 -46.17 -9.08
N CYS E 252 -7.51 -46.17 -10.15
CA CYS E 252 -8.88 -46.69 -10.15
C CYS E 252 -9.16 -47.28 -11.53
N GLU E 253 -10.17 -48.15 -11.65
CA GLU E 253 -10.53 -48.76 -12.91
C GLU E 253 -11.82 -48.11 -13.44
N LEU E 254 -11.79 -47.67 -14.71
CA LEU E 254 -12.95 -47.10 -15.39
C LEU E 254 -13.48 -48.13 -16.37
N GLN E 255 -14.78 -48.03 -16.71
CA GLN E 255 -15.47 -48.92 -17.65
C GLN E 255 -15.69 -48.24 -19.03
N HIS E 256 -14.92 -47.17 -19.28
CA HIS E 256 -14.87 -46.38 -20.52
C HIS E 256 -13.49 -45.75 -20.63
N SER E 257 -13.10 -45.31 -21.84
CA SER E 257 -11.84 -44.60 -22.03
C SER E 257 -12.02 -43.13 -21.62
N PRO E 258 -11.10 -42.58 -20.78
CA PRO E 258 -11.19 -41.16 -20.39
C PRO E 258 -10.70 -40.21 -21.48
N LEU E 259 -10.22 -40.75 -22.61
CA LEU E 259 -9.82 -39.92 -23.75
C LEU E 259 -11.06 -39.87 -24.66
N ASP E 260 -12.17 -39.40 -24.08
CA ASP E 260 -13.49 -39.31 -24.72
C ASP E 260 -13.94 -37.85 -24.97
N VAL E 261 -12.96 -36.95 -25.26
CA VAL E 261 -13.22 -35.53 -25.56
C VAL E 261 -13.48 -35.36 -27.09
N VAL E 262 -14.73 -35.09 -27.45
CA VAL E 262 -15.13 -34.90 -28.86
C VAL E 262 -14.76 -33.48 -29.36
N ALA E 263 -14.82 -32.51 -28.46
CA ALA E 263 -14.56 -31.13 -28.81
C ALA E 263 -14.06 -30.37 -27.62
N TRP E 264 -13.24 -29.35 -27.89
CA TRP E 264 -12.70 -28.47 -26.88
C TRP E 264 -12.37 -27.07 -27.42
N HIS E 265 -12.26 -26.11 -26.51
CA HIS E 265 -11.89 -24.72 -26.82
C HIS E 265 -11.22 -24.14 -25.60
N GLY E 266 -10.20 -23.32 -25.79
CA GLY E 266 -9.50 -22.73 -24.67
C GLY E 266 -8.00 -22.67 -24.89
N SER E 267 -7.28 -22.40 -23.80
CA SER E 267 -5.85 -22.09 -23.71
C SER E 267 -4.95 -23.01 -22.86
N ASN E 268 -5.53 -23.97 -22.12
CA ASN E 268 -4.75 -24.88 -21.28
C ASN E 268 -4.60 -26.19 -22.09
N VAL E 269 -3.53 -26.23 -22.88
CA VAL E 269 -3.34 -27.25 -23.89
C VAL E 269 -1.98 -27.95 -23.89
N PRO E 270 -1.92 -29.20 -24.36
CA PRO E 270 -0.60 -29.81 -24.54
C PRO E 270 0.01 -29.24 -25.82
N TYR E 271 1.34 -29.24 -25.89
CA TYR E 271 2.02 -28.73 -27.07
C TYR E 271 3.38 -29.32 -27.35
N LYS E 272 3.79 -29.27 -28.63
CA LYS E 272 5.14 -29.72 -28.96
C LYS E 272 5.85 -28.54 -29.65
N TYR E 273 7.17 -28.57 -29.62
CA TYR E 273 7.98 -27.58 -30.30
C TYR E 273 9.28 -28.27 -30.79
N ASP E 274 9.67 -28.03 -32.04
CA ASP E 274 10.91 -28.53 -32.65
C ASP E 274 12.03 -27.52 -32.38
N LEU E 275 13.06 -27.97 -31.65
CA LEU E 275 14.18 -27.11 -31.24
C LEU E 275 15.03 -26.66 -32.40
N ARG E 276 14.85 -27.31 -33.58
CA ARG E 276 15.60 -26.99 -34.79
C ARG E 276 15.08 -25.67 -35.41
N ARG E 277 13.91 -25.22 -34.95
CA ARG E 277 13.26 -24.00 -35.40
C ARG E 277 13.66 -22.80 -34.55
N PHE E 278 14.49 -23.02 -33.51
CA PHE E 278 14.93 -21.94 -32.61
C PHE E 278 15.67 -20.87 -33.39
N ASN E 279 15.21 -19.60 -33.25
CA ASN E 279 15.88 -18.48 -33.90
C ASN E 279 16.99 -17.99 -32.93
N THR E 280 18.14 -18.69 -32.93
CA THR E 280 19.25 -18.45 -32.02
C THR E 280 19.86 -17.06 -32.18
N ILE E 281 19.95 -16.34 -31.08
CA ILE E 281 20.54 -14.99 -30.98
C ILE E 281 21.84 -15.16 -30.19
N GLY E 282 22.86 -14.41 -30.59
CA GLY E 282 24.17 -14.44 -29.96
C GLY E 282 25.05 -13.27 -30.29
N THR E 283 26.33 -13.40 -29.97
CA THR E 283 27.24 -12.32 -30.27
C THR E 283 27.53 -12.21 -31.74
N VAL E 284 27.54 -10.98 -32.25
CA VAL E 284 27.91 -10.76 -33.65
C VAL E 284 29.09 -9.84 -33.66
N SER E 285 29.80 -9.80 -32.52
CA SER E 285 30.95 -8.92 -32.34
C SER E 285 32.10 -9.58 -31.57
N PHE E 286 31.95 -9.65 -30.24
CA PHE E 286 32.97 -10.22 -29.36
C PHE E 286 32.27 -10.73 -28.13
N ASP E 287 33.06 -11.32 -27.21
CA ASP E 287 32.63 -11.81 -25.90
C ASP E 287 31.72 -13.05 -25.96
N HIS E 288 31.23 -13.51 -24.80
CA HIS E 288 30.40 -14.72 -24.75
C HIS E 288 29.07 -14.40 -24.07
N PRO E 289 27.93 -14.24 -24.80
CA PRO E 289 26.66 -13.92 -24.14
C PRO E 289 26.22 -14.85 -23.01
N ASP E 290 25.48 -14.31 -22.04
CA ASP E 290 24.96 -15.10 -20.94
C ASP E 290 24.05 -16.21 -21.52
N PRO E 291 24.06 -17.40 -20.90
CA PRO E 291 23.28 -18.52 -21.42
C PRO E 291 21.78 -18.32 -21.37
N SER E 292 21.34 -17.25 -20.70
CA SER E 292 19.92 -16.90 -20.64
C SER E 292 19.43 -16.52 -22.05
N ILE E 293 20.32 -16.08 -22.94
CA ILE E 293 19.96 -15.71 -24.32
C ILE E 293 19.33 -16.88 -25.09
N PHE E 294 19.66 -18.14 -24.70
CA PHE E 294 19.18 -19.38 -25.32
C PHE E 294 17.89 -19.90 -24.64
N THR E 295 17.17 -19.04 -23.91
CA THR E 295 15.93 -19.44 -23.25
C THR E 295 14.82 -19.83 -24.22
N VAL E 296 14.31 -21.07 -24.07
CA VAL E 296 13.16 -21.52 -24.88
C VAL E 296 11.89 -21.23 -24.10
N LEU E 297 11.77 -21.79 -22.88
CA LEU E 297 10.61 -21.56 -22.02
C LEU E 297 11.08 -21.22 -20.60
N THR E 298 10.24 -20.49 -19.87
CA THR E 298 10.54 -20.07 -18.50
C THR E 298 9.33 -20.17 -17.59
N SER E 299 9.57 -20.52 -16.33
CA SER E 299 8.57 -20.57 -15.27
C SER E 299 8.97 -19.43 -14.28
N PRO E 300 8.17 -18.35 -14.16
CA PRO E 300 8.56 -17.28 -13.24
C PRO E 300 8.17 -17.59 -11.80
N THR E 301 8.63 -16.74 -10.87
CA THR E 301 8.24 -16.73 -9.46
C THR E 301 7.65 -15.33 -9.26
N SER E 302 7.26 -15.01 -8.02
CA SER E 302 6.72 -13.68 -7.77
C SER E 302 7.81 -12.59 -7.70
N VAL E 303 9.09 -13.03 -7.69
CA VAL E 303 10.21 -12.12 -7.72
C VAL E 303 10.53 -11.90 -9.18
N HIS E 304 10.15 -10.71 -9.70
CA HIS E 304 10.40 -10.33 -11.09
C HIS E 304 11.89 -10.58 -11.44
N GLY E 305 12.12 -11.25 -12.57
CA GLY E 305 13.47 -11.54 -13.04
C GLY E 305 14.12 -12.81 -12.50
N MET E 306 13.65 -13.34 -11.35
CA MET E 306 14.20 -14.57 -10.82
C MET E 306 13.25 -15.72 -11.10
N ALA E 307 13.54 -16.52 -12.17
CA ALA E 307 12.65 -17.64 -12.53
C ALA E 307 12.66 -18.81 -11.55
N ASN E 308 11.56 -19.55 -11.52
CA ASN E 308 11.47 -20.84 -10.83
C ASN E 308 12.45 -21.75 -11.57
N MET E 309 12.35 -21.75 -12.92
CA MET E 309 13.25 -22.50 -13.77
C MET E 309 13.26 -21.86 -15.14
N ASP E 310 14.38 -21.96 -15.81
CA ASP E 310 14.59 -21.54 -17.18
C ASP E 310 15.07 -22.81 -17.94
N PHE E 311 14.43 -23.13 -19.07
CA PHE E 311 14.83 -24.19 -20.00
C PHE E 311 15.56 -23.46 -21.15
N VAL E 312 16.86 -23.73 -21.23
CA VAL E 312 17.79 -23.12 -22.17
C VAL E 312 18.41 -24.22 -23.03
N ILE E 313 18.65 -23.94 -24.33
CA ILE E 313 19.28 -24.92 -25.23
C ILE E 313 20.65 -24.43 -25.75
N PHE E 314 21.51 -25.35 -26.20
CA PHE E 314 22.83 -25.05 -26.75
C PHE E 314 22.86 -25.72 -28.12
N PRO E 315 22.28 -24.97 -29.07
CA PRO E 315 21.99 -25.55 -30.38
C PRO E 315 23.04 -25.30 -31.44
N PRO E 316 22.90 -25.85 -32.70
CA PRO E 316 23.85 -25.49 -33.76
C PRO E 316 23.79 -23.97 -33.94
N ARG E 317 24.95 -23.31 -34.03
CA ARG E 317 24.98 -21.84 -34.08
C ARG E 317 26.26 -21.37 -34.67
N TRP E 318 26.30 -20.10 -35.10
CA TRP E 318 27.53 -19.54 -35.62
C TRP E 318 28.35 -18.88 -34.52
N MET E 319 29.68 -19.12 -34.53
CA MET E 319 30.62 -18.55 -33.57
C MET E 319 31.48 -17.56 -34.31
N VAL E 320 31.32 -16.28 -33.99
CA VAL E 320 32.07 -15.24 -34.69
C VAL E 320 32.87 -14.31 -33.78
N ALA E 321 32.68 -14.39 -32.44
CA ALA E 321 33.33 -13.51 -31.45
C ALA E 321 34.84 -13.35 -31.74
N GLU E 322 35.26 -12.10 -31.99
CA GLU E 322 36.62 -11.67 -32.30
C GLU E 322 37.39 -11.36 -31.05
N ASN E 323 38.68 -11.77 -31.03
CA ASN E 323 39.61 -11.54 -29.93
C ASN E 323 38.99 -11.97 -28.60
N THR E 324 38.24 -13.10 -28.62
CA THR E 324 37.57 -13.62 -27.42
C THR E 324 37.78 -15.07 -27.09
N PHE E 325 37.58 -15.39 -25.82
CA PHE E 325 37.62 -16.75 -25.33
C PHE E 325 36.21 -17.28 -25.61
N ARG E 326 36.05 -18.07 -26.71
CA ARG E 326 34.72 -18.54 -27.16
C ARG E 326 33.96 -19.56 -26.31
N PRO E 327 34.58 -20.54 -25.62
CA PRO E 327 33.78 -21.44 -24.80
C PRO E 327 33.20 -20.71 -23.58
N PRO E 328 32.22 -21.31 -22.90
CA PRO E 328 31.67 -20.67 -21.69
C PRO E 328 32.78 -20.23 -20.75
N TRP E 329 32.62 -19.05 -20.12
CA TRP E 329 33.62 -18.53 -19.18
C TRP E 329 33.58 -19.35 -17.90
N PHE E 330 34.64 -19.25 -17.06
CA PHE E 330 34.60 -19.84 -15.71
C PHE E 330 33.51 -19.09 -14.97
N HIS E 331 32.68 -19.83 -14.21
CA HIS E 331 31.46 -19.31 -13.61
C HIS E 331 31.11 -19.87 -12.22
N ARG E 332 30.52 -19.02 -11.40
CA ARG E 332 30.00 -19.35 -10.05
C ARG E 332 28.67 -18.62 -10.05
N ASN E 333 27.60 -19.32 -9.70
CA ASN E 333 26.26 -18.76 -9.85
C ASN E 333 25.35 -19.02 -8.69
N LEU E 334 24.43 -18.06 -8.40
CA LEU E 334 23.44 -18.24 -7.34
C LEU E 334 22.50 -19.38 -7.79
N MET E 335 22.22 -19.43 -9.09
CA MET E 335 21.28 -20.41 -9.65
C MET E 335 21.89 -21.82 -9.74
N ASN E 336 21.07 -22.82 -9.90
CA ASN E 336 21.46 -24.23 -9.89
C ASN E 336 21.39 -24.75 -11.31
N GLU E 337 22.49 -25.35 -11.83
CA GLU E 337 22.60 -25.72 -13.25
C GLU E 337 22.56 -27.21 -13.55
N PHE E 338 21.45 -27.69 -14.13
CA PHE E 338 21.32 -29.11 -14.46
C PHE E 338 21.43 -29.27 -15.97
N MET E 339 22.52 -29.89 -16.45
CA MET E 339 22.76 -30.05 -17.89
C MET E 339 22.50 -31.42 -18.45
N GLY E 340 21.94 -31.46 -19.66
CA GLY E 340 21.62 -32.67 -20.40
C GLY E 340 22.12 -32.58 -21.83
N LEU E 341 22.08 -33.68 -22.55
CA LEU E 341 22.57 -33.75 -23.92
C LEU E 341 21.67 -34.71 -24.71
N ILE E 342 21.08 -34.19 -25.80
CA ILE E 342 20.15 -34.90 -26.66
C ILE E 342 20.91 -35.58 -27.81
N ASN E 343 21.84 -34.82 -28.45
CA ASN E 343 22.60 -35.26 -29.63
C ASN E 343 24.02 -34.72 -29.57
N GLY E 344 24.96 -35.47 -30.15
CA GLY E 344 26.36 -35.09 -30.30
C GLY E 344 27.16 -34.81 -29.04
N ALA E 345 27.89 -33.66 -29.04
CA ALA E 345 28.78 -33.23 -27.95
C ALA E 345 28.62 -31.74 -27.58
N TYR E 346 28.92 -31.38 -26.31
CA TYR E 346 28.81 -30.02 -25.83
C TYR E 346 30.17 -29.30 -25.82
N ASP E 347 30.20 -28.05 -26.34
CA ASP E 347 31.36 -27.16 -26.52
C ASP E 347 32.29 -26.95 -25.31
N ALA E 348 31.76 -27.12 -24.09
CA ALA E 348 32.52 -26.89 -22.84
C ALA E 348 33.25 -28.10 -22.25
N LYS E 349 32.86 -29.35 -22.63
CA LYS E 349 33.47 -30.57 -22.07
C LYS E 349 34.01 -31.54 -23.11
N ALA E 350 35.34 -31.66 -23.16
CA ALA E 350 36.06 -32.51 -24.11
C ALA E 350 35.67 -34.01 -24.04
N GLU E 351 35.55 -34.58 -22.83
CA GLU E 351 35.19 -35.99 -22.66
C GLU E 351 34.42 -36.24 -21.37
N GLY E 352 33.53 -37.24 -21.40
CA GLY E 352 32.75 -37.65 -20.25
C GLY E 352 31.28 -37.33 -20.24
N PHE E 353 30.85 -36.34 -21.05
CA PHE E 353 29.45 -35.88 -21.18
C PHE E 353 28.85 -36.40 -22.49
N LEU E 354 28.04 -37.46 -22.39
CA LEU E 354 27.46 -38.19 -23.52
C LEU E 354 25.90 -38.06 -23.59
N PRO E 355 25.23 -38.27 -24.77
CA PRO E 355 23.75 -38.18 -24.81
C PRO E 355 23.04 -39.06 -23.76
N GLY E 356 22.19 -38.44 -22.91
CA GLY E 356 21.50 -39.14 -21.82
C GLY E 356 22.22 -38.94 -20.49
N GLY E 357 23.45 -38.44 -20.58
CA GLY E 357 24.24 -38.10 -19.41
C GLY E 357 23.72 -36.85 -18.74
N ALA E 358 24.24 -36.55 -17.56
CA ALA E 358 23.79 -35.36 -16.82
C ALA E 358 24.84 -34.71 -15.96
N SER E 359 24.74 -33.40 -15.80
CA SER E 359 25.67 -32.73 -14.88
C SER E 359 24.94 -31.77 -13.96
N LEU E 360 25.36 -31.72 -12.69
CA LEU E 360 24.75 -30.81 -11.76
C LEU E 360 25.82 -29.99 -11.09
N HIS E 361 25.80 -28.70 -11.37
CA HIS E 361 26.60 -27.64 -10.77
C HIS E 361 25.64 -26.77 -9.94
N GLY E 362 25.58 -27.06 -8.66
CA GLY E 362 24.73 -26.35 -7.70
C GLY E 362 25.23 -24.96 -7.35
N VAL E 363 24.48 -24.31 -6.47
CA VAL E 363 24.70 -22.96 -5.94
C VAL E 363 26.15 -22.70 -5.53
N MET E 364 26.74 -21.72 -6.21
CA MET E 364 28.11 -21.22 -6.01
C MET E 364 29.25 -22.23 -6.28
N SER E 365 28.90 -23.41 -6.86
CA SER E 365 29.90 -24.42 -7.20
CA SER E 365 29.89 -24.44 -7.22
C SER E 365 30.67 -23.90 -8.44
N ALA E 366 31.98 -23.82 -8.30
CA ALA E 366 32.87 -23.32 -9.34
C ALA E 366 32.99 -24.25 -10.52
N HIS E 367 32.55 -23.77 -11.67
CA HIS E 367 32.60 -24.55 -12.89
C HIS E 367 33.22 -23.75 -13.99
N GLY E 368 33.34 -24.39 -15.14
CA GLY E 368 33.93 -23.82 -16.32
C GLY E 368 34.58 -24.86 -17.24
N PRO E 369 35.32 -24.36 -18.25
CA PRO E 369 35.94 -25.30 -19.19
C PRO E 369 37.05 -26.14 -18.58
N ASP E 370 37.34 -27.28 -19.20
CA ASP E 370 38.43 -28.15 -18.79
C ASP E 370 39.74 -27.57 -19.36
N ALA E 371 40.91 -28.17 -19.05
CA ALA E 371 42.19 -27.64 -19.56
C ALA E 371 42.35 -27.84 -21.06
N GLU E 372 41.79 -28.95 -21.62
CA GLU E 372 41.86 -29.25 -23.04
C GLU E 372 41.14 -28.16 -23.84
N THR E 373 39.90 -27.79 -23.42
CA THR E 373 39.05 -26.75 -24.03
C THR E 373 39.72 -25.36 -23.89
N CYS E 374 40.32 -25.07 -22.71
CA CYS E 374 41.06 -23.84 -22.39
C CYS E 374 42.24 -23.65 -23.33
N GLU E 375 43.13 -24.66 -23.40
CA GLU E 375 44.31 -24.60 -24.25
C GLU E 375 43.91 -24.38 -25.72
N LYS E 376 42.91 -25.15 -26.21
CA LYS E 376 42.39 -25.08 -27.58
C LYS E 376 41.92 -23.68 -27.98
N ALA E 377 41.06 -23.09 -27.14
CA ALA E 377 40.45 -21.77 -27.31
C ALA E 377 41.47 -20.64 -27.28
N ILE E 378 42.47 -20.67 -26.35
CA ILE E 378 43.52 -19.62 -26.29
C ILE E 378 44.45 -19.72 -27.51
N ALA E 379 44.61 -20.92 -28.07
CA ALA E 379 45.45 -21.13 -29.26
C ALA E 379 44.68 -21.04 -30.60
N ALA E 380 43.32 -20.96 -30.58
CA ALA E 380 42.47 -20.89 -31.78
C ALA E 380 42.68 -19.69 -32.70
N ASP E 381 42.77 -19.94 -34.03
CA ASP E 381 42.86 -18.85 -35.01
C ASP E 381 41.41 -18.50 -35.34
N LEU E 382 40.86 -17.51 -34.60
CA LEU E 382 39.47 -17.02 -34.64
C LEU E 382 38.97 -16.53 -35.98
N ALA E 383 38.08 -17.30 -36.56
CA ALA E 383 37.40 -17.02 -37.83
C ALA E 383 36.01 -17.59 -37.66
N PRO E 384 35.01 -17.14 -38.45
CA PRO E 384 33.66 -17.72 -38.30
C PRO E 384 33.67 -19.24 -38.35
N HIS E 385 33.05 -19.83 -37.33
CA HIS E 385 32.95 -21.29 -37.18
C HIS E 385 31.53 -21.61 -36.80
N LYS E 386 30.92 -22.60 -37.47
CA LYS E 386 29.57 -23.02 -37.15
C LYS E 386 29.57 -24.30 -36.32
N ILE E 387 29.04 -24.22 -35.09
CA ILE E 387 28.88 -25.38 -34.19
C ILE E 387 27.71 -26.15 -34.82
N ASP E 388 27.83 -27.48 -34.99
CA ASP E 388 26.80 -28.28 -35.66
C ASP E 388 26.66 -29.68 -35.06
N ASN E 389 25.59 -30.43 -35.46
CA ASN E 389 25.30 -31.83 -35.09
C ASN E 389 25.40 -32.07 -33.57
N THR E 390 24.74 -31.17 -32.82
CA THR E 390 24.71 -31.15 -31.36
C THR E 390 23.47 -30.45 -30.86
N MET E 391 23.02 -30.83 -29.67
CA MET E 391 21.95 -30.20 -28.96
C MET E 391 22.07 -30.58 -27.48
N ALA E 392 22.48 -29.62 -26.65
CA ALA E 392 22.62 -29.75 -25.21
C ALA E 392 21.55 -28.82 -24.68
N PHE E 393 21.22 -28.95 -23.42
CA PHE E 393 20.25 -28.10 -22.76
C PHE E 393 20.58 -27.97 -21.29
N MET E 394 19.88 -27.06 -20.64
CA MET E 394 20.01 -26.84 -19.19
C MET E 394 18.65 -26.53 -18.62
N PHE E 395 18.38 -27.09 -17.46
CA PHE E 395 17.20 -26.75 -16.65
C PHE E 395 17.87 -25.94 -15.52
N GLU E 396 17.70 -24.61 -15.50
CA GLU E 396 18.34 -23.80 -14.46
C GLU E 396 17.25 -23.44 -13.46
N THR E 397 17.46 -23.76 -12.16
CA THR E 397 16.46 -23.47 -11.11
C THR E 397 16.98 -22.44 -10.11
N SER E 398 16.08 -21.69 -9.48
CA SER E 398 16.46 -20.74 -8.42
C SER E 398 16.67 -21.48 -7.10
N GLN E 399 15.81 -22.49 -6.79
CA GLN E 399 15.94 -23.31 -5.57
C GLN E 399 17.02 -24.39 -5.75
N VAL E 400 17.68 -24.73 -4.65
CA VAL E 400 18.73 -25.73 -4.67
C VAL E 400 18.15 -27.09 -5.12
N LEU E 401 18.87 -27.79 -6.05
CA LEU E 401 18.42 -29.11 -6.51
C LEU E 401 19.09 -30.13 -5.63
N ARG E 402 18.30 -30.92 -4.91
CA ARG E 402 18.83 -31.96 -4.02
C ARG E 402 18.84 -33.30 -4.74
N PRO E 403 20.02 -33.89 -5.04
CA PRO E 403 20.02 -35.22 -5.69
C PRO E 403 19.34 -36.30 -4.84
N SER E 404 18.66 -37.26 -5.48
CA SER E 404 18.02 -38.34 -4.72
C SER E 404 19.08 -39.34 -4.26
N LEU E 405 18.73 -40.15 -3.27
CA LEU E 405 19.63 -41.21 -2.78
C LEU E 405 19.99 -42.13 -3.96
N GLN E 406 18.98 -42.40 -4.83
CA GLN E 406 19.10 -43.23 -6.04
C GLN E 406 20.17 -42.70 -7.01
N ALA E 407 20.18 -41.37 -7.31
CA ALA E 407 21.16 -40.73 -8.20
C ALA E 407 22.56 -40.67 -7.58
N LEU E 408 22.64 -40.66 -6.24
CA LEU E 408 23.92 -40.63 -5.55
C LEU E 408 24.54 -42.01 -5.42
N GLU E 409 23.71 -43.09 -5.40
CA GLU E 409 24.18 -44.49 -5.27
C GLU E 409 24.25 -45.19 -6.64
N CYS E 410 23.84 -44.44 -7.65
CA CYS E 410 23.80 -44.66 -9.08
C CYS E 410 25.17 -45.17 -9.59
N PRO E 411 25.27 -46.35 -10.25
CA PRO E 411 26.58 -46.78 -10.81
C PRO E 411 27.11 -45.80 -11.88
N GLN E 412 26.19 -45.01 -12.44
CA GLN E 412 26.40 -44.00 -13.48
C GLN E 412 27.03 -42.74 -12.97
N LEU E 413 26.84 -42.42 -11.67
CA LEU E 413 27.46 -41.23 -11.07
C LEU E 413 28.98 -41.36 -11.15
N GLN E 414 29.61 -40.52 -11.99
CA GLN E 414 31.07 -40.52 -12.20
C GLN E 414 31.79 -40.23 -10.91
N ALA E 415 32.80 -41.10 -10.63
CA ALA E 415 33.61 -41.13 -9.42
C ALA E 415 34.62 -40.00 -9.28
N ASP E 416 35.28 -39.62 -10.37
CA ASP E 416 36.28 -38.55 -10.31
C ASP E 416 36.02 -37.46 -11.37
N TYR E 417 34.85 -36.78 -11.25
CA TYR E 417 34.45 -35.70 -12.15
C TYR E 417 35.33 -34.44 -11.97
N ASP E 418 35.75 -34.17 -10.72
CA ASP E 418 36.59 -33.02 -10.37
C ASP E 418 37.93 -33.06 -11.10
N SER E 419 38.40 -34.27 -11.46
CA SER E 419 39.65 -34.45 -12.20
C SER E 419 39.71 -33.75 -13.55
N CYS E 420 38.54 -33.43 -14.20
CA CYS E 420 38.60 -32.78 -15.51
C CYS E 420 39.14 -31.36 -15.50
N TRP E 421 39.25 -30.76 -14.29
CA TRP E 421 39.78 -29.41 -14.07
C TRP E 421 41.13 -29.41 -13.39
N ALA E 422 41.61 -30.61 -12.95
CA ALA E 422 42.84 -30.80 -12.18
C ALA E 422 44.11 -30.33 -12.86
N THR E 423 44.15 -30.40 -14.20
CA THR E 423 45.33 -30.05 -15.01
C THR E 423 45.26 -28.59 -15.53
N LEU E 424 44.55 -27.70 -14.81
CA LEU E 424 44.47 -26.29 -15.19
C LEU E 424 45.73 -25.56 -14.68
N PRO E 425 46.57 -25.03 -15.59
CA PRO E 425 47.83 -24.43 -15.15
C PRO E 425 47.77 -22.94 -14.83
N SER E 426 48.78 -22.44 -14.10
CA SER E 426 48.96 -21.01 -13.88
C SER E 426 49.64 -20.52 -15.17
N THR E 427 49.15 -19.43 -15.78
CA THR E 427 49.70 -18.79 -17.00
C THR E 427 50.13 -17.34 -16.68
N PHE E 428 50.01 -16.95 -15.40
CA PHE E 428 50.30 -15.60 -14.89
C PHE E 428 51.75 -15.20 -14.91
N ASN E 429 52.02 -14.00 -15.43
CA ASN E 429 53.33 -13.37 -15.47
C ASN E 429 53.12 -11.90 -15.16
N PRO E 430 53.40 -11.47 -13.91
CA PRO E 430 53.20 -10.05 -13.56
C PRO E 430 54.13 -9.05 -14.25
N ASN E 431 55.20 -9.54 -14.87
CA ASN E 431 56.19 -8.72 -15.52
C ASN E 431 55.99 -8.54 -17.04
N ARG E 432 54.80 -8.87 -17.54
CA ARG E 432 54.42 -8.71 -18.94
C ARG E 432 52.90 -8.73 -19.11
N ARG E 433 52.36 -7.56 -19.49
CA ARG E 433 50.92 -7.34 -19.71
C ARG E 433 50.41 -8.11 -20.94
N ASP F 8 -12.89 59.84 -10.23
CA ASP F 8 -11.85 60.46 -9.43
C ASP F 8 -12.42 61.17 -8.19
N LEU F 9 -11.60 61.29 -7.11
CA LEU F 9 -11.96 62.05 -5.91
C LEU F 9 -11.79 63.54 -6.23
N HIS F 10 -12.72 64.41 -5.78
CA HIS F 10 -12.60 65.87 -6.01
C HIS F 10 -11.79 66.58 -4.91
N TYR F 11 -11.10 67.70 -5.25
CA TYR F 11 -10.30 68.47 -4.28
C TYR F 11 -10.48 69.98 -4.46
N LEU F 12 -10.22 70.72 -3.37
CA LEU F 12 -10.25 72.20 -3.33
C LEU F 12 -8.79 72.70 -3.26
N SER F 13 -8.42 73.72 -4.10
CA SER F 13 -7.06 74.30 -4.17
C SER F 13 -6.90 75.62 -3.37
N GLY F 14 -5.69 75.85 -2.86
CA GLY F 14 -5.34 77.07 -2.14
C GLY F 14 -4.87 76.86 -0.72
N PHE F 15 -3.56 76.73 -0.53
CA PHE F 15 -2.99 76.60 0.83
C PHE F 15 -3.43 77.78 1.69
N GLY F 16 -3.96 77.47 2.85
CA GLY F 16 -4.34 78.47 3.84
C GLY F 16 -5.67 79.13 3.61
N ASN F 17 -6.41 78.65 2.60
CA ASN F 17 -7.73 79.20 2.30
C ASN F 17 -8.80 78.95 3.36
N GLU F 18 -9.83 79.78 3.36
CA GLU F 18 -11.05 79.58 4.14
C GLU F 18 -11.95 78.83 3.15
N PHE F 19 -12.00 77.49 3.28
CA PHE F 19 -12.76 76.66 2.37
C PHE F 19 -14.18 76.44 2.85
N ALA F 20 -15.02 75.90 1.95
CA ALA F 20 -16.39 75.53 2.29
C ALA F 20 -16.73 74.32 1.45
N SER F 21 -17.35 73.32 2.09
CA SER F 21 -17.74 72.09 1.42
C SER F 21 -18.92 71.46 2.09
N GLU F 22 -19.97 71.15 1.28
CA GLU F 22 -21.18 70.46 1.75
C GLU F 22 -21.55 69.23 0.87
N ALA F 23 -21.75 68.01 1.48
CA ALA F 23 -22.12 66.77 0.76
C ALA F 23 -23.64 66.68 0.47
N LEU F 24 -24.43 67.57 1.11
CA LEU F 24 -25.88 67.72 0.91
C LEU F 24 -26.16 69.21 0.62
N PRO F 25 -27.10 69.55 -0.31
CA PRO F 25 -27.34 70.98 -0.61
C PRO F 25 -27.94 71.71 0.58
N GLY F 26 -27.35 72.85 0.92
CA GLY F 26 -27.82 73.65 2.05
C GLY F 26 -27.41 73.12 3.42
N ALA F 27 -26.62 72.03 3.49
CA ALA F 27 -26.16 71.50 4.79
C ALA F 27 -25.32 72.53 5.61
N LEU F 28 -24.63 73.41 4.91
CA LEU F 28 -23.81 74.48 5.48
C LEU F 28 -24.72 75.68 5.81
N PRO F 29 -24.67 76.17 7.08
CA PRO F 29 -25.57 77.27 7.49
C PRO F 29 -25.16 78.58 6.85
N VAL F 30 -26.14 79.32 6.29
CA VAL F 30 -25.88 80.57 5.61
C VAL F 30 -25.92 81.82 6.52
N GLY F 31 -24.83 82.59 6.50
CA GLY F 31 -24.67 83.82 7.26
C GLY F 31 -24.43 83.68 8.75
N GLN F 32 -24.29 82.44 9.25
CA GLN F 32 -23.98 82.17 10.66
C GLN F 32 -23.32 80.79 10.81
N ASN F 33 -22.68 80.53 11.98
CA ASN F 33 -22.04 79.27 12.30
C ASN F 33 -22.89 78.36 13.20
N SER F 34 -23.75 78.96 14.05
CA SER F 34 -24.52 78.25 15.06
C SER F 34 -26.03 78.49 15.01
N PRO F 35 -26.75 78.01 13.97
CA PRO F 35 -28.21 78.18 13.98
C PRO F 35 -28.87 77.40 15.11
N GLN F 36 -30.07 77.83 15.56
CA GLN F 36 -30.83 77.06 16.57
C GLN F 36 -31.39 75.81 15.91
N LYS F 37 -32.03 76.01 14.74
CA LYS F 37 -32.62 74.99 13.90
C LYS F 37 -31.65 74.83 12.75
N ALA F 38 -30.68 73.93 12.95
CA ALA F 38 -29.62 73.64 12.00
C ALA F 38 -30.05 72.78 10.80
N PRO F 39 -29.50 73.07 9.58
CA PRO F 39 -29.87 72.26 8.40
C PRO F 39 -29.69 70.75 8.60
N TYR F 40 -30.71 69.96 8.21
CA TYR F 40 -30.73 68.50 8.33
C TYR F 40 -30.66 67.98 9.77
N GLY F 41 -30.73 68.86 10.76
CA GLY F 41 -30.70 68.45 12.16
C GLY F 41 -29.31 68.03 12.62
N LEU F 42 -28.31 68.64 11.98
CA LEU F 42 -26.89 68.45 12.22
C LEU F 42 -26.42 69.22 13.45
N TYR F 43 -25.28 68.76 14.02
CA TYR F 43 -24.66 69.35 15.19
C TYR F 43 -23.50 70.18 14.75
N ALA F 44 -23.44 71.43 15.19
CA ALA F 44 -22.33 72.32 14.89
C ALA F 44 -21.22 72.00 15.89
N GLU F 45 -19.98 71.94 15.41
CA GLU F 45 -18.80 71.66 16.22
C GLU F 45 -17.67 72.49 15.72
N LEU F 46 -16.91 73.04 16.63
CA LEU F 46 -15.73 73.81 16.26
C LEU F 46 -14.49 73.03 16.64
N LEU F 47 -13.57 72.93 15.69
CA LEU F 47 -12.26 72.33 15.90
C LEU F 47 -11.30 73.52 15.80
N SER F 48 -10.76 73.92 16.98
CA SER F 48 -9.84 75.04 17.10
C SER F 48 -8.40 74.53 17.10
N GLY F 49 -7.74 74.65 15.94
CA GLY F 49 -6.36 74.20 15.74
C GLY F 49 -5.30 75.09 16.37
N THR F 50 -5.66 76.36 16.62
CA THR F 50 -4.76 77.38 17.20
C THR F 50 -5.51 78.07 18.35
N ALA F 51 -4.79 78.85 19.19
CA ALA F 51 -5.42 79.64 20.25
C ALA F 51 -6.42 80.61 19.57
N PHE F 52 -7.57 80.96 20.24
CA PHE F 52 -8.58 81.84 19.61
C PHE F 52 -8.02 83.21 19.20
N THR F 53 -7.10 83.73 20.03
CA THR F 53 -6.45 85.03 19.95
C THR F 53 -5.22 85.12 19.00
N MET F 54 -4.96 84.11 18.15
CA MET F 54 -3.85 84.21 17.20
C MET F 54 -4.19 85.27 16.17
N ALA F 55 -3.15 85.82 15.53
CA ALA F 55 -3.32 86.80 14.47
C ALA F 55 -3.98 86.01 13.33
N ARG F 56 -4.80 86.70 12.52
CA ARG F 56 -5.58 86.09 11.45
CA ARG F 56 -5.59 86.12 11.41
C ARG F 56 -4.76 85.27 10.45
N SER F 57 -3.53 85.70 10.15
CA SER F 57 -2.66 84.98 9.24
C SER F 57 -2.22 83.59 9.77
N GLU F 58 -2.33 83.37 11.09
CA GLU F 58 -1.90 82.18 11.82
C GLU F 58 -3.02 81.27 12.26
N LEU F 59 -4.26 81.80 12.28
CA LEU F 59 -5.51 81.11 12.63
C LEU F 59 -5.77 79.86 11.80
N ARG F 60 -6.12 78.79 12.49
CA ARG F 60 -6.46 77.52 11.89
C ARG F 60 -7.68 77.00 12.68
N ARG F 61 -8.86 77.10 12.09
CA ARG F 61 -10.08 76.59 12.72
C ARG F 61 -11.10 76.18 11.65
N THR F 62 -11.88 75.13 11.97
CA THR F 62 -12.91 74.57 11.07
C THR F 62 -14.20 74.30 11.84
N TRP F 63 -15.34 74.66 11.24
CA TRP F 63 -16.68 74.38 11.76
C TRP F 63 -17.17 73.14 11.05
N LEU F 64 -17.66 72.17 11.84
CA LEU F 64 -18.15 70.87 11.39
C LEU F 64 -19.63 70.78 11.67
N TYR F 65 -20.37 70.17 10.73
CA TYR F 65 -21.83 69.98 10.80
C TYR F 65 -22.01 68.50 10.58
N ARG F 66 -22.13 67.80 11.69
CA ARG F 66 -22.06 66.37 11.83
C ARG F 66 -23.29 65.73 12.49
N ILE F 67 -23.46 64.44 12.20
CA ILE F 67 -24.59 63.63 12.70
C ILE F 67 -24.57 63.49 14.22
N ARG F 68 -23.37 63.23 14.80
CA ARG F 68 -23.21 63.06 16.24
C ARG F 68 -22.03 63.89 16.75
N PRO F 69 -22.19 64.69 17.84
CA PRO F 69 -21.02 65.47 18.35
C PRO F 69 -19.90 64.51 18.71
N SER F 70 -18.63 64.97 18.60
CA SER F 70 -17.46 64.14 18.94
C SER F 70 -17.46 63.78 20.43
N ALA F 71 -18.17 64.58 21.25
CA ALA F 71 -18.29 64.38 22.70
C ALA F 71 -19.00 63.08 23.09
N LEU F 72 -19.85 62.53 22.18
CA LEU F 72 -20.54 61.26 22.41
C LEU F 72 -19.58 60.07 22.20
N HIS F 73 -18.87 59.72 23.27
CA HIS F 73 -17.92 58.59 23.32
C HIS F 73 -17.77 58.09 24.76
N PRO F 74 -17.48 56.79 24.98
CA PRO F 74 -17.27 56.32 26.36
C PRO F 74 -15.86 56.65 26.83
N ARG F 75 -15.53 56.30 28.09
CA ARG F 75 -14.19 56.50 28.63
C ARG F 75 -13.15 55.76 27.77
N PHE F 76 -12.01 56.44 27.50
CA PHE F 76 -10.84 55.92 26.79
C PHE F 76 -10.02 54.97 27.72
N GLU F 77 -9.52 53.85 27.18
CA GLU F 77 -8.72 52.88 27.93
C GLU F 77 -7.38 52.70 27.23
N ARG F 78 -6.30 52.55 28.00
CA ARG F 78 -4.97 52.37 27.45
C ARG F 78 -4.89 50.95 26.81
N LEU F 79 -4.39 50.86 25.56
CA LEU F 79 -4.22 49.55 24.91
C LEU F 79 -2.94 48.87 25.44
N ALA F 80 -2.82 47.58 25.23
CA ALA F 80 -1.60 46.89 25.58
C ALA F 80 -0.51 47.06 24.53
N ARG F 81 -0.92 47.17 23.29
CA ARG F 81 0.07 47.33 22.20
C ARG F 81 0.45 48.83 22.00
N GLN F 82 1.69 49.16 22.26
CA GLN F 82 2.21 50.49 22.25
C GLN F 82 3.50 50.55 21.41
N PRO F 83 3.30 50.90 20.07
CA PRO F 83 4.54 50.90 19.27
C PRO F 83 5.66 51.87 19.63
N LEU F 84 5.42 52.85 20.49
CA LEU F 84 6.50 53.79 20.79
C LEU F 84 6.65 54.17 22.23
N GLY F 85 6.43 53.13 23.01
CA GLY F 85 6.76 53.10 24.39
C GLY F 85 8.19 52.66 24.71
N GLY F 86 8.94 52.20 23.73
CA GLY F 86 10.32 51.83 23.94
C GLY F 86 11.16 53.01 24.38
N PRO F 87 12.33 52.76 24.99
CA PRO F 87 13.14 53.85 25.54
C PRO F 87 13.96 54.60 24.51
N LEU F 88 14.43 55.79 24.91
CA LEU F 88 15.28 56.65 24.11
C LEU F 88 16.65 56.00 24.15
N GLY F 89 17.36 55.96 23.03
CA GLY F 89 18.69 55.37 23.00
C GLY F 89 19.70 56.19 23.79
N GLY F 90 20.90 55.69 23.88
CA GLY F 90 21.96 56.41 24.59
C GLY F 90 22.49 57.61 23.84
N ILE F 91 23.17 58.50 24.58
CA ILE F 91 23.86 59.66 24.03
C ILE F 91 24.82 59.10 22.97
N ASN F 92 24.71 59.60 21.74
CA ASN F 92 25.59 59.18 20.65
C ASN F 92 25.79 60.36 19.68
N PRO F 93 27.03 60.87 19.51
CA PRO F 93 27.24 62.00 18.60
C PRO F 93 27.45 61.63 17.12
N ASN F 94 27.67 60.35 16.83
CA ASN F 94 28.03 59.87 15.50
C ASN F 94 27.06 60.13 14.39
N ARG F 95 27.62 60.19 13.18
CA ARG F 95 26.88 60.30 11.93
C ARG F 95 26.30 58.88 11.71
N LEU F 96 24.98 58.81 11.48
CA LEU F 96 24.29 57.53 11.36
C LEU F 96 23.55 57.38 10.04
N ARG F 97 23.61 56.20 9.46
CA ARG F 97 22.88 55.87 8.25
C ARG F 97 22.21 54.52 8.46
N TRP F 98 20.96 54.40 8.02
CA TRP F 98 20.19 53.17 8.10
C TRP F 98 19.81 52.74 6.72
N SER F 99 19.78 51.42 6.56
CA SER F 99 19.37 50.72 5.37
C SER F 99 17.85 50.77 5.39
N PRO F 100 17.13 50.54 4.27
CA PRO F 100 15.66 50.60 4.33
C PRO F 100 15.08 49.66 5.39
N GLN F 101 13.94 50.04 5.99
CA GLN F 101 13.29 49.25 7.04
C GLN F 101 12.34 48.23 6.44
N PRO F 102 12.48 46.91 6.76
CA PRO F 102 11.53 45.93 6.21
C PRO F 102 10.14 45.96 6.87
N ILE F 103 9.11 45.70 6.05
CA ILE F 103 7.72 45.62 6.51
C ILE F 103 7.65 44.39 7.46
N PRO F 104 7.04 44.52 8.68
CA PRO F 104 6.97 43.36 9.60
C PRO F 104 5.99 42.28 9.16
N ALA F 105 6.15 41.03 9.67
CA ALA F 105 5.26 39.92 9.36
C ALA F 105 3.98 39.98 10.19
N GLU F 106 4.10 40.41 11.44
CA GLU F 106 2.98 40.55 12.39
C GLU F 106 1.92 41.50 11.82
N PRO F 107 0.60 41.15 11.87
CA PRO F 107 -0.43 42.09 11.36
C PRO F 107 -0.21 43.49 11.98
N THR F 108 -0.01 44.51 11.13
CA THR F 108 0.35 45.87 11.52
C THR F 108 -0.30 46.90 10.59
N ASP F 109 -1.15 47.77 11.16
CA ASP F 109 -1.81 48.78 10.35
C ASP F 109 -0.96 50.06 10.33
N PHE F 110 -1.51 51.15 9.82
CA PHE F 110 -0.81 52.42 9.77
C PHE F 110 -0.29 52.92 11.14
N ILE F 111 -1.16 53.01 12.16
CA ILE F 111 -0.76 53.51 13.50
C ILE F 111 0.11 52.53 14.32
N GLU F 112 -0.04 51.20 14.12
CA GLU F 112 0.76 50.23 14.87
C GLU F 112 2.18 50.09 14.29
N GLY F 113 2.37 50.55 13.04
CA GLY F 113 3.62 50.44 12.30
C GLY F 113 4.66 51.54 12.34
N TRP F 114 4.48 52.55 13.21
CA TRP F 114 5.47 53.62 13.35
C TRP F 114 6.71 53.12 14.08
N LEU F 115 7.85 53.25 13.41
CA LEU F 115 9.14 52.91 14.01
C LEU F 115 9.79 54.23 14.36
N PRO F 116 9.87 54.59 15.66
CA PRO F 116 10.50 55.86 16.06
C PRO F 116 12.00 55.87 15.73
N MET F 117 12.43 56.81 14.88
CA MET F 117 13.84 56.89 14.46
C MET F 117 14.60 57.83 15.37
N ALA F 118 14.14 59.08 15.45
CA ALA F 118 14.77 60.10 16.27
C ALA F 118 13.75 61.15 16.65
N ALA F 119 13.89 61.70 17.86
CA ALA F 119 12.99 62.72 18.35
C ALA F 119 13.71 63.75 19.20
N ASN F 120 13.09 64.95 19.32
CA ASN F 120 13.68 65.99 20.14
C ASN F 120 13.41 65.69 21.61
N ALA F 121 12.37 64.95 21.90
CA ALA F 121 12.03 64.68 23.28
C ALA F 121 11.47 63.30 23.47
N GLY F 122 11.43 62.89 24.74
CA GLY F 122 10.84 61.63 25.17
C GLY F 122 9.37 61.64 24.78
N ALA F 123 8.91 60.55 24.17
CA ALA F 123 7.53 60.38 23.66
C ALA F 123 6.42 60.86 24.62
N GLU F 124 6.66 60.72 25.94
CA GLU F 124 5.75 61.15 27.01
C GLU F 124 5.68 62.66 27.29
N LYS F 125 6.63 63.44 26.77
CA LYS F 125 6.65 64.91 26.91
C LYS F 125 6.99 65.44 25.52
N PRO F 126 6.00 65.46 24.60
CA PRO F 126 6.27 65.87 23.23
C PRO F 126 6.61 67.34 23.08
N ALA F 127 7.65 67.63 22.28
CA ALA F 127 8.12 68.98 21.97
C ALA F 127 8.94 68.90 20.69
N GLY F 128 8.93 69.99 19.94
CA GLY F 128 9.67 70.07 18.69
C GLY F 128 9.12 69.13 17.63
N VAL F 129 9.92 68.13 17.26
CA VAL F 129 9.56 67.15 16.23
CA VAL F 129 9.56 67.16 16.22
C VAL F 129 9.94 65.72 16.65
N SER F 130 9.14 64.75 16.21
CA SER F 130 9.37 63.32 16.39
C SER F 130 9.35 62.70 14.98
N ILE F 131 10.41 61.95 14.63
CA ILE F 131 10.51 61.37 13.30
C ILE F 131 10.36 59.87 13.36
N TYR F 132 9.49 59.34 12.48
CA TYR F 132 9.26 57.90 12.36
C TYR F 132 9.38 57.46 10.91
N ILE F 133 9.54 56.14 10.72
CA ILE F 133 9.39 55.44 9.42
C ILE F 133 8.20 54.49 9.66
N TYR F 134 7.15 54.57 8.82
CA TYR F 134 5.99 53.69 8.98
C TYR F 134 6.07 52.50 8.02
N ARG F 135 5.68 51.35 8.50
CA ARG F 135 5.61 50.07 7.75
C ARG F 135 4.24 49.48 8.10
N ALA F 136 3.42 49.19 7.09
CA ALA F 136 2.09 48.63 7.34
C ALA F 136 1.80 47.52 6.35
N ASN F 137 1.02 46.51 6.76
CA ASN F 137 0.67 45.40 5.87
C ASN F 137 -0.84 45.19 5.80
N ARG F 138 -1.61 46.04 6.53
CA ARG F 138 -3.07 45.98 6.62
CA ARG F 138 -3.06 45.97 6.54
C ARG F 138 -3.66 47.38 6.60
N SER F 139 -4.91 47.50 6.15
CA SER F 139 -5.66 48.74 6.17
C SER F 139 -6.31 48.80 7.54
N MET F 140 -6.45 50.01 8.09
CA MET F 140 -7.03 50.25 9.40
C MET F 140 -8.51 49.88 9.48
N GLU F 141 -8.86 49.11 10.50
CA GLU F 141 -10.23 48.67 10.82
C GLU F 141 -10.63 49.43 12.12
N ARG F 142 -10.39 50.76 12.11
CA ARG F 142 -10.64 51.71 13.22
C ARG F 142 -10.41 53.15 12.78
N VAL F 143 -10.76 54.13 13.65
CA VAL F 143 -10.52 55.55 13.34
C VAL F 143 -9.49 56.09 14.33
N PHE F 144 -8.61 57.00 13.89
CA PHE F 144 -7.58 57.50 14.80
C PHE F 144 -7.39 59.00 14.73
N PHE F 145 -6.91 59.57 15.83
CA PHE F 145 -6.51 60.98 15.91
C PHE F 145 -5.31 61.20 16.75
N ASN F 146 -4.53 62.22 16.39
CA ASN F 146 -3.34 62.48 17.16
C ASN F 146 -3.45 63.73 18.01
N ALA F 147 -3.57 63.54 19.34
CA ALA F 147 -3.61 64.70 20.22
C ALA F 147 -2.23 65.40 20.42
N ASP F 148 -1.12 64.73 20.07
CA ASP F 148 0.27 65.17 20.30
C ASP F 148 0.83 66.16 19.28
N GLY F 149 0.32 66.10 18.06
CA GLY F 149 0.74 67.02 17.01
C GLY F 149 0.15 66.79 15.63
N GLU F 150 0.60 67.64 14.68
CA GLU F 150 0.33 67.64 13.25
C GLU F 150 1.19 66.52 12.66
N LEU F 151 0.63 65.79 11.69
CA LEU F 151 1.37 64.74 11.02
C LEU F 151 1.67 65.07 9.55
N LEU F 152 2.96 64.97 9.17
CA LEU F 152 3.50 65.16 7.81
C LEU F 152 3.93 63.79 7.28
N LEU F 153 3.17 63.28 6.29
CA LEU F 153 3.37 61.95 5.70
C LEU F 153 4.14 62.07 4.37
N VAL F 154 5.25 61.31 4.25
CA VAL F 154 6.06 61.28 3.03
C VAL F 154 6.10 59.83 2.55
N PRO F 155 5.13 59.41 1.71
CA PRO F 155 5.14 58.01 1.24
C PRO F 155 6.40 57.70 0.46
N GLU F 156 6.79 56.44 0.52
CA GLU F 156 7.97 55.96 -0.16
C GLU F 156 7.61 54.77 -1.03
N GLN F 157 6.83 53.82 -0.51
CA GLN F 157 6.34 52.63 -1.23
C GLN F 157 4.85 52.49 -0.97
N GLY F 158 4.08 52.32 -2.04
CA GLY F 158 2.64 52.10 -1.95
C GLY F 158 1.76 53.33 -1.77
N ARG F 159 0.55 53.26 -2.38
CA ARG F 159 -0.50 54.30 -2.35
C ARG F 159 -1.38 54.19 -1.11
N LEU F 160 -1.72 55.35 -0.49
CA LEU F 160 -2.54 55.42 0.72
C LEU F 160 -3.86 56.11 0.42
N ARG F 161 -4.98 55.54 0.88
CA ARG F 161 -6.28 56.21 0.77
C ARG F 161 -6.63 56.63 2.20
N ILE F 162 -6.53 57.95 2.50
CA ILE F 162 -6.78 58.50 3.83
C ILE F 162 -8.16 59.11 3.90
N ALA F 163 -9.03 58.51 4.72
CA ALA F 163 -10.38 59.01 4.94
C ALA F 163 -10.32 59.85 6.18
N THR F 164 -10.56 61.17 6.04
CA THR F 164 -10.50 62.10 7.19
C THR F 164 -11.91 62.63 7.44
N GLU F 165 -12.10 63.34 8.58
CA GLU F 165 -13.37 63.96 8.95
C GLU F 165 -13.86 64.94 7.88
N LEU F 166 -12.91 65.60 7.17
CA LEU F 166 -13.26 66.57 6.15
C LEU F 166 -13.37 65.96 4.75
N GLY F 167 -12.97 64.70 4.61
CA GLY F 167 -13.09 64.02 3.33
C GLY F 167 -11.97 63.04 3.03
N VAL F 168 -12.02 62.49 1.84
CA VAL F 168 -11.04 61.48 1.43
C VAL F 168 -9.99 62.05 0.48
N MET F 169 -8.72 61.72 0.75
CA MET F 169 -7.55 62.04 -0.09
C MET F 169 -6.73 60.77 -0.37
N GLU F 170 -6.08 60.74 -1.51
CA GLU F 170 -5.26 59.61 -1.94
C GLU F 170 -3.87 60.17 -2.13
N VAL F 171 -2.89 59.49 -1.56
CA VAL F 171 -1.50 59.94 -1.57
C VAL F 171 -0.63 58.82 -2.10
N GLU F 172 0.34 59.17 -2.94
CA GLU F 172 1.27 58.17 -3.47
C GLU F 172 2.70 58.66 -3.29
N PRO F 173 3.74 57.82 -3.51
CA PRO F 173 5.11 58.33 -3.47
C PRO F 173 5.27 59.47 -4.49
N LEU F 174 6.03 60.50 -4.10
CA LEU F 174 6.30 61.76 -4.81
C LEU F 174 5.26 62.84 -4.48
N GLU F 175 4.33 62.48 -3.58
CA GLU F 175 3.33 63.39 -3.02
C GLU F 175 3.58 63.43 -1.51
N ILE F 176 3.04 64.45 -0.83
CA ILE F 176 3.08 64.59 0.63
C ILE F 176 1.67 64.86 1.14
N ALA F 177 1.42 64.53 2.41
CA ALA F 177 0.12 64.79 3.01
C ALA F 177 0.28 65.29 4.43
N VAL F 178 -0.61 66.21 4.84
CA VAL F 178 -0.57 66.72 6.19
C VAL F 178 -1.91 66.49 6.90
N ILE F 179 -1.90 65.92 8.11
CA ILE F 179 -3.14 65.76 8.90
C ILE F 179 -3.02 66.62 10.17
N PRO F 180 -3.94 67.62 10.35
CA PRO F 180 -3.89 68.47 11.54
C PRO F 180 -4.08 67.71 12.83
N ARG F 181 -3.51 68.24 13.90
CA ARG F 181 -3.61 67.68 15.24
C ARG F 181 -5.07 67.53 15.61
N GLY F 182 -5.41 66.39 16.23
CA GLY F 182 -6.77 66.15 16.67
C GLY F 182 -7.76 65.73 15.61
N MET F 183 -7.41 65.82 14.32
CA MET F 183 -8.37 65.40 13.28
C MET F 183 -8.43 63.83 13.13
N LYS F 184 -9.65 63.27 13.07
CA LYS F 184 -9.91 61.82 12.94
C LYS F 184 -9.75 61.38 11.49
N PHE F 185 -9.06 60.25 11.28
CA PHE F 185 -8.76 59.70 9.96
C PHE F 185 -8.57 58.18 10.07
N ARG F 186 -8.67 57.50 8.92
CA ARG F 186 -8.48 56.06 8.78
CA ARG F 186 -8.52 56.06 8.77
C ARG F 186 -7.64 55.84 7.52
N VAL F 187 -6.56 55.05 7.63
CA VAL F 187 -5.68 54.80 6.48
C VAL F 187 -5.92 53.44 5.81
N GLU F 188 -6.19 53.48 4.50
CA GLU F 188 -6.40 52.31 3.67
C GLU F 188 -5.17 52.10 2.77
N LEU F 189 -4.67 50.87 2.71
CA LEU F 189 -3.50 50.52 1.91
C LEU F 189 -4.04 49.95 0.58
N LEU F 190 -3.93 50.75 -0.51
CA LEU F 190 -4.41 50.42 -1.85
C LEU F 190 -3.61 49.32 -2.53
N ASP F 191 -2.31 49.23 -2.17
CA ASP F 191 -1.40 48.22 -2.69
C ASP F 191 -1.04 47.16 -1.63
N GLY F 192 -1.97 46.90 -0.70
CA GLY F 192 -1.85 45.88 0.34
C GLY F 192 -0.83 46.15 1.44
N GLN F 193 0.27 46.83 1.09
CA GLN F 193 1.39 47.19 1.98
C GLN F 193 1.87 48.57 1.64
N ALA F 194 2.48 49.24 2.64
CA ALA F 194 2.98 50.60 2.48
C ALA F 194 4.13 50.91 3.43
N ARG F 195 5.00 51.85 3.01
CA ARG F 195 6.16 52.29 3.75
C ARG F 195 6.46 53.75 3.45
N GLY F 196 6.80 54.50 4.48
CA GLY F 196 7.11 55.91 4.29
C GLY F 196 7.66 56.58 5.51
N TYR F 197 7.83 57.87 5.40
CA TYR F 197 8.41 58.65 6.49
C TYR F 197 7.35 59.53 7.17
N ILE F 198 7.52 59.82 8.47
CA ILE F 198 6.59 60.72 9.17
C ILE F 198 7.40 61.70 9.98
N ALA F 199 7.08 62.98 9.85
CA ALA F 199 7.56 64.03 10.74
C ALA F 199 6.31 64.47 11.51
N GLU F 200 6.24 64.12 12.80
CA GLU F 200 5.15 64.53 13.68
C GLU F 200 5.63 65.85 14.30
N ASN F 201 4.93 66.92 13.96
CA ASN F 201 5.21 68.29 14.39
C ASN F 201 4.45 68.65 15.67
N HIS F 202 5.19 68.80 16.77
CA HIS F 202 4.60 69.18 18.05
C HIS F 202 4.46 70.69 18.22
N GLY F 203 5.11 71.46 17.35
CA GLY F 203 5.16 72.92 17.42
C GLY F 203 4.16 73.69 16.57
N ALA F 204 4.49 74.97 16.32
CA ALA F 204 3.65 75.84 15.48
C ALA F 204 3.34 75.15 14.11
N PRO F 205 2.07 75.12 13.62
CA PRO F 205 1.79 74.38 12.36
C PRO F 205 2.62 74.76 11.16
N LEU F 206 2.83 73.77 10.30
CA LEU F 206 3.59 73.94 9.06
C LEU F 206 2.96 74.96 8.17
N ARG F 207 3.80 75.65 7.41
CA ARG F 207 3.32 76.66 6.51
C ARG F 207 4.34 76.93 5.45
N LEU F 208 3.90 77.65 4.42
CA LEU F 208 4.79 78.07 3.37
C LEU F 208 5.90 79.00 3.93
N PRO F 209 7.19 78.84 3.53
CA PRO F 209 8.23 79.74 4.03
C PRO F 209 8.12 81.16 3.45
N ASP F 210 8.76 82.10 4.15
CA ASP F 210 8.89 83.50 3.77
C ASP F 210 9.74 83.45 2.52
N LEU F 211 9.30 84.03 1.39
CA LEU F 211 10.05 83.93 0.12
C LEU F 211 11.25 84.84 -0.09
N GLY F 212 11.44 85.85 0.76
CA GLY F 212 12.55 86.78 0.61
C GLY F 212 12.61 87.38 -0.79
N PRO F 213 13.81 87.38 -1.41
CA PRO F 213 13.94 87.91 -2.79
C PRO F 213 13.15 87.09 -3.83
N ILE F 214 12.76 85.86 -3.49
CA ILE F 214 11.99 85.02 -4.41
C ILE F 214 10.65 85.72 -4.74
N GLY F 215 10.17 86.51 -3.80
CA GLY F 215 9.03 87.36 -4.02
C GLY F 215 7.68 86.76 -3.72
N SER F 216 6.84 86.76 -4.76
CA SER F 216 5.43 86.38 -4.68
C SER F 216 5.05 85.07 -5.37
N ASN F 217 6.00 84.42 -6.05
CA ASN F 217 5.81 83.22 -6.84
C ASN F 217 7.06 82.36 -6.72
N GLY F 218 6.90 81.04 -6.71
CA GLY F 218 8.05 80.15 -6.65
C GLY F 218 8.03 79.15 -5.51
N LEU F 219 8.88 78.14 -5.59
CA LEU F 219 8.94 77.01 -4.63
C LEU F 219 7.59 76.27 -4.63
N ALA F 220 6.98 75.97 -3.47
CA ALA F 220 5.66 75.33 -3.50
C ALA F 220 4.62 76.44 -3.71
N ASN F 221 3.91 76.41 -4.84
CA ASN F 221 2.93 77.45 -5.12
C ASN F 221 1.63 77.10 -4.41
N PRO F 222 0.94 78.09 -3.77
CA PRO F 222 -0.25 77.77 -2.97
C PRO F 222 -1.42 77.07 -3.70
N ARG F 223 -1.53 77.26 -5.03
CA ARG F 223 -2.56 76.65 -5.87
C ARG F 223 -2.44 75.07 -5.92
N ASP F 224 -1.28 74.57 -5.57
CA ASP F 224 -1.00 73.13 -5.58
C ASP F 224 -1.34 72.36 -4.32
N PHE F 225 -1.79 73.04 -3.25
CA PHE F 225 -2.16 72.39 -1.99
C PHE F 225 -3.64 72.02 -2.01
N LEU F 226 -3.93 70.72 -2.08
CA LEU F 226 -5.29 70.18 -2.30
C LEU F 226 -5.93 69.59 -1.07
N THR F 227 -7.17 69.98 -0.81
CA THR F 227 -7.95 69.57 0.34
C THR F 227 -9.19 68.83 -0.15
N PRO F 228 -9.53 67.72 0.50
CA PRO F 228 -10.74 66.98 0.10
C PRO F 228 -12.08 67.64 0.39
N VAL F 229 -13.02 67.28 -0.46
CA VAL F 229 -14.41 67.70 -0.40
C VAL F 229 -15.07 66.84 0.68
N ALA F 230 -16.10 67.38 1.33
CA ALA F 230 -16.87 66.77 2.38
C ALA F 230 -17.40 65.36 2.01
N HIS F 231 -17.16 64.39 2.89
CA HIS F 231 -17.63 63.02 2.67
C HIS F 231 -17.99 62.42 4.02
N TYR F 232 -19.19 61.83 4.11
CA TYR F 232 -19.71 61.26 5.35
C TYR F 232 -20.12 59.81 5.26
N GLU F 233 -20.05 59.13 6.41
CA GLU F 233 -20.37 57.72 6.65
C GLU F 233 -21.51 57.62 7.66
N GLU F 234 -22.40 56.61 7.51
CA GLU F 234 -23.56 56.41 8.40
C GLU F 234 -23.64 55.03 9.12
N ALA F 235 -22.88 54.01 8.65
CA ALA F 235 -22.85 52.62 9.16
C ALA F 235 -23.21 52.39 10.64
N GLU F 236 -24.21 51.52 10.88
CA GLU F 236 -24.71 51.13 12.20
C GLU F 236 -23.93 49.89 12.65
N GLY F 237 -22.92 50.10 13.49
CA GLY F 237 -22.06 49.05 14.03
C GLY F 237 -20.88 49.58 14.84
N PRO F 238 -20.16 48.71 15.60
CA PRO F 238 -19.04 49.20 16.43
C PRO F 238 -17.82 49.70 15.67
N VAL F 239 -17.27 50.86 16.08
CA VAL F 239 -16.06 51.45 15.48
C VAL F 239 -15.07 51.78 16.62
N GLN F 240 -13.83 51.22 16.57
CA GLN F 240 -12.83 51.57 17.58
C GLN F 240 -12.23 52.92 17.24
N LEU F 241 -12.21 53.82 18.24
CA LEU F 241 -11.60 55.12 18.12
C LEU F 241 -10.35 55.13 18.96
N VAL F 242 -9.22 55.45 18.32
CA VAL F 242 -7.89 55.45 18.93
C VAL F 242 -7.33 56.85 18.84
N GLN F 243 -6.71 57.30 19.92
CA GLN F 243 -6.05 58.57 20.03
C GLN F 243 -4.67 58.33 20.58
N LYS F 244 -3.70 59.08 20.07
CA LYS F 244 -2.32 59.08 20.51
C LYS F 244 -2.24 60.29 21.46
N PHE F 245 -1.95 60.02 22.75
CA PHE F 245 -1.82 61.09 23.74
C PHE F 245 -0.59 60.78 24.55
N LEU F 246 0.37 61.68 24.48
CA LEU F 246 1.64 61.58 25.18
C LEU F 246 2.36 60.28 24.84
N GLY F 247 2.42 59.96 23.54
CA GLY F 247 3.10 58.79 23.01
C GLY F 247 2.34 57.48 23.08
N GLU F 248 1.25 57.45 23.86
CA GLU F 248 0.46 56.23 24.07
C GLU F 248 -0.82 56.19 23.26
N HIS F 249 -1.20 54.97 22.81
CA HIS F 249 -2.46 54.69 22.13
C HIS F 249 -3.52 54.33 23.19
N TRP F 250 -4.58 55.14 23.24
CA TRP F 250 -5.75 54.94 24.09
C TRP F 250 -6.93 54.79 23.15
N ALA F 251 -7.85 53.89 23.49
CA ALA F 251 -8.99 53.59 22.63
C ALA F 251 -10.30 53.48 23.39
N CYS F 252 -11.41 53.78 22.70
CA CYS F 252 -12.75 53.58 23.24
C CYS F 252 -13.61 53.00 22.13
N GLU F 253 -14.84 52.58 22.45
CA GLU F 253 -15.68 52.02 21.40
C GLU F 253 -16.92 52.86 21.08
N LEU F 254 -17.05 53.25 19.80
CA LEU F 254 -18.22 53.99 19.32
C LEU F 254 -19.18 53.03 18.68
N GLN F 255 -20.49 53.31 18.79
CA GLN F 255 -21.52 52.51 18.15
C GLN F 255 -21.86 53.10 16.76
N HIS F 256 -21.11 54.13 16.34
CA HIS F 256 -21.30 54.84 15.08
C HIS F 256 -19.95 55.20 14.45
N SER F 257 -19.96 55.55 13.15
CA SER F 257 -18.75 56.03 12.50
C SER F 257 -18.49 57.50 12.93
N PRO F 258 -17.28 57.85 13.40
CA PRO F 258 -17.01 59.26 13.71
C PRO F 258 -16.72 60.10 12.45
N LEU F 259 -16.67 59.48 11.24
CA LEU F 259 -16.47 60.27 10.02
C LEU F 259 -17.89 60.54 9.46
N ASP F 260 -18.68 61.24 10.28
CA ASP F 260 -20.09 61.63 10.04
C ASP F 260 -20.25 63.15 9.79
N VAL F 261 -19.21 63.82 9.23
CA VAL F 261 -19.30 65.25 8.91
C VAL F 261 -19.91 65.48 7.51
N VAL F 262 -21.13 66.03 7.49
CA VAL F 262 -21.89 66.25 6.24
C VAL F 262 -21.43 67.52 5.49
N ALA F 263 -21.01 68.53 6.25
CA ALA F 263 -20.59 69.84 5.74
C ALA F 263 -19.61 70.48 6.66
N TRP F 264 -18.72 71.30 6.10
CA TRP F 264 -17.73 72.00 6.93
C TRP F 264 -17.21 73.26 6.29
N HIS F 265 -16.67 74.20 7.10
CA HIS F 265 -16.05 75.40 6.59
C HIS F 265 -14.90 75.86 7.47
N GLY F 266 -13.86 76.37 6.85
CA GLY F 266 -12.73 76.81 7.63
C GLY F 266 -11.39 76.53 7.02
N SER F 267 -10.39 76.63 7.88
CA SER F 267 -8.98 76.66 7.54
C SER F 267 -8.11 75.59 8.16
N ASN F 268 -8.64 74.83 9.16
CA ASN F 268 -7.89 73.76 9.80
C ASN F 268 -8.24 72.50 9.03
N VAL F 269 -7.48 72.24 7.96
CA VAL F 269 -7.82 71.21 6.98
C VAL F 269 -6.68 70.18 6.72
N PRO F 270 -7.03 68.94 6.33
CA PRO F 270 -5.97 68.02 5.86
C PRO F 270 -5.64 68.43 4.42
N TYR F 271 -4.42 68.13 3.94
CA TYR F 271 -4.06 68.48 2.57
C TYR F 271 -2.97 67.60 2.02
N LYS F 272 -2.82 67.66 0.70
CA LYS F 272 -1.80 66.93 -0.04
C LYS F 272 -1.09 67.87 -0.98
N TYR F 273 0.10 67.47 -1.42
CA TYR F 273 0.87 68.26 -2.34
C TYR F 273 1.77 67.37 -3.18
N ASP F 274 1.75 67.61 -4.51
CA ASP F 274 2.55 66.84 -5.46
C ASP F 274 3.94 67.47 -5.59
N LEU F 275 4.95 66.79 -5.05
CA LEU F 275 6.33 67.25 -5.05
C LEU F 275 6.93 67.57 -6.42
N ARG F 276 6.36 66.99 -7.51
CA ARG F 276 6.81 67.26 -8.88
C ARG F 276 6.37 68.66 -9.38
N ARG F 277 5.41 69.30 -8.73
CA ARG F 277 4.91 70.66 -9.03
C ARG F 277 5.82 71.78 -8.45
N PHE F 278 6.82 71.43 -7.59
CA PHE F 278 7.77 72.36 -6.94
C PHE F 278 8.55 73.23 -7.96
N ASN F 279 8.43 74.55 -7.82
CA ASN F 279 9.07 75.48 -8.74
C ASN F 279 10.46 75.71 -8.19
N THR F 280 11.37 74.75 -8.48
CA THR F 280 12.75 74.78 -7.96
C THR F 280 13.50 76.00 -8.43
N ILE F 281 14.19 76.65 -7.45
CA ILE F 281 15.05 77.83 -7.56
C ILE F 281 16.45 77.37 -7.18
N GLY F 282 17.42 77.75 -7.97
CA GLY F 282 18.82 77.42 -7.70
C GLY F 282 19.74 78.47 -8.29
N THR F 283 21.05 78.16 -8.34
CA THR F 283 21.98 79.10 -8.93
C THR F 283 21.86 79.07 -10.49
N VAL F 284 21.95 80.23 -11.10
CA VAL F 284 21.95 80.33 -12.56
C VAL F 284 23.28 80.93 -12.99
N SER F 285 24.30 80.70 -12.15
CA SER F 285 25.60 81.29 -12.33
C SER F 285 26.72 80.39 -11.88
N PHE F 286 26.97 80.38 -10.56
CA PHE F 286 28.08 79.66 -9.91
C PHE F 286 27.67 79.31 -8.50
N ASP F 287 28.60 78.68 -7.74
CA ASP F 287 28.43 78.24 -6.36
C ASP F 287 27.34 77.20 -6.15
N HIS F 288 27.10 76.81 -4.89
CA HIS F 288 26.11 75.81 -4.52
C HIS F 288 25.20 76.47 -3.46
N PRO F 289 23.99 76.96 -3.86
CA PRO F 289 23.11 77.62 -2.89
C PRO F 289 22.77 76.80 -1.65
N ASP F 290 22.52 77.47 -0.48
CA ASP F 290 22.15 76.78 0.75
C ASP F 290 20.88 75.95 0.47
N PRO F 291 20.76 74.71 1.02
CA PRO F 291 19.54 73.91 0.80
C PRO F 291 18.24 74.44 1.42
N SER F 292 18.28 75.57 2.15
CA SER F 292 17.03 76.18 2.63
C SER F 292 16.27 76.67 1.38
N ILE F 293 16.99 76.84 0.25
CA ILE F 293 16.36 77.27 -1.02
C ILE F 293 15.34 76.23 -1.55
N PHE F 294 15.38 75.00 -1.04
CA PHE F 294 14.47 73.92 -1.48
C PHE F 294 13.38 73.66 -0.44
N THR F 295 13.05 74.68 0.40
CA THR F 295 12.04 74.49 1.45
C THR F 295 10.63 74.36 0.87
N VAL F 296 9.91 73.28 1.22
CA VAL F 296 8.49 73.13 0.80
C VAL F 296 7.64 73.77 1.92
N LEU F 297 7.80 73.24 3.15
CA LEU F 297 7.03 73.72 4.31
C LEU F 297 7.96 73.97 5.48
N THR F 298 7.54 74.80 6.43
CA THR F 298 8.33 75.17 7.61
C THR F 298 7.47 75.37 8.84
N SER F 299 7.98 74.91 9.99
CA SER F 299 7.35 75.12 11.29
C SER F 299 8.26 76.08 12.05
N PRO F 300 7.80 77.32 12.36
CA PRO F 300 8.70 78.26 13.06
C PRO F 300 8.68 78.05 14.56
N THR F 301 9.56 78.79 15.22
CA THR F 301 9.57 78.94 16.66
C THR F 301 9.30 80.45 16.88
N SER F 302 9.31 80.86 18.16
CA SER F 302 9.18 82.26 18.56
C SER F 302 10.49 83.02 18.29
N VAL F 303 11.54 82.31 17.84
CA VAL F 303 12.84 82.88 17.48
C VAL F 303 12.75 83.08 15.95
N HIS F 304 12.65 84.35 15.47
CA HIS F 304 12.57 84.63 14.05
C HIS F 304 13.82 84.09 13.33
N GLY F 305 13.61 83.42 12.19
CA GLY F 305 14.71 82.85 11.41
C GLY F 305 15.13 81.45 11.81
N MET F 306 14.80 81.01 13.04
CA MET F 306 15.11 79.65 13.47
C MET F 306 13.83 78.82 13.51
N ALA F 307 13.72 77.91 12.58
CA ALA F 307 12.57 77.05 12.50
C ALA F 307 12.66 75.90 13.47
N ASN F 308 11.48 75.46 13.94
CA ASN F 308 11.33 74.26 14.77
C ASN F 308 11.77 73.10 13.82
N MET F 309 11.27 73.12 12.58
CA MET F 309 11.63 72.20 11.52
C MET F 309 11.38 72.77 10.12
N ASP F 310 12.21 72.34 9.18
CA ASP F 310 12.08 72.71 7.77
C ASP F 310 11.93 71.39 7.03
N PHE F 311 11.03 71.32 6.06
CA PHE F 311 10.91 70.13 5.23
C PHE F 311 11.43 70.61 3.88
N VAL F 312 12.60 70.09 3.43
CA VAL F 312 13.23 70.51 2.18
C VAL F 312 13.36 69.32 1.25
N ILE F 313 13.42 69.56 -0.05
CA ILE F 313 13.52 68.48 -1.04
C ILE F 313 14.72 68.64 -1.99
N PHE F 314 15.28 67.53 -2.46
CA PHE F 314 16.31 67.56 -3.49
C PHE F 314 15.70 66.90 -4.76
N PRO F 315 14.98 67.74 -5.56
CA PRO F 315 14.25 67.22 -6.72
C PRO F 315 15.03 67.22 -8.01
N PRO F 316 14.49 66.63 -9.10
CA PRO F 316 15.17 66.77 -10.38
C PRO F 316 15.43 68.25 -10.66
N ARG F 317 16.69 68.60 -11.01
CA ARG F 317 17.07 70.01 -11.23
C ARG F 317 18.21 70.20 -12.22
N TRP F 318 18.27 71.40 -12.84
CA TRP F 318 19.32 71.80 -13.75
C TRP F 318 20.51 72.30 -12.95
N MET F 319 21.70 71.74 -13.24
CA MET F 319 22.96 72.11 -12.60
C MET F 319 23.73 72.85 -13.68
N VAL F 320 23.95 74.16 -13.46
CA VAL F 320 24.60 75.04 -14.43
C VAL F 320 25.78 75.84 -13.91
N ALA F 321 26.04 75.78 -12.59
CA ALA F 321 27.13 76.51 -11.96
C ALA F 321 28.47 76.27 -12.68
N GLU F 322 29.12 77.36 -13.19
CA GLU F 322 30.41 77.29 -13.91
C GLU F 322 31.57 77.32 -12.96
N ASN F 323 32.67 76.58 -13.29
CA ASN F 323 33.89 76.49 -12.46
C ASN F 323 33.62 76.51 -10.94
N THR F 324 32.66 75.65 -10.54
CA THR F 324 32.21 75.42 -9.16
C THR F 324 32.19 73.95 -8.83
N PHE F 325 32.24 73.63 -7.52
CA PHE F 325 32.19 72.27 -7.01
C PHE F 325 30.70 72.04 -6.78
N ARG F 326 30.02 71.36 -7.73
CA ARG F 326 28.57 71.16 -7.75
C ARG F 326 27.91 70.44 -6.57
N PRO F 327 28.46 69.30 -6.11
CA PRO F 327 27.83 68.58 -5.00
C PRO F 327 27.85 69.42 -3.73
N PRO F 328 26.99 69.08 -2.76
CA PRO F 328 26.96 69.86 -1.51
C PRO F 328 28.34 70.01 -0.91
N TRP F 329 28.66 71.22 -0.44
CA TRP F 329 29.96 71.51 0.18
C TRP F 329 30.10 70.76 1.49
N PHE F 330 31.34 70.59 1.97
CA PHE F 330 31.59 70.00 3.30
C PHE F 330 30.92 70.98 4.29
N HIS F 331 30.33 70.46 5.37
CA HIS F 331 29.48 71.34 6.23
C HIS F 331 29.46 70.87 7.71
N ARG F 332 29.34 71.84 8.63
CA ARG F 332 29.14 71.60 10.07
C ARG F 332 28.06 72.59 10.42
N ASN F 333 27.00 72.13 11.07
CA ASN F 333 25.82 72.95 11.25
C ASN F 333 25.25 72.87 12.66
N LEU F 334 24.69 73.99 13.13
CA LEU F 334 24.00 74.09 14.42
C LEU F 334 22.76 73.20 14.34
N MET F 335 22.04 73.26 13.20
CA MET F 335 20.81 72.49 12.99
C MET F 335 21.11 70.97 12.86
N ASN F 336 20.06 70.14 13.03
CA ASN F 336 20.14 68.67 13.00
C ASN F 336 19.54 68.17 11.68
N GLU F 337 20.35 67.46 10.88
CA GLU F 337 19.95 67.03 9.52
C GLU F 337 19.50 65.57 9.37
N PHE F 338 18.18 65.33 9.19
CA PHE F 338 17.65 63.97 8.96
C PHE F 338 17.29 63.86 7.50
N MET F 339 18.01 63.01 6.75
CA MET F 339 17.71 62.82 5.32
C MET F 339 17.05 61.51 5.03
N GLY F 340 16.14 61.53 4.06
CA GLY F 340 15.45 60.37 3.52
C GLY F 340 15.53 60.40 2.01
N LEU F 341 14.97 59.37 1.36
CA LEU F 341 14.99 59.21 -0.09
C LEU F 341 13.72 58.43 -0.50
N ILE F 342 12.91 59.07 -1.36
CA ILE F 342 11.68 58.49 -1.88
C ILE F 342 12.01 57.62 -3.09
N ASN F 343 12.80 58.18 -4.04
CA ASN F 343 13.10 57.54 -5.33
C ASN F 343 14.53 57.86 -5.84
N GLY F 344 15.12 56.89 -6.56
CA GLY F 344 16.43 57.03 -7.19
C GLY F 344 17.66 57.11 -6.32
N ALA F 345 18.54 58.11 -6.61
CA ALA F 345 19.82 58.31 -5.92
C ALA F 345 20.12 59.76 -5.60
N TYR F 346 20.87 59.99 -4.51
CA TYR F 346 21.27 61.32 -4.04
C TYR F 346 22.68 61.71 -4.45
N ASP F 347 22.84 62.95 -4.93
CA ASP F 347 24.05 63.57 -5.49
C ASP F 347 25.32 63.57 -4.62
N ALA F 348 25.17 63.57 -3.29
CA ALA F 348 26.29 63.63 -2.35
C ALA F 348 26.76 62.29 -1.80
N LYS F 349 26.06 61.18 -2.15
CA LYS F 349 26.38 59.83 -1.68
C LYS F 349 26.26 58.85 -2.84
N ALA F 350 27.40 58.22 -3.21
CA ALA F 350 27.46 57.27 -4.32
C ALA F 350 26.85 55.92 -3.95
N GLU F 351 27.15 55.42 -2.71
CA GLU F 351 26.73 54.12 -2.19
C GLU F 351 26.18 54.17 -0.76
N GLY F 352 25.31 53.21 -0.42
CA GLY F 352 24.72 53.02 0.90
C GLY F 352 23.45 53.76 1.28
N PHE F 353 23.08 54.83 0.52
CA PHE F 353 21.87 55.62 0.79
C PHE F 353 20.77 55.21 -0.22
N LEU F 354 19.80 54.42 0.24
CA LEU F 354 18.74 53.84 -0.63
C LEU F 354 17.31 54.33 -0.34
N PRO F 355 16.34 54.22 -1.30
CA PRO F 355 14.95 54.60 -0.99
C PRO F 355 14.46 53.82 0.22
N GLY F 356 13.89 54.53 1.20
CA GLY F 356 13.49 53.93 2.47
C GLY F 356 14.55 54.12 3.54
N GLY F 357 15.77 54.44 3.09
CA GLY F 357 16.89 54.63 3.99
C GLY F 357 16.90 55.99 4.62
N ALA F 358 17.83 56.22 5.55
CA ALA F 358 17.88 57.51 6.22
C ALA F 358 19.29 57.84 6.65
N SER F 359 19.59 59.12 6.88
CA SER F 359 20.89 59.52 7.44
C SER F 359 20.66 60.58 8.49
N LEU F 360 21.46 60.56 9.57
CA LEU F 360 21.39 61.57 10.62
C LEU F 360 22.76 62.17 10.91
N HIS F 361 22.88 63.47 10.68
CA HIS F 361 24.06 64.28 10.97
C HIS F 361 23.56 65.37 11.91
N GLY F 362 23.79 65.16 13.21
CA GLY F 362 23.37 66.02 14.31
C GLY F 362 24.23 67.24 14.51
N VAL F 363 23.90 68.10 15.52
CA VAL F 363 24.63 69.33 15.91
C VAL F 363 26.13 69.23 15.66
N MET F 364 26.68 70.04 14.74
CA MET F 364 28.13 70.18 14.55
C MET F 364 28.92 68.94 14.11
N SER F 365 28.20 67.91 13.68
CA SER F 365 28.78 66.68 13.12
C SER F 365 29.27 67.05 11.72
N ALA F 366 30.52 66.72 11.44
CA ALA F 366 31.17 67.06 10.18
C ALA F 366 30.67 66.18 9.06
N HIS F 367 30.05 66.79 8.07
CA HIS F 367 29.52 66.07 6.91
C HIS F 367 29.96 66.65 5.55
N GLY F 368 29.39 66.11 4.47
CA GLY F 368 29.74 66.53 3.12
C GLY F 368 29.71 65.36 2.15
N PRO F 369 30.13 65.55 0.88
CA PRO F 369 30.13 64.43 -0.08
C PRO F 369 31.18 63.39 0.25
N ASP F 370 30.93 62.13 -0.14
CA ASP F 370 31.93 61.08 0.07
C ASP F 370 33.09 61.29 -0.92
N ALA F 371 34.26 60.68 -0.65
CA ALA F 371 35.47 60.79 -1.49
C ALA F 371 35.25 60.52 -2.98
N GLU F 372 34.34 59.58 -3.32
CA GLU F 372 34.01 59.22 -4.71
C GLU F 372 33.35 60.40 -5.46
N THR F 373 32.37 61.07 -4.84
CA THR F 373 31.75 62.24 -5.49
C THR F 373 32.72 63.46 -5.53
N CYS F 374 33.63 63.56 -4.54
CA CYS F 374 34.67 64.61 -4.45
C CYS F 374 35.59 64.62 -5.66
N GLU F 375 36.24 63.47 -5.98
CA GLU F 375 37.12 63.38 -7.15
C GLU F 375 36.36 63.54 -8.46
N LYS F 376 35.12 62.97 -8.53
CA LYS F 376 34.27 63.09 -9.73
CA LYS F 376 34.24 63.08 -9.71
C LYS F 376 34.01 64.56 -10.06
N ALA F 377 33.50 65.36 -9.11
CA ALA F 377 33.20 66.79 -9.30
C ALA F 377 34.38 67.68 -9.64
N ILE F 378 35.54 67.49 -8.96
CA ILE F 378 36.73 68.30 -9.22
C ILE F 378 37.26 68.04 -10.65
N ALA F 379 37.26 66.77 -11.10
CA ALA F 379 37.71 66.39 -12.44
C ALA F 379 36.69 66.64 -13.56
N ALA F 380 35.39 66.53 -13.24
CA ALA F 380 34.29 66.62 -14.20
C ALA F 380 34.24 67.87 -15.08
N ASP F 381 34.18 67.68 -16.42
CA ASP F 381 34.05 68.78 -17.38
C ASP F 381 32.68 69.40 -17.16
N LEU F 382 32.64 70.73 -16.96
CA LEU F 382 31.42 71.47 -16.65
C LEU F 382 30.56 71.94 -17.82
N ALA F 383 29.27 71.55 -17.78
CA ALA F 383 28.23 71.85 -18.78
C ALA F 383 26.83 71.73 -18.12
N PRO F 384 25.74 72.32 -18.68
CA PRO F 384 24.43 72.15 -18.05
C PRO F 384 24.10 70.68 -17.92
N HIS F 385 23.84 70.26 -16.68
CA HIS F 385 23.48 68.88 -16.41
C HIS F 385 22.12 68.82 -15.74
N LYS F 386 21.24 67.95 -16.26
CA LYS F 386 19.94 67.74 -15.69
C LYS F 386 20.00 66.55 -14.72
N ILE F 387 19.66 66.80 -13.46
CA ILE F 387 19.58 65.76 -12.44
C ILE F 387 18.11 65.35 -12.51
N ASP F 388 17.85 64.07 -12.78
CA ASP F 388 16.51 63.54 -12.99
C ASP F 388 16.37 62.16 -12.35
N ASN F 389 15.12 61.68 -12.20
CA ASN F 389 14.75 60.36 -11.64
C ASN F 389 15.25 60.21 -10.22
N THR F 390 15.07 61.28 -9.44
CA THR F 390 15.48 61.33 -8.07
C THR F 390 14.51 62.16 -7.24
N MET F 391 14.48 61.89 -5.93
CA MET F 391 13.73 62.64 -4.93
C MET F 391 14.17 62.26 -3.52
N ALA F 392 15.03 63.11 -2.95
CA ALA F 392 15.54 62.94 -1.60
C ALA F 392 14.95 64.11 -0.87
N PHE F 393 14.96 64.06 0.47
CA PHE F 393 14.42 65.17 1.26
C PHE F 393 15.17 65.22 2.56
N MET F 394 14.89 66.25 3.33
CA MET F 394 15.46 66.45 4.63
C MET F 394 14.45 67.05 5.58
N PHE F 395 14.46 66.54 6.82
CA PHE F 395 13.72 67.15 7.90
C PHE F 395 14.90 67.77 8.68
N GLU F 396 15.03 69.11 8.65
CA GLU F 396 16.10 69.83 9.36
C GLU F 396 15.48 70.42 10.59
N THR F 397 15.96 70.05 11.80
CA THR F 397 15.43 70.54 13.06
C THR F 397 16.40 71.38 13.86
N SER F 398 15.86 72.39 14.61
CA SER F 398 16.71 73.21 15.49
C SER F 398 17.14 72.43 16.74
N GLN F 399 16.20 71.76 17.43
CA GLN F 399 16.54 70.95 18.61
C GLN F 399 17.30 69.67 18.19
N VAL F 400 18.16 69.17 19.08
CA VAL F 400 18.89 67.93 18.75
C VAL F 400 17.97 66.72 18.55
N LEU F 401 18.31 65.83 17.61
CA LEU F 401 17.50 64.65 17.36
C LEU F 401 18.07 63.44 18.06
N ARG F 402 17.38 62.96 19.07
CA ARG F 402 17.90 61.81 19.81
C ARG F 402 17.38 60.48 19.24
N PRO F 403 18.22 59.60 18.67
CA PRO F 403 17.69 58.32 18.17
C PRO F 403 17.14 57.44 19.28
N SER F 404 16.11 56.63 18.96
CA SER F 404 15.51 55.68 19.88
C SER F 404 16.48 54.49 20.10
N LEU F 405 16.20 53.68 21.13
CA LEU F 405 17.02 52.51 21.44
C LEU F 405 16.86 51.50 20.31
N GLN F 406 15.61 51.36 19.83
CA GLN F 406 15.18 50.51 18.70
C GLN F 406 16.01 50.90 17.45
N ALA F 407 16.12 52.21 17.12
CA ALA F 407 16.89 52.67 15.96
C ALA F 407 18.38 52.39 16.07
N LEU F 408 18.97 52.46 17.28
CA LEU F 408 20.40 52.18 17.47
C LEU F 408 20.64 50.66 17.54
N GLU F 409 19.59 49.89 17.93
CA GLU F 409 19.58 48.42 18.09
C GLU F 409 19.36 47.72 16.74
N CYS F 410 18.63 48.41 15.88
CA CYS F 410 18.18 48.09 14.52
C CYS F 410 19.25 47.33 13.72
N PRO F 411 18.97 46.13 13.13
CA PRO F 411 20.00 45.49 12.28
C PRO F 411 20.32 46.35 11.03
N GLN F 412 19.35 47.19 10.62
CA GLN F 412 19.44 48.11 9.48
C GLN F 412 20.43 49.26 9.67
N LEU F 413 20.85 49.54 10.94
CA LEU F 413 21.88 50.54 11.25
C LEU F 413 23.25 50.07 10.72
N GLN F 414 23.77 50.85 9.77
CA GLN F 414 25.05 50.61 9.09
C GLN F 414 26.21 50.76 10.08
N ALA F 415 27.05 49.73 10.17
CA ALA F 415 28.17 49.74 11.12
C ALA F 415 29.40 50.46 10.59
N ASP F 416 29.50 50.59 9.26
CA ASP F 416 30.64 51.17 8.54
C ASP F 416 30.38 52.51 7.81
N TYR F 417 29.51 53.40 8.33
CA TYR F 417 29.19 54.70 7.68
C TYR F 417 30.35 55.68 7.59
N ASP F 418 31.25 55.70 8.58
CA ASP F 418 32.40 56.61 8.61
C ASP F 418 33.40 56.38 7.51
N SER F 419 33.47 55.13 7.01
CA SER F 419 34.32 54.66 5.91
C SER F 419 34.07 55.37 4.57
N CYS F 420 32.85 55.91 4.35
CA CYS F 420 32.53 56.62 3.11
C CYS F 420 33.38 57.88 2.86
N TRP F 421 34.01 58.42 3.93
CA TRP F 421 34.91 59.58 3.84
C TRP F 421 36.35 59.18 4.09
N ALA F 422 36.61 57.91 4.54
CA ALA F 422 37.98 57.46 4.90
C ALA F 422 39.09 57.73 3.88
N THR F 423 38.78 57.59 2.59
CA THR F 423 39.74 57.74 1.48
C THR F 423 39.94 59.18 1.00
N LEU F 424 39.27 60.18 1.64
CA LEU F 424 39.44 61.60 1.27
C LEU F 424 40.95 61.97 1.26
N PRO F 425 41.55 62.35 0.10
CA PRO F 425 42.99 62.64 0.10
C PRO F 425 43.35 64.12 0.29
N SER F 426 44.63 64.39 0.56
CA SER F 426 45.15 65.73 0.58
C SER F 426 45.63 66.01 -0.83
N THR F 427 45.23 67.18 -1.35
CA THR F 427 45.63 67.67 -2.67
C THR F 427 46.36 69.00 -2.52
N PHE F 428 46.68 69.39 -1.27
CA PHE F 428 47.33 70.65 -0.95
C PHE F 428 48.74 70.82 -1.48
N ASN F 429 48.93 71.87 -2.27
CA ASN F 429 50.23 72.16 -2.88
C ASN F 429 50.56 73.64 -2.65
N PRO F 430 51.43 74.00 -1.66
CA PRO F 430 51.74 75.43 -1.46
C PRO F 430 52.60 76.04 -2.58
N ASN F 431 53.21 75.17 -3.42
CA ASN F 431 54.06 75.53 -4.57
C ASN F 431 53.23 76.03 -5.76
N ARG F 432 51.95 75.60 -5.83
CA ARG F 432 51.04 75.96 -6.92
C ARG F 432 49.65 76.35 -6.42
N ARG F 433 49.27 77.61 -6.65
CA ARG F 433 47.96 78.16 -6.29
C ARG F 433 46.93 77.64 -7.31
N ASP G 8 48.79 1.28 3.97
CA ASP G 8 47.40 1.68 4.16
C ASP G 8 46.45 0.91 3.24
N LEU G 9 45.22 0.65 3.73
CA LEU G 9 44.17 -0.01 2.96
C LEU G 9 43.26 1.04 2.34
N HIS G 10 43.13 1.01 1.01
CA HIS G 10 42.30 1.97 0.28
C HIS G 10 40.92 1.39 -0.04
N TYR G 11 39.93 2.27 -0.20
CA TYR G 11 38.55 1.82 -0.48
C TYR G 11 37.92 2.64 -1.59
N LEU G 12 36.98 2.03 -2.35
CA LEU G 12 36.19 2.70 -3.40
C LEU G 12 34.80 2.88 -2.82
N SER G 13 34.24 4.10 -2.87
CA SER G 13 32.92 4.36 -2.28
C SER G 13 31.74 4.32 -3.24
N GLY G 14 30.55 4.03 -2.71
CA GLY G 14 29.32 4.10 -3.45
C GLY G 14 28.52 2.84 -3.47
N PHE G 15 27.47 2.77 -2.60
CA PHE G 15 26.57 1.62 -2.59
C PHE G 15 25.90 1.38 -3.92
N GLY G 16 26.05 0.15 -4.41
CA GLY G 16 25.43 -0.30 -5.66
C GLY G 16 26.22 0.03 -6.91
N ASN G 17 27.39 0.65 -6.75
CA ASN G 17 28.20 1.05 -7.91
C ASN G 17 28.76 -0.10 -8.73
N GLU G 18 28.95 0.17 -10.05
CA GLU G 18 29.72 -0.72 -10.92
C GLU G 18 31.16 -0.26 -10.69
N PHE G 19 31.94 -1.00 -9.89
CA PHE G 19 33.32 -0.65 -9.57
C PHE G 19 34.30 -1.30 -10.54
N ALA G 20 35.58 -0.90 -10.47
CA ALA G 20 36.65 -1.42 -11.29
C ALA G 20 37.92 -1.18 -10.50
N SER G 21 38.74 -2.26 -10.32
CA SER G 21 39.97 -2.16 -9.55
C SER G 21 41.00 -3.13 -10.14
N GLU G 22 42.22 -2.68 -10.34
CA GLU G 22 43.29 -3.56 -10.82
C GLU G 22 44.52 -3.39 -9.93
N ALA G 23 45.14 -4.51 -9.50
CA ALA G 23 46.35 -4.49 -8.65
C ALA G 23 47.63 -4.42 -9.50
N LEU G 24 47.47 -4.54 -10.84
CA LEU G 24 48.56 -4.40 -11.81
C LEU G 24 48.09 -3.52 -12.96
N PRO G 25 48.90 -2.54 -13.43
CA PRO G 25 48.42 -1.68 -14.53
C PRO G 25 47.91 -2.44 -15.74
N GLY G 26 46.67 -2.14 -16.15
CA GLY G 26 46.00 -2.74 -17.31
C GLY G 26 45.63 -4.20 -17.18
N ALA G 27 45.54 -4.73 -15.94
CA ALA G 27 45.11 -6.13 -15.74
C ALA G 27 43.67 -6.30 -16.21
N LEU G 28 42.88 -5.21 -16.17
CA LEU G 28 41.51 -5.24 -16.64
C LEU G 28 41.45 -5.14 -18.15
N PRO G 29 40.79 -6.12 -18.81
CA PRO G 29 40.63 -6.05 -20.27
C PRO G 29 39.82 -4.81 -20.65
N VAL G 30 40.25 -4.12 -21.71
CA VAL G 30 39.61 -2.90 -22.19
C VAL G 30 38.56 -3.17 -23.29
N GLY G 31 37.34 -2.71 -23.07
CA GLY G 31 36.26 -2.80 -24.04
C GLY G 31 35.54 -4.14 -24.16
N GLN G 32 36.00 -5.15 -23.42
CA GLN G 32 35.38 -6.50 -23.36
C GLN G 32 35.66 -7.19 -22.01
N ASN G 33 34.94 -8.29 -21.73
CA ASN G 33 35.09 -9.10 -20.51
C ASN G 33 35.84 -10.41 -20.71
N SER G 34 35.81 -10.96 -21.93
CA SER G 34 36.41 -12.27 -22.20
C SER G 34 37.43 -12.22 -23.33
N PRO G 35 38.57 -11.58 -23.16
CA PRO G 35 39.58 -11.60 -24.24
C PRO G 35 40.14 -13.03 -24.44
N GLN G 36 40.60 -13.37 -25.64
CA GLN G 36 41.20 -14.69 -25.90
C GLN G 36 42.54 -14.72 -25.18
N LYS G 37 43.31 -13.65 -25.38
CA LYS G 37 44.64 -13.41 -24.81
C LYS G 37 44.46 -12.36 -23.69
N ALA G 38 44.27 -12.84 -22.45
CA ALA G 38 44.02 -11.94 -21.34
C ALA G 38 45.26 -11.24 -20.80
N PRO G 39 45.11 -9.97 -20.35
CA PRO G 39 46.26 -9.28 -19.76
C PRO G 39 46.93 -10.11 -18.67
N TYR G 40 48.28 -10.25 -18.78
CA TYR G 40 49.13 -10.95 -17.84
C TYR G 40 48.91 -12.45 -17.76
N GLY G 41 48.15 -13.03 -18.68
CA GLY G 41 47.87 -14.46 -18.69
C GLY G 41 46.82 -14.88 -17.68
N LEU G 42 46.01 -13.92 -17.19
CA LEU G 42 45.00 -14.17 -16.19
C LEU G 42 43.81 -14.93 -16.80
N TYR G 43 42.96 -15.49 -15.94
CA TYR G 43 41.74 -16.19 -16.34
C TYR G 43 40.55 -15.30 -16.02
N ALA G 44 39.57 -15.24 -16.94
CA ALA G 44 38.34 -14.49 -16.68
C ALA G 44 37.33 -15.41 -16.00
N GLU G 45 36.68 -14.92 -14.95
CA GLU G 45 35.70 -15.70 -14.19
C GLU G 45 34.54 -14.81 -13.77
N LEU G 46 33.32 -15.31 -13.98
CA LEU G 46 32.11 -14.58 -13.56
C LEU G 46 31.48 -15.10 -12.29
N LEU G 47 31.25 -14.19 -11.33
CA LEU G 47 30.55 -14.46 -10.09
C LEU G 47 29.15 -13.86 -10.23
N SER G 48 28.15 -14.69 -10.59
CA SER G 48 26.75 -14.23 -10.77
C SER G 48 26.03 -14.33 -9.41
N GLY G 49 25.90 -13.21 -8.72
CA GLY G 49 25.23 -13.13 -7.42
C GLY G 49 23.71 -13.15 -7.50
N THR G 50 23.16 -12.99 -8.70
CA THR G 50 21.69 -13.01 -8.92
C THR G 50 21.38 -13.70 -10.24
N ALA G 51 20.11 -14.02 -10.48
CA ALA G 51 19.65 -14.55 -11.77
C ALA G 51 20.13 -13.58 -12.84
N PHE G 52 20.47 -14.09 -14.03
CA PHE G 52 20.96 -13.24 -15.12
C PHE G 52 19.93 -12.19 -15.53
N THR G 53 18.64 -12.55 -15.44
CA THR G 53 17.45 -11.82 -15.89
C THR G 53 16.82 -10.84 -14.93
N MET G 54 17.48 -10.55 -13.80
CA MET G 54 16.98 -9.54 -12.87
C MET G 54 16.95 -8.16 -13.59
N ALA G 55 16.07 -7.26 -13.10
CA ALA G 55 16.07 -5.88 -13.55
C ALA G 55 17.43 -5.31 -13.12
N ARG G 56 18.04 -4.46 -13.96
CA ARG G 56 19.37 -3.92 -13.72
C ARG G 56 19.59 -3.25 -12.35
N SER G 57 18.53 -2.66 -11.77
CA SER G 57 18.60 -2.08 -10.42
C SER G 57 18.85 -3.14 -9.33
N GLU G 58 18.51 -4.42 -9.63
CA GLU G 58 18.66 -5.55 -8.71
C GLU G 58 19.89 -6.41 -9.01
N LEU G 59 20.50 -6.25 -10.17
CA LEU G 59 21.65 -7.06 -10.58
C LEU G 59 22.88 -6.94 -9.67
N ARG G 60 23.53 -8.10 -9.38
CA ARG G 60 24.78 -8.18 -8.61
C ARG G 60 25.69 -9.19 -9.31
N ARG G 61 26.72 -8.68 -10.00
CA ARG G 61 27.69 -9.57 -10.67
C ARG G 61 29.06 -8.93 -10.79
N THR G 62 30.08 -9.75 -10.71
CA THR G 62 31.48 -9.33 -10.75
C THR G 62 32.31 -10.25 -11.63
N TRP G 63 33.11 -9.61 -12.48
CA TRP G 63 34.04 -10.29 -13.35
C TRP G 63 35.36 -10.28 -12.61
N LEU G 64 35.99 -11.45 -12.50
CA LEU G 64 37.25 -11.65 -11.81
C LEU G 64 38.33 -12.02 -12.81
N TYR G 65 39.54 -11.48 -12.62
CA TYR G 65 40.68 -11.76 -13.51
C TYR G 65 41.72 -12.33 -12.64
N ARG G 66 41.76 -13.64 -12.66
CA ARG G 66 42.54 -14.38 -11.67
C ARG G 66 43.61 -15.31 -12.18
N ILE G 67 44.56 -15.69 -11.26
CA ILE G 67 45.70 -16.55 -11.53
C ILE G 67 45.28 -17.98 -11.87
N ARG G 68 44.38 -18.57 -11.04
CA ARG G 68 43.87 -19.90 -11.25
C ARG G 68 42.37 -19.90 -11.14
N PRO G 69 41.67 -20.63 -12.05
CA PRO G 69 40.20 -20.66 -11.99
C PRO G 69 39.69 -21.23 -10.69
N SER G 70 38.49 -20.84 -10.24
CA SER G 70 37.97 -21.38 -8.97
C SER G 70 37.64 -22.89 -9.10
N ALA G 71 37.33 -23.36 -10.34
CA ALA G 71 37.02 -24.75 -10.69
C ALA G 71 38.14 -25.74 -10.42
N LEU G 72 39.39 -25.24 -10.35
CA LEU G 72 40.57 -26.05 -10.02
C LEU G 72 40.57 -26.31 -8.51
N HIS G 73 39.92 -27.40 -8.11
CA HIS G 73 39.84 -27.86 -6.70
C HIS G 73 39.44 -29.33 -6.71
N PRO G 74 39.93 -30.14 -5.76
CA PRO G 74 39.52 -31.55 -5.71
C PRO G 74 38.16 -31.69 -5.04
N ARG G 75 37.64 -32.93 -4.89
CA ARG G 75 36.30 -33.14 -4.30
C ARG G 75 36.24 -32.56 -2.88
N PHE G 76 35.11 -31.97 -2.50
CA PHE G 76 34.93 -31.46 -1.14
C PHE G 76 34.51 -32.62 -0.26
N GLU G 77 35.03 -32.65 0.96
CA GLU G 77 34.70 -33.66 1.94
C GLU G 77 34.10 -33.02 3.20
N ARG G 78 33.15 -33.73 3.85
CA ARG G 78 32.51 -33.26 5.09
C ARG G 78 33.49 -33.29 6.27
N LEU G 79 33.61 -32.15 6.96
CA LEU G 79 34.50 -31.97 8.12
C LEU G 79 33.86 -32.61 9.33
N ALA G 80 34.67 -33.13 10.26
CA ALA G 80 34.16 -33.76 11.47
C ALA G 80 33.55 -32.70 12.40
N ARG G 81 34.20 -31.55 12.52
CA ARG G 81 33.76 -30.46 13.38
C ARG G 81 32.66 -29.67 12.67
N GLN G 82 31.51 -29.52 13.31
CA GLN G 82 30.32 -28.83 12.77
C GLN G 82 29.62 -27.94 13.80
N PRO G 83 29.89 -26.63 13.79
CA PRO G 83 29.31 -25.76 14.82
C PRO G 83 27.81 -25.53 14.69
N LEU G 84 27.26 -25.69 13.48
CA LEU G 84 25.85 -25.39 13.16
C LEU G 84 24.98 -26.63 13.00
N GLY G 85 25.48 -27.75 13.49
CA GLY G 85 24.82 -29.05 13.44
C GLY G 85 23.57 -29.17 14.28
N GLY G 86 23.58 -28.51 15.45
CA GLY G 86 22.52 -28.51 16.45
C GLY G 86 21.08 -28.37 15.99
N PRO G 87 20.12 -28.98 16.73
CA PRO G 87 18.71 -28.90 16.29
C PRO G 87 17.96 -27.67 16.76
N LEU G 88 16.79 -27.41 16.14
CA LEU G 88 15.90 -26.32 16.54
C LEU G 88 15.42 -26.64 17.95
N GLY G 89 15.40 -25.61 18.78
CA GLY G 89 14.90 -25.75 20.14
C GLY G 89 13.41 -26.04 20.13
N GLY G 90 12.86 -26.32 21.30
CA GLY G 90 11.43 -26.56 21.41
C GLY G 90 10.63 -25.33 21.06
N ILE G 91 9.32 -25.48 20.83
CA ILE G 91 8.38 -24.37 20.58
C ILE G 91 8.38 -23.58 21.89
N ASN G 92 8.59 -22.25 21.78
CA ASN G 92 8.58 -21.37 22.94
C ASN G 92 8.09 -19.99 22.53
N PRO G 93 6.90 -19.53 23.00
CA PRO G 93 6.41 -18.19 22.61
C PRO G 93 7.00 -17.06 23.44
N ASN G 94 7.65 -17.43 24.55
CA ASN G 94 8.18 -16.50 25.52
C ASN G 94 9.15 -15.48 25.02
N ARG G 95 9.16 -14.34 25.72
CA ARG G 95 10.05 -13.21 25.50
C ARG G 95 11.33 -13.66 26.15
N LEU G 96 12.43 -13.55 25.42
CA LEU G 96 13.72 -14.06 25.87
C LEU G 96 14.83 -13.03 25.88
N ARG G 97 15.76 -13.17 26.82
CA ARG G 97 16.91 -12.29 26.90
C ARG G 97 18.09 -13.13 27.31
N TRP G 98 19.25 -12.89 26.67
CA TRP G 98 20.51 -13.58 26.99
C TRP G 98 21.56 -12.56 27.39
N SER G 99 22.37 -12.93 28.40
CA SER G 99 23.53 -12.15 28.86
C SER G 99 24.63 -12.29 27.80
N PRO G 100 25.72 -11.47 27.78
CA PRO G 100 26.77 -11.61 26.76
C PRO G 100 27.43 -13.00 26.73
N GLN G 101 27.83 -13.46 25.53
CA GLN G 101 28.43 -14.77 25.34
C GLN G 101 29.92 -14.84 25.63
N PRO G 102 30.39 -15.70 26.56
CA PRO G 102 31.83 -15.84 26.76
C PRO G 102 32.56 -16.37 25.51
N ILE G 103 33.89 -16.07 25.38
CA ILE G 103 34.67 -16.62 24.27
C ILE G 103 35.08 -18.05 24.73
N PRO G 104 34.87 -19.10 23.92
CA PRO G 104 35.26 -20.46 24.38
C PRO G 104 36.78 -20.62 24.52
N ALA G 105 37.22 -21.47 25.47
CA ALA G 105 38.65 -21.69 25.72
C ALA G 105 39.37 -22.37 24.55
N GLU G 106 38.74 -23.39 23.96
CA GLU G 106 39.31 -24.15 22.86
C GLU G 106 39.55 -23.36 21.57
N PRO G 107 40.69 -23.61 20.88
CA PRO G 107 40.95 -22.92 19.61
C PRO G 107 39.69 -22.93 18.74
N THR G 108 39.23 -21.71 18.41
CA THR G 108 38.02 -21.41 17.66
C THR G 108 38.29 -20.22 16.74
N ASP G 109 38.23 -20.44 15.45
CA ASP G 109 38.35 -19.37 14.47
C ASP G 109 36.95 -18.75 14.19
N PHE G 110 36.91 -17.74 13.34
CA PHE G 110 35.65 -17.07 13.01
C PHE G 110 34.50 -18.03 12.62
N ILE G 111 34.76 -18.93 11.67
CA ILE G 111 33.78 -19.88 11.15
C ILE G 111 33.41 -20.99 12.15
N GLU G 112 34.38 -21.39 13.00
CA GLU G 112 34.10 -22.41 14.01
C GLU G 112 33.32 -21.88 15.22
N GLY G 113 33.32 -20.57 15.42
CA GLY G 113 32.68 -19.93 16.57
C GLY G 113 31.28 -19.38 16.41
N TRP G 114 30.54 -19.72 15.31
CA TRP G 114 29.16 -19.21 15.16
C TRP G 114 28.23 -19.94 16.11
N LEU G 115 27.54 -19.19 17.02
CA LEU G 115 26.56 -19.77 17.94
C LEU G 115 25.20 -19.49 17.39
N PRO G 116 24.45 -20.54 16.97
CA PRO G 116 23.13 -20.27 16.42
C PRO G 116 22.22 -19.75 17.53
N MET G 117 21.64 -18.56 17.32
CA MET G 117 20.74 -17.94 18.29
C MET G 117 19.30 -18.29 17.96
N ALA G 118 18.82 -17.88 16.75
CA ALA G 118 17.46 -18.13 16.30
C ALA G 118 17.45 -17.99 14.78
N ALA G 119 16.62 -18.78 14.11
CA ALA G 119 16.54 -18.78 12.66
C ALA G 119 15.11 -19.01 12.15
N ASN G 120 14.82 -18.54 10.95
CA ASN G 120 13.50 -18.82 10.33
C ASN G 120 13.34 -20.34 9.98
N ALA G 121 14.44 -21.04 9.67
CA ALA G 121 14.36 -22.48 9.33
C ALA G 121 15.55 -23.25 9.84
N GLY G 122 15.46 -24.59 9.75
CA GLY G 122 16.58 -25.46 10.08
C GLY G 122 17.73 -25.18 9.14
N ALA G 123 18.97 -25.42 9.60
CA ALA G 123 20.22 -25.18 8.87
C ALA G 123 20.29 -25.91 7.51
N GLU G 124 19.69 -27.12 7.44
CA GLU G 124 19.66 -27.97 6.25
C GLU G 124 18.71 -27.48 5.17
N LYS G 125 17.77 -26.58 5.54
CA LYS G 125 16.85 -25.99 4.58
C LYS G 125 16.87 -24.46 4.74
N PRO G 126 17.97 -23.83 4.24
CA PRO G 126 18.09 -22.36 4.34
C PRO G 126 16.91 -21.58 3.78
N ALA G 127 16.38 -20.63 4.58
CA ALA G 127 15.28 -19.74 4.17
C ALA G 127 15.25 -18.55 5.11
N GLY G 128 14.83 -17.40 4.57
CA GLY G 128 14.72 -16.19 5.37
C GLY G 128 16.05 -15.69 5.90
N VAL G 129 16.19 -15.68 7.24
CA VAL G 129 17.41 -15.23 7.92
C VAL G 129 17.82 -16.20 9.03
N SER G 130 19.14 -16.39 9.22
CA SER G 130 19.69 -17.10 10.36
C SER G 130 20.52 -16.07 11.16
N ILE G 131 20.33 -16.05 12.49
CA ILE G 131 21.03 -15.12 13.40
C ILE G 131 22.06 -15.89 14.25
N TYR G 132 23.26 -15.33 14.36
CA TYR G 132 24.34 -15.95 15.14
C TYR G 132 25.07 -14.91 15.96
N ILE G 133 25.81 -15.40 16.95
CA ILE G 133 26.79 -14.64 17.70
C ILE G 133 28.10 -15.41 17.51
N TYR G 134 29.11 -14.74 16.96
CA TYR G 134 30.40 -15.38 16.73
C TYR G 134 31.31 -15.03 17.89
N ARG G 135 32.12 -16.00 18.31
CA ARG G 135 33.12 -15.79 19.35
C ARG G 135 34.35 -16.52 18.81
N ALA G 136 35.47 -15.80 18.68
CA ALA G 136 36.69 -16.37 18.11
C ALA G 136 37.93 -16.00 18.88
N ASN G 137 38.93 -16.91 18.93
CA ASN G 137 40.18 -16.65 19.65
C ASN G 137 41.40 -16.94 18.77
N ARG G 138 41.13 -17.26 17.48
CA ARG G 138 42.14 -17.60 16.46
CA ARG G 138 42.13 -17.61 16.46
C ARG G 138 41.83 -16.94 15.14
N SER G 139 42.89 -16.58 14.39
CA SER G 139 42.74 -16.03 13.04
C SER G 139 42.51 -17.22 12.13
N MET G 140 41.71 -17.08 11.06
CA MET G 140 41.46 -18.21 10.18
C MET G 140 42.74 -18.57 9.42
N GLU G 141 43.08 -19.86 9.47
CA GLU G 141 44.25 -20.40 8.78
C GLU G 141 43.71 -21.19 7.58
N ARG G 142 42.70 -20.60 6.92
CA ARG G 142 42.01 -21.18 5.77
C ARG G 142 41.22 -20.13 5.06
N VAL G 143 40.55 -20.55 3.98
CA VAL G 143 39.70 -19.66 3.19
C VAL G 143 38.28 -20.29 3.15
N PHE G 144 37.27 -19.46 3.31
CA PHE G 144 35.89 -19.91 3.38
C PHE G 144 34.94 -19.17 2.45
N PHE G 145 33.91 -19.89 1.94
CA PHE G 145 32.76 -19.28 1.27
C PHE G 145 31.46 -19.87 1.81
N ASN G 146 30.44 -19.04 1.93
CA ASN G 146 29.10 -19.43 2.38
C ASN G 146 28.23 -19.49 1.13
N ALA G 147 27.73 -20.69 0.79
CA ALA G 147 26.86 -20.91 -0.37
C ALA G 147 25.39 -20.70 -0.02
N ASP G 148 25.07 -20.64 1.30
CA ASP G 148 23.69 -20.53 1.83
C ASP G 148 23.12 -19.10 1.84
N GLY G 149 23.98 -18.10 1.79
CA GLY G 149 23.52 -16.72 1.79
C GLY G 149 24.61 -15.70 1.99
N GLU G 150 24.15 -14.47 2.06
CA GLU G 150 24.87 -13.25 2.30
C GLU G 150 25.14 -13.16 3.80
N LEU G 151 26.32 -12.64 4.18
CA LEU G 151 26.66 -12.44 5.60
C LEU G 151 26.71 -10.95 5.99
N LEU G 152 25.88 -10.54 6.99
CA LEU G 152 25.93 -9.20 7.58
C LEU G 152 26.68 -9.35 8.91
N LEU G 153 27.85 -8.72 9.01
CA LEU G 153 28.70 -8.77 10.19
C LEU G 153 28.59 -7.50 11.02
N VAL G 154 28.28 -7.67 12.32
CA VAL G 154 28.12 -6.59 13.30
C VAL G 154 29.08 -6.77 14.50
N PRO G 155 30.36 -6.39 14.37
CA PRO G 155 31.32 -6.53 15.51
C PRO G 155 30.91 -5.79 16.79
N GLU G 156 31.18 -6.41 17.93
CA GLU G 156 30.86 -5.87 19.24
C GLU G 156 32.12 -5.77 20.08
N GLN G 157 33.00 -6.80 20.00
CA GLN G 157 34.32 -6.77 20.63
C GLN G 157 35.41 -7.20 19.64
N GLY G 158 36.48 -6.42 19.59
CA GLY G 158 37.66 -6.72 18.77
C GLY G 158 37.51 -6.37 17.30
N ARG G 159 38.60 -5.89 16.69
CA ARG G 159 38.64 -5.54 15.28
C ARG G 159 38.86 -6.82 14.44
N LEU G 160 38.49 -6.76 13.16
CA LEU G 160 38.62 -7.86 12.20
C LEU G 160 39.32 -7.34 10.95
N ARG G 161 40.32 -8.08 10.42
CA ARG G 161 40.89 -7.79 9.10
C ARG G 161 40.31 -8.91 8.19
N ILE G 162 39.40 -8.52 7.31
CA ILE G 162 38.71 -9.47 6.43
C ILE G 162 39.32 -9.46 5.01
N ALA G 163 40.07 -10.54 4.69
CA ALA G 163 40.72 -10.65 3.39
C ALA G 163 39.77 -11.39 2.45
N THR G 164 39.15 -10.68 1.49
CA THR G 164 38.18 -11.27 0.52
C THR G 164 38.87 -11.41 -0.85
N GLU G 165 38.19 -12.09 -1.79
CA GLU G 165 38.67 -12.18 -3.19
C GLU G 165 38.84 -10.79 -3.83
N LEU G 166 38.01 -9.81 -3.42
CA LEU G 166 38.03 -8.46 -4.02
C LEU G 166 38.91 -7.48 -3.29
N GLY G 167 39.63 -7.99 -2.30
CA GLY G 167 40.55 -7.17 -1.53
C GLY G 167 40.33 -7.24 -0.04
N VAL G 168 41.16 -6.49 0.67
CA VAL G 168 41.16 -6.46 2.14
C VAL G 168 40.39 -5.28 2.78
N MET G 169 39.49 -5.59 3.72
CA MET G 169 38.79 -4.65 4.59
C MET G 169 39.10 -4.88 6.11
N GLU G 170 39.05 -3.81 6.89
CA GLU G 170 39.21 -3.80 8.34
C GLU G 170 37.94 -3.20 8.91
N VAL G 171 37.31 -3.93 9.83
CA VAL G 171 36.03 -3.53 10.42
C VAL G 171 36.17 -3.56 11.94
N GLU G 172 35.72 -2.50 12.63
CA GLU G 172 35.81 -2.40 14.10
C GLU G 172 34.38 -2.31 14.72
N PRO G 173 34.13 -2.50 16.05
CA PRO G 173 32.77 -2.24 16.59
C PRO G 173 32.31 -0.81 16.20
N LEU G 174 31.01 -0.60 15.99
CA LEU G 174 30.37 0.63 15.48
C LEU G 174 30.44 0.73 13.93
N GLU G 175 30.94 -0.33 13.31
CA GLU G 175 31.02 -0.49 11.86
C GLU G 175 30.36 -1.82 11.53
N ILE G 176 29.84 -1.96 10.32
CA ILE G 176 29.28 -3.21 9.85
C ILE G 176 30.01 -3.65 8.57
N ALA G 177 30.01 -4.95 8.27
CA ALA G 177 30.59 -5.49 7.06
C ALA G 177 29.62 -6.46 6.43
N VAL G 178 29.55 -6.48 5.10
CA VAL G 178 28.67 -7.42 4.37
C VAL G 178 29.49 -8.20 3.38
N ILE G 179 29.29 -9.53 3.37
CA ILE G 179 29.97 -10.41 2.45
C ILE G 179 28.91 -11.12 1.59
N PRO G 180 28.93 -10.92 0.26
CA PRO G 180 27.98 -11.64 -0.61
C PRO G 180 28.18 -13.17 -0.57
N ARG G 181 27.10 -13.89 -0.84
CA ARG G 181 27.05 -15.34 -0.97
C ARG G 181 28.05 -15.81 -1.99
N GLY G 182 28.78 -16.87 -1.63
CA GLY G 182 29.69 -17.52 -2.55
C GLY G 182 31.08 -16.90 -2.63
N MET G 183 31.24 -15.65 -2.12
CA MET G 183 32.55 -15.01 -2.16
C MET G 183 33.49 -15.58 -1.10
N LYS G 184 34.76 -15.81 -1.48
CA LYS G 184 35.76 -16.39 -0.60
C LYS G 184 36.42 -15.35 0.31
N PHE G 185 36.67 -15.73 1.58
CA PHE G 185 37.23 -14.83 2.58
C PHE G 185 37.94 -15.55 3.71
N ARG G 186 38.72 -14.77 4.47
CA ARG G 186 39.54 -15.21 5.60
C ARG G 186 39.51 -14.09 6.62
N VAL G 187 39.07 -14.43 7.83
CA VAL G 187 38.89 -13.48 8.93
C VAL G 187 40.05 -13.58 9.91
N GLU G 188 40.79 -12.47 10.02
CA GLU G 188 41.94 -12.32 10.90
C GLU G 188 41.57 -11.48 12.12
N LEU G 189 41.99 -11.94 13.30
CA LEU G 189 41.73 -11.21 14.54
C LEU G 189 42.88 -10.25 14.80
N LEU G 190 42.56 -8.96 14.85
CA LEU G 190 43.57 -7.94 15.09
C LEU G 190 43.83 -7.74 16.58
N ASP G 191 42.88 -8.21 17.42
CA ASP G 191 42.86 -8.11 18.89
C ASP G 191 42.94 -9.44 19.64
N GLY G 192 43.34 -10.51 18.94
CA GLY G 192 43.51 -11.83 19.54
C GLY G 192 42.22 -12.61 19.74
N GLN G 193 41.14 -11.91 20.11
CA GLN G 193 39.81 -12.44 20.35
C GLN G 193 38.80 -11.50 19.75
N ALA G 194 37.67 -12.06 19.35
CA ALA G 194 36.60 -11.26 18.73
C ALA G 194 35.22 -11.82 19.02
N ARG G 195 34.26 -10.91 19.18
CA ARG G 195 32.86 -11.27 19.46
C ARG G 195 31.98 -10.30 18.72
N GLY G 196 30.84 -10.78 18.23
CA GLY G 196 29.91 -9.93 17.51
C GLY G 196 28.67 -10.66 17.05
N TYR G 197 27.89 -9.99 16.22
CA TYR G 197 26.63 -10.56 15.72
C TYR G 197 26.60 -10.84 14.21
N ILE G 198 25.82 -11.84 13.81
CA ILE G 198 25.69 -12.19 12.39
C ILE G 198 24.23 -12.33 11.98
N ALA G 199 23.86 -11.70 10.85
CA ALA G 199 22.55 -11.92 10.21
C ALA G 199 22.93 -12.55 8.86
N GLU G 200 22.60 -13.83 8.72
CA GLU G 200 22.85 -14.56 7.51
C GLU G 200 21.52 -14.48 6.77
N ASN G 201 21.57 -13.88 5.60
CA ASN G 201 20.42 -13.62 4.76
C ASN G 201 20.39 -14.56 3.57
N HIS G 202 19.41 -15.46 3.62
CA HIS G 202 19.17 -16.48 2.61
C HIS G 202 18.23 -15.97 1.48
N GLY G 203 17.66 -14.78 1.67
CA GLY G 203 16.72 -14.15 0.73
C GLY G 203 17.34 -13.14 -0.22
N ALA G 204 16.53 -12.16 -0.69
CA ALA G 204 17.03 -11.13 -1.63
C ALA G 204 18.15 -10.30 -0.97
N PRO G 205 19.20 -9.91 -1.72
CA PRO G 205 20.31 -9.15 -1.11
C PRO G 205 19.92 -7.91 -0.34
N LEU G 206 20.68 -7.60 0.72
CA LEU G 206 20.46 -6.37 1.49
C LEU G 206 20.71 -5.20 0.59
N ARG G 207 19.87 -4.15 0.76
CA ARG G 207 19.98 -2.93 -0.02
CA ARG G 207 20.00 -2.94 -0.02
C ARG G 207 19.47 -1.74 0.79
N LEU G 208 19.69 -0.53 0.28
CA LEU G 208 19.21 0.66 0.95
C LEU G 208 17.69 0.73 0.86
N PRO G 209 17.03 1.14 1.95
CA PRO G 209 15.55 1.17 1.93
C PRO G 209 15.03 2.28 1.04
N ASP G 210 13.79 2.14 0.56
CA ASP G 210 13.15 3.21 -0.23
C ASP G 210 12.88 4.31 0.81
N LEU G 211 13.35 5.54 0.56
CA LEU G 211 13.23 6.68 1.49
C LEU G 211 11.86 7.36 1.68
N GLY G 212 10.94 7.16 0.75
CA GLY G 212 9.62 7.77 0.88
C GLY G 212 9.73 9.29 1.01
N PRO G 213 9.12 9.94 2.03
CA PRO G 213 9.17 11.41 2.07
C PRO G 213 10.54 11.98 2.43
N ILE G 214 11.45 11.16 3.01
CA ILE G 214 12.82 11.56 3.33
C ILE G 214 13.53 11.95 2.03
N GLY G 215 13.10 11.35 0.89
CA GLY G 215 13.53 11.72 -0.44
C GLY G 215 14.78 11.13 -1.05
N SER G 216 15.76 11.99 -1.33
CA SER G 216 16.99 11.58 -2.02
C SER G 216 18.28 11.54 -1.15
N ASN G 217 18.20 11.86 0.16
CA ASN G 217 19.38 11.90 1.05
C ASN G 217 18.96 11.54 2.45
N GLY G 218 19.89 11.10 3.27
CA GLY G 218 19.50 10.74 4.62
C GLY G 218 19.67 9.28 4.93
N LEU G 219 19.51 8.94 6.21
CA LEU G 219 19.75 7.60 6.76
C LEU G 219 21.19 7.19 6.36
N ALA G 220 21.39 6.00 5.80
CA ALA G 220 22.72 5.61 5.32
C ALA G 220 22.90 6.25 3.95
N ASN G 221 23.84 7.20 3.83
CA ASN G 221 24.15 7.87 2.56
C ASN G 221 25.06 6.91 1.77
N PRO G 222 24.78 6.69 0.45
CA PRO G 222 25.55 5.68 -0.34
C PRO G 222 27.03 5.92 -0.48
N ARG G 223 27.47 7.18 -0.36
CA ARG G 223 28.87 7.61 -0.37
C ARG G 223 29.61 7.00 0.83
N ASP G 224 28.89 6.56 1.86
CA ASP G 224 29.57 5.98 3.02
C ASP G 224 29.81 4.49 2.92
N PHE G 225 29.26 3.82 1.88
CA PHE G 225 29.50 2.40 1.69
C PHE G 225 30.83 2.15 0.97
N LEU G 226 31.82 1.50 1.67
CA LEU G 226 33.20 1.30 1.19
C LEU G 226 33.54 -0.13 0.84
N THR G 227 34.07 -0.33 -0.38
CA THR G 227 34.46 -1.62 -0.96
C THR G 227 35.98 -1.63 -1.06
N PRO G 228 36.67 -2.75 -0.72
CA PRO G 228 38.14 -2.74 -0.82
C PRO G 228 38.64 -2.78 -2.25
N VAL G 229 39.91 -2.42 -2.43
CA VAL G 229 40.57 -2.39 -3.74
C VAL G 229 41.25 -3.74 -3.93
N ALA G 230 41.41 -4.20 -5.18
CA ALA G 230 42.05 -5.48 -5.50
C ALA G 230 43.39 -5.79 -4.80
N HIS G 231 43.51 -7.02 -4.31
CA HIS G 231 44.70 -7.53 -3.64
C HIS G 231 44.78 -9.01 -3.89
N TYR G 232 45.95 -9.52 -4.24
CA TYR G 232 46.09 -10.95 -4.53
C TYR G 232 47.30 -11.52 -3.81
N GLU G 233 47.21 -12.80 -3.41
CA GLU G 233 48.27 -13.55 -2.72
C GLU G 233 48.91 -14.51 -3.72
N GLU G 234 50.19 -14.81 -3.51
CA GLU G 234 50.97 -15.70 -4.38
C GLU G 234 51.63 -16.87 -3.64
N ALA G 235 51.15 -17.20 -2.41
CA ALA G 235 51.70 -18.27 -1.59
C ALA G 235 51.54 -19.68 -2.20
N GLU G 236 52.67 -20.38 -2.37
CA GLU G 236 52.66 -21.76 -2.88
C GLU G 236 52.57 -22.71 -1.69
N GLY G 237 51.94 -23.86 -1.91
CA GLY G 237 51.75 -24.88 -0.89
C GLY G 237 50.29 -25.17 -0.64
N PRO G 238 49.96 -26.00 0.38
CA PRO G 238 48.54 -26.33 0.63
C PRO G 238 47.72 -25.30 1.44
N VAL G 239 46.52 -25.00 0.95
CA VAL G 239 45.61 -24.08 1.64
C VAL G 239 44.26 -24.80 1.73
N GLN G 240 43.61 -24.76 2.89
CA GLN G 240 42.30 -25.38 3.04
C GLN G 240 41.18 -24.41 2.64
N LEU G 241 40.27 -24.88 1.74
CA LEU G 241 39.08 -24.17 1.31
C LEU G 241 37.89 -24.86 1.98
N VAL G 242 37.06 -24.08 2.71
CA VAL G 242 35.87 -24.59 3.42
C VAL G 242 34.65 -23.88 2.91
N GLN G 243 33.61 -24.62 2.66
CA GLN G 243 32.34 -24.04 2.24
C GLN G 243 31.24 -24.41 3.22
N LYS G 244 30.31 -23.48 3.46
CA LYS G 244 29.10 -23.75 4.24
C LYS G 244 28.01 -24.00 3.19
N PHE G 245 27.50 -25.25 3.15
CA PHE G 245 26.47 -25.69 2.24
C PHE G 245 25.42 -26.43 3.06
N LEU G 246 24.16 -25.93 3.03
CA LEU G 246 23.01 -26.47 3.80
C LEU G 246 23.37 -26.67 5.29
N GLY G 247 24.05 -25.66 5.85
CA GLY G 247 24.45 -25.65 7.26
C GLY G 247 25.71 -26.41 7.62
N GLU G 248 26.25 -27.20 6.69
CA GLU G 248 27.44 -28.04 6.87
C GLU G 248 28.72 -27.48 6.30
N HIS G 249 29.80 -27.73 7.03
CA HIS G 249 31.14 -27.35 6.64
C HIS G 249 31.71 -28.48 5.83
N TRP G 250 32.06 -28.17 4.58
CA TRP G 250 32.72 -29.11 3.68
C TRP G 250 34.05 -28.49 3.24
N ALA G 251 35.14 -29.27 3.21
CA ALA G 251 36.44 -28.77 2.82
C ALA G 251 37.17 -29.60 1.76
N CYS G 252 38.17 -28.97 1.11
CA CYS G 252 39.14 -29.57 0.19
C CYS G 252 40.45 -28.85 0.40
N GLU G 253 41.54 -29.41 -0.16
CA GLU G 253 42.85 -28.79 -0.10
C GLU G 253 43.25 -28.32 -1.49
N LEU G 254 43.59 -27.04 -1.60
CA LEU G 254 44.07 -26.42 -2.81
C LEU G 254 45.58 -26.39 -2.66
N GLN G 255 46.31 -26.34 -3.77
CA GLN G 255 47.75 -26.20 -3.77
C GLN G 255 48.15 -24.76 -4.12
N HIS G 256 47.22 -23.81 -3.94
CA HIS G 256 47.44 -22.40 -4.19
C HIS G 256 46.48 -21.54 -3.34
N SER G 257 46.77 -20.23 -3.20
CA SER G 257 45.83 -19.40 -2.45
C SER G 257 44.61 -19.12 -3.33
N PRO G 258 43.39 -19.22 -2.76
CA PRO G 258 42.19 -18.90 -3.53
C PRO G 258 41.91 -17.40 -3.63
N LEU G 259 42.71 -16.55 -2.92
CA LEU G 259 42.57 -15.09 -2.96
C LEU G 259 43.62 -14.60 -3.97
N ASP G 260 43.39 -14.98 -5.24
CA ASP G 260 44.32 -14.72 -6.36
C ASP G 260 43.74 -13.85 -7.49
N VAL G 261 42.86 -12.89 -7.14
CA VAL G 261 42.19 -12.01 -8.09
C VAL G 261 43.04 -10.75 -8.25
N VAL G 262 43.69 -10.65 -9.41
CA VAL G 262 44.59 -9.54 -9.74
C VAL G 262 43.81 -8.27 -10.09
N ALA G 263 42.61 -8.45 -10.67
CA ALA G 263 41.72 -7.34 -11.08
C ALA G 263 40.31 -7.84 -11.14
N TRP G 264 39.38 -6.92 -10.92
CA TRP G 264 37.94 -7.21 -10.96
C TRP G 264 37.12 -6.00 -11.34
N HIS G 265 35.90 -6.25 -11.79
CA HIS G 265 34.95 -5.20 -12.10
C HIS G 265 33.56 -5.69 -11.86
N GLY G 266 32.72 -4.82 -11.36
CA GLY G 266 31.36 -5.25 -11.07
C GLY G 266 30.69 -4.69 -9.85
N SER G 267 29.47 -5.18 -9.64
CA SER G 267 28.57 -4.72 -8.57
C SER G 267 28.41 -5.70 -7.36
N ASN G 268 28.85 -7.00 -7.47
CA ASN G 268 28.73 -7.99 -6.41
C ASN G 268 29.99 -7.91 -5.58
N VAL G 269 29.95 -7.07 -4.55
CA VAL G 269 31.17 -6.78 -3.79
C VAL G 269 31.01 -6.87 -2.29
N PRO G 270 32.11 -7.14 -1.55
CA PRO G 270 32.04 -7.01 -0.09
C PRO G 270 32.04 -5.51 0.21
N TYR G 271 31.41 -5.06 1.30
CA TYR G 271 31.47 -3.64 1.67
C TYR G 271 31.46 -3.44 3.18
N LYS G 272 31.92 -2.26 3.65
CA LYS G 272 31.80 -1.90 5.06
C LYS G 272 31.07 -0.55 5.22
N TYR G 273 30.57 -0.28 6.41
CA TYR G 273 29.86 0.95 6.68
C TYR G 273 30.05 1.35 8.14
N ASP G 274 30.25 2.63 8.40
CA ASP G 274 30.44 3.15 9.74
C ASP G 274 29.11 3.67 10.22
N LEU G 275 28.55 3.06 11.29
CA LEU G 275 27.23 3.45 11.85
C LEU G 275 27.24 4.87 12.44
N ARG G 276 28.44 5.37 12.77
CA ARG G 276 28.67 6.72 13.24
C ARG G 276 28.26 7.76 12.19
N ARG G 277 28.25 7.36 10.89
CA ARG G 277 27.91 8.27 9.79
C ARG G 277 26.43 8.24 9.42
N PHE G 278 25.61 7.49 10.17
CA PHE G 278 24.17 7.46 9.85
C PHE G 278 23.53 8.80 10.06
N ASN G 279 22.74 9.26 9.04
CA ASN G 279 22.02 10.54 9.07
C ASN G 279 20.66 10.28 9.68
N THR G 280 20.63 10.24 11.03
CA THR G 280 19.44 9.93 11.80
C THR G 280 18.33 10.97 11.67
N ILE G 281 17.16 10.46 11.29
CA ILE G 281 15.87 11.14 11.14
C ILE G 281 14.96 10.70 12.30
N GLY G 282 14.12 11.62 12.74
CA GLY G 282 13.19 11.40 13.82
C GLY G 282 12.26 12.56 14.06
N THR G 283 11.60 12.58 15.22
CA THR G 283 10.68 13.68 15.47
C THR G 283 11.32 15.00 15.82
N VAL G 284 10.83 16.10 15.23
CA VAL G 284 11.30 17.44 15.56
C VAL G 284 10.10 18.22 16.12
N SER G 285 9.04 17.49 16.49
CA SER G 285 7.81 18.01 17.04
C SER G 285 7.36 17.24 18.28
N PHE G 286 6.68 16.09 18.07
CA PHE G 286 6.12 15.28 19.15
C PHE G 286 6.02 13.81 18.77
N ASP G 287 5.51 12.95 19.70
CA ASP G 287 5.37 11.50 19.52
C ASP G 287 6.72 10.72 19.40
N HIS G 288 6.65 9.41 19.11
CA HIS G 288 7.81 8.49 19.02
C HIS G 288 7.67 7.77 17.71
N PRO G 289 8.49 8.13 16.70
CA PRO G 289 8.36 7.49 15.36
C PRO G 289 8.65 5.99 15.34
N ASP G 290 7.95 5.26 14.44
CA ASP G 290 8.13 3.82 14.23
C ASP G 290 9.61 3.54 13.99
N PRO G 291 10.22 2.52 14.65
CA PRO G 291 11.67 2.27 14.47
C PRO G 291 12.19 1.92 13.07
N SER G 292 11.27 1.65 12.11
CA SER G 292 11.61 1.46 10.69
C SER G 292 12.36 2.71 10.17
N ILE G 293 12.19 3.87 10.84
CA ILE G 293 12.83 5.15 10.49
C ILE G 293 14.36 5.06 10.60
N PHE G 294 14.85 4.09 11.41
CA PHE G 294 16.26 3.86 11.69
C PHE G 294 16.86 2.76 10.82
N THR G 295 16.14 2.34 9.75
CA THR G 295 16.57 1.30 8.81
C THR G 295 17.85 1.72 8.08
N VAL G 296 18.87 0.88 8.21
CA VAL G 296 20.19 1.05 7.59
C VAL G 296 20.14 0.25 6.28
N LEU G 297 19.85 -1.08 6.35
CA LEU G 297 19.77 -1.99 5.18
C LEU G 297 18.54 -2.86 5.33
N THR G 298 17.95 -3.29 4.22
CA THR G 298 16.74 -4.13 4.18
C THR G 298 16.82 -5.19 3.07
N SER G 299 16.31 -6.38 3.37
CA SER G 299 16.17 -7.52 2.45
C SER G 299 14.68 -7.56 2.19
N PRO G 300 14.25 -7.37 0.93
CA PRO G 300 12.81 -7.41 0.64
C PRO G 300 12.33 -8.83 0.32
N THR G 301 11.01 -9.00 0.28
CA THR G 301 10.36 -10.22 -0.19
C THR G 301 9.58 -9.77 -1.42
N SER G 302 8.84 -10.72 -2.00
CA SER G 302 7.97 -10.48 -3.13
C SER G 302 6.70 -9.76 -2.68
N VAL G 303 6.41 -9.73 -1.34
CA VAL G 303 5.27 -9.00 -0.81
C VAL G 303 5.80 -7.56 -0.63
N HIS G 304 5.29 -6.61 -1.44
CA HIS G 304 5.73 -5.22 -1.34
C HIS G 304 5.57 -4.62 0.07
N GLY G 305 6.68 -4.09 0.59
CA GLY G 305 6.73 -3.43 1.89
C GLY G 305 6.81 -4.34 3.11
N MET G 306 6.93 -5.67 2.89
CA MET G 306 7.09 -6.65 3.97
C MET G 306 8.46 -7.27 3.75
N ALA G 307 9.46 -6.76 4.46
CA ALA G 307 10.83 -7.21 4.29
C ALA G 307 11.10 -8.61 4.83
N ASN G 308 12.00 -9.35 4.18
CA ASN G 308 12.49 -10.62 4.73
C ASN G 308 13.19 -10.23 6.08
N MET G 309 13.95 -9.13 6.04
CA MET G 309 14.56 -8.55 7.23
C MET G 309 14.88 -7.07 7.06
N ASP G 310 14.84 -6.32 8.17
CA ASP G 310 15.25 -4.93 8.23
C ASP G 310 16.35 -4.92 9.29
N PHE G 311 17.50 -4.25 9.01
CA PHE G 311 18.58 -4.03 9.99
C PHE G 311 18.41 -2.57 10.41
N VAL G 312 17.98 -2.35 11.65
CA VAL G 312 17.73 -1.00 12.20
C VAL G 312 18.68 -0.74 13.35
N ILE G 313 19.10 0.49 13.52
CA ILE G 313 20.01 0.85 14.58
C ILE G 313 19.34 1.87 15.51
N PHE G 314 19.87 2.03 16.74
CA PHE G 314 19.40 2.97 17.74
C PHE G 314 20.68 3.70 18.18
N PRO G 315 20.99 4.76 17.42
CA PRO G 315 22.27 5.46 17.62
C PRO G 315 22.17 6.66 18.56
N PRO G 316 23.28 7.39 18.88
CA PRO G 316 23.14 8.65 19.61
C PRO G 316 22.26 9.60 18.78
N ARG G 317 21.26 10.20 19.42
CA ARG G 317 20.30 11.07 18.75
C ARG G 317 19.71 12.13 19.71
N TRP G 318 19.13 13.18 19.13
CA TRP G 318 18.46 14.22 19.87
C TRP G 318 17.01 13.83 20.10
N MET G 319 16.55 13.92 21.36
CA MET G 319 15.15 13.66 21.75
C MET G 319 14.54 15.01 22.13
N VAL G 320 13.65 15.55 21.28
CA VAL G 320 13.04 16.87 21.46
C VAL G 320 11.48 16.84 21.56
N ALA G 321 10.87 15.63 21.51
CA ALA G 321 9.42 15.47 21.54
C ALA G 321 8.80 16.10 22.77
N GLU G 322 7.90 17.09 22.54
CA GLU G 322 7.24 17.82 23.62
C GLU G 322 5.94 17.13 24.05
N ASN G 323 5.61 17.20 25.36
CA ASN G 323 4.42 16.58 25.95
C ASN G 323 4.26 15.16 25.42
N THR G 324 5.37 14.40 25.39
CA THR G 324 5.39 13.07 24.80
C THR G 324 6.10 12.05 25.70
N PHE G 325 5.62 10.79 25.65
CA PHE G 325 6.26 9.65 26.29
C PHE G 325 7.46 9.30 25.34
N ARG G 326 8.70 9.68 25.70
CA ARG G 326 9.88 9.47 24.83
C ARG G 326 10.36 8.03 24.63
N PRO G 327 10.38 7.13 25.64
CA PRO G 327 10.77 5.74 25.36
C PRO G 327 9.83 5.06 24.37
N PRO G 328 10.28 3.96 23.68
CA PRO G 328 9.38 3.22 22.79
C PRO G 328 8.05 2.96 23.47
N TRP G 329 6.95 3.02 22.71
CA TRP G 329 5.63 2.73 23.24
C TRP G 329 5.53 1.24 23.52
N PHE G 330 4.53 0.84 24.33
CA PHE G 330 4.19 -0.57 24.53
C PHE G 330 3.75 -1.07 23.14
N HIS G 331 4.08 -2.33 22.80
CA HIS G 331 3.93 -2.78 21.41
C HIS G 331 3.73 -4.28 21.31
N ARG G 332 2.88 -4.71 20.33
CA ARG G 332 2.62 -6.08 19.90
C ARG G 332 2.78 -5.99 18.36
N ASN G 333 3.63 -6.83 17.79
CA ASN G 333 3.99 -6.73 16.38
C ASN G 333 3.83 -8.03 15.58
N LEU G 334 3.41 -7.95 14.30
CA LEU G 334 3.36 -9.12 13.41
C LEU G 334 4.79 -9.63 13.21
N MET G 335 5.74 -8.69 13.10
CA MET G 335 7.15 -9.00 12.87
C MET G 335 7.83 -9.53 14.12
N ASN G 336 9.05 -10.08 13.96
CA ASN G 336 9.82 -10.69 15.02
C ASN G 336 11.01 -9.86 15.30
N GLU G 337 11.24 -9.47 16.57
CA GLU G 337 12.26 -8.50 16.93
C GLU G 337 13.43 -9.05 17.71
N PHE G 338 14.62 -9.08 17.06
CA PHE G 338 15.84 -9.55 17.70
C PHE G 338 16.72 -8.35 17.91
N MET G 339 16.98 -8.02 19.17
CA MET G 339 17.82 -6.88 19.49
C MET G 339 19.15 -7.26 20.06
N GLY G 340 20.16 -6.49 19.68
CA GLY G 340 21.53 -6.60 20.18
C GLY G 340 22.05 -5.27 20.69
N LEU G 341 23.25 -5.29 21.27
CA LEU G 341 23.84 -4.07 21.79
C LEU G 341 25.32 -4.11 21.52
N ILE G 342 25.80 -3.08 20.82
CA ILE G 342 27.22 -2.99 20.51
C ILE G 342 27.93 -2.29 21.69
N ASN G 343 27.39 -1.14 22.15
CA ASN G 343 28.02 -0.32 23.19
C ASN G 343 27.01 0.53 24.00
N GLY G 344 27.27 0.70 25.28
CA GLY G 344 26.42 1.48 26.19
C GLY G 344 25.17 0.79 26.67
N ALA G 345 24.06 1.54 26.81
CA ALA G 345 22.78 1.01 27.31
C ALA G 345 21.60 1.47 26.50
N TYR G 346 20.74 0.52 26.08
CA TYR G 346 19.55 0.85 25.29
C TYR G 346 18.50 1.53 26.18
N ASP G 347 18.00 2.71 25.76
CA ASP G 347 17.03 3.56 26.47
C ASP G 347 15.78 2.88 27.05
N ALA G 348 15.23 1.85 26.38
CA ALA G 348 14.00 1.19 26.87
C ALA G 348 14.21 0.15 27.99
N LYS G 349 15.45 -0.35 28.19
CA LYS G 349 15.80 -1.37 29.20
C LYS G 349 16.87 -0.89 30.19
N ALA G 350 16.40 -0.54 31.39
CA ALA G 350 17.17 0.02 32.51
C ALA G 350 18.40 -0.80 32.91
N GLU G 351 18.25 -2.13 32.94
CA GLU G 351 19.33 -3.06 33.28
C GLU G 351 19.09 -4.44 32.69
N GLY G 352 20.15 -5.25 32.68
CA GLY G 352 20.08 -6.62 32.19
C GLY G 352 20.41 -6.81 30.73
N PHE G 353 20.36 -5.72 29.95
CA PHE G 353 20.70 -5.73 28.53
C PHE G 353 22.05 -5.04 28.34
N LEU G 354 23.08 -5.86 28.22
CA LEU G 354 24.48 -5.47 28.12
C LEU G 354 25.08 -5.62 26.73
N PRO G 355 26.25 -4.97 26.44
CA PRO G 355 26.88 -5.18 25.12
C PRO G 355 27.29 -6.64 24.90
N GLY G 356 26.78 -7.22 23.82
CA GLY G 356 26.93 -8.64 23.52
C GLY G 356 25.67 -9.40 23.87
N GLY G 357 24.76 -8.75 24.59
CA GLY G 357 23.48 -9.34 25.00
C GLY G 357 22.53 -9.53 23.82
N ALA G 358 21.41 -10.22 24.06
CA ALA G 358 20.41 -10.38 23.00
C ALA G 358 19.01 -10.53 23.56
N SER G 359 18.01 -10.01 22.82
CA SER G 359 16.60 -10.17 23.21
C SER G 359 15.75 -10.57 22.00
N LEU G 360 14.74 -11.39 22.24
CA LEU G 360 13.84 -11.82 21.19
C LEU G 360 12.41 -11.67 21.67
N HIS G 361 11.60 -10.87 20.94
CA HIS G 361 10.17 -10.71 21.20
C HIS G 361 9.56 -11.15 19.86
N GLY G 362 9.03 -12.37 19.83
CA GLY G 362 8.45 -12.94 18.62
C GLY G 362 7.09 -12.40 18.30
N VAL G 363 6.49 -12.95 17.22
CA VAL G 363 5.18 -12.59 16.68
C VAL G 363 4.12 -12.38 17.77
N MET G 364 3.54 -11.16 17.87
CA MET G 364 2.47 -10.84 18.84
C MET G 364 2.82 -10.94 20.34
N SER G 365 4.13 -11.05 20.65
CA SER G 365 4.56 -11.10 22.05
C SER G 365 4.52 -9.65 22.61
N ALA G 366 3.96 -9.48 23.81
CA ALA G 366 3.79 -8.14 24.37
C ALA G 366 5.07 -7.63 24.90
N HIS G 367 5.52 -6.50 24.40
CA HIS G 367 6.76 -5.91 24.89
C HIS G 367 6.57 -4.39 25.08
N GLY G 368 7.62 -3.73 25.50
CA GLY G 368 7.56 -2.30 25.75
C GLY G 368 8.54 -1.92 26.84
N PRO G 369 8.58 -0.64 27.22
CA PRO G 369 9.54 -0.19 28.24
C PRO G 369 9.36 -0.92 29.56
N ASP G 370 10.46 -1.17 30.27
CA ASP G 370 10.33 -1.84 31.55
C ASP G 370 9.73 -0.88 32.59
N ALA G 371 9.39 -1.39 33.77
CA ALA G 371 8.76 -0.63 34.82
C ALA G 371 9.54 0.63 35.26
N GLU G 372 10.88 0.55 35.29
CA GLU G 372 11.80 1.63 35.66
C GLU G 372 11.77 2.80 34.67
N THR G 373 11.96 2.50 33.37
CA THR G 373 11.96 3.49 32.29
C THR G 373 10.59 4.18 32.18
N CYS G 374 9.50 3.40 32.29
CA CYS G 374 8.13 3.92 32.20
C CYS G 374 7.82 4.93 33.32
N GLU G 375 8.35 4.70 34.55
CA GLU G 375 8.14 5.57 35.70
C GLU G 375 8.89 6.90 35.55
N LYS G 376 10.18 6.83 35.13
CA LYS G 376 11.05 7.99 34.91
C LYS G 376 10.51 8.89 33.79
N ALA G 377 10.07 8.27 32.65
CA ALA G 377 9.56 8.97 31.48
C ALA G 377 8.37 9.89 31.76
N ILE G 378 7.36 9.36 32.51
CA ILE G 378 6.13 10.08 32.89
C ILE G 378 6.47 11.25 33.83
N ALA G 379 7.47 11.05 34.69
CA ALA G 379 7.90 12.07 35.65
C ALA G 379 8.74 13.18 35.04
N ALA G 380 9.62 12.85 34.06
CA ALA G 380 10.57 13.76 33.40
C ALA G 380 10.11 15.18 33.05
N ASP G 381 11.00 16.17 33.31
CA ASP G 381 10.79 17.57 32.94
C ASP G 381 11.41 17.74 31.53
N LEU G 382 10.59 17.43 30.49
CA LEU G 382 10.95 17.43 29.06
C LEU G 382 11.63 18.66 28.52
N ALA G 383 12.78 18.43 27.86
CA ALA G 383 13.64 19.46 27.26
C ALA G 383 14.51 18.76 26.22
N PRO G 384 15.22 19.48 25.31
CA PRO G 384 16.04 18.76 24.30
C PRO G 384 17.13 17.94 24.98
N HIS G 385 17.19 16.67 24.65
CA HIS G 385 18.15 15.77 25.28
C HIS G 385 18.90 14.96 24.24
N LYS G 386 20.23 14.91 24.41
CA LYS G 386 21.11 14.16 23.52
C LYS G 386 21.41 12.78 24.09
N ILE G 387 20.80 11.74 23.49
CA ILE G 387 21.08 10.33 23.82
C ILE G 387 22.48 10.13 23.20
N ASP G 388 23.44 9.65 23.99
CA ASP G 388 24.79 9.50 23.49
C ASP G 388 25.50 8.28 24.09
N ASN G 389 26.72 7.98 23.59
CA ASN G 389 27.61 6.88 24.02
C ASN G 389 26.93 5.49 24.06
N THR G 390 26.02 5.28 23.12
CA THR G 390 25.28 4.04 22.95
C THR G 390 25.05 3.73 21.47
N MET G 391 24.97 2.41 21.14
CA MET G 391 24.63 1.84 19.85
C MET G 391 23.99 0.49 20.06
N ALA G 392 22.68 0.41 19.82
CA ALA G 392 21.90 -0.81 19.92
C ALA G 392 21.35 -1.03 18.52
N PHE G 393 20.91 -2.24 18.22
CA PHE G 393 20.37 -2.49 16.89
C PHE G 393 19.30 -3.58 16.94
N MET G 394 18.65 -3.82 15.80
CA MET G 394 17.65 -4.86 15.69
C MET G 394 17.69 -5.51 14.34
N PHE G 395 17.52 -6.85 14.34
CA PHE G 395 17.28 -7.60 13.13
C PHE G 395 15.79 -7.89 13.23
N GLU G 396 14.94 -7.20 12.42
CA GLU G 396 13.48 -7.43 12.46
C GLU G 396 13.16 -8.37 11.29
N THR G 397 12.49 -9.53 11.56
CA THR G 397 12.18 -10.49 10.49
C THR G 397 10.71 -10.73 10.30
N SER G 398 10.28 -11.01 9.04
CA SER G 398 8.86 -11.29 8.82
C SER G 398 8.50 -12.71 9.29
N GLN G 399 9.35 -13.73 9.02
CA GLN G 399 9.13 -15.11 9.51
C GLN G 399 9.53 -15.22 10.99
N VAL G 400 8.80 -16.07 11.74
CA VAL G 400 9.07 -16.41 13.14
C VAL G 400 10.53 -16.87 13.27
N LEU G 401 11.19 -16.39 14.31
CA LEU G 401 12.57 -16.76 14.60
C LEU G 401 12.51 -17.85 15.67
N ARG G 402 12.89 -19.05 15.29
CA ARG G 402 12.90 -20.21 16.19
C ARG G 402 14.24 -20.26 16.96
N PRO G 403 14.28 -20.07 18.30
CA PRO G 403 15.58 -20.21 18.98
C PRO G 403 16.16 -21.63 18.85
N SER G 404 17.50 -21.72 18.79
CA SER G 404 18.21 -22.99 18.71
C SER G 404 18.12 -23.69 20.06
N LEU G 405 18.36 -25.01 20.09
CA LEU G 405 18.38 -25.76 21.37
C LEU G 405 19.57 -25.23 22.18
N GLN G 406 20.70 -24.95 21.50
CA GLN G 406 21.91 -24.41 22.12
C GLN G 406 21.60 -23.14 22.91
N ALA G 407 20.89 -22.19 22.27
CA ALA G 407 20.48 -20.90 22.82
C ALA G 407 19.48 -21.07 23.96
N LEU G 408 18.47 -21.97 23.79
CA LEU G 408 17.46 -22.26 24.83
C LEU G 408 18.02 -23.04 26.05
N GLU G 409 19.16 -23.76 25.89
CA GLU G 409 19.77 -24.50 27.00
C GLU G 409 21.03 -23.76 27.52
N CYS G 410 21.23 -22.51 27.01
CA CYS G 410 22.32 -21.57 27.29
C CYS G 410 22.29 -21.15 28.77
N PRO G 411 23.42 -21.22 29.52
CA PRO G 411 23.41 -20.70 30.90
C PRO G 411 23.26 -19.17 30.93
N GLN G 412 23.58 -18.48 29.81
CA GLN G 412 23.46 -17.01 29.67
C GLN G 412 22.01 -16.56 29.44
N LEU G 413 21.08 -17.52 29.20
CA LEU G 413 19.65 -17.23 29.04
C LEU G 413 19.07 -16.89 30.42
N GLN G 414 18.61 -15.65 30.56
CA GLN G 414 18.04 -15.12 31.81
C GLN G 414 16.69 -15.79 32.10
N ALA G 415 16.62 -16.51 33.25
CA ALA G 415 15.43 -17.26 33.64
C ALA G 415 14.21 -16.40 34.01
N ASP G 416 14.42 -15.14 34.48
CA ASP G 416 13.29 -14.30 34.89
C ASP G 416 13.23 -12.92 34.21
N TYR G 417 13.20 -12.95 32.88
CA TYR G 417 13.13 -11.75 32.08
C TYR G 417 11.72 -11.09 32.19
N ASP G 418 10.67 -11.88 32.43
CA ASP G 418 9.29 -11.37 32.54
C ASP G 418 9.13 -10.44 33.74
N SER G 419 9.97 -10.62 34.80
CA SER G 419 9.96 -9.79 36.01
C SER G 419 10.32 -8.31 35.76
N CYS G 420 10.91 -7.94 34.57
CA CYS G 420 11.24 -6.55 34.30
CA CYS G 420 11.27 -6.56 34.25
C CYS G 420 10.00 -5.68 34.14
N TRP G 421 8.87 -6.28 33.68
CA TRP G 421 7.57 -5.59 33.55
C TRP G 421 6.60 -5.86 34.71
N ALA G 422 6.94 -6.81 35.61
CA ALA G 422 6.09 -7.26 36.71
C ALA G 422 5.54 -6.21 37.68
N THR G 423 6.23 -5.08 37.84
CA THR G 423 5.78 -4.05 38.79
C THR G 423 4.94 -2.94 38.15
N LEU G 424 4.71 -2.97 36.82
CA LEU G 424 3.93 -1.94 36.11
C LEU G 424 2.59 -1.63 36.79
N PRO G 425 2.38 -0.38 37.30
CA PRO G 425 1.14 -0.09 38.02
C PRO G 425 0.01 0.48 37.18
N SER G 426 -1.23 0.38 37.71
CA SER G 426 -2.39 0.99 37.09
C SER G 426 -2.44 2.38 37.71
N THR G 427 -2.45 3.40 36.85
CA THR G 427 -2.53 4.81 37.26
C THR G 427 -3.90 5.33 36.81
N PHE G 428 -4.78 4.41 36.39
CA PHE G 428 -6.13 4.69 35.89
C PHE G 428 -7.04 5.31 36.93
N ASN G 429 -7.53 6.50 36.61
CA ASN G 429 -8.47 7.20 37.46
C ASN G 429 -9.64 7.65 36.59
N PRO G 430 -10.78 6.91 36.61
CA PRO G 430 -11.90 7.28 35.73
C PRO G 430 -12.61 8.56 36.13
N ASN G 431 -12.23 9.14 37.29
CA ASN G 431 -12.86 10.34 37.80
C ASN G 431 -12.08 11.65 37.57
N ARG G 432 -10.85 11.61 37.02
CA ARG G 432 -10.07 12.83 36.74
C ARG G 432 -9.81 13.04 35.23
N ASP H 8 52.54 -59.95 31.19
CA ASP H 8 51.45 -59.24 30.54
C ASP H 8 50.76 -58.33 31.57
N LEU H 9 49.52 -58.66 31.93
CA LEU H 9 48.72 -57.96 32.93
C LEU H 9 48.03 -58.99 33.82
N HIS H 10 48.04 -58.78 35.15
CA HIS H 10 47.48 -59.76 36.06
C HIS H 10 46.10 -59.54 36.63
N TYR H 11 45.40 -60.65 36.90
CA TYR H 11 44.05 -60.66 37.46
C TYR H 11 43.91 -61.65 38.61
N LEU H 12 42.90 -61.39 39.45
CA LEU H 12 42.47 -62.23 40.55
C LEU H 12 41.15 -62.81 40.09
N SER H 13 40.89 -64.09 40.44
CA SER H 13 39.68 -64.78 40.00
C SER H 13 38.71 -65.15 41.12
N GLY H 14 37.41 -65.26 40.77
CA GLY H 14 36.36 -65.73 41.67
C GLY H 14 35.25 -64.73 41.92
N PHE H 15 34.14 -64.87 41.18
CA PHE H 15 33.01 -63.95 41.30
C PHE H 15 32.59 -63.82 42.74
N GLY H 16 32.58 -62.58 43.24
CA GLY H 16 32.09 -62.29 44.57
C GLY H 16 33.09 -62.40 45.70
N ASN H 17 34.34 -62.72 45.40
CA ASN H 17 35.38 -62.89 46.42
C ASN H 17 35.72 -61.67 47.15
N GLU H 18 36.24 -61.88 48.36
CA GLU H 18 36.82 -60.82 49.16
C GLU H 18 38.29 -60.85 48.72
N PHE H 19 38.61 -60.03 47.73
CA PHE H 19 39.95 -59.91 47.19
C PHE H 19 40.83 -58.97 48.06
N ALA H 20 42.16 -59.09 47.91
CA ALA H 20 43.15 -58.26 48.62
C ALA H 20 44.33 -58.05 47.62
N SER H 21 44.64 -56.78 47.25
CA SER H 21 45.68 -56.48 46.27
C SER H 21 46.51 -55.26 46.70
N GLU H 22 47.85 -55.37 46.70
CA GLU H 22 48.71 -54.25 47.09
C GLU H 22 49.81 -54.00 46.07
N ALA H 23 49.90 -52.76 45.50
CA ALA H 23 50.94 -52.42 44.52
C ALA H 23 52.31 -52.25 45.18
N LEU H 24 52.33 -51.99 46.49
CA LEU H 24 53.54 -51.89 47.30
C LEU H 24 53.50 -52.90 48.46
N PRO H 25 54.63 -53.53 48.82
CA PRO H 25 54.62 -54.52 49.92
C PRO H 25 54.13 -53.99 51.27
N GLY H 26 53.11 -54.64 51.83
CA GLY H 26 52.55 -54.27 53.12
C GLY H 26 51.79 -52.96 53.14
N ALA H 27 51.37 -52.46 51.96
CA ALA H 27 50.57 -51.25 51.86
C ALA H 27 49.19 -51.50 52.47
N LEU H 28 48.76 -52.77 52.49
CA LEU H 28 47.46 -53.11 53.06
C LEU H 28 47.63 -53.26 54.56
N PRO H 29 46.90 -52.50 55.41
CA PRO H 29 47.09 -52.65 56.88
C PRO H 29 46.73 -54.05 57.31
N VAL H 30 47.58 -54.67 58.16
CA VAL H 30 47.32 -56.03 58.63
C VAL H 30 46.52 -56.06 59.93
N GLY H 31 45.42 -56.82 59.92
CA GLY H 31 44.57 -57.02 61.09
C GLY H 31 43.56 -55.95 61.40
N GLN H 32 43.43 -54.94 60.53
CA GLN H 32 42.46 -53.83 60.68
C GLN H 32 42.29 -53.05 59.37
N ASN H 33 41.27 -52.14 59.35
CA ASN H 33 40.93 -51.31 58.21
C ASN H 33 41.41 -49.86 58.33
N SER H 34 41.35 -49.30 59.55
CA SER H 34 41.63 -47.91 59.82
C SER H 34 42.78 -47.64 60.78
N PRO H 35 44.01 -47.98 60.39
CA PRO H 35 45.16 -47.67 61.24
C PRO H 35 45.32 -46.16 61.48
N GLN H 36 45.97 -45.79 62.59
CA GLN H 36 46.24 -44.37 62.84
C GLN H 36 47.42 -43.97 61.94
N LYS H 37 48.51 -44.77 62.00
CA LYS H 37 49.74 -44.62 61.22
C LYS H 37 49.61 -45.60 60.03
N ALA H 38 48.89 -45.18 58.96
CA ALA H 38 48.64 -46.03 57.80
C ALA H 38 49.93 -46.29 57.01
N PRO H 39 50.15 -47.55 56.51
CA PRO H 39 51.39 -47.84 55.78
C PRO H 39 51.59 -46.90 54.60
N TYR H 40 52.84 -46.41 54.42
CA TYR H 40 53.27 -45.45 53.39
C TYR H 40 52.58 -44.06 53.51
N GLY H 41 51.83 -43.82 54.59
CA GLY H 41 51.14 -42.55 54.82
C GLY H 41 49.95 -42.36 53.91
N LEU H 42 49.38 -43.47 53.46
CA LEU H 42 48.20 -43.50 52.61
C LEU H 42 46.92 -43.12 53.39
N TYR H 43 45.82 -42.92 52.65
CA TYR H 43 44.53 -42.58 53.23
C TYR H 43 43.60 -43.76 53.06
N ALA H 44 42.93 -44.18 54.15
CA ALA H 44 41.91 -45.23 54.08
C ALA H 44 40.60 -44.60 53.59
N GLU H 45 39.96 -45.22 52.60
CA GLU H 45 38.68 -44.74 52.07
C GLU H 45 37.75 -45.93 51.80
N LEU H 46 36.51 -45.84 52.28
CA LEU H 46 35.53 -46.93 52.10
C LEU H 46 34.52 -46.59 51.01
N LEU H 47 34.36 -47.51 50.04
CA LEU H 47 33.45 -47.44 48.92
C LEU H 47 32.32 -48.44 49.19
N SER H 48 31.26 -47.90 49.80
CA SER H 48 30.05 -48.65 50.16
C SER H 48 29.11 -48.80 48.94
N GLY H 49 29.27 -49.90 48.21
CA GLY H 49 28.43 -50.21 47.05
C GLY H 49 27.00 -50.59 47.39
N THR H 50 26.77 -51.05 48.62
CA THR H 50 25.41 -51.42 49.01
C THR H 50 25.14 -50.80 50.37
N ALA H 51 23.89 -50.94 50.87
CA ALA H 51 23.53 -50.54 52.23
C ALA H 51 24.45 -51.32 53.22
N PHE H 52 24.73 -50.70 54.36
CA PHE H 52 25.57 -51.33 55.39
C PHE H 52 24.96 -52.62 55.92
N THR H 53 23.64 -52.65 56.07
CA THR H 53 22.92 -53.77 56.62
C THR H 53 22.46 -54.87 55.61
N MET H 54 23.02 -54.91 54.38
CA MET H 54 22.65 -55.98 53.42
C MET H 54 23.12 -57.33 53.99
N ALA H 55 22.44 -58.44 53.60
CA ALA H 55 22.89 -59.77 54.03
C ALA H 55 24.30 -59.92 53.47
N ARG H 56 25.19 -60.62 54.20
CA ARG H 56 26.58 -60.80 53.79
C ARG H 56 26.72 -61.26 52.33
N SER H 57 25.79 -62.10 51.85
CA SER H 57 25.69 -62.60 50.48
C SER H 57 25.58 -61.47 49.46
N GLU H 58 24.84 -60.41 49.81
CA GLU H 58 24.59 -59.25 48.95
C GLU H 58 25.51 -58.07 49.17
N LEU H 59 26.42 -58.16 50.14
CA LEU H 59 27.33 -57.05 50.43
C LEU H 59 28.40 -56.83 49.35
N ARG H 60 28.64 -55.55 49.00
CA ARG H 60 29.65 -55.08 48.06
C ARG H 60 30.28 -53.85 48.69
N ARG H 61 31.45 -54.00 49.27
CA ARG H 61 32.21 -52.87 49.83
C ARG H 61 33.70 -53.10 49.65
N THR H 62 34.47 -52.04 49.31
CA THR H 62 35.93 -52.10 49.12
C THR H 62 36.60 -51.03 49.96
N TRP H 63 37.69 -51.39 50.65
CA TRP H 63 38.50 -50.45 51.41
C TRP H 63 39.68 -50.10 50.51
N LEU H 64 39.87 -48.78 50.25
CA LEU H 64 40.92 -48.22 49.39
C LEU H 64 42.02 -47.62 50.25
N TYR H 65 43.27 -47.77 49.83
CA TYR H 65 44.43 -47.15 50.51
C TYR H 65 45.16 -46.28 49.48
N ARG H 66 44.77 -44.98 49.47
CA ARG H 66 45.09 -44.02 48.44
C ARG H 66 45.97 -42.82 48.82
N ILE H 67 46.62 -42.21 47.82
CA ILE H 67 47.54 -41.07 48.00
C ILE H 67 46.79 -39.80 48.47
N ARG H 68 45.63 -39.53 47.87
CA ARG H 68 44.78 -38.38 48.17
C ARG H 68 43.30 -38.83 48.27
N PRO H 69 42.56 -38.40 49.32
CA PRO H 69 41.15 -38.80 49.42
C PRO H 69 40.33 -38.28 48.26
N SER H 70 39.25 -38.99 47.87
CA SER H 70 38.40 -38.57 46.76
C SER H 70 37.67 -37.25 47.09
N ALA H 71 37.49 -36.96 48.41
CA ALA H 71 36.86 -35.73 48.91
C ALA H 71 37.66 -34.46 48.56
N LEU H 72 38.96 -34.61 48.17
CA LEU H 72 39.77 -33.48 47.75
C LEU H 72 39.39 -33.15 46.30
N HIS H 73 38.29 -32.41 46.16
CA HIS H 73 37.81 -31.95 44.87
C HIS H 73 37.11 -30.61 45.01
N PRO H 74 37.25 -29.71 44.00
CA PRO H 74 36.49 -28.46 44.07
C PRO H 74 35.05 -28.75 43.60
N ARG H 75 34.20 -27.73 43.62
CA ARG H 75 32.80 -27.77 43.18
C ARG H 75 32.67 -28.35 41.75
N PHE H 76 31.59 -29.12 41.53
CA PHE H 76 31.27 -29.75 40.25
C PHE H 76 30.44 -28.79 39.42
N GLU H 77 30.78 -28.64 38.14
CA GLU H 77 30.05 -27.74 37.25
C GLU H 77 29.45 -28.49 36.06
N ARG H 78 28.24 -28.09 35.66
CA ARG H 78 27.52 -28.73 34.60
C ARG H 78 28.17 -28.41 33.28
N LEU H 79 28.39 -29.46 32.48
CA LEU H 79 29.00 -29.35 31.16
C LEU H 79 27.95 -28.96 30.12
N ALA H 80 28.36 -28.29 29.05
CA ALA H 80 27.47 -27.90 27.96
C ALA H 80 27.17 -29.13 27.12
N ARG H 81 28.20 -29.89 26.84
CA ARG H 81 28.04 -31.10 26.11
C ARG H 81 27.35 -32.17 26.96
N GLN H 82 26.15 -32.54 26.56
CA GLN H 82 25.29 -33.48 27.24
C GLN H 82 24.75 -34.52 26.22
N PRO H 83 25.46 -35.75 26.21
CA PRO H 83 24.96 -36.71 25.20
C PRO H 83 23.63 -37.36 25.52
N LEU H 84 23.20 -37.31 26.77
CA LEU H 84 22.08 -38.15 27.27
C LEU H 84 20.86 -37.31 27.59
N GLY H 85 20.98 -36.02 27.34
CA GLY H 85 19.91 -35.05 27.59
C GLY H 85 18.74 -35.12 26.64
N GLY H 86 18.89 -35.86 25.54
CA GLY H 86 17.87 -36.05 24.50
C GLY H 86 16.51 -36.44 25.04
N PRO H 87 15.42 -35.84 24.51
CA PRO H 87 14.07 -36.16 25.04
C PRO H 87 13.58 -37.58 24.76
N LEU H 88 12.50 -38.01 25.46
CA LEU H 88 11.89 -39.33 25.33
C LEU H 88 11.09 -39.44 24.04
N GLY H 89 11.20 -40.59 23.38
CA GLY H 89 10.42 -40.87 22.19
C GLY H 89 8.97 -41.14 22.56
N GLY H 90 8.07 -40.89 21.60
CA GLY H 90 6.64 -41.13 21.78
C GLY H 90 6.34 -42.60 22.03
N ILE H 91 5.15 -42.91 22.55
CA ILE H 91 4.74 -44.28 22.80
C ILE H 91 4.75 -45.05 21.44
N ASN H 92 5.31 -46.26 21.42
CA ASN H 92 5.37 -47.07 20.21
C ASN H 92 5.45 -48.59 20.55
N PRO H 93 4.31 -49.33 20.43
CA PRO H 93 4.33 -50.78 20.71
C PRO H 93 4.99 -51.65 19.64
N ASN H 94 5.48 -51.03 18.55
CA ASN H 94 6.08 -51.83 17.48
C ASN H 94 7.37 -52.55 17.73
N ARG H 95 7.54 -53.67 17.00
CA ARG H 95 8.74 -54.48 17.01
C ARG H 95 9.72 -53.64 16.20
N LEU H 96 10.84 -53.29 16.82
CA LEU H 96 11.80 -52.41 16.19
C LEU H 96 13.09 -53.15 15.98
N ARG H 97 13.77 -52.80 14.89
CA ARG H 97 15.07 -53.37 14.57
C ARG H 97 15.92 -52.32 13.93
N TRP H 98 17.16 -52.14 14.46
CA TRP H 98 18.13 -51.16 13.99
C TRP H 98 19.30 -51.83 13.29
N SER H 99 19.81 -51.16 12.25
CA SER H 99 21.01 -51.57 11.52
C SER H 99 22.24 -51.12 12.37
N PRO H 100 23.47 -51.65 12.15
CA PRO H 100 24.62 -51.19 12.98
C PRO H 100 24.80 -49.67 13.07
N GLN H 101 25.28 -49.14 14.23
CA GLN H 101 25.44 -47.68 14.40
C GLN H 101 26.77 -47.18 13.84
N PRO H 102 26.82 -46.22 12.87
CA PRO H 102 28.13 -45.73 12.42
C PRO H 102 28.83 -44.94 13.53
N ILE H 103 30.17 -44.90 13.48
CA ILE H 103 30.96 -44.15 14.44
C ILE H 103 30.87 -42.67 14.03
N PRO H 104 30.51 -41.72 14.92
CA PRO H 104 30.45 -40.31 14.50
C PRO H 104 31.84 -39.78 14.13
N ALA H 105 31.90 -38.83 13.20
CA ALA H 105 33.18 -38.27 12.76
C ALA H 105 33.77 -37.31 13.77
N GLU H 106 32.91 -36.49 14.43
CA GLU H 106 33.31 -35.46 15.41
C GLU H 106 34.06 -36.05 16.61
N PRO H 107 35.06 -35.33 17.22
CA PRO H 107 35.78 -35.92 18.38
C PRO H 107 34.84 -36.39 19.51
N THR H 108 34.90 -37.70 19.84
CA THR H 108 33.99 -38.31 20.83
C THR H 108 34.70 -39.41 21.62
N ASP H 109 34.80 -39.24 22.95
CA ASP H 109 35.39 -40.26 23.83
C ASP H 109 34.30 -41.28 24.27
N PHE H 110 34.66 -42.30 25.10
CA PHE H 110 33.71 -43.32 25.56
C PHE H 110 32.45 -42.74 26.22
N ILE H 111 32.64 -41.77 27.12
CA ILE H 111 31.53 -41.16 27.85
C ILE H 111 30.70 -40.18 27.00
N GLU H 112 31.27 -39.68 25.87
CA GLU H 112 30.55 -38.77 24.96
C GLU H 112 29.77 -39.51 23.86
N GLY H 113 30.13 -40.78 23.61
CA GLY H 113 29.54 -41.58 22.57
C GLY H 113 28.39 -42.51 22.91
N TRP H 114 27.80 -42.41 24.12
CA TRP H 114 26.66 -43.27 24.46
C TRP H 114 25.40 -42.78 23.76
N LEU H 115 24.90 -43.58 22.82
CA LEU H 115 23.66 -43.30 22.12
C LEU H 115 22.52 -44.00 22.88
N PRO H 116 21.51 -43.28 23.43
CA PRO H 116 20.44 -43.97 24.14
C PRO H 116 19.55 -44.74 23.17
N MET H 117 19.35 -46.04 23.44
CA MET H 117 18.58 -46.94 22.59
C MET H 117 17.14 -47.10 23.13
N ALA H 118 17.02 -47.54 24.38
CA ALA H 118 15.78 -47.79 25.11
C ALA H 118 16.10 -47.81 26.61
N ALA H 119 15.17 -47.33 27.46
CA ALA H 119 15.34 -47.25 28.91
C ALA H 119 14.01 -47.40 29.64
N ASN H 120 14.04 -47.89 30.90
CA ASN H 120 12.82 -48.07 31.69
C ASN H 120 12.19 -46.77 32.12
N ALA H 121 13.03 -45.75 32.38
CA ALA H 121 12.61 -44.41 32.84
C ALA H 121 13.42 -43.28 32.15
N GLY H 122 12.96 -42.05 32.32
CA GLY H 122 13.68 -40.88 31.82
C GLY H 122 15.01 -40.80 32.54
N ALA H 123 16.08 -40.32 31.84
CA ALA H 123 17.44 -40.21 32.40
C ALA H 123 17.57 -39.42 33.72
N GLU H 124 16.65 -38.44 33.93
CA GLU H 124 16.58 -37.55 35.09
C GLU H 124 16.11 -38.32 36.33
N LYS H 125 15.30 -39.41 36.13
CA LYS H 125 14.79 -40.27 37.19
C LYS H 125 15.24 -41.75 36.94
N PRO H 126 16.58 -42.06 37.00
CA PRO H 126 17.05 -43.44 36.77
C PRO H 126 16.31 -44.50 37.58
N ALA H 127 15.82 -45.55 36.88
CA ALA H 127 15.12 -46.69 37.46
C ALA H 127 15.35 -47.91 36.55
N GLY H 128 15.43 -49.10 37.15
CA GLY H 128 15.61 -50.35 36.43
C GLY H 128 16.85 -50.40 35.55
N VAL H 129 16.67 -50.40 34.22
CA VAL H 129 17.79 -50.51 33.26
C VAL H 129 17.74 -49.43 32.18
N SER H 130 18.92 -49.01 31.67
CA SER H 130 19.07 -48.04 30.54
C SER H 130 20.02 -48.69 29.53
N ILE H 131 19.59 -48.77 28.25
CA ILE H 131 20.38 -49.41 27.22
C ILE H 131 20.96 -48.40 26.25
N TYR H 132 22.26 -48.53 26.01
CA TYR H 132 22.97 -47.66 25.07
C TYR H 132 23.81 -48.47 24.10
N ILE H 133 24.22 -47.79 23.02
CA ILE H 133 25.21 -48.30 22.11
C ILE H 133 26.31 -47.24 22.15
N TYR H 134 27.55 -47.64 22.46
CA TYR H 134 28.62 -46.65 22.48
C TYR H 134 29.36 -46.65 21.16
N ARG H 135 29.74 -45.45 20.70
CA ARG H 135 30.57 -45.22 19.52
C ARG H 135 31.62 -44.18 19.91
N ALA H 136 32.88 -44.54 19.77
CA ALA H 136 33.97 -43.67 20.18
C ALA H 136 35.12 -43.66 19.18
N ASN H 137 35.80 -42.49 19.05
CA ASN H 137 36.95 -42.33 18.17
C ASN H 137 38.22 -41.77 18.87
N ARG H 138 38.19 -41.61 20.21
CA ARG H 138 39.34 -41.08 20.96
C ARG H 138 39.43 -41.71 22.34
N SER H 139 40.64 -41.80 22.87
CA SER H 139 40.83 -42.29 24.24
C SER H 139 40.40 -41.14 25.16
N MET H 140 39.95 -41.47 26.36
CA MET H 140 39.52 -40.47 27.34
C MET H 140 40.76 -39.81 27.95
N GLU H 141 40.73 -38.48 28.04
CA GLU H 141 41.77 -37.66 28.64
C GLU H 141 41.10 -36.94 29.82
N ARG H 142 40.48 -37.76 30.68
CA ARG H 142 39.75 -37.41 31.90
C ARG H 142 39.40 -38.71 32.62
N VAL H 143 38.92 -38.61 33.86
CA VAL H 143 38.49 -39.76 34.64
C VAL H 143 37.02 -39.54 34.91
N PHE H 144 36.22 -40.63 34.82
CA PHE H 144 34.78 -40.59 34.97
C PHE H 144 34.26 -41.63 35.99
N PHE H 145 33.14 -41.29 36.64
CA PHE H 145 32.41 -42.27 37.47
C PHE H 145 30.96 -42.06 37.23
N ASN H 146 30.19 -43.12 37.42
CA ASN H 146 28.76 -43.04 37.21
C ASN H 146 28.06 -43.20 38.54
N ALA H 147 27.37 -42.14 38.99
CA ALA H 147 26.60 -42.15 40.23
C ALA H 147 25.21 -42.81 40.13
N ASP H 148 24.69 -43.01 38.88
CA ASP H 148 23.35 -43.56 38.56
C ASP H 148 23.21 -45.07 38.47
N GLY H 149 24.29 -45.76 38.15
CA GLY H 149 24.24 -47.21 38.07
C GLY H 149 25.53 -47.92 37.75
N GLU H 150 25.47 -49.24 37.84
CA GLU H 150 26.55 -50.17 37.51
C GLU H 150 26.53 -50.35 35.97
N LEU H 151 27.71 -50.43 35.33
CA LEU H 151 27.77 -50.56 33.87
C LEU H 151 28.26 -51.90 33.39
N LEU H 152 27.51 -52.50 32.44
CA LEU H 152 27.86 -53.79 31.84
C LEU H 152 28.13 -53.44 30.38
N LEU H 153 29.39 -53.55 29.98
CA LEU H 153 29.87 -53.25 28.65
C LEU H 153 30.01 -54.54 27.86
N VAL H 154 29.41 -54.58 26.67
CA VAL H 154 29.41 -55.74 25.79
C VAL H 154 30.06 -55.26 24.46
N PRO H 155 31.42 -55.24 24.38
CA PRO H 155 32.08 -54.78 23.15
C PRO H 155 31.75 -55.56 21.89
N GLU H 156 31.71 -54.84 20.78
CA GLU H 156 31.38 -55.44 19.50
C GLU H 156 32.50 -55.15 18.47
N GLN H 157 33.02 -53.90 18.44
CA GLN H 157 34.13 -53.51 17.58
C GLN H 157 35.15 -52.70 18.39
N GLY H 158 36.42 -53.12 18.33
CA GLY H 158 37.52 -52.47 19.03
C GLY H 158 37.72 -53.01 20.45
N ARG H 159 39.00 -53.02 20.90
CA ARG H 159 39.40 -53.46 22.24
C ARG H 159 39.45 -52.26 23.16
N LEU H 160 39.13 -52.45 24.45
CA LEU H 160 39.12 -51.38 25.45
C LEU H 160 40.06 -51.66 26.59
N ARG H 161 40.94 -50.69 26.89
CA ARG H 161 41.83 -50.73 28.03
C ARG H 161 41.17 -49.78 29.03
N ILE H 162 40.62 -50.38 30.09
CA ILE H 162 39.89 -49.67 31.15
C ILE H 162 40.73 -49.54 32.43
N ALA H 163 41.14 -48.29 32.73
CA ALA H 163 41.87 -47.97 33.95
C ALA H 163 40.84 -47.65 35.06
N THR H 164 40.70 -48.54 36.02
CA THR H 164 39.75 -48.29 37.11
C THR H 164 40.59 -47.89 38.33
N GLU H 165 39.92 -47.46 39.41
CA GLU H 165 40.58 -47.19 40.69
C GLU H 165 41.24 -48.49 41.23
N LEU H 166 40.65 -49.66 40.93
CA LEU H 166 41.21 -50.92 41.45
C LEU H 166 42.29 -51.58 40.59
N GLY H 167 42.53 -51.06 39.41
CA GLY H 167 43.52 -51.62 38.48
C GLY H 167 43.12 -51.57 37.01
N VAL H 168 44.01 -52.03 36.13
CA VAL H 168 43.78 -51.94 34.68
C VAL H 168 43.23 -53.26 34.09
N MET H 169 42.17 -53.18 33.30
CA MET H 169 41.60 -54.34 32.64
C MET H 169 41.42 -54.14 31.14
N GLU H 170 41.61 -55.21 30.36
CA GLU H 170 41.51 -55.17 28.91
C GLU H 170 40.33 -56.01 28.51
N VAL H 171 39.50 -55.49 27.59
CA VAL H 171 38.26 -56.12 27.14
C VAL H 171 38.13 -56.07 25.62
N GLU H 172 37.83 -57.22 25.01
CA GLU H 172 37.69 -57.35 23.57
C GLU H 172 36.29 -57.89 23.24
N PRO H 173 35.82 -57.82 21.97
CA PRO H 173 34.53 -58.46 21.63
C PRO H 173 34.62 -59.93 22.01
N LEU H 174 33.54 -60.46 22.58
CA LEU H 174 33.36 -61.81 23.13
C LEU H 174 33.67 -61.88 24.61
N GLU H 175 34.09 -60.73 25.17
CA GLU H 175 34.28 -60.57 26.61
C GLU H 175 33.28 -59.51 27.03
N ILE H 176 32.93 -59.48 28.31
CA ILE H 176 32.10 -58.43 28.86
C ILE H 176 32.86 -57.85 30.06
N ALA H 177 32.49 -56.65 30.51
CA ALA H 177 33.07 -56.03 31.69
C ALA H 177 32.01 -55.27 32.41
N VAL H 178 32.10 -55.29 33.75
CA VAL H 178 31.21 -54.61 34.69
C VAL H 178 32.07 -53.68 35.54
N ILE H 179 31.61 -52.44 35.71
CA ILE H 179 32.19 -51.39 36.53
C ILE H 179 31.12 -50.97 37.56
N PRO H 180 31.40 -51.10 38.89
CA PRO H 180 30.39 -50.74 39.87
C PRO H 180 30.06 -49.25 39.86
N ARG H 181 28.85 -48.94 40.32
CA ARG H 181 28.37 -47.58 40.50
C ARG H 181 29.40 -46.81 41.36
N GLY H 182 29.68 -45.56 40.97
CA GLY H 182 30.56 -44.67 41.70
C GLY H 182 32.05 -44.87 41.56
N MET H 183 32.49 -46.02 41.00
CA MET H 183 33.91 -46.26 40.79
C MET H 183 34.44 -45.42 39.64
N LYS H 184 35.62 -44.84 39.84
CA LYS H 184 36.28 -43.97 38.85
C LYS H 184 37.04 -44.82 37.84
N PHE H 185 36.92 -44.46 36.54
CA PHE H 185 37.53 -45.17 35.42
C PHE H 185 37.84 -44.30 34.21
N ARG H 186 38.84 -44.72 33.43
CA ARG H 186 39.28 -44.07 32.21
C ARG H 186 39.36 -45.15 31.14
N VAL H 187 38.80 -44.86 29.96
CA VAL H 187 38.70 -45.81 28.85
C VAL H 187 39.53 -45.38 27.66
N GLU H 188 40.57 -46.18 27.38
CA GLU H 188 41.49 -46.04 26.27
C GLU H 188 41.00 -46.98 25.14
N LEU H 189 41.01 -46.49 23.90
CA LEU H 189 40.62 -47.32 22.75
C LEU H 189 41.90 -47.88 22.15
N LEU H 190 42.10 -49.22 22.26
CA LEU H 190 43.33 -49.85 21.75
C LEU H 190 43.39 -49.90 20.22
N ASP H 191 42.25 -49.73 19.54
CA ASP H 191 42.15 -49.77 18.06
C ASP H 191 41.73 -48.42 17.44
N GLY H 192 41.89 -47.32 18.19
CA GLY H 192 41.56 -45.98 17.71
C GLY H 192 40.06 -45.66 17.64
N GLN H 193 39.24 -46.70 17.34
CA GLN H 193 37.77 -46.64 17.26
C GLN H 193 37.19 -47.81 18.04
N ALA H 194 35.97 -47.62 18.59
CA ALA H 194 35.30 -48.66 19.37
C ALA H 194 33.79 -48.50 19.39
N ARG H 195 33.07 -49.62 19.21
CA ARG H 195 31.62 -49.70 19.26
C ARG H 195 31.20 -50.92 20.09
N GLY H 196 30.14 -50.77 20.86
CA GLY H 196 29.60 -51.86 21.64
C GLY H 196 28.29 -51.52 22.31
N TYR H 197 27.84 -52.38 23.24
CA TYR H 197 26.57 -52.15 23.94
C TYR H 197 26.75 -51.99 25.44
N ILE H 198 25.81 -51.25 26.07
CA ILE H 198 25.81 -50.94 27.50
C ILE H 198 24.43 -51.16 28.10
N ALA H 199 24.41 -51.90 29.22
CA ALA H 199 23.21 -52.06 30.04
C ALA H 199 23.59 -51.36 31.36
N GLU H 200 23.05 -50.16 31.58
CA GLU H 200 23.29 -49.39 32.80
C GLU H 200 22.30 -49.90 33.81
N ASN H 201 22.79 -50.53 34.91
CA ASN H 201 21.91 -51.13 35.90
C ASN H 201 21.68 -50.21 37.08
N HIS H 202 20.43 -49.77 37.30
CA HIS H 202 20.10 -48.82 38.35
C HIS H 202 19.60 -49.48 39.62
N GLY H 203 19.36 -50.79 39.52
CA GLY H 203 18.83 -51.63 40.58
C GLY H 203 19.88 -52.49 41.24
N ALA H 204 19.43 -53.64 41.79
CA ALA H 204 20.30 -54.56 42.52
C ALA H 204 21.50 -54.93 41.66
N PRO H 205 22.74 -54.95 42.19
CA PRO H 205 23.89 -55.30 41.36
C PRO H 205 23.78 -56.65 40.67
N LEU H 206 24.34 -56.73 39.47
CA LEU H 206 24.35 -57.97 38.68
C LEU H 206 25.05 -59.08 39.44
N ARG H 207 24.49 -60.30 39.38
CA ARG H 207 25.11 -61.46 40.03
C ARG H 207 24.81 -62.75 39.26
N LEU H 208 25.43 -63.84 39.68
CA LEU H 208 25.27 -65.15 39.09
C LEU H 208 23.86 -65.66 39.38
N PRO H 209 23.18 -66.29 38.40
CA PRO H 209 21.81 -66.73 38.67
C PRO H 209 21.75 -67.98 39.52
N ASP H 210 20.62 -68.19 40.22
CA ASP H 210 20.38 -69.42 40.98
C ASP H 210 20.37 -70.53 39.93
N LEU H 211 21.16 -71.60 40.12
CA LEU H 211 21.24 -72.69 39.13
C LEU H 211 20.11 -73.71 39.14
N GLY H 212 19.22 -73.66 40.15
CA GLY H 212 18.14 -74.63 40.24
C GLY H 212 18.68 -76.06 40.13
N PRO H 213 18.10 -76.91 39.24
CA PRO H 213 18.58 -78.28 39.07
C PRO H 213 19.95 -78.41 38.42
N ILE H 214 20.45 -77.36 37.70
CA ILE H 214 21.81 -77.35 37.11
C ILE H 214 22.83 -77.64 38.23
N GLY H 215 22.47 -77.20 39.43
CA GLY H 215 23.21 -77.48 40.65
C GLY H 215 24.32 -76.54 41.05
N SER H 216 25.52 -77.09 41.14
CA SER H 216 26.64 -76.38 41.70
C SER H 216 27.73 -75.95 40.75
N ASN H 217 27.60 -76.27 39.45
CA ASN H 217 28.55 -75.93 38.39
C ASN H 217 27.74 -75.70 37.16
N GLY H 218 28.35 -75.03 36.17
CA GLY H 218 27.68 -74.82 34.90
C GLY H 218 27.45 -73.36 34.60
N LEU H 219 26.93 -73.12 33.40
CA LEU H 219 26.70 -71.76 32.89
C LEU H 219 27.99 -70.95 33.08
N ALA H 220 27.92 -69.75 33.65
CA ALA H 220 29.11 -68.94 33.90
C ALA H 220 29.72 -69.37 35.23
N ASN H 221 30.83 -70.12 35.18
CA ASN H 221 31.48 -70.60 36.41
C ASN H 221 32.27 -69.46 37.12
N PRO H 222 32.15 -69.27 38.47
CA PRO H 222 32.83 -68.13 39.11
C PRO H 222 34.36 -67.98 38.97
N ARG H 223 35.10 -69.08 38.76
CA ARG H 223 36.54 -69.06 38.52
C ARG H 223 36.99 -68.21 37.30
N ASP H 224 36.08 -68.00 36.31
CA ASP H 224 36.33 -67.20 35.11
C ASP H 224 36.06 -65.69 35.25
N PHE H 225 35.54 -65.24 36.40
CA PHE H 225 35.28 -63.81 36.58
C PHE H 225 36.58 -63.20 37.11
N LEU H 226 37.21 -62.32 36.27
CA LEU H 226 38.54 -61.73 36.52
C LEU H 226 38.48 -60.27 36.95
N THR H 227 39.25 -59.90 38.01
CA THR H 227 39.35 -58.58 38.61
C THR H 227 40.82 -58.13 38.53
N PRO H 228 41.09 -56.90 38.06
CA PRO H 228 42.50 -56.45 37.92
C PRO H 228 43.24 -56.30 39.25
N VAL H 229 44.59 -56.29 39.23
CA VAL H 229 45.41 -56.09 40.44
C VAL H 229 45.66 -54.58 40.62
N ALA H 230 45.95 -54.13 41.87
CA ALA H 230 46.13 -52.72 42.15
C ALA H 230 47.27 -52.08 41.33
N HIS H 231 46.98 -50.88 40.85
CA HIS H 231 47.83 -50.07 40.02
C HIS H 231 47.47 -48.61 40.30
N TYR H 232 48.47 -47.80 40.67
CA TYR H 232 48.26 -46.38 40.96
C TYR H 232 49.03 -45.47 40.01
N GLU H 233 48.56 -44.21 39.89
CA GLU H 233 49.19 -43.18 39.05
C GLU H 233 49.57 -42.02 39.93
N GLU H 234 50.72 -41.37 39.61
CA GLU H 234 51.26 -40.24 40.36
C GLU H 234 51.44 -38.99 39.48
N ALA H 235 50.85 -39.00 38.26
CA ALA H 235 50.96 -37.92 37.27
C ALA H 235 50.29 -36.57 37.64
N GLU H 236 50.97 -35.48 37.26
CA GLU H 236 50.58 -34.09 37.51
C GLU H 236 50.58 -33.28 36.16
N GLY H 237 49.76 -32.23 36.02
CA GLY H 237 48.85 -31.70 37.04
C GLY H 237 47.38 -31.82 36.68
N PRO H 238 46.81 -30.79 35.98
CA PRO H 238 45.37 -30.84 35.63
C PRO H 238 44.85 -32.15 35.04
N VAL H 239 43.73 -32.62 35.62
CA VAL H 239 42.98 -33.83 35.23
C VAL H 239 41.52 -33.49 35.50
N GLN H 240 40.65 -33.60 34.48
CA GLN H 240 39.22 -33.40 34.64
C GLN H 240 38.60 -34.68 35.24
N LEU H 241 37.73 -34.50 36.23
CA LEU H 241 36.97 -35.60 36.81
C LEU H 241 35.53 -35.31 36.45
N VAL H 242 34.91 -36.24 35.74
CA VAL H 242 33.50 -36.16 35.31
C VAL H 242 32.64 -37.19 36.01
N GLN H 243 31.43 -36.81 36.31
CA GLN H 243 30.48 -37.74 36.88
C GLN H 243 29.18 -37.68 36.10
N LYS H 244 28.42 -38.80 36.12
CA LYS H 244 27.11 -38.85 35.51
C LYS H 244 26.19 -38.89 36.70
N PHE H 245 25.27 -37.94 36.78
CA PHE H 245 24.32 -37.81 37.87
C PHE H 245 22.97 -37.41 37.31
N LEU H 246 21.96 -38.26 37.54
CA LEU H 246 20.58 -38.03 37.01
C LEU H 246 20.59 -37.69 35.52
N GLY H 247 21.41 -38.45 34.81
CA GLY H 247 21.57 -38.39 33.36
C GLY H 247 22.46 -37.31 32.79
N GLU H 248 23.04 -36.45 33.65
CA GLU H 248 23.88 -35.36 33.16
C GLU H 248 25.36 -35.51 33.52
N HIS H 249 26.22 -34.94 32.66
CA HIS H 249 27.65 -34.91 32.89
C HIS H 249 27.97 -33.61 33.63
N TRP H 250 28.60 -33.78 34.81
CA TRP H 250 29.06 -32.71 35.68
C TRP H 250 30.58 -32.87 35.84
N ALA H 251 31.35 -31.78 35.86
CA ALA H 251 32.80 -31.91 35.98
C ALA H 251 33.48 -30.92 36.85
N CYS H 252 34.66 -31.31 37.33
CA CYS H 252 35.55 -30.43 38.09
C CYS H 252 36.99 -30.70 37.67
N GLU H 253 37.96 -29.89 38.18
CA GLU H 253 39.35 -30.07 37.85
C GLU H 253 40.18 -30.42 39.08
N LEU H 254 40.97 -31.50 38.97
CA LEU H 254 41.87 -31.95 40.03
C LEU H 254 43.32 -31.63 39.66
N GLN H 255 44.14 -31.32 40.68
CA GLN H 255 45.56 -31.05 40.49
C GLN H 255 46.43 -32.31 40.71
N HIS H 256 45.75 -33.48 40.77
CA HIS H 256 46.34 -34.81 40.96
C HIS H 256 45.57 -35.90 40.19
N SER H 257 46.20 -37.08 40.03
CA SER H 257 45.54 -38.21 39.37
C SER H 257 44.58 -38.92 40.37
N PRO H 258 43.32 -39.19 39.98
CA PRO H 258 42.35 -39.82 40.91
C PRO H 258 42.43 -41.35 40.99
N LEU H 259 43.25 -41.96 40.13
CA LEU H 259 43.51 -43.40 40.11
C LEU H 259 44.85 -43.57 40.87
N ASP H 260 44.84 -43.21 42.17
CA ASP H 260 46.00 -43.21 43.06
C ASP H 260 45.86 -44.21 44.22
N VAL H 261 45.11 -45.29 43.98
CA VAL H 261 44.83 -46.38 44.93
C VAL H 261 46.02 -47.35 44.88
N VAL H 262 46.82 -47.34 45.92
CA VAL H 262 48.03 -48.17 45.99
C VAL H 262 47.65 -49.57 46.46
N ALA H 263 46.69 -49.66 47.37
CA ALA H 263 46.24 -50.93 47.91
C ALA H 263 44.78 -50.89 48.19
N TRP H 264 44.12 -52.05 48.09
CA TRP H 264 42.71 -52.20 48.36
C TRP H 264 42.35 -53.62 48.76
N HIS H 265 41.19 -53.75 49.40
CA HIS H 265 40.64 -55.04 49.77
C HIS H 265 39.14 -54.97 49.81
N GLY H 266 38.50 -56.05 49.34
CA GLY H 266 37.05 -56.09 49.39
C GLY H 266 36.37 -56.76 48.21
N SER H 267 35.05 -56.58 48.15
CA SER H 267 34.15 -57.20 47.20
C SER H 267 33.49 -56.31 46.13
N ASN H 268 33.57 -54.98 46.26
CA ASN H 268 32.97 -54.06 45.30
C ASN H 268 34.03 -53.78 44.26
N VAL H 269 34.02 -54.59 43.18
CA VAL H 269 35.10 -54.57 42.19
C VAL H 269 34.69 -54.52 40.70
N PRO H 270 35.57 -53.98 39.82
CA PRO H 270 35.31 -54.14 38.38
C PRO H 270 35.71 -55.59 38.00
N TYR H 271 35.04 -56.19 37.02
CA TYR H 271 35.40 -57.53 36.59
C TYR H 271 35.13 -57.70 35.10
N LYS H 272 35.79 -58.70 34.55
CA LYS H 272 35.67 -59.05 33.14
C LYS H 272 35.44 -60.54 33.10
N TYR H 273 34.79 -61.01 32.02
CA TYR H 273 34.41 -62.39 31.81
C TYR H 273 34.43 -62.71 30.31
N ASP H 274 35.06 -63.85 29.96
CA ASP H 274 35.18 -64.30 28.59
C ASP H 274 33.98 -65.15 28.28
N LEU H 275 33.12 -64.68 27.36
CA LEU H 275 31.91 -65.44 26.97
C LEU H 275 32.23 -66.81 26.35
N ARG H 276 33.48 -67.01 25.87
CA ARG H 276 33.93 -68.29 25.30
CA ARG H 276 33.89 -68.28 25.28
C ARG H 276 33.93 -69.40 26.33
N ARG H 277 34.10 -69.04 27.60
CA ARG H 277 34.17 -69.96 28.74
C ARG H 277 32.79 -70.34 29.29
N PHE H 278 31.69 -69.90 28.65
CA PHE H 278 30.34 -70.23 29.12
C PHE H 278 30.03 -71.74 29.00
N ASN H 279 29.74 -72.36 30.14
CA ASN H 279 29.37 -73.78 30.17
C ASN H 279 27.89 -73.90 29.76
N THR H 280 27.65 -73.82 28.43
CA THR H 280 26.32 -73.88 27.80
C THR H 280 25.64 -75.24 28.05
N ILE H 281 24.41 -75.14 28.58
CA ILE H 281 23.48 -76.21 28.94
C ILE H 281 22.26 -76.04 28.02
N GLY H 282 21.70 -77.16 27.60
CA GLY H 282 20.54 -77.17 26.72
C GLY H 282 19.89 -78.52 26.65
N THR H 283 19.08 -78.72 25.61
CA THR H 283 18.44 -79.99 25.46
C THR H 283 19.36 -81.05 24.94
N VAL H 284 19.25 -82.22 25.54
CA VAL H 284 20.00 -83.37 25.06
C VAL H 284 18.99 -84.42 24.63
N SER H 285 17.73 -84.00 24.48
CA SER H 285 16.60 -84.85 24.14
C SER H 285 15.74 -84.32 22.96
N PHE H 286 14.84 -83.40 23.28
CA PHE H 286 13.85 -82.83 22.38
C PHE H 286 13.48 -81.46 22.84
N ASP H 287 12.58 -80.80 22.09
CA ASP H 287 12.08 -79.47 22.41
C ASP H 287 13.16 -78.38 22.45
N HIS H 288 12.76 -77.15 22.72
CA HIS H 288 13.65 -75.99 22.70
C HIS H 288 13.59 -75.28 24.08
N PRO H 289 14.61 -75.50 24.95
CA PRO H 289 14.57 -74.86 26.27
C PRO H 289 14.37 -73.35 26.29
N ASP H 290 13.74 -72.86 27.35
CA ASP H 290 13.51 -71.42 27.59
C ASP H 290 14.85 -70.66 27.56
N PRO H 291 14.93 -69.46 26.96
CA PRO H 291 16.24 -68.77 26.84
C PRO H 291 16.85 -68.28 28.14
N SER H 292 16.11 -68.41 29.27
CA SER H 292 16.59 -68.10 30.60
C SER H 292 17.72 -69.07 30.93
N ILE H 293 17.76 -70.22 30.23
CA ILE H 293 18.83 -71.23 30.44
C ILE H 293 20.24 -70.75 30.03
N PHE H 294 20.33 -69.65 29.27
CA PHE H 294 21.59 -69.10 28.76
C PHE H 294 22.01 -67.86 29.59
N THR H 295 21.43 -67.69 30.80
CA THR H 295 21.68 -66.52 31.65
C THR H 295 23.13 -66.50 32.10
N VAL H 296 23.81 -65.39 31.84
CA VAL H 296 25.20 -65.15 32.27
C VAL H 296 25.13 -64.53 33.67
N LEU H 297 24.52 -63.33 33.74
CA LEU H 297 24.31 -62.50 34.93
C LEU H 297 22.87 -62.03 34.99
N THR H 298 22.37 -61.81 36.21
CA THR H 298 21.04 -61.28 36.52
C THR H 298 21.04 -60.24 37.68
N SER H 299 20.13 -59.26 37.58
CA SER H 299 19.86 -58.22 38.55
C SER H 299 18.45 -58.52 39.06
N PRO H 300 18.31 -58.97 40.31
CA PRO H 300 16.97 -59.31 40.80
C PRO H 300 16.15 -58.08 41.23
N THR H 301 14.83 -58.25 41.41
CA THR H 301 13.96 -57.26 42.02
C THR H 301 13.60 -57.83 43.39
N SER H 302 12.76 -57.12 44.17
CA SER H 302 12.23 -57.63 45.44
C SER H 302 11.21 -58.76 45.22
N VAL H 303 10.63 -58.84 44.01
CA VAL H 303 9.64 -59.84 43.59
C VAL H 303 10.45 -61.10 43.21
N HIS H 304 10.47 -62.14 44.09
CA HIS H 304 11.24 -63.37 43.81
C HIS H 304 10.86 -63.99 42.45
N GLY H 305 11.86 -64.27 41.64
CA GLY H 305 11.70 -64.86 40.32
C GLY H 305 11.56 -63.88 39.16
N MET H 306 11.32 -62.59 39.46
CA MET H 306 11.18 -61.55 38.45
C MET H 306 12.40 -60.69 38.49
N ALA H 307 13.28 -60.83 37.51
CA ALA H 307 14.49 -60.01 37.49
C ALA H 307 14.23 -58.62 36.94
N ASN H 308 15.03 -57.68 37.44
CA ASN H 308 15.12 -56.32 36.94
C ASN H 308 15.61 -56.52 35.51
N MET H 309 16.68 -57.35 35.34
CA MET H 309 17.23 -57.72 34.03
C MET H 309 18.03 -59.01 34.02
N ASP H 310 17.89 -59.76 32.94
CA ASP H 310 18.70 -60.96 32.72
C ASP H 310 19.56 -60.69 31.49
N PHE H 311 20.85 -60.97 31.60
CA PHE H 311 21.83 -60.89 30.51
C PHE H 311 22.05 -62.33 30.12
N VAL H 312 21.52 -62.67 28.97
CA VAL H 312 21.49 -63.99 28.34
C VAL H 312 22.35 -63.95 27.08
N ILE H 313 23.09 -65.02 26.78
CA ILE H 313 23.84 -65.08 25.52
C ILE H 313 23.32 -66.22 24.61
N PHE H 314 23.62 -66.17 23.29
CA PHE H 314 23.22 -67.24 22.33
C PHE H 314 24.53 -67.65 21.67
N PRO H 315 25.23 -68.55 22.38
CA PRO H 315 26.60 -68.90 21.99
C PRO H 315 26.73 -70.10 21.05
N PRO H 316 27.98 -70.43 20.57
CA PRO H 316 28.15 -71.66 19.77
C PRO H 316 27.72 -72.86 20.62
N ARG H 317 26.97 -73.80 20.01
CA ARG H 317 26.38 -74.92 20.76
C ARG H 317 25.92 -76.07 19.87
N TRP H 318 25.80 -77.26 20.47
CA TRP H 318 25.25 -78.42 19.80
C TRP H 318 23.72 -78.40 19.84
N MET H 319 23.12 -78.59 18.69
CA MET H 319 21.67 -78.73 18.51
C MET H 319 21.44 -80.22 18.21
N VAL H 320 20.87 -80.96 19.17
CA VAL H 320 20.65 -82.41 19.02
C VAL H 320 19.16 -82.80 19.10
N ALA H 321 18.29 -81.87 19.51
CA ALA H 321 16.86 -82.15 19.64
C ALA H 321 16.28 -82.88 18.44
N GLU H 322 15.79 -84.11 18.70
CA GLU H 322 15.20 -84.98 17.68
C GLU H 322 13.69 -84.80 17.61
N ASN H 323 13.12 -84.82 16.38
CA ASN H 323 11.70 -84.62 16.08
C ASN H 323 11.20 -83.28 16.57
N THR H 324 12.06 -82.25 16.47
CA THR H 324 11.73 -80.89 16.95
C THR H 324 12.00 -79.75 15.98
N PHE H 325 11.27 -78.63 16.19
CA PHE H 325 11.41 -77.35 15.48
C PHE H 325 12.54 -76.69 16.31
N ARG H 326 13.76 -76.79 15.81
CA ARG H 326 14.97 -76.33 16.49
C ARG H 326 15.12 -74.81 16.74
N PRO H 327 14.62 -73.89 15.90
CA PRO H 327 14.77 -72.47 16.24
C PRO H 327 13.81 -72.06 17.36
N PRO H 328 14.01 -70.88 17.98
CA PRO H 328 13.06 -70.41 19.00
C PRO H 328 11.63 -70.44 18.50
N TRP H 329 10.68 -70.81 19.39
CA TRP H 329 9.26 -70.91 19.09
C TRP H 329 8.66 -69.55 18.97
N PHE H 330 7.46 -69.45 18.34
CA PHE H 330 6.73 -68.18 18.28
C PHE H 330 6.43 -67.84 19.73
N HIS H 331 6.57 -66.56 20.08
CA HIS H 331 6.53 -66.10 21.47
C HIS H 331 5.88 -64.75 21.67
N ARG H 332 5.21 -64.62 22.83
CA ARG H 332 4.61 -63.41 23.37
C ARG H 332 4.93 -63.51 24.85
N ASN H 333 5.57 -62.46 25.35
CA ASN H 333 6.16 -62.43 26.67
C ASN H 333 5.83 -61.19 27.47
N LEU H 334 5.71 -61.38 28.82
CA LEU H 334 5.52 -60.28 29.77
C LEU H 334 6.74 -59.37 29.74
N MET H 335 7.93 -59.99 29.68
CA MET H 335 9.24 -59.37 29.69
C MET H 335 9.57 -58.68 28.38
N ASN H 336 10.59 -57.84 28.41
CA ASN H 336 10.96 -57.01 27.28
C ASN H 336 12.30 -57.45 26.72
N GLU H 337 12.30 -57.88 25.48
CA GLU H 337 13.50 -58.45 24.86
C GLU H 337 14.25 -57.48 23.99
N PHE H 338 15.49 -57.11 24.43
CA PHE H 338 16.38 -56.26 23.66
C PHE H 338 17.48 -57.19 23.14
N MET H 339 17.53 -57.42 21.82
CA MET H 339 18.59 -58.30 21.31
C MET H 339 19.76 -57.60 20.65
N GLY H 340 20.92 -58.23 20.73
CA GLY H 340 22.13 -57.70 20.11
C GLY H 340 22.95 -58.80 19.47
N LEU H 341 23.97 -58.42 18.68
CA LEU H 341 24.81 -59.38 17.99
C LEU H 341 26.24 -58.91 18.01
N ILE H 342 27.14 -59.77 18.48
CA ILE H 342 28.56 -59.41 18.55
C ILE H 342 29.28 -59.90 17.27
N ASN H 343 28.98 -61.15 16.85
CA ASN H 343 29.55 -61.86 15.70
C ASN H 343 28.50 -62.71 14.94
N GLY H 344 28.82 -63.03 13.69
CA GLY H 344 28.07 -63.89 12.79
C GLY H 344 26.60 -63.59 12.62
N ALA H 345 25.80 -64.66 12.58
CA ALA H 345 24.34 -64.60 12.40
C ALA H 345 23.64 -65.32 13.53
N TYR H 346 22.41 -64.89 13.83
CA TYR H 346 21.57 -65.45 14.88
C TYR H 346 20.54 -66.38 14.25
N ASP H 347 20.29 -67.53 14.92
CA ASP H 347 19.40 -68.62 14.49
C ASP H 347 18.04 -68.18 13.97
N ALA H 348 17.33 -67.31 14.72
CA ALA H 348 15.99 -66.88 14.29
C ALA H 348 15.95 -65.87 13.13
N LYS H 349 17.08 -65.19 12.82
CA LYS H 349 17.09 -64.19 11.74
C LYS H 349 17.99 -64.49 10.54
N ALA H 350 17.41 -64.47 9.33
CA ALA H 350 18.12 -64.75 8.07
C ALA H 350 18.71 -63.51 7.40
N GLU H 351 18.03 -62.35 7.53
CA GLU H 351 18.44 -61.08 6.94
C GLU H 351 17.99 -59.86 7.79
N GLY H 352 18.85 -58.85 7.89
CA GLY H 352 18.54 -57.62 8.61
C GLY H 352 19.14 -57.45 10.00
N PHE H 353 19.55 -58.57 10.65
CA PHE H 353 20.14 -58.59 12.00
C PHE H 353 21.66 -58.81 11.86
N LEU H 354 22.44 -57.70 11.98
CA LEU H 354 23.89 -57.65 11.76
C LEU H 354 24.72 -57.28 13.02
N PRO H 355 26.05 -57.61 13.08
CA PRO H 355 26.87 -57.22 14.26
C PRO H 355 26.80 -55.71 14.52
N GLY H 356 26.42 -55.36 15.74
CA GLY H 356 26.19 -53.96 16.13
C GLY H 356 24.75 -53.52 15.97
N GLY H 357 23.90 -54.39 15.44
CA GLY H 357 22.48 -54.08 15.26
C GLY H 357 21.70 -54.30 16.54
N ALA H 358 20.40 -54.00 16.53
CA ALA H 358 19.59 -54.21 17.74
C ALA H 358 18.14 -54.51 17.40
N SER H 359 17.44 -55.25 18.27
CA SER H 359 16.01 -55.51 18.08
C SER H 359 15.30 -55.37 19.40
N LEU H 360 14.12 -54.75 19.38
CA LEU H 360 13.30 -54.59 20.59
C LEU H 360 11.91 -55.17 20.38
N HIS H 361 11.59 -56.23 21.13
CA HIS H 361 10.28 -56.88 21.12
C HIS H 361 9.77 -56.69 22.54
N GLY H 362 8.91 -55.68 22.72
CA GLY H 362 8.38 -55.28 24.02
C GLY H 362 7.22 -56.13 24.51
N VAL H 363 6.78 -55.89 25.75
CA VAL H 363 5.68 -56.60 26.42
C VAL H 363 4.53 -57.02 25.44
N MET H 364 4.27 -58.35 25.34
CA MET H 364 3.23 -58.98 24.50
C MET H 364 3.30 -58.80 22.97
N SER H 365 4.41 -58.19 22.50
CA SER H 365 4.65 -58.01 21.07
C SER H 365 4.93 -59.41 20.53
N ALA H 366 4.20 -59.81 19.47
CA ALA H 366 4.35 -61.18 18.97
C ALA H 366 5.59 -61.34 18.13
N HIS H 367 6.47 -62.25 18.52
CA HIS H 367 7.70 -62.49 17.77
C HIS H 367 7.92 -63.98 17.50
N GLY H 368 8.97 -64.27 16.77
CA GLY H 368 9.35 -65.62 16.40
C GLY H 368 10.35 -65.64 15.26
N PRO H 369 10.72 -66.84 14.81
CA PRO H 369 11.64 -66.94 13.68
C PRO H 369 11.03 -66.32 12.43
N ASP H 370 11.84 -65.62 11.61
CA ASP H 370 11.29 -65.00 10.40
C ASP H 370 10.74 -66.03 9.38
N ALA H 371 10.04 -65.56 8.35
CA ALA H 371 9.38 -66.41 7.36
C ALA H 371 10.18 -67.62 6.85
N GLU H 372 11.44 -67.42 6.36
CA GLU H 372 12.30 -68.47 5.79
C GLU H 372 12.64 -69.62 6.74
N THR H 373 13.07 -69.29 7.97
CA THR H 373 13.49 -70.17 9.08
C THR H 373 12.60 -71.39 9.34
N CYS H 374 11.25 -71.23 9.29
CA CYS H 374 10.28 -72.32 9.54
C CYS H 374 10.39 -73.42 8.47
N GLU H 375 10.29 -73.02 7.18
CA GLU H 375 10.36 -73.86 5.97
C GLU H 375 11.61 -74.76 5.99
N LYS H 376 12.75 -74.21 6.43
CA LYS H 376 14.02 -74.93 6.59
C LYS H 376 13.97 -75.90 7.75
N ALA H 377 13.28 -75.52 8.84
CA ALA H 377 13.16 -76.33 10.06
C ALA H 377 12.16 -77.50 9.97
N ILE H 378 10.98 -77.28 9.33
CA ILE H 378 9.95 -78.34 9.19
C ILE H 378 10.49 -79.50 8.34
N ALA H 379 11.24 -79.19 7.26
CA ALA H 379 11.78 -80.19 6.33
C ALA H 379 13.01 -80.95 6.78
N ALA H 380 13.95 -80.26 7.49
CA ALA H 380 15.24 -80.72 8.00
C ALA H 380 15.39 -82.19 8.36
N ASP H 381 16.53 -82.80 7.96
CA ASP H 381 16.88 -84.18 8.29
C ASP H 381 17.66 -84.08 9.62
N LEU H 382 16.95 -84.27 10.75
CA LEU H 382 17.49 -84.05 12.09
C LEU H 382 18.59 -84.97 12.56
N ALA H 383 19.76 -84.37 12.72
CA ALA H 383 20.99 -85.00 13.17
C ALA H 383 21.74 -83.97 14.00
N PRO H 384 22.59 -84.37 14.97
CA PRO H 384 23.33 -83.36 15.76
C PRO H 384 24.02 -82.31 14.87
N HIS H 385 23.80 -81.04 15.21
CA HIS H 385 24.32 -79.91 14.45
C HIS H 385 24.97 -78.90 15.37
N LYS H 386 26.21 -78.50 15.04
CA LYS H 386 26.94 -77.51 15.83
C LYS H 386 26.73 -76.06 15.35
N ILE H 387 26.06 -75.25 16.19
CA ILE H 387 25.89 -73.83 15.94
C ILE H 387 27.27 -73.25 16.30
N ASP H 388 27.93 -72.61 15.32
CA ASP H 388 29.27 -72.06 15.51
C ASP H 388 29.48 -70.70 14.87
N ASN H 389 30.58 -70.00 15.28
CA ASN H 389 31.04 -68.70 14.76
C ASN H 389 29.96 -67.63 14.84
N THR H 390 29.35 -67.53 16.02
CA THR H 390 28.25 -66.62 16.29
C THR H 390 28.22 -66.29 17.76
N MET H 391 27.54 -65.19 18.09
CA MET H 391 27.38 -64.75 19.48
C MET H 391 26.39 -63.62 19.55
N ALA H 392 25.18 -63.96 19.95
CA ALA H 392 24.08 -63.03 20.14
C ALA H 392 23.85 -62.93 21.64
N PHE H 393 23.10 -61.96 22.04
CA PHE H 393 22.76 -61.73 23.44
C PHE H 393 21.46 -61.00 23.57
N MET H 394 20.90 -61.07 24.76
CA MET H 394 19.69 -60.36 25.07
C MET H 394 19.83 -59.68 26.43
N PHE H 395 19.35 -58.44 26.53
CA PHE H 395 19.17 -57.75 27.80
C PHE H 395 17.62 -57.89 28.00
N GLU H 396 17.17 -58.85 28.82
CA GLU H 396 15.73 -59.02 29.04
C GLU H 396 15.32 -58.20 30.28
N THR H 397 14.29 -57.34 30.15
CA THR H 397 13.87 -56.51 31.29
C THR H 397 12.43 -56.69 31.67
N SER H 398 12.14 -56.62 33.00
CA SER H 398 10.78 -56.75 33.49
C SER H 398 9.99 -55.48 33.13
N GLN H 399 10.59 -54.31 33.36
CA GLN H 399 9.94 -53.06 32.97
C GLN H 399 10.02 -52.79 31.46
N VAL H 400 9.04 -52.04 30.96
CA VAL H 400 8.92 -51.67 29.56
C VAL H 400 10.12 -50.82 29.14
N LEU H 401 10.70 -51.16 28.00
CA LEU H 401 11.83 -50.39 27.43
C LEU H 401 11.33 -49.35 26.45
N ARG H 402 11.41 -48.06 26.86
CA ARG H 402 11.02 -46.91 26.07
C ARG H 402 12.08 -46.54 25.03
N PRO H 403 11.86 -46.73 23.70
CA PRO H 403 12.89 -46.26 22.73
C PRO H 403 13.05 -44.75 22.83
N SER H 404 14.31 -44.25 22.79
CA SER H 404 14.56 -42.82 22.90
C SER H 404 14.13 -42.13 21.61
N LEU H 405 13.93 -40.80 21.68
CA LEU H 405 13.57 -40.05 20.47
C LEU H 405 14.64 -40.21 19.40
N GLN H 406 15.89 -40.12 19.81
CA GLN H 406 17.11 -40.27 18.98
C GLN H 406 17.13 -41.64 18.26
N ALA H 407 16.70 -42.71 18.94
CA ALA H 407 16.62 -44.05 18.36
C ALA H 407 15.38 -44.23 17.45
N LEU H 408 14.21 -43.61 17.77
CA LEU H 408 13.04 -43.71 16.91
C LEU H 408 13.21 -42.84 15.64
N GLU H 409 13.99 -41.74 15.72
CA GLU H 409 14.21 -40.83 14.58
C GLU H 409 15.41 -41.24 13.71
N CYS H 410 16.25 -42.12 14.28
CA CYS H 410 17.47 -42.75 13.78
C CYS H 410 17.38 -43.28 12.34
N PRO H 411 18.33 -42.90 11.44
CA PRO H 411 18.34 -43.47 10.07
C PRO H 411 18.54 -44.99 10.02
N GLN H 412 19.17 -45.57 11.08
CA GLN H 412 19.46 -47.00 11.18
C GLN H 412 18.26 -47.86 11.55
N LEU H 413 17.14 -47.24 11.97
CA LEU H 413 15.89 -47.96 12.29
C LEU H 413 15.30 -48.45 10.95
N GLN H 414 15.07 -49.77 10.84
CA GLN H 414 14.56 -50.40 9.62
C GLN H 414 13.07 -50.13 9.44
N ALA H 415 12.71 -49.58 8.27
CA ALA H 415 11.34 -49.16 7.95
C ALA H 415 10.31 -50.28 7.84
N ASP H 416 10.73 -51.49 7.43
CA ASP H 416 9.78 -52.58 7.23
C ASP H 416 10.16 -53.89 7.92
N TYR H 417 10.40 -53.80 9.21
CA TYR H 417 10.73 -54.94 10.05
C TYR H 417 9.65 -56.02 10.02
N ASP H 418 8.37 -55.60 10.02
CA ASP H 418 7.21 -56.48 10.00
C ASP H 418 7.19 -57.40 8.74
N SER H 419 7.85 -56.98 7.63
CA SER H 419 7.93 -57.75 6.38
C SER H 419 8.67 -59.08 6.53
N CYS H 420 9.49 -59.24 7.59
CA CYS H 420 10.20 -60.50 7.86
C CYS H 420 9.27 -61.68 8.24
N TRP H 421 8.06 -61.39 8.77
CA TRP H 421 7.05 -62.42 9.08
C TRP H 421 5.85 -62.40 8.09
N ALA H 422 5.80 -61.41 7.17
CA ALA H 422 4.69 -61.23 6.21
C ALA H 422 4.36 -62.43 5.31
N THR H 423 5.36 -63.31 5.01
CA THR H 423 5.12 -64.48 4.15
C THR H 423 4.91 -65.82 4.89
N LEU H 424 4.58 -65.80 6.20
CA LEU H 424 4.33 -67.07 6.93
C LEU H 424 3.06 -67.74 6.36
N PRO H 425 3.14 -68.98 5.82
CA PRO H 425 1.95 -69.61 5.23
C PRO H 425 1.17 -70.46 6.23
N SER H 426 -0.10 -70.71 5.87
CA SER H 426 -0.97 -71.55 6.69
CA SER H 426 -0.98 -71.55 6.70
C SER H 426 -0.89 -72.97 6.14
N THR H 427 -0.29 -73.87 6.92
CA THR H 427 -0.12 -75.25 6.51
C THR H 427 -1.18 -76.14 7.19
N PHE H 428 -2.26 -75.52 7.71
CA PHE H 428 -3.35 -76.20 8.41
C PHE H 428 -4.29 -76.97 7.48
N ASN H 429 -4.59 -78.20 7.88
CA ASN H 429 -5.45 -79.15 7.18
C ASN H 429 -6.22 -79.93 8.24
N PRO H 430 -7.53 -79.63 8.47
CA PRO H 430 -8.28 -80.36 9.51
C PRO H 430 -8.63 -81.81 9.14
N ASN H 431 -8.23 -82.22 7.93
CA ASN H 431 -8.44 -83.57 7.43
C ASN H 431 -7.28 -84.49 7.81
N ARG H 432 -6.02 -84.00 7.76
CA ARG H 432 -4.87 -84.84 8.08
C ARG H 432 -4.12 -84.39 9.32
N ARG H 433 -3.94 -85.31 10.28
CA ARG H 433 -3.16 -84.98 11.46
C ARG H 433 -1.67 -85.30 11.24
N ASP I 8 -24.54 -75.62 24.02
CA ASP I 8 -24.18 -74.87 25.22
C ASP I 8 -22.69 -74.97 25.51
N LEU I 9 -22.11 -73.86 25.95
CA LEU I 9 -20.68 -73.72 26.24
C LEU I 9 -20.14 -74.66 27.30
N HIS I 10 -19.03 -75.35 26.99
CA HIS I 10 -18.36 -76.26 27.94
C HIS I 10 -17.18 -75.56 28.59
N TYR I 11 -16.88 -75.93 29.85
CA TYR I 11 -15.79 -75.35 30.65
C TYR I 11 -14.94 -76.41 31.40
N LEU I 12 -13.67 -76.03 31.73
CA LEU I 12 -12.69 -76.81 32.52
C LEU I 12 -12.59 -76.11 33.88
N SER I 13 -12.58 -76.88 34.97
CA SER I 13 -12.62 -76.35 36.34
C SER I 13 -11.28 -76.47 37.03
N GLY I 14 -11.02 -75.56 37.97
CA GLY I 14 -9.85 -75.63 38.85
C GLY I 14 -8.91 -74.46 38.69
N PHE I 15 -9.03 -73.44 39.55
CA PHE I 15 -8.17 -72.22 39.52
C PHE I 15 -6.68 -72.61 39.59
N GLY I 16 -5.90 -72.09 38.67
CA GLY I 16 -4.47 -72.35 38.58
C GLY I 16 -4.06 -73.66 37.93
N ASN I 17 -5.01 -74.48 37.45
CA ASN I 17 -4.63 -75.76 36.85
C ASN I 17 -3.79 -75.68 35.57
N GLU I 18 -3.12 -76.81 35.25
CA GLU I 18 -2.47 -77.02 33.97
C GLU I 18 -3.57 -77.69 33.16
N PHE I 19 -4.26 -76.88 32.36
CA PHE I 19 -5.36 -77.33 31.57
C PHE I 19 -4.85 -77.82 30.23
N ALA I 20 -5.69 -78.56 29.54
CA ALA I 20 -5.35 -79.11 28.24
C ALA I 20 -6.62 -79.18 27.46
N SER I 21 -6.68 -78.53 26.29
CA SER I 21 -7.91 -78.58 25.49
C SER I 21 -7.60 -78.65 23.99
N GLU I 22 -8.36 -79.45 23.25
CA GLU I 22 -8.12 -79.55 21.80
C GLU I 22 -9.43 -79.68 21.04
N ALA I 23 -9.67 -78.77 20.05
CA ALA I 23 -10.92 -78.76 19.23
C ALA I 23 -11.02 -79.87 18.15
N LEU I 24 -9.88 -80.46 17.78
CA LEU I 24 -9.77 -81.57 16.82
C LEU I 24 -8.94 -82.67 17.50
N PRO I 25 -9.29 -83.98 17.39
CA PRO I 25 -8.49 -85.01 18.11
C PRO I 25 -7.02 -85.13 17.73
N GLY I 26 -6.16 -85.16 18.73
CA GLY I 26 -4.72 -85.22 18.57
C GLY I 26 -4.07 -83.97 18.03
N ALA I 27 -4.75 -82.81 18.10
CA ALA I 27 -4.15 -81.54 17.66
C ALA I 27 -3.03 -81.10 18.64
N LEU I 28 -3.09 -81.58 19.88
CA LEU I 28 -2.11 -81.29 20.94
C LEU I 28 -0.96 -82.30 20.81
N PRO I 29 0.28 -81.90 20.48
CA PRO I 29 1.37 -82.90 20.43
C PRO I 29 1.49 -83.66 21.76
N VAL I 30 1.74 -84.98 21.71
CA VAL I 30 1.89 -85.77 22.93
C VAL I 30 3.37 -85.97 23.24
N GLY I 31 3.77 -85.74 24.48
CA GLY I 31 5.14 -85.98 24.94
C GLY I 31 6.15 -84.87 24.72
N GLN I 32 5.74 -83.78 24.04
CA GLN I 32 6.57 -82.61 23.75
C GLN I 32 5.69 -81.40 23.45
N ASN I 33 6.29 -80.21 23.43
CA ASN I 33 5.60 -78.96 23.16
C ASN I 33 5.96 -78.45 21.78
N SER I 34 7.11 -78.91 21.25
CA SER I 34 7.65 -78.39 20.00
C SER I 34 8.01 -79.44 18.97
N PRO I 35 7.02 -80.15 18.36
CA PRO I 35 7.39 -81.12 17.30
C PRO I 35 7.84 -80.41 16.03
N GLN I 36 8.54 -81.13 15.15
CA GLN I 36 9.02 -80.55 13.90
C GLN I 36 7.86 -80.36 12.92
N LYS I 37 6.97 -81.37 12.87
CA LYS I 37 5.79 -81.39 12.00
C LYS I 37 4.66 -81.62 12.96
N ALA I 38 4.08 -80.52 13.38
CA ALA I 38 3.05 -80.51 14.39
C ALA I 38 1.71 -80.98 13.86
N PRO I 39 0.91 -81.66 14.70
CA PRO I 39 -0.39 -82.20 14.21
C PRO I 39 -1.20 -81.16 13.45
N TYR I 40 -1.78 -81.56 12.28
CA TYR I 40 -2.63 -80.75 11.41
C TYR I 40 -1.93 -79.57 10.74
N GLY I 41 -0.59 -79.59 10.71
CA GLY I 41 0.23 -78.52 10.13
C GLY I 41 0.16 -77.22 10.91
N LEU I 42 -0.22 -77.29 12.20
CA LEU I 42 -0.33 -76.12 13.08
C LEU I 42 1.05 -75.61 13.52
N TYR I 43 1.10 -74.35 14.02
CA TYR I 43 2.28 -73.65 14.57
C TYR I 43 2.18 -73.59 16.08
N ALA I 44 3.29 -73.92 16.74
CA ALA I 44 3.45 -73.86 18.19
C ALA I 44 3.81 -72.43 18.53
N GLU I 45 3.14 -71.87 19.55
CA GLU I 45 3.42 -70.53 20.07
C GLU I 45 3.30 -70.51 21.58
N LEU I 46 4.25 -69.86 22.22
CA LEU I 46 4.23 -69.72 23.67
C LEU I 46 3.87 -68.33 24.13
N LEU I 47 2.85 -68.26 25.00
CA LEU I 47 2.42 -67.03 25.67
C LEU I 47 2.90 -67.12 27.14
N SER I 48 3.97 -66.34 27.45
CA SER I 48 4.64 -66.22 28.75
C SER I 48 4.02 -65.05 29.54
N GLY I 49 3.07 -65.39 30.41
CA GLY I 49 2.37 -64.41 31.24
C GLY I 49 3.25 -63.95 32.38
N THR I 50 4.22 -64.76 32.74
CA THR I 50 5.15 -64.42 33.81
C THR I 50 6.57 -64.55 33.34
N ALA I 51 7.54 -64.05 34.15
CA ALA I 51 8.96 -64.24 33.90
C ALA I 51 9.17 -65.77 33.88
N PHE I 52 10.09 -66.27 33.04
CA PHE I 52 10.44 -67.69 32.94
C PHE I 52 10.83 -68.34 34.28
N THR I 53 11.56 -67.57 35.11
CA THR I 53 12.12 -68.02 36.38
C THR I 53 11.21 -67.87 37.59
N MET I 54 9.91 -67.60 37.40
CA MET I 54 9.02 -67.48 38.56
C MET I 54 8.94 -68.84 39.22
N ALA I 55 8.70 -68.87 40.53
CA ALA I 55 8.52 -70.15 41.21
C ALA I 55 7.29 -70.81 40.52
N ARG I 56 7.33 -72.15 40.35
CA ARG I 56 6.23 -72.90 39.73
C ARG I 56 4.84 -72.51 40.31
N SER I 57 4.78 -72.16 41.62
CA SER I 57 3.55 -71.75 42.32
C SER I 57 2.88 -70.54 41.67
N GLU I 58 3.67 -69.67 41.02
CA GLU I 58 3.15 -68.46 40.39
C GLU I 58 3.33 -68.38 38.87
N LEU I 59 3.78 -69.48 38.28
CA LEU I 59 3.97 -69.55 36.83
C LEU I 59 2.62 -69.50 36.12
N ARG I 60 2.58 -68.73 35.03
CA ARG I 60 1.43 -68.54 34.14
C ARG I 60 1.98 -68.58 32.72
N ARG I 61 1.83 -69.72 32.04
CA ARG I 61 2.25 -69.91 30.68
C ARG I 61 1.34 -70.85 29.93
N THR I 62 1.08 -70.50 28.67
CA THR I 62 0.19 -71.29 27.83
C THR I 62 0.82 -71.54 26.47
N TRP I 63 0.81 -72.80 26.06
CA TRP I 63 1.25 -73.25 24.74
C TRP I 63 0.04 -73.28 23.79
N LEU I 64 0.12 -72.58 22.67
CA LEU I 64 -0.96 -72.48 21.69
C LEU I 64 -0.59 -73.21 20.41
N TYR I 65 -1.57 -73.84 19.78
CA TYR I 65 -1.37 -74.56 18.51
C TYR I 65 -2.33 -73.98 17.52
N ARG I 66 -1.79 -73.07 16.71
CA ARG I 66 -2.54 -72.17 15.85
C ARG I 66 -2.34 -72.23 14.35
N ILE I 67 -3.40 -71.85 13.64
CA ILE I 67 -3.44 -71.78 12.18
C ILE I 67 -2.37 -70.81 11.67
N ARG I 68 -2.29 -69.59 12.23
CA ARG I 68 -1.24 -68.67 11.84
C ARG I 68 -0.55 -68.10 13.07
N PRO I 69 0.81 -67.94 13.08
CA PRO I 69 1.45 -67.32 14.24
C PRO I 69 1.00 -65.86 14.44
N SER I 70 0.97 -65.41 15.71
CA SER I 70 0.60 -64.03 16.08
C SER I 70 1.58 -62.98 15.50
N ALA I 71 2.86 -63.36 15.26
CA ALA I 71 3.87 -62.47 14.68
C ALA I 71 3.51 -62.06 13.22
N LEU I 72 2.56 -62.74 12.56
CA LEU I 72 2.15 -62.42 11.17
C LEU I 72 1.21 -61.22 11.17
N HIS I 73 1.78 -60.01 11.30
CA HIS I 73 0.99 -58.77 11.30
C HIS I 73 1.76 -57.57 10.75
N PRO I 74 1.07 -56.60 10.14
CA PRO I 74 1.78 -55.37 9.70
C PRO I 74 1.97 -54.38 10.87
N ARG I 75 2.73 -53.30 10.64
CA ARG I 75 2.97 -52.28 11.65
C ARG I 75 1.67 -51.72 12.26
N PHE I 76 1.65 -51.60 13.58
CA PHE I 76 0.57 -51.04 14.37
C PHE I 76 0.62 -49.51 14.19
N GLU I 77 -0.55 -48.88 14.12
CA GLU I 77 -0.65 -47.43 13.93
C GLU I 77 -1.57 -46.86 14.97
N ARG I 78 -1.20 -45.68 15.50
CA ARG I 78 -1.92 -44.98 16.56
C ARG I 78 -3.26 -44.48 16.04
N LEU I 79 -4.33 -44.83 16.71
CA LEU I 79 -5.69 -44.48 16.24
C LEU I 79 -5.96 -43.04 16.56
N ALA I 80 -6.93 -42.45 15.89
CA ALA I 80 -7.35 -41.09 16.29
C ALA I 80 -8.16 -41.09 17.54
N ARG I 81 -9.11 -42.01 17.58
CA ARG I 81 -9.99 -42.08 18.72
C ARG I 81 -9.22 -42.67 19.91
N GLN I 82 -9.21 -41.99 21.04
CA GLN I 82 -8.46 -42.44 22.22
C GLN I 82 -9.26 -42.16 23.50
N PRO I 83 -10.18 -43.16 23.89
CA PRO I 83 -10.98 -42.79 25.07
C PRO I 83 -10.28 -42.69 26.46
N LEU I 84 -9.08 -43.24 26.52
CA LEU I 84 -8.29 -43.28 27.73
C LEU I 84 -7.19 -42.21 27.77
N GLY I 85 -7.20 -41.34 26.78
CA GLY I 85 -6.22 -40.25 26.61
C GLY I 85 -6.44 -38.98 27.40
N GLY I 86 -7.55 -38.89 28.15
CA GLY I 86 -7.90 -37.78 29.02
C GLY I 86 -7.02 -37.69 30.24
N PRO I 87 -6.81 -36.49 30.84
CA PRO I 87 -5.88 -36.40 31.97
C PRO I 87 -6.41 -36.83 33.34
N LEU I 88 -5.49 -36.96 34.29
CA LEU I 88 -5.81 -37.24 35.69
C LEU I 88 -6.41 -35.93 36.21
N GLY I 89 -7.36 -36.05 37.14
CA GLY I 89 -7.98 -34.88 37.75
C GLY I 89 -7.02 -34.17 38.67
N GLY I 90 -7.41 -32.99 39.14
CA GLY I 90 -6.60 -32.25 40.09
C GLY I 90 -6.60 -32.95 41.44
N ILE I 91 -5.68 -32.55 42.33
CA ILE I 91 -5.55 -33.14 43.66
C ILE I 91 -6.85 -32.92 44.45
N ASN I 92 -7.41 -34.01 45.02
CA ASN I 92 -8.69 -33.95 45.74
C ASN I 92 -8.84 -35.02 46.83
N PRO I 93 -8.67 -34.65 48.12
CA PRO I 93 -8.78 -35.68 49.19
C PRO I 93 -10.20 -36.01 49.66
N ASN I 94 -11.22 -35.36 49.09
CA ASN I 94 -12.60 -35.58 49.48
C ASN I 94 -13.13 -36.96 49.19
N ARG I 95 -14.15 -37.33 49.98
CA ARG I 95 -14.96 -38.54 49.88
C ARG I 95 -15.87 -38.29 48.65
N LEU I 96 -15.88 -39.21 47.68
CA LEU I 96 -16.57 -39.01 46.41
C LEU I 96 -17.54 -40.13 46.05
N ARG I 97 -18.75 -39.75 45.62
CA ARG I 97 -19.73 -40.74 45.20
C ARG I 97 -20.31 -40.37 43.85
N TRP I 98 -20.46 -41.37 42.95
CA TRP I 98 -21.06 -41.20 41.63
C TRP I 98 -22.38 -41.98 41.49
N SER I 99 -23.34 -41.38 40.78
CA SER I 99 -24.60 -42.04 40.42
C SER I 99 -24.26 -43.00 39.24
N PRO I 100 -25.13 -44.00 38.85
CA PRO I 100 -24.76 -44.91 37.74
C PRO I 100 -24.54 -44.16 36.43
N GLN I 101 -23.58 -44.62 35.61
CA GLN I 101 -23.21 -43.97 34.33
C GLN I 101 -24.20 -44.27 33.19
N PRO I 102 -24.74 -43.21 32.53
CA PRO I 102 -25.68 -43.46 31.43
C PRO I 102 -24.94 -44.02 30.22
N ILE I 103 -25.60 -44.91 29.46
CA ILE I 103 -25.01 -45.48 28.24
C ILE I 103 -25.08 -44.34 27.20
N PRO I 104 -23.93 -43.91 26.60
CA PRO I 104 -23.99 -42.83 25.59
C PRO I 104 -24.73 -43.31 24.34
N ALA I 105 -25.19 -42.38 23.50
CA ALA I 105 -25.95 -42.70 22.28
C ALA I 105 -25.08 -43.15 21.10
N GLU I 106 -23.94 -42.45 20.87
CA GLU I 106 -23.01 -42.74 19.77
C GLU I 106 -22.48 -44.19 19.77
N PRO I 107 -22.32 -44.83 18.56
CA PRO I 107 -21.81 -46.22 18.53
C PRO I 107 -20.50 -46.36 19.31
N THR I 108 -20.57 -47.18 20.37
CA THR I 108 -19.49 -47.44 21.32
C THR I 108 -19.40 -48.95 21.55
N ASP I 109 -18.27 -49.59 21.15
CA ASP I 109 -18.05 -51.01 21.39
C ASP I 109 -17.40 -51.18 22.80
N PHE I 110 -17.10 -52.41 23.25
CA PHE I 110 -16.60 -52.62 24.62
C PHE I 110 -15.33 -51.84 24.90
N ILE I 111 -14.38 -51.82 23.95
CA ILE I 111 -13.10 -51.14 24.19
C ILE I 111 -13.18 -49.60 24.13
N GLU I 112 -14.13 -49.06 23.34
CA GLU I 112 -14.33 -47.60 23.16
C GLU I 112 -15.06 -46.96 24.35
N GLY I 113 -15.80 -47.78 25.09
CA GLY I 113 -16.66 -47.36 26.19
C GLY I 113 -16.12 -47.39 27.60
N TRP I 114 -14.80 -47.59 27.76
CA TRP I 114 -14.20 -47.58 29.09
C TRP I 114 -14.12 -46.13 29.55
N LEU I 115 -14.79 -45.81 30.66
CA LEU I 115 -14.75 -44.45 31.21
C LEU I 115 -13.79 -44.48 32.40
N PRO I 116 -12.63 -43.78 32.32
CA PRO I 116 -11.69 -43.82 33.46
C PRO I 116 -12.23 -43.19 34.75
N MET I 117 -12.30 -43.96 35.87
CA MET I 117 -12.83 -43.47 37.15
C MET I 117 -11.72 -42.97 38.09
N ALA I 118 -10.80 -43.86 38.47
CA ALA I 118 -9.67 -43.51 39.32
C ALA I 118 -8.50 -44.48 39.04
N ALA I 119 -7.25 -44.01 39.17
CA ALA I 119 -6.13 -44.89 38.88
C ALA I 119 -4.93 -44.59 39.77
N ASN I 120 -4.02 -45.55 39.89
CA ASN I 120 -2.83 -45.32 40.69
C ASN I 120 -1.82 -44.38 40.01
N ALA I 121 -1.82 -44.35 38.66
CA ALA I 121 -0.92 -43.46 37.90
C ALA I 121 -1.52 -43.12 36.52
N GLY I 122 -0.88 -42.18 35.81
CA GLY I 122 -1.28 -41.76 34.48
C GLY I 122 -1.30 -42.93 33.51
N ALA I 123 -2.31 -43.00 32.62
CA ALA I 123 -2.45 -44.10 31.66
C ALA I 123 -1.18 -44.43 30.89
N GLU I 124 -0.28 -43.43 30.69
CA GLU I 124 1.03 -43.56 30.01
C GLU I 124 2.13 -44.26 30.78
N LYS I 125 1.96 -44.48 32.10
CA LYS I 125 2.97 -45.16 32.92
C LYS I 125 2.23 -46.17 33.80
N PRO I 126 1.71 -47.26 33.18
CA PRO I 126 0.91 -48.23 33.93
C PRO I 126 1.57 -48.75 35.19
N ALA I 127 0.85 -48.63 36.32
CA ALA I 127 1.31 -49.06 37.64
C ALA I 127 0.13 -49.23 38.58
N GLY I 128 0.18 -50.31 39.33
CA GLY I 128 -0.82 -50.63 40.32
C GLY I 128 -2.08 -51.11 39.67
N VAL I 129 -3.14 -50.32 39.84
CA VAL I 129 -4.48 -50.60 39.34
C VAL I 129 -5.10 -49.37 38.67
N SER I 130 -5.79 -49.58 37.55
CA SER I 130 -6.57 -48.52 36.90
C SER I 130 -8.02 -49.02 36.95
N ILE I 131 -8.95 -48.18 37.44
CA ILE I 131 -10.38 -48.51 37.54
C ILE I 131 -11.18 -47.80 36.46
N TYR I 132 -12.16 -48.51 35.87
CA TYR I 132 -13.06 -47.98 34.84
C TYR I 132 -14.52 -48.44 35.01
N ILE I 133 -15.45 -47.73 34.37
CA ILE I 133 -16.84 -48.17 34.20
C ILE I 133 -17.05 -48.25 32.70
N TYR I 134 -17.36 -49.46 32.19
CA TYR I 134 -17.61 -49.62 30.77
C TYR I 134 -19.09 -49.41 30.48
N ARG I 135 -19.37 -48.74 29.36
CA ARG I 135 -20.71 -48.51 28.84
C ARG I 135 -20.61 -48.84 27.35
N ALA I 136 -21.44 -49.75 26.85
CA ALA I 136 -21.37 -50.12 25.43
C ALA I 136 -22.74 -50.34 24.81
N ASN I 137 -22.86 -50.14 23.48
CA ASN I 137 -24.11 -50.33 22.77
C ASN I 137 -23.91 -51.05 21.43
N ARG I 138 -22.68 -51.55 21.17
CA ARG I 138 -22.32 -52.27 19.94
C ARG I 138 -21.44 -53.46 20.26
N SER I 139 -21.63 -54.60 19.55
CA SER I 139 -20.71 -55.75 19.75
C SER I 139 -19.47 -55.46 18.92
N MET I 140 -18.28 -55.85 19.40
CA MET I 140 -17.03 -55.65 18.64
C MET I 140 -17.02 -56.60 17.45
N GLU I 141 -16.64 -56.10 16.28
CA GLU I 141 -16.49 -56.93 15.08
C GLU I 141 -14.99 -57.19 14.92
N ARG I 142 -14.18 -56.39 15.63
CA ARG I 142 -12.71 -56.44 15.68
C ARG I 142 -12.20 -57.25 16.86
N VAL I 143 -10.85 -57.37 16.99
CA VAL I 143 -10.17 -58.12 18.06
C VAL I 143 -9.24 -57.22 18.89
N PHE I 144 -9.16 -57.50 20.19
CA PHE I 144 -8.38 -56.68 21.10
C PHE I 144 -7.50 -57.47 22.04
N PHE I 145 -6.38 -56.87 22.41
CA PHE I 145 -5.56 -57.35 23.52
C PHE I 145 -5.00 -56.18 24.28
N ASN I 146 -4.81 -56.38 25.57
CA ASN I 146 -4.27 -55.34 26.44
C ASN I 146 -2.83 -55.69 26.82
N ALA I 147 -1.87 -54.87 26.36
CA ALA I 147 -0.46 -55.11 26.70
C ALA I 147 -0.07 -54.53 28.06
N ASP I 148 -0.98 -53.73 28.67
CA ASP I 148 -0.74 -53.06 29.95
C ASP I 148 -1.11 -53.87 31.18
N GLY I 149 -2.04 -54.80 31.07
CA GLY I 149 -2.42 -55.59 32.23
C GLY I 149 -3.52 -56.60 32.07
N GLU I 150 -3.81 -57.30 33.17
CA GLU I 150 -4.84 -58.33 33.27
C GLU I 150 -6.13 -57.58 33.57
N LEU I 151 -7.26 -58.04 33.03
CA LEU I 151 -8.51 -57.33 33.22
C LEU I 151 -9.48 -58.11 34.05
N LEU I 152 -10.02 -57.48 35.11
CA LEU I 152 -11.07 -58.05 35.98
C LEU I 152 -12.39 -57.38 35.62
N LEU I 153 -13.28 -58.12 34.92
CA LEU I 153 -14.61 -57.66 34.47
C LEU I 153 -15.69 -57.99 35.50
N VAL I 154 -16.45 -56.96 35.90
CA VAL I 154 -17.51 -57.08 36.90
C VAL I 154 -18.82 -56.54 36.22
N PRO I 155 -19.52 -57.38 35.43
CA PRO I 155 -20.76 -56.92 34.76
C PRO I 155 -21.83 -56.46 35.77
N GLU I 156 -22.61 -55.44 35.38
CA GLU I 156 -23.66 -54.90 36.24
C GLU I 156 -25.03 -54.95 35.54
N GLN I 157 -25.05 -54.60 34.23
CA GLN I 157 -26.24 -54.62 33.39
C GLN I 157 -25.85 -55.26 32.07
N GLY I 158 -26.47 -56.39 31.74
CA GLY I 158 -26.24 -57.08 30.48
C GLY I 158 -25.19 -58.17 30.46
N ARG I 159 -25.49 -59.19 29.67
CA ARG I 159 -24.64 -60.37 29.48
C ARG I 159 -23.57 -60.14 28.42
N LEU I 160 -22.35 -60.68 28.65
CA LEU I 160 -21.25 -60.57 27.69
C LEU I 160 -20.91 -61.96 27.16
N ARG I 161 -20.60 -62.06 25.86
CA ARG I 161 -20.14 -63.31 25.28
C ARG I 161 -18.74 -62.95 24.82
N ILE I 162 -17.71 -63.43 25.57
CA ILE I 162 -16.30 -63.13 25.32
C ILE I 162 -15.59 -64.27 24.63
N ALA I 163 -15.22 -64.04 23.37
CA ALA I 163 -14.52 -65.01 22.55
C ALA I 163 -13.02 -64.67 22.67
N THR I 164 -12.26 -65.58 23.28
CA THR I 164 -10.82 -65.41 23.55
C THR I 164 -10.02 -66.35 22.68
N GLU I 165 -8.68 -66.24 22.71
CA GLU I 165 -7.90 -67.20 21.92
C GLU I 165 -8.06 -68.59 22.45
N LEU I 166 -8.38 -68.72 23.75
CA LEU I 166 -8.52 -70.05 24.34
C LEU I 166 -9.96 -70.61 24.32
N GLY I 167 -10.92 -69.82 23.82
CA GLY I 167 -12.30 -70.28 23.79
C GLY I 167 -13.29 -69.24 24.25
N VAL I 168 -14.59 -69.59 24.11
CA VAL I 168 -15.70 -68.68 24.38
C VAL I 168 -16.28 -68.82 25.78
N MET I 169 -16.39 -67.70 26.49
CA MET I 169 -17.02 -67.65 27.82
C MET I 169 -18.09 -66.58 27.90
N GLU I 170 -19.23 -66.93 28.55
CA GLU I 170 -20.37 -66.03 28.74
C GLU I 170 -20.47 -65.60 30.19
N VAL I 171 -20.57 -64.29 30.42
CA VAL I 171 -20.61 -63.73 31.77
C VAL I 171 -21.88 -62.89 32.00
N GLU I 172 -22.53 -63.07 33.15
CA GLU I 172 -23.73 -62.29 33.49
C GLU I 172 -23.49 -61.49 34.77
N PRO I 173 -24.27 -60.40 35.07
CA PRO I 173 -24.04 -59.68 36.34
C PRO I 173 -24.27 -60.68 37.47
N LEU I 174 -23.35 -60.68 38.42
CA LEU I 174 -23.21 -61.56 39.57
C LEU I 174 -22.12 -62.58 39.32
N GLU I 175 -21.51 -62.53 38.12
CA GLU I 175 -20.36 -63.36 37.78
C GLU I 175 -19.21 -62.41 37.45
N ILE I 176 -17.98 -62.91 37.51
CA ILE I 176 -16.83 -62.10 37.13
C ILE I 176 -15.99 -62.85 36.10
N ALA I 177 -15.25 -62.10 35.28
CA ALA I 177 -14.33 -62.73 34.32
C ALA I 177 -12.98 -62.05 34.34
N VAL I 178 -11.93 -62.84 34.12
CA VAL I 178 -10.55 -62.33 34.08
C VAL I 178 -9.93 -62.75 32.76
N ILE I 179 -9.30 -61.78 32.07
CA ILE I 179 -8.59 -61.98 30.81
C ILE I 179 -7.13 -61.61 31.07
N PRO I 180 -6.23 -62.58 30.83
CA PRO I 180 -4.81 -62.31 31.05
C PRO I 180 -4.24 -61.27 30.09
N ARG I 181 -3.22 -60.55 30.55
CA ARG I 181 -2.49 -59.54 29.75
C ARG I 181 -2.03 -60.18 28.42
N GLY I 182 -2.20 -59.45 27.33
CA GLY I 182 -1.76 -59.85 26.01
C GLY I 182 -2.65 -60.81 25.23
N MET I 183 -3.66 -61.39 25.90
CA MET I 183 -4.56 -62.38 25.29
C MET I 183 -5.59 -61.71 24.42
N LYS I 184 -5.75 -62.19 23.16
CA LYS I 184 -6.68 -61.63 22.16
C LYS I 184 -8.11 -62.05 22.44
N PHE I 185 -9.04 -61.06 22.40
CA PHE I 185 -10.44 -61.33 22.67
C PHE I 185 -11.36 -60.37 21.94
N ARG I 186 -12.62 -60.74 21.83
CA ARG I 186 -13.66 -59.95 21.18
C ARG I 186 -14.92 -60.08 22.06
N VAL I 187 -15.53 -58.94 22.41
CA VAL I 187 -16.71 -58.91 23.26
C VAL I 187 -18.01 -58.67 22.45
N GLU I 188 -18.95 -59.62 22.57
CA GLU I 188 -20.28 -59.59 21.99
C GLU I 188 -21.30 -59.24 23.07
N LEU I 189 -22.23 -58.32 22.75
CA LEU I 189 -23.25 -57.91 23.69
C LEU I 189 -24.48 -58.75 23.40
N LEU I 190 -24.90 -59.56 24.37
CA LEU I 190 -26.06 -60.44 24.21
C LEU I 190 -27.39 -59.72 24.40
N ASP I 191 -27.42 -58.65 25.22
CA ASP I 191 -28.64 -57.89 25.48
C ASP I 191 -28.68 -56.51 24.78
N GLY I 192 -27.86 -56.34 23.75
CA GLY I 192 -27.77 -55.10 22.97
C GLY I 192 -26.90 -54.02 23.57
N GLN I 193 -26.98 -53.83 24.90
CA GLN I 193 -26.24 -52.83 25.65
C GLN I 193 -25.56 -53.49 26.84
N ALA I 194 -24.50 -52.87 27.38
CA ALA I 194 -23.82 -53.42 28.54
C ALA I 194 -23.22 -52.34 29.44
N ARG I 195 -23.10 -52.65 30.72
CA ARG I 195 -22.51 -51.73 31.68
C ARG I 195 -21.90 -52.52 32.82
N GLY I 196 -20.80 -52.00 33.37
CA GLY I 196 -20.16 -52.67 34.48
C GLY I 196 -18.85 -52.06 34.85
N TYR I 197 -18.10 -52.79 35.69
CA TYR I 197 -16.85 -52.27 36.23
C TYR I 197 -15.67 -53.05 35.75
N ILE I 198 -14.52 -52.36 35.68
CA ILE I 198 -13.25 -53.00 35.33
C ILE I 198 -12.20 -52.58 36.36
N ALA I 199 -11.40 -53.54 36.83
CA ALA I 199 -10.17 -53.31 37.59
C ALA I 199 -9.09 -53.81 36.66
N GLU I 200 -8.24 -52.91 36.15
CA GLU I 200 -7.15 -53.31 35.26
C GLU I 200 -5.95 -53.44 36.18
N ASN I 201 -5.49 -54.68 36.38
CA ASN I 201 -4.34 -54.97 37.24
C ASN I 201 -2.99 -54.92 36.45
N HIS I 202 -2.20 -53.88 36.72
CA HIS I 202 -0.87 -53.68 36.10
C HIS I 202 0.28 -54.41 36.83
N GLY I 203 -0.01 -55.01 37.99
CA GLY I 203 0.98 -55.69 38.82
C GLY I 203 0.97 -57.20 38.80
N ALA I 204 1.25 -57.85 39.95
CA ALA I 204 1.28 -59.32 40.01
C ALA I 204 -0.13 -59.94 39.72
N PRO I 205 -0.26 -61.06 38.94
CA PRO I 205 -1.60 -61.56 38.58
C PRO I 205 -2.51 -61.83 39.76
N LEU I 206 -3.85 -61.72 39.55
CA LEU I 206 -4.78 -62.02 40.64
C LEU I 206 -4.70 -63.49 40.98
N ARG I 207 -4.86 -63.82 42.26
CA ARG I 207 -4.88 -65.20 42.68
C ARG I 207 -5.72 -65.33 43.93
N LEU I 208 -5.93 -66.57 44.35
CA LEU I 208 -6.65 -66.83 45.58
C LEU I 208 -5.91 -66.37 46.85
N PRO I 209 -6.64 -65.81 47.83
CA PRO I 209 -5.94 -65.38 49.05
C PRO I 209 -5.42 -66.51 49.90
N ASP I 210 -4.36 -66.24 50.69
CA ASP I 210 -3.85 -67.21 51.66
C ASP I 210 -5.00 -67.31 52.63
N LEU I 211 -5.46 -68.53 52.96
CA LEU I 211 -6.63 -68.65 53.83
C LEU I 211 -6.33 -68.53 55.33
N GLY I 212 -5.07 -68.64 55.74
CA GLY I 212 -4.73 -68.55 57.16
C GLY I 212 -5.51 -69.55 58.00
N PRO I 213 -6.19 -69.10 59.09
CA PRO I 213 -6.95 -70.04 59.94
C PRO I 213 -8.10 -70.72 59.26
N ILE I 214 -8.68 -70.11 58.21
CA ILE I 214 -9.81 -70.72 57.46
C ILE I 214 -9.40 -72.12 56.90
N GLY I 215 -8.11 -72.31 56.66
CA GLY I 215 -7.57 -73.60 56.25
C GLY I 215 -7.43 -73.93 54.79
N SER I 216 -8.10 -75.05 54.39
CA SER I 216 -7.98 -75.64 53.08
C SER I 216 -9.25 -75.52 52.23
N ASN I 217 -10.32 -74.99 52.83
CA ASN I 217 -11.62 -74.82 52.16
C ASN I 217 -12.26 -73.52 52.63
N GLY I 218 -13.06 -72.92 51.76
CA GLY I 218 -13.80 -71.70 52.08
C GLY I 218 -13.55 -70.57 51.13
N LEU I 219 -14.31 -69.49 51.30
CA LEU I 219 -14.23 -68.30 50.44
C LEU I 219 -14.41 -68.71 48.99
N ALA I 220 -13.56 -68.28 48.06
CA ALA I 220 -13.81 -68.73 46.66
C ALA I 220 -13.13 -70.09 46.46
N ASN I 221 -13.92 -71.17 46.35
CA ASN I 221 -13.39 -72.52 46.16
C ASN I 221 -12.81 -72.71 44.77
N PRO I 222 -11.60 -73.33 44.66
CA PRO I 222 -10.95 -73.45 43.34
C PRO I 222 -11.73 -74.17 42.26
N ARG I 223 -12.56 -75.19 42.64
CA ARG I 223 -13.43 -75.95 41.72
C ARG I 223 -14.43 -75.04 40.97
N ASP I 224 -14.70 -73.82 41.50
CA ASP I 224 -15.65 -72.89 40.87
C ASP I 224 -15.14 -71.92 39.81
N PHE I 225 -13.82 -71.90 39.58
CA PHE I 225 -13.18 -71.07 38.56
C PHE I 225 -13.20 -71.84 37.26
N LEU I 226 -13.91 -71.26 36.29
CA LEU I 226 -14.20 -71.90 35.01
C LEU I 226 -13.47 -71.29 33.82
N THR I 227 -12.85 -72.14 33.00
CA THR I 227 -12.08 -71.73 31.83
C THR I 227 -12.72 -72.32 30.56
N PRO I 228 -12.82 -71.55 29.45
CA PRO I 228 -13.46 -72.09 28.24
C PRO I 228 -12.62 -73.13 27.51
N VAL I 229 -13.26 -73.94 26.66
CA VAL I 229 -12.58 -74.98 25.90
C VAL I 229 -12.11 -74.37 24.60
N ALA I 230 -11.11 -74.97 23.95
CA ALA I 230 -10.56 -74.42 22.71
C ALA I 230 -11.63 -74.30 21.61
N HIS I 231 -11.65 -73.11 20.98
CA HIS I 231 -12.56 -72.79 19.88
C HIS I 231 -11.83 -71.91 18.88
N TYR I 232 -11.75 -72.36 17.65
CA TYR I 232 -11.09 -71.63 16.57
C TYR I 232 -12.07 -71.18 15.50
N GLU I 233 -11.67 -70.14 14.77
CA GLU I 233 -12.44 -69.53 13.68
C GLU I 233 -11.60 -69.53 12.41
N GLU I 234 -12.29 -69.49 11.25
CA GLU I 234 -11.71 -69.48 9.91
C GLU I 234 -12.44 -68.46 9.04
N ALA I 235 -12.08 -67.18 9.17
CA ALA I 235 -12.71 -66.12 8.36
C ALA I 235 -11.70 -65.41 7.47
N GLU I 236 -11.84 -65.60 6.15
CA GLU I 236 -11.01 -64.94 5.15
C GLU I 236 -11.62 -63.56 4.91
N GLY I 237 -10.86 -62.53 5.28
CA GLY I 237 -11.30 -61.15 5.13
C GLY I 237 -10.63 -60.18 6.10
N PRO I 238 -10.92 -58.87 5.95
CA PRO I 238 -10.30 -57.87 6.84
C PRO I 238 -10.75 -57.97 8.30
N VAL I 239 -9.77 -58.08 9.20
CA VAL I 239 -9.97 -58.11 10.65
C VAL I 239 -9.04 -57.05 11.24
N GLN I 240 -9.59 -56.06 11.94
CA GLN I 240 -8.75 -55.07 12.63
C GLN I 240 -8.38 -55.64 14.01
N LEU I 241 -7.10 -55.52 14.35
CA LEU I 241 -6.58 -55.96 15.65
C LEU I 241 -6.17 -54.73 16.41
N VAL I 242 -6.71 -54.50 17.62
CA VAL I 242 -6.41 -53.33 18.45
C VAL I 242 -5.65 -53.75 19.71
N GLN I 243 -4.56 -53.06 20.02
CA GLN I 243 -3.87 -53.32 21.28
C GLN I 243 -3.79 -52.04 22.13
N LYS I 244 -3.96 -52.20 23.44
CA LYS I 244 -3.85 -51.10 24.40
C LYS I 244 -2.40 -51.12 24.88
N PHE I 245 -1.67 -50.02 24.64
CA PHE I 245 -0.25 -49.96 25.08
C PHE I 245 0.03 -48.58 25.65
N LEU I 246 0.40 -48.54 26.95
CA LEU I 246 0.68 -47.31 27.69
C LEU I 246 -0.53 -46.37 27.63
N GLY I 247 -1.72 -46.97 27.75
CA GLY I 247 -3.00 -46.26 27.73
C GLY I 247 -3.52 -45.89 26.35
N GLU I 248 -2.77 -46.21 25.29
CA GLU I 248 -3.11 -45.86 23.91
C GLU I 248 -3.68 -47.01 23.09
N HIS I 249 -4.70 -46.74 22.27
CA HIS I 249 -5.21 -47.77 21.39
C HIS I 249 -4.40 -47.67 20.09
N TRP I 250 -3.77 -48.79 19.69
CA TRP I 250 -2.99 -48.89 18.44
C TRP I 250 -3.58 -50.06 17.63
N ALA I 251 -3.61 -49.95 16.31
CA ALA I 251 -4.20 -50.98 15.47
C ALA I 251 -3.49 -51.26 14.15
N CYS I 252 -3.80 -52.45 13.60
CA CYS I 252 -3.34 -52.93 12.31
C CYS I 252 -4.48 -53.73 11.73
N GLU I 253 -4.33 -54.18 10.50
CA GLU I 253 -5.34 -54.98 9.85
C GLU I 253 -4.74 -56.33 9.48
N LEU I 254 -5.47 -57.41 9.79
CA LEU I 254 -5.11 -58.80 9.46
C LEU I 254 -6.09 -59.30 8.36
N GLN I 255 -5.67 -60.30 7.57
CA GLN I 255 -6.48 -60.90 6.49
C GLN I 255 -7.10 -62.23 6.92
N HIS I 256 -6.82 -62.64 8.17
CA HIS I 256 -7.32 -63.87 8.78
C HIS I 256 -7.79 -63.52 10.21
N SER I 257 -8.59 -64.41 10.84
CA SER I 257 -9.06 -64.18 12.20
CA SER I 257 -9.07 -64.20 12.20
C SER I 257 -7.99 -64.56 13.24
N PRO I 258 -7.62 -63.63 14.16
CA PRO I 258 -6.61 -63.99 15.14
C PRO I 258 -7.07 -65.02 16.18
N LEU I 259 -8.37 -65.39 16.22
CA LEU I 259 -8.87 -66.39 17.16
C LEU I 259 -8.81 -67.74 16.43
N ASP I 260 -7.57 -68.19 16.10
CA ASP I 260 -7.25 -69.37 15.28
C ASP I 260 -6.49 -70.50 15.97
N VAL I 261 -6.63 -70.55 17.28
CA VAL I 261 -5.99 -71.56 18.15
C VAL I 261 -6.82 -72.86 18.15
N VAL I 262 -6.26 -73.94 17.56
CA VAL I 262 -6.93 -75.24 17.47
C VAL I 262 -6.81 -76.09 18.77
N ALA I 263 -5.65 -76.03 19.40
CA ALA I 263 -5.39 -76.71 20.67
C ALA I 263 -4.44 -75.86 21.53
N TRP I 264 -4.53 -76.04 22.84
CA TRP I 264 -3.70 -75.32 23.78
C TRP I 264 -3.55 -76.10 25.08
N HIS I 265 -2.49 -75.82 25.80
CA HIS I 265 -2.29 -76.37 27.11
C HIS I 265 -1.52 -75.39 28.02
N GLY I 266 -1.86 -75.40 29.31
CA GLY I 266 -1.17 -74.59 30.30
C GLY I 266 -2.06 -73.87 31.29
N SER I 267 -1.45 -72.91 32.00
CA SER I 267 -2.03 -72.19 33.14
C SER I 267 -2.34 -70.68 32.94
N ASN I 268 -1.88 -70.04 31.85
CA ASN I 268 -2.20 -68.62 31.56
C ASN I 268 -3.48 -68.59 30.74
N VAL I 269 -4.59 -68.54 31.48
CA VAL I 269 -5.92 -68.74 30.97
C VAL I 269 -6.96 -67.70 31.33
N PRO I 270 -8.00 -67.53 30.46
CA PRO I 270 -9.12 -66.68 30.87
C PRO I 270 -9.99 -67.52 31.79
N TYR I 271 -10.75 -66.85 32.66
CA TYR I 271 -11.64 -67.60 33.54
C TYR I 271 -12.86 -66.81 34.00
N LYS I 272 -13.86 -67.51 34.50
CA LYS I 272 -15.06 -66.90 35.03
C LYS I 272 -15.36 -67.48 36.39
N TYR I 273 -16.06 -66.71 37.21
CA TYR I 273 -16.39 -67.14 38.56
C TYR I 273 -17.75 -66.60 38.93
N ASP I 274 -18.58 -67.45 39.54
CA ASP I 274 -19.94 -67.07 39.93
C ASP I 274 -19.90 -66.66 41.38
N LEU I 275 -20.04 -65.35 41.64
CA LEU I 275 -20.04 -64.82 43.00
C LEU I 275 -21.10 -65.47 43.94
N ARG I 276 -22.16 -66.13 43.38
CA ARG I 276 -23.15 -66.84 44.24
C ARG I 276 -22.61 -68.11 44.85
N ARG I 277 -21.46 -68.59 44.33
CA ARG I 277 -20.79 -69.78 44.85
C ARG I 277 -19.85 -69.48 46.04
N PHE I 278 -19.62 -68.19 46.38
CA PHE I 278 -18.72 -67.74 47.46
C PHE I 278 -19.05 -68.41 48.79
N ASN I 279 -18.05 -69.07 49.44
CA ASN I 279 -18.29 -69.73 50.73
C ASN I 279 -18.01 -68.72 51.84
N THR I 280 -18.98 -67.78 51.99
CA THR I 280 -18.94 -66.67 52.94
C THR I 280 -18.62 -67.08 54.38
N ILE I 281 -17.54 -66.52 54.91
CA ILE I 281 -17.06 -66.70 56.28
C ILE I 281 -17.33 -65.39 57.03
N GLY I 282 -17.75 -65.49 58.29
CA GLY I 282 -18.04 -64.32 59.10
C GLY I 282 -18.14 -64.58 60.58
N THR I 283 -18.70 -63.61 61.31
CA THR I 283 -18.84 -63.79 62.75
C THR I 283 -19.98 -64.76 63.08
N VAL I 284 -19.76 -65.68 64.04
CA VAL I 284 -20.78 -66.62 64.51
C VAL I 284 -20.89 -66.42 66.03
N SER I 285 -20.48 -65.21 66.48
CA SER I 285 -20.44 -64.82 67.88
C SER I 285 -20.87 -63.39 68.09
N PHE I 286 -19.97 -62.45 67.82
CA PHE I 286 -20.12 -61.01 68.00
C PHE I 286 -19.08 -60.25 67.14
N ASP I 287 -19.09 -58.91 67.24
CA ASP I 287 -18.21 -58.00 66.51
C ASP I 287 -18.44 -58.03 64.96
N HIS I 288 -17.73 -57.18 64.23
CA HIS I 288 -17.86 -57.06 62.79
C HIS I 288 -16.48 -57.35 62.16
N PRO I 289 -16.31 -58.52 61.53
CA PRO I 289 -14.99 -58.85 60.99
C PRO I 289 -14.50 -57.88 59.92
N ASP I 290 -13.18 -57.76 59.84
CA ASP I 290 -12.46 -56.97 58.87
C ASP I 290 -12.93 -57.42 57.47
N PRO I 291 -13.25 -56.49 56.58
CA PRO I 291 -13.81 -56.89 55.27
C PRO I 291 -12.82 -57.64 54.36
N SER I 292 -11.57 -57.86 54.82
CA SER I 292 -10.61 -58.68 54.09
C SER I 292 -11.11 -60.13 54.11
N ILE I 293 -12.04 -60.47 55.04
CA ILE I 293 -12.59 -61.83 55.21
C ILE I 293 -13.46 -62.21 54.01
N PHE I 294 -13.89 -61.24 53.20
CA PHE I 294 -14.70 -61.42 52.00
C PHE I 294 -13.85 -61.37 50.71
N THR I 295 -12.54 -61.60 50.81
CA THR I 295 -11.67 -61.52 49.63
C THR I 295 -11.90 -62.67 48.65
N VAL I 296 -12.13 -62.30 47.40
CA VAL I 296 -12.36 -63.23 46.31
C VAL I 296 -11.02 -63.47 45.64
N LEU I 297 -10.40 -62.41 45.11
CA LEU I 297 -9.08 -62.41 44.48
C LEU I 297 -8.22 -61.30 45.02
N THR I 298 -6.92 -61.57 45.11
CA THR I 298 -5.93 -60.61 45.58
C THR I 298 -4.73 -60.56 44.63
N SER I 299 -4.15 -59.37 44.45
CA SER I 299 -2.91 -59.13 43.69
C SER I 299 -1.84 -58.67 44.73
N PRO I 300 -0.79 -59.47 45.03
CA PRO I 300 0.18 -59.03 46.04
C PRO I 300 1.22 -58.05 45.50
N THR I 301 2.02 -57.42 46.39
CA THR I 301 3.22 -56.65 46.05
C THR I 301 4.43 -57.46 46.62
N SER I 302 5.65 -56.87 46.55
CA SER I 302 6.86 -57.46 47.12
C SER I 302 6.90 -57.35 48.66
N VAL I 303 5.99 -56.53 49.23
CA VAL I 303 5.81 -56.33 50.67
C VAL I 303 4.72 -57.34 51.13
N HIS I 304 5.09 -58.29 52.00
CA HIS I 304 4.16 -59.31 52.51
C HIS I 304 2.96 -58.72 53.29
N GLY I 305 1.76 -59.16 52.90
CA GLY I 305 0.48 -58.74 53.49
C GLY I 305 -0.10 -57.44 52.95
N MET I 306 0.71 -56.65 52.23
CA MET I 306 0.21 -55.39 51.64
C MET I 306 -0.11 -55.58 50.14
N ALA I 307 -1.37 -55.96 49.81
CA ALA I 307 -1.80 -56.19 48.43
C ALA I 307 -1.70 -54.96 47.54
N ASN I 308 -1.49 -55.19 46.23
CA ASN I 308 -1.55 -54.15 45.19
C ASN I 308 -3.04 -53.78 45.11
N MET I 309 -3.89 -54.82 45.18
CA MET I 309 -5.34 -54.70 45.22
C MET I 309 -6.00 -55.98 45.76
N ASP I 310 -7.15 -55.83 46.39
CA ASP I 310 -7.96 -56.95 46.84
C ASP I 310 -9.35 -56.70 46.26
N PHE I 311 -9.91 -57.72 45.61
CA PHE I 311 -11.27 -57.73 45.11
C PHE I 311 -12.06 -58.43 46.21
N VAL I 312 -12.89 -57.65 46.90
CA VAL I 312 -13.68 -58.10 48.06
C VAL I 312 -15.16 -57.91 47.71
N ILE I 313 -16.06 -58.83 48.15
CA ILE I 313 -17.51 -58.79 47.88
C ILE I 313 -18.37 -58.72 49.18
N PHE I 314 -19.59 -58.21 49.10
CA PHE I 314 -20.49 -58.10 50.26
C PHE I 314 -21.77 -58.82 49.86
N PRO I 315 -21.76 -60.16 50.02
CA PRO I 315 -22.84 -60.96 49.45
C PRO I 315 -23.98 -61.27 50.41
N PRO I 316 -25.05 -61.97 49.94
CA PRO I 316 -26.09 -62.43 50.91
C PRO I 316 -25.36 -63.20 51.99
N ARG I 317 -25.66 -62.89 53.27
CA ARG I 317 -24.93 -63.45 54.42
C ARG I 317 -25.75 -63.32 55.69
N TRP I 318 -25.62 -64.29 56.60
CA TRP I 318 -26.31 -64.26 57.88
C TRP I 318 -25.59 -63.31 58.83
N MET I 319 -26.37 -62.46 59.54
CA MET I 319 -25.89 -61.53 60.59
C MET I 319 -26.43 -62.12 61.89
N VAL I 320 -25.54 -62.62 62.78
CA VAL I 320 -25.88 -63.29 64.06
C VAL I 320 -25.25 -62.60 65.26
N ALA I 321 -24.27 -61.69 65.03
CA ALA I 321 -23.56 -60.94 66.07
C ALA I 321 -24.45 -60.43 67.20
N GLU I 322 -24.25 -60.98 68.42
CA GLU I 322 -24.99 -60.62 69.65
C GLU I 322 -24.35 -59.40 70.29
N ASN I 323 -25.16 -58.50 70.87
CA ASN I 323 -24.72 -57.27 71.58
C ASN I 323 -23.69 -56.43 70.81
N THR I 324 -23.84 -56.37 69.47
CA THR I 324 -22.89 -55.64 68.61
C THR I 324 -23.53 -54.68 67.64
N PHE I 325 -22.71 -53.75 67.13
CA PHE I 325 -23.01 -52.81 66.07
C PHE I 325 -22.66 -53.57 64.78
N ARG I 326 -23.70 -54.05 64.09
CA ARG I 326 -23.58 -54.87 62.87
C ARG I 326 -23.07 -54.21 61.59
N PRO I 327 -23.46 -52.94 61.27
CA PRO I 327 -22.96 -52.29 60.05
C PRO I 327 -21.45 -52.06 60.15
N PRO I 328 -20.73 -51.79 59.03
CA PRO I 328 -19.28 -51.54 59.12
C PRO I 328 -18.98 -50.49 60.18
N TRP I 329 -17.90 -50.66 60.96
CA TRP I 329 -17.57 -49.65 61.98
C TRP I 329 -17.05 -48.38 61.30
N PHE I 330 -17.07 -47.22 62.03
CA PHE I 330 -16.46 -45.98 61.54
C PHE I 330 -14.97 -46.30 61.27
N HIS I 331 -14.46 -45.86 60.10
CA HIS I 331 -13.14 -46.30 59.66
C HIS I 331 -12.26 -45.24 59.04
N ARG I 332 -10.93 -45.38 59.23
CA ARG I 332 -9.88 -44.58 58.62
C ARG I 332 -8.80 -45.58 58.23
N ASN I 333 -8.52 -45.69 56.93
CA ASN I 333 -7.65 -46.71 56.39
C ASN I 333 -6.45 -46.14 55.62
N LEU I 334 -5.29 -46.82 55.70
CA LEU I 334 -4.10 -46.47 54.88
C LEU I 334 -4.50 -46.78 53.41
N MET I 335 -5.29 -47.83 53.24
CA MET I 335 -5.68 -48.29 51.93
C MET I 335 -6.77 -47.44 51.33
N ASN I 336 -6.97 -47.57 50.02
CA ASN I 336 -7.92 -46.77 49.26
C ASN I 336 -9.07 -47.63 48.83
N GLU I 337 -10.25 -47.29 49.33
CA GLU I 337 -11.48 -48.06 49.09
C GLU I 337 -12.34 -47.53 47.98
N PHE I 338 -12.44 -48.29 46.90
CA PHE I 338 -13.32 -47.99 45.77
C PHE I 338 -14.41 -49.03 45.80
N MET I 339 -15.67 -48.58 46.05
CA MET I 339 -16.84 -49.44 46.16
C MET I 339 -17.77 -49.36 44.96
N GLY I 340 -18.41 -50.48 44.67
CA GLY I 340 -19.38 -50.60 43.59
C GLY I 340 -20.56 -51.46 43.98
N LEU I 341 -21.58 -51.50 43.11
CA LEU I 341 -22.81 -52.25 43.39
C LEU I 341 -23.34 -52.92 42.13
N ILE I 342 -23.55 -54.25 42.21
CA ILE I 342 -24.08 -55.04 41.10
C ILE I 342 -25.59 -55.14 41.30
N ASN I 343 -26.01 -55.59 42.50
CA ASN I 343 -27.41 -55.83 42.83
C ASN I 343 -27.84 -55.25 44.20
N GLY I 344 -29.09 -54.77 44.27
CA GLY I 344 -29.73 -54.25 45.48
C GLY I 344 -29.16 -53.00 46.12
N ALA I 345 -29.04 -53.03 47.46
CA ALA I 345 -28.51 -51.89 48.24
C ALA I 345 -27.50 -52.34 49.30
N TYR I 346 -26.40 -51.60 49.43
CA TYR I 346 -25.34 -51.89 50.39
C TYR I 346 -25.77 -51.50 51.83
N ASP I 347 -25.17 -52.15 52.84
CA ASP I 347 -25.51 -51.95 54.25
C ASP I 347 -25.11 -50.60 54.87
N ALA I 348 -23.92 -50.07 54.53
CA ALA I 348 -23.44 -48.80 55.10
C ALA I 348 -24.15 -47.54 54.65
N LYS I 349 -24.82 -47.57 53.49
CA LYS I 349 -25.56 -46.41 52.98
C LYS I 349 -27.04 -46.69 52.85
N ALA I 350 -27.86 -45.78 53.41
CA ALA I 350 -29.30 -45.87 53.38
C ALA I 350 -29.85 -45.42 52.02
N GLU I 351 -29.24 -44.37 51.41
CA GLU I 351 -29.72 -43.81 50.14
C GLU I 351 -28.61 -43.13 49.32
N GLY I 352 -28.63 -43.34 48.00
CA GLY I 352 -27.71 -42.70 47.07
C GLY I 352 -26.68 -43.59 46.41
N PHE I 353 -26.56 -44.82 46.89
CA PHE I 353 -25.59 -45.79 46.37
C PHE I 353 -26.38 -46.85 45.62
N LEU I 354 -26.53 -46.65 44.30
CA LEU I 354 -27.34 -47.44 43.37
C LEU I 354 -26.52 -48.42 42.57
N PRO I 355 -27.11 -49.55 42.05
CA PRO I 355 -26.32 -50.45 41.21
C PRO I 355 -25.74 -49.68 40.03
N GLY I 356 -24.42 -49.83 39.82
CA GLY I 356 -23.70 -49.08 38.80
C GLY I 356 -23.03 -47.82 39.35
N GLY I 357 -23.40 -47.46 40.58
CA GLY I 357 -22.82 -46.33 41.28
C GLY I 357 -21.40 -46.63 41.76
N ALA I 358 -20.73 -45.61 42.28
CA ALA I 358 -19.36 -45.81 42.76
C ALA I 358 -19.04 -44.86 43.88
N SER I 359 -18.16 -45.27 44.80
CA SER I 359 -17.74 -44.42 45.91
C SER I 359 -16.24 -44.61 46.15
N LEU I 360 -15.52 -43.54 46.42
CA LEU I 360 -14.07 -43.60 46.67
C LEU I 360 -13.80 -42.89 47.99
N HIS I 361 -13.18 -43.63 48.91
CA HIS I 361 -12.77 -43.14 50.22
C HIS I 361 -11.28 -43.42 50.23
N GLY I 362 -10.50 -42.40 49.86
CA GLY I 362 -9.05 -42.47 49.80
C GLY I 362 -8.35 -42.52 51.13
N VAL I 363 -7.02 -42.71 51.08
CA VAL I 363 -6.07 -42.80 52.20
C VAL I 363 -6.41 -41.83 53.35
N MET I 364 -6.70 -42.39 54.53
CA MET I 364 -7.03 -41.64 55.75
C MET I 364 -8.29 -40.76 55.69
N SER I 365 -9.15 -40.96 54.69
CA SER I 365 -10.42 -40.23 54.62
C SER I 365 -11.32 -40.87 55.66
N ALA I 366 -12.07 -40.08 56.41
CA ALA I 366 -12.90 -40.66 57.44
C ALA I 366 -14.24 -41.13 56.88
N HIS I 367 -14.49 -42.43 56.97
CA HIS I 367 -15.73 -42.99 56.48
C HIS I 367 -16.41 -43.86 57.52
N GLY I 368 -17.54 -44.45 57.14
CA GLY I 368 -18.32 -45.28 58.04
C GLY I 368 -19.79 -45.22 57.70
N PRO I 369 -20.63 -45.80 58.57
CA PRO I 369 -22.07 -45.82 58.30
C PRO I 369 -22.64 -44.41 58.24
N ASP I 370 -23.62 -44.19 57.36
CA ASP I 370 -24.21 -42.87 57.28
C ASP I 370 -25.08 -42.62 58.53
N ALA I 371 -25.56 -41.38 58.72
CA ALA I 371 -26.37 -40.98 59.87
C ALA I 371 -27.57 -41.89 60.18
N GLU I 372 -28.37 -42.23 59.14
CA GLU I 372 -29.59 -43.07 59.26
C GLU I 372 -29.27 -44.50 59.69
N THR I 373 -28.40 -45.20 58.93
CA THR I 373 -27.95 -46.57 59.18
C THR I 373 -27.40 -46.72 60.59
N CYS I 374 -26.58 -45.76 61.04
CA CYS I 374 -25.98 -45.77 62.38
C CYS I 374 -27.07 -45.71 63.47
N GLU I 375 -28.07 -44.82 63.28
CA GLU I 375 -29.21 -44.61 64.17
C GLU I 375 -30.08 -45.87 64.37
N LYS I 376 -30.35 -46.63 63.28
CA LYS I 376 -31.16 -47.87 63.36
C LYS I 376 -30.41 -48.98 64.09
N ALA I 377 -29.12 -49.17 63.75
CA ALA I 377 -28.21 -50.18 64.30
C ALA I 377 -28.10 -50.18 65.83
N ILE I 378 -27.85 -49.01 66.43
CA ILE I 378 -27.69 -48.79 67.87
C ILE I 378 -28.94 -49.16 68.69
N ALA I 379 -30.13 -48.86 68.14
CA ALA I 379 -31.42 -49.10 68.80
C ALA I 379 -32.16 -50.37 68.34
N ALA I 380 -31.67 -51.05 67.28
CA ALA I 380 -32.28 -52.26 66.74
C ALA I 380 -32.22 -53.44 67.68
N ASP I 381 -33.32 -54.21 67.78
CA ASP I 381 -33.34 -55.40 68.62
C ASP I 381 -32.66 -56.52 67.83
N LEU I 382 -31.47 -56.92 68.30
CA LEU I 382 -30.60 -57.92 67.69
C LEU I 382 -31.15 -59.34 67.67
N ALA I 383 -31.23 -59.90 66.45
CA ALA I 383 -31.72 -61.26 66.20
C ALA I 383 -31.06 -61.82 64.92
N PRO I 384 -30.89 -63.16 64.78
CA PRO I 384 -30.29 -63.68 63.54
C PRO I 384 -31.05 -63.20 62.30
N HIS I 385 -30.33 -62.55 61.37
CA HIS I 385 -30.96 -61.94 60.18
C HIS I 385 -30.20 -62.30 58.90
N LYS I 386 -30.93 -62.75 57.86
CA LYS I 386 -30.27 -63.06 56.60
C LYS I 386 -30.35 -61.86 55.65
N ILE I 387 -29.17 -61.37 55.23
CA ILE I 387 -29.10 -60.27 54.26
C ILE I 387 -29.27 -60.98 52.95
N ASP I 388 -30.19 -60.49 52.13
CA ASP I 388 -30.41 -61.10 50.83
C ASP I 388 -30.72 -60.08 49.76
N ASN I 389 -30.66 -60.53 48.49
CA ASN I 389 -30.96 -59.75 47.29
C ASN I 389 -30.04 -58.56 47.14
N THR I 390 -28.73 -58.78 47.38
CA THR I 390 -27.70 -57.75 47.25
C THR I 390 -26.33 -58.36 46.90
N MET I 391 -25.56 -57.62 46.08
CA MET I 391 -24.16 -57.89 45.76
C MET I 391 -23.39 -56.59 45.53
N ALA I 392 -22.60 -56.22 46.52
CA ALA I 392 -21.73 -55.06 46.50
C ALA I 392 -20.33 -55.59 46.51
N PHE I 393 -19.37 -54.77 46.12
CA PHE I 393 -17.96 -55.18 46.16
C PHE I 393 -17.06 -53.97 46.38
N MET I 394 -15.75 -54.25 46.54
CA MET I 394 -14.72 -53.24 46.71
C MET I 394 -13.47 -53.61 45.95
N PHE I 395 -12.82 -52.61 45.35
CA PHE I 395 -11.47 -52.72 44.79
C PHE I 395 -10.67 -51.92 45.83
N GLU I 396 -9.92 -52.61 46.67
CA GLU I 396 -9.11 -51.93 47.69
C GLU I 396 -7.68 -51.93 47.22
N THR I 397 -7.10 -50.72 47.01
CA THR I 397 -5.72 -50.56 46.54
C THR I 397 -4.78 -49.99 47.61
N SER I 398 -3.49 -50.34 47.55
CA SER I 398 -2.50 -49.82 48.50
C SER I 398 -2.03 -48.44 48.12
N GLN I 399 -1.92 -48.20 46.81
CA GLN I 399 -1.51 -46.93 46.27
C GLN I 399 -2.74 -46.04 46.14
N VAL I 400 -2.59 -44.71 46.39
CA VAL I 400 -3.72 -43.77 46.26
C VAL I 400 -4.34 -43.79 44.85
N LEU I 401 -5.67 -43.68 44.80
CA LEU I 401 -6.42 -43.67 43.56
C LEU I 401 -6.79 -42.26 43.17
N ARG I 402 -6.22 -41.83 42.03
CA ARG I 402 -6.43 -40.48 41.47
C ARG I 402 -7.66 -40.46 40.58
N PRO I 403 -8.71 -39.71 40.91
CA PRO I 403 -9.85 -39.64 40.00
C PRO I 403 -9.45 -38.92 38.70
N SER I 404 -9.94 -39.40 37.56
CA SER I 404 -9.67 -38.80 36.25
C SER I 404 -10.42 -37.46 36.12
N LEU I 405 -9.94 -36.52 35.27
CA LEU I 405 -10.62 -35.23 35.12
C LEU I 405 -12.07 -35.44 34.70
N GLN I 406 -12.31 -36.44 33.83
CA GLN I 406 -13.62 -36.88 33.35
C GLN I 406 -14.53 -37.31 34.51
N ALA I 407 -13.97 -38.03 35.51
CA ALA I 407 -14.73 -38.48 36.69
C ALA I 407 -15.05 -37.30 37.61
N LEU I 408 -14.11 -36.35 37.72
CA LEU I 408 -14.31 -35.13 38.51
C LEU I 408 -15.23 -34.13 37.79
N GLU I 409 -15.29 -34.17 36.44
CA GLU I 409 -16.14 -33.27 35.65
C GLU I 409 -17.54 -33.79 35.30
N CYS I 410 -17.76 -35.13 35.30
CA CYS I 410 -19.08 -35.66 34.89
C CYS I 410 -20.32 -35.27 35.75
N PRO I 411 -21.53 -35.21 35.14
CA PRO I 411 -22.72 -34.81 35.91
C PRO I 411 -23.14 -35.80 36.99
N GLN I 412 -22.67 -37.07 36.88
CA GLN I 412 -23.02 -38.15 37.80
C GLN I 412 -22.31 -38.12 39.15
N LEU I 413 -21.33 -37.20 39.31
CA LEU I 413 -20.60 -37.01 40.56
C LEU I 413 -21.51 -36.21 41.49
N GLN I 414 -21.92 -36.85 42.60
CA GLN I 414 -22.80 -36.23 43.60
C GLN I 414 -22.07 -35.08 44.29
N ALA I 415 -22.66 -33.88 44.27
CA ALA I 415 -22.02 -32.68 44.86
C ALA I 415 -22.27 -32.47 46.37
N ASP I 416 -23.08 -33.36 46.97
CA ASP I 416 -23.50 -33.28 48.38
C ASP I 416 -23.17 -34.53 49.23
N TYR I 417 -22.25 -35.41 48.77
CA TYR I 417 -21.88 -36.64 49.49
C TYR I 417 -21.61 -36.46 50.99
N ASP I 418 -20.88 -35.40 51.40
CA ASP I 418 -20.56 -35.12 52.81
C ASP I 418 -21.82 -34.94 53.72
N SER I 419 -22.99 -34.56 53.13
CA SER I 419 -24.25 -34.41 53.89
C SER I 419 -24.84 -35.74 54.39
N CYS I 420 -24.34 -36.91 53.90
CA CYS I 420 -24.83 -38.22 54.38
C CYS I 420 -24.43 -38.53 55.84
N TRP I 421 -23.37 -37.86 56.32
CA TRP I 421 -22.82 -37.95 57.68
C TRP I 421 -23.05 -36.65 58.50
N ALA I 422 -23.62 -35.58 57.88
CA ALA I 422 -23.85 -34.29 58.56
C ALA I 422 -24.69 -34.31 59.85
N THR I 423 -25.64 -35.24 59.95
CA THR I 423 -26.58 -35.29 61.08
C THR I 423 -26.21 -36.29 62.20
N LEU I 424 -24.93 -36.76 62.24
CA LEU I 424 -24.45 -37.68 63.27
C LEU I 424 -24.47 -36.98 64.64
N PRO I 425 -25.29 -37.44 65.63
CA PRO I 425 -25.36 -36.70 66.91
C PRO I 425 -24.34 -37.13 67.97
N SER I 426 -24.22 -36.32 69.01
CA SER I 426 -23.39 -36.64 70.16
C SER I 426 -24.34 -37.29 71.14
N THR I 427 -24.05 -38.55 71.52
CA THR I 427 -24.86 -39.31 72.47
C THR I 427 -24.03 -39.58 73.72
N PHE I 428 -22.99 -38.74 73.95
CA PHE I 428 -22.05 -38.88 75.08
C PHE I 428 -22.65 -38.51 76.42
N ASN I 429 -22.64 -39.50 77.33
CA ASN I 429 -23.20 -39.40 78.68
C ASN I 429 -22.08 -39.73 79.71
N PRO I 430 -21.26 -38.74 80.15
CA PRO I 430 -20.17 -39.05 81.12
C PRO I 430 -20.66 -39.46 82.50
N ASN I 431 -21.98 -39.35 82.70
CA ASN I 431 -22.71 -39.66 83.93
C ASN I 431 -23.23 -41.09 83.95
N ARG I 432 -23.11 -41.83 82.81
CA ARG I 432 -23.64 -43.18 82.69
C ARG I 432 -22.86 -44.09 81.72
N ARG I 433 -22.13 -45.06 82.30
CA ARG I 433 -21.34 -46.08 81.61
C ARG I 433 -22.27 -46.93 80.77
N ASP J 8 -23.22 60.56 -25.33
CA ASP J 8 -24.54 60.93 -24.78
C ASP J 8 -25.67 60.59 -25.73
N LEU J 9 -26.78 60.06 -25.18
CA LEU J 9 -27.96 59.66 -25.96
C LEU J 9 -28.69 60.82 -26.66
N HIS J 10 -29.19 60.59 -27.90
CA HIS J 10 -29.94 61.65 -28.60
C HIS J 10 -31.42 61.36 -28.50
N TYR J 11 -32.24 62.43 -28.34
CA TYR J 11 -33.71 62.28 -28.21
C TYR J 11 -34.50 63.18 -29.16
N LEU J 12 -35.76 62.79 -29.41
CA LEU J 12 -36.72 63.56 -30.21
C LEU J 12 -37.74 64.14 -29.21
N SER J 13 -38.19 65.38 -29.41
CA SER J 13 -39.09 66.00 -28.43
C SER J 13 -40.48 66.26 -29.01
N GLY J 14 -41.46 66.32 -28.12
CA GLY J 14 -42.82 66.65 -28.54
C GLY J 14 -43.83 65.58 -28.20
N PHE J 15 -44.51 65.74 -27.06
CA PHE J 15 -45.54 64.77 -26.66
C PHE J 15 -46.58 64.55 -27.75
N GLY J 16 -46.82 63.29 -28.08
CA GLY J 16 -47.83 62.92 -29.05
C GLY J 16 -47.50 63.11 -30.50
N ASN J 17 -46.24 63.52 -30.82
CA ASN J 17 -45.80 63.75 -32.22
C ASN J 17 -45.80 62.49 -33.12
N GLU J 18 -45.85 62.74 -34.45
CA GLU J 18 -45.62 61.76 -35.51
C GLU J 18 -44.11 61.90 -35.75
N PHE J 19 -43.34 61.05 -35.09
CA PHE J 19 -41.89 61.06 -35.15
C PHE J 19 -41.39 60.20 -36.29
N ALA J 20 -40.15 60.45 -36.72
CA ALA J 20 -39.50 59.65 -37.77
C ALA J 20 -38.03 59.51 -37.41
N SER J 21 -37.54 58.26 -37.38
CA SER J 21 -36.17 57.94 -37.01
C SER J 21 -35.59 56.75 -37.73
N GLU J 22 -34.43 56.93 -38.35
CA GLU J 22 -33.70 55.84 -39.03
C GLU J 22 -32.22 55.85 -38.61
N ALA J 23 -31.72 54.66 -38.23
CA ALA J 23 -30.33 54.44 -37.81
C ALA J 23 -29.37 54.24 -39.01
N LEU J 24 -29.94 54.04 -40.23
CA LEU J 24 -29.24 53.89 -41.51
C LEU J 24 -29.85 54.92 -42.48
N PRO J 25 -29.05 55.63 -43.33
CA PRO J 25 -29.65 56.60 -44.25
C PRO J 25 -30.61 55.98 -45.28
N GLY J 26 -31.84 56.49 -45.31
CA GLY J 26 -32.86 56.02 -46.23
C GLY J 26 -33.53 54.70 -45.88
N ALA J 27 -33.37 54.24 -44.62
CA ALA J 27 -33.96 52.99 -44.11
C ALA J 27 -35.49 53.13 -43.99
N LEU J 28 -36.01 54.36 -43.87
CA LEU J 28 -37.44 54.62 -43.87
C LEU J 28 -37.89 54.66 -45.34
N PRO J 29 -38.96 53.94 -45.75
CA PRO J 29 -39.42 54.07 -47.14
C PRO J 29 -40.02 55.46 -47.36
N VAL J 30 -39.83 56.02 -48.54
CA VAL J 30 -40.31 57.37 -48.78
C VAL J 30 -41.58 57.43 -49.58
N GLY J 31 -42.57 58.10 -49.00
CA GLY J 31 -43.87 58.32 -49.61
C GLY J 31 -44.83 57.18 -49.46
N GLN J 32 -44.42 56.13 -48.73
CA GLN J 32 -45.25 54.95 -48.46
C GLN J 32 -44.78 54.19 -47.21
N ASN J 33 -45.64 53.27 -46.73
CA ASN J 33 -45.41 52.45 -45.54
C ASN J 33 -45.05 51.01 -45.85
N SER J 34 -45.54 50.50 -46.98
CA SER J 34 -45.37 49.10 -47.33
C SER J 34 -44.80 48.84 -48.72
N PRO J 35 -43.55 49.25 -48.98
CA PRO J 35 -42.92 48.92 -50.26
C PRO J 35 -42.76 47.40 -50.44
N GLN J 36 -42.68 46.93 -51.71
CA GLN J 36 -42.47 45.51 -51.97
C GLN J 36 -40.99 45.18 -51.68
N LYS J 37 -40.12 46.01 -52.25
CA LYS J 37 -38.68 45.99 -52.13
C LYS J 37 -38.36 47.06 -51.06
N ALA J 38 -38.29 46.65 -49.77
CA ALA J 38 -38.05 47.58 -48.67
C ALA J 38 -36.57 47.94 -48.54
N PRO J 39 -36.22 49.24 -48.30
CA PRO J 39 -34.80 49.60 -48.15
C PRO J 39 -34.01 48.70 -47.19
N TYR J 40 -32.75 48.34 -47.58
CA TYR J 40 -31.82 47.48 -46.83
C TYR J 40 -32.27 46.02 -46.62
N GLY J 41 -33.40 45.63 -47.19
CA GLY J 41 -33.98 44.31 -47.04
C GLY J 41 -34.77 44.10 -45.76
N LEU J 42 -35.17 45.21 -45.13
CA LEU J 42 -35.90 45.21 -43.86
C LEU J 42 -37.35 44.79 -44.02
N TYR J 43 -37.97 44.38 -42.93
CA TYR J 43 -39.40 44.02 -42.90
C TYR J 43 -40.23 45.13 -42.28
N ALA J 44 -41.40 45.40 -42.86
CA ALA J 44 -42.34 46.36 -42.34
C ALA J 44 -43.25 45.65 -41.35
N GLU J 45 -43.47 46.30 -40.19
CA GLU J 45 -44.31 45.79 -39.11
C GLU J 45 -45.04 46.94 -38.48
N LEU J 46 -46.36 46.78 -38.35
CA LEU J 46 -47.22 47.80 -37.76
C LEU J 46 -47.54 47.45 -36.30
N LEU J 47 -47.28 48.39 -35.40
CA LEU J 47 -47.58 48.22 -33.98
C LEU J 47 -48.79 49.13 -33.69
N SER J 48 -49.98 48.51 -33.57
CA SER J 48 -51.24 49.21 -33.38
C SER J 48 -51.55 49.30 -31.89
N GLY J 49 -51.30 50.47 -31.30
CA GLY J 49 -51.49 50.66 -29.87
C GLY J 49 -52.92 51.03 -29.50
N THR J 50 -53.74 51.30 -30.52
CA THR J 50 -55.14 51.65 -30.34
C THR J 50 -55.93 51.01 -31.46
N ALA J 51 -57.27 50.95 -31.31
CA ALA J 51 -58.17 50.51 -32.38
C ALA J 51 -57.92 51.43 -33.59
N PHE J 52 -58.04 50.85 -34.81
CA PHE J 52 -57.80 51.49 -36.11
C PHE J 52 -58.64 52.74 -36.27
N THR J 53 -59.92 52.66 -35.86
CA THR J 53 -60.94 53.67 -35.99
C THR J 53 -60.97 54.82 -34.95
N MET J 54 -59.97 54.90 -34.03
CA MET J 54 -59.97 55.98 -33.02
C MET J 54 -59.88 57.34 -33.68
N ALA J 55 -60.34 58.38 -32.96
CA ALA J 55 -60.23 59.78 -33.40
C ALA J 55 -58.71 60.00 -33.57
N ARG J 56 -58.28 60.71 -34.63
CA ARG J 56 -56.85 60.92 -34.87
C ARG J 56 -56.11 61.43 -33.62
N SER J 57 -56.75 62.33 -32.86
CA SER J 57 -56.19 62.91 -31.62
C SER J 57 -55.81 61.87 -30.55
N GLU J 58 -56.43 60.66 -30.61
CA GLU J 58 -56.24 59.51 -29.70
C GLU J 58 -55.40 58.36 -30.28
N LEU J 59 -55.03 58.45 -31.56
CA LEU J 59 -54.26 57.42 -32.28
C LEU J 59 -52.86 57.19 -31.72
N ARG J 60 -52.48 55.90 -31.63
CA ARG J 60 -51.15 55.48 -31.22
C ARG J 60 -50.76 54.31 -32.12
N ARG J 61 -49.98 54.60 -33.17
CA ARG J 61 -49.46 53.53 -34.06
C ARG J 61 -48.08 53.87 -34.56
N THR J 62 -47.20 52.86 -34.64
CA THR J 62 -45.83 53.02 -35.10
C THR J 62 -45.48 51.94 -36.13
N TRP J 63 -44.89 52.36 -37.23
CA TRP J 63 -44.44 51.47 -38.29
C TRP J 63 -42.97 51.22 -38.02
N LEU J 64 -42.60 49.94 -37.97
CA LEU J 64 -41.24 49.48 -37.70
C LEU J 64 -40.63 48.87 -38.96
N TYR J 65 -39.33 49.07 -39.16
CA TYR J 65 -38.59 48.51 -40.31
C TYR J 65 -37.49 47.74 -39.69
N ARG J 66 -37.69 46.41 -39.59
CA ARG J 66 -36.83 45.51 -38.81
C ARG J 66 -36.12 44.36 -39.55
N ILE J 67 -35.04 43.82 -38.92
CA ILE J 67 -34.22 42.73 -39.44
C ILE J 67 -35.02 41.46 -39.63
N ARG J 68 -35.80 41.05 -38.61
CA ARG J 68 -36.65 39.88 -38.62
C ARG J 68 -38.01 40.25 -38.05
N PRO J 69 -39.14 39.76 -38.63
CA PRO J 69 -40.45 40.14 -38.08
C PRO J 69 -40.68 39.58 -36.70
N SER J 70 -41.53 40.26 -35.89
CA SER J 70 -41.83 39.78 -34.53
C SER J 70 -42.51 38.40 -34.53
N ALA J 71 -43.23 38.06 -35.61
CA ALA J 71 -43.91 36.77 -35.78
C ALA J 71 -42.92 35.60 -35.77
N LEU J 72 -41.63 35.86 -36.09
CA LEU J 72 -40.60 34.82 -36.06
C LEU J 72 -40.24 34.48 -34.58
N HIS J 73 -41.05 33.56 -34.01
CA HIS J 73 -40.89 33.11 -32.63
C HIS J 73 -41.50 31.75 -32.41
N PRO J 74 -40.89 30.91 -31.55
CA PRO J 74 -41.52 29.63 -31.24
C PRO J 74 -42.55 29.81 -30.13
N ARG J 75 -43.33 28.74 -29.86
CA ARG J 75 -44.40 28.74 -28.86
CA ARG J 75 -44.40 28.72 -28.85
C ARG J 75 -43.94 29.30 -27.50
N PHE J 76 -44.79 30.16 -26.87
CA PHE J 76 -44.49 30.72 -25.55
C PHE J 76 -44.80 29.66 -24.50
N GLU J 77 -43.95 29.58 -23.45
CA GLU J 77 -44.11 28.60 -22.36
C GLU J 77 -44.13 29.30 -20.99
N ARG J 78 -44.98 28.82 -20.06
CA ARG J 78 -45.17 29.46 -18.75
C ARG J 78 -43.91 29.23 -17.91
N LEU J 79 -43.41 30.28 -17.29
CA LEU J 79 -42.19 30.13 -16.51
C LEU J 79 -42.56 29.62 -15.13
N ALA J 80 -41.54 29.05 -14.49
CA ALA J 80 -41.58 28.63 -13.12
C ALA J 80 -41.60 29.77 -12.17
N ARG J 81 -40.72 30.78 -12.35
CA ARG J 81 -40.76 31.93 -11.46
C ARG J 81 -41.93 32.79 -11.93
N GLN J 82 -42.84 33.06 -11.03
CA GLN J 82 -44.00 33.93 -11.20
C GLN J 82 -44.12 35.04 -10.11
N PRO J 83 -43.58 36.28 -10.50
CA PRO J 83 -43.62 37.27 -9.41
C PRO J 83 -44.97 37.84 -9.03
N LEU J 84 -45.96 37.66 -9.86
CA LEU J 84 -47.17 38.43 -9.74
C LEU J 84 -48.36 37.53 -9.44
N GLY J 85 -48.07 36.22 -9.31
CA GLY J 85 -49.05 35.19 -9.01
C GLY J 85 -49.68 35.21 -7.64
N GLY J 86 -49.07 35.93 -6.68
CA GLY J 86 -49.57 36.08 -5.32
C GLY J 86 -51.03 36.51 -5.26
N PRO J 87 -51.80 36.17 -4.20
CA PRO J 87 -53.23 36.53 -4.21
C PRO J 87 -53.61 37.97 -3.85
N LEU J 88 -54.90 38.28 -4.06
CA LEU J 88 -55.55 39.55 -3.74
C LEU J 88 -55.70 39.60 -2.24
N GLY J 89 -55.50 40.77 -1.65
CA GLY J 89 -55.63 40.92 -0.20
C GLY J 89 -57.07 40.85 0.29
N GLY J 90 -57.22 40.70 1.60
CA GLY J 90 -58.53 40.70 2.20
C GLY J 90 -59.14 42.09 2.19
N ILE J 91 -60.49 42.17 2.38
CA ILE J 91 -61.16 43.46 2.45
C ILE J 91 -60.60 44.24 3.64
N ASN J 92 -60.25 45.50 3.41
CA ASN J 92 -59.68 46.35 4.46
C ASN J 92 -59.88 47.85 4.11
N PRO J 93 -60.74 48.59 4.85
CA PRO J 93 -60.96 50.02 4.50
C PRO J 93 -59.99 50.99 5.20
N ASN J 94 -59.07 50.45 6.02
CA ASN J 94 -58.19 51.31 6.77
C ASN J 94 -57.20 52.12 5.93
N ARG J 95 -56.80 53.26 6.51
CA ARG J 95 -55.80 54.14 5.93
C ARG J 95 -54.53 53.35 6.17
N LEU J 96 -53.73 53.12 5.12
CA LEU J 96 -52.50 52.33 5.21
C LEU J 96 -51.25 53.11 4.83
N ARG J 97 -50.13 52.80 5.51
CA ARG J 97 -48.81 53.39 5.22
C ARG J 97 -47.73 52.35 5.34
N TRP J 98 -46.90 52.28 4.30
CA TRP J 98 -45.71 51.42 4.20
C TRP J 98 -44.42 52.20 4.31
N SER J 99 -43.42 51.58 4.92
CA SER J 99 -42.06 52.06 5.03
C SER J 99 -41.37 51.63 3.70
N PRO J 100 -40.17 52.15 3.38
CA PRO J 100 -39.51 51.76 2.11
C PRO J 100 -39.22 50.26 2.05
N GLN J 101 -39.41 49.68 0.86
CA GLN J 101 -39.23 48.24 0.64
C GLN J 101 -37.76 47.87 0.56
N PRO J 102 -37.28 46.79 1.19
CA PRO J 102 -35.86 46.45 1.01
C PRO J 102 -35.62 45.70 -0.30
N ILE J 103 -34.40 45.87 -0.86
CA ILE J 103 -33.96 45.18 -2.07
C ILE J 103 -33.69 43.72 -1.64
N PRO J 104 -34.35 42.71 -2.25
CA PRO J 104 -34.11 41.32 -1.82
C PRO J 104 -32.71 40.80 -2.15
N ALA J 105 -32.19 39.85 -1.34
CA ALA J 105 -30.84 39.31 -1.57
C ALA J 105 -30.81 38.42 -2.83
N GLU J 106 -31.89 37.65 -3.11
CA GLU J 106 -31.97 36.76 -4.27
C GLU J 106 -31.83 37.45 -5.65
N PRO J 107 -31.19 36.80 -6.66
CA PRO J 107 -31.03 37.45 -7.98
C PRO J 107 -32.39 37.85 -8.52
N THR J 108 -32.53 39.12 -8.87
CA THR J 108 -33.82 39.64 -9.30
C THR J 108 -33.62 40.75 -10.31
N ASP J 109 -34.02 40.53 -11.57
CA ASP J 109 -33.92 41.58 -12.59
C ASP J 109 -35.18 42.50 -12.46
N PHE J 110 -35.30 43.48 -13.32
CA PHE J 110 -36.42 44.44 -13.24
C PHE J 110 -37.81 43.80 -13.22
N ILE J 111 -38.05 42.82 -14.11
CA ILE J 111 -39.37 42.18 -14.21
C ILE J 111 -39.72 41.25 -13.08
N GLU J 112 -38.69 40.66 -12.46
CA GLU J 112 -38.84 39.72 -11.35
C GLU J 112 -39.05 40.45 -10.04
N GLY J 113 -38.74 41.74 -10.04
CA GLY J 113 -38.74 42.57 -8.85
C GLY J 113 -39.96 43.39 -8.54
N TRP J 114 -41.06 43.19 -9.29
CA TRP J 114 -42.30 43.94 -9.05
C TRP J 114 -42.99 43.38 -7.81
N LEU J 115 -43.27 44.25 -6.85
CA LEU J 115 -44.02 43.89 -5.66
C LEU J 115 -45.43 44.46 -5.78
N PRO J 116 -46.46 43.62 -5.94
CA PRO J 116 -47.81 44.19 -6.05
C PRO J 116 -48.19 44.92 -4.76
N MET J 117 -48.55 46.21 -4.86
CA MET J 117 -48.97 47.02 -3.73
C MET J 117 -50.50 47.04 -3.58
N ALA J 118 -51.21 47.57 -4.57
CA ALA J 118 -52.67 47.64 -4.60
C ALA J 118 -53.09 47.72 -6.06
N ALA J 119 -54.24 47.14 -6.39
CA ALA J 119 -54.75 47.14 -7.75
C ALA J 119 -56.28 47.22 -7.79
N ASN J 120 -56.80 47.73 -8.91
CA ASN J 120 -58.23 47.80 -9.11
C ASN J 120 -58.85 46.39 -9.30
N ALA J 121 -58.07 45.42 -9.87
CA ALA J 121 -58.57 44.04 -10.10
C ALA J 121 -57.47 42.98 -9.96
N GLY J 122 -57.86 41.70 -9.84
CA GLY J 122 -56.91 40.61 -9.77
C GLY J 122 -56.13 40.53 -11.06
N ALA J 123 -54.83 40.14 -10.98
CA ALA J 123 -53.86 40.03 -12.10
C ALA J 123 -54.37 39.35 -13.38
N GLU J 124 -55.17 38.28 -13.23
CA GLU J 124 -55.75 37.47 -14.32
C GLU J 124 -56.88 38.15 -15.12
N LYS J 125 -57.50 39.20 -14.54
CA LYS J 125 -58.58 39.99 -15.15
C LYS J 125 -58.12 41.47 -15.06
N PRO J 126 -57.02 41.90 -15.75
CA PRO J 126 -56.55 43.29 -15.61
C PRO J 126 -57.56 44.33 -16.07
N ALA J 127 -57.78 45.35 -15.22
CA ALA J 127 -58.70 46.45 -15.48
C ALA J 127 -58.25 47.66 -14.65
N GLY J 128 -58.51 48.86 -15.16
CA GLY J 128 -58.14 50.08 -14.46
C GLY J 128 -56.64 50.22 -14.35
N VAL J 129 -56.12 50.21 -13.09
CA VAL J 129 -54.69 50.37 -12.75
C VAL J 129 -54.19 49.30 -11.71
N SER J 130 -52.91 48.87 -11.88
CA SER J 130 -52.24 47.97 -10.93
C SER J 130 -50.98 48.75 -10.50
N ILE J 131 -50.75 48.87 -9.19
CA ILE J 131 -49.60 49.58 -8.60
C ILE J 131 -48.57 48.62 -8.00
N TYR J 132 -47.28 48.90 -8.29
CA TYR J 132 -46.16 48.10 -7.78
C TYR J 132 -44.99 48.97 -7.32
N ILE J 133 -44.11 48.34 -6.53
CA ILE J 133 -42.82 48.88 -6.14
C ILE J 133 -41.83 47.85 -6.71
N TYR J 134 -40.92 48.28 -7.60
CA TYR J 134 -39.92 47.37 -8.15
C TYR J 134 -38.65 47.45 -7.35
N ARG J 135 -37.99 46.31 -7.14
CA ARG J 135 -36.70 46.26 -6.45
C ARG J 135 -35.89 45.25 -7.26
N ALA J 136 -34.73 45.68 -7.77
CA ALA J 136 -33.88 44.83 -8.61
C ALA J 136 -32.42 45.01 -8.26
N ASN J 137 -31.67 43.90 -8.35
CA ASN J 137 -30.26 43.90 -8.04
C ASN J 137 -29.36 43.47 -9.22
N ARG J 138 -29.96 43.32 -10.41
CA ARG J 138 -29.21 42.92 -11.59
C ARG J 138 -29.89 43.41 -12.85
N SER J 139 -29.09 43.64 -13.89
CA SER J 139 -29.61 44.03 -15.18
C SER J 139 -30.33 42.86 -15.83
N MET J 140 -31.27 43.14 -16.71
CA MET J 140 -32.04 42.15 -17.45
C MET J 140 -31.19 41.52 -18.56
N GLU J 141 -31.15 40.16 -18.63
CA GLU J 141 -30.43 39.38 -19.63
C GLU J 141 -31.44 38.67 -20.51
N ARG J 142 -32.42 39.46 -21.01
CA ARG J 142 -33.53 39.01 -21.82
C ARG J 142 -34.32 40.24 -22.25
N VAL J 143 -35.35 40.04 -23.12
CA VAL J 143 -36.18 41.14 -23.58
C VAL J 143 -37.61 40.85 -23.13
N PHE J 144 -38.35 41.90 -22.74
CA PHE J 144 -39.73 41.79 -22.25
C PHE J 144 -40.73 42.75 -22.91
N PHE J 145 -42.01 42.34 -22.91
CA PHE J 145 -43.13 43.18 -23.34
C PHE J 145 -44.34 42.87 -22.45
N ASN J 146 -45.14 43.88 -22.12
CA ASN J 146 -46.28 43.70 -21.23
C ASN J 146 -47.50 43.74 -22.09
N ALA J 147 -48.19 42.60 -22.15
CA ALA J 147 -49.39 42.54 -22.99
C ALA J 147 -50.62 43.16 -22.27
N ASP J 148 -50.54 43.32 -20.91
CA ASP J 148 -51.65 43.79 -20.04
C ASP J 148 -51.85 45.32 -19.92
N GLY J 149 -50.84 46.11 -20.26
CA GLY J 149 -50.99 47.56 -20.21
C GLY J 149 -49.71 48.35 -20.43
N GLU J 150 -49.87 49.69 -20.41
CA GLU J 150 -48.80 50.66 -20.58
C GLU J 150 -48.11 50.79 -19.23
N LEU J 151 -46.77 50.97 -19.23
CA LEU J 151 -46.07 51.07 -17.97
C LEU J 151 -45.55 52.47 -17.67
N LEU J 152 -45.96 53.05 -16.53
CA LEU J 152 -45.46 54.35 -16.05
C LEU J 152 -44.46 54.03 -14.92
N LEU J 153 -43.17 54.29 -15.18
CA LEU J 153 -42.02 54.02 -14.28
C LEU J 153 -41.65 55.29 -13.54
N VAL J 154 -41.52 55.18 -12.20
CA VAL J 154 -41.22 56.31 -11.34
C VAL J 154 -39.97 55.94 -10.48
N PRO J 155 -38.74 56.15 -11.04
CA PRO J 155 -37.53 55.84 -10.30
C PRO J 155 -37.40 56.61 -8.99
N GLU J 156 -36.85 55.91 -7.97
CA GLU J 156 -36.69 56.49 -6.65
C GLU J 156 -35.24 56.36 -6.19
N GLN J 157 -34.62 55.19 -6.45
CA GLN J 157 -33.22 54.96 -6.15
C GLN J 157 -32.62 54.24 -7.34
N GLY J 158 -31.58 54.82 -7.94
CA GLY J 158 -30.86 54.21 -9.04
C GLY J 158 -31.31 54.61 -10.44
N ARG J 159 -30.33 54.71 -11.32
CA ARG J 159 -30.54 55.05 -12.73
C ARG J 159 -30.80 53.81 -13.60
N LEU J 160 -31.76 53.93 -14.53
CA LEU J 160 -32.08 52.82 -15.44
C LEU J 160 -31.67 53.18 -16.85
N ARG J 161 -31.04 52.23 -17.56
CA ARG J 161 -30.74 52.36 -18.98
C ARG J 161 -31.80 51.43 -19.62
N ILE J 162 -32.76 52.01 -20.37
CA ILE J 162 -33.85 51.24 -20.96
C ILE J 162 -33.71 51.19 -22.46
N ALA J 163 -33.32 50.03 -22.95
CA ALA J 163 -33.15 49.75 -24.37
C ALA J 163 -34.49 49.19 -24.92
N THR J 164 -35.19 50.01 -25.73
CA THR J 164 -36.47 49.69 -26.39
C THR J 164 -36.28 49.42 -27.88
N GLU J 165 -37.36 48.95 -28.51
CA GLU J 165 -37.40 48.71 -29.96
C GLU J 165 -37.14 49.99 -30.72
N LEU J 166 -37.56 51.15 -30.16
CA LEU J 166 -37.48 52.46 -30.78
C LEU J 166 -36.23 53.24 -30.41
N GLY J 167 -35.43 52.65 -29.54
CA GLY J 167 -34.20 53.27 -29.06
C GLY J 167 -33.97 53.17 -27.58
N VAL J 168 -32.83 53.73 -27.17
CA VAL J 168 -32.38 53.71 -25.79
C VAL J 168 -32.63 55.01 -25.06
N MET J 169 -33.17 54.91 -23.85
CA MET J 169 -33.37 56.02 -22.93
C MET J 169 -32.82 55.69 -21.53
N GLU J 170 -32.27 56.70 -20.87
CA GLU J 170 -31.78 56.61 -19.51
C GLU J 170 -32.70 57.45 -18.65
N VAL J 171 -33.10 56.89 -17.52
CA VAL J 171 -34.02 57.56 -16.61
C VAL J 171 -33.43 57.50 -15.21
N GLU J 172 -33.46 58.61 -14.51
CA GLU J 172 -32.93 58.71 -13.17
C GLU J 172 -34.05 59.18 -12.26
N PRO J 173 -33.91 59.03 -10.91
CA PRO J 173 -34.95 59.60 -10.04
C PRO J 173 -35.14 61.07 -10.34
N LEU J 174 -36.41 61.49 -10.38
CA LEU J 174 -36.88 62.84 -10.69
C LEU J 174 -37.27 62.93 -12.14
N GLU J 175 -37.15 61.81 -12.86
CA GLU J 175 -37.61 61.68 -14.22
C GLU J 175 -38.64 60.57 -14.17
N ILE J 176 -39.54 60.55 -15.10
CA ILE J 176 -40.50 59.45 -15.25
C ILE J 176 -40.29 58.89 -16.66
N ALA J 177 -40.70 57.66 -16.89
CA ALA J 177 -40.60 56.99 -18.16
C ALA J 177 -41.86 56.19 -18.40
N VAL J 178 -42.30 56.15 -19.64
CA VAL J 178 -43.48 55.44 -20.08
C VAL J 178 -43.12 54.48 -21.23
N ILE J 179 -43.59 53.23 -21.13
CA ILE J 179 -43.37 52.25 -22.19
C ILE J 179 -44.76 51.76 -22.63
N PRO J 180 -45.14 51.94 -23.91
CA PRO J 180 -46.47 51.50 -24.37
C PRO J 180 -46.68 50.00 -24.26
N ARG J 181 -47.95 49.57 -24.21
CA ARG J 181 -48.32 48.16 -24.18
C ARG J 181 -47.72 47.43 -25.38
N GLY J 182 -47.16 46.25 -25.12
CA GLY J 182 -46.64 45.34 -26.12
C GLY J 182 -45.30 45.68 -26.71
N MET J 183 -44.71 46.81 -26.28
CA MET J 183 -43.41 47.22 -26.76
C MET J 183 -42.32 46.53 -26.00
N LYS J 184 -41.35 45.99 -26.76
CA LYS J 184 -40.23 45.24 -26.23
C LYS J 184 -39.12 46.11 -25.69
N PHE J 185 -38.59 45.73 -24.50
CA PHE J 185 -37.52 46.50 -23.85
C PHE J 185 -36.68 45.65 -22.90
N ARG J 186 -35.51 46.20 -22.52
CA ARG J 186 -34.56 45.57 -21.63
C ARG J 186 -34.13 46.65 -20.64
N VAL J 187 -34.15 46.33 -19.34
CA VAL J 187 -33.76 47.32 -18.30
C VAL J 187 -32.39 46.95 -17.70
N GLU J 188 -31.38 47.77 -17.96
CA GLU J 188 -30.03 47.67 -17.41
C GLU J 188 -29.93 48.61 -16.20
N LEU J 189 -29.23 48.19 -15.13
CA LEU J 189 -29.08 49.01 -13.93
C LEU J 189 -27.68 49.65 -13.93
N LEU J 190 -27.60 50.99 -13.98
CA LEU J 190 -26.31 51.69 -14.01
C LEU J 190 -25.62 51.79 -12.64
N ASP J 191 -26.42 51.71 -11.55
CA ASP J 191 -25.95 51.85 -10.19
C ASP J 191 -26.01 50.55 -9.38
N GLY J 192 -26.04 49.42 -10.09
CA GLY J 192 -25.98 48.09 -9.47
C GLY J 192 -27.30 47.58 -8.94
N GLN J 193 -28.08 48.45 -8.31
CA GLN J 193 -29.40 48.13 -7.77
C GLN J 193 -30.35 49.25 -8.06
N ALA J 194 -31.66 48.97 -8.08
CA ALA J 194 -32.66 50.01 -8.32
C ALA J 194 -33.95 49.74 -7.61
N ARG J 195 -34.63 50.81 -7.22
CA ARG J 195 -35.95 50.75 -6.58
C ARG J 195 -36.83 51.91 -7.05
N GLY J 196 -38.14 51.66 -7.20
CA GLY J 196 -39.08 52.69 -7.62
C GLY J 196 -40.51 52.22 -7.66
N TYR J 197 -41.34 53.03 -8.28
CA TYR J 197 -42.78 52.75 -8.32
C TYR J 197 -43.23 52.49 -9.74
N ILE J 198 -44.36 51.77 -9.90
CA ILE J 198 -44.92 51.53 -11.22
C ILE J 198 -46.42 51.66 -11.11
N ALA J 199 -47.03 52.32 -12.08
CA ALA J 199 -48.47 52.37 -12.27
C ALA J 199 -48.66 51.65 -13.61
N GLU J 200 -49.34 50.53 -13.57
CA GLU J 200 -49.60 49.76 -14.79
C GLU J 200 -50.98 50.16 -15.24
N ASN J 201 -51.06 50.84 -16.37
CA ASN J 201 -52.36 51.31 -16.87
C ASN J 201 -52.96 50.32 -17.87
N HIS J 202 -54.08 49.70 -17.47
CA HIS J 202 -54.85 48.77 -18.28
C HIS J 202 -55.90 49.46 -19.18
N GLY J 203 -56.10 50.78 -18.99
CA GLY J 203 -57.08 51.59 -19.70
C GLY J 203 -56.54 52.43 -20.82
N ALA J 204 -57.26 53.55 -21.15
CA ALA J 204 -56.87 54.45 -22.24
C ALA J 204 -55.48 54.98 -21.96
N PRO J 205 -54.59 55.07 -22.98
CA PRO J 205 -53.22 55.57 -22.71
C PRO J 205 -53.15 56.90 -21.98
N LEU J 206 -52.08 57.06 -21.18
CA LEU J 206 -51.84 58.32 -20.48
C LEU J 206 -51.60 59.44 -21.52
N ARG J 207 -52.07 60.62 -21.19
CA ARG J 207 -51.83 61.80 -22.02
C ARG J 207 -51.88 63.06 -21.19
N LEU J 208 -51.55 64.18 -21.84
CA LEU J 208 -51.52 65.48 -21.21
C LEU J 208 -52.94 65.93 -20.84
N PRO J 209 -53.14 66.49 -19.63
CA PRO J 209 -54.51 66.84 -19.24
C PRO J 209 -55.04 68.02 -20.04
N ASP J 210 -56.38 68.14 -20.16
CA ASP J 210 -57.02 69.29 -20.80
C ASP J 210 -56.69 70.40 -19.80
N LEU J 211 -56.28 71.60 -20.29
CA LEU J 211 -55.77 72.67 -19.40
C LEU J 211 -56.76 73.65 -18.81
N GLY J 212 -57.96 73.68 -19.36
CA GLY J 212 -58.99 74.60 -18.92
C GLY J 212 -58.53 76.04 -19.04
N PRO J 213 -58.78 76.84 -17.99
CA PRO J 213 -58.32 78.27 -17.99
C PRO J 213 -56.79 78.43 -18.01
N ILE J 214 -56.02 77.38 -17.70
CA ILE J 214 -54.54 77.49 -17.77
C ILE J 214 -54.16 77.75 -19.23
N GLY J 215 -55.04 77.32 -20.14
CA GLY J 215 -54.89 77.60 -21.56
C GLY J 215 -54.07 76.65 -22.38
N SER J 216 -53.00 77.22 -22.98
CA SER J 216 -52.18 76.61 -24.00
C SER J 216 -50.73 76.37 -23.63
N ASN J 217 -50.35 76.75 -22.40
CA ASN J 217 -49.02 76.58 -21.83
C ASN J 217 -49.16 76.26 -20.35
N GLY J 218 -48.15 75.65 -19.75
CA GLY J 218 -48.18 75.37 -18.32
C GLY J 218 -48.26 73.89 -17.99
N LEU J 219 -48.18 73.57 -16.68
CA LEU J 219 -48.17 72.18 -16.20
C LEU J 219 -47.01 71.46 -16.91
N ALA J 220 -47.21 70.26 -17.46
CA ALA J 220 -46.11 69.64 -18.16
C ALA J 220 -46.11 70.11 -19.64
N ASN J 221 -45.07 70.86 -20.04
CA ASN J 221 -44.99 71.37 -21.41
C ASN J 221 -44.61 70.21 -22.40
N PRO J 222 -45.36 70.04 -23.53
CA PRO J 222 -45.08 68.91 -24.45
C PRO J 222 -43.64 68.82 -25.00
N ARG J 223 -42.95 69.97 -25.12
CA ARG J 223 -41.57 70.07 -25.61
C ARG J 223 -40.62 69.25 -24.72
N ASP J 224 -41.02 69.05 -23.45
CA ASP J 224 -40.22 68.30 -22.47
C ASP J 224 -40.34 66.77 -22.51
N PHE J 225 -41.26 66.23 -23.34
CA PHE J 225 -41.45 64.77 -23.47
C PHE J 225 -40.51 64.20 -24.53
N LEU J 226 -39.48 63.46 -24.08
CA LEU J 226 -38.42 62.99 -24.98
C LEU J 226 -38.49 61.55 -25.36
N THR J 227 -38.31 61.28 -26.67
CA THR J 227 -38.35 59.95 -27.25
C THR J 227 -36.98 59.54 -27.84
N PRO J 228 -36.54 58.28 -27.63
CA PRO J 228 -35.22 57.88 -28.14
C PRO J 228 -35.15 57.82 -29.66
N VAL J 229 -33.94 57.86 -30.20
CA VAL J 229 -33.76 57.73 -31.64
C VAL J 229 -33.50 56.26 -31.95
N ALA J 230 -33.85 55.78 -33.15
CA ALA J 230 -33.67 54.38 -33.56
C ALA J 230 -32.31 53.82 -33.23
N HIS J 231 -32.31 52.61 -32.68
CA HIS J 231 -31.09 51.87 -32.35
C HIS J 231 -31.38 50.39 -32.50
N TYR J 232 -30.57 49.69 -33.28
CA TYR J 232 -30.76 48.26 -33.53
C TYR J 232 -29.57 47.44 -33.08
N GLU J 233 -29.82 46.19 -32.66
CA GLU J 233 -28.78 45.23 -32.24
C GLU J 233 -28.71 44.11 -33.27
N GLU J 234 -27.49 43.83 -33.77
CA GLU J 234 -27.23 42.79 -34.79
C GLU J 234 -26.87 41.46 -34.11
N ALA J 235 -26.44 41.53 -32.82
CA ALA J 235 -26.01 40.47 -31.92
C ALA J 235 -26.59 39.08 -32.12
N GLU J 236 -25.71 38.13 -32.49
CA GLU J 236 -26.02 36.71 -32.69
C GLU J 236 -26.14 36.00 -31.34
N GLY J 237 -26.77 34.83 -31.34
CA GLY J 237 -26.94 33.99 -30.16
C GLY J 237 -28.36 33.94 -29.61
N PRO J 238 -28.63 32.96 -28.70
CA PRO J 238 -29.98 32.83 -28.13
C PRO J 238 -30.37 33.97 -27.19
N VAL J 239 -31.57 34.53 -27.37
CA VAL J 239 -32.11 35.61 -26.52
C VAL J 239 -33.51 35.21 -26.04
N GLN J 240 -33.73 35.28 -24.72
CA GLN J 240 -35.07 34.97 -24.17
C GLN J 240 -35.97 36.19 -24.36
N LEU J 241 -37.23 35.95 -24.80
CA LEU J 241 -38.29 36.95 -24.94
C LEU J 241 -39.42 36.54 -23.98
N VAL J 242 -39.67 37.38 -22.99
CA VAL J 242 -40.70 37.15 -21.97
C VAL J 242 -41.85 38.12 -22.19
N GLN J 243 -43.09 37.66 -22.01
CA GLN J 243 -44.23 38.56 -22.03
C GLN J 243 -45.03 38.38 -20.73
N LYS J 244 -45.66 39.47 -20.28
CA LYS J 244 -46.61 39.41 -19.17
C LYS J 244 -47.98 39.31 -19.83
N PHE J 245 -48.70 38.23 -19.54
CA PHE J 245 -50.05 38.03 -20.05
C PHE J 245 -50.95 37.58 -18.94
N LEU J 246 -51.97 38.40 -18.66
CA LEU J 246 -52.97 38.22 -17.59
C LEU J 246 -52.26 37.90 -16.27
N GLY J 247 -51.26 38.72 -15.96
CA GLY J 247 -50.46 38.59 -14.76
C GLY J 247 -49.37 37.53 -14.75
N GLU J 248 -49.21 36.79 -15.85
CA GLU J 248 -48.21 35.71 -15.90
C GLU J 248 -47.07 35.92 -16.86
N HIS J 249 -45.91 35.42 -16.49
CA HIS J 249 -44.72 35.44 -17.34
C HIS J 249 -44.68 34.16 -18.18
N TRP J 250 -44.68 34.37 -19.48
CA TRP J 250 -44.58 33.37 -20.53
C TRP J 250 -43.34 33.75 -21.33
N ALA J 251 -42.56 32.75 -21.73
CA ALA J 251 -41.33 33.00 -22.47
C ALA J 251 -41.06 32.06 -23.59
N CYS J 252 -40.26 32.52 -24.53
CA CYS J 252 -39.72 31.68 -25.61
C CYS J 252 -38.28 32.10 -25.85
N GLU J 253 -37.58 31.33 -26.67
CA GLU J 253 -36.18 31.57 -27.01
C GLU J 253 -36.08 32.01 -28.46
N LEU J 254 -35.33 33.11 -28.74
CA LEU J 254 -35.12 33.54 -30.13
C LEU J 254 -33.67 33.36 -30.49
N GLN J 255 -33.37 33.17 -31.76
CA GLN J 255 -31.98 33.01 -32.19
C GLN J 255 -31.36 34.34 -32.64
N HIS J 256 -32.11 35.43 -32.43
CA HIS J 256 -31.70 36.77 -32.79
C HIS J 256 -32.16 37.80 -31.73
N SER J 257 -31.64 39.03 -31.81
CA SER J 257 -32.09 40.07 -30.89
C SER J 257 -33.43 40.64 -31.38
N PRO J 258 -34.44 40.79 -30.51
CA PRO J 258 -35.72 41.38 -30.96
C PRO J 258 -35.68 42.92 -31.03
N LEU J 259 -34.56 43.52 -30.60
CA LEU J 259 -34.31 44.96 -30.67
C LEU J 259 -33.52 45.23 -31.96
N ASP J 260 -34.12 44.80 -33.09
CA ASP J 260 -33.58 44.83 -34.45
C ASP J 260 -34.31 45.81 -35.38
N VAL J 261 -34.83 46.90 -34.82
CA VAL J 261 -35.54 47.97 -35.54
C VAL J 261 -34.50 48.99 -36.03
N VAL J 262 -34.25 49.02 -37.34
CA VAL J 262 -33.27 49.95 -37.92
C VAL J 262 -33.95 51.31 -38.13
N ALA J 263 -35.27 51.31 -38.42
CA ALA J 263 -35.94 52.58 -38.68
C ALA J 263 -37.38 52.48 -38.22
N TRP J 264 -37.97 53.62 -37.82
CA TRP J 264 -39.38 53.61 -37.41
C TRP J 264 -40.04 54.98 -37.56
N HIS J 265 -41.37 54.99 -37.70
CA HIS J 265 -42.07 56.26 -37.72
C HIS J 265 -43.43 56.07 -37.11
N GLY J 266 -43.93 57.10 -36.43
CA GLY J 266 -45.23 57.00 -35.79
C GLY J 266 -45.29 57.71 -34.46
N SER J 267 -46.33 57.41 -33.71
CA SER J 267 -46.70 58.06 -32.47
C SER J 267 -46.83 57.13 -31.24
N ASN J 268 -46.66 55.81 -31.39
CA ASN J 268 -46.75 54.90 -30.24
C ASN J 268 -45.34 54.67 -29.79
N VAL J 269 -44.87 55.61 -28.95
CA VAL J 269 -43.48 55.66 -28.56
C VAL J 269 -43.21 55.63 -27.04
N PRO J 270 -42.05 55.08 -26.65
CA PRO J 270 -41.61 55.24 -25.25
C PRO J 270 -41.12 56.69 -25.11
N TYR J 271 -41.24 57.25 -23.91
CA TYR J 271 -40.80 58.62 -23.68
C TYR J 271 -40.43 58.77 -22.24
N LYS J 272 -39.64 59.82 -21.95
CA LYS J 272 -39.28 60.19 -20.60
C LYS J 272 -39.62 61.65 -20.37
N TYR J 273 -39.74 62.03 -19.09
CA TYR J 273 -40.04 63.41 -18.74
C TYR J 273 -39.35 63.78 -17.47
N ASP J 274 -38.73 64.99 -17.42
CA ASP J 274 -38.01 65.42 -16.23
C ASP J 274 -38.99 66.24 -15.43
N LEU J 275 -39.30 65.77 -14.22
CA LEU J 275 -40.25 66.41 -13.31
C LEU J 275 -39.79 67.79 -12.87
N ARG J 276 -38.47 68.01 -12.90
CA ARG J 276 -37.93 69.32 -12.54
C ARG J 276 -38.37 70.44 -13.52
N ARG J 277 -38.88 70.05 -14.72
CA ARG J 277 -39.33 71.03 -15.72
C ARG J 277 -40.80 71.40 -15.56
N PHE J 278 -41.51 70.76 -14.61
CA PHE J 278 -42.95 71.01 -14.47
C PHE J 278 -43.28 72.48 -14.17
N ASN J 279 -44.12 73.10 -15.02
CA ASN J 279 -44.53 74.51 -14.88
C ASN J 279 -45.66 74.55 -13.88
N THR J 280 -45.27 74.51 -12.60
CA THR J 280 -46.18 74.41 -11.46
C THR J 280 -47.03 75.65 -11.35
N ILE J 281 -48.34 75.41 -11.29
CA ILE J 281 -49.42 76.42 -11.19
CA ILE J 281 -49.37 76.44 -11.16
C ILE J 281 -50.06 76.25 -9.81
N GLY J 282 -50.39 77.36 -9.16
CA GLY J 282 -51.01 77.31 -7.85
C GLY J 282 -51.57 78.65 -7.44
N THR J 283 -51.91 78.80 -6.14
CA THR J 283 -52.50 80.03 -5.69
C THR J 283 -51.52 81.20 -5.62
N VAL J 284 -51.98 82.35 -6.12
CA VAL J 284 -51.23 83.61 -6.06
C VAL J 284 -52.04 84.60 -5.19
N SER J 285 -53.01 84.08 -4.42
CA SER J 285 -53.88 84.93 -3.58
C SER J 285 -54.04 84.31 -2.20
N PHE J 286 -54.92 83.32 -2.08
CA PHE J 286 -55.23 82.63 -0.85
C PHE J 286 -55.68 81.22 -1.16
N ASP J 287 -56.16 80.54 -0.11
CA ASP J 287 -56.71 79.21 -0.15
C ASP J 287 -55.73 78.14 -0.58
N HIS J 288 -56.23 76.92 -0.76
CA HIS J 288 -55.39 75.77 -1.11
C HIS J 288 -56.02 75.05 -2.32
N PRO J 289 -55.41 75.24 -3.50
CA PRO J 289 -55.93 74.61 -4.73
C PRO J 289 -56.01 73.08 -4.69
N ASP J 290 -57.01 72.54 -5.38
CA ASP J 290 -57.24 71.09 -5.48
C ASP J 290 -56.00 70.45 -6.11
N PRO J 291 -55.52 69.28 -5.60
CA PRO J 291 -54.30 68.70 -6.13
C PRO J 291 -54.35 68.20 -7.56
N SER J 292 -55.52 68.23 -8.21
CA SER J 292 -55.64 67.91 -9.65
C SER J 292 -54.81 68.98 -10.43
N ILE J 293 -54.61 70.16 -9.80
CA ILE J 293 -53.83 71.25 -10.39
C ILE J 293 -52.36 70.85 -10.71
N PHE J 294 -51.84 69.83 -10.03
CA PHE J 294 -50.47 69.34 -10.25
C PHE J 294 -50.42 68.13 -11.21
N THR J 295 -51.48 67.90 -12.01
CA THR J 295 -51.53 66.76 -12.93
C THR J 295 -50.44 66.86 -14.03
N VAL J 296 -49.64 65.78 -14.18
CA VAL J 296 -48.58 65.61 -15.20
C VAL J 296 -49.19 64.83 -16.39
N LEU J 297 -49.84 63.70 -16.08
CA LEU J 297 -50.44 62.82 -17.09
C LEU J 297 -51.72 62.24 -16.51
N THR J 298 -52.71 61.97 -17.38
CA THR J 298 -54.01 61.41 -16.99
C THR J 298 -54.44 60.27 -17.96
N SER J 299 -55.12 59.25 -17.43
CA SER J 299 -55.71 58.18 -18.24
C SER J 299 -57.20 58.42 -18.08
N PRO J 300 -57.93 58.80 -19.16
CA PRO J 300 -59.39 59.05 -19.00
C PRO J 300 -60.21 57.74 -19.03
N THR J 301 -61.53 57.86 -18.71
CA THR J 301 -62.49 56.79 -18.86
C THR J 301 -63.52 57.30 -19.87
N SER J 302 -64.57 56.49 -20.12
CA SER J 302 -65.64 56.87 -21.01
C SER J 302 -66.52 57.97 -20.35
N VAL J 303 -66.40 58.16 -19.00
CA VAL J 303 -67.12 59.20 -18.24
C VAL J 303 -66.30 60.48 -18.16
N HIS J 304 -66.78 61.56 -18.80
CA HIS J 304 -66.09 62.84 -18.86
C HIS J 304 -65.78 63.39 -17.48
N GLY J 305 -64.53 63.77 -17.27
CA GLY J 305 -64.05 64.32 -16.02
C GLY J 305 -63.63 63.32 -14.95
N MET J 306 -63.93 62.02 -15.17
CA MET J 306 -63.53 60.96 -14.26
C MET J 306 -62.43 60.14 -14.85
N ALA J 307 -61.21 60.38 -14.37
CA ALA J 307 -60.02 59.68 -14.84
C ALA J 307 -59.99 58.25 -14.39
N ASN J 308 -59.42 57.38 -15.25
CA ASN J 308 -59.07 56.03 -14.84
C ASN J 308 -57.96 56.28 -13.76
N MET J 309 -56.93 57.04 -14.09
CA MET J 309 -55.92 57.46 -13.12
C MET J 309 -55.40 58.87 -13.44
N ASP J 310 -54.90 59.56 -12.43
CA ASP J 310 -54.28 60.86 -12.59
C ASP J 310 -52.93 60.67 -11.93
N PHE J 311 -51.85 61.16 -12.60
CA PHE J 311 -50.49 61.16 -12.09
C PHE J 311 -50.25 62.63 -11.71
N VAL J 312 -50.25 62.89 -10.42
CA VAL J 312 -50.15 64.22 -9.80
C VAL J 312 -48.84 64.33 -9.04
N ILE J 313 -48.16 65.48 -9.09
CA ILE J 313 -46.91 65.63 -8.33
C ILE J 313 -47.00 66.78 -7.29
N PHE J 314 -46.13 66.76 -6.28
CA PHE J 314 -46.07 67.82 -5.25
C PHE J 314 -44.63 68.31 -5.26
N PRO J 315 -44.31 69.25 -6.17
CA PRO J 315 -42.91 69.62 -6.39
C PRO J 315 -42.48 70.90 -5.70
N PRO J 316 -41.19 71.32 -5.80
CA PRO J 316 -40.78 72.60 -5.20
C PRO J 316 -41.66 73.71 -5.75
N ARG J 317 -42.23 74.53 -4.86
CA ARG J 317 -43.22 75.53 -5.23
C ARG J 317 -43.31 76.67 -4.24
N TRP J 318 -43.64 77.88 -4.72
CA TRP J 318 -43.81 78.97 -3.80
C TRP J 318 -45.16 78.85 -3.09
N MET J 319 -45.16 79.08 -1.76
CA MET J 319 -46.39 79.07 -0.97
C MET J 319 -46.60 80.54 -0.58
N VAL J 320 -47.64 81.17 -1.14
CA VAL J 320 -47.87 82.60 -0.90
C VAL J 320 -49.24 82.94 -0.34
N ALA J 321 -50.12 81.94 -0.21
CA ALA J 321 -51.50 82.12 0.26
C ALA J 321 -51.56 82.89 1.58
N GLU J 322 -52.30 84.00 1.57
CA GLU J 322 -52.45 84.93 2.71
C GLU J 322 -53.66 84.58 3.53
N ASN J 323 -53.51 84.55 4.86
CA ASN J 323 -54.60 84.27 5.81
C ASN J 323 -55.32 82.95 5.51
N THR J 324 -54.53 81.89 5.26
CA THR J 324 -55.00 80.55 4.91
C THR J 324 -54.19 79.45 5.51
N PHE J 325 -54.88 78.37 5.82
CA PHE J 325 -54.28 77.11 6.23
C PHE J 325 -53.60 76.63 4.94
N ARG J 326 -52.27 76.67 4.91
CA ARG J 326 -51.46 76.28 3.74
C ARG J 326 -51.38 74.79 3.44
N PRO J 327 -51.29 73.89 4.45
CA PRO J 327 -51.20 72.45 4.14
C PRO J 327 -52.51 71.91 3.55
N PRO J 328 -52.54 70.71 2.91
CA PRO J 328 -53.82 70.20 2.37
C PRO J 328 -54.91 70.23 3.43
N TRP J 329 -56.14 70.56 3.04
CA TRP J 329 -57.28 70.57 3.94
C TRP J 329 -57.64 69.12 4.33
N PHE J 330 -58.39 68.95 5.43
CA PHE J 330 -58.94 67.64 5.77
C PHE J 330 -59.84 67.22 4.58
N HIS J 331 -59.90 65.91 4.27
CA HIS J 331 -60.56 65.41 3.06
C HIS J 331 -61.16 64.00 3.15
N ARG J 332 -62.28 63.81 2.44
CA ARG J 332 -63.01 62.56 2.20
C ARG J 332 -63.34 62.65 0.73
N ASN J 333 -62.93 61.63 -0.03
CA ASN J 333 -62.96 61.69 -1.49
C ASN J 333 -63.56 60.43 -2.10
N LEU J 334 -64.25 60.60 -3.25
CA LEU J 334 -64.75 59.46 -4.00
C LEU J 334 -63.55 58.67 -4.58
N MET J 335 -62.52 59.38 -5.07
CA MET J 335 -61.34 58.78 -5.65
C MET J 335 -60.43 58.13 -4.59
N ASN J 336 -59.48 57.32 -5.05
CA ASN J 336 -58.57 56.50 -4.23
C ASN J 336 -57.18 57.06 -4.40
N GLU J 337 -56.59 57.49 -3.27
CA GLU J 337 -55.31 58.19 -3.24
C GLU J 337 -54.16 57.31 -2.78
N PHE J 338 -53.27 56.99 -3.74
CA PHE J 338 -52.09 56.23 -3.44
C PHE J 338 -50.92 57.19 -3.55
N MET J 339 -50.20 57.46 -2.43
CA MET J 339 -49.07 58.40 -2.45
CA MET J 339 -49.07 58.40 -2.45
C MET J 339 -47.72 57.71 -2.34
N GLY J 340 -46.71 58.31 -3.00
CA GLY J 340 -45.34 57.85 -3.01
C GLY J 340 -44.41 59.04 -2.84
N LEU J 341 -43.11 58.76 -2.63
CA LEU J 341 -42.09 59.77 -2.39
C LEU J 341 -40.78 59.41 -3.05
N ILE J 342 -40.35 60.33 -3.88
CA ILE J 342 -39.14 60.24 -4.68
C ILE J 342 -37.97 60.79 -3.90
N ASN J 343 -38.14 61.94 -3.22
CA ASN J 343 -37.11 62.62 -2.43
C ASN J 343 -37.71 63.59 -1.37
N GLY J 344 -36.92 63.88 -0.35
CA GLY J 344 -37.32 64.83 0.68
C GLY J 344 -38.48 64.42 1.56
N ALA J 345 -39.28 65.41 1.96
CA ALA J 345 -40.40 65.23 2.88
C ALA J 345 -41.65 65.86 2.27
N TYR J 346 -42.83 65.30 2.59
CA TYR J 346 -44.14 65.76 2.10
C TYR J 346 -44.84 66.62 3.16
N ASP J 347 -45.43 67.75 2.73
CA ASP J 347 -46.02 68.78 3.59
C ASP J 347 -47.22 68.48 4.51
N ALA J 348 -47.92 67.34 4.33
CA ALA J 348 -49.08 67.02 5.17
C ALA J 348 -48.70 66.10 6.34
N LYS J 349 -47.47 65.57 6.36
CA LYS J 349 -47.04 64.60 7.35
C LYS J 349 -45.66 64.89 7.92
N ALA J 350 -45.55 64.93 9.25
CA ALA J 350 -44.33 65.19 10.01
C ALA J 350 -43.39 63.98 10.06
N GLU J 351 -43.94 62.75 10.25
CA GLU J 351 -43.13 61.53 10.32
C GLU J 351 -43.75 60.26 9.74
N GLY J 352 -42.89 59.27 9.41
CA GLY J 352 -43.31 57.98 8.88
C GLY J 352 -43.44 57.91 7.37
N PHE J 353 -43.25 59.04 6.63
CA PHE J 353 -43.34 59.01 5.18
C PHE J 353 -41.98 59.36 4.54
N LEU J 354 -41.21 58.33 4.16
CA LEU J 354 -39.85 58.40 3.60
C LEU J 354 -39.81 58.10 2.10
N PRO J 355 -38.68 58.41 1.38
CA PRO J 355 -38.61 58.07 -0.04
C PRO J 355 -38.68 56.56 -0.18
N GLY J 356 -39.54 56.09 -1.08
CA GLY J 356 -39.79 54.65 -1.24
C GLY J 356 -40.95 54.16 -0.39
N GLY J 357 -41.46 55.04 0.47
CA GLY J 357 -42.62 54.76 1.30
C GLY J 357 -43.88 54.95 0.47
N ALA J 358 -45.04 54.58 1.03
CA ALA J 358 -46.27 54.76 0.28
C ALA J 358 -47.43 54.83 1.21
N SER J 359 -48.51 55.48 0.78
CA SER J 359 -49.73 55.56 1.58
C SER J 359 -50.93 55.35 0.71
N LEU J 360 -51.95 54.68 1.28
CA LEU J 360 -53.24 54.44 0.63
C LEU J 360 -54.44 54.94 1.46
N HIS J 361 -55.15 55.97 0.95
CA HIS J 361 -56.39 56.47 1.53
C HIS J 361 -57.50 56.24 0.50
N GLY J 362 -58.22 55.15 0.69
CA GLY J 362 -59.28 54.73 -0.21
C GLY J 362 -60.56 55.50 -0.04
N VAL J 363 -61.52 55.19 -0.93
CA VAL J 363 -62.86 55.78 -1.01
C VAL J 363 -63.35 56.18 0.33
N MET J 364 -63.71 57.44 0.47
CA MET J 364 -64.34 58.02 1.63
C MET J 364 -63.61 57.85 2.96
N SER J 365 -62.29 57.47 2.93
CA SER J 365 -61.52 57.39 4.17
C SER J 365 -61.11 58.80 4.56
N ALA J 366 -61.29 59.14 5.83
CA ALA J 366 -61.01 60.47 6.32
C ALA J 366 -59.52 60.75 6.38
N HIS J 367 -59.06 61.72 5.59
CA HIS J 367 -57.64 62.03 5.65
C HIS J 367 -57.39 63.51 5.87
N GLY J 368 -56.12 63.89 5.84
CA GLY J 368 -55.73 65.25 6.10
C GLY J 368 -54.38 65.31 6.78
N PRO J 369 -53.92 66.54 7.07
CA PRO J 369 -52.62 66.69 7.70
C PRO J 369 -52.63 66.08 9.11
N ASP J 370 -51.51 65.46 9.52
CA ASP J 370 -51.43 64.86 10.86
C ASP J 370 -51.58 65.99 11.88
N ALA J 371 -51.75 65.66 13.16
CA ALA J 371 -51.91 66.65 14.24
C ALA J 371 -50.72 67.64 14.42
N GLU J 372 -49.49 67.20 14.10
CA GLU J 372 -48.30 68.04 14.26
C GLU J 372 -48.25 69.21 13.27
N THR J 373 -48.33 68.93 11.95
CA THR J 373 -48.31 69.93 10.89
C THR J 373 -49.54 70.85 10.92
N CYS J 374 -50.74 70.27 11.13
CA CYS J 374 -52.00 71.01 11.26
C CYS J 374 -51.82 72.11 12.33
N GLU J 375 -51.26 71.74 13.50
CA GLU J 375 -50.98 72.65 14.62
C GLU J 375 -50.07 73.82 14.26
N LYS J 376 -48.91 73.56 13.61
CA LYS J 376 -47.95 74.59 13.21
C LYS J 376 -48.56 75.61 12.23
N ALA J 377 -49.35 75.10 11.26
CA ALA J 377 -50.01 75.86 10.21
C ALA J 377 -51.00 76.90 10.72
N ILE J 378 -51.76 76.57 11.79
CA ILE J 378 -52.75 77.48 12.38
C ILE J 378 -52.10 78.71 13.00
N ALA J 379 -50.95 78.55 13.68
CA ALA J 379 -50.22 79.62 14.38
C ALA J 379 -49.06 80.28 13.61
N ALA J 380 -48.76 79.83 12.38
CA ALA J 380 -47.64 80.34 11.56
C ALA J 380 -47.74 81.80 11.09
N ASP J 381 -46.63 82.57 11.22
CA ASP J 381 -46.62 83.95 10.73
C ASP J 381 -46.43 83.82 9.22
N LEU J 382 -47.53 83.95 8.47
CA LEU J 382 -47.56 83.77 7.01
C LEU J 382 -46.81 84.84 6.24
N ALA J 383 -45.80 84.39 5.51
CA ALA J 383 -44.94 85.17 4.63
C ALA J 383 -44.65 84.28 3.41
N PRO J 384 -44.31 84.81 2.20
CA PRO J 384 -44.00 83.91 1.08
C PRO J 384 -42.94 82.88 1.44
N HIS J 385 -43.26 81.59 1.25
CA HIS J 385 -42.35 80.48 1.58
C HIS J 385 -42.13 79.58 0.38
N LYS J 386 -40.89 79.22 0.13
CA LYS J 386 -40.55 78.35 -0.98
C LYS J 386 -40.29 76.91 -0.51
N ILE J 387 -41.16 76.00 -0.93
CA ILE J 387 -41.04 74.58 -0.64
C ILE J 387 -40.04 74.09 -1.69
N ASP J 388 -38.98 73.37 -1.27
CA ASP J 388 -37.92 72.95 -2.17
C ASP J 388 -37.29 71.61 -1.71
N ASN J 389 -36.45 70.98 -2.57
CA ASN J 389 -35.76 69.71 -2.22
C ASN J 389 -36.73 68.58 -1.79
N THR J 390 -37.77 68.39 -2.56
CA THR J 390 -38.80 67.39 -2.31
C THR J 390 -39.49 67.08 -3.59
N MET J 391 -40.00 65.85 -3.69
CA MET J 391 -40.81 65.43 -4.81
C MET J 391 -41.68 64.26 -4.36
N ALA J 392 -42.94 64.55 -4.05
CA ALA J 392 -43.90 63.52 -3.66
C ALA J 392 -44.87 63.40 -4.82
N PHE J 393 -45.68 62.34 -4.86
CA PHE J 393 -46.62 62.18 -5.96
C PHE J 393 -47.80 61.36 -5.54
N MET J 394 -48.82 61.32 -6.40
CA MET J 394 -50.00 60.51 -6.15
C MET J 394 -50.44 59.83 -7.42
N PHE J 395 -50.90 58.58 -7.28
CA PHE J 395 -51.56 57.81 -8.30
C PHE J 395 -53.01 57.81 -7.84
N GLU J 396 -53.85 58.71 -8.41
CA GLU J 396 -55.25 58.84 -8.00
C GLU J 396 -56.16 58.08 -8.99
N THR J 397 -56.79 56.99 -8.53
CA THR J 397 -57.62 56.12 -9.38
C THR J 397 -59.13 56.23 -9.02
N SER J 398 -60.03 56.08 -10.02
CA SER J 398 -61.51 56.12 -9.79
C SER J 398 -62.03 54.85 -9.13
N GLN J 399 -61.45 53.71 -9.50
CA GLN J 399 -61.78 52.39 -8.98
C GLN J 399 -61.06 52.10 -7.65
N VAL J 400 -61.73 51.42 -6.74
CA VAL J 400 -61.13 51.08 -5.44
C VAL J 400 -59.79 50.33 -5.58
N LEU J 401 -58.77 50.72 -4.80
CA LEU J 401 -57.48 50.03 -4.81
C LEU J 401 -57.45 48.96 -3.73
N ARG J 402 -57.43 47.69 -4.14
CA ARG J 402 -57.39 46.55 -3.25
C ARG J 402 -55.94 46.18 -2.94
N PRO J 403 -55.47 46.40 -1.70
CA PRO J 403 -54.09 46.01 -1.37
C PRO J 403 -53.88 44.51 -1.63
N SER J 404 -52.73 44.12 -2.17
CA SER J 404 -52.45 42.69 -2.38
C SER J 404 -52.21 42.06 -1.00
N LEU J 405 -52.38 40.71 -0.89
CA LEU J 405 -52.12 39.98 0.36
C LEU J 405 -50.67 40.24 0.78
N GLN J 406 -49.74 40.35 -0.20
CA GLN J 406 -48.31 40.61 0.07
C GLN J 406 -48.12 41.97 0.80
N ALA J 407 -48.81 43.00 0.32
CA ALA J 407 -48.77 44.36 0.86
C ALA J 407 -49.36 44.41 2.26
N LEU J 408 -50.40 43.60 2.54
CA LEU J 408 -50.97 43.60 3.89
C LEU J 408 -50.10 42.75 4.87
N GLU J 409 -49.38 41.70 4.35
CA GLU J 409 -48.51 40.80 5.14
C GLU J 409 -47.07 41.31 5.33
N CYS J 410 -46.77 42.42 4.68
CA CYS J 410 -45.52 43.18 4.65
C CYS J 410 -45.00 43.55 6.06
N PRO J 411 -43.69 43.33 6.39
CA PRO J 411 -43.17 43.86 7.67
C PRO J 411 -43.02 45.40 7.58
N GLN J 412 -43.02 45.94 6.34
CA GLN J 412 -42.93 47.39 6.06
C GLN J 412 -44.28 48.10 6.32
N LEU J 413 -45.41 47.33 6.43
CA LEU J 413 -46.71 47.94 6.71
C LEU J 413 -46.72 48.46 8.14
N GLN J 414 -46.89 49.78 8.33
CA GLN J 414 -46.88 50.35 9.67
C GLN J 414 -48.20 50.01 10.42
N ALA J 415 -48.06 49.43 11.62
CA ALA J 415 -49.24 48.99 12.39
C ALA J 415 -50.00 50.11 13.14
N ASP J 416 -49.43 51.32 13.22
CA ASP J 416 -50.03 52.42 13.97
C ASP J 416 -50.09 53.75 13.20
N TYR J 417 -50.51 53.70 11.93
CA TYR J 417 -50.64 54.91 11.09
C TYR J 417 -51.70 55.87 11.66
N ASP J 418 -52.87 55.33 12.13
CA ASP J 418 -53.99 56.12 12.67
C ASP J 418 -53.54 57.09 13.77
N SER J 419 -52.50 56.70 14.58
CA SER J 419 -51.95 57.50 15.68
C SER J 419 -51.48 58.89 15.28
N CYS J 420 -51.11 59.10 13.97
CA CYS J 420 -50.64 60.41 13.49
C CYS J 420 -51.66 61.56 13.61
N TRP J 421 -52.97 61.22 13.65
CA TRP J 421 -54.07 62.18 13.80
C TRP J 421 -54.73 62.10 15.19
N ALA J 422 -54.27 61.17 16.07
CA ALA J 422 -54.91 60.94 17.37
C ALA J 422 -54.92 62.08 18.38
N THR J 423 -53.93 62.98 18.32
CA THR J 423 -53.81 64.13 19.23
C THR J 423 -54.51 65.41 18.73
N LEU J 424 -55.12 65.39 17.54
CA LEU J 424 -55.85 66.57 17.02
C LEU J 424 -56.85 67.10 18.10
N PRO J 425 -56.81 68.40 18.50
CA PRO J 425 -57.70 68.86 19.60
C PRO J 425 -58.98 69.58 19.20
N SER J 426 -59.87 69.82 20.19
CA SER J 426 -61.08 70.60 19.97
C SER J 426 -60.69 72.05 20.26
N THR J 427 -60.84 72.93 19.25
CA THR J 427 -60.47 74.35 19.42
C THR J 427 -61.71 75.26 19.37
N PHE J 428 -62.89 74.62 19.39
CA PHE J 428 -64.21 75.24 19.31
C PHE J 428 -64.63 76.03 20.51
N ASN J 429 -65.03 77.30 20.27
CA ASN J 429 -65.57 78.20 21.26
C ASN J 429 -66.85 78.80 20.66
N PRO J 430 -68.06 78.33 21.06
CA PRO J 430 -69.30 78.86 20.45
C PRO J 430 -69.56 80.35 20.68
N ASN J 431 -68.78 80.97 21.61
CA ASN J 431 -68.88 82.37 22.02
C ASN J 431 -67.95 83.33 21.27
N ARG J 432 -66.86 82.82 20.64
CA ARG J 432 -65.89 83.68 19.94
C ARG J 432 -65.74 83.40 18.44
N ARG J 433 -66.29 84.29 17.61
CA ARG J 433 -66.20 84.22 16.14
C ARG J 433 -64.78 84.62 15.70
N ASP K 8 1.94 -31.80 84.25
CA ASP K 8 2.75 -32.97 83.97
C ASP K 8 1.91 -34.06 83.31
N LEU K 9 2.57 -35.03 82.63
CA LEU K 9 1.84 -36.04 81.85
C LEU K 9 2.26 -37.49 82.08
N HIS K 10 1.27 -38.42 82.10
CA HIS K 10 1.48 -39.85 82.33
C HIS K 10 1.62 -40.57 81.01
N TYR K 11 2.52 -41.56 80.97
CA TYR K 11 2.82 -42.27 79.75
C TYR K 11 2.74 -43.75 79.93
N LEU K 12 2.66 -44.47 78.81
CA LEU K 12 2.69 -45.94 78.75
C LEU K 12 3.99 -46.27 78.01
N SER K 13 4.74 -47.26 78.47
CA SER K 13 6.03 -47.62 77.84
C SER K 13 5.94 -48.96 77.09
N GLY K 14 6.82 -49.14 76.11
CA GLY K 14 6.92 -50.40 75.35
C GLY K 14 6.65 -50.28 73.88
N PHE K 15 7.70 -50.09 73.07
CA PHE K 15 7.56 -49.96 71.60
C PHE K 15 6.86 -51.18 71.00
N GLY K 16 5.83 -50.95 70.21
CA GLY K 16 5.10 -52.01 69.51
C GLY K 16 3.95 -52.65 70.26
N ASN K 17 3.77 -52.29 71.56
CA ASN K 17 2.73 -52.86 72.42
C ASN K 17 1.27 -52.69 71.97
N GLU K 18 0.41 -53.63 72.38
CA GLU K 18 -1.04 -53.51 72.29
C GLU K 18 -1.38 -52.75 73.60
N PHE K 19 -1.51 -51.41 73.51
CA PHE K 19 -1.82 -50.58 74.67
C PHE K 19 -3.32 -50.48 74.90
N ALA K 20 -3.72 -50.17 76.15
CA ALA K 20 -5.13 -49.94 76.45
C ALA K 20 -5.22 -48.75 77.38
N SER K 21 -6.09 -47.76 77.05
CA SER K 21 -6.19 -46.54 77.85
C SER K 21 -7.60 -45.97 77.82
N GLU K 22 -8.07 -45.52 78.97
CA GLU K 22 -9.39 -44.92 79.12
C GLU K 22 -9.35 -43.72 80.08
N ALA K 23 -10.02 -42.61 79.71
CA ALA K 23 -10.09 -41.35 80.47
C ALA K 23 -11.18 -41.42 81.54
N LEU K 24 -12.18 -42.30 81.33
CA LEU K 24 -13.27 -42.58 82.27
C LEU K 24 -13.31 -44.10 82.52
N PRO K 25 -13.69 -44.56 83.75
CA PRO K 25 -13.69 -46.00 84.05
C PRO K 25 -14.61 -46.89 83.19
N GLY K 26 -14.06 -47.95 82.63
CA GLY K 26 -14.82 -48.89 81.79
C GLY K 26 -15.30 -48.34 80.46
N ALA K 27 -14.72 -47.19 80.02
CA ALA K 27 -15.06 -46.56 78.73
C ALA K 27 -14.63 -47.45 77.55
N LEU K 28 -13.69 -48.35 77.82
CA LEU K 28 -13.24 -49.33 76.87
C LEU K 28 -14.20 -50.54 76.95
N PRO K 29 -14.68 -51.12 75.82
CA PRO K 29 -15.59 -52.28 75.90
C PRO K 29 -14.79 -53.51 76.32
N VAL K 30 -15.35 -54.29 77.27
CA VAL K 30 -14.69 -55.48 77.79
C VAL K 30 -15.16 -56.73 77.03
N GLY K 31 -14.22 -57.42 76.40
CA GLY K 31 -14.47 -58.64 75.64
C GLY K 31 -14.74 -58.50 74.15
N GLN K 32 -14.89 -57.26 73.67
CA GLN K 32 -15.18 -57.00 72.27
C GLN K 32 -14.73 -55.59 71.88
N ASN K 33 -14.78 -55.29 70.56
CA ASN K 33 -14.41 -54.00 69.98
C ASN K 33 -15.60 -53.23 69.49
N SER K 34 -16.69 -53.93 69.11
CA SER K 34 -17.84 -53.25 68.54
C SER K 34 -19.18 -53.49 69.28
N PRO K 35 -19.35 -52.99 70.53
CA PRO K 35 -20.65 -53.18 71.21
C PRO K 35 -21.76 -52.38 70.53
N GLN K 36 -23.02 -52.88 70.62
CA GLN K 36 -24.20 -52.23 70.03
C GLN K 36 -24.36 -50.87 70.69
N LYS K 37 -24.19 -50.82 72.01
CA LYS K 37 -24.25 -49.61 72.80
C LYS K 37 -22.93 -49.48 73.53
N ALA K 38 -22.00 -48.72 72.92
CA ALA K 38 -20.68 -48.44 73.43
C ALA K 38 -20.75 -47.72 74.79
N PRO K 39 -19.89 -48.10 75.78
CA PRO K 39 -19.94 -47.42 77.10
C PRO K 39 -19.93 -45.91 77.02
N TYR K 40 -20.75 -45.24 77.84
CA TYR K 40 -20.91 -43.78 77.90
C TYR K 40 -21.53 -43.19 76.65
N GLY K 41 -22.12 -44.03 75.80
CA GLY K 41 -22.74 -43.63 74.53
C GLY K 41 -21.78 -43.10 73.49
N LEU K 42 -20.53 -43.60 73.47
CA LEU K 42 -19.48 -43.19 72.52
C LEU K 42 -19.66 -43.91 71.17
N TYR K 43 -18.74 -43.66 70.21
CA TYR K 43 -18.75 -44.27 68.88
C TYR K 43 -17.46 -45.01 68.72
N ALA K 44 -17.53 -46.29 68.31
CA ALA K 44 -16.33 -47.11 68.05
C ALA K 44 -15.76 -46.74 66.67
N GLU K 45 -14.44 -46.55 66.57
CA GLU K 45 -13.84 -46.19 65.29
C GLU K 45 -12.49 -46.85 65.10
N LEU K 46 -12.30 -47.47 63.93
CA LEU K 46 -11.05 -48.13 63.66
C LEU K 46 -10.12 -47.37 62.75
N LEU K 47 -8.91 -47.09 63.26
CA LEU K 47 -7.81 -46.46 62.55
C LEU K 47 -6.80 -47.57 62.14
N SER K 48 -6.90 -47.99 60.87
CA SER K 48 -6.06 -49.01 60.28
C SER K 48 -4.78 -48.37 59.70
N GLY K 49 -3.67 -48.53 60.41
CA GLY K 49 -2.39 -47.95 59.98
C GLY K 49 -1.70 -48.73 58.88
N THR K 50 -2.06 -50.00 58.72
CA THR K 50 -1.48 -50.88 57.69
C THR K 50 -2.64 -51.63 57.05
N ALA K 51 -2.33 -52.42 55.98
CA ALA K 51 -3.30 -53.31 55.35
C ALA K 51 -3.72 -54.33 56.44
N PHE K 52 -4.96 -54.84 56.34
CA PHE K 52 -5.55 -55.75 57.31
C PHE K 52 -4.79 -57.05 57.39
N THR K 53 -4.10 -57.42 56.30
CA THR K 53 -3.42 -58.70 56.13
C THR K 53 -1.94 -58.75 56.44
N MET K 54 -1.39 -57.68 56.99
CA MET K 54 0.04 -57.75 57.36
C MET K 54 0.24 -58.85 58.40
N ALA K 55 1.46 -59.42 58.47
CA ALA K 55 1.85 -60.35 59.54
C ALA K 55 1.67 -59.47 60.78
N ARG K 56 1.27 -60.05 61.93
CA ARG K 56 1.00 -59.38 63.21
C ARG K 56 2.13 -58.47 63.69
N SER K 57 3.41 -58.92 63.52
CA SER K 57 4.62 -58.19 63.88
C SER K 57 4.67 -56.80 63.25
N GLU K 58 3.98 -56.62 62.10
CA GLU K 58 3.96 -55.34 61.37
C GLU K 58 2.64 -54.63 61.46
N LEU K 59 1.65 -55.27 62.07
CA LEU K 59 0.33 -54.68 62.22
C LEU K 59 0.37 -53.41 63.05
N ARG K 60 -0.40 -52.38 62.64
CA ARG K 60 -0.53 -51.09 63.34
C ARG K 60 -1.97 -50.70 63.19
N ARG K 61 -2.76 -50.89 64.24
CA ARG K 61 -4.19 -50.52 64.21
C ARG K 61 -4.66 -50.16 65.60
N THR K 62 -5.48 -49.11 65.70
CA THR K 62 -6.01 -48.64 66.98
C THR K 62 -7.50 -48.44 66.89
N TRP K 63 -8.21 -48.94 67.90
CA TRP K 63 -9.65 -48.76 68.04
C TRP K 63 -9.81 -47.56 68.92
N LEU K 64 -10.75 -46.69 68.56
CA LEU K 64 -11.08 -45.47 69.29
C LEU K 64 -12.53 -45.50 69.74
N TYR K 65 -12.78 -44.89 70.92
CA TYR K 65 -14.11 -44.72 71.51
C TYR K 65 -14.31 -43.27 71.80
N ARG K 66 -14.97 -42.60 70.82
CA ARG K 66 -15.14 -41.16 70.74
C ARG K 66 -16.57 -40.62 70.77
N ILE K 67 -16.71 -39.35 71.22
CA ILE K 67 -17.95 -38.57 71.28
C ILE K 67 -18.59 -38.41 69.89
N ARG K 68 -17.78 -38.02 68.90
CA ARG K 68 -18.29 -37.85 67.53
C ARG K 68 -17.43 -38.60 66.55
N PRO K 69 -18.03 -39.34 65.59
CA PRO K 69 -17.20 -40.06 64.60
C PRO K 69 -16.49 -39.11 63.65
N SER K 70 -15.24 -39.44 63.20
CA SER K 70 -14.43 -38.60 62.29
C SER K 70 -15.12 -38.28 60.96
N ALA K 71 -16.08 -39.13 60.56
CA ALA K 71 -16.89 -39.00 59.34
C ALA K 71 -17.81 -37.77 59.40
N LEU K 72 -18.05 -37.23 60.60
CA LEU K 72 -18.87 -36.03 60.77
C LEU K 72 -17.98 -34.82 60.42
N HIS K 73 -17.90 -34.52 59.11
CA HIS K 73 -17.16 -33.39 58.59
C HIS K 73 -17.69 -32.85 57.27
N PRO K 74 -17.67 -31.51 57.10
CA PRO K 74 -18.06 -30.95 55.80
C PRO K 74 -16.92 -31.11 54.81
N ARG K 75 -17.20 -30.92 53.51
CA ARG K 75 -16.24 -30.99 52.40
C ARG K 75 -14.97 -30.16 52.69
N PHE K 76 -13.77 -30.73 52.35
CA PHE K 76 -12.48 -30.02 52.48
C PHE K 76 -12.29 -29.11 51.28
N GLU K 77 -11.77 -27.91 51.53
CA GLU K 77 -11.47 -26.90 50.53
C GLU K 77 -9.97 -26.63 50.56
N ARG K 78 -9.39 -26.30 49.40
CA ARG K 78 -7.95 -26.07 49.31
C ARG K 78 -7.59 -24.69 49.91
N LEU K 79 -6.59 -24.65 50.82
CA LEU K 79 -6.15 -23.39 51.42
C LEU K 79 -5.37 -22.55 50.40
N ALA K 80 -5.43 -21.22 50.55
CA ALA K 80 -4.70 -20.28 49.73
C ALA K 80 -3.20 -20.32 50.10
N ARG K 81 -2.84 -20.53 51.36
CA ARG K 81 -1.40 -20.61 51.80
C ARG K 81 -0.86 -22.04 51.56
N GLN K 82 0.16 -22.21 50.78
CA GLN K 82 0.71 -23.51 50.52
C GLN K 82 2.23 -23.56 50.73
N PRO K 83 2.61 -23.94 52.02
CA PRO K 83 4.06 -23.84 52.26
C PRO K 83 4.84 -24.89 51.49
N LEU K 84 4.20 -26.00 51.11
CA LEU K 84 4.90 -27.21 50.58
C LEU K 84 4.69 -27.37 49.10
N GLY K 85 4.10 -26.37 48.49
CA GLY K 85 3.84 -26.40 47.08
C GLY K 85 4.90 -25.89 46.14
N GLY K 86 5.92 -25.27 46.71
CA GLY K 86 7.10 -24.79 45.98
C GLY K 86 7.75 -25.85 45.11
N PRO K 87 8.27 -25.49 43.91
CA PRO K 87 8.87 -26.49 43.03
C PRO K 87 10.14 -27.19 43.54
N LEU K 88 10.50 -28.27 42.84
CA LEU K 88 11.71 -29.02 43.13
C LEU K 88 12.89 -28.23 42.53
N GLY K 89 14.05 -28.37 43.13
CA GLY K 89 15.26 -27.72 42.63
C GLY K 89 15.82 -28.50 41.46
N GLY K 90 16.70 -27.86 40.70
CA GLY K 90 17.33 -28.50 39.55
C GLY K 90 18.37 -29.52 39.94
N ILE K 91 18.71 -30.45 39.02
CA ILE K 91 19.72 -31.50 39.20
C ILE K 91 21.03 -30.86 39.68
N ASN K 92 21.53 -31.28 40.86
CA ASN K 92 22.76 -30.77 41.47
C ASN K 92 23.46 -31.88 42.29
N PRO K 93 24.58 -32.43 41.78
CA PRO K 93 25.28 -33.52 42.50
C PRO K 93 26.25 -33.09 43.62
N ASN K 94 26.46 -31.78 43.73
CA ASN K 94 27.37 -31.22 44.73
C ASN K 94 26.99 -31.48 46.16
N ARG K 95 28.02 -31.47 47.00
CA ARG K 95 27.97 -31.58 48.46
C ARG K 95 27.35 -30.28 48.96
N LEU K 96 26.47 -30.37 49.95
CA LEU K 96 25.77 -29.18 50.40
C LEU K 96 25.81 -29.03 51.89
N ARG K 97 25.95 -27.79 52.36
CA ARG K 97 25.83 -27.44 53.75
C ARG K 97 25.07 -26.09 53.87
N TRP K 98 24.05 -26.07 54.74
CA TRP K 98 23.27 -24.88 55.05
C TRP K 98 23.57 -24.46 56.48
N SER K 99 23.54 -23.16 56.71
CA SER K 99 23.69 -22.60 58.04
C SER K 99 22.32 -22.74 58.76
N PRO K 100 22.20 -22.55 60.09
CA PRO K 100 20.87 -22.69 60.74
C PRO K 100 19.77 -21.85 60.07
N GLN K 101 18.52 -22.35 60.06
CA GLN K 101 17.37 -21.68 59.44
C GLN K 101 16.77 -20.58 60.34
N PRO K 102 16.68 -19.32 59.88
CA PRO K 102 16.06 -18.30 60.75
C PRO K 102 14.53 -18.46 60.80
N ILE K 103 13.90 -17.89 61.83
CA ILE K 103 12.43 -17.91 62.04
C ILE K 103 11.81 -16.78 61.19
N PRO K 104 10.69 -17.01 60.45
CA PRO K 104 10.09 -15.90 59.65
C PRO K 104 9.28 -14.90 60.45
N ALA K 105 9.20 -13.65 59.96
CA ALA K 105 8.47 -12.53 60.57
C ALA K 105 6.95 -12.75 60.61
N GLU K 106 6.36 -13.14 59.45
CA GLU K 106 4.94 -13.43 59.27
C GLU K 106 4.43 -14.53 60.22
N PRO K 107 3.21 -14.36 60.81
CA PRO K 107 2.68 -15.39 61.74
C PRO K 107 2.77 -16.81 61.17
N THR K 108 3.41 -17.72 61.92
CA THR K 108 3.66 -19.08 61.47
C THR K 108 3.49 -20.13 62.57
N ASP K 109 2.43 -20.96 62.48
CA ASP K 109 2.17 -22.04 63.42
C ASP K 109 3.05 -23.24 63.05
N PHE K 110 3.01 -24.36 63.84
CA PHE K 110 3.84 -25.54 63.52
C PHE K 110 3.73 -26.06 62.08
N ILE K 111 2.52 -26.07 61.48
CA ILE K 111 2.38 -26.65 60.13
C ILE K 111 2.71 -25.72 58.97
N GLU K 112 2.58 -24.41 59.20
CA GLU K 112 2.85 -23.39 58.19
C GLU K 112 4.35 -23.19 57.97
N GLY K 113 5.13 -23.50 59.00
CA GLY K 113 6.59 -23.29 59.01
C GLY K 113 7.53 -24.40 58.63
N TRP K 114 7.05 -25.45 57.91
CA TRP K 114 7.95 -26.50 57.42
C TRP K 114 8.67 -25.92 56.19
N LEU K 115 9.98 -26.07 56.14
CA LEU K 115 10.81 -25.59 55.03
C LEU K 115 11.27 -26.87 54.30
N PRO K 116 10.82 -27.12 53.05
CA PRO K 116 11.26 -28.30 52.31
C PRO K 116 12.75 -28.26 52.02
N MET K 117 13.49 -29.21 52.56
CA MET K 117 14.96 -29.28 52.40
C MET K 117 15.38 -30.20 51.26
N ALA K 118 15.03 -31.50 51.36
CA ALA K 118 15.36 -32.51 50.38
C ALA K 118 14.27 -33.58 50.41
N ALA K 119 13.92 -34.11 49.25
CA ALA K 119 12.89 -35.14 49.18
C ALA K 119 13.23 -36.14 48.08
N ASN K 120 12.81 -37.39 48.25
CA ASN K 120 12.97 -38.45 47.24
C ASN K 120 12.10 -38.17 46.01
N ALA K 121 10.93 -37.55 46.21
CA ALA K 121 10.04 -37.28 45.08
C ALA K 121 9.29 -35.95 45.24
N GLY K 122 8.68 -35.50 44.15
CA GLY K 122 7.79 -34.34 44.15
C GLY K 122 6.71 -34.51 45.20
N ALA K 123 6.22 -33.41 45.78
CA ALA K 123 5.21 -33.45 46.86
C ALA K 123 3.87 -34.08 46.44
N GLU K 124 3.49 -33.96 45.15
CA GLU K 124 2.24 -34.50 44.57
C GLU K 124 2.26 -36.03 44.42
N LYS K 125 3.46 -36.66 44.35
CA LYS K 125 3.62 -38.10 44.23
C LYS K 125 4.49 -38.57 45.41
N PRO K 126 3.97 -38.59 46.66
CA PRO K 126 4.83 -38.99 47.79
C PRO K 126 5.31 -40.43 47.68
N ALA K 127 6.64 -40.62 47.85
CA ALA K 127 7.36 -41.91 47.82
C ALA K 127 8.63 -41.73 48.65
N GLY K 128 9.05 -42.79 49.36
CA GLY K 128 10.23 -42.72 50.20
C GLY K 128 10.11 -41.77 51.38
N VAL K 129 10.96 -40.75 51.42
CA VAL K 129 10.97 -39.78 52.52
C VAL K 129 11.11 -38.34 52.01
N SER K 130 10.63 -37.38 52.81
CA SER K 130 10.81 -35.93 52.56
C SER K 130 11.33 -35.32 53.84
N ILE K 131 12.35 -34.45 53.70
CA ILE K 131 13.01 -33.80 54.84
C ILE K 131 12.69 -32.31 54.92
N TYR K 132 12.31 -31.87 56.13
CA TYR K 132 12.00 -30.48 56.42
C TYR K 132 12.78 -29.98 57.65
N ILE K 133 12.74 -28.67 57.86
CA ILE K 133 13.23 -27.95 59.03
C ILE K 133 12.03 -27.09 59.41
N TYR K 134 11.41 -27.36 60.58
CA TYR K 134 10.27 -26.54 60.98
C TYR K 134 10.73 -25.32 61.71
N ARG K 135 10.07 -24.19 61.41
CA ARG K 135 10.30 -22.88 62.02
C ARG K 135 8.91 -22.43 62.44
N ALA K 136 8.70 -22.22 63.73
CA ALA K 136 7.38 -21.81 64.21
C ALA K 136 7.47 -20.64 65.19
N ASN K 137 6.46 -19.76 65.18
CA ASN K 137 6.41 -18.60 66.06
C ASN K 137 5.03 -18.43 66.71
N ARG K 138 4.13 -19.45 66.53
CA ARG K 138 2.76 -19.44 67.07
CA ARG K 138 2.77 -19.43 67.08
C ARG K 138 2.29 -20.83 67.47
N SER K 139 1.48 -20.91 68.55
CA SER K 139 0.90 -22.17 69.00
C SER K 139 -0.39 -22.43 68.20
N MET K 140 -0.56 -23.67 67.66
CA MET K 140 -1.72 -24.07 66.83
CA MET K 140 -1.72 -24.04 66.83
C MET K 140 -3.08 -23.90 67.55
N GLU K 141 -4.10 -23.35 66.83
CA GLU K 141 -5.49 -23.19 67.29
C GLU K 141 -6.43 -23.82 66.24
N ARG K 142 -5.89 -24.85 65.59
CA ARG K 142 -6.53 -25.69 64.58
C ARG K 142 -5.98 -27.12 64.75
N VAL K 143 -6.66 -28.10 64.17
CA VAL K 143 -6.17 -29.49 64.27
C VAL K 143 -5.68 -29.90 62.89
N PHE K 144 -4.57 -30.66 62.84
CA PHE K 144 -3.95 -31.13 61.61
C PHE K 144 -3.76 -32.67 61.55
N PHE K 145 -3.83 -33.23 60.35
CA PHE K 145 -3.46 -34.64 60.09
C PHE K 145 -2.76 -34.77 58.77
N ASN K 146 -1.75 -35.63 58.72
CA ASN K 146 -0.97 -35.87 57.52
C ASN K 146 -1.37 -37.19 56.86
N ALA K 147 -2.07 -37.09 55.72
CA ALA K 147 -2.47 -38.24 54.92
C ALA K 147 -1.30 -38.84 54.10
N ASP K 148 -0.15 -38.13 53.98
CA ASP K 148 1.01 -38.53 53.16
C ASP K 148 2.03 -39.42 53.81
N GLY K 149 2.04 -39.45 55.12
CA GLY K 149 2.96 -40.31 55.84
C GLY K 149 3.04 -40.08 57.32
N GLU K 150 3.96 -40.84 57.94
CA GLU K 150 4.36 -40.81 59.35
C GLU K 150 5.33 -39.66 59.51
N LEU K 151 5.28 -39.00 60.67
CA LEU K 151 6.17 -37.88 60.93
C LEU K 151 7.10 -38.17 62.09
N LEU K 152 8.41 -38.03 61.84
CA LEU K 152 9.45 -38.16 62.86
C LEU K 152 9.90 -36.75 63.15
N LEU K 153 9.70 -36.30 64.40
CA LEU K 153 10.05 -34.95 64.81
C LEU K 153 11.37 -34.89 65.63
N VAL K 154 12.35 -34.07 65.19
CA VAL K 154 13.64 -33.93 65.86
C VAL K 154 13.82 -32.46 66.36
N PRO K 155 13.28 -32.11 67.54
CA PRO K 155 13.43 -30.73 68.03
C PRO K 155 14.88 -30.31 68.24
N GLU K 156 15.23 -29.10 67.80
CA GLU K 156 16.58 -28.57 67.98
C GLU K 156 16.59 -27.47 69.05
N GLN K 157 15.56 -26.60 69.02
CA GLN K 157 15.35 -25.53 69.98
C GLN K 157 13.84 -25.37 70.26
N GLY K 158 13.49 -25.35 71.56
CA GLY K 158 12.11 -25.17 71.99
C GLY K 158 11.35 -26.46 72.25
N ARG K 159 10.63 -26.47 73.37
CA ARG K 159 9.81 -27.60 73.81
C ARG K 159 8.47 -27.54 73.06
N LEU K 160 7.84 -28.72 72.87
CA LEU K 160 6.54 -28.85 72.21
C LEU K 160 5.59 -29.62 73.10
N ARG K 161 4.31 -29.23 73.07
CA ARG K 161 3.24 -29.95 73.76
C ARG K 161 2.33 -30.38 72.60
N ILE K 162 2.40 -31.68 72.25
CA ILE K 162 1.66 -32.23 71.11
C ILE K 162 0.40 -32.91 71.60
N ALA K 163 -0.77 -32.31 71.32
CA ALA K 163 -2.06 -32.88 71.69
C ALA K 163 -2.52 -33.72 70.51
N THR K 164 -2.51 -35.06 70.66
CA THR K 164 -2.95 -35.99 69.62
C THR K 164 -4.32 -36.55 70.03
N GLU K 165 -4.96 -37.35 69.18
CA GLU K 165 -6.24 -37.97 69.53
C GLU K 165 -6.07 -38.97 70.68
N LEU K 166 -4.86 -39.59 70.83
CA LEU K 166 -4.60 -40.62 71.86
C LEU K 166 -4.17 -40.08 73.23
N GLY K 167 -3.90 -38.77 73.31
CA GLY K 167 -3.45 -38.10 74.52
C GLY K 167 -2.34 -37.09 74.26
N VAL K 168 -1.87 -36.44 75.33
CA VAL K 168 -0.89 -35.34 75.22
C VAL K 168 0.53 -35.78 75.55
N MET K 169 1.49 -35.39 74.69
CA MET K 169 2.91 -35.65 74.93
C MET K 169 3.76 -34.39 74.79
N GLU K 170 4.74 -34.22 75.69
CA GLU K 170 5.66 -33.08 75.61
C GLU K 170 7.01 -33.57 75.10
N VAL K 171 7.60 -32.84 74.14
CA VAL K 171 8.85 -33.21 73.50
C VAL K 171 9.83 -32.02 73.45
N GLU K 172 11.04 -32.24 73.92
CA GLU K 172 12.09 -31.22 73.97
C GLU K 172 13.32 -31.64 73.13
N PRO K 173 14.26 -30.72 72.80
CA PRO K 173 15.47 -31.14 72.07
C PRO K 173 16.22 -32.21 72.88
N LEU K 174 16.73 -33.25 72.19
CA LEU K 174 17.39 -34.46 72.72
C LEU K 174 16.40 -35.61 72.85
N GLU K 175 15.12 -35.33 72.54
CA GLU K 175 14.04 -36.32 72.49
C GLU K 175 13.47 -36.30 71.06
N ILE K 176 12.76 -37.35 70.67
CA ILE K 176 12.15 -37.42 69.33
C ILE K 176 10.71 -37.78 69.50
N ALA K 177 9.89 -37.48 68.47
CA ALA K 177 8.47 -37.81 68.53
C ALA K 177 7.96 -38.30 67.19
N VAL K 178 7.18 -39.36 67.25
CA VAL K 178 6.62 -39.96 66.03
C VAL K 178 5.12 -39.88 66.07
N ILE K 179 4.53 -39.38 64.98
CA ILE K 179 3.08 -39.21 64.82
C ILE K 179 2.61 -40.10 63.64
N PRO K 180 1.77 -41.13 63.90
CA PRO K 180 1.30 -42.00 62.80
C PRO K 180 0.54 -41.27 61.74
N ARG K 181 0.62 -41.80 60.49
CA ARG K 181 -0.11 -41.26 59.35
C ARG K 181 -1.60 -41.30 59.70
N GLY K 182 -2.30 -40.22 59.40
CA GLY K 182 -3.74 -40.05 59.58
C GLY K 182 -4.18 -39.56 60.94
N MET K 183 -3.28 -39.61 61.92
CA MET K 183 -3.59 -39.18 63.28
C MET K 183 -3.68 -37.69 63.40
N LYS K 184 -4.74 -37.22 64.05
CA LYS K 184 -4.98 -35.79 64.21
C LYS K 184 -4.24 -35.27 65.43
N PHE K 185 -3.58 -34.11 65.26
CA PHE K 185 -2.82 -33.49 66.34
C PHE K 185 -2.76 -31.96 66.27
N ARG K 186 -2.30 -31.34 67.36
CA ARG K 186 -2.18 -29.89 67.51
C ARG K 186 -0.95 -29.58 68.37
N VAL K 187 -0.04 -28.75 67.84
CA VAL K 187 1.21 -28.37 68.50
C VAL K 187 1.16 -26.99 69.18
N GLU K 188 1.39 -26.99 70.49
CA GLU K 188 1.50 -25.79 71.31
C GLU K 188 3.00 -25.52 71.45
N LEU K 189 3.40 -24.25 71.27
CA LEU K 189 4.80 -23.87 71.40
C LEU K 189 5.02 -23.44 72.83
N LEU K 190 5.68 -24.30 73.62
CA LEU K 190 5.97 -24.11 75.04
C LEU K 190 6.91 -22.92 75.33
N ASP K 191 7.83 -22.60 74.39
CA ASP K 191 8.79 -21.52 74.57
C ASP K 191 8.61 -20.37 73.57
N GLY K 192 7.38 -20.14 73.14
CA GLY K 192 7.02 -19.07 72.21
C GLY K 192 7.31 -19.38 70.76
N GLN K 193 8.55 -19.82 70.48
CA GLN K 193 9.03 -20.25 69.16
C GLN K 193 9.72 -21.59 69.26
N ALA K 194 9.72 -22.32 68.13
CA ALA K 194 10.33 -23.64 68.05
C ALA K 194 11.00 -23.91 66.69
N ARG K 195 12.14 -24.61 66.73
CA ARG K 195 12.91 -25.00 65.56
C ARG K 195 13.29 -26.47 65.71
N GLY K 196 13.36 -27.16 64.58
CA GLY K 196 13.68 -28.58 64.52
C GLY K 196 13.61 -29.19 63.14
N TYR K 197 13.77 -30.51 63.08
CA TYR K 197 13.76 -31.24 61.83
C TYR K 197 12.62 -32.20 61.75
N ILE K 198 12.24 -32.54 60.53
CA ILE K 198 11.16 -33.50 60.27
C ILE K 198 11.60 -34.52 59.23
N ALA K 199 11.40 -35.79 59.54
CA ALA K 199 11.55 -36.83 58.55
C ALA K 199 10.15 -37.36 58.34
N GLU K 200 9.60 -37.15 57.13
CA GLU K 200 8.26 -37.60 56.74
C GLU K 200 8.37 -38.90 55.95
N ASN K 201 7.97 -39.98 56.59
CA ASN K 201 8.00 -41.34 56.08
C ASN K 201 6.76 -41.70 55.29
N HIS K 202 6.93 -41.87 53.97
CA HIS K 202 5.85 -42.25 53.06
C HIS K 202 5.81 -43.77 52.83
N GLY K 203 6.84 -44.46 53.34
CA GLY K 203 7.05 -45.89 53.20
C GLY K 203 6.56 -46.70 54.37
N ALA K 204 7.22 -47.85 54.62
CA ALA K 204 6.91 -48.73 55.73
C ALA K 204 7.12 -47.96 57.03
N PRO K 205 6.24 -48.13 58.03
CA PRO K 205 6.42 -47.41 59.31
C PRO K 205 7.78 -47.70 59.95
N LEU K 206 8.31 -46.69 60.66
CA LEU K 206 9.56 -46.82 61.38
C LEU K 206 9.44 -47.93 62.45
N ARG K 207 10.51 -48.69 62.64
CA ARG K 207 10.54 -49.72 63.70
C ARG K 207 11.94 -49.86 64.27
N LEU K 208 12.05 -50.65 65.34
CA LEU K 208 13.33 -50.93 65.98
C LEU K 208 14.11 -51.81 65.04
N PRO K 209 15.43 -51.54 64.80
CA PRO K 209 16.17 -52.36 63.83
C PRO K 209 16.42 -53.77 64.34
N ASP K 210 16.60 -54.74 63.43
CA ASP K 210 16.94 -56.07 63.87
C ASP K 210 18.39 -55.90 64.38
N LEU K 211 18.67 -56.41 65.59
CA LEU K 211 19.93 -56.26 66.31
C LEU K 211 21.08 -57.14 65.90
N GLY K 212 20.81 -58.21 65.15
CA GLY K 212 21.84 -59.16 64.75
C GLY K 212 22.62 -59.67 65.95
N PRO K 213 23.99 -59.62 65.92
CA PRO K 213 24.82 -60.07 67.05
C PRO K 213 24.59 -59.34 68.36
N ILE K 214 24.12 -58.05 68.32
CA ILE K 214 23.81 -57.27 69.53
C ILE K 214 22.79 -58.03 70.43
N GLY K 215 21.93 -58.86 69.82
CA GLY K 215 21.06 -59.77 70.56
C GLY K 215 19.66 -59.29 70.90
N SER K 216 19.29 -59.40 72.20
CA SER K 216 17.97 -59.08 72.75
C SER K 216 17.89 -57.74 73.52
N ASN K 217 19.02 -57.04 73.67
CA ASN K 217 19.10 -55.77 74.40
C ASN K 217 20.12 -54.91 73.70
N GLY K 218 20.00 -53.60 73.86
CA GLY K 218 20.92 -52.67 73.24
C GLY K 218 20.26 -51.65 72.33
N LEU K 219 21.08 -50.66 71.91
CA LEU K 219 20.63 -49.53 71.07
C LEU K 219 19.43 -48.82 71.76
N ALA K 220 18.27 -48.66 71.11
CA ALA K 220 17.15 -48.02 71.80
C ALA K 220 16.28 -49.15 72.38
N ASN K 221 16.33 -49.27 73.72
CA ASN K 221 15.58 -50.25 74.47
C ASN K 221 14.08 -49.97 74.38
N PRO K 222 13.28 -51.01 74.11
CA PRO K 222 11.83 -50.80 73.93
C PRO K 222 11.05 -50.19 75.12
N ARG K 223 11.54 -50.34 76.35
CA ARG K 223 10.94 -49.79 77.58
C ARG K 223 10.97 -48.25 77.55
N ASP K 224 11.89 -47.69 76.76
CA ASP K 224 12.08 -46.24 76.66
C ASP K 224 11.14 -45.48 75.72
N PHE K 225 10.37 -46.18 74.87
CA PHE K 225 9.45 -45.54 73.93
C PHE K 225 8.09 -45.36 74.62
N LEU K 226 7.71 -44.08 74.87
CA LEU K 226 6.54 -43.65 75.63
C LEU K 226 5.34 -43.17 74.80
N THR K 227 4.13 -43.63 75.17
CA THR K 227 2.87 -43.26 74.51
C THR K 227 1.98 -42.54 75.54
N PRO K 228 1.36 -41.40 75.18
CA PRO K 228 0.49 -40.69 76.15
C PRO K 228 -0.75 -41.47 76.57
N VAL K 229 -1.40 -41.05 77.66
CA VAL K 229 -2.66 -41.65 78.15
C VAL K 229 -3.86 -40.94 77.52
N ALA K 230 -5.05 -41.58 77.54
CA ALA K 230 -6.26 -41.00 76.99
C ALA K 230 -6.56 -39.61 77.56
N HIS K 231 -6.92 -38.68 76.68
CA HIS K 231 -7.32 -37.31 76.99
C HIS K 231 -8.22 -36.81 75.90
N TYR K 232 -9.44 -36.38 76.30
CA TYR K 232 -10.43 -35.84 75.39
C TYR K 232 -10.80 -34.39 75.71
N GLU K 233 -11.23 -33.65 74.66
CA GLU K 233 -11.72 -32.27 74.76
C GLU K 233 -13.22 -32.24 74.43
N GLU K 234 -13.97 -31.33 75.07
CA GLU K 234 -15.41 -31.16 74.86
C GLU K 234 -15.79 -29.73 74.41
N ALA K 235 -14.79 -28.89 74.05
CA ALA K 235 -15.00 -27.48 73.66
C ALA K 235 -15.93 -27.24 72.47
N GLU K 236 -17.19 -26.89 72.76
CA GLU K 236 -18.22 -26.62 71.76
C GLU K 236 -17.99 -25.25 71.12
N GLY K 237 -17.61 -25.29 69.85
CA GLY K 237 -17.34 -24.10 69.05
C GLY K 237 -16.66 -24.42 67.73
N PRO K 238 -16.38 -23.39 66.89
CA PRO K 238 -15.74 -23.67 65.60
C PRO K 238 -14.26 -24.03 65.71
N VAL K 239 -13.87 -25.13 65.06
CA VAL K 239 -12.52 -25.67 64.97
C VAL K 239 -12.22 -25.96 63.48
N GLN K 240 -11.09 -25.46 62.97
CA GLN K 240 -10.66 -25.74 61.59
C GLN K 240 -9.80 -26.98 61.63
N LEU K 241 -10.13 -27.95 60.77
CA LEU K 241 -9.37 -29.18 60.64
C LEU K 241 -8.56 -29.15 59.34
N VAL K 242 -7.25 -29.36 59.45
CA VAL K 242 -6.33 -29.29 58.31
C VAL K 242 -5.77 -30.68 57.94
N GLN K 243 -5.76 -31.00 56.64
CA GLN K 243 -5.22 -32.26 56.14
C GLN K 243 -4.16 -31.98 55.08
N LYS K 244 -2.97 -32.58 55.22
CA LYS K 244 -1.95 -32.50 54.20
C LYS K 244 -2.14 -33.76 53.33
N PHE K 245 -2.50 -33.56 52.06
CA PHE K 245 -2.71 -34.61 51.08
C PHE K 245 -2.00 -34.24 49.78
N LEU K 246 -1.14 -35.14 49.28
CA LEU K 246 -0.33 -34.97 48.06
C LEU K 246 0.43 -33.60 48.02
N GLY K 247 0.96 -33.22 49.18
CA GLY K 247 1.71 -31.98 49.41
C GLY K 247 0.88 -30.77 49.72
N GLU K 248 -0.43 -30.83 49.40
CA GLU K 248 -1.36 -29.71 49.56
C GLU K 248 -2.06 -29.68 50.90
N HIS K 249 -2.24 -28.45 51.43
CA HIS K 249 -3.00 -28.23 52.65
C HIS K 249 -4.46 -28.05 52.26
N TRP K 250 -5.35 -28.88 52.80
CA TRP K 250 -6.80 -28.80 52.60
C TRP K 250 -7.47 -28.63 53.97
N ALA K 251 -8.61 -27.93 54.04
CA ALA K 251 -9.28 -27.66 55.33
C ALA K 251 -10.80 -27.64 55.25
N CYS K 252 -11.45 -27.87 56.42
CA CYS K 252 -12.88 -27.84 56.65
C CYS K 252 -13.16 -27.31 58.08
N GLU K 253 -14.42 -27.02 58.41
CA GLU K 253 -14.74 -26.48 59.73
C GLU K 253 -15.67 -27.39 60.49
N LEU K 254 -15.31 -27.70 61.74
CA LEU K 254 -16.14 -28.52 62.60
C LEU K 254 -16.85 -27.68 63.68
N GLN K 255 -17.97 -28.22 64.19
CA GLN K 255 -18.71 -27.59 65.28
CA GLN K 255 -18.75 -27.62 65.27
C GLN K 255 -18.32 -28.25 66.63
N HIS K 256 -17.17 -28.97 66.61
CA HIS K 256 -16.61 -29.65 67.77
C HIS K 256 -15.10 -29.82 67.64
N SER K 257 -14.42 -30.11 68.77
CA SER K 257 -12.99 -30.41 68.73
C SER K 257 -12.86 -31.87 68.29
N PRO K 258 -11.97 -32.20 67.32
CA PRO K 258 -11.84 -33.60 66.89
C PRO K 258 -10.90 -34.43 67.78
N LEU K 259 -10.43 -33.82 68.88
CA LEU K 259 -9.60 -34.50 69.89
C LEU K 259 -10.61 -34.93 70.99
N ASP K 260 -11.51 -35.88 70.63
CA ASP K 260 -12.64 -36.32 71.46
C ASP K 260 -12.65 -37.81 71.77
N VAL K 261 -11.48 -38.43 71.84
CA VAL K 261 -11.31 -39.86 72.11
C VAL K 261 -11.24 -40.08 73.63
N VAL K 262 -12.30 -40.70 74.22
CA VAL K 262 -12.39 -40.98 75.66
C VAL K 262 -11.57 -42.20 76.09
N ALA K 263 -11.50 -43.22 75.23
CA ALA K 263 -10.77 -44.46 75.45
C ALA K 263 -10.30 -45.03 74.12
N TRP K 264 -9.14 -45.74 74.14
CA TRP K 264 -8.59 -46.36 72.92
C TRP K 264 -7.73 -47.60 73.27
N HIS K 265 -7.60 -48.54 72.33
CA HIS K 265 -6.73 -49.70 72.51
C HIS K 265 -6.07 -50.08 71.22
N GLY K 266 -4.80 -50.48 71.26
CA GLY K 266 -4.13 -50.89 70.03
C GLY K 266 -2.67 -50.52 69.90
N SER K 267 -2.16 -50.65 68.67
CA SER K 267 -0.74 -50.50 68.31
C SER K 267 -0.34 -49.33 67.37
N ASN K 268 -1.30 -48.54 66.86
CA ASN K 268 -1.00 -47.44 65.95
C ASN K 268 -0.99 -46.21 66.83
N VAL K 269 0.14 -45.95 67.45
CA VAL K 269 0.16 -44.91 68.47
C VAL K 269 1.23 -43.85 68.26
N PRO K 270 1.01 -42.61 68.74
CA PRO K 270 2.11 -41.62 68.71
C PRO K 270 3.07 -41.99 69.83
N TYR K 271 4.34 -41.61 69.73
CA TYR K 271 5.31 -41.92 70.77
C TYR K 271 6.44 -40.92 70.88
N LYS K 272 7.14 -40.92 72.03
CA LYS K 272 8.32 -40.14 72.28
C LYS K 272 9.47 -41.01 72.79
N TYR K 273 10.70 -40.57 72.52
CA TYR K 273 11.90 -41.29 72.95
C TYR K 273 13.01 -40.29 73.27
N ASP K 274 13.66 -40.47 74.43
CA ASP K 274 14.72 -39.62 74.91
C ASP K 274 16.06 -40.16 74.44
N LEU K 275 16.73 -39.45 73.52
CA LEU K 275 18.02 -39.93 72.98
C LEU K 275 19.12 -40.19 74.05
N ARG K 276 19.02 -39.54 75.22
CA ARG K 276 19.97 -39.74 76.32
C ARG K 276 19.87 -41.16 76.91
N ARG K 277 18.78 -41.90 76.60
CA ARG K 277 18.56 -43.27 77.06
C ARG K 277 19.17 -44.34 76.12
N PHE K 278 19.76 -43.90 75.00
CA PHE K 278 20.34 -44.77 73.99
C PHE K 278 21.51 -45.59 74.52
N ASN K 279 21.42 -46.92 74.34
CA ASN K 279 22.48 -47.80 74.81
C ASN K 279 23.49 -47.95 73.66
N THR K 280 24.36 -46.94 73.52
CA THR K 280 25.38 -46.84 72.47
C THR K 280 26.32 -48.03 72.53
N ILE K 281 26.45 -48.73 71.39
CA ILE K 281 27.36 -49.87 71.20
C ILE K 281 28.43 -49.32 70.23
N GLY K 282 29.69 -49.71 70.39
CA GLY K 282 30.77 -49.26 69.53
C GLY K 282 31.96 -50.18 69.55
N THR K 283 33.13 -49.69 69.09
CA THR K 283 34.34 -50.49 69.18
C THR K 283 34.92 -50.48 70.61
N VAL K 284 35.33 -51.66 71.09
CA VAL K 284 36.00 -51.73 72.39
C VAL K 284 37.43 -52.24 72.15
N SER K 285 37.87 -52.16 70.87
CA SER K 285 39.14 -52.69 70.41
C SER K 285 39.91 -51.68 69.57
N PHE K 286 39.58 -51.66 68.27
CA PHE K 286 40.20 -50.85 67.26
C PHE K 286 39.18 -50.50 66.17
N ASP K 287 39.63 -49.83 65.11
CA ASP K 287 38.83 -49.41 63.98
C ASP K 287 37.64 -48.47 64.31
N HIS K 288 36.84 -48.10 63.30
CA HIS K 288 35.72 -47.17 63.45
C HIS K 288 34.45 -47.82 62.91
N PRO K 289 33.57 -48.38 63.78
CA PRO K 289 32.35 -49.06 63.29
C PRO K 289 31.50 -48.29 62.30
N ASP K 290 30.80 -49.04 61.43
CA ASP K 290 29.89 -48.51 60.42
C ASP K 290 28.79 -47.72 61.15
N PRO K 291 28.39 -46.52 60.68
CA PRO K 291 27.39 -45.73 61.43
C PRO K 291 25.99 -46.32 61.58
N SER K 292 25.73 -47.47 60.90
CA SER K 292 24.47 -48.23 61.02
C SER K 292 24.39 -48.75 62.47
N ILE K 293 25.54 -48.80 63.20
CA ILE K 293 25.57 -49.25 64.60
C ILE K 293 24.79 -48.31 65.53
N PHE K 294 24.65 -47.06 65.11
CA PHE K 294 23.94 -46.03 65.85
C PHE K 294 22.46 -45.90 65.45
N THR K 295 21.84 -46.95 64.83
CA THR K 295 20.44 -46.88 64.44
C THR K 295 19.47 -46.88 65.62
N VAL K 296 18.59 -45.88 65.65
CA VAL K 296 17.54 -45.68 66.66
C VAL K 296 16.28 -46.30 66.07
N LEU K 297 15.92 -45.86 64.86
CA LEU K 297 14.74 -46.35 64.13
C LEU K 297 15.05 -46.53 62.63
N THR K 298 14.33 -47.45 61.99
CA THR K 298 14.53 -47.76 60.58
C THR K 298 13.20 -47.99 59.82
N SER K 299 13.11 -47.53 58.58
CA SER K 299 11.92 -47.81 57.73
C SER K 299 12.37 -48.79 56.63
N PRO K 300 11.87 -50.05 56.59
CA PRO K 300 12.35 -50.98 55.55
C PRO K 300 11.68 -50.77 54.20
N THR K 301 12.27 -51.36 53.15
CA THR K 301 11.70 -51.49 51.81
C THR K 301 11.47 -53.00 51.71
N SER K 302 11.00 -53.46 50.53
CA SER K 302 10.81 -54.89 50.30
C SER K 302 12.16 -55.58 49.99
N VAL K 303 13.25 -54.78 49.81
CA VAL K 303 14.60 -55.30 49.61
C VAL K 303 15.18 -55.45 51.01
N HIS K 304 15.30 -56.70 51.50
CA HIS K 304 15.87 -56.99 52.81
C HIS K 304 17.27 -56.37 52.91
N GLY K 305 17.53 -55.64 53.99
CA GLY K 305 18.81 -54.99 54.26
C GLY K 305 18.94 -53.56 53.77
N MET K 306 18.12 -53.17 52.78
CA MET K 306 18.13 -51.81 52.24
C MET K 306 16.93 -51.00 52.73
N ALA K 307 17.16 -50.16 53.74
CA ALA K 307 16.11 -49.37 54.35
C ALA K 307 15.64 -48.23 53.46
N ASN K 308 14.35 -47.90 53.57
CA ASN K 308 13.78 -46.73 52.92
C ASN K 308 14.57 -45.58 53.59
N MET K 309 14.55 -45.57 54.93
CA MET K 309 15.36 -44.65 55.73
C MET K 309 15.88 -45.24 57.04
N ASP K 310 17.06 -44.79 57.46
CA ASP K 310 17.68 -45.15 58.72
C ASP K 310 17.84 -43.86 59.52
N PHE K 311 17.33 -43.79 60.79
CA PHE K 311 17.53 -42.64 61.66
C PHE K 311 18.64 -43.08 62.64
N VAL K 312 19.81 -42.47 62.49
CA VAL K 312 21.02 -42.76 63.23
C VAL K 312 21.42 -41.54 64.07
N ILE K 313 21.91 -41.77 65.31
CA ILE K 313 22.40 -40.65 66.15
C ILE K 313 23.90 -40.75 66.38
N PHE K 314 24.52 -39.63 66.70
CA PHE K 314 25.94 -39.55 67.04
C PHE K 314 25.96 -38.93 68.43
N PRO K 315 25.91 -39.81 69.47
CA PRO K 315 25.74 -39.32 70.84
C PRO K 315 26.99 -39.21 71.69
N PRO K 316 26.91 -38.66 72.94
CA PRO K 316 28.08 -38.74 73.83
C PRO K 316 28.43 -40.22 73.97
N ARG K 317 29.74 -40.55 73.90
CA ARG K 317 30.19 -41.95 73.88
C ARG K 317 31.69 -42.03 74.15
N TRP K 318 32.14 -43.18 74.63
CA TRP K 318 33.56 -43.43 74.86
C TRP K 318 34.25 -43.87 73.59
N MET K 319 35.40 -43.23 73.32
CA MET K 319 36.28 -43.56 72.19
C MET K 319 37.52 -44.27 72.79
N VAL K 320 37.69 -45.55 72.44
CA VAL K 320 38.80 -46.36 72.98
C VAL K 320 39.72 -46.97 71.91
N ALA K 321 39.30 -46.97 70.60
CA ALA K 321 40.06 -47.58 69.49
C ALA K 321 41.59 -47.35 69.57
N GLU K 322 42.38 -48.41 69.74
CA GLU K 322 43.82 -48.22 69.82
C GLU K 322 44.40 -48.36 68.44
N ASN K 323 45.49 -47.63 68.15
CA ASN K 323 46.23 -47.61 66.87
C ASN K 323 45.25 -47.41 65.72
N THR K 324 44.25 -46.53 65.90
CA THR K 324 43.24 -46.23 64.88
C THR K 324 42.93 -44.79 64.72
N PHE K 325 42.51 -44.46 63.49
CA PHE K 325 42.10 -43.15 63.05
C PHE K 325 40.67 -43.07 63.52
N ARG K 326 40.45 -42.41 64.67
CA ARG K 326 39.14 -42.31 65.32
C ARG K 326 38.01 -41.54 64.61
N PRO K 327 38.23 -40.44 63.84
CA PRO K 327 37.09 -39.80 63.18
C PRO K 327 36.57 -40.66 62.03
N PRO K 328 35.30 -40.46 61.60
CA PRO K 328 34.80 -41.25 60.47
C PRO K 328 35.80 -41.31 59.32
N TRP K 329 35.89 -42.47 58.68
CA TRP K 329 36.78 -42.67 57.53
C TRP K 329 36.24 -41.91 56.31
N PHE K 330 37.12 -41.62 55.35
CA PHE K 330 36.70 -41.01 54.09
C PHE K 330 35.72 -42.03 53.51
N HIS K 331 34.59 -41.56 52.98
CA HIS K 331 33.50 -42.42 52.59
C HIS K 331 32.84 -42.05 51.27
N ARG K 332 32.40 -43.07 50.52
CA ARG K 332 31.61 -42.89 49.29
C ARG K 332 30.52 -43.96 49.44
N ASN K 333 29.26 -43.52 49.48
CA ASN K 333 28.10 -44.36 49.78
C ASN K 333 27.06 -44.37 48.69
N LEU K 334 26.45 -45.57 48.47
CA LEU K 334 25.30 -45.79 47.59
C LEU K 334 24.11 -45.02 48.19
N MET K 335 24.06 -44.99 49.53
CA MET K 335 23.01 -44.32 50.29
C MET K 335 23.18 -42.78 50.25
N ASN K 336 22.14 -42.04 50.67
CA ASN K 336 22.11 -40.57 50.64
C ASN K 336 22.07 -40.06 52.07
N GLU K 337 23.12 -39.35 52.48
CA GLU K 337 23.36 -38.89 53.84
C GLU K 337 22.99 -37.43 54.13
N PHE K 338 21.90 -37.24 54.88
CA PHE K 338 21.45 -35.93 55.33
C PHE K 338 21.76 -35.83 56.81
N MET K 339 22.66 -34.91 57.19
CA MET K 339 23.04 -34.73 58.59
C MET K 339 22.51 -33.46 59.27
N GLY K 340 22.13 -33.59 60.54
CA GLY K 340 21.67 -32.47 61.36
C GLY K 340 22.33 -32.46 62.72
N LEU K 341 22.20 -31.35 63.44
CA LEU K 341 22.80 -31.20 64.76
C LEU K 341 21.84 -30.56 65.76
N ILE K 342 21.62 -31.25 66.91
CA ILE K 342 20.72 -30.85 67.99
C ILE K 342 21.45 -29.88 68.94
N ASN K 343 22.68 -30.23 69.37
CA ASN K 343 23.55 -29.41 70.24
C ASN K 343 25.01 -29.88 70.15
N GLY K 344 25.95 -28.96 70.28
CA GLY K 344 27.38 -29.25 70.24
C GLY K 344 28.03 -29.13 68.86
N ALA K 345 29.00 -30.02 68.58
CA ALA K 345 29.74 -30.02 67.31
C ALA K 345 30.12 -31.43 66.88
N TYR K 346 29.95 -31.73 65.58
CA TYR K 346 30.25 -33.03 65.02
C TYR K 346 31.75 -33.31 64.92
N ASP K 347 32.14 -34.57 65.18
CA ASP K 347 33.51 -35.08 65.19
C ASP K 347 34.34 -34.78 63.95
N ALA K 348 33.79 -35.08 62.76
CA ALA K 348 34.45 -34.87 61.47
C ALA K 348 34.35 -33.42 60.95
N LYS K 349 33.61 -32.54 61.65
CA LYS K 349 33.42 -31.14 61.24
C LYS K 349 33.96 -30.14 62.30
N ALA K 350 33.14 -29.79 63.31
CA ALA K 350 33.45 -28.88 64.43
C ALA K 350 34.03 -27.47 64.09
N GLU K 351 33.41 -26.77 63.10
CA GLU K 351 33.81 -25.41 62.71
C GLU K 351 32.74 -24.53 62.04
N GLY K 352 31.97 -25.12 61.11
CA GLY K 352 30.89 -24.47 60.37
C GLY K 352 29.63 -25.33 60.28
N PHE K 353 29.55 -26.33 61.17
CA PHE K 353 28.40 -27.22 61.23
C PHE K 353 27.76 -26.98 62.61
N LEU K 354 26.87 -25.97 62.65
CA LEU K 354 26.19 -25.46 63.83
C LEU K 354 24.82 -26.12 64.08
N PRO K 355 24.29 -26.13 65.35
CA PRO K 355 22.95 -26.69 65.58
C PRO K 355 21.89 -25.98 64.76
N GLY K 356 21.07 -26.79 64.10
CA GLY K 356 20.06 -26.32 63.19
C GLY K 356 20.57 -26.30 61.76
N GLY K 357 21.86 -26.52 61.60
CA GLY K 357 22.49 -26.60 60.29
C GLY K 357 22.22 -27.96 59.68
N ALA K 358 22.70 -28.17 58.45
CA ALA K 358 22.50 -29.42 57.73
C ALA K 358 23.48 -29.61 56.61
N SER K 359 23.79 -30.90 56.32
CA SER K 359 24.68 -31.29 55.26
C SER K 359 24.07 -32.39 54.46
N LEU K 360 24.28 -32.34 53.15
CA LEU K 360 23.77 -33.38 52.30
C LEU K 360 24.86 -33.93 51.42
N HIS K 361 25.19 -35.22 51.63
CA HIS K 361 26.16 -35.93 50.80
C HIS K 361 25.42 -37.05 50.05
N GLY K 362 25.01 -36.71 48.81
CA GLY K 362 24.27 -37.59 47.92
C GLY K 362 25.03 -38.80 47.46
N VAL K 363 24.32 -39.70 46.77
CA VAL K 363 24.82 -40.98 46.19
C VAL K 363 26.18 -40.77 45.50
N MET K 364 27.17 -41.54 45.95
CA MET K 364 28.55 -41.56 45.48
C MET K 364 29.35 -40.28 45.61
N SER K 365 28.88 -39.35 46.45
CA SER K 365 29.60 -38.11 46.67
C SER K 365 30.71 -38.42 47.66
N ALA K 366 31.94 -38.07 47.30
CA ALA K 366 33.13 -38.31 48.11
C ALA K 366 33.14 -37.46 49.34
N HIS K 367 32.98 -38.06 50.52
CA HIS K 367 33.03 -37.28 51.77
C HIS K 367 34.08 -37.83 52.76
N GLY K 368 34.21 -37.16 53.91
CA GLY K 368 35.19 -37.54 54.92
C GLY K 368 35.59 -36.38 55.80
N PRO K 369 36.55 -36.57 56.70
CA PRO K 369 36.93 -35.47 57.60
C PRO K 369 37.75 -34.42 56.87
N ASP K 370 37.69 -33.14 57.33
CA ASP K 370 38.52 -32.07 56.74
C ASP K 370 40.01 -32.32 57.05
N ALA K 371 40.92 -31.51 56.49
CA ALA K 371 42.36 -31.65 56.70
C ALA K 371 42.71 -31.52 58.18
N GLU K 372 42.11 -30.52 58.88
CA GLU K 372 42.30 -30.23 60.30
C GLU K 372 42.18 -31.50 61.16
N THR K 373 41.01 -32.13 61.12
CA THR K 373 40.62 -33.37 61.79
C THR K 373 41.60 -34.54 61.53
N CYS K 374 42.17 -34.63 60.30
CA CYS K 374 43.19 -35.64 59.94
C CYS K 374 44.48 -35.47 60.72
N GLU K 375 45.21 -34.31 60.57
CA GLU K 375 46.48 -34.08 61.27
C GLU K 375 46.33 -34.26 62.79
N LYS K 376 45.15 -33.87 63.32
CA LYS K 376 44.82 -33.99 64.73
C LYS K 376 44.73 -35.47 65.13
N ALA K 377 43.86 -36.26 64.44
CA ALA K 377 43.69 -37.69 64.67
C ALA K 377 44.92 -38.53 64.39
N ILE K 378 45.75 -38.12 63.39
CA ILE K 378 46.98 -38.83 63.05
C ILE K 378 48.08 -38.64 64.13
N ALA K 379 48.12 -37.47 64.76
CA ALA K 379 49.13 -37.15 65.78
C ALA K 379 48.63 -37.30 67.23
N ALA K 380 47.30 -37.58 67.39
CA ALA K 380 46.62 -37.71 68.69
C ALA K 380 47.15 -38.80 69.59
N ASP K 381 47.08 -38.56 70.90
CA ASP K 381 47.45 -39.56 71.89
C ASP K 381 46.25 -40.45 71.97
N LEU K 382 46.47 -41.77 71.89
CA LEU K 382 45.36 -42.69 71.98
C LEU K 382 45.25 -43.25 73.38
N ALA K 383 44.24 -42.76 74.09
CA ALA K 383 43.87 -43.07 75.49
C ALA K 383 42.33 -42.90 75.57
N PRO K 384 41.61 -43.65 76.45
CA PRO K 384 40.14 -43.50 76.51
C PRO K 384 39.66 -42.05 76.58
N HIS K 385 38.78 -41.67 75.64
CA HIS K 385 38.23 -40.31 75.52
C HIS K 385 36.71 -40.27 75.46
N LYS K 386 36.08 -39.64 76.45
CA LYS K 386 34.63 -39.48 76.50
C LYS K 386 34.21 -38.21 75.76
N ILE K 387 33.52 -38.40 74.63
CA ILE K 387 32.99 -37.28 73.87
C ILE K 387 31.64 -36.99 74.54
N ASP K 388 31.37 -35.74 74.91
CA ASP K 388 30.15 -35.37 75.64
C ASP K 388 29.63 -34.02 75.15
N ASN K 389 28.46 -33.58 75.68
CA ASN K 389 27.79 -32.30 75.35
C ASN K 389 27.47 -32.12 73.83
N THR K 390 27.38 -33.21 73.07
CA THR K 390 27.09 -33.20 71.62
C THR K 390 26.02 -34.18 71.23
N MET K 391 25.24 -33.84 70.18
CA MET K 391 24.20 -34.69 69.62
C MET K 391 23.93 -34.38 68.17
N ALA K 392 24.48 -35.21 67.30
CA ALA K 392 24.27 -35.12 65.88
C ALA K 392 23.40 -36.30 65.45
N PHE K 393 22.88 -36.22 64.23
CA PHE K 393 22.06 -37.30 63.70
C PHE K 393 22.09 -37.34 62.19
N MET K 394 21.59 -38.46 61.66
CA MET K 394 21.51 -38.61 60.22
C MET K 394 20.22 -39.31 59.84
N PHE K 395 19.65 -38.83 58.73
CA PHE K 395 18.54 -39.43 58.00
C PHE K 395 19.24 -40.05 56.77
N GLU K 396 19.46 -41.38 56.79
CA GLU K 396 20.14 -42.08 55.67
C GLU K 396 19.07 -42.68 54.75
N THR K 397 19.10 -42.35 53.46
CA THR K 397 18.04 -42.78 52.52
C THR K 397 18.56 -43.53 51.33
N SER K 398 17.81 -44.57 50.91
CA SER K 398 18.24 -45.39 49.76
C SER K 398 18.00 -44.62 48.46
N GLN K 399 16.88 -43.90 48.40
CA GLN K 399 16.59 -43.09 47.24
C GLN K 399 17.31 -41.75 47.34
N VAL K 400 17.75 -41.22 46.20
CA VAL K 400 18.42 -39.92 46.17
C VAL K 400 17.55 -38.81 46.72
N LEU K 401 18.14 -37.90 47.49
CA LEU K 401 17.43 -36.77 48.09
C LEU K 401 17.60 -35.56 47.20
N ARG K 402 16.48 -35.10 46.58
CA ARG K 402 16.47 -33.96 45.67
C ARG K 402 16.25 -32.66 46.45
N PRO K 403 17.23 -31.73 46.45
CA PRO K 403 17.04 -30.46 47.18
C PRO K 403 15.94 -29.63 46.56
N SER K 404 15.13 -28.98 47.42
CA SER K 404 14.05 -28.13 46.90
C SER K 404 14.68 -26.87 46.32
N LEU K 405 13.95 -26.20 45.43
CA LEU K 405 14.41 -24.96 44.82
C LEU K 405 14.64 -23.94 45.94
N GLN K 406 13.77 -23.98 46.98
CA GLN K 406 13.75 -23.16 48.21
C GLN K 406 15.06 -23.32 49.00
N ALA K 407 15.56 -24.56 49.11
CA ALA K 407 16.78 -24.88 49.85
C ALA K 407 18.00 -24.51 49.04
N LEU K 408 17.93 -24.66 47.71
CA LEU K 408 19.04 -24.27 46.84
C LEU K 408 19.13 -22.74 46.73
N GLU K 409 17.98 -22.03 46.72
CA GLU K 409 18.01 -20.56 46.62
C GLU K 409 18.34 -19.80 47.93
N CYS K 410 18.03 -20.43 49.07
CA CYS K 410 18.26 -20.16 50.49
C CYS K 410 19.51 -19.28 50.75
N PRO K 411 19.43 -18.23 51.63
CA PRO K 411 20.64 -17.45 51.94
C PRO K 411 21.55 -18.20 52.91
N GLN K 412 21.01 -19.22 53.61
CA GLN K 412 21.75 -20.05 54.57
C GLN K 412 22.66 -21.08 53.91
N LEU K 413 22.42 -21.42 52.62
CA LEU K 413 23.31 -22.34 51.90
C LEU K 413 24.69 -21.72 51.79
N GLN K 414 25.71 -22.46 52.27
CA GLN K 414 27.10 -22.02 52.26
C GLN K 414 27.62 -22.12 50.83
N ALA K 415 28.17 -21.01 50.31
CA ALA K 415 28.64 -20.90 48.93
C ALA K 415 29.99 -21.57 48.62
N ASP K 416 30.77 -21.92 49.67
CA ASP K 416 32.07 -22.57 49.54
C ASP K 416 32.25 -23.67 50.59
N TYR K 417 31.53 -24.79 50.41
CA TYR K 417 31.59 -25.95 51.29
C TYR K 417 32.76 -26.85 50.89
N ASP K 418 33.03 -26.95 49.57
CA ASP K 418 34.11 -27.80 49.04
C ASP K 418 35.49 -27.43 49.59
N SER K 419 35.66 -26.14 50.00
CA SER K 419 36.87 -25.58 50.60
C SER K 419 37.28 -26.29 51.90
N CYS K 420 36.32 -26.95 52.59
CA CYS K 420 36.58 -27.70 53.82
C CYS K 420 37.62 -28.83 53.63
N TRP K 421 37.74 -29.40 52.41
CA TRP K 421 38.68 -30.47 52.09
C TRP K 421 39.89 -30.03 51.26
N ALA K 422 39.88 -28.79 50.74
CA ALA K 422 40.90 -28.25 49.84
C ALA K 422 42.34 -28.27 50.33
N THR K 423 42.54 -28.26 51.66
CA THR K 423 43.88 -28.23 52.27
C THR K 423 44.40 -29.63 52.65
N LEU K 424 43.81 -30.70 52.06
CA LEU K 424 44.24 -32.07 52.36
C LEU K 424 45.54 -32.43 51.62
N PRO K 425 46.66 -32.68 52.33
CA PRO K 425 47.91 -32.92 51.61
C PRO K 425 48.17 -34.40 51.32
N SER K 426 49.27 -34.67 50.63
CA SER K 426 49.71 -36.02 50.39
C SER K 426 50.79 -36.30 51.43
N THR K 427 50.67 -37.46 52.07
CA THR K 427 51.65 -37.94 53.06
C THR K 427 52.35 -39.21 52.57
N PHE K 428 52.14 -39.56 51.26
CA PHE K 428 52.69 -40.76 50.61
C PHE K 428 54.19 -40.81 50.51
N ASN K 429 54.82 -41.81 51.15
CA ASN K 429 56.25 -42.01 51.01
C ASN K 429 56.51 -43.39 50.43
N PRO K 430 56.72 -43.45 49.10
CA PRO K 430 56.88 -44.74 48.39
C PRO K 430 57.95 -45.70 48.93
N ASN K 431 59.03 -45.16 49.53
CA ASN K 431 60.16 -45.93 50.05
C ASN K 431 60.15 -46.21 51.56
N ARG K 432 59.10 -45.77 52.31
CA ARG K 432 58.98 -46.05 53.75
C ARG K 432 57.56 -46.43 54.12
N ARG K 433 57.37 -47.74 54.37
CA ARG K 433 56.10 -48.30 54.81
C ARG K 433 55.90 -47.90 56.28
N ASP L 8 -16.32 63.80 -42.71
CA ASP L 8 -15.83 65.12 -43.08
C ASP L 8 -14.36 65.14 -43.56
N LEU L 9 -13.88 64.05 -44.21
CA LEU L 9 -12.51 63.99 -44.74
C LEU L 9 -12.39 64.97 -45.94
N HIS L 10 -11.21 65.59 -46.11
CA HIS L 10 -10.96 66.54 -47.21
C HIS L 10 -10.25 65.89 -48.38
N TYR L 11 -10.59 66.30 -49.62
CA TYR L 11 -9.99 65.76 -50.85
C TYR L 11 -9.59 66.87 -51.83
N LEU L 12 -8.63 66.54 -52.71
CA LEU L 12 -8.15 67.41 -53.78
C LEU L 12 -8.63 66.74 -55.08
N SER L 13 -9.12 67.52 -56.04
CA SER L 13 -9.68 66.96 -57.29
C SER L 13 -8.87 67.08 -58.57
N GLY L 14 -8.99 66.07 -59.46
CA GLY L 14 -8.34 66.09 -60.77
C GLY L 14 -7.34 64.99 -61.09
N PHE L 15 -7.73 64.06 -61.95
CA PHE L 15 -6.87 62.94 -62.32
C PHE L 15 -5.63 63.46 -63.02
N GLY L 16 -4.47 62.99 -62.56
CA GLY L 16 -3.17 63.37 -63.11
C GLY L 16 -2.64 64.74 -62.73
N ASN L 17 -3.28 65.44 -61.77
CA ASN L 17 -2.80 66.76 -61.34
C ASN L 17 -1.48 66.73 -60.58
N GLU L 18 -0.78 67.88 -60.62
CA GLU L 18 0.43 68.17 -59.82
C GLU L 18 -0.19 68.82 -58.59
N PHE L 19 -0.51 67.98 -57.61
CA PHE L 19 -1.15 68.42 -56.36
C PHE L 19 -0.11 68.98 -55.40
N ALA L 20 -0.57 69.73 -54.38
CA ALA L 20 0.28 70.29 -53.32
C ALA L 20 -0.56 70.29 -52.04
N SER L 21 -0.06 69.70 -50.96
CA SER L 21 -0.82 69.59 -49.72
C SER L 21 0.12 69.68 -48.50
N GLU L 22 -0.26 70.48 -47.51
CA GLU L 22 0.54 70.68 -46.32
C GLU L 22 -0.30 70.73 -45.05
N ALA L 23 0.04 69.87 -44.06
CA ALA L 23 -0.68 69.78 -42.78
C ALA L 23 -0.31 70.96 -41.87
N LEU L 24 0.94 71.43 -41.96
CA LEU L 24 1.44 72.62 -41.27
C LEU L 24 1.60 73.76 -42.31
N PRO L 25 1.24 75.02 -41.99
CA PRO L 25 1.40 76.09 -42.99
C PRO L 25 2.88 76.32 -43.36
N GLY L 26 3.17 76.31 -44.65
CA GLY L 26 4.52 76.50 -45.18
C GLY L 26 5.47 75.34 -44.96
N ALA L 27 4.94 74.12 -44.73
CA ALA L 27 5.81 72.95 -44.57
C ALA L 27 6.42 72.59 -45.94
N LEU L 28 5.71 72.94 -47.04
CA LEU L 28 6.20 72.73 -48.39
C LEU L 28 7.24 73.83 -48.72
N PRO L 29 8.50 73.51 -49.09
CA PRO L 29 9.47 74.59 -49.43
C PRO L 29 9.08 75.42 -50.65
N VAL L 30 9.32 76.74 -50.58
CA VAL L 30 9.00 77.68 -51.66
C VAL L 30 10.05 77.79 -52.75
N GLY L 31 9.63 77.52 -53.99
CA GLY L 31 10.48 77.66 -55.17
C GLY L 31 11.55 76.61 -55.37
N GLN L 32 11.57 75.58 -54.52
CA GLN L 32 12.51 74.46 -54.63
C GLN L 32 11.94 73.18 -54.01
N ASN L 33 12.59 72.04 -54.29
CA ASN L 33 12.24 70.73 -53.77
C ASN L 33 13.19 70.29 -52.66
N SER L 34 14.47 70.71 -52.75
CA SER L 34 15.48 70.25 -51.81
C SER L 34 16.25 71.34 -51.05
N PRO L 35 15.63 72.08 -50.13
CA PRO L 35 16.41 73.06 -49.35
C PRO L 35 17.43 72.40 -48.41
N GLN L 36 18.39 73.20 -47.90
CA GLN L 36 19.38 72.69 -46.97
C GLN L 36 18.70 72.45 -45.61
N LYS L 37 17.89 73.40 -45.17
CA LYS L 37 17.16 73.27 -43.92
C LYS L 37 15.69 73.36 -44.24
N ALA L 38 15.08 72.21 -44.47
CA ALA L 38 13.66 72.10 -44.82
C ALA L 38 12.78 72.69 -43.71
N PRO L 39 11.65 73.36 -44.06
CA PRO L 39 10.78 73.90 -42.99
C PRO L 39 10.37 72.80 -42.01
N TYR L 40 10.34 73.14 -40.70
CA TYR L 40 10.01 72.29 -39.55
C TYR L 40 10.99 71.17 -39.26
N GLY L 41 12.16 71.21 -39.89
CA GLY L 41 13.21 70.21 -39.72
C GLY L 41 12.81 68.86 -40.26
N LEU L 42 12.08 68.87 -41.38
CA LEU L 42 11.57 67.70 -42.09
C LEU L 42 12.63 67.17 -43.08
N TYR L 43 12.46 65.93 -43.59
CA TYR L 43 13.39 65.38 -44.56
C TYR L 43 12.72 65.34 -45.91
N ALA L 44 13.42 65.76 -46.96
CA ALA L 44 12.84 65.70 -48.30
C ALA L 44 13.06 64.28 -48.86
N GLU L 45 12.04 63.72 -49.51
CA GLU L 45 12.12 62.37 -50.09
C GLU L 45 11.41 62.31 -51.42
N LEU L 46 12.04 61.68 -52.39
CA LEU L 46 11.42 61.55 -53.72
C LEU L 46 10.98 60.11 -53.99
N LEU L 47 9.67 59.93 -54.24
CA LEU L 47 9.03 58.67 -54.61
C LEU L 47 8.78 58.76 -56.14
N SER L 48 9.68 58.13 -56.93
CA SER L 48 9.73 58.06 -58.39
C SER L 48 8.91 56.83 -58.79
N GLY L 49 7.65 57.05 -59.18
CA GLY L 49 6.77 55.96 -59.60
C GLY L 49 6.97 55.53 -61.04
N THR L 50 7.80 56.27 -61.80
CA THR L 50 8.11 55.99 -63.19
C THR L 50 9.58 56.27 -63.43
N ALA L 51 10.11 55.82 -64.58
CA ALA L 51 11.48 56.15 -64.97
C ALA L 51 11.56 57.71 -65.06
N PHE L 52 12.69 58.30 -64.70
CA PHE L 52 12.89 59.77 -64.71
C PHE L 52 12.59 60.40 -66.08
N THR L 53 12.94 59.68 -67.16
CA THR L 53 12.85 60.07 -68.58
C THR L 53 11.54 59.79 -69.29
N MET L 54 10.46 59.48 -68.53
CA MET L 54 9.15 59.28 -69.14
C MET L 54 8.68 60.61 -69.74
N ALA L 55 7.84 60.59 -70.82
CA ALA L 55 7.25 61.82 -71.37
C ALA L 55 6.44 62.41 -70.24
N ARG L 56 6.49 63.76 -70.05
CA ARG L 56 5.79 64.43 -68.94
C ARG L 56 4.34 63.93 -68.69
N SER L 57 3.59 63.57 -69.75
CA SER L 57 2.22 63.12 -69.54
C SER L 57 2.12 61.69 -68.94
N GLU L 58 3.23 60.94 -68.95
CA GLU L 58 3.34 59.58 -68.40
C GLU L 58 4.11 59.58 -67.06
N LEU L 59 4.49 60.78 -66.56
CA LEU L 59 5.25 60.93 -65.33
C LEU L 59 4.38 60.83 -64.07
N ARG L 60 4.85 60.02 -63.08
CA ARG L 60 4.26 59.83 -61.75
C ARG L 60 5.40 59.97 -60.73
N ARG L 61 5.44 61.12 -60.03
CA ARG L 61 6.47 61.39 -59.03
C ARG L 61 5.95 62.35 -57.95
N THR L 62 6.23 62.02 -56.67
CA THR L 62 5.82 62.80 -55.51
C THR L 62 6.98 63.06 -54.59
N TRP L 63 7.10 64.32 -54.18
CA TRP L 63 8.07 64.79 -53.19
C TRP L 63 7.38 64.77 -51.85
N LEU L 64 8.00 64.15 -50.85
CA LEU L 64 7.49 63.99 -49.48
C LEU L 64 8.38 64.78 -48.52
N TYR L 65 7.76 65.43 -47.53
CA TYR L 65 8.46 66.20 -46.50
C TYR L 65 8.00 65.56 -45.21
N ARG L 66 8.84 64.64 -44.72
CA ARG L 66 8.54 63.75 -43.62
C ARG L 66 9.41 63.87 -42.38
N ILE L 67 8.94 63.25 -41.27
CA ILE L 67 9.62 63.25 -39.95
C ILE L 67 10.93 62.50 -40.02
N ARG L 68 10.90 61.25 -40.50
CA ARG L 68 12.07 60.39 -40.64
C ARG L 68 12.08 59.83 -42.08
N PRO L 69 13.24 59.76 -42.76
CA PRO L 69 13.25 59.19 -44.11
C PRO L 69 12.93 57.70 -44.11
N SER L 70 12.42 57.22 -45.24
CA SER L 70 12.02 55.81 -45.43
C SER L 70 13.17 54.81 -45.25
N ALA L 71 14.43 55.28 -45.45
CA ALA L 71 15.68 54.55 -45.32
C ALA L 71 16.01 54.11 -43.88
N LEU L 72 15.37 54.73 -42.90
CA LEU L 72 15.53 54.38 -41.49
C LEU L 72 14.68 53.14 -41.24
N HIS L 73 15.25 51.96 -41.53
CA HIS L 73 14.60 50.66 -41.33
C HIS L 73 15.62 49.53 -41.21
N PRO L 74 15.36 48.48 -40.42
CA PRO L 74 16.30 47.36 -40.36
C PRO L 74 16.03 46.33 -41.48
N ARG L 75 16.78 45.21 -41.45
CA ARG L 75 16.66 44.13 -42.41
C ARG L 75 15.28 43.52 -42.36
N PHE L 76 14.67 43.36 -43.55
CA PHE L 76 13.37 42.71 -43.75
C PHE L 76 13.60 41.22 -43.66
N GLU L 77 12.70 40.50 -42.99
CA GLU L 77 12.72 39.03 -42.89
C GLU L 77 11.43 38.51 -43.50
N ARG L 78 11.51 37.36 -44.18
CA ARG L 78 10.38 36.68 -44.84
C ARG L 78 9.45 36.14 -43.79
N LEU L 79 8.16 36.45 -43.90
CA LEU L 79 7.23 35.96 -42.88
C LEU L 79 6.90 34.48 -43.07
N ALA L 80 6.48 33.83 -41.98
CA ALA L 80 6.08 32.45 -42.12
C ALA L 80 4.77 32.35 -42.89
N ARG L 81 3.84 33.23 -42.56
CA ARG L 81 2.52 33.30 -43.16
C ARG L 81 2.61 33.93 -44.56
N GLN L 82 2.38 33.16 -45.58
CA GLN L 82 2.43 33.58 -46.99
C GLN L 82 1.17 33.19 -47.79
N PRO L 83 0.16 34.14 -47.78
CA PRO L 83 -1.08 33.72 -48.48
C PRO L 83 -1.05 33.65 -50.04
N LEU L 84 0.04 34.12 -50.62
CA LEU L 84 0.26 34.20 -52.09
C LEU L 84 1.35 33.25 -52.63
N GLY L 85 1.87 32.34 -51.79
CA GLY L 85 2.84 31.36 -52.22
C GLY L 85 2.21 30.09 -52.70
N GLY L 86 0.91 30.04 -52.67
CA GLY L 86 0.20 28.88 -53.22
C GLY L 86 0.54 28.65 -54.68
N PRO L 87 0.44 27.40 -55.20
CA PRO L 87 0.81 27.18 -56.61
C PRO L 87 -0.24 27.67 -57.62
N LEU L 88 0.17 27.82 -58.88
CA LEU L 88 -0.74 28.19 -59.95
C LEU L 88 -1.49 26.89 -60.27
N GLY L 89 -2.75 26.99 -60.71
CA GLY L 89 -3.51 25.80 -61.04
C GLY L 89 -2.99 25.11 -62.28
N GLY L 90 -3.62 24.00 -62.63
CA GLY L 90 -3.25 23.30 -63.85
C GLY L 90 -3.82 24.01 -65.07
N ILE L 91 -3.40 23.58 -66.27
CA ILE L 91 -3.89 24.16 -67.54
C ILE L 91 -5.37 23.74 -67.67
N ASN L 92 -6.26 24.73 -67.90
CA ASN L 92 -7.70 24.49 -67.99
C ASN L 92 -8.34 25.57 -68.89
N PRO L 93 -8.77 25.22 -70.15
CA PRO L 93 -9.42 26.21 -71.03
C PRO L 93 -10.89 26.50 -70.72
N ASN L 94 -11.49 25.78 -69.74
CA ASN L 94 -12.89 25.93 -69.41
C ASN L 94 -13.36 27.28 -68.94
N ARG L 95 -14.63 27.57 -69.25
CA ARG L 95 -15.35 28.74 -68.80
C ARG L 95 -15.64 28.46 -67.35
N LEU L 96 -15.22 29.37 -66.46
CA LEU L 96 -15.37 29.18 -65.03
C LEU L 96 -16.21 30.27 -64.39
N ARG L 97 -17.00 29.88 -63.36
CA ARG L 97 -17.83 30.78 -62.55
C ARG L 97 -17.74 30.42 -61.06
N TRP L 98 -17.40 31.41 -60.21
CA TRP L 98 -17.33 31.19 -58.74
C TRP L 98 -18.46 31.92 -58.00
N SER L 99 -18.94 31.35 -56.88
CA SER L 99 -19.95 31.96 -56.01
C SER L 99 -19.25 32.97 -55.04
N PRO L 100 -19.94 33.89 -54.30
CA PRO L 100 -19.21 34.79 -53.38
C PRO L 100 -18.29 34.01 -52.41
N GLN L 101 -17.12 34.58 -52.04
CA GLN L 101 -16.21 33.88 -51.14
C GLN L 101 -16.57 34.10 -49.65
N PRO L 102 -16.43 33.07 -48.78
CA PRO L 102 -16.70 33.27 -47.35
C PRO L 102 -15.60 34.08 -46.65
N ILE L 103 -15.98 34.87 -45.62
CA ILE L 103 -15.01 35.62 -44.82
C ILE L 103 -14.45 34.63 -43.77
N PRO L 104 -13.13 34.31 -43.79
CA PRO L 104 -12.58 33.34 -42.80
C PRO L 104 -12.86 33.66 -41.33
N ALA L 105 -13.00 32.61 -40.50
CA ALA L 105 -13.23 32.72 -39.06
C ALA L 105 -11.94 33.15 -38.37
N GLU L 106 -10.78 32.72 -38.91
CA GLU L 106 -9.43 33.01 -38.40
C GLU L 106 -9.03 34.48 -38.58
N PRO L 107 -8.23 35.07 -37.63
CA PRO L 107 -7.81 36.47 -37.78
C PRO L 107 -7.13 36.69 -39.12
N THR L 108 -7.75 37.56 -39.92
CA THR L 108 -7.30 37.87 -41.25
C THR L 108 -7.48 39.37 -41.51
N ASP L 109 -6.36 40.13 -41.57
CA ASP L 109 -6.43 41.55 -41.89
C ASP L 109 -6.48 41.69 -43.43
N PHE L 110 -6.61 42.91 -43.95
CA PHE L 110 -6.72 43.15 -45.39
C PHE L 110 -5.67 42.44 -46.24
N ILE L 111 -4.38 42.59 -45.90
CA ILE L 111 -3.30 41.95 -46.67
C ILE L 111 -3.22 40.45 -46.44
N GLU L 112 -3.75 39.97 -45.32
CA GLU L 112 -3.74 38.55 -45.03
C GLU L 112 -4.85 37.82 -45.80
N GLY L 113 -5.88 38.55 -46.18
CA GLY L 113 -7.06 37.98 -46.85
C GLY L 113 -7.14 37.94 -48.36
N TRP L 114 -6.04 38.22 -49.06
CA TRP L 114 -6.02 38.19 -50.51
C TRP L 114 -6.05 36.77 -51.01
N LEU L 115 -7.17 36.37 -51.65
CA LEU L 115 -7.35 35.06 -52.25
C LEU L 115 -6.92 35.15 -53.72
N PRO L 116 -5.82 34.47 -54.14
CA PRO L 116 -5.43 34.52 -55.56
C PRO L 116 -6.49 33.81 -56.42
N MET L 117 -7.07 34.53 -57.39
CA MET L 117 -8.13 34.02 -58.26
C MET L 117 -7.55 33.59 -59.55
N ALA L 118 -6.92 34.53 -60.27
CA ALA L 118 -6.28 34.25 -61.55
C ALA L 118 -5.26 35.33 -61.84
N ALA L 119 -4.18 34.95 -62.50
CA ALA L 119 -3.11 35.89 -62.85
C ALA L 119 -2.42 35.53 -64.15
N ASN L 120 -1.78 36.51 -64.77
CA ASN L 120 -1.03 36.34 -66.01
C ASN L 120 0.27 35.55 -65.78
N ALA L 121 0.83 35.59 -64.58
CA ALA L 121 2.06 34.87 -64.26
C ALA L 121 2.12 34.45 -62.79
N GLY L 122 3.14 33.68 -62.45
CA GLY L 122 3.34 33.28 -61.07
C GLY L 122 3.69 34.50 -60.23
N ALA L 123 3.21 34.53 -58.97
CA ALA L 123 3.43 35.62 -58.00
C ALA L 123 4.90 36.01 -57.87
N GLU L 124 5.77 35.00 -58.02
CA GLU L 124 7.24 35.10 -57.95
C GLU L 124 7.85 35.79 -59.19
N LYS L 125 7.12 35.87 -60.34
CA LYS L 125 7.56 36.53 -61.59
C LYS L 125 6.48 37.56 -62.04
N PRO L 126 6.20 38.62 -61.21
CA PRO L 126 5.14 39.58 -61.56
C PRO L 126 5.19 40.14 -62.97
N ALA L 127 4.07 39.97 -63.70
CA ALA L 127 3.93 40.46 -65.06
C ALA L 127 2.45 40.63 -65.35
N GLY L 128 2.11 41.70 -66.06
CA GLY L 128 0.74 41.98 -66.47
C GLY L 128 -0.14 42.35 -65.31
N VAL L 129 -1.13 41.51 -65.03
CA VAL L 129 -2.13 41.71 -63.96
C VAL L 129 -2.31 40.44 -63.11
N SER L 130 -2.61 40.63 -61.82
CA SER L 130 -2.91 39.56 -60.86
C SER L 130 -4.23 39.93 -60.19
N ILE L 131 -5.23 39.03 -60.24
CA ILE L 131 -6.58 39.24 -59.70
C ILE L 131 -6.80 38.51 -58.37
N TYR L 132 -7.34 39.24 -57.37
CA TYR L 132 -7.63 38.63 -56.07
C TYR L 132 -8.98 39.05 -55.57
N ILE L 133 -9.47 38.31 -54.58
CA ILE L 133 -10.66 38.68 -53.83
C ILE L 133 -10.15 38.83 -52.41
N TYR L 134 -10.44 39.95 -51.75
CA TYR L 134 -10.03 40.14 -50.37
C TYR L 134 -11.20 39.86 -49.45
N ARG L 135 -10.90 39.14 -48.37
CA ARG L 135 -11.83 38.83 -47.28
C ARG L 135 -11.07 39.19 -46.03
N ALA L 136 -11.66 40.02 -45.18
CA ALA L 136 -11.01 40.47 -43.94
C ALA L 136 -11.99 40.62 -42.77
N ASN L 137 -11.52 40.29 -41.55
CA ASN L 137 -12.31 40.32 -40.30
C ASN L 137 -11.66 41.14 -39.19
N ARG L 138 -10.61 41.92 -39.55
CA ARG L 138 -9.89 42.80 -38.62
C ARG L 138 -9.15 43.93 -39.35
N SER L 139 -9.04 45.08 -38.67
CA SER L 139 -8.30 46.25 -39.16
C SER L 139 -6.80 45.98 -39.02
N MET L 140 -5.97 46.57 -39.90
CA MET L 140 -4.52 46.36 -39.87
C MET L 140 -3.82 47.02 -38.68
N GLU L 141 -2.97 46.24 -37.99
CA GLU L 141 -2.15 46.62 -36.84
C GLU L 141 -0.68 46.63 -37.31
N ARG L 142 -0.46 47.32 -38.45
CA ARG L 142 0.79 47.47 -39.18
C ARG L 142 0.58 48.30 -40.45
N VAL L 143 1.71 48.70 -41.05
CA VAL L 143 1.77 49.49 -42.28
C VAL L 143 2.35 48.62 -43.40
N PHE L 144 1.74 48.67 -44.59
CA PHE L 144 2.12 47.84 -45.74
C PHE L 144 2.43 48.64 -47.00
N PHE L 145 3.32 48.08 -47.85
CA PHE L 145 3.62 48.58 -49.20
C PHE L 145 3.82 47.43 -50.13
N ASN L 146 3.34 47.56 -51.35
CA ASN L 146 3.44 46.55 -52.40
C ASN L 146 4.51 46.97 -53.41
N ALA L 147 5.63 46.20 -53.53
CA ALA L 147 6.72 46.51 -54.47
C ALA L 147 6.46 45.96 -55.88
N ASP L 148 5.45 45.10 -55.99
CA ASP L 148 5.10 44.37 -57.20
C ASP L 148 4.14 45.06 -58.16
N GLY L 149 3.34 46.01 -57.67
CA GLY L 149 2.45 46.72 -58.58
C GLY L 149 1.54 47.73 -57.94
N GLU L 150 0.73 48.36 -58.78
CA GLU L 150 -0.25 49.35 -58.44
C GLU L 150 -1.52 48.54 -58.04
N LEU L 151 -2.24 49.00 -57.02
CA LEU L 151 -3.41 48.28 -56.49
C LEU L 151 -4.72 48.96 -56.84
N LEU L 152 -5.62 48.25 -57.58
CA LEU L 152 -6.97 48.74 -57.89
C LEU L 152 -7.92 47.93 -57.02
N LEU L 153 -8.59 48.63 -56.11
CA LEU L 153 -9.51 48.02 -55.14
C LEU L 153 -10.94 48.36 -55.49
N VAL L 154 -11.78 47.33 -55.53
CA VAL L 154 -13.20 47.47 -55.85
C VAL L 154 -14.08 46.87 -54.70
N PRO L 155 -14.36 47.68 -53.66
CA PRO L 155 -15.14 47.16 -52.51
C PRO L 155 -16.50 46.59 -52.87
N GLU L 156 -16.86 45.45 -52.27
CA GLU L 156 -18.18 44.82 -52.55
C GLU L 156 -19.01 44.76 -51.26
N GLN L 157 -18.36 44.46 -50.09
CA GLN L 157 -19.04 44.47 -48.78
C GLN L 157 -18.13 45.16 -47.74
N GLY L 158 -18.65 46.16 -47.04
CA GLY L 158 -17.88 46.85 -45.99
C GLY L 158 -17.06 48.01 -46.49
N ARG L 159 -17.10 49.12 -45.76
CA ARG L 159 -16.33 50.33 -46.07
C ARG L 159 -14.91 50.14 -45.56
N LEU L 160 -14.00 50.84 -46.20
CA LEU L 160 -12.59 50.82 -45.87
C LEU L 160 -12.23 52.25 -45.42
N ARG L 161 -11.32 52.38 -44.46
CA ARG L 161 -10.73 53.68 -44.07
C ARG L 161 -9.24 53.44 -44.32
N ILE L 162 -8.74 53.97 -45.45
CA ILE L 162 -7.39 53.73 -45.96
C ILE L 162 -6.41 54.84 -45.62
N ALA L 163 -5.54 54.60 -44.63
CA ALA L 163 -4.55 55.60 -44.25
C ALA L 163 -3.27 55.38 -45.02
N THR L 164 -3.01 56.23 -46.03
CA THR L 164 -1.82 56.20 -46.91
C THR L 164 -0.81 57.23 -46.41
N GLU L 165 0.40 57.24 -47.01
CA GLU L 165 1.45 58.24 -46.73
C GLU L 165 0.98 59.66 -47.11
N LEU L 166 0.10 59.80 -48.11
CA LEU L 166 -0.35 61.14 -48.52
C LEU L 166 -1.64 61.60 -47.85
N GLY L 167 -2.23 60.74 -47.03
CA GLY L 167 -3.45 61.08 -46.34
C GLY L 167 -4.41 59.92 -46.24
N VAL L 168 -5.54 60.13 -45.56
CA VAL L 168 -6.57 59.11 -45.35
C VAL L 168 -7.75 59.25 -46.33
N MET L 169 -8.19 58.13 -46.91
CA MET L 169 -9.36 58.08 -47.76
C MET L 169 -10.32 56.96 -47.33
N GLU L 170 -11.62 57.24 -47.43
CA GLU L 170 -12.68 56.29 -47.11
C GLU L 170 -13.36 55.87 -48.39
N VAL L 171 -13.35 54.57 -48.66
CA VAL L 171 -13.93 53.98 -49.85
C VAL L 171 -14.97 53.00 -49.42
N GLU L 172 -16.12 53.01 -50.11
CA GLU L 172 -17.26 52.12 -49.84
C GLU L 172 -17.69 51.46 -51.12
N PRO L 173 -18.34 50.27 -51.12
CA PRO L 173 -18.82 49.70 -52.40
C PRO L 173 -19.56 50.75 -53.25
N LEU L 174 -19.31 50.73 -54.57
CA LEU L 174 -19.75 51.66 -55.63
C LEU L 174 -18.71 52.75 -55.91
N GLU L 175 -17.59 52.68 -55.19
CA GLU L 175 -16.45 53.58 -55.33
C GLU L 175 -15.25 52.67 -55.59
N ILE L 176 -14.18 53.24 -56.15
CA ILE L 176 -12.96 52.46 -56.37
C ILE L 176 -11.80 53.24 -55.74
N ALA L 177 -10.71 52.55 -55.43
CA ALA L 177 -9.54 53.23 -54.90
C ALA L 177 -8.32 52.66 -55.59
N VAL L 178 -7.29 53.48 -55.77
CA VAL L 178 -6.04 52.98 -56.35
C VAL L 178 -4.86 53.37 -55.46
N ILE L 179 -3.96 52.44 -55.18
CA ILE L 179 -2.75 52.74 -54.42
C ILE L 179 -1.56 52.50 -55.31
N PRO L 180 -0.72 53.55 -55.57
CA PRO L 180 0.47 53.34 -56.41
C PRO L 180 1.49 52.42 -55.74
N ARG L 181 2.26 51.73 -56.58
CA ARG L 181 3.32 50.82 -56.14
C ARG L 181 4.29 51.57 -55.21
N GLY L 182 4.67 50.90 -54.14
CA GLY L 182 5.67 51.42 -53.20
C GLY L 182 5.11 52.30 -52.10
N MET L 183 3.87 52.75 -52.26
CA MET L 183 3.24 53.61 -51.25
C MET L 183 2.79 52.83 -50.04
N LYS L 184 3.15 53.33 -48.86
CA LYS L 184 2.77 52.67 -47.62
C LYS L 184 1.35 53.05 -47.26
N PHE L 185 0.59 52.07 -46.75
CA PHE L 185 -0.82 52.24 -46.37
C PHE L 185 -1.25 51.25 -45.30
N ARG L 186 -2.32 51.58 -44.60
CA ARG L 186 -2.93 50.80 -43.53
C ARG L 186 -4.45 50.83 -43.71
N VAL L 187 -5.06 49.66 -43.70
CA VAL L 187 -6.50 49.49 -43.90
C VAL L 187 -7.26 49.18 -42.63
N GLU L 188 -8.14 50.11 -42.22
CA GLU L 188 -9.06 49.94 -41.10
C GLU L 188 -10.46 49.60 -41.64
N LEU L 189 -11.10 48.57 -41.07
CA LEU L 189 -12.44 48.17 -41.52
C LEU L 189 -13.51 48.85 -40.63
N LEU L 190 -14.26 49.78 -41.23
CA LEU L 190 -15.31 50.55 -40.51
C LEU L 190 -16.52 49.74 -40.05
N ASP L 191 -16.95 48.70 -40.82
CA ASP L 191 -18.11 47.86 -40.47
C ASP L 191 -17.74 46.44 -40.08
N GLY L 192 -16.67 46.27 -39.30
CA GLY L 192 -16.21 44.98 -38.79
C GLY L 192 -15.60 44.01 -39.80
N GLN L 193 -16.42 43.57 -40.80
CA GLN L 193 -15.97 42.64 -41.85
C GLN L 193 -15.82 43.38 -43.18
N ALA L 194 -14.96 42.85 -44.09
CA ALA L 194 -14.76 43.44 -45.42
C ALA L 194 -14.64 42.40 -46.55
N ARG L 195 -15.14 42.76 -47.76
CA ARG L 195 -15.03 41.94 -48.95
C ARG L 195 -14.95 42.81 -50.19
N GLY L 196 -14.22 42.32 -51.20
CA GLY L 196 -14.09 43.02 -52.46
C GLY L 196 -13.10 42.39 -53.41
N TYR L 197 -12.86 43.09 -54.53
CA TYR L 197 -11.96 42.60 -55.57
C TYR L 197 -10.73 43.49 -55.69
N ILE L 198 -9.64 42.88 -56.15
CA ILE L 198 -8.37 43.57 -56.39
C ILE L 198 -7.79 43.24 -57.76
N ALA L 199 -7.37 44.31 -58.50
CA ALA L 199 -6.63 44.12 -59.73
C ALA L 199 -5.23 44.71 -59.39
N GLU L 200 -4.24 43.85 -59.28
CA GLU L 200 -2.89 44.29 -58.99
C GLU L 200 -2.19 44.45 -60.35
N ASN L 201 -1.84 45.68 -60.69
CA ASN L 201 -1.22 46.09 -61.94
C ASN L 201 0.31 46.12 -61.86
N HIS L 202 0.96 45.23 -62.60
CA HIS L 202 2.42 45.10 -62.62
C HIS L 202 3.02 45.89 -63.78
N GLY L 203 2.16 46.39 -64.70
CA GLY L 203 2.54 47.11 -65.91
C GLY L 203 2.39 48.61 -65.84
N ALA L 204 2.25 49.25 -67.00
CA ALA L 204 2.08 50.68 -67.10
C ALA L 204 0.93 51.18 -66.20
N PRO L 205 1.14 52.27 -65.45
CA PRO L 205 0.12 52.70 -64.47
C PRO L 205 -1.24 52.97 -65.11
N LEU L 206 -2.33 52.66 -64.38
CA LEU L 206 -3.70 52.94 -64.83
C LEU L 206 -3.93 54.43 -65.13
N ARG L 207 -4.63 54.70 -66.22
CA ARG L 207 -4.98 56.06 -66.67
C ARG L 207 -6.33 56.13 -67.37
N LEU L 208 -6.83 57.35 -67.58
CA LEU L 208 -8.08 57.57 -68.27
C LEU L 208 -7.92 57.16 -69.73
N PRO L 209 -8.93 56.52 -70.32
CA PRO L 209 -8.81 56.13 -71.73
C PRO L 209 -8.82 57.30 -72.71
N ASP L 210 -8.27 57.05 -73.90
CA ASP L 210 -8.29 58.03 -75.01
C ASP L 210 -9.74 58.02 -75.41
N LEU L 211 -10.41 59.20 -75.44
CA LEU L 211 -11.85 59.28 -75.75
C LEU L 211 -12.26 59.14 -77.22
N GLY L 212 -11.29 59.21 -78.11
CA GLY L 212 -11.57 59.08 -79.54
C GLY L 212 -12.59 60.13 -79.95
N PRO L 213 -13.72 59.72 -80.59
CA PRO L 213 -14.76 60.69 -80.98
C PRO L 213 -15.60 61.23 -79.85
N ILE L 214 -15.59 60.57 -78.69
CA ILE L 214 -16.28 61.08 -77.52
C ILE L 214 -15.68 62.48 -77.17
N GLY L 215 -14.43 62.71 -77.55
CA GLY L 215 -13.86 64.04 -77.45
C GLY L 215 -13.14 64.42 -76.18
N SER L 216 -13.57 65.55 -75.62
CA SER L 216 -12.92 66.17 -74.49
C SER L 216 -13.62 65.97 -73.15
N ASN L 217 -14.79 65.31 -73.19
CA ASN L 217 -15.58 65.04 -71.98
C ASN L 217 -16.31 63.71 -72.16
N GLY L 218 -16.79 63.14 -71.05
CA GLY L 218 -17.53 61.87 -71.07
C GLY L 218 -16.82 60.76 -70.29
N LEU L 219 -17.56 59.69 -69.94
CA LEU L 219 -17.07 58.56 -69.15
C LEU L 219 -16.69 59.07 -67.74
N ALA L 220 -15.55 58.62 -67.21
CA ALA L 220 -15.12 59.11 -65.91
C ALA L 220 -14.42 60.46 -66.12
N ASN L 221 -15.08 61.54 -65.73
CA ASN L 221 -14.51 62.87 -65.92
C ASN L 221 -13.40 63.05 -64.92
N PRO L 222 -12.27 63.68 -65.28
CA PRO L 222 -11.15 63.74 -64.32
C PRO L 222 -11.43 64.44 -62.99
N ARG L 223 -12.39 65.39 -62.98
CA ARG L 223 -12.78 66.20 -61.80
C ARG L 223 -13.29 65.35 -60.61
N ASP L 224 -13.76 64.11 -60.87
CA ASP L 224 -14.33 63.21 -59.86
C ASP L 224 -13.37 62.22 -59.23
N PHE L 225 -12.08 62.36 -59.53
CA PHE L 225 -11.00 61.53 -58.99
C PHE L 225 -10.39 62.27 -57.83
N LEU L 226 -10.64 61.76 -56.61
CA LEU L 226 -10.31 62.40 -55.35
C LEU L 226 -9.07 61.84 -54.64
N THR L 227 -8.17 62.73 -54.25
CA THR L 227 -6.92 62.45 -53.53
C THR L 227 -6.95 63.01 -52.10
N PRO L 228 -6.57 62.24 -51.06
CA PRO L 228 -6.58 62.80 -49.69
C PRO L 228 -5.66 63.99 -49.46
N VAL L 229 -5.98 64.82 -48.45
CA VAL L 229 -5.10 65.92 -48.05
C VAL L 229 -4.04 65.33 -47.09
N ALA L 230 -2.84 65.94 -47.00
CA ALA L 230 -1.77 65.47 -46.13
C ALA L 230 -2.19 65.26 -44.66
N HIS L 231 -1.74 64.15 -44.06
CA HIS L 231 -2.00 63.76 -42.68
C HIS L 231 -0.84 62.94 -42.16
N TYR L 232 -0.30 63.33 -40.99
CA TYR L 232 0.82 62.59 -40.40
C TYR L 232 0.47 62.17 -38.98
N GLU L 233 1.05 61.06 -38.51
CA GLU L 233 0.87 60.53 -37.16
C GLU L 233 2.19 60.70 -36.39
N GLU L 234 2.13 61.11 -35.10
CA GLU L 234 3.30 61.30 -34.25
C GLU L 234 3.24 60.41 -32.99
N ALA L 235 3.05 59.10 -33.18
CA ALA L 235 2.95 58.15 -32.06
C ALA L 235 4.19 57.27 -31.96
N GLU L 236 5.04 57.57 -30.96
CA GLU L 236 6.27 56.84 -30.65
C GLU L 236 5.94 55.44 -30.11
N GLY L 237 6.07 54.44 -30.98
CA GLY L 237 5.79 53.04 -30.67
C GLY L 237 6.23 52.08 -31.75
N PRO L 238 6.53 50.80 -31.39
CA PRO L 238 6.97 49.81 -32.41
C PRO L 238 5.89 49.48 -33.43
N VAL L 239 6.24 49.50 -34.73
CA VAL L 239 5.30 49.23 -35.81
C VAL L 239 5.91 48.25 -36.82
N GLN L 240 5.15 47.23 -37.21
CA GLN L 240 5.59 46.29 -38.23
C GLN L 240 5.38 46.95 -39.59
N LEU L 241 6.42 46.84 -40.46
CA LEU L 241 6.36 47.28 -41.86
C LEU L 241 6.42 46.04 -42.71
N VAL L 242 5.37 45.82 -43.51
CA VAL L 242 5.26 44.65 -44.37
C VAL L 242 5.39 45.14 -45.79
N GLN L 243 6.12 44.39 -46.60
CA GLN L 243 6.33 44.67 -48.00
C GLN L 243 6.03 43.40 -48.79
N LYS L 244 5.33 43.54 -49.93
CA LYS L 244 5.07 42.44 -50.84
C LYS L 244 6.12 42.52 -51.93
N PHE L 245 6.99 41.52 -52.00
CA PHE L 245 8.05 41.53 -52.99
C PHE L 245 8.12 40.17 -53.60
N LEU L 246 7.91 40.14 -54.91
CA LEU L 246 7.92 38.93 -55.72
C LEU L 246 6.95 37.91 -55.19
N GLY L 247 5.76 38.38 -54.81
CA GLY L 247 4.68 37.56 -54.27
C GLY L 247 4.76 37.21 -52.80
N GLU L 248 5.91 37.52 -52.15
CA GLU L 248 6.14 37.19 -50.75
C GLU L 248 5.99 38.38 -49.79
N HIS L 249 5.49 38.11 -48.59
CA HIS L 249 5.42 39.12 -47.54
C HIS L 249 6.74 39.13 -46.78
N TRP L 250 7.37 40.30 -46.70
CA TRP L 250 8.63 40.49 -45.96
C TRP L 250 8.39 41.59 -44.92
N ALA L 251 8.86 41.37 -43.67
CA ALA L 251 8.61 42.31 -42.59
C ALA L 251 9.81 42.77 -41.81
N CYS L 252 9.69 43.99 -41.26
CA CYS L 252 10.69 44.59 -40.39
C CYS L 252 9.98 45.41 -39.32
N GLU L 253 10.69 45.76 -38.23
CA GLU L 253 10.08 46.49 -37.13
C GLU L 253 10.69 47.88 -36.97
N LEU L 254 9.85 48.92 -37.12
CA LEU L 254 10.25 50.31 -36.97
C LEU L 254 9.88 50.77 -35.57
N GLN L 255 10.58 51.78 -35.04
CA GLN L 255 10.33 52.38 -33.71
C GLN L 255 9.69 53.78 -33.84
N HIS L 256 8.97 53.98 -34.95
CA HIS L 256 8.29 55.22 -35.32
C HIS L 256 7.17 54.90 -36.31
N SER L 257 6.22 55.83 -36.48
CA SER L 257 5.17 55.63 -37.47
C SER L 257 5.67 55.99 -38.88
N PRO L 258 5.47 55.07 -39.86
CA PRO L 258 5.91 55.35 -41.25
C PRO L 258 5.07 56.43 -41.94
N LEU L 259 3.82 56.61 -41.46
CA LEU L 259 2.86 57.61 -41.96
C LEU L 259 3.19 58.95 -41.25
N ASP L 260 4.36 59.51 -41.58
CA ASP L 260 4.86 60.75 -41.01
C ASP L 260 5.08 61.87 -42.05
N VAL L 261 4.33 61.86 -43.20
CA VAL L 261 4.49 62.90 -44.23
C VAL L 261 3.67 64.15 -43.86
N VAL L 262 4.36 65.24 -43.43
CA VAL L 262 3.73 66.51 -43.01
C VAL L 262 3.25 67.31 -44.23
N ALA L 263 3.96 67.17 -45.36
CA ALA L 263 3.61 67.88 -46.59
C ALA L 263 4.14 67.16 -47.80
N TRP L 264 3.43 67.27 -48.94
CA TRP L 264 3.82 66.65 -50.19
C TRP L 264 3.36 67.43 -51.41
N HIS L 265 3.95 67.13 -52.55
CA HIS L 265 3.52 67.72 -53.82
C HIS L 265 3.93 66.77 -54.93
N GLY L 266 3.05 66.59 -55.90
CA GLY L 266 3.34 65.69 -56.99
C GLY L 266 2.14 64.99 -57.58
N SER L 267 2.43 64.02 -58.44
CA SER L 267 1.49 63.30 -59.28
C SER L 267 1.40 61.79 -59.01
N ASN L 268 2.28 61.25 -58.15
CA ASN L 268 2.21 59.85 -57.80
C ASN L 268 1.35 59.76 -56.56
N VAL L 269 0.02 59.69 -56.74
CA VAL L 269 -0.93 59.76 -55.63
C VAL L 269 -1.95 58.61 -55.43
N PRO L 270 -2.46 58.38 -54.20
CA PRO L 270 -3.58 57.46 -54.08
C PRO L 270 -4.82 58.24 -54.53
N TYR L 271 -5.83 57.57 -55.04
CA TYR L 271 -7.06 58.26 -55.41
C TYR L 271 -8.27 57.36 -55.32
N LYS L 272 -9.45 57.98 -55.18
CA LYS L 272 -10.75 57.33 -55.22
C LYS L 272 -11.65 57.94 -56.31
N TYR L 273 -12.65 57.18 -56.73
CA TYR L 273 -13.58 57.64 -57.73
C TYR L 273 -14.89 56.97 -57.46
N ASP L 274 -16.00 57.70 -57.49
CA ASP L 274 -17.33 57.16 -57.28
C ASP L 274 -17.88 56.72 -58.64
N LEU L 275 -18.19 55.40 -58.77
CA LEU L 275 -18.74 54.80 -60.00
C LEU L 275 -20.15 55.31 -60.30
N ARG L 276 -20.81 55.92 -59.31
CA ARG L 276 -22.14 56.53 -59.52
C ARG L 276 -22.06 57.84 -60.32
N ARG L 277 -20.84 58.34 -60.60
CA ARG L 277 -20.61 59.59 -61.35
C ARG L 277 -20.16 59.32 -62.77
N PHE L 278 -20.09 58.04 -63.17
CA PHE L 278 -19.68 57.67 -64.53
C PHE L 278 -20.62 58.26 -65.57
N ASN L 279 -20.05 58.95 -66.59
CA ASN L 279 -20.86 59.54 -67.65
C ASN L 279 -21.03 58.54 -68.80
N THR L 280 -21.92 57.57 -68.57
CA THR L 280 -22.24 56.45 -69.45
C THR L 280 -22.68 56.88 -70.85
N ILE L 281 -21.93 56.42 -71.84
CA ILE L 281 -22.17 56.67 -73.27
C ILE L 281 -22.63 55.33 -73.86
N GLY L 282 -23.62 55.35 -74.75
CA GLY L 282 -24.13 54.13 -75.38
C GLY L 282 -24.81 54.41 -76.71
N THR L 283 -25.60 53.45 -77.19
CA THR L 283 -26.30 53.66 -78.45
C THR L 283 -27.53 54.56 -78.19
N VAL L 284 -27.85 55.50 -79.10
CA VAL L 284 -29.03 56.34 -79.00
C VAL L 284 -29.88 56.03 -80.27
N SER L 285 -29.61 54.87 -80.89
CA SER L 285 -30.25 54.43 -82.13
C SER L 285 -30.63 52.94 -82.12
N PHE L 286 -29.66 52.08 -82.45
CA PHE L 286 -29.76 50.62 -82.59
C PHE L 286 -28.48 49.94 -82.23
N ASP L 287 -28.49 48.59 -82.26
CA ASP L 287 -27.36 47.72 -81.96
C ASP L 287 -26.91 47.81 -80.50
N HIS L 288 -25.82 47.07 -80.16
CA HIS L 288 -25.20 46.88 -78.84
C HIS L 288 -23.71 47.23 -78.96
N PRO L 289 -23.32 48.44 -78.52
CA PRO L 289 -21.89 48.84 -78.59
C PRO L 289 -20.91 47.96 -77.82
N ASP L 290 -19.65 47.89 -78.28
CA ASP L 290 -18.57 47.13 -77.67
C ASP L 290 -18.38 47.57 -76.20
N PRO L 291 -18.17 46.64 -75.23
CA PRO L 291 -18.07 47.02 -73.82
C PRO L 291 -16.85 47.84 -73.44
N SER L 292 -15.99 48.12 -74.44
CA SER L 292 -14.83 48.99 -74.30
C SER L 292 -15.37 50.41 -74.13
N ILE L 293 -16.61 50.69 -74.62
CA ILE L 293 -17.24 52.00 -74.41
C ILE L 293 -17.44 52.35 -72.89
N PHE L 294 -17.42 51.34 -72.00
CA PHE L 294 -17.62 51.48 -70.55
C PHE L 294 -16.29 51.52 -69.76
N THR L 295 -15.21 51.85 -70.46
CA THR L 295 -13.88 51.94 -69.87
C THR L 295 -13.75 53.05 -68.85
N VAL L 296 -13.44 52.68 -67.60
CA VAL L 296 -13.27 53.65 -66.50
C VAL L 296 -11.77 54.03 -66.43
N LEU L 297 -10.92 53.00 -66.37
CA LEU L 297 -9.47 53.16 -66.31
C LEU L 297 -8.84 52.10 -67.18
N THR L 298 -7.65 52.37 -67.73
CA THR L 298 -6.94 51.42 -68.61
C THR L 298 -5.43 51.46 -68.41
N SER L 299 -4.78 50.27 -68.47
CA SER L 299 -3.32 50.14 -68.32
C SER L 299 -2.79 49.76 -69.68
N PRO L 300 -1.94 50.57 -70.31
CA PRO L 300 -1.49 50.22 -71.66
C PRO L 300 -0.29 49.28 -71.76
N THR L 301 -0.01 48.81 -73.00
CA THR L 301 1.21 48.07 -73.35
C THR L 301 1.96 48.94 -74.34
N SER L 302 3.13 48.48 -74.81
CA SER L 302 3.90 49.22 -75.82
C SER L 302 3.26 49.00 -77.21
N VAL L 303 2.26 48.09 -77.30
CA VAL L 303 1.46 47.83 -78.51
C VAL L 303 0.25 48.74 -78.41
N HIS L 304 0.26 49.89 -79.13
CA HIS L 304 -0.85 50.87 -79.11
C HIS L 304 -2.18 50.21 -79.44
N GLY L 305 -3.15 50.39 -78.55
CA GLY L 305 -4.48 49.83 -78.77
C GLY L 305 -4.77 48.54 -78.02
N MET L 306 -3.73 47.79 -77.66
CA MET L 306 -3.90 46.54 -76.90
C MET L 306 -3.43 46.74 -75.46
N ALA L 307 -4.38 47.01 -74.56
CA ALA L 307 -4.12 47.26 -73.15
C ALA L 307 -3.66 46.04 -72.42
N ASN L 308 -2.87 46.25 -71.34
CA ASN L 308 -2.45 45.23 -70.39
C ASN L 308 -3.75 44.80 -69.66
N MET L 309 -4.57 45.80 -69.31
CA MET L 309 -5.88 45.63 -68.67
C MET L 309 -6.78 46.81 -68.89
N ASP L 310 -8.07 46.54 -69.12
CA ASP L 310 -9.07 47.63 -69.24
C ASP L 310 -10.00 47.38 -68.05
N PHE L 311 -10.32 48.41 -67.25
CA PHE L 311 -11.27 48.26 -66.15
C PHE L 311 -12.57 48.90 -66.66
N VAL L 312 -13.55 48.05 -67.02
CA VAL L 312 -14.84 48.49 -67.58
C VAL L 312 -15.96 48.21 -66.59
N ILE L 313 -17.04 49.00 -66.61
CA ILE L 313 -18.19 48.82 -65.71
C ILE L 313 -19.50 48.65 -66.46
N PHE L 314 -20.48 48.02 -65.79
CA PHE L 314 -21.81 47.84 -66.37
C PHE L 314 -22.80 48.50 -65.38
N PRO L 315 -22.99 49.84 -65.55
CA PRO L 315 -23.76 50.60 -64.57
C PRO L 315 -25.22 50.82 -64.91
N PRO L 316 -26.02 51.49 -64.03
CA PRO L 316 -27.38 51.89 -64.44
C PRO L 316 -27.25 52.74 -65.72
N ARG L 317 -28.09 52.45 -66.72
CA ARG L 317 -28.06 53.12 -68.01
C ARG L 317 -29.39 52.98 -68.74
N TRP L 318 -29.68 53.91 -69.68
CA TRP L 318 -30.87 53.88 -70.53
C TRP L 318 -30.61 52.95 -71.70
N MET L 319 -31.54 52.03 -71.96
CA MET L 319 -31.50 51.10 -73.07
C MET L 319 -32.59 51.57 -74.04
N VAL L 320 -32.22 52.05 -75.24
CA VAL L 320 -33.18 52.59 -76.23
C VAL L 320 -33.11 51.90 -77.60
N ALA L 321 -32.11 51.01 -77.80
CA ALA L 321 -31.89 50.27 -79.04
C ALA L 321 -33.21 49.82 -79.66
N GLU L 322 -33.45 50.27 -80.88
CA GLU L 322 -34.66 49.97 -81.68
C GLU L 322 -34.37 48.78 -82.56
N ASN L 323 -35.33 47.83 -82.66
CA ASN L 323 -35.20 46.62 -83.47
C ASN L 323 -33.88 45.85 -83.24
N THR L 324 -33.38 45.82 -81.98
CA THR L 324 -32.13 45.12 -81.69
C THR L 324 -32.22 44.14 -80.57
N PHE L 325 -31.27 43.20 -80.57
CA PHE L 325 -31.09 42.19 -79.55
C PHE L 325 -30.28 42.91 -78.48
N ARG L 326 -30.96 43.41 -77.41
CA ARG L 326 -30.37 44.26 -76.35
C ARG L 326 -29.28 43.67 -75.42
N PRO L 327 -29.35 42.38 -74.95
CA PRO L 327 -28.27 41.86 -74.10
C PRO L 327 -26.96 41.69 -74.90
N PRO L 328 -25.79 41.44 -74.25
CA PRO L 328 -24.55 41.28 -75.02
C PRO L 328 -24.66 40.20 -76.07
N TRP L 329 -23.95 40.37 -77.19
CA TRP L 329 -23.98 39.39 -78.25
C TRP L 329 -23.17 38.20 -77.86
N PHE L 330 -23.40 37.09 -78.59
CA PHE L 330 -22.57 35.91 -78.45
C PHE L 330 -21.20 36.34 -78.88
N HIS L 331 -20.18 35.87 -78.14
CA HIS L 331 -18.85 36.39 -78.27
C HIS L 331 -17.73 35.40 -78.03
N ARG L 332 -16.65 35.58 -78.78
CA ARG L 332 -15.37 34.89 -78.73
C ARG L 332 -14.34 36.00 -78.85
N ASN L 333 -13.40 36.05 -77.91
CA ASN L 333 -12.48 37.20 -77.85
C ASN L 333 -11.03 36.83 -77.63
N LEU L 334 -10.10 37.52 -78.32
CA LEU L 334 -8.68 37.35 -78.13
C LEU L 334 -8.35 37.68 -76.67
N MET L 335 -8.99 38.71 -76.12
CA MET L 335 -8.78 39.11 -74.74
C MET L 335 -9.40 38.13 -73.74
N ASN L 336 -9.02 38.27 -72.45
CA ASN L 336 -9.48 37.42 -71.37
C ASN L 336 -10.41 38.22 -70.48
N GLU L 337 -11.64 37.72 -70.29
CA GLU L 337 -12.69 38.41 -69.55
C GLU L 337 -12.97 37.90 -68.10
N PHE L 338 -12.52 38.68 -67.10
CA PHE L 338 -12.78 38.39 -65.68
C PHE L 338 -13.89 39.32 -65.18
N MET L 339 -15.07 38.77 -64.89
CA MET L 339 -16.19 39.59 -64.44
C MET L 339 -16.48 39.46 -62.95
N GLY L 340 -16.80 40.59 -62.34
CA GLY L 340 -17.22 40.67 -60.95
C GLY L 340 -18.56 41.38 -60.87
N LEU L 341 -19.18 41.41 -59.68
CA LEU L 341 -20.49 42.01 -59.38
C LEU L 341 -20.47 42.70 -58.00
N ILE L 342 -20.65 44.01 -58.01
CA ILE L 342 -20.65 44.80 -56.77
C ILE L 342 -22.06 44.80 -56.17
N ASN L 343 -23.05 44.99 -57.04
CA ASN L 343 -24.42 45.24 -56.63
C ASN L 343 -25.45 44.77 -57.64
N GLY L 344 -26.56 44.24 -57.13
CA GLY L 344 -27.68 43.80 -57.95
C GLY L 344 -27.49 42.55 -58.78
N ALA L 345 -27.99 42.61 -60.04
CA ALA L 345 -27.94 41.51 -60.99
C ALA L 345 -27.41 42.00 -62.34
N TYR L 346 -26.70 41.12 -63.06
CA TYR L 346 -26.14 41.43 -64.37
C TYR L 346 -27.00 40.97 -65.57
N ASP L 347 -26.98 41.77 -66.64
CA ASP L 347 -27.73 41.67 -67.91
C ASP L 347 -27.70 40.40 -68.76
N ALA L 348 -26.59 39.65 -68.76
CA ALA L 348 -26.47 38.46 -69.63
C ALA L 348 -26.60 37.13 -68.87
N LYS L 349 -26.73 37.21 -67.53
CA LYS L 349 -26.79 36.06 -66.66
C LYS L 349 -27.95 36.13 -65.68
N ALA L 350 -29.03 35.41 -65.99
CA ALA L 350 -30.25 35.34 -65.19
C ALA L 350 -30.06 34.71 -63.80
N GLU L 351 -29.28 33.60 -63.69
CA GLU L 351 -29.03 32.90 -62.42
C GLU L 351 -27.54 32.52 -62.18
N GLY L 352 -27.12 32.51 -60.91
CA GLY L 352 -25.78 32.08 -60.50
C GLY L 352 -24.72 33.12 -60.24
N PHE L 353 -24.89 34.32 -60.82
CA PHE L 353 -23.90 35.39 -60.68
C PHE L 353 -24.32 36.38 -59.61
N LEU L 354 -23.90 36.15 -58.34
CA LEU L 354 -24.22 36.92 -57.14
C LEU L 354 -23.15 38.00 -56.79
N PRO L 355 -23.45 39.06 -55.97
CA PRO L 355 -22.39 40.02 -55.60
C PRO L 355 -21.29 39.30 -54.84
N GLY L 356 -20.04 39.44 -55.28
CA GLY L 356 -18.91 38.72 -54.72
C GLY L 356 -18.48 37.60 -55.63
N GLY L 357 -19.41 37.16 -56.47
CA GLY L 357 -19.20 36.15 -57.50
C GLY L 357 -18.20 36.58 -58.56
N ALA L 358 -17.81 35.64 -59.42
CA ALA L 358 -16.83 35.94 -60.47
C ALA L 358 -16.94 34.98 -61.61
N SER L 359 -16.57 35.42 -62.79
CA SER L 359 -16.61 34.52 -63.94
C SER L 359 -15.36 34.74 -64.79
N LEU L 360 -14.77 33.64 -65.29
CA LEU L 360 -13.59 33.78 -66.15
C LEU L 360 -13.87 33.17 -67.51
N HIS L 361 -13.84 34.01 -68.57
CA HIS L 361 -13.98 33.55 -69.95
C HIS L 361 -12.68 33.93 -70.62
N GLY L 362 -11.80 32.95 -70.75
CA GLY L 362 -10.49 33.13 -71.32
C GLY L 362 -10.47 33.23 -72.82
N VAL L 363 -9.24 33.41 -73.37
CA VAL L 363 -8.97 33.55 -74.80
C VAL L 363 -9.74 32.55 -75.70
N MET L 364 -10.55 33.09 -76.58
CA MET L 364 -11.37 32.34 -77.55
C MET L 364 -12.43 31.39 -76.98
N SER L 365 -12.75 31.55 -75.66
CA SER L 365 -13.79 30.75 -75.05
C SER L 365 -15.12 31.34 -75.53
N ALA L 366 -16.03 30.46 -75.89
CA ALA L 366 -17.33 30.86 -76.41
C ALA L 366 -18.24 31.27 -75.28
N HIS L 367 -18.73 32.52 -75.29
CA HIS L 367 -19.64 33.01 -74.23
C HIS L 367 -20.79 33.85 -74.84
N GLY L 368 -21.68 34.37 -73.97
CA GLY L 368 -22.84 35.15 -74.34
C GLY L 368 -24.02 34.81 -73.44
N PRO L 369 -25.25 35.27 -73.80
CA PRO L 369 -26.43 35.01 -72.95
C PRO L 369 -26.97 33.59 -72.96
N ASP L 370 -27.77 33.22 -71.95
CA ASP L 370 -28.42 31.90 -71.87
C ASP L 370 -29.69 31.93 -72.70
N ALA L 371 -30.41 30.78 -72.80
CA ALA L 371 -31.65 30.67 -73.56
C ALA L 371 -32.78 31.53 -72.96
N GLU L 372 -32.71 31.79 -71.63
CA GLU L 372 -33.67 32.56 -70.84
C GLU L 372 -33.59 34.05 -71.21
N THR L 373 -32.38 34.64 -71.17
CA THR L 373 -32.17 36.04 -71.56
C THR L 373 -32.42 36.20 -73.06
N CYS L 374 -32.14 35.14 -73.86
CA CYS L 374 -32.37 35.07 -75.29
C CYS L 374 -33.86 35.13 -75.63
N GLU L 375 -34.69 34.23 -75.07
CA GLU L 375 -36.14 34.22 -75.32
C GLU L 375 -36.77 35.52 -74.85
N LYS L 376 -36.39 36.02 -73.65
CA LYS L 376 -36.95 37.26 -73.13
C LYS L 376 -36.71 38.45 -74.08
N ALA L 377 -35.49 38.54 -74.66
CA ALA L 377 -35.05 39.63 -75.53
C ALA L 377 -35.60 39.62 -76.93
N ILE L 378 -35.75 38.43 -77.53
CA ILE L 378 -36.28 38.31 -78.91
C ILE L 378 -37.81 38.59 -78.89
N ALA L 379 -38.49 38.22 -77.81
CA ALA L 379 -39.95 38.41 -77.67
C ALA L 379 -40.38 39.79 -77.09
N ALA L 380 -39.45 40.53 -76.45
CA ALA L 380 -39.76 41.83 -75.84
C ALA L 380 -40.18 42.91 -76.84
N ASP L 381 -41.21 43.70 -76.46
CA ASP L 381 -41.75 44.82 -77.23
C ASP L 381 -40.91 46.04 -76.84
N LEU L 382 -39.86 46.30 -77.65
CA LEU L 382 -38.85 47.33 -77.42
C LEU L 382 -39.35 48.74 -77.19
N ALA L 383 -38.89 49.33 -76.07
CA ALA L 383 -39.23 50.68 -75.62
C ALA L 383 -38.12 51.20 -74.73
N PRO L 384 -37.98 52.54 -74.50
CA PRO L 384 -36.92 53.03 -73.60
C PRO L 384 -37.04 52.38 -72.23
N HIS L 385 -35.95 51.79 -71.76
CA HIS L 385 -35.92 51.04 -70.52
C HIS L 385 -34.67 51.37 -69.77
N LYS L 386 -34.84 51.76 -68.51
CA LYS L 386 -33.74 52.13 -67.65
C LYS L 386 -33.28 50.93 -66.85
N ILE L 387 -32.03 50.54 -67.07
CA ILE L 387 -31.41 49.48 -66.29
C ILE L 387 -30.88 50.29 -65.12
N ASP L 388 -31.22 49.89 -63.88
CA ASP L 388 -30.82 50.61 -62.66
C ASP L 388 -30.47 49.62 -61.56
N ASN L 389 -30.15 50.13 -60.35
CA ASN L 389 -29.87 49.36 -59.12
C ASN L 389 -28.99 48.11 -59.36
N THR L 390 -27.96 48.28 -60.21
CA THR L 390 -26.98 47.26 -60.58
C THR L 390 -25.63 47.90 -60.80
N MET L 391 -24.58 47.09 -60.72
CA MET L 391 -23.20 47.47 -60.94
C MET L 391 -22.33 46.25 -60.99
N ALA L 392 -21.95 45.84 -62.21
CA ALA L 392 -21.00 44.76 -62.44
C ALA L 392 -19.80 45.39 -63.10
N PHE L 393 -18.72 44.65 -63.24
CA PHE L 393 -17.54 45.21 -63.88
C PHE L 393 -16.72 44.10 -64.51
N MET L 394 -15.75 44.47 -65.34
CA MET L 394 -14.84 43.51 -65.94
C MET L 394 -13.40 44.00 -65.84
N PHE L 395 -12.48 43.06 -65.55
CA PHE L 395 -11.03 43.26 -65.63
C PHE L 395 -10.73 42.46 -66.90
N GLU L 396 -10.47 43.18 -68.00
CA GLU L 396 -10.24 42.52 -69.29
C GLU L 396 -8.75 42.54 -69.53
N THR L 397 -8.10 41.37 -69.76
CA THR L 397 -6.64 41.32 -69.96
C THR L 397 -6.18 40.81 -71.34
N SER L 398 -5.01 41.28 -71.80
CA SER L 398 -4.47 40.84 -73.08
C SER L 398 -3.78 39.51 -72.87
N GLN L 399 -3.05 39.36 -71.76
CA GLN L 399 -2.42 38.08 -71.46
C GLN L 399 -3.44 37.10 -70.86
N VAL L 400 -3.23 35.83 -71.09
CA VAL L 400 -4.09 34.78 -70.55
C VAL L 400 -4.08 34.83 -69.00
N LEU L 401 -5.26 34.61 -68.37
CA LEU L 401 -5.37 34.54 -66.91
C LEU L 401 -5.33 33.08 -66.48
N ARG L 402 -4.35 32.74 -65.62
CA ARG L 402 -4.13 31.38 -65.14
C ARG L 402 -4.74 31.20 -63.75
N PRO L 403 -5.93 30.56 -63.61
CA PRO L 403 -6.50 30.37 -62.25
C PRO L 403 -5.49 29.71 -61.30
N SER L 404 -5.47 30.14 -60.02
CA SER L 404 -4.61 29.55 -59.00
C SER L 404 -5.15 28.15 -58.66
N LEU L 405 -4.32 27.28 -58.10
CA LEU L 405 -4.76 25.93 -57.70
C LEU L 405 -5.83 26.06 -56.62
N GLN L 406 -5.71 27.14 -55.80
CA GLN L 406 -6.63 27.51 -54.73
C GLN L 406 -8.01 27.86 -55.28
N ALA L 407 -8.06 28.58 -56.41
CA ALA L 407 -9.32 28.94 -57.10
C ALA L 407 -9.94 27.74 -57.79
N LEU L 408 -9.11 26.82 -58.33
CA LEU L 408 -9.63 25.62 -58.98
C LEU L 408 -10.11 24.58 -57.93
N GLU L 409 -9.44 24.51 -56.76
CA GLU L 409 -9.83 23.54 -55.71
C GLU L 409 -11.00 24.02 -54.85
N CYS L 410 -11.27 25.33 -54.90
CA CYS L 410 -12.31 26.12 -54.23
C CYS L 410 -13.71 25.44 -54.20
N PRO L 411 -14.36 25.24 -53.02
CA PRO L 411 -15.76 24.72 -53.04
C PRO L 411 -16.72 25.70 -53.73
N GLN L 412 -16.42 27.03 -53.70
CA GLN L 412 -17.25 28.07 -54.32
C GLN L 412 -17.26 28.03 -55.85
N LEU L 413 -16.35 27.24 -56.47
CA LEU L 413 -16.26 27.03 -57.91
C LEU L 413 -17.47 26.21 -58.29
N GLN L 414 -18.24 26.70 -59.24
CA GLN L 414 -19.44 25.99 -59.69
C GLN L 414 -19.04 24.88 -60.64
N ALA L 415 -19.55 23.66 -60.38
CA ALA L 415 -19.16 22.49 -61.17
C ALA L 415 -19.88 22.36 -62.51
N ASP L 416 -21.14 22.82 -62.57
CA ASP L 416 -22.01 22.73 -63.76
C ASP L 416 -22.34 24.10 -64.43
N TYR L 417 -21.31 24.90 -64.72
CA TYR L 417 -21.45 26.23 -65.34
C TYR L 417 -21.78 26.13 -66.81
N ASP L 418 -21.32 25.05 -67.49
CA ASP L 418 -21.61 24.87 -68.93
C ASP L 418 -23.09 24.60 -69.18
N SER L 419 -23.84 24.23 -68.10
CA SER L 419 -25.28 23.97 -68.20
C SER L 419 -26.04 25.24 -68.59
N CYS L 420 -25.51 26.42 -68.20
CA CYS L 420 -26.11 27.73 -68.49
C CYS L 420 -26.43 27.92 -69.95
N TRP L 421 -25.63 27.30 -70.83
CA TRP L 421 -25.84 27.39 -72.28
C TRP L 421 -26.49 26.15 -72.93
N ALA L 422 -26.67 25.05 -72.17
CA ALA L 422 -27.17 23.76 -72.65
C ALA L 422 -28.50 23.74 -73.39
N THR L 423 -29.43 24.60 -72.94
CA THR L 423 -30.80 24.70 -73.46
C THR L 423 -31.00 25.65 -74.64
N LEU L 424 -29.93 26.24 -75.17
CA LEU L 424 -29.97 27.15 -76.33
C LEU L 424 -30.68 26.51 -77.51
N PRO L 425 -31.85 27.01 -77.93
CA PRO L 425 -32.58 26.35 -79.02
C PRO L 425 -32.20 26.80 -80.43
N SER L 426 -32.24 25.84 -81.38
CA SER L 426 -32.01 26.18 -82.77
C SER L 426 -33.32 26.76 -83.24
N THR L 427 -33.32 28.04 -83.59
CA THR L 427 -34.52 28.72 -84.08
C THR L 427 -34.44 28.91 -85.60
N PHE L 428 -33.41 28.30 -86.24
CA PHE L 428 -33.15 28.40 -87.69
C PHE L 428 -34.28 27.88 -88.54
N ASN L 429 -34.66 28.66 -89.54
CA ASN L 429 -35.73 28.28 -90.47
C ASN L 429 -35.33 28.76 -91.89
N PRO L 430 -34.82 27.82 -92.72
CA PRO L 430 -34.39 28.18 -94.10
C PRO L 430 -35.54 28.63 -94.99
N ASN L 431 -36.78 28.28 -94.60
CA ASN L 431 -38.04 28.58 -95.30
C ASN L 431 -38.72 29.87 -94.80
N ARG L 432 -38.11 30.57 -93.82
CA ARG L 432 -38.72 31.79 -93.33
C ARG L 432 -37.65 32.82 -92.99
N ARG L 433 -37.35 33.74 -93.95
CA ARG L 433 -36.35 34.81 -93.79
C ARG L 433 -36.79 35.78 -92.69
FE FE M . 14.31 24.17 -3.80
C1 M8O N . 16.01 23.94 -0.31
O1 M8O N . 13.23 27.89 -1.29
C2 M8O N . 13.10 27.31 -0.26
O2 M8O N . 14.68 25.15 -1.87
C3 M8O N . 15.79 25.14 -1.30
O3 M8O N . 13.58 27.65 0.80
C4 M8O N . 12.19 26.06 -0.27
O4 M8O N . 16.62 26.08 -1.33
C5 M8O N . 12.76 24.67 0.10
O5 M8O N . 12.12 23.83 -0.45
C6 M8O N . 13.35 24.28 1.47
O6 M8O N . 14.30 22.70 2.73
C7 M8O N . 15.16 23.14 0.36
C50 M8O N . 14.43 23.55 1.67
FE FE O . 11.53 0.57 -39.49
C1 OMD P . 15.86 1.28 -41.62
C2 OMD P . 15.65 0.88 -40.16
C1' OMD P . 15.39 -0.57 -39.95
C2' OMD P . 16.42 -1.30 -39.44
C3' OMD P . 16.32 -2.65 -39.22
O3' OMD P . 17.35 -3.30 -38.76
C4' OMD P . 15.13 -3.27 -39.49
C5' OMD P . 14.06 -2.51 -39.97
C6' OMD P . 14.20 -1.13 -40.25
O6' OMD P . 13.12 -0.45 -40.74
O1 OMD P . 15.23 2.25 -41.98
O2 OMD P . 16.67 0.65 -42.34
O1 OXY Q . -22.76 5.98 -15.67
O2 OXY Q . -22.85 6.00 -17.03
FE FE R . -23.63 8.12 -15.95
C1 HQ9 S . -27.14 6.84 -18.89
C2 HQ9 S . -25.86 6.05 -18.81
C1' HQ9 S . -25.77 5.09 -17.66
C2' HQ9 S . -26.15 3.83 -17.72
C3' HQ9 S . -26.39 3.05 -16.47
O3' HQ9 S . -26.81 1.69 -16.45
C4' HQ9 S . -26.12 3.74 -15.17
C5' HQ9 S . -25.72 4.97 -15.13
C6' HQ9 S . -25.43 5.75 -16.41
O6' HQ9 S . -25.58 7.15 -16.35
O1 HQ9 S . -27.16 7.91 -19.48
O2 HQ9 S . -28.15 6.19 -18.95
FE FE T . -15.02 -26.52 -8.74
C1 OMD U . -19.12 -27.14 -6.46
C2 OMD U . -18.60 -25.71 -6.44
C1' OMD U . -18.77 -24.97 -7.72
C2' OMD U . -19.60 -23.88 -7.78
C3' OMD U . -19.72 -23.24 -9.03
O3' OMD U . -20.51 -22.19 -9.26
C4' OMD U . -19.06 -23.70 -10.09
C5' OMD U . -18.27 -24.77 -10.02
C6' OMD U . -18.10 -25.42 -8.82
O6' OMD U . -17.26 -26.50 -8.77
O1 OMD U . -18.35 -28.02 -6.18
O2 OMD U . -20.30 -27.35 -6.65
FE FE V . 27.20 -21.61 -15.29
C1 OMD W . 28.19 -24.86 -18.76
C2 OMD W . 26.99 -23.86 -18.73
C1' OMD W . 27.33 -22.45 -19.21
C2' OMD W . 27.05 -22.08 -20.51
C3' OMD W . 27.29 -20.80 -21.01
O3' OMD W . 27.01 -20.46 -22.28
C4' OMD W . 27.92 -19.93 -20.12
C5' OMD W . 28.17 -20.28 -18.81
C6' OMD W . 27.89 -21.56 -18.31
O6' OMD W . 28.27 -21.89 -17.06
O1 OMD W . 28.47 -25.50 -17.70
O2 OMD W . 28.78 -24.94 -19.83
P PO4 X . -5.02 -51.60 -6.10
O1 PO4 X . -3.80 -51.02 -5.32
O2 PO4 X . -4.83 -53.12 -6.34
O3 PO4 X . -6.30 -51.37 -5.26
O4 PO4 X . -5.16 -50.87 -7.47
FE FE Y . 24.56 69.97 5.94
O5 HMQ Z . 22.84 71.13 -0.73
C5 HMQ Z . 23.23 70.72 0.37
C6 HMQ Z . 22.73 69.44 1.00
C4 HMQ Z . 24.25 71.47 1.20
C3 HMQ Z . 24.65 71.01 2.37
C2 HMQ Z . 23.97 69.87 3.11
O6 HMQ Z . 22.88 70.30 3.97
O7 HMQ Z . 22.83 71.41 5.01
O2 HMQ Z . 24.98 69.14 3.86
C1 HMQ Z . 23.17 69.01 2.17
C7 HMQ Z . 22.74 67.66 2.74
C8 HMQ Z . 23.76 66.49 2.44
OD1 HMQ Z . 24.07 65.79 3.40
OD2 HMQ Z . 24.20 66.31 1.34
FE FE AA . 8.39 -3.57 19.00
C1 OMD BA . 12.05 -2.19 21.62
C2 OMD BA . 12.09 -1.92 20.10
C1' OMD BA . 11.22 -0.72 19.75
C2' OMD BA . 11.84 0.44 19.33
C3' OMD BA . 11.11 1.58 19.04
O3' OMD BA . 11.70 2.68 18.60
C4' OMD BA . 9.75 1.54 19.13
C5' OMD BA . 9.13 0.38 19.54
C6' OMD BA . 9.84 -0.79 19.81
O6' OMD BA . 9.18 -1.86 20.27
O1 OMD BA . 11.78 -3.31 22.06
O2 OMD BA . 12.36 -1.29 22.37
FE FE CA . 10.88 -64.16 23.16
C1 OMD DA . 14.58 -64.46 19.75
C2 OMD DA . 14.68 -64.70 21.26
C1' OMD DA . 14.10 -66.00 21.78
C2' OMD DA . 15.05 -67.00 21.98
C3' OMD DA . 14.70 -68.28 22.46
O3' OMD DA . 15.59 -69.26 22.61
C4' OMD DA . 13.35 -68.54 22.67
C5' OMD DA . 12.40 -67.57 22.47
C6' OMD DA . 12.74 -66.26 22.02
O6' OMD DA . 11.71 -65.37 21.86
O1 OMD DA . 14.26 -63.30 19.40
O2 OMD DA . 14.81 -65.33 18.92
FE FE EA . -13.11 -48.82 55.27
C1 OMD FA . -17.73 -49.54 53.52
C2 OMD FA . -16.53 -50.49 53.63
C1' OMD FA . -16.36 -51.28 54.92
C2' OMD FA . -16.92 -52.55 55.02
C3' OMD FA . -16.81 -53.36 56.17
O3' OMD FA . -17.37 -54.60 56.26
C4' OMD FA . -16.10 -52.79 57.23
C5' OMD FA . -15.51 -51.52 57.13
C6' OMD FA . -15.61 -50.75 55.97
O6' OMD FA . -15.12 -49.52 55.85
O1 OMD FA . -17.63 -48.53 52.80
O2 OMD FA . -18.76 -49.80 54.13
FE FE GA . -57.18 63.75 -0.47
C1 OMD HA . -52.61 64.32 0.87
C2 OMD HA . -53.21 64.57 -0.52
C1' OMD HA . -53.89 65.90 -0.68
C2' OMD HA . -53.22 66.94 -1.28
C3' OMD HA . -53.79 68.20 -1.45
O3' OMD HA . -53.10 69.19 -2.03
C4' OMD HA . -55.11 68.38 -1.08
C5' OMD HA . -55.79 67.33 -0.49
C6' OMD HA . -55.20 66.06 -0.29
O6' OMD HA . -55.76 65.04 0.41
O1 OMD HA . -52.73 63.18 1.36
O2 OMD HA . -51.99 65.23 1.40
FE FE IA . 29.18 -41.53 54.92
C1 OMD JA . 29.78 -38.15 58.50
C2 OMD JA . 29.01 -39.47 58.67
C1' OMD JA . 29.81 -40.72 59.00
C2' OMD JA . 29.89 -41.27 60.30
C3' OMD JA . 30.68 -42.40 60.52
O3' OMD JA . 30.81 -42.97 61.71
C4' OMD JA . 31.34 -42.98 59.49
C5' OMD JA . 31.23 -42.52 58.20
C6' OMD JA . 30.44 -41.37 57.96
O6' OMD JA . 30.36 -40.83 56.76
O1 OMD JA . 29.38 -37.35 57.63
O2 OMD JA . 30.76 -37.86 59.25
FE FE KA . -17.02 39.07 -74.32
O5 HMQ LA . -21.59 44.45 -73.33
C5 HMQ LA . -20.90 43.44 -73.30
C6 HMQ LA . -20.40 42.77 -72.05
C4 HMQ LA . -20.54 42.82 -74.62
C3 HMQ LA . -19.80 41.72 -74.66
C2 HMQ LA . -19.11 41.12 -73.45
O6 HMQ LA . -17.71 41.44 -73.36
O7 HMQ LA . -16.41 41.33 -74.23
O2 HMQ LA . -19.35 39.57 -73.45
C1 HMQ LA . -19.67 41.65 -72.16
C7 HMQ LA . -19.34 40.73 -71.01
C8 HMQ LA . -20.30 39.62 -70.70
OD1 HMQ LA . -19.71 38.53 -70.62
OD2 HMQ LA . -21.51 39.78 -70.49
#